data_4BKK
#
_entry.id   4BKK
#
_cell.length_a   1.000
_cell.length_b   1.000
_cell.length_c   1.000
_cell.angle_alpha   90.00
_cell.angle_beta   90.00
_cell.angle_gamma   90.00
#
_symmetry.space_group_name_H-M   'P 1'
#
loop_
_entity.id
_entity.type
_entity.pdbx_description
1 polymer 'RNA (161-MER)'
2 polymer NUCLEOPROTEIN
#
loop_
_entity_poly.entity_id
_entity_poly.type
_entity_poly.pdbx_seq_one_letter_code
_entity_poly.pdbx_strand_id
1 'polyribonucleotide'
;CCCCCCCCCCCCCCCCCCCCCCCCCCCCCCCCCCCCCCCCCCCCCCCCCCCCCCCCCCCCCCCCCCCCCCCCCCCCCCCC
CCCCCCCCCCCCCCCCCCCCCCCCCCCCCCCCCCCCCCCCCCCCCCCCCCCCCCCCCCCCCCCCCCCCCCCCCCCCCCCC
C
;
A
2 'polypeptide(L)'
;MALSKVKLNDTLNKDQLLSSSKYTIQRSTGDSIDTPNYDVQKHINKLCGMLLITEDANHKFTGLIGMLYAMSRLGREDTI
KILRDAGYHVKANGVDVTTHRQDINGKEMKFEVLTLASLTTEIQINIEIESRKSYKKMLKEMGEVAPEYRHDSPDCGMII
LCIAALVITKLAAGDRSGLTAVIRRANNVLKNEMKRYKGLLPKDIANSFYEVFEKHPHFIDVFVHFGIAQSSTRGGSRVE
GIFAGLFMNAYGAGQVMLRWGVLAKSVKNIMLGHASVQAEMEQVVEVYEYAQKLGGEAGFYHILNNPKASLLSLTQFPHF
SSVVLGNAAGLGIMGEYRGTPRNQDLYDAAKAYAEQLKENGVINYSVLDLTAEELEAIKHQLNPKDNDVEL
;
B,C,D,E,F,G,H,I,J,K,L,M,N,O,P,Q,R,S,T,U,V,W,X
#
loop_
_chem_comp.id
_chem_comp.type
_chem_comp.name
_chem_comp.formula
C RNA linking CYTIDINE-5'-MONOPHOSPHATE 'C9 H14 N3 O8 P'
#
# COMPACT_ATOMS: atom_id res chain seq x y z
N ALA B 2 26.29 -42.48 -78.44
CA ALA B 2 25.63 -42.52 -79.77
C ALA B 2 25.69 -41.17 -80.47
N LEU B 3 25.59 -41.19 -81.80
CA LEU B 3 25.62 -39.95 -82.60
C LEU B 3 24.23 -39.30 -82.67
N SER B 4 23.21 -39.99 -82.15
CA SER B 4 21.87 -39.43 -82.07
C SER B 4 21.75 -38.40 -80.94
N LYS B 5 22.60 -38.55 -79.91
CA LYS B 5 22.54 -37.67 -78.73
C LYS B 5 23.18 -36.30 -78.97
N VAL B 6 24.18 -36.22 -79.84
CA VAL B 6 24.82 -34.94 -80.17
C VAL B 6 23.82 -34.00 -80.85
N LYS B 7 23.15 -33.20 -80.02
CA LYS B 7 22.13 -32.27 -80.50
C LYS B 7 22.03 -31.09 -79.53
N LEU B 8 21.37 -30.02 -79.95
CA LEU B 8 21.19 -28.84 -79.11
C LEU B 8 20.05 -27.97 -79.61
N ASN B 9 18.94 -27.99 -78.87
CA ASN B 9 17.75 -27.23 -79.23
C ASN B 9 17.93 -25.77 -78.80
N ASP B 10 18.57 -24.97 -79.66
CA ASP B 10 18.83 -23.57 -79.37
C ASP B 10 17.55 -22.73 -79.36
N THR B 11 16.64 -23.03 -80.27
CA THR B 11 15.37 -22.30 -80.39
C THR B 11 14.54 -22.38 -79.10
N LEU B 12 14.47 -23.57 -78.52
CA LEU B 12 13.71 -23.80 -77.29
C LEU B 12 14.45 -23.23 -76.06
N ASN B 13 15.78 -23.31 -76.07
CA ASN B 13 16.59 -22.81 -74.97
C ASN B 13 16.64 -21.28 -74.93
N LYS B 14 16.67 -20.64 -76.10
CA LYS B 14 16.60 -19.18 -76.18
C LYS B 14 15.28 -18.65 -75.61
N ASP B 15 14.19 -19.35 -75.91
CA ASP B 15 12.88 -19.02 -75.37
C ASP B 15 12.84 -19.23 -73.85
N GLN B 16 13.47 -20.31 -73.39
CA GLN B 16 13.55 -20.63 -71.97
C GLN B 16 14.34 -19.58 -71.19
N LEU B 17 15.35 -18.99 -71.83
CA LEU B 17 16.14 -17.92 -71.22
C LEU B 17 15.31 -16.66 -71.02
N LEU B 18 14.59 -16.24 -72.05
CA LEU B 18 13.80 -15.01 -72.01
C LEU B 18 12.53 -15.17 -71.17
N SER B 19 11.94 -16.37 -71.18
CA SER B 19 10.75 -16.65 -70.40
C SER B 19 11.01 -16.67 -68.89
N SER B 20 12.23 -17.05 -68.50
CA SER B 20 12.61 -17.15 -67.10
C SER B 20 13.58 -16.03 -66.70
N SER B 21 13.22 -14.80 -67.02
CA SER B 21 14.03 -13.63 -66.66
C SER B 21 13.73 -13.25 -65.21
N LYS B 22 14.79 -13.07 -64.42
CA LYS B 22 14.64 -12.71 -63.00
C LYS B 22 14.29 -11.23 -62.85
N TYR B 23 14.74 -10.42 -63.80
CA TYR B 23 14.63 -8.97 -63.72
C TYR B 23 13.80 -8.42 -64.88
N THR B 24 13.29 -7.20 -64.72
CA THR B 24 12.40 -6.59 -65.71
C THR B 24 12.78 -5.14 -65.99
N ILE B 25 12.66 -4.74 -67.25
CA ILE B 25 12.82 -3.34 -67.65
C ILE B 25 11.45 -2.70 -67.81
N GLN B 26 11.35 -1.42 -67.47
CA GLN B 26 10.10 -0.67 -67.58
C GLN B 26 10.36 0.67 -68.26
N ARG B 27 9.83 0.79 -69.48
CA ARG B 27 10.15 1.90 -70.37
C ARG B 27 9.40 3.17 -69.99
N SER B 28 10.02 4.31 -70.24
CA SER B 28 9.44 5.61 -69.88
C SER B 28 8.19 5.90 -70.71
N THR B 29 7.04 5.59 -70.13
CA THR B 29 5.75 5.89 -70.76
C THR B 29 5.56 7.41 -70.81
N GLY B 30 6.12 8.09 -69.83
CA GLY B 30 6.13 9.56 -69.80
C GLY B 30 5.76 10.11 -68.43
N ASP B 31 5.16 11.30 -68.42
CA ASP B 31 4.71 11.94 -67.19
C ASP B 31 3.31 11.47 -66.78
N SER B 32 2.43 11.30 -67.77
CA SER B 32 1.05 10.89 -67.50
C SER B 32 0.35 10.30 -68.73
N ILE B 33 -0.59 9.40 -68.48
CA ILE B 33 -1.47 8.85 -69.52
C ILE B 33 -2.93 9.02 -69.09
N ASP B 34 -3.77 9.44 -70.04
CA ASP B 34 -5.20 9.56 -69.80
C ASP B 34 -5.86 8.19 -69.88
N THR B 35 -6.48 7.76 -68.77
CA THR B 35 -7.15 6.47 -68.69
C THR B 35 -8.66 6.68 -68.47
N PRO B 36 -9.40 6.91 -69.56
CA PRO B 36 -10.85 7.14 -69.44
C PRO B 36 -11.62 5.87 -69.09
N ASN B 37 -12.71 6.03 -68.35
CA ASN B 37 -13.55 4.90 -67.94
C ASN B 37 -14.79 4.82 -68.85
N TYR B 38 -15.76 3.98 -68.47
CA TYR B 38 -16.95 3.75 -69.29
C TYR B 38 -17.89 4.95 -69.34
N ASP B 39 -17.87 5.77 -68.28
CA ASP B 39 -18.75 6.93 -68.19
C ASP B 39 -18.46 8.02 -69.23
N VAL B 40 -17.19 8.10 -69.67
CA VAL B 40 -16.76 9.10 -70.65
C VAL B 40 -16.85 8.56 -72.09
N GLN B 41 -16.86 7.25 -72.25
CA GLN B 41 -16.96 6.60 -73.56
C GLN B 41 -17.95 7.30 -74.49
N LYS B 42 -19.11 7.68 -73.95
CA LYS B 42 -20.18 8.29 -74.73
C LYS B 42 -19.84 9.73 -75.15
N HIS B 43 -19.04 10.42 -74.35
CA HIS B 43 -18.57 11.76 -74.67
C HIS B 43 -17.50 11.75 -75.77
N ILE B 44 -16.62 10.75 -75.75
CA ILE B 44 -15.57 10.62 -76.75
C ILE B 44 -16.15 10.22 -78.10
N ASN B 45 -17.18 9.37 -78.08
CA ASN B 45 -17.92 9.01 -79.29
C ASN B 45 -18.53 10.25 -79.95
N LYS B 46 -19.01 11.18 -79.13
CA LYS B 46 -19.54 12.46 -79.61
C LYS B 46 -18.41 13.30 -80.20
N LEU B 47 -17.26 13.33 -79.53
CA LEU B 47 -16.08 14.04 -80.01
C LEU B 47 -15.56 13.44 -81.31
N CYS B 48 -15.61 12.11 -81.42
CA CYS B 48 -15.27 11.41 -82.66
C CYS B 48 -16.24 11.76 -83.79
N GLY B 49 -17.52 11.89 -83.44
CA GLY B 49 -18.56 12.27 -84.39
C GLY B 49 -18.39 13.69 -84.92
N MET B 50 -17.97 14.61 -84.03
CA MET B 50 -17.74 16.01 -84.41
C MET B 50 -16.68 16.14 -85.50
N LEU B 51 -15.59 15.38 -85.36
CA LEU B 51 -14.52 15.34 -86.37
C LEU B 51 -15.02 14.75 -87.69
N LEU B 52 -15.92 13.78 -87.61
CA LEU B 52 -16.45 13.11 -88.80
C LEU B 52 -17.43 13.98 -89.60
N ILE B 53 -18.25 14.77 -88.91
CA ILE B 53 -19.20 15.67 -89.61
C ILE B 53 -18.54 16.94 -90.14
N THR B 54 -17.37 17.28 -89.61
CA THR B 54 -16.65 18.49 -90.03
C THR B 54 -16.04 18.31 -91.42
N GLU B 55 -16.41 19.20 -92.33
CA GLU B 55 -15.88 19.17 -93.70
C GLU B 55 -14.44 19.71 -93.70
N ASP B 56 -13.53 18.93 -94.28
CA ASP B 56 -12.10 19.25 -94.27
C ASP B 56 -11.60 19.47 -92.84
N ALA B 57 -11.78 18.43 -92.01
CA ALA B 57 -11.45 18.51 -90.59
C ALA B 57 -9.96 18.38 -90.33
N ASN B 58 -9.52 18.95 -89.22
CA ASN B 58 -8.13 18.85 -88.77
C ASN B 58 -7.96 17.57 -87.94
N HIS B 59 -7.46 16.51 -88.59
CA HIS B 59 -7.21 15.24 -87.91
C HIS B 59 -5.77 15.18 -87.39
N LYS B 60 -5.38 16.19 -86.61
CA LYS B 60 -4.07 16.22 -85.97
C LYS B 60 -4.12 15.44 -84.65
N PHE B 61 -5.29 15.43 -84.02
CA PHE B 61 -5.47 14.82 -82.70
C PHE B 61 -6.35 13.56 -82.74
N THR B 62 -6.81 13.17 -83.94
CA THR B 62 -7.75 12.06 -84.08
C THR B 62 -7.12 10.71 -83.76
N GLY B 63 -5.82 10.58 -84.00
CA GLY B 63 -5.08 9.38 -83.60
C GLY B 63 -5.05 9.23 -82.09
N LEU B 64 -4.88 10.34 -81.39
CA LEU B 64 -4.91 10.36 -79.93
C LEU B 64 -6.34 10.20 -79.40
N ILE B 65 -7.29 10.91 -80.02
CA ILE B 65 -8.70 10.82 -79.66
C ILE B 65 -9.24 9.40 -79.91
N GLY B 66 -8.74 8.75 -80.96
CA GLY B 66 -9.08 7.36 -81.25
C GLY B 66 -8.66 6.41 -80.15
N MET B 67 -7.43 6.60 -79.64
CA MET B 67 -6.92 5.80 -78.53
C MET B 67 -7.72 6.01 -77.25
N LEU B 68 -8.18 7.25 -77.03
CA LEU B 68 -9.00 7.56 -75.86
C LEU B 68 -10.35 6.84 -75.89
N TYR B 69 -10.92 6.66 -77.08
CA TYR B 69 -12.17 5.90 -77.23
C TYR B 69 -11.94 4.41 -77.01
N ALA B 70 -10.81 3.91 -77.51
CA ALA B 70 -10.43 2.50 -77.31
C ALA B 70 -10.19 2.19 -75.84
N MET B 71 -9.55 3.13 -75.13
CA MET B 71 -9.28 2.97 -73.70
C MET B 71 -10.55 3.14 -72.86
N SER B 72 -11.48 3.96 -73.31
CA SER B 72 -12.77 4.15 -72.63
C SER B 72 -13.64 2.89 -72.74
N ARG B 73 -13.56 2.21 -73.89
CA ARG B 73 -14.26 0.94 -74.08
C ARG B 73 -13.67 -0.16 -73.20
N LEU B 74 -12.36 -0.13 -73.00
CA LEU B 74 -11.69 -1.07 -72.09
C LEU B 74 -12.04 -0.76 -70.63
N GLY B 75 -11.94 0.52 -70.26
CA GLY B 75 -12.23 0.96 -68.89
C GLY B 75 -10.95 1.15 -68.10
N ARG B 76 -10.94 2.17 -67.25
CA ARG B 76 -9.75 2.58 -66.48
C ARG B 76 -9.00 1.41 -65.87
N GLU B 77 -9.72 0.46 -65.27
CA GLU B 77 -9.11 -0.70 -64.62
C GLU B 77 -8.36 -1.61 -65.60
N ASP B 78 -8.98 -1.89 -66.74
CA ASP B 78 -8.39 -2.79 -67.75
C ASP B 78 -7.24 -2.14 -68.52
N THR B 79 -7.45 -0.91 -68.99
CA THR B 79 -6.40 -0.20 -69.74
C THR B 79 -5.15 0.05 -68.92
N ILE B 80 -5.29 0.27 -67.61
CA ILE B 80 -4.14 0.34 -66.71
C ILE B 80 -3.49 -1.04 -66.59
N LYS B 81 -4.31 -2.08 -66.51
CA LYS B 81 -3.83 -3.46 -66.41
C LYS B 81 -3.01 -3.88 -67.64
N ILE B 82 -3.44 -3.49 -68.84
CA ILE B 82 -2.74 -3.88 -70.07
C ILE B 82 -1.43 -3.11 -70.26
N LEU B 83 -1.38 -1.88 -69.77
CA LEU B 83 -0.15 -1.08 -69.79
C LEU B 83 0.90 -1.65 -68.84
N ARG B 84 0.47 -2.06 -67.64
CA ARG B 84 1.37 -2.65 -66.65
C ARG B 84 1.86 -4.04 -67.07
N ASP B 85 0.96 -4.83 -67.68
CA ASP B 85 1.31 -6.15 -68.20
C ASP B 85 2.27 -6.06 -69.38
N ALA B 86 2.15 -4.99 -70.16
CA ALA B 86 3.08 -4.73 -71.28
C ALA B 86 4.49 -4.42 -70.78
N GLY B 87 4.57 -3.77 -69.62
CA GLY B 87 5.86 -3.42 -69.01
C GLY B 87 6.09 -1.92 -69.03
N TYR B 88 5.16 -1.17 -68.45
CA TYR B 88 5.23 0.29 -68.41
C TYR B 88 4.76 0.83 -67.07
N HIS B 89 5.52 1.76 -66.49
CA HIS B 89 5.09 2.50 -65.31
C HIS B 89 4.11 3.58 -65.74
N VAL B 90 2.86 3.45 -65.31
CA VAL B 90 1.79 4.36 -65.75
C VAL B 90 1.29 5.28 -64.64
N LYS B 91 1.28 6.58 -64.95
CA LYS B 91 0.73 7.60 -64.07
C LYS B 91 -0.68 7.91 -64.58
N ALA B 92 -1.67 7.19 -64.04
CA ALA B 92 -3.03 7.23 -64.55
C ALA B 92 -3.73 8.56 -64.28
N ASN B 93 -4.13 9.23 -65.35
CA ASN B 93 -4.93 10.45 -65.26
C ASN B 93 -6.39 10.11 -65.57
N GLY B 94 -7.30 10.49 -64.66
CA GLY B 94 -8.73 10.26 -64.87
C GLY B 94 -9.28 11.11 -66.01
N VAL B 95 -10.41 10.71 -66.56
CA VAL B 95 -11.07 11.45 -67.64
C VAL B 95 -12.58 11.47 -67.43
N ASP B 96 -13.15 12.68 -67.37
CA ASP B 96 -14.57 12.92 -67.11
C ASP B 96 -14.97 14.28 -67.67
N VAL B 97 -16.19 14.74 -67.36
CA VAL B 97 -16.78 15.90 -68.02
C VAL B 97 -16.89 17.11 -67.09
N THR B 98 -16.38 18.25 -67.56
CA THR B 98 -16.55 19.54 -66.88
C THR B 98 -17.03 20.59 -67.89
N THR B 99 -17.85 21.53 -67.41
CA THR B 99 -18.40 22.58 -68.28
C THR B 99 -17.49 23.80 -68.29
N HIS B 100 -16.94 24.12 -69.46
CA HIS B 100 -16.04 25.25 -69.64
C HIS B 100 -16.78 26.42 -70.29
N ARG B 101 -16.67 27.60 -69.68
CA ARG B 101 -17.30 28.82 -70.20
C ARG B 101 -16.27 29.74 -70.84
N GLN B 102 -16.47 30.03 -72.12
CA GLN B 102 -15.57 30.91 -72.88
C GLN B 102 -16.38 31.76 -73.86
N ASP B 103 -15.97 33.01 -74.03
CA ASP B 103 -16.70 33.95 -74.89
C ASP B 103 -16.12 34.04 -76.30
N ILE B 104 -16.62 33.17 -77.18
CA ILE B 104 -16.22 33.17 -78.59
C ILE B 104 -17.05 34.19 -79.34
N ASN B 105 -16.37 35.09 -80.07
CA ASN B 105 -17.02 36.15 -80.85
C ASN B 105 -17.91 37.07 -80.00
N GLY B 106 -17.47 37.35 -78.77
CA GLY B 106 -18.20 38.23 -77.86
C GLY B 106 -19.20 37.51 -76.97
N LYS B 107 -20.01 36.64 -77.57
CA LYS B 107 -21.06 35.92 -76.86
C LYS B 107 -20.48 34.80 -76.00
N GLU B 108 -20.88 34.75 -74.73
CA GLU B 108 -20.40 33.74 -73.79
C GLU B 108 -21.04 32.39 -74.11
N MET B 109 -20.22 31.37 -74.32
CA MET B 109 -20.70 30.05 -74.72
C MET B 109 -20.21 28.96 -73.75
N LYS B 110 -21.05 27.94 -73.56
CA LYS B 110 -20.72 26.79 -72.72
C LYS B 110 -20.22 25.62 -73.58
N PHE B 111 -19.29 24.84 -73.03
CA PHE B 111 -18.74 23.67 -73.72
C PHE B 111 -18.45 22.54 -72.74
N GLU B 112 -18.98 21.35 -73.04
CA GLU B 112 -18.66 20.15 -72.26
C GLU B 112 -17.33 19.59 -72.76
N VAL B 113 -16.31 19.68 -71.92
CA VAL B 113 -14.96 19.26 -72.29
C VAL B 113 -14.40 18.20 -71.35
N LEU B 114 -13.61 17.28 -71.90
CA LEU B 114 -12.89 16.31 -71.10
C LEU B 114 -11.60 16.95 -70.60
N THR B 115 -11.36 16.89 -69.29
CA THR B 115 -10.16 17.48 -68.71
C THR B 115 -8.98 16.53 -68.87
N LEU B 116 -8.47 16.45 -70.10
CA LEU B 116 -7.39 15.54 -70.46
C LEU B 116 -6.02 16.22 -70.31
N ALA B 117 -4.99 15.40 -70.10
CA ALA B 117 -3.61 15.88 -70.03
C ALA B 117 -3.03 16.03 -71.43
N SER B 118 -3.21 14.99 -72.25
CA SER B 118 -2.69 14.96 -73.62
C SER B 118 -3.42 15.93 -74.54
N LEU B 119 -4.71 16.15 -74.28
CA LEU B 119 -5.53 17.03 -75.10
C LEU B 119 -5.97 18.26 -74.30
N THR B 120 -5.67 19.45 -74.82
CA THR B 120 -5.99 20.70 -74.13
C THR B 120 -7.47 21.04 -74.28
N THR B 121 -8.01 21.74 -73.29
CA THR B 121 -9.40 22.22 -73.33
C THR B 121 -9.61 23.31 -74.39
N GLU B 122 -8.52 23.97 -74.80
CA GLU B 122 -8.58 25.03 -75.80
C GLU B 122 -8.79 24.46 -77.20
N ILE B 123 -8.23 23.28 -77.47
CA ILE B 123 -8.35 22.64 -78.78
C ILE B 123 -9.63 21.79 -78.87
N GLN B 124 -10.12 21.32 -77.71
CA GLN B 124 -11.36 20.54 -77.65
C GLN B 124 -12.57 21.36 -78.07
N ILE B 125 -12.64 22.60 -77.61
CA ILE B 125 -13.74 23.50 -77.98
C ILE B 125 -13.70 23.87 -79.47
N ASN B 126 -12.50 23.93 -80.04
CA ASN B 126 -12.33 24.23 -81.47
C ASN B 126 -12.82 23.10 -82.37
N ILE B 127 -12.75 21.86 -81.88
CA ILE B 127 -13.32 20.72 -82.58
C ILE B 127 -14.84 20.83 -82.60
N GLU B 128 -15.42 21.25 -81.48
CA GLU B 128 -16.87 21.44 -81.37
C GLU B 128 -17.33 22.69 -82.13
N ILE B 129 -16.52 23.75 -82.12
CA ILE B 129 -16.84 24.99 -82.84
C ILE B 129 -16.88 24.76 -84.35
N GLU B 130 -15.86 24.10 -84.89
CA GLU B 130 -15.79 23.82 -86.33
C GLU B 130 -16.84 22.81 -86.79
N SER B 131 -17.25 21.93 -85.88
CA SER B 131 -18.30 20.95 -86.19
C SER B 131 -19.69 21.61 -86.26
N ARG B 132 -19.93 22.59 -85.38
CA ARG B 132 -21.17 23.37 -85.39
C ARG B 132 -21.33 24.18 -86.68
N LYS B 133 -20.22 24.66 -87.22
CA LYS B 133 -20.21 25.37 -88.51
C LYS B 133 -20.63 24.43 -89.64
N SER B 134 -20.04 23.23 -89.65
CA SER B 134 -20.37 22.22 -90.66
C SER B 134 -21.77 21.63 -90.43
N TYR B 135 -22.22 21.61 -89.18
CA TYR B 135 -23.55 21.10 -88.85
C TYR B 135 -24.66 22.01 -89.38
N LYS B 136 -24.51 23.32 -89.17
CA LYS B 136 -25.51 24.28 -89.64
C LYS B 136 -25.50 24.41 -91.16
N LYS B 137 -24.32 24.22 -91.77
CA LYS B 137 -24.20 24.19 -93.22
C LYS B 137 -24.88 22.94 -93.78
N MET B 138 -24.71 21.82 -93.07
CA MET B 138 -25.38 20.57 -93.42
C MET B 138 -26.89 20.69 -93.20
N LEU B 139 -27.28 21.35 -92.11
CA LEU B 139 -28.70 21.57 -91.79
C LEU B 139 -29.37 22.49 -92.81
N LYS B 140 -28.60 23.43 -93.36
CA LYS B 140 -29.11 24.38 -94.35
C LYS B 140 -29.32 23.72 -95.72
N GLU B 141 -28.53 22.68 -96.00
CA GLU B 141 -28.58 21.99 -97.30
C GLU B 141 -29.72 20.97 -97.38
N MET B 142 -29.85 20.12 -96.37
CA MET B 142 -30.85 19.04 -96.37
C MET B 142 -32.02 19.27 -95.42
N GLY B 143 -32.08 20.44 -94.78
CA GLY B 143 -33.17 20.78 -93.88
C GLY B 143 -33.09 20.05 -92.55
N GLU B 144 -33.48 18.77 -92.57
CA GLU B 144 -33.43 17.92 -91.38
C GLU B 144 -32.34 16.86 -91.55
N VAL B 145 -31.36 16.87 -90.65
CA VAL B 145 -30.29 15.87 -90.69
C VAL B 145 -30.75 14.56 -90.06
N ALA B 146 -30.44 13.44 -90.73
CA ALA B 146 -30.87 12.12 -90.28
C ALA B 146 -29.91 11.57 -89.21
N PRO B 147 -30.32 10.50 -88.50
CA PRO B 147 -29.46 9.86 -87.50
C PRO B 147 -28.11 9.34 -88.04
N GLU B 148 -28.06 9.01 -89.34
CA GLU B 148 -26.85 8.47 -89.96
C GLU B 148 -25.79 9.56 -90.14
N TYR B 149 -26.22 10.74 -90.57
CA TYR B 149 -25.29 11.82 -90.89
C TYR B 149 -24.78 12.62 -89.68
N ARG B 150 -25.44 12.47 -88.53
CA ARG B 150 -25.11 13.26 -87.35
C ARG B 150 -24.01 12.66 -86.47
N HIS B 151 -23.48 13.49 -85.59
CA HIS B 151 -22.38 13.10 -84.70
C HIS B 151 -22.80 12.20 -83.52
N ASP B 152 -24.09 12.17 -83.22
CA ASP B 152 -24.60 11.41 -82.07
C ASP B 152 -24.63 9.89 -82.29
N SER B 153 -24.47 9.45 -83.53
CA SER B 153 -24.50 8.02 -83.86
C SER B 153 -23.44 7.23 -83.08
N PRO B 154 -23.78 6.01 -82.62
CA PRO B 154 -22.82 5.20 -81.86
C PRO B 154 -21.67 4.63 -82.69
N ASP B 155 -21.82 4.62 -84.02
CA ASP B 155 -20.78 4.10 -84.92
C ASP B 155 -19.56 5.03 -84.99
N CYS B 156 -19.78 6.33 -84.84
CA CYS B 156 -18.73 7.35 -85.00
C CYS B 156 -17.38 6.98 -84.39
N GLY B 157 -17.39 6.47 -83.16
CA GLY B 157 -16.17 6.10 -82.46
C GLY B 157 -15.44 4.93 -83.12
N MET B 158 -16.19 3.91 -83.52
CA MET B 158 -15.61 2.73 -84.17
C MET B 158 -15.23 3.01 -85.62
N ILE B 159 -15.93 3.94 -86.28
CA ILE B 159 -15.61 4.34 -87.65
C ILE B 159 -14.19 4.90 -87.74
N ILE B 160 -13.80 5.69 -86.75
CA ILE B 160 -12.43 6.23 -86.68
C ILE B 160 -11.42 5.13 -86.36
N LEU B 161 -11.83 4.15 -85.55
CA LEU B 161 -10.97 3.01 -85.22
C LEU B 161 -10.89 1.97 -86.35
N CYS B 162 -11.77 2.06 -87.34
CA CYS B 162 -11.73 1.16 -88.51
C CYS B 162 -10.48 1.39 -89.34
N ILE B 163 -10.15 2.66 -89.62
CA ILE B 163 -8.92 2.99 -90.34
C ILE B 163 -7.68 2.88 -89.45
N ALA B 164 -7.88 2.86 -88.13
CA ALA B 164 -6.80 2.55 -87.19
C ALA B 164 -6.39 1.08 -87.32
N ALA B 165 -7.38 0.22 -87.57
CA ALA B 165 -7.12 -1.20 -87.83
C ALA B 165 -6.45 -1.41 -89.19
N LEU B 166 -6.73 -0.51 -90.14
CA LEU B 166 -6.04 -0.53 -91.44
C LEU B 166 -4.60 -0.07 -91.32
N VAL B 167 -4.36 0.91 -90.43
CA VAL B 167 -3.00 1.37 -90.15
C VAL B 167 -2.20 0.27 -89.44
N ILE B 168 -2.83 -0.41 -88.49
CA ILE B 168 -2.19 -1.49 -87.74
C ILE B 168 -1.92 -2.70 -88.67
N THR B 169 -2.74 -2.83 -89.70
CA THR B 169 -2.57 -3.88 -90.71
C THR B 169 -1.27 -3.69 -91.51
N LYS B 170 -0.88 -2.44 -91.75
CA LYS B 170 0.33 -2.12 -92.52
C LYS B 170 1.47 -1.54 -91.67
N LEU B 171 1.49 -1.86 -90.38
CA LEU B 171 2.58 -1.42 -89.50
C LEU B 171 3.83 -2.30 -89.63
N ALA B 172 3.67 -3.49 -90.21
CA ALA B 172 4.78 -4.43 -90.38
C ALA B 172 5.94 -3.83 -91.16
N ALA B 173 5.62 -3.03 -92.19
CA ALA B 173 6.63 -2.33 -92.98
C ALA B 173 7.42 -1.35 -92.13
N GLY B 174 6.69 -0.57 -91.32
CA GLY B 174 7.31 0.35 -90.36
C GLY B 174 7.94 1.58 -90.98
N ASP B 175 7.29 2.15 -91.99
CA ASP B 175 7.77 3.38 -92.63
C ASP B 175 6.67 4.14 -93.39
N ARG B 176 5.43 4.01 -92.94
CA ARG B 176 4.26 4.63 -93.59
C ARG B 176 4.17 4.35 -95.10
N SER B 177 4.66 3.18 -95.52
CA SER B 177 4.65 2.81 -96.94
C SER B 177 3.27 2.26 -97.36
N GLY B 178 2.56 1.67 -96.41
CA GLY B 178 1.23 1.11 -96.66
C GLY B 178 0.11 2.13 -96.73
N LEU B 179 0.40 3.39 -96.38
CA LEU B 179 -0.59 4.47 -96.39
C LEU B 179 -1.45 4.50 -97.66
N THR B 180 -0.84 4.21 -98.80
CA THR B 180 -1.57 4.14 -100.08
C THR B 180 -2.60 3.01 -100.07
N ALA B 181 -2.22 1.86 -99.52
CA ALA B 181 -3.12 0.72 -99.39
C ALA B 181 -4.17 0.93 -98.30
N VAL B 182 -3.81 1.69 -97.27
CA VAL B 182 -4.73 2.02 -96.17
C VAL B 182 -5.88 2.90 -96.68
N ILE B 183 -5.55 3.87 -97.51
CA ILE B 183 -6.54 4.76 -98.12
C ILE B 183 -7.38 4.00 -99.15
N ARG B 184 -6.71 3.14 -99.92
CA ARG B 184 -7.36 2.31 -100.95
C ARG B 184 -8.44 1.41 -100.35
N ARG B 185 -8.07 0.66 -99.30
CA ARG B 185 -9.00 -0.23 -98.61
C ARG B 185 -10.08 0.53 -97.85
N ALA B 186 -9.76 1.74 -97.40
CA ALA B 186 -10.73 2.60 -96.72
C ALA B 186 -11.77 3.18 -97.68
N ASN B 187 -11.53 3.06 -98.98
CA ASN B 187 -12.49 3.44 -100.02
C ASN B 187 -13.31 2.26 -100.53
N ASN B 188 -12.69 1.08 -100.59
CA ASN B 188 -13.38 -0.15 -101.00
C ASN B 188 -14.28 -0.64 -99.87
N VAL B 189 -13.69 -0.89 -98.72
CA VAL B 189 -14.42 -1.18 -97.49
C VAL B 189 -14.72 0.17 -96.84
N LEU B 190 -15.75 0.24 -96.00
CA LEU B 190 -16.07 1.46 -95.27
C LEU B 190 -16.61 2.56 -96.21
N LYS B 191 -17.15 2.16 -97.35
CA LYS B 191 -17.61 3.11 -98.38
C LYS B 191 -18.92 3.81 -98.01
N ASN B 192 -19.83 3.06 -97.39
CA ASN B 192 -21.09 3.64 -96.89
C ASN B 192 -20.85 4.67 -95.79
N GLU B 193 -19.82 4.46 -95.00
CA GLU B 193 -19.48 5.37 -93.90
C GLU B 193 -18.96 6.72 -94.41
N MET B 194 -18.22 6.71 -95.51
CA MET B 194 -17.68 7.93 -96.11
C MET B 194 -18.77 8.80 -96.74
N LYS B 195 -19.86 8.19 -97.18
CA LYS B 195 -21.01 8.92 -97.73
C LYS B 195 -21.69 9.76 -96.65
N ARG B 196 -21.89 9.15 -95.48
CA ARG B 196 -22.62 9.77 -94.39
C ARG B 196 -21.78 10.71 -93.50
N TYR B 197 -20.47 10.76 -93.73
CA TYR B 197 -19.59 11.65 -92.99
C TYR B 197 -18.57 12.33 -93.91
N LYS B 198 -18.63 13.67 -93.95
CA LYS B 198 -17.73 14.47 -94.78
C LYS B 198 -16.29 14.41 -94.29
N GLY B 199 -16.12 14.37 -92.97
CA GLY B 199 -14.79 14.37 -92.35
C GLY B 199 -14.17 12.99 -92.16
N LEU B 200 -14.59 12.01 -92.96
CA LEU B 200 -13.94 10.70 -92.99
C LEU B 200 -12.87 10.76 -94.08
N LEU B 201 -11.70 11.27 -93.69
CA LEU B 201 -10.56 11.42 -94.61
C LEU B 201 -9.53 10.33 -94.29
N PRO B 202 -9.48 9.27 -95.12
CA PRO B 202 -8.54 8.16 -94.86
C PRO B 202 -7.08 8.60 -94.71
N LYS B 203 -6.62 9.49 -95.58
CA LYS B 203 -5.24 9.96 -95.56
C LYS B 203 -4.91 10.74 -94.28
N ASP B 204 -5.83 11.64 -93.90
CA ASP B 204 -5.62 12.50 -92.73
C ASP B 204 -5.70 11.72 -91.42
N ILE B 205 -6.63 10.78 -91.32
CA ILE B 205 -6.82 10.01 -90.09
C ILE B 205 -5.75 8.93 -89.94
N ALA B 206 -5.38 8.27 -91.05
CA ALA B 206 -4.35 7.23 -91.03
C ALA B 206 -2.99 7.79 -90.60
N ASN B 207 -2.63 8.95 -91.13
CA ASN B 207 -1.40 9.65 -90.74
C ASN B 207 -1.39 10.04 -89.26
N SER B 208 -2.58 10.31 -88.70
CA SER B 208 -2.72 10.62 -87.29
C SER B 208 -2.43 9.39 -86.43
N PHE B 209 -2.97 8.24 -86.83
CA PHE B 209 -2.71 6.98 -86.16
C PHE B 209 -1.27 6.50 -86.37
N TYR B 210 -0.73 6.73 -87.57
CA TYR B 210 0.69 6.45 -87.82
C TYR B 210 1.59 7.27 -86.91
N GLU B 211 1.20 8.52 -86.66
CA GLU B 211 1.97 9.43 -85.80
C GLU B 211 1.92 8.99 -84.33
N VAL B 212 0.72 8.65 -83.84
CA VAL B 212 0.52 8.31 -82.43
C VAL B 212 1.14 6.96 -82.06
N PHE B 213 1.15 6.02 -83.02
CA PHE B 213 1.81 4.73 -82.79
C PHE B 213 3.33 4.85 -82.83
N GLU B 214 3.83 5.75 -83.68
CA GLU B 214 5.28 6.03 -83.76
C GLU B 214 5.77 6.79 -82.52
N LYS B 215 5.06 7.86 -82.17
CA LYS B 215 5.43 8.68 -81.02
C LYS B 215 5.20 7.95 -79.69
N HIS B 216 4.16 7.13 -79.64
CA HIS B 216 3.82 6.38 -78.44
C HIS B 216 3.67 4.89 -78.77
N PRO B 217 4.77 4.12 -78.67
CA PRO B 217 4.75 2.68 -78.93
C PRO B 217 3.86 1.86 -77.96
N HIS B 218 3.61 2.40 -76.78
CA HIS B 218 2.72 1.74 -75.81
C HIS B 218 1.25 1.77 -76.23
N PHE B 219 0.86 2.77 -77.03
CA PHE B 219 -0.52 2.86 -77.52
C PHE B 219 -0.84 1.83 -78.61
N ILE B 220 0.18 1.30 -79.28
CA ILE B 220 -0.04 0.27 -80.31
C ILE B 220 -0.35 -1.05 -79.59
N ASP B 221 0.24 -1.22 -78.40
CA ASP B 221 -0.05 -2.36 -77.53
C ASP B 221 -1.46 -2.25 -76.94
N VAL B 222 -1.88 -1.03 -76.65
CA VAL B 222 -3.23 -0.76 -76.13
C VAL B 222 -4.29 -1.04 -77.20
N PHE B 223 -4.00 -0.67 -78.44
CA PHE B 223 -4.95 -0.87 -79.54
C PHE B 223 -5.08 -2.35 -79.92
N VAL B 224 -3.96 -3.07 -79.97
CA VAL B 224 -3.97 -4.49 -80.29
C VAL B 224 -4.76 -5.28 -79.26
N HIS B 225 -4.53 -5.00 -77.98
CA HIS B 225 -5.26 -5.68 -76.90
C HIS B 225 -6.71 -5.20 -76.79
N PHE B 226 -6.99 -4.00 -77.28
CA PHE B 226 -8.37 -3.52 -77.42
C PHE B 226 -9.07 -4.27 -78.54
N GLY B 227 -8.40 -4.39 -79.69
CA GLY B 227 -8.95 -5.08 -80.86
C GLY B 227 -9.26 -6.55 -80.60
N ILE B 228 -8.40 -7.20 -79.83
CA ILE B 228 -8.61 -8.60 -79.42
C ILE B 228 -9.78 -8.68 -78.44
N ALA B 229 -9.86 -7.73 -77.51
CA ALA B 229 -10.98 -7.65 -76.57
C ALA B 229 -12.28 -7.29 -77.29
N GLN B 230 -12.19 -6.44 -78.30
CA GLN B 230 -13.34 -6.07 -79.14
C GLN B 230 -13.79 -7.26 -79.98
N SER B 231 -12.84 -8.01 -80.52
CA SER B 231 -13.13 -9.19 -81.33
C SER B 231 -13.64 -10.37 -80.50
N SER B 232 -13.40 -10.34 -79.19
CA SER B 232 -13.87 -11.39 -78.28
C SER B 232 -15.35 -11.25 -77.88
N THR B 233 -16.00 -10.19 -78.34
CA THR B 233 -17.41 -9.94 -78.01
C THR B 233 -18.34 -10.96 -78.66
N ARG B 234 -19.56 -11.06 -78.13
CA ARG B 234 -20.56 -12.01 -78.61
C ARG B 234 -21.20 -11.55 -79.91
N GLY B 235 -21.31 -10.23 -80.09
CA GLY B 235 -21.88 -9.66 -81.31
C GLY B 235 -22.12 -8.17 -81.18
N GLY B 236 -22.23 -7.49 -82.31
CA GLY B 236 -22.45 -6.03 -82.33
C GLY B 236 -23.00 -5.53 -83.66
N SER B 237 -22.75 -4.25 -83.93
CA SER B 237 -23.20 -3.61 -85.16
C SER B 237 -22.33 -4.02 -86.35
N ARG B 238 -22.75 -3.63 -87.56
CA ARG B 238 -22.00 -3.95 -88.77
C ARG B 238 -20.66 -3.20 -88.83
N VAL B 239 -20.62 -2.00 -88.27
CA VAL B 239 -19.37 -1.22 -88.19
C VAL B 239 -18.38 -1.91 -87.26
N GLU B 240 -18.87 -2.44 -86.15
CA GLU B 240 -18.06 -3.25 -85.23
C GLU B 240 -17.61 -4.55 -85.90
N GLY B 241 -18.47 -5.10 -86.76
CA GLY B 241 -18.12 -6.28 -87.56
C GLY B 241 -17.06 -5.99 -88.61
N ILE B 242 -17.12 -4.79 -89.20
CA ILE B 242 -16.11 -4.35 -90.16
C ILE B 242 -14.75 -4.17 -89.47
N PHE B 243 -14.77 -3.55 -88.28
CA PHE B 243 -13.55 -3.36 -87.48
C PHE B 243 -12.91 -4.71 -87.13
N ALA B 244 -13.73 -5.66 -86.69
CA ALA B 244 -13.27 -7.00 -86.34
C ALA B 244 -12.63 -7.73 -87.52
N GLY B 245 -13.21 -7.54 -88.71
CA GLY B 245 -12.67 -8.11 -89.94
C GLY B 245 -11.38 -7.44 -90.37
N LEU B 246 -11.35 -6.10 -90.31
CA LEU B 246 -10.16 -5.33 -90.68
C LEU B 246 -9.02 -5.52 -89.69
N PHE B 247 -9.36 -5.73 -88.41
CA PHE B 247 -8.36 -5.99 -87.37
C PHE B 247 -7.71 -7.36 -87.54
N MET B 248 -8.50 -8.36 -87.90
CA MET B 248 -8.00 -9.72 -88.10
C MET B 248 -7.20 -9.90 -89.39
N ASN B 249 -7.29 -8.93 -90.31
CA ASN B 249 -6.42 -8.89 -91.48
C ASN B 249 -4.97 -8.61 -91.09
N ALA B 250 -4.79 -7.92 -89.95
CA ALA B 250 -3.46 -7.64 -89.41
C ALA B 250 -2.78 -8.90 -88.85
N TYR B 251 -3.59 -9.88 -88.41
CA TYR B 251 -3.04 -11.15 -87.91
C TYR B 251 -2.13 -11.79 -88.95
N GLY B 252 -0.89 -12.06 -88.55
CA GLY B 252 0.10 -12.67 -89.44
C GLY B 252 0.86 -11.66 -90.28
N ALA B 253 0.78 -10.38 -89.92
CA ALA B 253 1.55 -9.33 -90.59
C ALA B 253 3.01 -9.42 -90.16
N GLY B 254 3.91 -9.07 -91.07
CA GLY B 254 5.35 -9.17 -90.80
C GLY B 254 5.87 -10.59 -90.86
N GLN B 255 5.09 -11.50 -91.44
CA GLN B 255 5.47 -12.91 -91.54
C GLN B 255 4.66 -13.60 -92.64
N VAL B 256 4.67 -12.98 -93.83
CA VAL B 256 3.97 -13.51 -95.00
C VAL B 256 4.72 -14.69 -95.63
N MET B 257 6.04 -14.68 -95.50
CA MET B 257 6.89 -15.76 -96.02
C MET B 257 6.56 -17.10 -95.33
N LEU B 258 6.05 -17.01 -94.10
CA LEU B 258 5.60 -18.19 -93.35
C LEU B 258 4.36 -18.80 -94.01
N ARG B 259 3.44 -17.94 -94.46
CA ARG B 259 2.21 -18.40 -95.12
C ARG B 259 2.47 -18.86 -96.55
N TRP B 260 3.33 -18.14 -97.28
CA TRP B 260 3.69 -18.52 -98.65
C TRP B 260 4.50 -19.81 -98.72
N GLY B 261 5.18 -20.15 -97.61
CA GLY B 261 5.90 -21.42 -97.52
C GLY B 261 4.97 -22.62 -97.45
N VAL B 262 3.82 -22.44 -96.82
CA VAL B 262 2.78 -23.48 -96.76
C VAL B 262 2.09 -23.60 -98.13
N LEU B 263 1.97 -22.47 -98.84
CA LEU B 263 1.39 -22.45 -100.18
C LEU B 263 2.25 -23.23 -101.17
N ALA B 264 3.56 -23.04 -101.11
CA ALA B 264 4.51 -23.78 -101.96
C ALA B 264 4.46 -25.27 -101.68
N LYS B 265 4.28 -25.63 -100.41
CA LYS B 265 4.11 -27.02 -99.99
C LYS B 265 2.75 -27.57 -100.44
N SER B 266 1.72 -26.72 -100.43
CA SER B 266 0.38 -27.12 -100.86
C SER B 266 0.31 -27.36 -102.36
N VAL B 267 0.84 -26.42 -103.15
CA VAL B 267 0.85 -26.55 -104.62
C VAL B 267 1.91 -27.52 -105.13
N LYS B 268 2.82 -27.95 -104.25
CA LYS B 268 3.86 -28.93 -104.57
C LYS B 268 4.85 -28.41 -105.62
N ASN B 269 5.54 -27.33 -105.28
CA ASN B 269 6.58 -26.78 -106.15
C ASN B 269 7.81 -27.69 -106.13
N ILE B 270 8.26 -28.10 -107.31
CA ILE B 270 9.33 -29.09 -107.45
C ILE B 270 10.68 -28.65 -106.86
N MET B 271 10.93 -27.33 -106.83
CA MET B 271 12.20 -26.82 -106.32
C MET B 271 12.35 -26.91 -104.79
N LEU B 272 11.28 -27.27 -104.08
CA LEU B 272 11.36 -27.60 -102.65
C LEU B 272 12.23 -28.83 -102.40
N GLY B 273 12.19 -29.79 -103.32
CA GLY B 273 12.99 -31.01 -103.21
C GLY B 273 14.44 -30.87 -103.64
N HIS B 274 14.84 -29.65 -104.00
CA HIS B 274 16.23 -29.37 -104.40
C HIS B 274 17.20 -29.60 -103.23
N ALA B 275 18.42 -30.01 -103.55
CA ALA B 275 19.41 -30.44 -102.56
C ALA B 275 19.72 -29.38 -101.49
N SER B 276 20.04 -28.17 -101.92
CA SER B 276 20.39 -27.09 -101.00
C SER B 276 19.19 -26.62 -100.17
N VAL B 277 17.99 -26.80 -100.71
CA VAL B 277 16.76 -26.49 -99.97
C VAL B 277 16.52 -27.56 -98.89
N GLN B 278 16.80 -28.82 -99.23
CA GLN B 278 16.64 -29.94 -98.30
C GLN B 278 17.62 -29.92 -97.12
N ALA B 279 18.77 -29.27 -97.31
CA ALA B 279 19.74 -29.10 -96.23
C ALA B 279 19.20 -28.21 -95.11
N GLU B 280 18.35 -27.25 -95.50
CA GLU B 280 17.76 -26.30 -94.55
C GLU B 280 16.50 -26.85 -93.85
N MET B 281 15.90 -27.89 -94.44
CA MET B 281 14.61 -28.42 -93.98
C MET B 281 14.55 -28.81 -92.51
N GLU B 282 15.68 -29.22 -91.94
CA GLU B 282 15.75 -29.53 -90.51
C GLU B 282 15.47 -28.29 -89.67
N GLN B 283 16.03 -27.15 -90.07
CA GLN B 283 15.91 -25.91 -89.32
C GLN B 283 14.64 -25.11 -89.63
N VAL B 284 14.08 -25.26 -90.83
CA VAL B 284 12.86 -24.54 -91.19
C VAL B 284 11.63 -25.13 -90.50
N VAL B 285 11.68 -26.43 -90.22
CA VAL B 285 10.62 -27.11 -89.47
C VAL B 285 10.60 -26.61 -88.01
N GLU B 286 11.78 -26.29 -87.47
CA GLU B 286 11.89 -25.78 -86.10
C GLU B 286 11.13 -24.47 -85.90
N VAL B 287 11.21 -23.57 -86.89
CA VAL B 287 10.50 -22.27 -86.82
C VAL B 287 9.00 -22.45 -87.10
N TYR B 288 8.64 -23.35 -88.01
CA TYR B 288 7.23 -23.68 -88.26
C TYR B 288 6.58 -24.35 -87.05
N GLU B 289 7.32 -25.25 -86.41
CA GLU B 289 6.86 -25.87 -85.15
C GLU B 289 6.82 -24.85 -84.02
N TYR B 290 7.74 -23.89 -84.03
CA TYR B 290 7.75 -22.79 -83.07
C TYR B 290 6.57 -21.85 -83.29
N ALA B 291 6.20 -21.63 -84.56
CA ALA B 291 5.02 -20.84 -84.90
C ALA B 291 3.74 -21.56 -84.49
N GLN B 292 3.74 -22.89 -84.64
CA GLN B 292 2.62 -23.72 -84.18
C GLN B 292 2.52 -23.76 -82.65
N LYS B 293 3.67 -23.66 -81.98
CA LYS B 293 3.72 -23.66 -80.51
C LYS B 293 3.08 -22.40 -79.94
N LEU B 294 3.45 -21.24 -80.48
CA LEU B 294 2.92 -19.96 -80.03
C LEU B 294 1.42 -19.82 -80.30
N GLY B 295 1.02 -20.17 -81.52
CA GLY B 295 -0.39 -20.14 -81.91
C GLY B 295 -0.89 -18.74 -82.21
N GLY B 296 -1.95 -18.33 -81.52
CA GLY B 296 -2.54 -17.00 -81.70
C GLY B 296 -1.69 -15.85 -81.17
N GLU B 297 -0.75 -16.18 -80.28
CA GLU B 297 0.16 -15.18 -79.70
C GLU B 297 1.10 -14.59 -80.76
N ALA B 298 1.51 -15.42 -81.72
CA ALA B 298 2.47 -15.02 -82.75
C ALA B 298 1.88 -14.13 -83.87
N GLY B 299 0.57 -13.92 -83.85
CA GLY B 299 -0.09 -13.11 -84.87
C GLY B 299 0.34 -11.66 -84.91
N PHE B 300 0.45 -11.04 -83.74
CA PHE B 300 0.82 -9.63 -83.62
C PHE B 300 2.26 -9.46 -83.08
N TYR B 301 3.14 -10.37 -83.47
CA TYR B 301 4.55 -10.34 -83.02
C TYR B 301 5.39 -9.29 -83.75
N HIS B 302 4.95 -8.88 -84.95
CA HIS B 302 5.64 -7.85 -85.72
C HIS B 302 4.94 -6.48 -85.62
N ILE B 303 3.61 -6.51 -85.47
CA ILE B 303 2.82 -5.29 -85.26
C ILE B 303 3.25 -4.66 -83.94
N LEU B 304 3.11 -5.42 -82.86
CA LEU B 304 3.83 -5.12 -81.62
C LEU B 304 5.26 -5.56 -81.91
N ASN B 305 6.23 -4.66 -81.79
CA ASN B 305 7.62 -5.03 -82.09
C ASN B 305 8.18 -5.96 -81.02
N ASN B 306 7.73 -7.22 -81.07
CA ASN B 306 8.11 -8.23 -80.08
C ASN B 306 9.54 -8.71 -80.35
N PRO B 307 10.37 -8.80 -79.29
CA PRO B 307 11.72 -9.33 -79.41
C PRO B 307 11.80 -10.71 -80.08
N LYS B 308 10.79 -11.55 -79.85
CA LYS B 308 10.75 -12.91 -80.39
C LYS B 308 10.19 -12.98 -81.82
N ALA B 309 9.97 -11.83 -82.45
CA ALA B 309 9.49 -11.77 -83.83
C ALA B 309 10.57 -12.20 -84.83
N SER B 310 11.83 -11.97 -84.48
CA SER B 310 12.96 -12.35 -85.33
C SER B 310 13.14 -13.87 -85.43
N LEU B 311 12.64 -14.60 -84.43
CA LEU B 311 12.71 -16.06 -84.41
C LEU B 311 11.82 -16.72 -85.48
N LEU B 312 10.75 -16.02 -85.88
CA LEU B 312 9.81 -16.53 -86.88
C LEU B 312 10.29 -16.32 -88.33
N SER B 313 11.46 -15.69 -88.49
CA SER B 313 12.00 -15.36 -89.81
C SER B 313 12.49 -16.60 -90.58
N LEU B 314 12.07 -16.70 -91.84
CA LEU B 314 12.59 -17.73 -92.75
C LEU B 314 13.70 -17.17 -93.63
N THR B 315 13.93 -15.85 -93.56
CA THR B 315 14.96 -15.18 -94.35
C THR B 315 16.37 -15.69 -94.05
N GLN B 316 16.58 -16.16 -92.82
CA GLN B 316 17.84 -16.80 -92.43
C GLN B 316 18.18 -18.03 -93.28
N PHE B 317 17.17 -18.61 -93.93
CA PHE B 317 17.35 -19.73 -94.86
C PHE B 317 17.26 -19.21 -96.30
N PRO B 318 18.42 -18.97 -96.95
CA PRO B 318 18.44 -18.39 -98.30
C PRO B 318 17.72 -19.22 -99.37
N HIS B 319 17.95 -20.53 -99.38
CA HIS B 319 17.46 -21.39 -100.45
C HIS B 319 15.96 -21.64 -100.37
N PHE B 320 15.47 -21.94 -99.17
CA PHE B 320 14.04 -22.16 -98.94
C PHE B 320 13.23 -20.88 -99.17
N SER B 321 13.77 -19.74 -98.76
CA SER B 321 13.13 -18.45 -98.98
C SER B 321 12.98 -18.12 -100.46
N SER B 322 14.00 -18.48 -101.26
CA SER B 322 14.01 -18.19 -102.69
C SER B 322 12.92 -18.94 -103.45
N VAL B 323 12.83 -20.26 -103.21
CA VAL B 323 11.80 -21.09 -103.85
C VAL B 323 10.38 -20.69 -103.42
N VAL B 324 10.23 -20.30 -102.16
CA VAL B 324 8.94 -19.84 -101.63
C VAL B 324 8.56 -18.48 -102.23
N LEU B 325 9.55 -17.59 -102.36
CA LEU B 325 9.32 -16.27 -102.94
C LEU B 325 9.15 -16.37 -104.45
N GLY B 326 9.78 -17.38 -105.06
CA GLY B 326 9.61 -17.67 -106.49
C GLY B 326 8.24 -18.25 -106.80
N ASN B 327 7.79 -19.17 -105.96
CA ASN B 327 6.46 -19.77 -106.08
C ASN B 327 5.35 -18.71 -106.04
N ALA B 328 5.52 -17.74 -105.14
CA ALA B 328 4.57 -16.62 -105.03
C ALA B 328 4.60 -15.74 -106.28
N ALA B 329 5.77 -15.57 -106.87
CA ALA B 329 5.93 -14.77 -108.09
C ALA B 329 5.31 -15.47 -109.30
N GLY B 330 5.49 -16.78 -109.39
CA GLY B 330 4.95 -17.56 -110.49
C GLY B 330 3.44 -17.68 -110.46
N LEU B 331 2.88 -17.85 -109.26
CA LEU B 331 1.43 -17.85 -109.06
C LEU B 331 0.84 -16.45 -109.25
N GLY B 332 1.68 -15.42 -109.13
CA GLY B 332 1.26 -14.04 -109.38
C GLY B 332 0.47 -13.45 -108.24
N ILE B 333 0.97 -13.65 -107.02
CA ILE B 333 0.32 -13.14 -105.80
C ILE B 333 1.10 -12.01 -105.13
N MET B 334 2.43 -12.00 -105.31
CA MET B 334 3.27 -10.92 -104.77
C MET B 334 3.28 -9.72 -105.73
N GLY B 335 3.97 -8.66 -105.32
CA GLY B 335 4.07 -7.43 -106.12
C GLY B 335 3.10 -6.37 -105.61
N GLU B 336 3.60 -5.22 -105.13
CA GLU B 336 5.02 -4.86 -105.10
C GLU B 336 5.59 -5.18 -103.71
N TYR B 337 6.01 -6.43 -103.53
CA TYR B 337 6.57 -6.91 -102.27
C TYR B 337 8.09 -6.70 -102.33
N ARG B 338 8.62 -5.97 -101.35
CA ARG B 338 10.03 -5.55 -101.37
C ARG B 338 10.99 -6.59 -100.77
N GLY B 339 10.65 -7.87 -100.88
CA GLY B 339 11.53 -8.96 -100.46
C GLY B 339 12.34 -9.47 -101.64
N THR B 340 13.66 -9.54 -101.46
CA THR B 340 14.57 -9.96 -102.52
C THR B 340 15.11 -11.36 -102.23
N PRO B 341 15.08 -12.27 -103.22
CA PRO B 341 15.61 -13.62 -103.01
C PRO B 341 17.14 -13.64 -102.96
N ARG B 342 17.70 -14.33 -101.96
CA ARG B 342 19.15 -14.44 -101.82
C ARG B 342 19.73 -15.31 -102.94
N ASN B 343 19.06 -16.42 -103.24
CA ASN B 343 19.43 -17.27 -104.38
C ASN B 343 18.53 -16.96 -105.57
N GLN B 344 19.11 -16.40 -106.63
CA GLN B 344 18.36 -15.97 -107.81
C GLN B 344 18.00 -17.15 -108.72
N ASP B 345 18.89 -18.14 -108.80
CA ASP B 345 18.68 -19.30 -109.66
C ASP B 345 17.52 -20.18 -109.17
N LEU B 346 17.44 -20.38 -107.85
CA LEU B 346 16.32 -21.11 -107.24
C LEU B 346 15.00 -20.36 -107.37
N TYR B 347 15.07 -19.03 -107.30
CA TYR B 347 13.89 -18.17 -107.46
C TYR B 347 13.30 -18.28 -108.87
N ASP B 348 14.18 -18.19 -109.88
CA ASP B 348 13.75 -18.26 -111.28
C ASP B 348 13.21 -19.65 -111.65
N ALA B 349 13.83 -20.70 -111.11
CA ALA B 349 13.40 -22.07 -111.35
C ALA B 349 12.04 -22.35 -110.70
N ALA B 350 11.83 -21.81 -109.49
CA ALA B 350 10.56 -21.94 -108.78
C ALA B 350 9.46 -21.13 -109.46
N LYS B 351 9.81 -19.94 -109.95
CA LYS B 351 8.87 -19.07 -110.66
C LYS B 351 8.41 -19.73 -111.96
N ALA B 352 9.34 -20.39 -112.66
CA ALA B 352 9.03 -21.06 -113.92
C ALA B 352 8.06 -22.22 -113.75
N TYR B 353 8.30 -23.06 -112.75
CA TYR B 353 7.43 -24.20 -112.46
C TYR B 353 6.08 -23.73 -111.93
N ALA B 354 6.08 -22.69 -111.10
CA ALA B 354 4.85 -22.12 -110.56
C ALA B 354 3.94 -21.55 -111.65
N GLU B 355 4.54 -21.02 -112.71
CA GLU B 355 3.79 -20.53 -113.87
C GLU B 355 3.18 -21.69 -114.67
N GLN B 356 3.88 -22.81 -114.72
CA GLN B 356 3.38 -24.01 -115.41
C GLN B 356 2.23 -24.68 -114.65
N LEU B 357 2.21 -24.52 -113.32
CA LEU B 357 1.15 -25.10 -112.49
C LEU B 357 -0.22 -24.46 -112.71
N LYS B 358 -0.24 -23.16 -113.00
CA LYS B 358 -1.49 -22.39 -113.09
C LYS B 358 -2.06 -22.27 -114.51
N GLU B 359 -1.67 -23.18 -115.41
CA GLU B 359 -2.03 -23.04 -116.81
C GLU B 359 -3.31 -23.81 -117.15
N ASN B 360 -4.08 -23.25 -118.09
CA ASN B 360 -5.27 -23.90 -118.65
C ASN B 360 -6.42 -24.09 -117.64
N GLY B 361 -6.66 -25.32 -117.18
CA GLY B 361 -7.75 -25.61 -116.25
C GLY B 361 -8.66 -26.72 -116.77
N VAL B 362 -8.33 -27.96 -116.44
CA VAL B 362 -9.12 -29.12 -116.85
C VAL B 362 -9.91 -29.66 -115.64
N ILE B 363 -11.08 -30.22 -115.90
CA ILE B 363 -11.96 -30.70 -114.84
C ILE B 363 -11.49 -32.06 -114.32
N ASN B 364 -11.35 -32.17 -113.00
CA ASN B 364 -10.98 -33.43 -112.36
C ASN B 364 -12.24 -34.16 -111.87
N TYR B 365 -12.61 -35.23 -112.58
CA TYR B 365 -13.86 -35.95 -112.31
C TYR B 365 -13.75 -36.97 -111.18
N SER B 366 -12.52 -37.30 -110.76
CA SER B 366 -12.30 -38.21 -109.65
C SER B 366 -12.60 -37.57 -108.29
N VAL B 367 -12.61 -36.24 -108.25
CA VAL B 367 -12.89 -35.49 -107.02
C VAL B 367 -14.37 -35.62 -106.62
N LEU B 368 -15.26 -35.55 -107.61
CA LEU B 368 -16.70 -35.66 -107.37
C LEU B 368 -17.08 -37.10 -107.07
N ASP B 369 -18.19 -37.29 -106.36
CA ASP B 369 -18.70 -38.62 -106.04
C ASP B 369 -19.68 -39.08 -107.13
N LEU B 370 -19.18 -39.19 -108.36
CA LEU B 370 -19.99 -39.61 -109.50
C LEU B 370 -20.13 -41.12 -109.53
N THR B 371 -21.33 -41.60 -109.81
CA THR B 371 -21.61 -43.04 -109.86
C THR B 371 -21.64 -43.51 -111.31
N ALA C 2 29.97 -56.37 -60.48
CA ALA C 2 29.83 -56.25 -61.96
C ALA C 2 30.76 -55.16 -62.52
N LEU C 3 31.08 -55.27 -63.81
CA LEU C 3 31.94 -54.29 -64.48
C LEU C 3 31.12 -53.10 -64.98
N SER C 4 29.80 -53.18 -64.89
CA SER C 4 28.92 -52.06 -65.23
C SER C 4 28.94 -50.98 -64.15
N LYS C 5 29.22 -51.37 -62.90
CA LYS C 5 29.21 -50.44 -61.77
C LYS C 5 30.44 -49.54 -61.70
N VAL C 6 31.59 -50.04 -62.17
CA VAL C 6 32.82 -49.24 -62.17
C VAL C 6 32.67 -48.03 -63.11
N LYS C 7 32.21 -46.92 -62.53
CA LYS C 7 31.96 -45.68 -63.27
C LYS C 7 32.11 -44.49 -62.33
N LEU C 8 32.21 -43.30 -62.90
CA LEU C 8 32.35 -42.08 -62.10
C LEU C 8 31.96 -40.84 -62.91
N ASN C 9 30.81 -40.27 -62.59
CA ASN C 9 30.31 -39.09 -63.30
C ASN C 9 30.99 -37.83 -62.76
N ASP C 10 32.17 -37.54 -63.30
CA ASP C 10 32.95 -36.38 -62.86
C ASP C 10 32.29 -35.05 -63.24
N THR C 11 31.69 -35.01 -64.42
CA THR C 11 31.04 -33.79 -64.93
C THR C 11 29.90 -33.34 -64.02
N LEU C 12 29.09 -34.29 -63.55
CA LEU C 12 27.96 -34.00 -62.67
C LEU C 12 28.43 -33.69 -61.25
N ASN C 13 29.48 -34.38 -60.81
CA ASN C 13 30.03 -34.17 -59.46
C ASN C 13 30.77 -32.84 -59.32
N LYS C 14 31.48 -32.42 -60.37
CA LYS C 14 32.14 -31.11 -60.39
C LYS C 14 31.11 -29.99 -60.28
N ASP C 15 29.99 -30.14 -60.98
CA ASP C 15 28.87 -29.19 -60.90
C ASP C 15 28.25 -29.18 -59.51
N GLN C 16 28.11 -30.36 -58.91
CA GLN C 16 27.57 -30.50 -57.57
C GLN C 16 28.46 -29.84 -56.51
N LEU C 17 29.77 -29.88 -56.73
CA LEU C 17 30.72 -29.22 -55.83
C LEU C 17 30.56 -27.70 -55.85
N LEU C 18 30.51 -27.13 -57.05
CA LEU C 18 30.41 -25.68 -57.21
C LEU C 18 29.02 -25.15 -56.88
N SER C 19 27.99 -25.94 -57.14
CA SER C 19 26.61 -25.55 -56.84
C SER C 19 26.33 -25.51 -55.33
N SER C 20 27.00 -26.37 -54.57
CA SER C 20 26.81 -26.46 -53.13
C SER C 20 28.01 -25.89 -52.37
N SER C 21 28.41 -24.67 -52.73
CA SER C 21 29.49 -23.98 -52.03
C SER C 21 28.95 -23.33 -50.76
N LYS C 22 29.65 -23.54 -49.65
CA LYS C 22 29.23 -23.00 -48.36
C LYS C 22 29.59 -21.51 -48.26
N TYR C 23 30.65 -21.12 -48.94
CA TYR C 23 31.21 -19.77 -48.83
C TYR C 23 31.15 -19.05 -50.17
N THR C 24 31.26 -17.72 -50.13
CA THR C 24 31.14 -16.88 -51.32
C THR C 24 32.21 -15.80 -51.38
N ILE C 25 32.72 -15.55 -52.58
CA ILE C 25 33.64 -14.43 -52.83
C ILE C 25 32.86 -13.25 -53.41
N GLN C 26 33.26 -12.04 -53.04
CA GLN C 26 32.62 -10.83 -53.51
C GLN C 26 33.67 -9.84 -54.01
N ARG C 27 33.69 -9.63 -55.32
CA ARG C 27 34.76 -8.91 -55.99
C ARG C 27 34.60 -7.40 -55.82
N SER C 28 35.73 -6.69 -55.80
CA SER C 28 35.75 -5.25 -55.59
C SER C 28 35.12 -4.52 -56.77
N THR C 29 33.84 -4.19 -56.63
CA THR C 29 33.12 -3.42 -57.64
C THR C 29 33.67 -2.00 -57.68
N GLY C 30 34.16 -1.52 -56.53
CA GLY C 30 34.82 -0.22 -56.43
C GLY C 30 34.32 0.60 -55.26
N ASP C 31 34.43 1.91 -55.38
CA ASP C 31 33.95 2.83 -54.34
C ASP C 31 32.46 3.09 -54.45
N SER C 32 31.97 3.24 -55.69
CA SER C 32 30.54 3.51 -55.92
C SER C 32 30.11 3.19 -57.36
N ILE C 33 28.83 2.83 -57.50
CA ILE C 33 28.20 2.63 -58.79
C ILE C 33 26.94 3.48 -58.89
N ASP C 34 26.75 4.14 -60.04
CA ASP C 34 25.55 4.92 -60.29
C ASP C 34 24.39 4.00 -60.67
N THR C 35 23.34 4.03 -59.86
CA THR C 35 22.15 3.21 -60.08
C THR C 35 20.95 4.10 -60.38
N PRO C 36 20.80 4.53 -61.65
CA PRO C 36 19.68 5.41 -62.01
C PRO C 36 18.34 4.67 -62.03
N ASN C 37 17.28 5.40 -61.69
CA ASN C 37 15.92 4.84 -61.68
C ASN C 37 15.17 5.25 -62.95
N TYR C 38 13.86 5.01 -62.98
CA TYR C 38 13.05 5.25 -64.18
C TYR C 38 12.83 6.74 -64.46
N ASP C 39 12.90 7.56 -63.42
CA ASP C 39 12.69 9.01 -63.55
C ASP C 39 13.78 9.70 -64.38
N VAL C 40 15.00 9.15 -64.34
CA VAL C 40 16.14 9.72 -65.07
C VAL C 40 16.29 9.14 -66.48
N GLN C 41 15.74 7.95 -66.69
CA GLN C 41 15.81 7.27 -68.00
C GLN C 41 15.60 8.22 -69.18
N LYS C 42 14.64 9.13 -69.05
CA LYS C 42 14.30 10.06 -70.12
C LYS C 42 15.38 11.13 -70.32
N HIS C 43 16.10 11.47 -69.25
CA HIS C 43 17.22 12.41 -69.32
C HIS C 43 18.44 11.79 -69.98
N ILE C 44 18.68 10.50 -69.71
CA ILE C 44 19.82 9.79 -70.29
C ILE C 44 19.59 9.55 -71.79
N ASN C 45 18.35 9.28 -72.17
CA ASN C 45 17.97 9.16 -73.57
C ASN C 45 18.24 10.45 -74.34
N LYS C 46 18.03 11.58 -73.68
CA LYS C 46 18.35 12.90 -74.24
C LYS C 46 19.86 13.06 -74.36
N LEU C 47 20.59 12.63 -73.35
CA LEU C 47 22.06 12.66 -73.35
C LEU C 47 22.63 11.75 -74.43
N CYS C 48 22.00 10.60 -74.62
CA CYS C 48 22.37 9.67 -75.70
C CYS C 48 22.09 10.30 -77.07
N GLY C 49 20.99 11.03 -77.17
CA GLY C 49 20.64 11.74 -78.40
C GLY C 49 21.60 12.85 -78.75
N MET C 50 22.07 13.57 -77.74
CA MET C 50 23.04 14.66 -77.93
C MET C 50 24.34 14.16 -78.58
N LEU C 51 24.83 13.02 -78.12
CA LEU C 51 26.01 12.37 -78.70
C LEU C 51 25.77 11.94 -80.15
N LEU C 52 24.55 11.50 -80.44
CA LEU C 52 24.19 11.02 -81.77
C LEU C 52 24.06 12.13 -82.81
N ILE C 53 23.53 13.29 -82.40
CA ILE C 53 23.39 14.43 -83.32
C ILE C 53 24.70 15.19 -83.53
N THR C 54 25.65 15.02 -82.61
CA THR C 54 26.94 15.71 -82.69
C THR C 54 27.81 15.12 -83.80
N GLU C 55 28.23 15.97 -84.74
CA GLU C 55 29.10 15.55 -85.84
C GLU C 55 30.52 15.36 -85.33
N ASP C 56 31.10 14.19 -85.59
CA ASP C 56 32.42 13.81 -85.08
C ASP C 56 32.46 13.94 -83.55
N ALA C 57 31.57 13.21 -82.90
CA ALA C 57 31.40 13.29 -81.45
C ALA C 57 32.48 12.53 -80.71
N ASN C 58 32.76 12.97 -79.47
CA ASN C 58 33.69 12.29 -78.58
C ASN C 58 32.98 11.18 -77.82
N HIS C 59 33.10 9.94 -78.30
CA HIS C 59 32.49 8.80 -77.65
C HIS C 59 33.46 8.14 -76.66
N LYS C 60 34.01 8.94 -75.77
CA LYS C 60 34.89 8.45 -74.70
C LYS C 60 34.06 7.91 -73.54
N PHE C 61 32.89 8.52 -73.34
CA PHE C 61 32.01 8.21 -72.20
C PHE C 61 30.72 7.50 -72.62
N THR C 62 30.55 7.23 -73.90
CA THR C 62 29.31 6.66 -74.43
C THR C 62 29.08 5.21 -73.98
N GLY C 63 30.17 4.47 -73.76
CA GLY C 63 30.10 3.13 -73.20
C GLY C 63 29.55 3.15 -71.79
N LEU C 64 29.98 4.15 -71.01
CA LEU C 64 29.49 4.34 -69.64
C LEU C 64 28.07 4.93 -69.65
N ILE C 65 27.82 5.90 -70.52
CA ILE C 65 26.50 6.50 -70.67
C ILE C 65 25.48 5.47 -71.17
N GLY C 66 25.93 4.56 -72.02
CA GLY C 66 25.10 3.46 -72.49
C GLY C 66 24.65 2.54 -71.37
N MET C 67 25.57 2.21 -70.47
CA MET C 67 25.25 1.39 -69.29
C MET C 67 24.27 2.09 -68.36
N LEU C 68 24.40 3.41 -68.22
CA LEU C 68 23.50 4.21 -67.39
C LEU C 68 22.06 4.17 -67.91
N TYR C 69 21.90 4.14 -69.24
CA TYR C 69 20.57 4.02 -69.85
C TYR C 69 19.98 2.63 -69.64
N ALA C 70 20.83 1.61 -69.75
CA ALA C 70 20.42 0.23 -69.52
C ALA C 70 20.01 -0.01 -68.07
N MET C 71 20.73 0.62 -67.14
CA MET C 71 20.42 0.53 -65.71
C MET C 71 19.18 1.35 -65.34
N SER C 72 18.97 2.47 -66.03
CA SER C 72 17.78 3.30 -65.82
C SER C 72 16.51 2.60 -66.32
N ARG C 73 16.64 1.82 -67.38
CA ARG C 73 15.53 1.00 -67.88
C ARG C 73 15.19 -0.11 -66.88
N LEU C 74 16.21 -0.73 -66.30
CA LEU C 74 16.03 -1.74 -65.26
C LEU C 74 15.41 -1.14 -64.01
N GLY C 75 15.99 -0.03 -63.55
CA GLY C 75 15.53 0.66 -62.34
C GLY C 75 16.41 0.33 -61.14
N ARG C 76 16.58 1.32 -60.27
CA ARG C 76 17.48 1.22 -59.11
C ARG C 76 17.34 -0.09 -58.33
N GLU C 77 16.10 -0.50 -58.07
CA GLU C 77 15.84 -1.72 -57.31
C GLU C 77 16.34 -2.99 -58.03
N ASP C 78 16.09 -3.07 -59.33
CA ASP C 78 16.49 -4.24 -60.12
C ASP C 78 18.00 -4.28 -60.35
N THR C 79 18.56 -3.19 -60.88
CA THR C 79 20.00 -3.15 -61.19
C THR C 79 20.88 -3.39 -59.96
N ILE C 80 20.42 -2.99 -58.77
CA ILE C 80 21.12 -3.34 -57.52
C ILE C 80 20.97 -4.84 -57.27
N LYS C 81 19.77 -5.38 -57.52
CA LYS C 81 19.49 -6.81 -57.34
C LYS C 81 20.35 -7.68 -58.27
N ILE C 82 20.61 -7.21 -59.50
CA ILE C 82 21.38 -8.00 -60.47
C ILE C 82 22.88 -7.96 -60.15
N LEU C 83 23.36 -6.86 -59.58
CA LEU C 83 24.75 -6.76 -59.15
C LEU C 83 25.02 -7.65 -57.91
N ARG C 84 24.08 -7.66 -56.98
CA ARG C 84 24.22 -8.49 -55.77
C ARG C 84 24.09 -9.99 -56.07
N ASP C 85 23.20 -10.34 -56.99
CA ASP C 85 23.03 -11.73 -57.43
C ASP C 85 24.26 -12.23 -58.21
N ALA C 86 24.92 -11.32 -58.92
CA ALA C 86 26.16 -11.64 -59.63
C ALA C 86 27.30 -11.96 -58.66
N GLY C 87 27.30 -11.27 -57.53
CA GLY C 87 28.32 -11.48 -56.49
C GLY C 87 29.22 -10.27 -56.35
N TYR C 88 28.62 -9.11 -56.09
CA TYR C 88 29.34 -7.85 -55.95
C TYR C 88 28.77 -7.00 -54.82
N HIS C 89 29.64 -6.48 -53.97
CA HIS C 89 29.25 -5.49 -52.95
C HIS C 89 29.08 -4.13 -53.63
N VAL C 90 27.85 -3.63 -53.66
CA VAL C 90 27.55 -2.39 -54.38
C VAL C 90 27.20 -1.23 -53.46
N LYS C 91 27.91 -0.12 -53.68
CA LYS C 91 27.65 1.14 -52.99
C LYS C 91 26.80 1.99 -53.93
N ALA C 92 25.47 1.87 -53.79
CA ALA C 92 24.54 2.47 -54.74
C ALA C 92 24.50 4.00 -54.65
N ASN C 93 24.85 4.65 -55.76
CA ASN C 93 24.73 6.10 -55.90
C ASN C 93 23.46 6.42 -56.70
N GLY C 94 22.62 7.28 -56.15
CA GLY C 94 21.39 7.71 -56.84
C GLY C 94 21.70 8.56 -58.05
N VAL C 95 20.74 8.68 -58.96
CA VAL C 95 20.90 9.51 -60.17
C VAL C 95 19.60 10.27 -60.47
N ASP C 96 19.69 11.60 -60.53
CA ASP C 96 18.55 12.50 -60.77
C ASP C 96 19.05 13.83 -61.34
N VAL C 97 18.15 14.79 -61.51
CA VAL C 97 18.45 16.01 -62.26
C VAL C 97 18.60 17.24 -61.35
N THR C 98 19.71 17.95 -61.55
CA THR C 98 19.95 19.24 -60.89
C THR C 98 20.38 20.28 -61.94
N THR C 99 19.99 21.53 -61.72
CA THR C 99 20.29 22.61 -62.66
C THR C 99 21.63 23.27 -62.30
N HIS C 100 22.61 23.16 -63.20
CA HIS C 100 23.94 23.74 -62.99
C HIS C 100 24.09 25.03 -63.78
N ARG C 101 24.54 26.09 -63.11
CA ARG C 101 24.75 27.39 -63.74
C ARG C 101 26.23 27.66 -63.94
N GLN C 102 26.63 27.87 -65.19
CA GLN C 102 28.01 28.16 -65.55
C GLN C 102 28.08 29.14 -66.72
N ASP C 103 29.04 30.06 -66.66
CA ASP C 103 29.15 31.12 -67.67
C ASP C 103 30.15 30.76 -68.77
N ILE C 104 29.63 30.13 -69.83
CA ILE C 104 30.43 29.78 -71.01
C ILE C 104 30.46 30.98 -71.96
N ASN C 105 31.67 31.37 -72.36
CA ASN C 105 31.89 32.51 -73.25
C ASN C 105 31.31 33.83 -72.71
N GLY C 106 31.39 34.02 -71.39
CA GLY C 106 30.91 35.23 -70.73
C GLY C 106 29.46 35.15 -70.28
N LYS C 107 28.59 34.67 -71.16
CA LYS C 107 27.15 34.61 -70.89
C LYS C 107 26.82 33.45 -69.96
N GLU C 108 26.07 33.75 -68.88
CA GLU C 108 25.68 32.74 -67.90
C GLU C 108 24.62 31.81 -68.48
N MET C 109 24.89 30.50 -68.46
CA MET C 109 24.01 29.50 -69.06
C MET C 109 23.58 28.44 -68.05
N LYS C 110 22.36 27.94 -68.23
CA LYS C 110 21.82 26.86 -67.39
C LYS C 110 21.95 25.51 -68.09
N PHE C 111 22.17 24.46 -67.29
CA PHE C 111 22.30 23.10 -67.82
C PHE C 111 21.70 22.09 -66.86
N GLU C 112 20.80 21.24 -67.38
CA GLU C 112 20.25 20.12 -66.62
C GLU C 112 21.25 18.98 -66.66
N VAL C 113 21.85 18.67 -65.51
CA VAL C 113 22.90 17.64 -65.42
C VAL C 113 22.54 16.57 -64.40
N LEU C 114 22.94 15.34 -64.70
CA LEU C 114 22.82 14.23 -63.75
C LEU C 114 24.01 14.26 -62.81
N THR C 115 23.76 14.20 -61.51
CA THR C 115 24.81 14.24 -60.51
C THR C 115 25.41 12.85 -60.33
N LEU C 116 26.19 12.42 -61.32
CA LEU C 116 26.78 11.08 -61.36
C LEU C 116 28.17 11.08 -60.72
N ALA C 117 28.56 9.93 -60.18
CA ALA C 117 29.89 9.74 -59.62
C ALA C 117 30.91 9.43 -60.72
N SER C 118 30.53 8.51 -61.62
CA SER C 118 31.40 8.11 -62.72
C SER C 118 31.55 9.19 -63.78
N LEU C 119 30.51 10.00 -63.98
CA LEU C 119 30.51 11.07 -64.99
C LEU C 119 30.46 12.44 -64.32
N THR C 120 31.44 13.28 -64.62
CA THR C 120 31.53 14.62 -64.02
C THR C 120 30.51 15.57 -64.64
N THR C 121 30.07 16.55 -63.85
CA THR C 121 29.16 17.60 -64.35
C THR C 121 29.85 18.53 -65.35
N GLU C 122 31.17 18.56 -65.33
CA GLU C 122 31.96 19.41 -66.23
C GLU C 122 31.98 18.85 -67.66
N ILE C 123 31.98 17.52 -67.77
CA ILE C 123 32.01 16.86 -69.08
C ILE C 123 30.59 16.67 -69.63
N GLN C 124 29.59 16.63 -68.75
CA GLN C 124 28.19 16.51 -69.16
C GLN C 124 27.72 17.75 -69.92
N ILE C 125 28.10 18.94 -69.45
CA ILE C 125 27.73 20.18 -70.13
C ILE C 125 28.43 20.32 -71.49
N ASN C 126 29.63 19.76 -71.60
CA ASN C 126 30.38 19.78 -72.86
C ASN C 126 29.74 18.89 -73.93
N ILE C 127 29.05 17.83 -73.52
CA ILE C 127 28.28 17.00 -74.44
C ILE C 127 27.08 17.79 -74.97
N GLU C 128 26.45 18.57 -74.09
CA GLU C 128 25.32 19.41 -74.48
C GLU C 128 25.77 20.63 -75.29
N ILE C 129 26.93 21.18 -74.94
CA ILE C 129 27.48 22.34 -75.66
C ILE C 129 27.83 21.99 -77.10
N GLU C 130 28.55 20.88 -77.29
CA GLU C 130 28.94 20.44 -78.63
C GLU C 130 27.76 19.97 -79.49
N SER C 131 26.70 19.49 -78.82
CA SER C 131 25.47 19.08 -79.52
C SER C 131 24.68 20.29 -80.03
N ARG C 132 24.66 21.36 -79.23
CA ARG C 132 23.99 22.60 -79.62
C ARG C 132 24.66 23.24 -80.84
N LYS C 133 25.98 23.11 -80.94
CA LYS C 133 26.73 23.57 -82.11
C LYS C 133 26.31 22.82 -83.36
N SER C 134 26.26 21.49 -83.25
CA SER C 134 25.83 20.62 -84.35
C SER C 134 24.34 20.75 -84.65
N TYR C 135 23.55 21.10 -83.63
CA TYR C 135 22.11 21.29 -83.80
C TYR C 135 21.80 22.54 -84.64
N LYS C 136 22.45 23.65 -84.31
CA LYS C 136 22.24 24.91 -85.05
C LYS C 136 22.82 24.84 -86.46
N LYS C 137 23.89 24.06 -86.63
CA LYS C 137 24.46 23.81 -87.96
C LYS C 137 23.51 22.96 -88.79
N MET C 138 22.88 21.98 -88.13
CA MET C 138 21.86 21.14 -88.76
C MET C 138 20.61 21.96 -89.06
N LEU C 139 20.23 22.84 -88.13
CA LEU C 139 19.07 23.72 -88.31
C LEU C 139 19.27 24.72 -89.43
N LYS C 140 20.52 25.13 -89.64
CA LYS C 140 20.87 26.09 -90.69
C LYS C 140 20.84 25.45 -92.09
N GLU C 141 21.09 24.14 -92.14
CA GLU C 141 21.15 23.40 -93.41
C GLU C 141 19.76 23.02 -93.93
N MET C 142 18.93 22.44 -93.06
CA MET C 142 17.62 21.94 -93.47
C MET C 142 16.45 22.79 -92.96
N GLY C 143 16.75 23.93 -92.33
CA GLY C 143 15.72 24.83 -91.83
C GLY C 143 15.01 24.29 -90.60
N GLU C 144 14.08 23.37 -90.81
CA GLU C 144 13.34 22.72 -89.74
C GLU C 144 13.82 21.28 -89.59
N VAL C 145 14.27 20.92 -88.39
CA VAL C 145 14.73 19.54 -88.12
C VAL C 145 13.53 18.66 -87.76
N ALA C 146 13.49 17.46 -88.34
CA ALA C 146 12.37 16.53 -88.14
C ALA C 146 12.55 15.74 -86.84
N PRO C 147 11.48 15.07 -86.37
CA PRO C 147 11.57 14.21 -85.17
C PRO C 147 12.60 13.08 -85.26
N GLU C 148 12.90 12.63 -86.48
CA GLU C 148 13.85 11.54 -86.69
C GLU C 148 15.30 11.99 -86.43
N TYR C 149 15.64 13.18 -86.90
CA TYR C 149 17.01 13.68 -86.84
C TYR C 149 17.40 14.29 -85.48
N ARG C 150 16.42 14.57 -84.63
CA ARG C 150 16.68 15.26 -83.36
C ARG C 150 16.99 14.32 -82.20
N HIS C 151 17.54 14.91 -81.14
CA HIS C 151 17.97 14.17 -79.94
C HIS C 151 16.82 13.70 -79.04
N ASP C 152 15.64 14.30 -79.21
CA ASP C 152 14.49 14.01 -78.35
C ASP C 152 13.81 12.66 -78.65
N SER C 153 14.17 12.04 -79.77
CA SER C 153 13.58 10.75 -80.17
C SER C 153 13.84 9.67 -79.12
N PRO C 154 12.84 8.80 -78.87
CA PRO C 154 13.00 7.73 -77.87
C PRO C 154 13.95 6.61 -78.30
N ASP C 155 14.25 6.52 -79.58
CA ASP C 155 15.16 5.49 -80.10
C ASP C 155 16.62 5.73 -79.70
N CYS C 156 17.00 7.00 -79.57
CA CYS C 156 18.39 7.41 -79.30
C CYS C 156 19.13 6.53 -78.29
N GLY C 157 18.48 6.23 -77.17
CA GLY C 157 19.09 5.42 -76.11
C GLY C 157 19.36 3.99 -76.54
N MET C 158 18.40 3.39 -77.23
CA MET C 158 18.52 2.02 -77.71
C MET C 158 19.45 1.92 -78.94
N ILE C 159 19.53 2.99 -79.73
CA ILE C 159 20.42 3.02 -80.89
C ILE C 159 21.88 2.87 -80.46
N ILE C 160 22.25 3.50 -79.35
CA ILE C 160 23.59 3.35 -78.78
C ILE C 160 23.80 1.95 -78.20
N LEU C 161 22.74 1.37 -77.63
CA LEU C 161 22.80 0.01 -77.09
C LEU C 161 22.77 -1.08 -78.18
N CYS C 162 22.40 -0.71 -79.40
CA CYS C 162 22.39 -1.66 -80.53
C CYS C 162 23.80 -2.12 -80.88
N ILE C 163 24.75 -1.19 -80.95
CA ILE C 163 26.15 -1.54 -81.19
C ILE C 163 26.83 -2.10 -79.94
N ALA C 164 26.23 -1.86 -78.78
CA ALA C 164 26.66 -2.52 -77.54
C ALA C 164 26.36 -4.01 -77.59
N ALA C 165 25.23 -4.36 -78.21
CA ALA C 165 24.85 -5.75 -78.45
C ALA C 165 25.75 -6.41 -79.50
N LEU C 166 26.25 -5.60 -80.45
CA LEU C 166 27.23 -6.08 -81.43
C LEU C 166 28.60 -6.31 -80.79
N VAL C 167 28.96 -5.46 -79.83
CA VAL C 167 30.20 -5.64 -79.06
C VAL C 167 30.11 -6.89 -78.20
N ILE C 168 28.97 -7.10 -77.57
CA ILE C 168 28.75 -8.27 -76.71
C ILE C 168 28.71 -9.56 -77.54
N THR C 169 28.32 -9.43 -78.80
CA THR C 169 28.30 -10.55 -79.74
C THR C 169 29.73 -11.07 -80.03
N LYS C 170 30.69 -10.16 -80.07
CA LYS C 170 32.10 -10.52 -80.35
C LYS C 170 33.02 -10.42 -79.13
N LEU C 171 32.46 -10.56 -77.93
CA LEU C 171 33.26 -10.58 -76.70
C LEU C 171 33.92 -11.93 -76.45
N ALA C 172 33.42 -12.98 -77.11
CA ALA C 172 33.94 -14.34 -76.95
C ALA C 172 35.44 -14.43 -77.26
N ALA C 173 35.88 -13.70 -78.28
CA ALA C 173 37.30 -13.64 -78.65
C ALA C 173 38.13 -13.03 -77.51
N GLY C 174 37.65 -11.91 -76.97
CA GLY C 174 38.27 -11.27 -75.81
C GLY C 174 39.57 -10.55 -76.10
N ASP C 175 39.62 -9.87 -77.25
CA ASP C 175 40.81 -9.07 -77.62
C ASP C 175 40.51 -7.98 -78.65
N ARG C 176 39.27 -7.48 -78.67
CA ARG C 176 38.81 -6.48 -79.63
C ARG C 176 39.09 -6.85 -81.10
N SER C 177 39.10 -8.14 -81.40
CA SER C 177 39.37 -8.63 -82.76
C SER C 177 38.13 -8.52 -83.65
N GLY C 178 36.95 -8.63 -83.03
CA GLY C 178 35.69 -8.55 -83.75
C GLY C 178 35.26 -7.14 -84.14
N LEU C 179 35.97 -6.13 -83.65
CA LEU C 179 35.68 -4.71 -83.93
C LEU C 179 35.39 -4.45 -85.42
N THR C 180 36.13 -5.11 -86.30
CA THR C 180 35.92 -4.99 -87.75
C THR C 180 34.54 -5.52 -88.15
N ALA C 181 34.14 -6.64 -87.57
CA ALA C 181 32.82 -7.23 -87.83
C ALA C 181 31.71 -6.43 -87.15
N VAL C 182 32.02 -5.80 -86.01
CA VAL C 182 31.06 -4.97 -85.28
C VAL C 182 30.69 -3.73 -86.11
N ILE C 183 31.70 -3.11 -86.73
CA ILE C 183 31.50 -1.96 -87.59
C ILE C 183 30.81 -2.36 -88.90
N ARG C 184 31.24 -3.50 -89.45
CA ARG C 184 30.67 -4.04 -90.68
C ARG C 184 29.16 -4.28 -90.54
N ARG C 185 28.77 -4.99 -89.50
CA ARG C 185 27.35 -5.25 -89.23
C ARG C 185 26.60 -3.97 -88.89
N ALA C 186 27.24 -3.06 -88.16
CA ALA C 186 26.65 -1.77 -87.81
C ALA C 186 26.36 -0.89 -89.04
N ASN C 187 26.93 -1.24 -90.19
CA ASN C 187 26.63 -0.59 -91.46
C ASN C 187 25.56 -1.34 -92.26
N ASN C 188 25.59 -2.67 -92.21
CA ASN C 188 24.56 -3.51 -92.82
C ASN C 188 23.26 -3.40 -92.02
N VAL C 189 23.38 -3.61 -90.72
CA VAL C 189 22.29 -3.36 -89.78
C VAL C 189 22.31 -1.87 -89.49
N LEU C 190 21.22 -1.34 -88.96
CA LEU C 190 21.21 0.00 -88.37
C LEU C 190 21.55 1.09 -89.40
N LYS C 191 21.31 0.80 -90.67
CA LYS C 191 21.68 1.71 -91.77
C LYS C 191 20.80 2.94 -91.84
N ASN C 192 19.50 2.76 -91.57
CA ASN C 192 18.56 3.88 -91.48
C ASN C 192 18.88 4.80 -90.32
N GLU C 193 19.39 4.22 -89.22
CA GLU C 193 19.74 4.99 -88.02
C GLU C 193 20.96 5.88 -88.24
N MET C 194 21.92 5.39 -89.02
CA MET C 194 23.14 6.16 -89.33
C MET C 194 22.87 7.36 -90.25
N LYS C 195 21.83 7.26 -91.08
CA LYS C 195 21.42 8.37 -91.94
C LYS C 195 20.88 9.54 -91.11
N ARG C 196 20.07 9.22 -90.11
CA ARG C 196 19.39 10.23 -89.29
C ARG C 196 20.21 10.75 -88.11
N TYR C 197 21.41 10.21 -87.90
CA TYR C 197 22.31 10.68 -86.85
C TYR C 197 23.76 10.72 -87.33
N LYS C 198 24.35 11.91 -87.31
CA LYS C 198 25.74 12.10 -87.74
C LYS C 198 26.73 11.46 -86.79
N GLY C 199 26.43 11.50 -85.50
CA GLY C 199 27.32 10.95 -84.46
C GLY C 199 27.11 9.48 -84.15
N LEU C 200 26.57 8.72 -85.09
CA LEU C 200 26.50 7.26 -84.97
C LEU C 200 27.76 6.69 -85.62
N LEU C 201 28.84 6.64 -84.84
CA LEU C 201 30.14 6.16 -85.29
C LEU C 201 30.38 4.76 -84.70
N PRO C 202 30.20 3.70 -85.51
CA PRO C 202 30.36 2.33 -85.01
C PRO C 202 31.72 2.06 -84.35
N LYS C 203 32.79 2.55 -84.96
CA LYS C 203 34.15 2.33 -84.44
C LYS C 203 34.36 3.03 -83.09
N ASP C 204 33.90 4.28 -83.00
CA ASP C 204 34.08 5.07 -81.79
C ASP C 204 33.24 4.58 -80.62
N ILE C 205 32.00 4.18 -80.90
CA ILE C 205 31.08 3.72 -79.86
C ILE C 205 31.41 2.30 -79.41
N ALA C 206 31.77 1.43 -80.36
CA ALA C 206 32.13 0.04 -80.04
C ALA C 206 33.36 -0.04 -79.15
N ASN C 207 34.37 0.77 -79.46
CA ASN C 207 35.57 0.87 -78.63
C ASN C 207 35.29 1.38 -77.22
N SER C 208 34.25 2.21 -77.09
CA SER C 208 33.82 2.73 -75.79
C SER C 208 33.21 1.61 -74.95
N PHE C 209 32.36 0.79 -75.59
CA PHE C 209 31.75 -0.36 -74.92
C PHE C 209 32.78 -1.48 -74.67
N TYR C 210 33.72 -1.65 -75.59
CA TYR C 210 34.84 -2.57 -75.37
C TYR C 210 35.66 -2.15 -74.14
N GLU C 211 35.85 -0.85 -73.97
CA GLU C 211 36.62 -0.30 -72.85
C GLU C 211 35.89 -0.48 -71.52
N VAL C 212 34.60 -0.18 -71.49
CA VAL C 212 33.81 -0.23 -70.25
C VAL C 212 33.56 -1.66 -69.77
N PHE C 213 33.45 -2.61 -70.71
CA PHE C 213 33.30 -4.02 -70.34
C PHE C 213 34.64 -4.61 -69.85
N GLU C 214 35.74 -4.14 -70.43
CA GLU C 214 37.08 -4.57 -69.99
C GLU C 214 37.45 -3.99 -68.63
N LYS C 215 37.25 -2.68 -68.47
CA LYS C 215 37.56 -1.98 -67.22
C LYS C 215 36.61 -2.38 -66.10
N HIS C 216 35.33 -2.60 -66.44
CA HIS C 216 34.32 -2.99 -65.47
C HIS C 216 33.60 -4.27 -65.93
N PRO C 217 34.13 -5.44 -65.50
CA PRO C 217 33.50 -6.73 -65.83
C PRO C 217 32.09 -6.94 -65.28
N HIS C 218 31.75 -6.22 -64.22
CA HIS C 218 30.39 -6.28 -63.65
C HIS C 218 29.34 -5.63 -64.56
N PHE C 219 29.75 -4.66 -65.37
CA PHE C 219 28.81 -4.01 -66.32
C PHE C 219 28.43 -4.89 -67.50
N ILE C 220 29.24 -5.91 -67.81
CA ILE C 220 28.89 -6.83 -68.90
C ILE C 220 27.79 -7.77 -68.40
N ASP C 221 27.82 -8.07 -67.09
CA ASP C 221 26.77 -8.84 -66.44
C ASP C 221 25.48 -8.02 -66.36
N VAL C 222 25.61 -6.71 -66.16
CA VAL C 222 24.47 -5.81 -66.13
C VAL C 222 23.80 -5.70 -67.50
N PHE C 223 24.61 -5.63 -68.55
CA PHE C 223 24.10 -5.51 -69.92
C PHE C 223 23.42 -6.79 -70.41
N VAL C 224 24.01 -7.94 -70.11
CA VAL C 224 23.45 -9.24 -70.50
C VAL C 224 22.08 -9.45 -69.86
N HIS C 225 21.98 -9.18 -68.56
CA HIS C 225 20.71 -9.32 -67.84
C HIS C 225 19.71 -8.21 -68.17
N PHE C 226 20.21 -7.08 -68.66
CA PHE C 226 19.34 -6.04 -69.24
C PHE C 226 18.79 -6.51 -70.58
N GLY C 227 19.66 -7.06 -71.41
CA GLY C 227 19.28 -7.56 -72.74
C GLY C 227 18.26 -8.69 -72.69
N ILE C 228 18.39 -9.56 -71.71
CA ILE C 228 17.43 -10.65 -71.49
C ILE C 228 16.11 -10.07 -70.99
N ALA C 229 16.18 -9.10 -70.08
CA ALA C 229 14.99 -8.40 -69.58
C ALA C 229 14.33 -7.56 -70.68
N GLN C 230 15.14 -6.97 -71.55
CA GLN C 230 14.65 -6.21 -72.70
C GLN C 230 13.99 -7.14 -73.71
N SER C 231 14.58 -8.30 -73.93
CA SER C 231 14.05 -9.30 -74.86
C SER C 231 12.84 -10.06 -74.30
N SER C 232 12.57 -9.90 -73.00
CA SER C 232 11.42 -10.54 -72.37
C SER C 232 10.12 -9.72 -72.48
N THR C 233 10.21 -8.51 -73.04
CA THR C 233 9.05 -7.63 -73.16
C THR C 233 8.04 -8.12 -74.20
N ARG C 234 6.84 -7.53 -74.15
CA ARG C 234 5.73 -7.94 -75.02
C ARG C 234 5.84 -7.31 -76.42
N GLY C 235 6.32 -6.07 -76.48
CA GLY C 235 6.50 -5.36 -77.74
C GLY C 235 6.88 -3.90 -77.55
N GLY C 236 7.62 -3.34 -78.50
CA GLY C 236 8.10 -1.96 -78.41
C GLY C 236 8.19 -1.26 -79.76
N SER C 237 9.39 -0.82 -80.12
CA SER C 237 9.66 -0.18 -81.42
C SER C 237 10.58 -1.05 -82.27
N ARG C 238 10.77 -0.66 -83.54
CA ARG C 238 11.61 -1.43 -84.46
C ARG C 238 13.09 -1.39 -84.05
N VAL C 239 13.51 -0.28 -83.44
CA VAL C 239 14.88 -0.14 -82.94
C VAL C 239 15.11 -1.07 -81.74
N GLU C 240 14.07 -1.30 -80.96
CA GLU C 240 14.12 -2.30 -79.88
C GLU C 240 14.09 -3.71 -80.46
N GLY C 241 13.45 -3.86 -81.62
CA GLY C 241 13.51 -5.10 -82.39
C GLY C 241 14.90 -5.37 -82.94
N ILE C 242 15.62 -4.30 -83.31
CA ILE C 242 17.01 -4.42 -83.75
C ILE C 242 17.87 -4.94 -82.61
N PHE C 243 17.77 -4.28 -81.46
CA PHE C 243 18.54 -4.66 -80.27
C PHE C 243 18.28 -6.11 -79.87
N ALA C 244 17.01 -6.51 -79.86
CA ALA C 244 16.62 -7.88 -79.48
C ALA C 244 17.23 -8.92 -80.42
N GLY C 245 17.21 -8.63 -81.72
CA GLY C 245 17.78 -9.52 -82.72
C GLY C 245 19.30 -9.58 -82.65
N LEU C 246 19.92 -8.42 -82.50
CA LEU C 246 21.39 -8.33 -82.39
C LEU C 246 21.91 -8.92 -81.07
N PHE C 247 21.10 -8.80 -80.01
CA PHE C 247 21.48 -9.36 -78.71
C PHE C 247 21.43 -10.89 -78.72
N MET C 248 20.41 -11.45 -79.38
CA MET C 248 20.25 -12.90 -79.46
C MET C 248 21.24 -13.58 -80.42
N ASN C 249 21.92 -12.78 -81.26
CA ASN C 249 23.04 -13.28 -82.06
C ASN C 249 24.23 -13.63 -81.18
N ALA C 250 24.33 -12.98 -80.03
CA ALA C 250 25.37 -13.26 -79.05
C ALA C 250 25.17 -14.62 -78.36
N TYR C 251 23.92 -15.07 -78.27
CA TYR C 251 23.62 -16.38 -77.68
C TYR C 251 24.42 -17.48 -78.37
N GLY C 252 25.13 -18.29 -77.58
CA GLY C 252 25.95 -19.36 -78.10
C GLY C 252 27.33 -18.92 -78.59
N ALA C 253 27.73 -17.71 -78.19
CA ALA C 253 29.07 -17.22 -78.51
C ALA C 253 30.09 -17.91 -77.62
N GLY C 254 31.29 -18.10 -78.14
CA GLY C 254 32.35 -18.81 -77.42
C GLY C 254 32.14 -20.32 -77.37
N GLN C 255 31.26 -20.83 -78.23
CA GLN C 255 30.95 -22.25 -78.27
C GLN C 255 30.33 -22.63 -79.62
N VAL C 256 31.00 -22.23 -80.69
CA VAL C 256 30.56 -22.51 -82.06
C VAL C 256 30.83 -23.97 -82.45
N MET C 257 31.89 -24.55 -81.88
CA MET C 257 32.24 -25.95 -82.13
C MET C 257 31.12 -26.89 -81.69
N LEU C 258 30.34 -26.45 -80.69
CA LEU C 258 29.18 -27.18 -80.22
C LEU C 258 28.09 -27.23 -81.30
N ARG C 259 27.88 -26.11 -81.99
CA ARG C 259 26.88 -26.02 -83.05
C ARG C 259 27.34 -26.71 -84.33
N TRP C 260 28.62 -26.57 -84.67
CA TRP C 260 29.19 -27.22 -85.85
C TRP C 260 29.26 -28.74 -85.69
N GLY C 261 29.29 -29.22 -84.45
CA GLY C 261 29.26 -30.65 -84.18
C GLY C 261 27.92 -31.28 -84.52
N VAL C 262 26.84 -30.52 -84.31
CA VAL C 262 25.49 -30.96 -84.67
C VAL C 262 25.31 -30.90 -86.20
N LEU C 263 25.98 -29.94 -86.84
CA LEU C 263 25.96 -29.81 -88.29
C LEU C 263 26.63 -31.00 -88.98
N ALA C 264 27.79 -31.41 -88.46
CA ALA C 264 28.49 -32.58 -88.98
C ALA C 264 27.67 -33.86 -88.82
N LYS C 265 26.92 -33.93 -87.71
CA LYS C 265 25.99 -35.04 -87.46
C LYS C 265 24.78 -34.97 -88.39
N SER C 266 24.31 -33.75 -88.67
CA SER C 266 23.16 -33.54 -89.55
C SER C 266 23.49 -33.89 -91.00
N VAL C 267 24.63 -33.40 -91.50
CA VAL C 267 25.07 -33.69 -92.87
C VAL C 267 25.65 -35.09 -93.04
N LYS C 268 25.90 -35.78 -91.93
CA LYS C 268 26.39 -37.16 -91.93
C LYS C 268 27.79 -37.28 -92.54
N ASN C 269 28.76 -36.60 -91.93
CA ASN C 269 30.15 -36.70 -92.36
C ASN C 269 30.73 -38.05 -91.96
N ILE C 270 31.28 -38.76 -92.93
CA ILE C 270 31.74 -40.15 -92.75
C ILE C 270 32.86 -40.29 -91.70
N MET C 271 33.68 -39.25 -91.52
CA MET C 271 34.79 -39.30 -90.58
C MET C 271 34.38 -39.28 -89.10
N LEU C 272 33.10 -39.03 -88.82
CA LEU C 272 32.54 -39.19 -87.47
C LEU C 272 32.60 -40.65 -87.01
N GLY C 273 32.43 -41.58 -87.94
CA GLY C 273 32.48 -43.00 -87.65
C GLY C 273 33.88 -43.59 -87.53
N HIS C 274 34.90 -42.74 -87.67
CA HIS C 274 36.30 -43.17 -87.55
C HIS C 274 36.61 -43.69 -86.14
N ALA C 275 37.52 -44.65 -86.05
CA ALA C 275 37.81 -45.36 -84.81
C ALA C 275 38.21 -44.46 -83.64
N SER C 276 39.18 -43.58 -83.87
CA SER C 276 39.67 -42.68 -82.82
C SER C 276 38.64 -41.62 -82.42
N VAL C 277 37.74 -41.28 -83.35
CA VAL C 277 36.62 -40.37 -83.06
C VAL C 277 35.58 -41.08 -82.19
N GLN C 278 35.34 -42.36 -82.47
CA GLN C 278 34.36 -43.16 -81.73
C GLN C 278 34.80 -43.46 -80.29
N ALA C 279 36.10 -43.42 -80.03
CA ALA C 279 36.64 -43.61 -78.68
C ALA C 279 36.24 -42.45 -77.77
N GLU C 280 36.12 -41.26 -78.35
CA GLU C 280 35.76 -40.04 -77.60
C GLU C 280 34.25 -39.88 -77.42
N MET C 281 33.46 -40.59 -78.23
CA MET C 281 32.00 -40.41 -78.27
C MET C 281 31.28 -40.56 -76.93
N GLU C 282 31.84 -41.36 -76.02
CA GLU C 282 31.28 -41.49 -74.69
C GLU C 282 31.36 -40.18 -73.91
N GLN C 283 32.48 -39.47 -74.06
CA GLN C 283 32.72 -38.23 -73.32
C GLN C 283 32.18 -36.98 -74.01
N VAL C 284 32.05 -37.00 -75.33
CA VAL C 284 31.51 -35.84 -76.06
C VAL C 284 29.99 -35.73 -75.86
N VAL C 285 29.34 -36.88 -75.65
CA VAL C 285 27.91 -36.92 -75.34
C VAL C 285 27.63 -36.30 -73.96
N GLU C 286 28.55 -36.48 -73.02
CA GLU C 286 28.43 -35.92 -71.68
C GLU C 286 28.34 -34.39 -71.68
N VAL C 287 29.15 -33.75 -72.52
CA VAL C 287 29.16 -32.28 -72.62
C VAL C 287 27.94 -31.78 -73.40
N TYR C 288 27.51 -32.51 -74.42
CA TYR C 288 26.29 -32.18 -75.16
C TYR C 288 25.04 -32.35 -74.30
N GLU C 289 25.02 -33.41 -73.49
CA GLU C 289 23.95 -33.61 -72.50
C GLU C 289 24.01 -32.56 -71.39
N TYR C 290 25.23 -32.14 -71.05
CA TYR C 290 25.43 -31.05 -70.08
C TYR C 290 24.96 -29.72 -70.65
N ALA C 291 25.18 -29.49 -71.95
CA ALA C 291 24.69 -28.30 -72.63
C ALA C 291 23.16 -28.31 -72.71
N GLN C 292 22.58 -29.49 -72.93
CA GLN C 292 21.14 -29.68 -72.92
C GLN C 292 20.54 -29.48 -71.53
N LYS C 293 21.30 -29.84 -70.50
CA LYS C 293 20.87 -29.69 -69.11
C LYS C 293 20.76 -28.23 -68.71
N LEU C 294 21.80 -27.45 -69.00
CA LEU C 294 21.82 -26.03 -68.69
C LEU C 294 20.75 -25.26 -69.45
N GLY C 295 20.65 -25.52 -70.75
CA GLY C 295 19.64 -24.91 -71.60
C GLY C 295 19.99 -23.48 -71.99
N GLY C 296 19.08 -22.55 -71.70
CA GLY C 296 19.29 -21.14 -72.02
C GLY C 296 20.39 -20.47 -71.20
N GLU C 297 20.64 -21.01 -70.01
CA GLU C 297 21.67 -20.49 -69.11
C GLU C 297 23.07 -20.53 -69.73
N ALA C 298 23.33 -21.56 -70.54
CA ALA C 298 24.64 -21.77 -71.17
C ALA C 298 24.93 -20.85 -72.36
N GLY C 299 23.94 -20.06 -72.78
CA GLY C 299 24.11 -19.17 -73.92
C GLY C 299 25.16 -18.09 -73.73
N PHE C 300 25.14 -17.45 -72.56
CA PHE C 300 26.07 -16.36 -72.25
C PHE C 300 27.12 -16.80 -71.23
N TYR C 301 27.59 -18.04 -71.35
CA TYR C 301 28.61 -18.60 -70.44
C TYR C 301 30.02 -18.14 -70.79
N HIS C 302 30.24 -17.72 -72.04
CA HIS C 302 31.54 -17.20 -72.47
C HIS C 302 31.57 -15.68 -72.56
N ILE C 303 30.42 -15.08 -72.86
CA ILE C 303 30.27 -13.62 -72.87
C ILE C 303 30.48 -13.11 -71.44
N LEU C 304 29.65 -13.59 -70.52
CA LEU C 304 29.98 -13.51 -69.10
C LEU C 304 31.05 -14.58 -68.91
N ASN C 305 32.22 -14.22 -68.40
CA ASN C 305 33.28 -15.21 -68.23
C ASN C 305 32.97 -16.16 -67.09
N ASN C 306 32.03 -17.08 -67.35
CA ASN C 306 31.54 -18.02 -66.36
C ASN C 306 32.57 -19.13 -66.15
N PRO C 307 32.86 -19.47 -64.88
CA PRO C 307 33.76 -20.58 -64.56
C PRO C 307 33.41 -21.90 -65.24
N LYS C 308 32.11 -22.15 -65.41
CA LYS C 308 31.62 -23.39 -66.00
C LYS C 308 31.60 -23.37 -67.54
N ALA C 309 32.16 -22.32 -68.14
CA ALA C 309 32.25 -22.21 -69.60
C ALA C 309 33.26 -23.19 -70.18
N SER C 310 34.29 -23.52 -69.42
CA SER C 310 35.33 -24.47 -69.83
C SER C 310 34.79 -25.91 -69.96
N LEU C 311 33.71 -26.21 -69.24
CA LEU C 311 33.09 -27.53 -69.28
C LEU C 311 32.39 -27.82 -70.62
N LEU C 312 31.98 -26.77 -71.32
CA LEU C 312 31.30 -26.91 -72.61
C LEU C 312 32.26 -27.10 -73.79
N SER C 313 33.57 -27.11 -73.51
CA SER C 313 34.60 -27.21 -74.54
C SER C 313 34.66 -28.61 -75.16
N LEU C 314 34.69 -28.66 -76.49
CA LEU C 314 34.94 -29.90 -77.23
C LEU C 314 36.42 -30.02 -77.65
N THR C 315 37.18 -28.95 -77.43
CA THR C 315 38.60 -28.92 -77.78
C THR C 315 39.43 -29.97 -77.03
N GLN C 316 38.97 -30.35 -75.84
CA GLN C 316 39.58 -31.44 -75.08
C GLN C 316 39.56 -32.79 -75.83
N PHE C 317 38.67 -32.90 -76.82
CA PHE C 317 38.59 -34.08 -77.68
C PHE C 317 39.23 -33.75 -79.05
N PRO C 318 40.50 -34.13 -79.25
CA PRO C 318 41.23 -33.78 -80.47
C PRO C 318 40.60 -34.31 -81.77
N HIS C 319 40.19 -35.57 -81.77
CA HIS C 319 39.73 -36.24 -82.99
C HIS C 319 38.36 -35.76 -83.44
N PHE C 320 37.42 -35.67 -82.50
CA PHE C 320 36.08 -35.18 -82.80
C PHE C 320 36.08 -33.71 -83.22
N SER C 321 36.94 -32.91 -82.58
CA SER C 321 37.07 -31.50 -82.93
C SER C 321 37.60 -31.31 -84.36
N SER C 322 38.52 -32.19 -84.77
CA SER C 322 39.12 -32.10 -86.10
C SER C 322 38.13 -32.36 -87.23
N VAL C 323 37.36 -33.45 -87.10
CA VAL C 323 36.34 -33.79 -88.10
C VAL C 323 35.22 -32.74 -88.16
N VAL C 324 34.86 -32.18 -87.00
CA VAL C 324 33.85 -31.12 -86.92
C VAL C 324 34.37 -29.83 -87.55
N LEU C 325 35.63 -29.50 -87.27
CA LEU C 325 36.27 -28.30 -87.83
C LEU C 325 36.58 -28.48 -89.31
N GLY C 326 36.83 -29.72 -89.73
CA GLY C 326 37.01 -30.07 -91.13
C GLY C 326 35.72 -29.99 -91.92
N ASN C 327 34.63 -30.51 -91.34
CA ASN C 327 33.31 -30.44 -91.95
C ASN C 327 32.88 -28.99 -92.23
N ALA C 328 33.17 -28.10 -91.28
CA ALA C 328 32.88 -26.68 -91.43
C ALA C 328 33.72 -26.05 -92.55
N ALA C 329 34.96 -26.50 -92.68
CA ALA C 329 35.87 -26.01 -93.73
C ALA C 329 35.44 -26.48 -95.11
N GLY C 330 35.01 -27.74 -95.21
CA GLY C 330 34.55 -28.31 -96.47
C GLY C 330 33.25 -27.71 -96.97
N LEU C 331 32.31 -27.49 -96.05
CA LEU C 331 31.06 -26.79 -96.36
C LEU C 331 31.29 -25.31 -96.67
N GLY C 332 32.42 -24.77 -96.20
CA GLY C 332 32.81 -23.40 -96.51
C GLY C 332 32.07 -22.38 -95.67
N ILE C 333 31.97 -22.64 -94.37
CA ILE C 333 31.28 -21.74 -93.43
C ILE C 333 32.24 -21.03 -92.47
N MET C 334 33.37 -21.66 -92.16
CA MET C 334 34.40 -21.02 -91.31
C MET C 334 35.28 -20.08 -92.15
N GLY C 335 36.19 -19.39 -91.47
CA GLY C 335 37.11 -18.46 -92.12
C GLY C 335 36.66 -17.00 -91.92
N GLU C 336 37.45 -16.17 -91.26
CA GLU C 336 38.76 -16.51 -90.70
C GLU C 336 38.60 -16.89 -89.21
N TYR C 337 38.34 -18.16 -88.98
CA TYR C 337 38.16 -18.71 -87.63
C TYR C 337 39.51 -19.23 -87.14
N ARG C 338 39.98 -18.71 -86.01
CA ARG C 338 41.34 -18.98 -85.52
C ARG C 338 41.45 -20.27 -84.69
N GLY C 339 40.60 -21.25 -84.97
CA GLY C 339 40.67 -22.57 -84.34
C GLY C 339 41.48 -23.52 -85.19
N THR C 340 42.46 -24.19 -84.58
CA THR C 340 43.37 -25.08 -85.29
C THR C 340 43.08 -26.53 -84.90
N PRO C 341 42.95 -27.44 -85.89
CA PRO C 341 42.69 -28.84 -85.59
C PRO C 341 43.92 -29.56 -85.02
N ARG C 342 43.75 -30.29 -83.94
CA ARG C 342 44.84 -31.04 -83.33
C ARG C 342 45.28 -32.21 -84.21
N ASN C 343 44.30 -32.91 -84.79
CA ASN C 343 44.57 -33.96 -85.77
C ASN C 343 44.36 -33.40 -87.19
N GLN C 344 45.45 -33.30 -87.95
CA GLN C 344 45.41 -32.72 -89.28
C GLN C 344 44.87 -33.69 -90.34
N ASP C 345 45.16 -34.98 -90.15
CA ASP C 345 44.72 -36.01 -91.09
C ASP C 345 43.20 -36.20 -91.08
N LEU C 346 42.61 -36.19 -89.89
CA LEU C 346 41.15 -36.26 -89.73
C LEU C 346 40.46 -35.00 -90.25
N TYR C 347 41.13 -33.85 -90.11
CA TYR C 347 40.61 -32.58 -90.61
C TYR C 347 40.55 -32.56 -92.14
N ASP C 348 41.62 -33.00 -92.78
CA ASP C 348 41.69 -33.04 -94.24
C ASP C 348 40.73 -34.05 -94.86
N ALA C 349 40.56 -35.19 -94.18
CA ALA C 349 39.64 -36.23 -94.64
C ALA C 349 38.18 -35.78 -94.51
N ALA C 350 37.87 -35.08 -93.42
CA ALA C 350 36.54 -34.53 -93.20
C ALA C 350 36.23 -33.39 -94.17
N LYS C 351 37.23 -32.55 -94.43
CA LYS C 351 37.11 -31.45 -95.38
C LYS C 351 36.84 -31.96 -96.80
N ALA C 352 37.52 -33.06 -97.16
CA ALA C 352 37.38 -33.65 -98.49
C ALA C 352 35.98 -34.22 -98.72
N TYR C 353 35.47 -34.95 -97.74
CA TYR C 353 34.11 -35.52 -97.83
C TYR C 353 33.04 -34.43 -97.78
N ALA C 354 33.26 -33.41 -96.95
CA ALA C 354 32.34 -32.29 -96.83
C ALA C 354 32.22 -31.50 -98.13
N GLU C 355 33.32 -31.42 -98.89
CA GLU C 355 33.30 -30.79 -100.22
C GLU C 355 32.52 -31.62 -101.24
N GLN C 356 32.59 -32.95 -101.10
CA GLN C 356 31.84 -33.85 -101.97
C GLN C 356 30.33 -33.84 -101.68
N LEU C 357 29.96 -33.54 -100.44
CA LEU C 357 28.55 -33.47 -100.04
C LEU C 357 27.79 -32.31 -100.70
N LYS C 358 28.47 -31.18 -100.88
CA LYS C 358 27.83 -29.94 -101.34
C LYS C 358 27.87 -29.75 -102.86
N GLU C 359 28.06 -30.83 -103.62
CA GLU C 359 28.28 -30.72 -105.06
C GLU C 359 27.00 -30.83 -105.86
N ASN C 360 26.96 -30.13 -107.00
CA ASN C 360 25.88 -30.22 -107.98
C ASN C 360 24.52 -29.72 -107.46
N GLY C 361 23.58 -30.64 -107.19
CA GLY C 361 22.25 -30.28 -106.71
C GLY C 361 21.15 -30.89 -107.56
N VAL C 362 20.74 -32.11 -107.20
CA VAL C 362 19.68 -32.83 -107.91
C VAL C 362 18.40 -32.79 -107.07
N ILE C 363 17.25 -32.83 -107.75
CA ILE C 363 15.95 -32.72 -107.08
C ILE C 363 15.55 -34.08 -106.50
N ASN C 364 15.16 -34.09 -105.22
CA ASN C 364 14.66 -35.29 -104.55
C ASN C 364 13.12 -35.28 -104.59
N TYR C 365 12.55 -36.14 -105.42
CA TYR C 365 11.11 -36.17 -105.65
C TYR C 365 10.34 -37.00 -104.60
N SER C 366 11.06 -37.81 -103.83
CA SER C 366 10.44 -38.62 -102.77
C SER C 366 10.04 -37.78 -101.55
N VAL C 367 10.62 -36.59 -101.42
CA VAL C 367 10.32 -35.69 -100.31
C VAL C 367 8.91 -35.09 -100.45
N LEU C 368 8.56 -34.70 -101.68
CA LEU C 368 7.25 -34.11 -101.95
C LEU C 368 6.16 -35.18 -101.89
N ASP C 369 4.93 -34.77 -101.62
CA ASP C 369 3.79 -35.68 -101.55
C ASP C 369 3.11 -35.80 -102.92
N LEU C 370 3.91 -36.14 -103.93
CA LEU C 370 3.42 -36.27 -105.30
C LEU C 370 2.64 -37.57 -105.47
N THR C 371 1.49 -37.49 -106.15
CA THR C 371 0.61 -38.64 -106.35
C THR C 371 0.84 -39.24 -107.73
N ALA D 2 20.58 -68.21 -43.16
CA ALA D 2 21.02 -68.22 -44.59
C ALA D 2 22.46 -67.75 -44.73
N LEU D 3 23.10 -68.15 -45.83
CA LEU D 3 24.48 -67.76 -46.11
C LEU D 3 24.54 -66.39 -46.79
N SER D 4 23.38 -65.84 -47.16
CA SER D 4 23.30 -64.50 -47.72
C SER D 4 23.48 -63.42 -46.65
N LYS D 5 23.12 -63.76 -45.40
CA LYS D 5 23.16 -62.80 -44.30
C LYS D 5 24.58 -62.56 -43.76
N VAL D 6 25.44 -63.57 -43.83
CA VAL D 6 26.83 -63.43 -43.37
C VAL D 6 27.58 -62.40 -44.23
N LYS D 7 27.54 -61.15 -43.78
CA LYS D 7 28.14 -60.03 -44.49
C LYS D 7 28.51 -58.93 -43.49
N LEU D 8 29.34 -57.99 -43.93
CA LEU D 8 29.75 -56.89 -43.06
C LEU D 8 30.29 -55.71 -43.88
N ASN D 9 29.51 -54.64 -43.95
CA ASN D 9 29.88 -53.46 -44.72
C ASN D 9 30.85 -52.60 -43.91
N ASP D 10 32.13 -52.94 -43.99
CA ASP D 10 33.17 -52.22 -43.25
C ASP D 10 33.38 -50.80 -43.77
N THR D 11 33.28 -50.62 -45.08
CA THR D 11 33.48 -49.31 -45.71
C THR D 11 32.46 -48.27 -45.22
N LEU D 12 31.19 -48.70 -45.11
CA LEU D 12 30.11 -47.82 -44.66
C LEU D 12 30.18 -47.61 -43.13
N ASN D 13 30.58 -48.63 -42.40
CA ASN D 13 30.69 -48.56 -40.93
C ASN D 13 31.88 -47.71 -40.48
N LYS D 14 32.99 -47.78 -41.20
CA LYS D 14 34.15 -46.92 -40.92
C LYS D 14 33.80 -45.45 -41.11
N ASP D 15 33.03 -45.14 -42.16
CA ASP D 15 32.54 -43.79 -42.42
C ASP D 15 31.57 -43.34 -41.32
N GLN D 16 30.71 -44.26 -40.88
CA GLN D 16 29.75 -43.98 -39.81
C GLN D 16 30.44 -43.68 -38.48
N LEU D 17 31.58 -44.34 -38.24
CA LEU D 17 32.38 -44.09 -37.03
C LEU D 17 32.95 -42.67 -37.02
N LEU D 18 33.57 -42.28 -38.13
CA LEU D 18 34.23 -40.98 -38.24
C LEU D 18 33.22 -39.83 -38.36
N SER D 19 32.09 -40.10 -39.02
CA SER D 19 31.04 -39.08 -39.18
C SER D 19 30.34 -38.75 -37.86
N SER D 20 30.26 -39.73 -36.96
CA SER D 20 29.60 -39.56 -35.67
C SER D 20 30.59 -39.50 -34.52
N SER D 21 31.61 -38.66 -34.65
CA SER D 21 32.60 -38.45 -33.59
C SER D 21 32.03 -37.49 -32.54
N LYS D 22 32.13 -37.87 -31.27
CA LYS D 22 31.61 -37.05 -30.17
C LYS D 22 32.56 -35.89 -29.88
N TYR D 23 33.85 -36.10 -30.14
CA TYR D 23 34.90 -35.16 -29.77
C TYR D 23 35.63 -34.65 -31.01
N THR D 24 36.30 -33.51 -30.87
CA THR D 24 37.00 -32.87 -31.99
C THR D 24 38.40 -32.41 -31.60
N ILE D 25 39.33 -32.56 -32.54
CA ILE D 25 40.69 -32.02 -32.39
C ILE D 25 40.79 -30.69 -33.14
N GLN D 26 41.58 -29.77 -32.60
CA GLN D 26 41.77 -28.46 -33.20
C GLN D 26 43.25 -28.12 -33.24
N ARG D 27 43.80 -28.11 -34.46
CA ARG D 27 45.24 -28.03 -34.68
C ARG D 27 45.76 -26.60 -34.49
N SER D 28 47.00 -26.49 -34.01
CA SER D 28 47.62 -25.20 -33.73
C SER D 28 47.85 -24.42 -35.02
N THR D 29 46.90 -23.54 -35.32
CA THR D 29 47.01 -22.65 -36.47
C THR D 29 48.14 -21.64 -36.24
N GLY D 30 48.37 -21.30 -34.97
CA GLY D 30 49.49 -20.46 -34.57
C GLY D 30 49.07 -19.39 -33.59
N ASP D 31 49.79 -18.27 -33.60
CA ASP D 31 49.48 -17.13 -32.73
C ASP D 31 48.44 -16.21 -33.36
N SER D 32 48.52 -16.00 -34.68
CA SER D 32 47.57 -15.13 -35.38
C SER D 32 47.52 -15.39 -36.88
N ILE D 33 46.35 -15.12 -37.48
CA ILE D 33 46.15 -15.17 -38.93
C ILE D 33 45.55 -13.84 -39.39
N ASP D 34 46.08 -13.32 -40.50
CA ASP D 34 45.54 -12.11 -41.10
C ASP D 34 44.29 -12.44 -41.90
N THR D 35 43.17 -11.84 -41.51
CA THR D 35 41.88 -12.05 -42.16
C THR D 35 41.40 -10.75 -42.81
N PRO D 36 41.89 -10.44 -44.03
CA PRO D 36 41.50 -9.21 -44.71
C PRO D 36 40.07 -9.23 -45.21
N ASN D 37 39.42 -8.06 -45.23
CA ASN D 37 38.05 -7.93 -45.70
C ASN D 37 38.03 -7.38 -47.13
N TYR D 38 36.85 -6.99 -47.62
CA TYR D 38 36.67 -6.56 -49.01
C TYR D 38 37.29 -5.18 -49.27
N ASP D 39 37.40 -4.36 -48.23
CA ASP D 39 37.93 -3.00 -48.35
C ASP D 39 39.43 -2.98 -48.70
N VAL D 40 40.16 -4.02 -48.29
CA VAL D 40 41.59 -4.12 -48.54
C VAL D 40 41.91 -4.87 -49.84
N GLN D 41 40.97 -5.69 -50.31
CA GLN D 41 41.15 -6.48 -51.53
C GLN D 41 41.82 -5.68 -52.66
N LYS D 42 41.41 -4.43 -52.83
CA LYS D 42 41.92 -3.56 -53.89
C LYS D 42 43.38 -3.14 -53.65
N HIS D 43 43.77 -3.04 -52.37
CA HIS D 43 45.14 -2.73 -52.01
C HIS D 43 46.08 -3.92 -52.25
N ILE D 44 45.59 -5.13 -51.98
CA ILE D 44 46.38 -6.34 -52.18
C ILE D 44 46.57 -6.62 -53.67
N ASN D 45 45.54 -6.34 -54.47
CA ASN D 45 45.63 -6.44 -55.92
C ASN D 45 46.73 -5.51 -56.48
N LYS D 46 46.85 -4.33 -55.87
CA LYS D 46 47.91 -3.39 -56.22
C LYS D 46 49.27 -3.94 -55.80
N LEU D 47 49.34 -4.54 -54.62
CA LEU D 47 50.56 -5.18 -54.12
C LEU D 47 50.96 -6.37 -54.99
N CYS D 48 49.96 -7.13 -55.44
CA CYS D 48 50.19 -8.23 -56.38
C CYS D 48 50.70 -7.72 -57.72
N GLY D 49 50.17 -6.57 -58.16
CA GLY D 49 50.62 -5.93 -59.40
C GLY D 49 52.05 -5.43 -59.34
N MET D 50 52.44 -4.90 -58.18
CA MET D 50 53.81 -4.40 -57.97
C MET D 50 54.85 -5.51 -58.17
N LEU D 51 54.56 -6.69 -57.62
CA LEU D 51 55.43 -7.85 -57.80
C LEU D 51 55.49 -8.30 -59.26
N LEU D 52 54.38 -8.16 -59.99
CA LEU D 52 54.29 -8.58 -61.38
C LEU D 52 55.05 -7.64 -62.34
N ILE D 53 55.02 -6.35 -62.07
CA ILE D 53 55.74 -5.39 -62.93
C ILE D 53 57.24 -5.32 -62.62
N THR D 54 57.64 -5.80 -61.45
CA THR D 54 59.04 -5.79 -61.04
C THR D 54 59.84 -6.84 -61.82
N GLU D 55 60.89 -6.39 -62.51
CA GLU D 55 61.76 -7.28 -63.26
C GLU D 55 62.67 -8.05 -62.30
N ASP D 56 62.69 -9.37 -62.43
CA ASP D 56 63.44 -10.25 -61.52
C ASP D 56 63.03 -9.99 -60.06
N ALA D 57 61.74 -10.14 -59.79
CA ALA D 57 61.18 -9.82 -58.48
C ALA D 57 61.46 -10.90 -57.45
N ASN D 58 61.47 -10.50 -56.18
CA ASN D 58 61.65 -11.42 -55.06
C ASN D 58 60.28 -11.98 -54.65
N HIS D 59 59.98 -13.18 -55.14
CA HIS D 59 58.71 -13.86 -54.80
C HIS D 59 58.88 -14.76 -53.58
N LYS D 60 59.43 -14.20 -52.51
CA LYS D 60 59.57 -14.92 -51.24
C LYS D 60 58.25 -14.87 -50.46
N PHE D 61 57.51 -13.77 -50.63
CA PHE D 61 56.28 -13.53 -49.89
C PHE D 61 55.02 -13.60 -50.75
N THR D 62 55.18 -13.91 -52.03
CA THR D 62 54.06 -13.91 -52.98
C THR D 62 53.05 -15.03 -52.72
N GLY D 63 53.53 -16.16 -52.19
CA GLY D 63 52.66 -17.24 -51.76
C GLY D 63 51.76 -16.81 -50.62
N LEU D 64 52.33 -16.04 -49.69
CA LEU D 64 51.59 -15.48 -48.57
C LEU D 64 50.68 -14.33 -49.02
N ILE D 65 51.21 -13.45 -49.86
CA ILE D 65 50.44 -12.33 -50.43
C ILE D 65 49.29 -12.84 -51.30
N GLY D 66 49.50 -13.95 -51.98
CA GLY D 66 48.46 -14.60 -52.78
C GLY D 66 47.29 -15.07 -51.93
N MET D 67 47.60 -15.68 -50.78
CA MET D 67 46.58 -16.12 -49.83
C MET D 67 45.79 -14.94 -49.25
N LEU D 68 46.48 -13.82 -49.02
CA LEU D 68 45.84 -12.61 -48.50
C LEU D 68 44.81 -12.05 -49.49
N TYR D 69 45.10 -12.16 -50.79
CA TYR D 69 44.16 -11.73 -51.82
C TYR D 69 42.95 -12.66 -51.90
N ALA D 70 43.21 -13.96 -51.77
CA ALA D 70 42.15 -14.97 -51.78
C ALA D 70 41.22 -14.80 -50.56
N MET D 71 41.80 -14.48 -49.41
CA MET D 71 41.03 -14.26 -48.19
C MET D 71 40.28 -12.92 -48.22
N SER D 72 40.86 -11.93 -48.88
CA SER D 72 40.21 -10.62 -49.03
C SER D 72 39.00 -10.72 -49.97
N ARG D 73 39.08 -11.58 -50.97
CA ARG D 73 37.95 -11.87 -51.86
C ARG D 73 36.82 -12.57 -51.10
N LEU D 74 37.20 -13.51 -50.23
CA LEU D 74 36.22 -14.21 -49.38
C LEU D 74 35.59 -13.25 -48.38
N GLY D 75 36.43 -12.48 -47.69
CA GLY D 75 35.98 -11.52 -46.69
C GLY D 75 36.13 -12.07 -45.28
N ARG D 76 36.49 -11.18 -44.35
CA ARG D 76 36.80 -11.55 -42.96
C ARG D 76 35.82 -12.55 -42.36
N GLU D 77 34.52 -12.32 -42.56
CA GLU D 77 33.49 -13.19 -42.00
C GLU D 77 33.54 -14.61 -42.56
N ASP D 78 33.70 -14.74 -43.88
CA ASP D 78 33.74 -16.04 -44.53
C ASP D 78 35.05 -16.78 -44.25
N THR D 79 36.19 -16.13 -44.50
CA THR D 79 37.49 -16.78 -44.30
C THR D 79 37.71 -17.26 -42.85
N ILE D 80 37.13 -16.57 -41.87
CA ILE D 80 37.13 -17.06 -40.49
C ILE D 80 36.22 -18.29 -40.39
N LYS D 81 35.07 -18.24 -41.04
CA LYS D 81 34.12 -19.36 -41.06
C LYS D 81 34.71 -20.62 -41.69
N ILE D 82 35.55 -20.47 -42.71
CA ILE D 82 36.14 -21.63 -43.41
C ILE D 82 37.28 -22.25 -42.59
N LEU D 83 38.00 -21.43 -41.83
CA LEU D 83 39.05 -21.93 -40.94
C LEU D 83 38.46 -22.69 -39.74
N ARG D 84 37.37 -22.17 -39.17
CA ARG D 84 36.71 -22.82 -38.05
C ARG D 84 36.01 -24.12 -38.46
N ASP D 85 35.40 -24.13 -39.64
CA ASP D 85 34.76 -25.34 -40.18
C ASP D 85 35.78 -26.41 -40.53
N ALA D 86 36.98 -26.00 -40.92
CA ALA D 86 38.08 -26.93 -41.19
C ALA D 86 38.56 -27.61 -39.91
N GLY D 87 38.51 -26.88 -38.79
CA GLY D 87 38.91 -27.40 -37.48
C GLY D 87 40.17 -26.72 -36.98
N TYR D 88 40.12 -25.40 -36.87
CA TYR D 88 41.27 -24.60 -36.42
C TYR D 88 40.82 -23.45 -35.52
N HIS D 89 41.48 -23.31 -34.38
CA HIS D 89 41.29 -22.14 -33.52
C HIS D 89 42.03 -20.95 -34.14
N VAL D 90 41.26 -19.95 -34.56
CA VAL D 90 41.83 -18.80 -35.28
C VAL D 90 41.81 -17.51 -34.47
N LYS D 91 42.97 -16.87 -34.40
CA LYS D 91 43.12 -15.56 -33.77
C LYS D 91 43.11 -14.52 -34.90
N ALA D 92 41.93 -14.00 -35.21
CA ALA D 92 41.74 -13.15 -36.39
C ALA D 92 42.39 -11.78 -36.25
N ASN D 93 43.38 -11.50 -37.09
CA ASN D 93 43.98 -10.18 -37.20
C ASN D 93 43.34 -9.42 -38.36
N GLY D 94 42.87 -8.20 -38.10
CA GLY D 94 42.29 -7.36 -39.14
C GLY D 94 43.34 -6.88 -40.12
N VAL D 95 42.91 -6.45 -41.30
CA VAL D 95 43.82 -5.93 -42.33
C VAL D 95 43.21 -4.72 -43.03
N ASP D 96 43.92 -3.59 -42.98
CA ASP D 96 43.47 -2.30 -43.54
C ASP D 96 44.69 -1.43 -43.85
N VAL D 97 44.47 -0.17 -44.20
CA VAL D 97 45.51 0.69 -44.76
C VAL D 97 45.93 1.81 -43.78
N THR D 98 47.23 1.91 -43.55
CA THR D 98 47.82 3.02 -42.79
C THR D 98 49.00 3.61 -43.56
N THR D 99 49.18 4.92 -43.45
CA THR D 99 50.25 5.62 -44.16
C THR D 99 51.54 5.64 -43.31
N HIS D 100 52.59 5.01 -43.84
CA HIS D 100 53.88 4.94 -43.15
C HIS D 100 54.87 5.91 -43.78
N ARG D 101 55.51 6.72 -42.93
CA ARG D 101 56.50 7.69 -43.38
C ARG D 101 57.92 7.22 -43.05
N GLN D 102 58.75 7.07 -44.08
CA GLN D 102 60.14 6.64 -43.92
C GLN D 102 61.02 7.37 -44.93
N ASP D 103 62.23 7.74 -44.50
CA ASP D 103 63.15 8.51 -45.34
C ASP D 103 64.16 7.61 -46.07
N ILE D 104 63.78 7.17 -47.27
CA ILE D 104 64.66 6.37 -48.12
C ILE D 104 65.56 7.31 -48.93
N ASN D 105 66.87 7.05 -48.87
CA ASN D 105 67.87 7.86 -49.57
C ASN D 105 67.83 9.34 -49.18
N GLY D 106 67.56 9.62 -47.90
CA GLY D 106 67.52 10.99 -47.39
C GLY D 106 66.15 11.63 -47.47
N LYS D 107 65.50 11.51 -48.62
CA LYS D 107 64.20 12.15 -48.86
C LYS D 107 63.09 11.38 -48.16
N GLU D 108 62.25 12.10 -47.41
CA GLU D 108 61.13 11.50 -46.66
C GLU D 108 60.02 11.10 -47.63
N MET D 109 59.64 9.82 -47.59
CA MET D 109 58.64 9.28 -48.51
C MET D 109 57.46 8.64 -47.78
N LYS D 110 56.27 8.73 -48.38
CA LYS D 110 55.06 8.14 -47.83
C LYS D 110 54.77 6.80 -48.51
N PHE D 111 54.19 5.87 -47.75
CA PHE D 111 53.84 4.54 -48.26
C PHE D 111 52.55 4.04 -47.64
N GLU D 112 51.59 3.65 -48.48
CA GLU D 112 50.37 3.00 -48.02
C GLU D 112 50.66 1.52 -47.77
N VAL D 113 50.62 1.11 -46.50
CA VAL D 113 50.98 -0.26 -46.11
C VAL D 113 49.86 -0.93 -45.33
N LEU D 114 49.72 -2.25 -45.53
CA LEU D 114 48.78 -3.05 -44.74
C LEU D 114 49.49 -3.46 -43.45
N THR D 115 48.84 -3.21 -42.32
CA THR D 115 49.43 -3.56 -41.02
C THR D 115 49.16 -5.04 -40.73
N LEU D 116 49.92 -5.89 -41.41
CA LEU D 116 49.77 -7.34 -41.31
C LEU D 116 50.71 -7.91 -40.24
N ALA D 117 50.31 -9.05 -39.67
CA ALA D 117 51.14 -9.76 -38.70
C ALA D 117 52.18 -10.63 -39.42
N SER D 118 51.74 -11.37 -40.43
CA SER D 118 52.62 -12.25 -41.20
C SER D 118 53.60 -11.48 -42.08
N LEU D 119 53.18 -10.31 -42.57
CA LEU D 119 54.01 -9.49 -43.46
C LEU D 119 54.39 -8.19 -42.77
N THR D 120 55.70 -7.91 -42.68
CA THR D 120 56.20 -6.72 -42.00
C THR D 120 56.01 -5.49 -42.89
N THR D 121 55.87 -4.32 -42.25
CA THR D 121 55.76 -3.05 -42.97
C THR D 121 57.09 -2.64 -43.62
N GLU D 122 58.19 -3.22 -43.15
CA GLU D 122 59.52 -2.92 -43.68
C GLU D 122 59.74 -3.60 -45.03
N ILE D 123 59.16 -4.78 -45.22
CA ILE D 123 59.31 -5.52 -46.47
C ILE D 123 58.24 -5.12 -47.49
N GLN D 124 57.11 -4.59 -47.01
CA GLN D 124 56.03 -4.10 -47.89
C GLN D 124 56.47 -2.89 -48.69
N ILE D 125 57.17 -1.95 -48.04
CA ILE D 125 57.69 -0.77 -48.74
C ILE D 125 58.76 -1.12 -49.77
N ASN D 126 59.53 -2.18 -49.51
CA ASN D 126 60.56 -2.64 -50.43
C ASN D 126 59.98 -3.25 -51.70
N ILE D 127 58.78 -3.83 -51.60
CA ILE D 127 58.06 -4.33 -52.78
C ILE D 127 57.61 -3.14 -53.64
N GLU D 128 57.17 -2.07 -53.00
CA GLU D 128 56.76 -0.85 -53.69
C GLU D 128 57.96 -0.06 -54.23
N ILE D 129 59.07 -0.07 -53.48
CA ILE D 129 60.29 0.63 -53.90
C ILE D 129 60.89 -0.01 -55.16
N GLU D 130 61.02 -1.33 -55.15
CA GLU D 130 61.57 -2.06 -56.29
C GLU D 130 60.66 -2.04 -57.52
N SER D 131 59.35 -1.90 -57.29
CA SER D 131 58.38 -1.79 -58.39
C SER D 131 58.45 -0.42 -59.06
N ARG D 132 58.67 0.62 -58.27
CA ARG D 132 58.84 1.99 -58.80
C ARG D 132 60.08 2.11 -59.67
N LYS D 133 61.14 1.37 -59.32
CA LYS D 133 62.35 1.31 -60.13
C LYS D 133 62.08 0.68 -61.49
N SER D 134 61.36 -0.44 -61.48
CA SER D 134 60.98 -1.15 -62.70
C SER D 134 59.91 -0.38 -63.50
N TYR D 135 59.09 0.41 -62.79
CA TYR D 135 58.05 1.20 -63.44
C TYR D 135 58.65 2.35 -64.25
N LYS D 136 59.60 3.07 -63.66
CA LYS D 136 60.25 4.19 -64.35
C LYS D 136 61.16 3.71 -65.48
N LYS D 137 61.73 2.52 -65.32
CA LYS D 137 62.52 1.88 -66.38
C LYS D 137 61.60 1.49 -67.54
N MET D 138 60.43 0.96 -67.19
CA MET D 138 59.41 0.62 -68.18
C MET D 138 58.86 1.88 -68.85
N LEU D 139 58.64 2.93 -68.06
CA LEU D 139 58.15 4.22 -68.56
C LEU D 139 59.17 4.88 -69.50
N LYS D 140 60.46 4.65 -69.24
CA LYS D 140 61.53 5.22 -70.06
C LYS D 140 61.66 4.50 -71.40
N GLU D 141 61.27 3.22 -71.44
CA GLU D 141 61.39 2.40 -72.65
C GLU D 141 60.25 2.63 -73.64
N MET D 142 59.01 2.62 -73.14
CA MET D 142 57.82 2.73 -74.00
C MET D 142 57.09 4.07 -73.88
N GLY D 143 57.67 5.01 -73.14
CA GLY D 143 57.08 6.34 -72.96
C GLY D 143 55.85 6.32 -72.08
N GLU D 144 54.72 5.90 -72.65
CA GLU D 144 53.46 5.78 -71.92
C GLU D 144 53.12 4.31 -71.70
N VAL D 145 52.94 3.92 -70.44
CA VAL D 145 52.58 2.54 -70.10
C VAL D 145 51.07 2.34 -70.22
N ALA D 146 50.67 1.24 -70.86
CA ALA D 146 49.25 0.95 -71.10
C ALA D 146 48.60 0.32 -69.86
N PRO D 147 47.25 0.27 -69.82
CA PRO D 147 46.54 -0.38 -68.72
C PRO D 147 46.88 -1.86 -68.51
N GLU D 148 47.32 -2.54 -69.56
CA GLU D 148 47.65 -3.96 -69.49
C GLU D 148 48.96 -4.20 -68.73
N TYR D 149 49.95 -3.35 -69.00
CA TYR D 149 51.30 -3.53 -68.44
C TYR D 149 51.46 -3.03 -67.00
N ARG D 150 50.51 -2.22 -66.53
CA ARG D 150 50.64 -1.58 -65.21
C ARG D 150 50.08 -2.43 -64.06
N HIS D 151 50.44 -2.04 -62.85
CA HIS D 151 50.06 -2.74 -61.62
C HIS D 151 48.60 -2.53 -61.19
N ASP D 152 47.97 -1.48 -61.72
CA ASP D 152 46.59 -1.12 -61.32
C ASP D 152 45.52 -2.05 -61.89
N SER D 153 45.88 -2.87 -62.88
CA SER D 153 44.93 -3.79 -63.52
C SER D 153 44.29 -4.74 -62.52
N PRO D 154 42.99 -5.02 -62.67
CA PRO D 154 42.29 -5.92 -61.73
C PRO D 154 42.68 -7.39 -61.87
N ASP D 155 43.32 -7.76 -62.97
CA ASP D 155 43.75 -9.14 -63.20
C ASP D 155 44.93 -9.55 -62.32
N CYS D 156 45.79 -8.57 -61.99
CA CYS D 156 47.04 -8.82 -61.25
C CYS D 156 46.91 -9.82 -60.09
N GLY D 157 45.88 -9.65 -59.27
CA GLY D 157 45.64 -10.53 -58.12
C GLY D 157 45.35 -11.96 -58.51
N MET D 158 44.49 -12.14 -59.52
CA MET D 158 44.12 -13.46 -60.01
C MET D 158 45.21 -14.11 -60.84
N ILE D 159 46.04 -13.30 -61.51
CA ILE D 159 47.18 -13.80 -62.29
C ILE D 159 48.16 -14.56 -61.39
N ILE D 160 48.39 -14.05 -60.18
CA ILE D 160 49.25 -14.71 -59.21
C ILE D 160 48.57 -15.98 -58.66
N LEU D 161 47.25 -15.94 -58.52
CA LEU D 161 46.48 -17.11 -58.07
C LEU D 161 46.30 -18.18 -59.16
N CYS D 162 46.57 -17.82 -60.42
CA CYS D 162 46.50 -18.78 -61.54
C CYS D 162 47.55 -19.88 -61.40
N ILE D 163 48.79 -19.50 -61.09
CA ILE D 163 49.85 -20.49 -60.85
C ILE D 163 49.73 -21.14 -59.48
N ALA D 164 48.97 -20.53 -58.58
CA ALA D 164 48.61 -21.16 -57.30
C ALA D 164 47.68 -22.35 -57.55
N ALA D 165 46.79 -22.20 -58.54
CA ALA D 165 45.92 -23.30 -58.97
C ALA D 165 46.69 -24.40 -59.68
N LEU D 166 47.78 -24.03 -60.35
CA LEU D 166 48.69 -25.00 -60.97
C LEU D 166 49.50 -25.76 -59.91
N VAL D 167 49.88 -25.07 -58.84
CA VAL D 167 50.57 -25.71 -57.71
C VAL D 167 49.62 -26.68 -56.99
N ILE D 168 48.37 -26.26 -56.79
CA ILE D 168 47.36 -27.09 -56.13
C ILE D 168 47.00 -28.30 -56.99
N THR D 169 47.16 -28.16 -58.30
CA THR D 169 46.94 -29.26 -59.27
C THR D 169 47.96 -30.38 -59.07
N LYS D 170 49.20 -30.03 -58.73
CA LYS D 170 50.27 -31.02 -58.54
C LYS D 170 50.67 -31.21 -57.06
N LEU D 171 49.75 -30.94 -56.14
CA LEU D 171 49.99 -31.19 -54.71
C LEU D 171 49.82 -32.65 -54.32
N ALA D 172 49.14 -33.43 -55.17
CA ALA D 172 48.89 -34.85 -54.90
C ALA D 172 50.17 -35.65 -54.69
N ALA D 173 51.21 -35.31 -55.47
CA ALA D 173 52.52 -35.95 -55.32
C ALA D 173 53.12 -35.66 -53.94
N GLY D 174 53.06 -34.39 -53.54
CA GLY D 174 53.49 -33.98 -52.20
C GLY D 174 54.99 -33.96 -52.00
N ASP D 175 55.73 -33.53 -53.00
CA ASP D 175 57.19 -33.40 -52.90
C ASP D 175 57.80 -32.42 -53.91
N ARG D 176 57.03 -31.41 -54.32
CA ARG D 176 57.45 -30.44 -55.34
C ARG D 176 57.99 -31.07 -56.62
N SER D 177 57.46 -32.24 -56.99
CA SER D 177 57.90 -32.95 -58.19
C SER D 177 57.22 -32.39 -59.44
N GLY D 178 56.00 -31.88 -59.28
CA GLY D 178 55.24 -31.30 -60.38
C GLY D 178 55.68 -29.91 -60.82
N LEU D 179 56.57 -29.29 -60.05
CA LEU D 179 57.09 -27.94 -60.35
C LEU D 179 57.46 -27.75 -61.82
N THR D 180 58.06 -28.77 -62.43
CA THR D 180 58.41 -28.73 -63.85
C THR D 180 57.17 -28.62 -64.73
N ALA D 181 56.12 -29.37 -64.39
CA ALA D 181 54.85 -29.31 -65.11
C ALA D 181 54.08 -28.02 -64.80
N VAL D 182 54.25 -27.48 -63.60
CA VAL D 182 53.62 -26.23 -63.21
C VAL D 182 54.17 -25.05 -64.03
N ILE D 183 55.48 -25.05 -64.24
CA ILE D 183 56.14 -24.02 -65.05
C ILE D 183 55.81 -24.22 -66.53
N ARG D 184 55.81 -25.48 -66.97
CA ARG D 184 55.48 -25.85 -68.35
C ARG D 184 54.09 -25.35 -68.75
N ARG D 185 53.10 -25.67 -67.93
CA ARG D 185 51.73 -25.23 -68.18
C ARG D 185 51.59 -23.71 -68.05
N ALA D 186 52.31 -23.13 -67.09
CA ALA D 186 52.30 -21.67 -66.91
C ALA D 186 52.88 -20.91 -68.10
N ASN D 187 53.55 -21.61 -69.01
CA ASN D 187 54.03 -21.04 -70.27
C ASN D 187 53.06 -21.31 -71.42
N ASN D 188 52.45 -22.49 -71.42
CA ASN D 188 51.41 -22.84 -72.41
C ASN D 188 50.13 -22.07 -72.10
N VAL D 189 49.69 -22.15 -70.85
CA VAL D 189 48.61 -21.32 -70.34
C VAL D 189 49.25 -19.98 -69.97
N LEU D 190 48.42 -18.95 -69.81
CA LEU D 190 48.86 -17.70 -69.19
C LEU D 190 49.97 -17.01 -69.98
N LYS D 191 50.06 -17.30 -71.28
CA LYS D 191 51.15 -16.80 -72.13
C LYS D 191 51.02 -15.31 -72.42
N ASN D 192 49.79 -14.84 -72.63
CA ASN D 192 49.52 -13.43 -72.81
C ASN D 192 49.84 -12.61 -71.55
N GLU D 193 49.63 -13.23 -70.39
CA GLU D 193 49.88 -12.57 -69.10
C GLU D 193 51.37 -12.37 -68.84
N MET D 194 52.19 -13.32 -69.27
CA MET D 194 53.65 -13.24 -69.11
C MET D 194 54.29 -12.17 -69.99
N LYS D 195 53.66 -11.87 -71.13
CA LYS D 195 54.12 -10.81 -72.01
C LYS D 195 53.96 -9.44 -71.35
N ARG D 196 52.81 -9.24 -70.71
CA ARG D 196 52.46 -7.94 -70.12
C ARG D 196 52.96 -7.73 -68.69
N TYR D 197 53.65 -8.73 -68.12
CA TYR D 197 54.26 -8.60 -66.80
C TYR D 197 55.62 -9.29 -66.74
N LYS D 198 56.65 -8.50 -66.47
CA LYS D 198 58.03 -9.00 -66.39
C LYS D 198 58.24 -9.93 -65.19
N GLY D 199 57.58 -9.61 -64.08
CA GLY D 199 57.71 -10.37 -62.83
C GLY D 199 56.75 -11.54 -62.69
N LEU D 200 56.27 -12.07 -63.81
CA LEU D 200 55.49 -13.31 -63.80
C LEU D 200 56.46 -14.47 -64.00
N LEU D 201 57.08 -14.90 -62.91
CA LEU D 201 58.07 -15.97 -62.91
C LEU D 201 57.43 -17.25 -62.35
N PRO D 202 57.05 -18.20 -63.24
CA PRO D 202 56.38 -19.42 -62.79
C PRO D 202 57.14 -20.21 -61.72
N LYS D 203 58.46 -20.35 -61.89
CA LYS D 203 59.29 -21.09 -60.95
C LYS D 203 59.35 -20.42 -59.59
N ASP D 204 59.52 -19.10 -59.58
CA ASP D 204 59.65 -18.33 -58.34
C ASP D 204 58.34 -18.25 -57.55
N ILE D 205 57.23 -18.07 -58.27
CA ILE D 205 55.92 -17.93 -57.63
C ILE D 205 55.37 -19.29 -57.18
N ALA D 206 55.58 -20.33 -57.99
CA ALA D 206 55.12 -21.68 -57.65
C ALA D 206 55.80 -22.21 -56.39
N ASN D 207 57.11 -22.00 -56.29
CA ASN D 207 57.87 -22.37 -55.09
C ASN D 207 57.40 -21.62 -53.84
N SER D 208 56.91 -20.40 -54.03
CA SER D 208 56.37 -19.60 -52.92
C SER D 208 55.06 -20.20 -52.42
N PHE D 209 54.20 -20.62 -53.35
CA PHE D 209 52.94 -21.28 -52.99
C PHE D 209 53.18 -22.70 -52.46
N TYR D 210 54.18 -23.39 -53.01
CA TYR D 210 54.59 -24.69 -52.47
C TYR D 210 55.06 -24.55 -51.02
N GLU D 211 55.78 -23.47 -50.73
CA GLU D 211 56.30 -23.21 -49.39
C GLU D 211 55.17 -22.88 -48.39
N VAL D 212 54.24 -22.02 -48.80
CA VAL D 212 53.18 -21.56 -47.91
C VAL D 212 52.14 -22.66 -47.63
N PHE D 213 51.91 -23.55 -48.58
CA PHE D 213 51.02 -24.70 -48.38
C PHE D 213 51.68 -25.76 -47.49
N GLU D 214 53.00 -25.92 -47.62
CA GLU D 214 53.75 -26.85 -46.78
C GLU D 214 53.87 -26.35 -45.35
N LYS D 215 54.26 -25.08 -45.19
CA LYS D 215 54.44 -24.47 -43.88
C LYS D 215 53.10 -24.25 -43.17
N HIS D 216 52.06 -23.91 -43.94
CA HIS D 216 50.73 -23.67 -43.41
C HIS D 216 49.69 -24.53 -44.15
N PRO D 217 49.43 -25.75 -43.64
CA PRO D 217 48.44 -26.66 -44.22
C PRO D 217 47.00 -26.14 -44.19
N HIS D 218 46.70 -25.21 -43.28
CA HIS D 218 45.38 -24.59 -43.21
C HIS D 218 45.10 -23.64 -44.38
N PHE D 219 46.16 -23.07 -44.97
CA PHE D 219 46.01 -22.17 -46.12
C PHE D 219 45.67 -22.91 -47.42
N ILE D 220 45.94 -24.21 -47.49
CA ILE D 220 45.60 -24.99 -48.68
C ILE D 220 44.10 -25.26 -48.63
N ASP D 221 43.56 -25.41 -47.42
CA ASP D 221 42.12 -25.52 -47.21
C ASP D 221 41.41 -24.20 -47.52
N VAL D 222 42.07 -23.09 -47.23
CA VAL D 222 41.55 -21.75 -47.54
C VAL D 222 41.50 -21.51 -49.05
N PHE D 223 42.54 -21.95 -49.76
CA PHE D 223 42.63 -21.76 -51.21
C PHE D 223 41.63 -22.64 -51.97
N VAL D 224 41.48 -23.88 -51.54
CA VAL D 224 40.54 -24.82 -52.18
C VAL D 224 39.10 -24.30 -52.06
N HIS D 225 38.72 -23.86 -50.86
CA HIS D 225 37.37 -23.34 -50.62
C HIS D 225 37.19 -21.94 -51.21
N PHE D 226 38.29 -21.22 -51.44
CA PHE D 226 38.24 -19.98 -52.22
C PHE D 226 38.01 -20.29 -53.69
N GLY D 227 38.74 -21.28 -54.21
CA GLY D 227 38.63 -21.69 -55.61
C GLY D 227 37.25 -22.21 -55.98
N ILE D 228 36.63 -22.93 -55.06
CA ILE D 228 35.25 -23.43 -55.24
C ILE D 228 34.27 -22.26 -55.20
N ALA D 229 34.50 -21.32 -54.27
CA ALA D 229 33.69 -20.11 -54.17
C ALA D 229 33.90 -19.19 -55.38
N GLN D 230 35.13 -19.14 -55.88
CA GLN D 230 35.45 -18.38 -57.09
C GLN D 230 34.81 -19.01 -58.32
N SER D 231 34.82 -20.34 -58.38
CA SER D 231 34.21 -21.07 -59.50
C SER D 231 32.68 -21.14 -59.42
N SER D 232 32.11 -20.72 -58.28
CA SER D 232 30.66 -20.69 -58.11
C SER D 232 30.03 -19.39 -58.62
N THR D 233 30.84 -18.43 -59.05
CA THR D 233 30.34 -17.13 -59.50
C THR D 233 29.62 -17.22 -60.85
N ARG D 234 28.87 -16.16 -61.17
CA ARG D 234 28.07 -16.12 -62.39
C ARG D 234 28.91 -15.77 -63.63
N GLY D 235 29.91 -14.91 -63.44
CA GLY D 235 30.81 -14.52 -64.53
C GLY D 235 31.75 -13.39 -64.13
N GLY D 236 32.92 -13.34 -64.75
CA GLY D 236 33.93 -12.33 -64.43
C GLY D 236 34.77 -11.89 -65.62
N SER D 237 36.08 -12.10 -65.53
CA SER D 237 37.01 -11.79 -66.64
C SER D 237 37.64 -13.08 -67.16
N ARG D 238 38.39 -12.97 -68.27
CA ARG D 238 39.02 -14.13 -68.89
C ARG D 238 40.13 -14.73 -68.00
N VAL D 239 40.79 -13.87 -67.22
CA VAL D 239 41.82 -14.31 -66.27
C VAL D 239 41.18 -15.10 -65.12
N GLU D 240 39.96 -14.74 -64.75
CA GLU D 240 39.18 -15.52 -63.77
C GLU D 240 38.69 -16.82 -64.41
N GLY D 241 38.47 -16.79 -65.73
CA GLY D 241 38.20 -18.01 -66.50
C GLY D 241 39.39 -18.93 -66.56
N ILE D 242 40.61 -18.37 -66.60
CA ILE D 242 41.84 -19.14 -66.54
C ILE D 242 41.93 -19.88 -65.21
N PHE D 243 41.78 -19.11 -64.12
CA PHE D 243 41.84 -19.67 -62.77
C PHE D 243 40.81 -20.78 -62.55
N ALA D 244 39.58 -20.55 -63.01
CA ALA D 244 38.50 -21.53 -62.86
C ALA D 244 38.81 -22.84 -63.59
N GLY D 245 39.35 -22.72 -64.80
CA GLY D 245 39.73 -23.89 -65.59
C GLY D 245 40.93 -24.63 -65.00
N LEU D 246 41.95 -23.87 -64.59
CA LEU D 246 43.15 -24.44 -63.99
C LEU D 246 42.87 -25.04 -62.60
N PHE D 247 41.93 -24.46 -61.88
CA PHE D 247 41.54 -24.96 -60.56
C PHE D 247 40.79 -26.30 -60.67
N MET D 248 39.91 -26.41 -61.67
CA MET D 248 39.13 -27.64 -61.87
C MET D 248 39.96 -28.78 -62.48
N ASN D 249 41.15 -28.48 -62.99
CA ASN D 249 42.09 -29.52 -63.39
C ASN D 249 42.64 -30.28 -62.18
N ALA D 250 42.63 -29.61 -61.02
CA ALA D 250 43.04 -30.23 -59.76
C ALA D 250 42.01 -31.26 -59.27
N TYR D 251 40.74 -31.07 -59.62
CA TYR D 251 39.69 -32.02 -59.25
C TYR D 251 40.06 -33.44 -59.68
N GLY D 252 40.02 -34.38 -58.74
CA GLY D 252 40.36 -35.77 -59.02
C GLY D 252 41.85 -36.06 -58.97
N ALA D 253 42.63 -35.13 -58.40
CA ALA D 253 44.06 -35.34 -58.22
C ALA D 253 44.28 -36.32 -57.05
N GLY D 254 45.34 -37.10 -57.15
CA GLY D 254 45.63 -38.12 -56.14
C GLY D 254 44.74 -39.35 -56.25
N GLN D 255 44.07 -39.51 -57.39
CA GLN D 255 43.16 -40.62 -57.61
C GLN D 255 42.91 -40.81 -59.12
N VAL D 256 44.01 -40.89 -59.87
CA VAL D 256 43.97 -41.10 -61.31
C VAL D 256 43.64 -42.55 -61.67
N MET D 257 44.04 -43.48 -60.80
CA MET D 257 43.76 -44.91 -61.00
C MET D 257 42.25 -45.17 -61.01
N LEU D 258 41.50 -44.31 -60.33
CA LEU D 258 40.04 -44.38 -60.32
C LEU D 258 39.48 -44.04 -61.71
N ARG D 259 40.06 -43.04 -62.36
CA ARG D 259 39.62 -42.62 -63.70
C ARG D 259 40.10 -43.59 -64.78
N TRP D 260 41.32 -44.08 -64.65
CA TRP D 260 41.87 -45.06 -65.60
C TRP D 260 41.17 -46.41 -65.51
N GLY D 261 40.57 -46.71 -64.37
CA GLY D 261 39.78 -47.94 -64.19
C GLY D 261 38.50 -47.92 -65.00
N VAL D 262 37.90 -46.73 -65.13
CA VAL D 262 36.71 -46.55 -65.96
C VAL D 262 37.09 -46.59 -67.45
N LEU D 263 38.29 -46.12 -67.77
CA LEU D 263 38.80 -46.16 -69.13
C LEU D 263 39.02 -47.59 -69.61
N ALA D 264 39.61 -48.43 -68.77
CA ALA D 264 39.83 -49.85 -69.07
C ALA D 264 38.49 -50.57 -69.28
N LYS D 265 37.49 -50.18 -68.49
CA LYS D 265 36.13 -50.69 -68.64
C LYS D 265 35.47 -50.17 -69.92
N SER D 266 35.74 -48.92 -70.28
CA SER D 266 35.19 -48.30 -71.47
C SER D 266 35.76 -48.93 -72.76
N VAL D 267 37.08 -49.08 -72.80
CA VAL D 267 37.76 -49.70 -73.96
C VAL D 267 37.63 -51.22 -73.99
N LYS D 268 37.15 -51.82 -72.90
CA LYS D 268 36.92 -53.26 -72.80
C LYS D 268 38.21 -54.06 -72.92
N ASN D 269 39.13 -53.84 -71.97
CA ASN D 269 40.37 -54.60 -71.91
C ASN D 269 40.07 -56.02 -71.41
N ILE D 270 40.53 -57.01 -72.16
CA ILE D 270 40.20 -58.42 -71.91
C ILE D 270 40.70 -58.93 -70.56
N MET D 271 41.79 -58.37 -70.05
CA MET D 271 42.38 -58.82 -68.79
C MET D 271 41.56 -58.44 -67.53
N LEU D 272 40.54 -57.61 -67.71
CA LEU D 272 39.56 -57.35 -66.64
C LEU D 272 38.78 -58.61 -66.27
N GLY D 273 38.50 -59.45 -67.26
CA GLY D 273 37.78 -60.70 -67.04
C GLY D 273 38.62 -61.84 -66.48
N HIS D 274 39.90 -61.58 -66.21
CA HIS D 274 40.81 -62.58 -65.64
C HIS D 274 40.36 -63.00 -64.25
N ALA D 275 40.62 -64.26 -63.89
CA ALA D 275 40.12 -64.88 -62.66
C ALA D 275 40.49 -64.11 -61.38
N SER D 276 41.78 -63.82 -61.22
CA SER D 276 42.27 -63.14 -60.02
C SER D 276 41.79 -61.68 -59.94
N VAL D 277 41.51 -61.08 -61.10
CA VAL D 277 40.93 -59.73 -61.16
C VAL D 277 39.46 -59.78 -60.75
N GLN D 278 38.75 -60.83 -61.18
CA GLN D 278 37.33 -61.02 -60.84
C GLN D 278 37.08 -61.31 -59.36
N ALA D 279 38.09 -61.85 -58.67
CA ALA D 279 38.00 -62.10 -57.23
C ALA D 279 37.92 -60.78 -56.44
N GLU D 280 38.56 -59.74 -56.97
CA GLU D 280 38.60 -58.43 -56.33
C GLU D 280 37.37 -57.56 -56.67
N MET D 281 36.65 -57.94 -57.72
CA MET D 281 35.55 -57.12 -58.25
C MET D 281 34.45 -56.77 -57.25
N GLU D 282 34.24 -57.62 -56.26
CA GLU D 282 33.27 -57.34 -55.19
C GLU D 282 33.70 -56.12 -54.37
N GLN D 283 35.00 -56.03 -54.09
CA GLN D 283 35.54 -54.95 -53.25
C GLN D 283 35.90 -53.67 -54.01
N VAL D 284 36.23 -53.78 -55.30
CA VAL D 284 36.55 -52.60 -56.11
C VAL D 284 35.29 -51.79 -56.41
N VAL D 285 34.15 -52.48 -56.51
CA VAL D 285 32.85 -51.83 -56.71
C VAL D 285 32.47 -51.00 -55.48
N GLU D 286 32.82 -51.48 -54.29
CA GLU D 286 32.53 -50.77 -53.04
C GLU D 286 33.18 -49.38 -52.99
N VAL D 287 34.42 -49.28 -53.47
CA VAL D 287 35.14 -48.00 -53.48
C VAL D 287 34.64 -47.08 -54.60
N TYR D 288 34.29 -47.66 -55.74
CA TYR D 288 33.68 -46.88 -56.84
C TYR D 288 32.29 -46.37 -56.46
N GLU D 289 31.51 -47.21 -55.78
CA GLU D 289 30.21 -46.78 -55.24
C GLU D 289 30.39 -45.76 -54.11
N TYR D 290 31.47 -45.89 -53.34
CA TYR D 290 31.84 -44.92 -52.31
C TYR D 290 32.25 -43.59 -52.92
N ALA D 291 32.97 -43.65 -54.05
CA ALA D 291 33.35 -42.44 -54.80
C ALA D 291 32.11 -41.76 -55.40
N GLN D 292 31.16 -42.57 -55.86
CA GLN D 292 29.88 -42.07 -56.37
C GLN D 292 29.03 -41.47 -55.25
N LYS D 293 29.15 -42.02 -54.04
CA LYS D 293 28.41 -41.54 -52.88
C LYS D 293 28.86 -40.15 -52.45
N LEU D 294 30.18 -39.97 -52.35
CA LEU D 294 30.77 -38.69 -51.95
C LEU D 294 30.48 -37.60 -53.00
N GLY D 295 30.70 -37.93 -54.27
CA GLY D 295 30.44 -37.02 -55.37
C GLY D 295 31.53 -35.98 -55.54
N GLY D 296 31.13 -34.70 -55.53
CA GLY D 296 32.07 -33.59 -55.68
C GLY D 296 33.01 -33.41 -54.51
N GLU D 297 32.57 -33.86 -53.33
CA GLU D 297 33.38 -33.76 -52.10
C GLU D 297 34.70 -34.52 -52.21
N ALA D 298 34.69 -35.63 -52.94
CA ALA D 298 35.88 -36.49 -53.08
C ALA D 298 36.94 -35.95 -54.05
N GLY D 299 36.64 -34.86 -54.74
CA GLY D 299 37.57 -34.27 -55.71
C GLY D 299 38.87 -33.78 -55.11
N PHE D 300 38.77 -33.07 -53.99
CA PHE D 300 39.94 -32.50 -53.31
C PHE D 300 40.28 -33.26 -52.01
N TYR D 301 40.10 -34.57 -52.04
CA TYR D 301 40.38 -35.42 -50.87
C TYR D 301 41.88 -35.71 -50.70
N HIS D 302 42.65 -35.59 -51.77
CA HIS D 302 44.10 -35.76 -51.70
C HIS D 302 44.86 -34.44 -51.69
N ILE D 303 44.29 -33.41 -52.33
CA ILE D 303 44.86 -32.06 -52.31
C ILE D 303 44.80 -31.54 -50.88
N LEU D 304 43.60 -31.49 -50.32
CA LEU D 304 43.43 -31.42 -48.87
C LEU D 304 43.79 -32.82 -48.39
N ASN D 305 44.73 -32.97 -47.48
CA ASN D 305 45.10 -34.31 -47.00
C ASN D 305 44.01 -34.88 -46.09
N ASN D 306 42.91 -35.28 -46.72
CA ASN D 306 41.74 -35.79 -46.01
C ASN D 306 42.01 -37.22 -45.51
N PRO D 307 41.66 -37.50 -44.24
CA PRO D 307 41.77 -38.86 -43.68
C PRO D 307 41.08 -39.94 -44.52
N LYS D 308 39.96 -39.58 -45.15
CA LYS D 308 39.16 -40.51 -45.94
C LYS D 308 39.66 -40.66 -47.39
N ALA D 309 40.81 -40.06 -47.70
CA ALA D 309 41.42 -40.17 -49.03
C ALA D 309 41.98 -41.58 -49.30
N SER D 310 42.42 -42.25 -48.23
CA SER D 310 42.95 -43.61 -48.33
C SER D 310 41.88 -44.63 -48.71
N LEU D 311 40.62 -44.33 -48.42
CA LEU D 311 39.50 -45.21 -48.74
C LEU D 311 39.24 -45.30 -50.25
N LEU D 312 39.62 -44.27 -50.99
CA LEU D 312 39.42 -44.22 -52.44
C LEU D 312 40.51 -44.98 -53.23
N SER D 313 41.49 -45.55 -52.52
CA SER D 313 42.62 -46.23 -53.15
C SER D 313 42.22 -47.57 -53.77
N LEU D 314 42.66 -47.77 -55.02
CA LEU D 314 42.51 -49.07 -55.70
C LEU D 314 43.80 -49.89 -55.58
N THR D 315 44.86 -49.27 -55.07
CA THR D 315 46.16 -49.93 -54.92
C THR D 315 46.10 -51.16 -53.99
N GLN D 316 45.16 -51.14 -53.05
CA GLN D 316 44.90 -52.30 -52.19
C GLN D 316 44.50 -53.55 -52.97
N PHE D 317 44.06 -53.37 -54.21
CA PHE D 317 43.72 -54.47 -55.11
C PHE D 317 44.83 -54.64 -56.15
N PRO D 318 45.77 -55.57 -55.92
CA PRO D 318 46.94 -55.74 -56.80
C PRO D 318 46.61 -56.07 -58.26
N HIS D 319 45.67 -57.00 -58.46
CA HIS D 319 45.37 -57.52 -59.80
C HIS D 319 44.62 -56.52 -60.66
N PHE D 320 43.59 -55.90 -60.10
CA PHE D 320 42.80 -54.89 -60.81
C PHE D 320 43.64 -53.64 -61.12
N SER D 321 44.50 -53.25 -60.19
CA SER D 321 45.39 -52.11 -60.39
C SER D 321 46.37 -52.35 -61.55
N SER D 322 46.86 -53.58 -61.66
CA SER D 322 47.83 -53.94 -62.69
C SER D 322 47.26 -53.84 -64.11
N VAL D 323 46.09 -54.43 -64.31
CA VAL D 323 45.40 -54.37 -65.62
C VAL D 323 45.01 -52.94 -66.00
N VAL D 324 44.58 -52.16 -65.01
CA VAL D 324 44.22 -50.76 -65.23
C VAL D 324 45.46 -49.92 -65.56
N LEU D 325 46.56 -50.17 -64.85
CA LEU D 325 47.82 -49.45 -65.08
C LEU D 325 48.48 -49.94 -66.38
N GLY D 326 48.22 -51.19 -66.75
CA GLY D 326 48.69 -51.74 -68.02
C GLY D 326 47.93 -51.18 -69.21
N ASN D 327 46.60 -51.07 -69.07
CA ASN D 327 45.75 -50.48 -70.10
C ASN D 327 46.17 -49.04 -70.43
N ALA D 328 46.50 -48.28 -69.38
CA ALA D 328 46.99 -46.91 -69.54
C ALA D 328 48.34 -46.86 -70.27
N ALA D 329 49.19 -47.84 -69.99
CA ALA D 329 50.50 -47.94 -70.64
C ALA D 329 50.38 -48.33 -72.12
N GLY D 330 49.47 -49.24 -72.42
CA GLY D 330 49.25 -49.68 -73.80
C GLY D 330 48.61 -48.62 -74.68
N LEU D 331 47.64 -47.89 -74.12
CA LEU D 331 47.05 -46.74 -74.80
C LEU D 331 48.04 -45.57 -74.93
N GLY D 332 49.06 -45.56 -74.08
CA GLY D 332 50.12 -44.56 -74.15
C GLY D 332 49.71 -43.23 -73.57
N ILE D 333 49.08 -43.27 -72.39
CA ILE D 333 48.61 -42.06 -71.70
C ILE D 333 49.39 -41.76 -70.42
N MET D 334 49.99 -42.78 -69.81
CA MET D 334 50.84 -42.59 -68.63
C MET D 334 52.27 -42.25 -69.04
N GLY D 335 53.13 -42.01 -68.05
CA GLY D 335 54.53 -41.67 -68.29
C GLY D 335 54.76 -40.16 -68.17
N GLU D 336 55.59 -39.70 -67.22
CA GLU D 336 56.32 -40.53 -66.27
C GLU D 336 55.53 -40.63 -64.95
N TYR D 337 54.63 -41.60 -64.90
CA TYR D 337 53.80 -41.85 -63.72
C TYR D 337 54.51 -42.87 -62.84
N ARG D 338 54.75 -42.49 -61.58
CA ARG D 338 55.59 -43.30 -60.68
C ARG D 338 54.81 -44.40 -59.93
N GLY D 339 53.74 -44.90 -60.54
CA GLY D 339 52.99 -46.03 -60.00
C GLY D 339 53.51 -47.34 -60.57
N THR D 340 53.79 -48.30 -59.69
CA THR D 340 54.34 -49.59 -60.09
C THR D 340 53.30 -50.68 -59.91
N PRO D 341 53.11 -51.54 -60.94
CA PRO D 341 52.12 -52.62 -60.83
C PRO D 341 52.62 -53.75 -59.92
N ARG D 342 51.77 -54.20 -59.00
CA ARG D 342 52.12 -55.28 -58.09
C ARG D 342 52.23 -56.62 -58.83
N ASN D 343 51.29 -56.87 -59.74
CA ASN D 343 51.33 -58.03 -60.63
C ASN D 343 51.87 -57.60 -62.00
N GLN D 344 53.06 -58.09 -62.33
CA GLN D 344 53.75 -57.71 -63.58
C GLN D 344 53.18 -58.45 -64.79
N ASP D 345 52.76 -59.70 -64.60
CA ASP D 345 52.23 -60.52 -65.69
C ASP D 345 50.90 -59.99 -66.21
N LEU D 346 50.02 -59.56 -65.29
CA LEU D 346 48.75 -58.94 -65.64
C LEU D 346 48.94 -57.58 -66.31
N TYR D 347 49.96 -56.85 -65.87
CA TYR D 347 50.30 -55.54 -66.45
C TYR D 347 50.75 -55.68 -67.90
N ASP D 348 51.64 -56.63 -68.16
CA ASP D 348 52.16 -56.86 -69.51
C ASP D 348 51.10 -57.38 -70.47
N ALA D 349 50.21 -58.24 -69.96
CA ALA D 349 49.12 -58.79 -70.76
C ALA D 349 48.09 -57.72 -71.11
N ALA D 350 47.81 -56.84 -70.16
CA ALA D 350 46.89 -55.72 -70.37
C ALA D 350 47.49 -54.67 -71.33
N LYS D 351 48.79 -54.43 -71.19
CA LYS D 351 49.51 -53.51 -72.05
C LYS D 351 49.52 -54.00 -73.50
N ALA D 352 49.69 -55.32 -73.67
CA ALA D 352 49.74 -55.93 -75.00
C ALA D 352 48.40 -55.81 -75.73
N TYR D 353 47.31 -56.12 -75.04
CA TYR D 353 45.96 -56.02 -75.62
C TYR D 353 45.57 -54.56 -75.87
N ALA D 354 45.96 -53.68 -74.97
CA ALA D 354 45.68 -52.25 -75.09
C ALA D 354 46.37 -51.63 -76.32
N GLU D 355 47.56 -52.15 -76.65
CA GLU D 355 48.28 -51.73 -77.86
C GLU D 355 47.59 -52.23 -79.13
N GLN D 356 46.98 -53.42 -79.06
CA GLN D 356 46.23 -53.98 -80.19
C GLN D 356 44.91 -53.24 -80.42
N LEU D 357 44.33 -52.66 -79.37
CA LEU D 357 43.07 -51.91 -79.47
C LEU D 357 43.21 -50.62 -80.28
N LYS D 358 44.35 -49.95 -80.16
CA LYS D 358 44.57 -48.62 -80.75
C LYS D 358 45.19 -48.65 -82.16
N GLU D 359 45.07 -49.78 -82.87
CA GLU D 359 45.79 -49.97 -84.13
C GLU D 359 44.95 -49.55 -85.34
N ASN D 360 45.63 -49.03 -86.35
CA ASN D 360 45.04 -48.72 -87.66
C ASN D 360 43.98 -47.61 -87.61
N GLY D 361 42.70 -47.97 -87.71
CA GLY D 361 41.61 -46.99 -87.72
C GLY D 361 40.70 -47.14 -88.93
N VAL D 362 39.66 -47.96 -88.78
CA VAL D 362 38.67 -48.20 -89.85
C VAL D 362 37.37 -47.49 -89.50
N ILE D 363 36.62 -47.08 -90.52
CA ILE D 363 35.38 -46.33 -90.33
C ILE D 363 34.23 -47.28 -90.00
N ASN D 364 33.48 -46.95 -88.94
CA ASN D 364 32.28 -47.69 -88.56
C ASN D 364 31.04 -47.00 -89.12
N TYR D 365 30.44 -47.60 -90.14
CA TYR D 365 29.31 -46.98 -90.85
C TYR D 365 27.96 -47.25 -90.19
N SER D 366 27.91 -48.20 -89.25
CA SER D 366 26.69 -48.51 -88.51
C SER D 366 26.35 -47.44 -87.46
N VAL D 367 27.34 -46.64 -87.07
CA VAL D 367 27.14 -45.58 -86.09
C VAL D 367 26.31 -44.43 -86.67
N LEU D 368 26.62 -44.06 -87.91
CA LEU D 368 25.91 -42.97 -88.59
C LEU D 368 24.49 -43.42 -88.98
N ASP D 369 23.58 -42.46 -89.11
CA ASP D 369 22.19 -42.74 -89.49
C ASP D 369 22.04 -42.69 -91.01
N LEU D 370 22.85 -43.49 -91.70
CA LEU D 370 22.84 -43.54 -93.17
C LEU D 370 21.65 -44.34 -93.67
N THR D 371 20.97 -43.81 -94.69
CA THR D 371 19.77 -44.45 -95.24
C THR D 371 20.13 -45.27 -96.47
N ALA E 2 1.67 -72.41 -30.75
CA ALA E 2 2.50 -72.78 -31.94
C ALA E 2 3.95 -73.05 -31.55
N LEU E 3 4.65 -73.81 -32.38
CA LEU E 3 6.06 -74.13 -32.16
C LEU E 3 6.97 -73.03 -32.70
N SER E 4 6.39 -72.06 -33.41
CA SER E 4 7.14 -70.90 -33.90
C SER E 4 7.43 -69.90 -32.77
N LYS E 5 6.58 -69.90 -31.74
CA LYS E 5 6.70 -68.94 -30.64
C LYS E 5 7.79 -69.31 -29.64
N VAL E 6 8.05 -70.61 -29.46
CA VAL E 6 9.11 -71.06 -28.55
C VAL E 6 10.48 -70.59 -29.05
N LYS E 7 10.89 -69.42 -28.57
CA LYS E 7 12.15 -68.79 -28.96
C LYS E 7 12.63 -67.88 -27.85
N LEU E 8 13.90 -67.48 -27.91
CA LEU E 8 14.47 -66.59 -26.90
C LEU E 8 15.74 -65.90 -27.43
N ASN E 9 15.61 -64.60 -27.71
CA ASN E 9 16.72 -63.81 -28.23
C ASN E 9 17.65 -63.40 -27.09
N ASP E 10 18.58 -64.30 -26.75
CA ASP E 10 19.52 -64.05 -25.65
C ASP E 10 20.52 -62.96 -25.99
N THR E 11 20.97 -62.90 -27.25
CA THR E 11 21.94 -61.91 -27.68
C THR E 11 21.43 -60.48 -27.52
N LEU E 12 20.15 -60.26 -27.88
CA LEU E 12 19.52 -58.94 -27.77
C LEU E 12 19.18 -58.60 -26.33
N ASN E 13 18.79 -59.61 -25.55
CA ASN E 13 18.43 -59.43 -24.14
C ASN E 13 19.66 -59.16 -23.25
N LYS E 14 20.78 -59.81 -23.55
CA LYS E 14 22.04 -59.55 -22.86
C LYS E 14 22.50 -58.11 -23.07
N ASP E 15 22.35 -57.62 -24.30
CA ASP E 15 22.66 -56.22 -24.63
C ASP E 15 21.72 -55.26 -23.91
N GLN E 16 20.45 -55.63 -23.84
CA GLN E 16 19.43 -54.83 -23.14
C GLN E 16 19.70 -54.73 -21.64
N LEU E 17 20.26 -55.80 -21.06
CA LEU E 17 20.63 -55.80 -19.64
C LEU E 17 21.76 -54.82 -19.35
N LEU E 18 22.81 -54.88 -20.17
CA LEU E 18 24.00 -54.04 -19.98
C LEU E 18 23.76 -52.59 -20.37
N SER E 19 22.92 -52.37 -21.39
CA SER E 19 22.59 -51.01 -21.85
C SER E 19 21.73 -50.26 -20.83
N SER E 20 20.91 -50.98 -20.07
CA SER E 20 20.02 -50.37 -19.08
C SER E 20 20.49 -50.64 -17.65
N SER E 21 21.76 -50.37 -17.38
CA SER E 21 22.32 -50.52 -16.04
C SER E 21 21.95 -49.30 -15.21
N LYS E 22 21.45 -49.53 -14.00
CA LYS E 22 21.06 -48.45 -13.09
C LYS E 22 22.27 -47.83 -12.42
N TYR E 23 23.32 -48.65 -12.23
CA TYR E 23 24.51 -48.25 -11.47
C TYR E 23 25.75 -48.29 -12.35
N THR E 24 26.79 -47.58 -11.92
CA THR E 24 28.02 -47.45 -12.70
C THR E 24 29.26 -47.65 -11.84
N ILE E 25 30.28 -48.29 -12.42
CA ILE E 25 31.59 -48.41 -11.79
C ILE E 25 32.54 -47.38 -12.37
N GLN E 26 33.44 -46.85 -11.55
CA GLN E 26 34.42 -45.86 -11.98
C GLN E 26 35.80 -46.25 -11.49
N ARG E 27 36.66 -46.61 -12.44
CA ARG E 27 37.95 -47.23 -12.15
C ARG E 27 38.98 -46.20 -11.71
N SER E 28 39.90 -46.62 -10.86
CA SER E 28 40.93 -45.73 -10.31
C SER E 28 41.89 -45.28 -11.40
N THR E 29 41.63 -44.10 -11.94
CA THR E 29 42.51 -43.48 -12.94
C THR E 29 43.83 -43.09 -12.26
N GLY E 30 43.76 -42.76 -10.98
CA GLY E 30 44.94 -42.49 -10.16
C GLY E 30 44.79 -41.23 -9.32
N ASP E 31 45.91 -40.58 -9.05
CA ASP E 31 45.91 -39.34 -8.28
C ASP E 31 45.67 -38.13 -9.17
N SER E 32 46.25 -38.12 -10.36
CA SER E 32 46.10 -37.00 -11.30
C SER E 32 46.43 -37.37 -12.75
N ILE E 33 45.80 -36.66 -13.68
CA ILE E 33 46.09 -36.78 -15.11
C ILE E 33 46.36 -35.40 -15.68
N ASP E 34 47.41 -35.30 -16.52
CA ASP E 34 47.73 -34.05 -17.20
C ASP E 34 46.80 -33.86 -18.39
N THR E 35 46.04 -32.78 -18.38
CA THR E 35 45.09 -32.46 -19.45
C THR E 35 45.52 -31.16 -20.14
N PRO E 36 46.46 -31.26 -21.10
CA PRO E 36 46.94 -30.05 -21.79
C PRO E 36 45.91 -29.49 -22.77
N ASN E 37 45.93 -28.17 -22.93
CA ASN E 37 45.02 -27.49 -23.85
C ASN E 37 45.73 -27.16 -25.16
N TYR E 38 45.10 -26.34 -26.00
CA TYR E 38 45.62 -26.03 -27.33
C TYR E 38 46.85 -25.12 -27.29
N ASP E 39 46.98 -24.33 -26.23
CA ASP E 39 48.11 -23.40 -26.09
C ASP E 39 49.46 -24.10 -25.90
N VAL E 40 49.43 -25.30 -25.33
CA VAL E 40 50.66 -26.08 -25.08
C VAL E 40 50.99 -27.04 -26.23
N GLN E 41 49.98 -27.38 -27.03
CA GLN E 41 50.16 -28.29 -28.17
C GLN E 41 51.45 -28.02 -28.95
N LYS E 42 51.75 -26.74 -29.18
CA LYS E 42 52.92 -26.33 -29.96
C LYS E 42 54.23 -26.59 -29.21
N HIS E 43 54.19 -26.54 -27.88
CA HIS E 43 55.36 -26.85 -27.05
C HIS E 43 55.64 -28.36 -27.01
N ILE E 44 54.59 -29.17 -27.01
CA ILE E 44 54.72 -30.63 -26.99
C ILE E 44 55.25 -31.13 -28.34
N ASN E 45 54.79 -30.50 -29.42
CA ASN E 45 55.30 -30.78 -30.76
C ASN E 45 56.81 -30.54 -30.85
N LYS E 46 57.27 -29.48 -30.17
CA LYS E 46 58.69 -29.18 -30.08
C LYS E 46 59.42 -30.24 -29.27
N LEU E 47 58.80 -30.66 -28.16
CA LEU E 47 59.34 -31.73 -27.31
C LEU E 47 59.40 -33.05 -28.06
N CYS E 48 58.37 -33.32 -28.86
CA CYS E 48 58.36 -34.51 -29.73
C CYS E 48 59.45 -34.44 -30.79
N GLY E 49 59.70 -33.24 -31.31
CA GLY E 49 60.76 -33.02 -32.28
C GLY E 49 62.15 -33.23 -31.71
N MET E 50 62.35 -32.80 -30.46
CA MET E 50 63.63 -32.96 -29.77
C MET E 50 64.04 -34.43 -29.66
N LEU E 51 63.07 -35.29 -29.31
CA LEU E 51 63.31 -36.73 -29.24
C LEU E 51 63.62 -37.32 -30.61
N LEU E 52 63.01 -36.77 -31.67
CA LEU E 52 63.20 -37.26 -33.03
C LEU E 52 64.57 -36.90 -33.62
N ILE E 53 65.07 -35.71 -33.30
CA ILE E 53 66.39 -35.28 -33.80
C ILE E 53 67.55 -35.89 -33.00
N THR E 54 67.27 -36.35 -31.79
CA THR E 54 68.29 -36.94 -30.92
C THR E 54 68.71 -38.32 -31.43
N GLU E 55 70.01 -38.48 -31.71
CA GLU E 55 70.56 -39.76 -32.17
C GLU E 55 70.65 -40.73 -30.99
N ASP E 56 70.09 -41.91 -31.17
CA ASP E 56 69.99 -42.93 -30.10
C ASP E 56 69.30 -42.34 -28.87
N ALA E 57 68.08 -41.86 -29.06
CA ALA E 57 67.33 -41.17 -28.01
C ALA E 57 66.73 -42.14 -27.02
N ASN E 58 66.51 -41.65 -25.79
CA ASN E 58 65.85 -42.41 -24.75
C ASN E 58 64.34 -42.24 -24.84
N HIS E 59 63.68 -43.21 -25.48
CA HIS E 59 62.22 -43.19 -25.62
C HIS E 59 61.55 -43.94 -24.47
N LYS E 60 61.88 -43.54 -23.25
CA LYS E 60 61.25 -44.09 -22.05
C LYS E 60 59.94 -43.36 -21.77
N PHE E 61 59.89 -42.08 -22.12
CA PHE E 61 58.75 -41.22 -21.84
C PHE E 61 57.96 -40.81 -23.08
N THR E 62 58.37 -41.32 -24.25
CA THR E 62 57.76 -40.91 -25.52
C THR E 62 56.33 -41.40 -25.68
N GLY E 63 56.03 -42.55 -25.08
CA GLY E 63 54.65 -43.06 -25.04
C GLY E 63 53.75 -42.14 -24.25
N LEU E 64 54.27 -41.61 -23.15
CA LEU E 64 53.55 -40.64 -22.31
C LEU E 64 53.49 -39.27 -22.99
N ILE E 65 54.62 -38.84 -23.55
CA ILE E 65 54.69 -37.56 -24.28
C ILE E 65 53.80 -37.58 -25.53
N GLY E 66 53.68 -38.75 -26.16
CA GLY E 66 52.78 -38.93 -27.29
C GLY E 66 51.32 -38.71 -26.91
N MET E 67 50.92 -39.27 -25.76
CA MET E 67 49.56 -39.07 -25.25
C MET E 67 49.28 -37.61 -24.90
N LEU E 68 50.28 -36.91 -24.39
CA LEU E 68 50.15 -35.50 -24.07
C LEU E 68 49.90 -34.64 -25.32
N TYR E 69 50.51 -35.01 -26.44
CA TYR E 69 50.28 -34.32 -27.70
C TYR E 69 48.88 -34.60 -28.24
N ALA E 70 48.43 -35.85 -28.10
CA ALA E 70 47.09 -36.26 -28.52
C ALA E 70 46.01 -35.56 -27.70
N MET E 71 46.26 -35.41 -26.40
CA MET E 71 45.33 -34.71 -25.50
C MET E 71 45.35 -33.20 -25.72
N SER E 72 46.51 -32.65 -26.08
CA SER E 72 46.63 -31.22 -26.38
C SER E 72 45.90 -30.86 -27.68
N ARG E 73 45.89 -31.79 -28.63
CA ARG E 73 45.13 -31.62 -29.87
C ARG E 73 43.63 -31.65 -29.59
N LEU E 74 43.20 -32.54 -28.70
CA LEU E 74 41.81 -32.62 -28.27
C LEU E 74 41.40 -31.37 -27.49
N GLY E 75 42.23 -30.98 -26.53
CA GLY E 75 41.97 -29.83 -25.68
C GLY E 75 41.40 -30.23 -24.34
N ARG E 76 41.77 -29.48 -23.30
CA ARG E 76 41.41 -29.79 -21.91
C ARG E 76 39.93 -30.15 -21.73
N GLU E 77 39.05 -29.38 -22.35
CA GLU E 77 37.60 -29.62 -22.22
C GLU E 77 37.16 -30.96 -22.82
N ASP E 78 37.68 -31.29 -24.00
CA ASP E 78 37.32 -32.55 -24.67
C ASP E 78 37.94 -33.76 -23.99
N THR E 79 39.26 -33.73 -23.80
CA THR E 79 39.96 -34.87 -23.19
C THR E 79 39.45 -35.24 -21.79
N ILE E 80 38.97 -34.25 -21.03
CA ILE E 80 38.30 -34.52 -19.76
C ILE E 80 36.93 -35.18 -20.04
N LYS E 81 36.24 -34.68 -21.06
CA LYS E 81 34.94 -35.23 -21.46
C LYS E 81 35.04 -36.69 -21.93
N ILE E 82 36.14 -37.06 -22.59
CA ILE E 82 36.30 -38.43 -23.10
C ILE E 82 36.67 -39.40 -21.97
N LEU E 83 37.42 -38.92 -20.98
CA LEU E 83 37.75 -39.74 -19.81
C LEU E 83 36.52 -40.00 -18.93
N ARG E 84 35.69 -38.99 -18.75
CA ARG E 84 34.46 -39.13 -17.94
C ARG E 84 33.41 -40.00 -18.65
N ASP E 85 33.30 -39.87 -19.96
CA ASP E 85 32.40 -40.70 -20.75
C ASP E 85 32.85 -42.17 -20.78
N ALA E 86 34.16 -42.40 -20.72
CA ALA E 86 34.72 -43.74 -20.64
C ALA E 86 34.37 -44.42 -19.31
N GLY E 87 34.29 -43.63 -18.25
CA GLY E 87 33.95 -44.12 -16.92
C GLY E 87 35.13 -44.05 -15.97
N TYR E 88 35.69 -42.84 -15.82
CA TYR E 88 36.84 -42.61 -14.96
C TYR E 88 36.70 -41.29 -14.20
N HIS E 89 36.99 -41.32 -12.90
CA HIS E 89 37.09 -40.10 -12.09
C HIS E 89 38.44 -39.45 -12.36
N VAL E 90 38.43 -38.25 -12.95
CA VAL E 90 39.66 -37.59 -13.38
C VAL E 90 39.96 -36.33 -12.55
N LYS E 91 41.18 -36.31 -12.01
CA LYS E 91 41.72 -35.14 -11.31
C LYS E 91 42.56 -34.37 -12.32
N ALA E 92 41.94 -33.41 -12.99
CA ALA E 92 42.57 -32.72 -14.11
C ALA E 92 43.69 -31.78 -13.69
N ASN E 93 44.90 -32.07 -14.17
CA ASN E 93 46.05 -31.18 -13.98
C ASN E 93 46.26 -30.36 -15.24
N GLY E 94 46.36 -29.04 -15.08
CA GLY E 94 46.62 -28.14 -16.21
C GLY E 94 48.04 -28.32 -16.73
N VAL E 95 48.27 -27.87 -17.97
CA VAL E 95 49.60 -27.95 -18.59
C VAL E 95 49.89 -26.68 -19.38
N ASP E 96 50.99 -26.00 -19.03
CA ASP E 96 51.41 -24.73 -19.65
C ASP E 96 52.91 -24.54 -19.45
N VAL E 97 53.43 -23.37 -19.82
CA VAL E 97 54.87 -23.16 -19.93
C VAL E 97 55.42 -22.26 -18.82
N THR E 98 56.47 -22.72 -18.16
CA THR E 98 57.21 -21.93 -17.18
C THR E 98 58.72 -22.04 -17.45
N THR E 99 59.45 -20.97 -17.21
CA THR E 99 60.89 -20.92 -17.47
C THR E 99 61.67 -21.41 -16.24
N HIS E 100 62.41 -22.49 -16.40
CA HIS E 100 63.21 -23.07 -15.31
C HIS E 100 64.69 -22.75 -15.51
N ARG E 101 65.31 -22.21 -14.46
CA ARG E 101 66.73 -21.85 -14.49
C ARG E 101 67.57 -22.87 -13.72
N GLN E 102 68.52 -23.49 -14.40
CA GLN E 102 69.41 -24.48 -13.80
C GLN E 102 70.80 -24.37 -14.40
N ASP E 103 71.83 -24.54 -13.57
CA ASP E 103 73.22 -24.39 -13.99
C ASP E 103 73.86 -25.73 -14.39
N ILE E 104 73.73 -26.07 -15.67
CA ILE E 104 74.36 -27.27 -16.22
C ILE E 104 75.80 -26.95 -16.62
N ASN E 105 76.73 -27.77 -16.14
CA ASN E 105 78.17 -27.58 -16.40
C ASN E 105 78.71 -26.22 -15.97
N GLY E 106 78.18 -25.71 -14.85
CA GLY E 106 78.62 -24.42 -14.31
C GLY E 106 77.83 -23.23 -14.81
N LYS E 107 77.61 -23.18 -16.12
CA LYS E 107 76.92 -22.05 -16.76
C LYS E 107 75.42 -22.14 -16.52
N GLU E 108 74.82 -21.04 -16.06
CA GLU E 108 73.39 -20.98 -15.79
C GLU E 108 72.59 -20.93 -17.09
N MET E 109 71.66 -21.87 -17.25
CA MET E 109 70.90 -22.01 -18.49
C MET E 109 69.38 -21.94 -18.24
N LYS E 110 68.65 -21.38 -19.20
CA LYS E 110 67.20 -21.30 -19.15
C LYS E 110 66.56 -22.41 -19.95
N PHE E 111 65.41 -22.90 -19.49
CA PHE E 111 64.67 -23.96 -20.17
C PHE E 111 63.16 -23.75 -20.05
N GLU E 112 62.47 -23.76 -21.19
CA GLU E 112 61.01 -23.72 -21.20
C GLU E 112 60.48 -25.12 -20.97
N VAL E 113 59.87 -25.33 -19.79
CA VAL E 113 59.38 -26.65 -19.40
C VAL E 113 57.88 -26.65 -19.10
N LEU E 114 57.22 -27.75 -19.43
CA LEU E 114 55.83 -27.95 -19.04
C LEU E 114 55.78 -28.47 -17.62
N THR E 115 54.97 -27.83 -16.78
CA THR E 115 54.87 -28.22 -15.37
C THR E 115 53.88 -29.39 -15.24
N LEU E 116 54.34 -30.57 -15.67
CA LEU E 116 53.52 -31.77 -15.69
C LEU E 116 53.66 -32.57 -14.39
N ALA E 117 52.63 -33.35 -14.07
CA ALA E 117 52.65 -34.24 -12.92
C ALA E 117 53.34 -35.56 -13.27
N SER E 118 52.96 -36.14 -14.41
CA SER E 118 53.51 -37.41 -14.85
C SER E 118 54.97 -37.29 -15.31
N LEU E 119 55.33 -36.13 -15.85
CA LEU E 119 56.69 -35.88 -16.36
C LEU E 119 57.38 -34.82 -15.50
N THR E 120 58.56 -35.16 -14.97
CA THR E 120 59.31 -34.26 -14.10
C THR E 120 60.01 -33.18 -14.93
N THR E 121 60.22 -32.02 -14.32
CA THR E 121 60.98 -30.93 -14.96
C THR E 121 62.46 -31.26 -15.09
N GLU E 122 62.94 -32.21 -14.29
CA GLU E 122 64.34 -32.62 -14.32
C GLU E 122 64.65 -33.46 -15.55
N ILE E 123 63.69 -34.27 -15.99
CA ILE E 123 63.88 -35.14 -17.16
C ILE E 123 63.52 -34.40 -18.46
N GLN E 124 62.67 -33.38 -18.36
CA GLN E 124 62.30 -32.55 -19.52
C GLN E 124 63.49 -31.78 -20.07
N ILE E 125 64.29 -31.20 -19.18
CA ILE E 125 65.49 -30.46 -19.58
C ILE E 125 66.55 -31.38 -20.21
N ASN E 126 66.60 -32.64 -19.74
CA ASN E 126 67.53 -33.63 -20.29
C ASN E 126 67.18 -34.05 -21.72
N ILE E 127 65.90 -33.99 -22.06
CA ILE E 127 65.47 -34.23 -23.44
C ILE E 127 65.93 -33.09 -24.33
N GLU E 128 65.85 -31.86 -23.82
CA GLU E 128 66.32 -30.68 -24.55
C GLU E 128 67.84 -30.60 -24.60
N ILE E 129 68.51 -31.01 -23.52
CA ILE E 129 69.97 -31.02 -23.45
C ILE E 129 70.57 -31.99 -24.47
N GLU E 130 70.06 -33.22 -24.48
CA GLU E 130 70.56 -34.24 -25.40
C GLU E 130 70.22 -33.95 -26.87
N SER E 131 69.13 -33.21 -27.10
CA SER E 131 68.75 -32.79 -28.45
C SER E 131 69.66 -31.70 -28.98
N ARG E 132 70.08 -30.79 -28.10
CA ARG E 132 71.03 -29.73 -28.46
C ARG E 132 72.39 -30.28 -28.85
N LYS E 133 72.79 -31.38 -28.21
CA LYS E 133 74.04 -32.08 -28.55
C LYS E 133 73.96 -32.66 -29.97
N SER E 134 72.85 -33.32 -30.25
CA SER E 134 72.60 -33.90 -31.57
C SER E 134 72.35 -32.83 -32.64
N TYR E 135 71.80 -31.69 -32.22
CA TYR E 135 71.54 -30.58 -33.13
C TYR E 135 72.83 -29.93 -33.62
N LYS E 136 73.75 -29.67 -32.70
CA LYS E 136 75.04 -29.06 -33.07
C LYS E 136 75.93 -30.02 -33.85
N LYS E 137 75.78 -31.32 -33.57
CA LYS E 137 76.48 -32.35 -34.33
C LYS E 137 75.93 -32.42 -35.75
N MET E 138 74.60 -32.30 -35.85
CA MET E 138 73.93 -32.25 -37.15
C MET E 138 74.27 -30.96 -37.89
N LEU E 139 74.34 -29.85 -37.16
CA LEU E 139 74.71 -28.55 -37.74
C LEU E 139 76.15 -28.54 -38.24
N LYS E 140 77.01 -29.30 -37.56
CA LYS E 140 78.43 -29.39 -37.93
C LYS E 140 78.63 -30.23 -39.19
N GLU E 141 77.74 -31.18 -39.43
CA GLU E 141 77.86 -32.10 -40.56
C GLU E 141 77.34 -31.49 -41.87
N MET E 142 76.15 -30.90 -41.83
CA MET E 142 75.51 -30.35 -43.04
C MET E 142 75.50 -28.82 -43.10
N GLY E 143 76.16 -28.17 -42.14
CA GLY E 143 76.24 -26.70 -42.11
C GLY E 143 74.93 -26.05 -41.70
N GLU E 144 74.00 -25.98 -42.65
CA GLU E 144 72.67 -25.42 -42.41
C GLU E 144 71.63 -26.54 -42.40
N VAL E 145 70.89 -26.66 -41.30
CA VAL E 145 69.84 -27.67 -41.18
C VAL E 145 68.55 -27.16 -41.83
N ALA E 146 67.91 -28.02 -42.62
CA ALA E 146 66.69 -27.66 -43.34
C ALA E 146 65.46 -27.79 -42.44
N PRO E 147 64.31 -27.21 -42.87
CA PRO E 147 63.06 -27.34 -42.12
C PRO E 147 62.58 -28.77 -41.88
N GLU E 148 62.96 -29.69 -42.76
CA GLU E 148 62.55 -31.09 -42.65
C GLU E 148 63.27 -31.81 -41.50
N TYR E 149 64.57 -31.54 -41.37
CA TYR E 149 65.41 -32.25 -40.40
C TYR E 149 65.30 -31.70 -38.96
N ARG E 150 64.75 -30.51 -38.80
CA ARG E 150 64.72 -29.84 -37.49
C ARG E 150 63.49 -30.22 -36.65
N HIS E 151 63.59 -29.91 -35.36
CA HIS E 151 62.54 -30.21 -34.38
C HIS E 151 61.30 -29.31 -34.47
N ASP E 152 61.44 -28.16 -35.11
CA ASP E 152 60.35 -27.17 -35.19
C ASP E 152 59.22 -27.56 -36.15
N SER E 153 59.45 -28.56 -36.99
CA SER E 153 58.46 -29.01 -37.98
C SER E 153 57.16 -29.45 -37.29
N PRO E 154 56.00 -29.11 -37.91
CA PRO E 154 54.70 -29.48 -37.32
C PRO E 154 54.38 -30.98 -37.39
N ASP E 155 55.09 -31.71 -38.23
CA ASP E 155 54.88 -33.16 -38.38
C ASP E 155 55.36 -33.95 -37.16
N CYS E 156 56.42 -33.45 -36.52
CA CYS E 156 57.08 -34.14 -35.40
C CYS E 156 56.13 -34.84 -34.43
N GLY E 157 55.08 -34.13 -34.00
CA GLY E 157 54.12 -34.67 -33.05
C GLY E 157 53.32 -35.84 -33.60
N MET E 158 52.88 -35.72 -34.84
CA MET E 158 52.10 -36.78 -35.50
C MET E 158 52.99 -37.95 -35.94
N ILE E 159 54.25 -37.67 -36.23
CA ILE E 159 55.21 -38.73 -36.60
C ILE E 159 55.37 -39.75 -35.47
N ILE E 160 55.41 -39.26 -34.23
CA ILE E 160 55.46 -40.12 -33.05
C ILE E 160 54.14 -40.87 -32.85
N LEU E 161 53.02 -40.22 -33.16
CA LEU E 161 51.70 -40.85 -33.07
C LEU E 161 51.42 -41.83 -34.21
N CYS E 162 52.23 -41.79 -35.28
CA CYS E 162 52.07 -42.73 -36.40
C CYS E 162 52.38 -44.17 -35.98
N ILE E 163 53.48 -44.35 -35.24
CA ILE E 163 53.82 -45.68 -34.71
C ILE E 163 52.96 -46.05 -33.49
N ALA E 164 52.33 -45.06 -32.87
CA ALA E 164 51.32 -45.31 -31.85
C ALA E 164 50.09 -45.96 -32.46
N ALA E 165 49.74 -45.53 -33.68
CA ALA E 165 48.65 -46.15 -34.44
C ALA E 165 49.01 -47.56 -34.91
N LEU E 166 50.30 -47.81 -35.14
CA LEU E 166 50.78 -49.15 -35.46
C LEU E 166 50.75 -50.07 -34.23
N VAL E 167 51.04 -49.51 -33.06
CA VAL E 167 50.94 -50.25 -31.80
C VAL E 167 49.48 -50.59 -31.50
N ILE E 168 48.58 -49.63 -31.73
CA ILE E 168 47.15 -49.83 -31.49
C ILE E 168 46.56 -50.83 -32.49
N THR E 169 47.18 -50.93 -33.67
CA THR E 169 46.81 -51.90 -34.70
C THR E 169 47.05 -53.34 -34.23
N LYS E 170 48.11 -53.56 -33.46
CA LYS E 170 48.47 -54.90 -32.97
C LYS E 170 48.22 -55.08 -31.47
N LEU E 171 47.30 -54.32 -30.89
CA LEU E 171 46.93 -54.48 -29.49
C LEU E 171 45.96 -55.66 -29.27
N ALA E 172 45.33 -56.13 -30.33
CA ALA E 172 44.37 -57.23 -30.25
C ALA E 172 44.99 -58.50 -29.65
N ALA E 173 46.24 -58.78 -30.00
CA ALA E 173 46.98 -59.91 -29.45
C ALA E 173 47.15 -59.77 -27.95
N GLY E 174 47.56 -58.58 -27.51
CA GLY E 174 47.66 -58.26 -26.08
C GLY E 174 48.83 -58.90 -25.37
N ASP E 175 49.98 -58.97 -26.05
CA ASP E 175 51.21 -59.52 -25.45
C ASP E 175 52.50 -59.05 -26.14
N ARG E 176 52.46 -57.85 -26.74
CA ARG E 176 53.59 -57.29 -27.49
C ARG E 176 54.15 -58.23 -28.56
N SER E 177 53.31 -59.09 -29.12
CA SER E 177 53.74 -60.05 -30.13
C SER E 177 53.84 -59.39 -31.51
N GLY E 178 53.03 -58.36 -31.74
CA GLY E 178 53.03 -57.64 -33.01
C GLY E 178 54.18 -56.65 -33.19
N LEU E 179 54.96 -56.43 -32.13
CA LEU E 179 56.10 -55.51 -32.17
C LEU E 179 56.98 -55.68 -33.41
N THR E 180 57.19 -56.92 -33.84
CA THR E 180 57.97 -57.21 -35.04
C THR E 180 57.29 -56.64 -36.29
N ALA E 181 55.97 -56.79 -36.37
CA ALA E 181 55.18 -56.23 -37.47
C ALA E 181 55.06 -54.71 -37.40
N VAL E 182 55.06 -54.18 -36.17
CA VAL E 182 55.01 -52.73 -35.94
C VAL E 182 56.28 -52.05 -36.47
N ILE E 183 57.42 -52.67 -36.21
CA ILE E 183 58.71 -52.15 -36.69
C ILE E 183 58.83 -52.35 -38.20
N ARG E 184 58.38 -53.51 -38.68
CA ARG E 184 58.39 -53.84 -40.11
C ARG E 184 57.62 -52.81 -40.93
N ARG E 185 56.38 -52.55 -40.53
CA ARG E 185 55.53 -51.56 -41.20
C ARG E 185 56.09 -50.15 -41.04
N ALA E 186 56.64 -49.85 -39.87
CA ALA E 186 57.26 -48.54 -39.61
C ALA E 186 58.49 -48.27 -40.49
N ASN E 187 59.01 -49.31 -41.15
CA ASN E 187 60.07 -49.17 -42.14
C ASN E 187 59.53 -49.09 -43.57
N ASN E 188 58.47 -49.85 -43.85
CA ASN E 188 57.79 -49.79 -45.15
C ASN E 188 57.00 -48.49 -45.25
N VAL E 189 56.17 -48.24 -44.23
CA VAL E 189 55.50 -46.95 -44.06
C VAL E 189 56.53 -46.02 -43.43
N LEU E 190 56.29 -44.71 -43.52
CA LEU E 190 57.03 -43.75 -42.71
C LEU E 190 58.54 -43.73 -43.03
N LYS E 191 58.89 -44.18 -44.24
CA LYS E 191 60.30 -44.32 -44.63
C LYS E 191 60.98 -42.99 -44.88
N ASN E 192 60.24 -42.03 -45.46
CA ASN E 192 60.74 -40.67 -45.65
C ASN E 192 60.99 -39.96 -44.31
N GLU E 193 60.14 -40.27 -43.33
CA GLU E 193 60.23 -39.66 -42.00
C GLU E 193 61.48 -40.12 -41.23
N MET E 194 61.84 -41.40 -41.41
CA MET E 194 63.03 -41.97 -40.75
C MET E 194 64.34 -41.41 -41.30
N LYS E 195 64.33 -40.99 -42.57
CA LYS E 195 65.50 -40.36 -43.19
C LYS E 195 65.79 -39.00 -42.55
N ARG E 196 64.73 -38.23 -42.32
CA ARG E 196 64.85 -36.86 -41.82
C ARG E 196 64.89 -36.75 -40.29
N TYR E 197 64.80 -37.87 -39.59
CA TYR E 197 64.92 -37.89 -38.13
C TYR E 197 65.71 -39.11 -37.64
N LYS E 198 66.84 -38.86 -36.99
CA LYS E 198 67.71 -39.92 -36.48
C LYS E 198 67.05 -40.69 -35.33
N GLY E 199 66.30 -39.98 -34.49
CA GLY E 199 65.65 -40.56 -33.33
C GLY E 199 64.26 -41.14 -33.57
N LEU E 200 63.98 -41.53 -34.83
CA LEU E 200 62.76 -42.25 -35.15
C LEU E 200 63.08 -43.75 -35.06
N LEU E 201 63.03 -44.28 -33.85
CA LEU E 201 63.34 -45.68 -33.58
C LEU E 201 62.03 -46.45 -33.35
N PRO E 202 61.57 -47.21 -34.36
CA PRO E 202 60.30 -47.94 -34.23
C PRO E 202 60.22 -48.86 -33.01
N LYS E 203 61.30 -49.60 -32.74
CA LYS E 203 61.32 -50.54 -31.61
C LYS E 203 61.24 -49.81 -30.26
N ASP E 204 61.99 -48.72 -30.12
CA ASP E 204 62.05 -47.96 -28.87
C ASP E 204 60.75 -47.20 -28.58
N ILE E 205 60.16 -46.62 -29.62
CA ILE E 205 58.94 -45.83 -29.46
C ILE E 205 57.71 -46.73 -29.30
N ALA E 206 57.66 -47.83 -30.05
CA ALA E 206 56.54 -48.77 -29.97
C ALA E 206 56.44 -49.40 -28.58
N ASN E 207 57.59 -49.81 -28.03
CA ASN E 207 57.64 -50.34 -26.66
C ASN E 207 57.19 -49.33 -25.61
N SER E 208 57.43 -48.04 -25.88
CA SER E 208 56.99 -46.97 -24.98
C SER E 208 55.47 -46.85 -25.00
N PHE E 209 54.87 -46.92 -26.18
CA PHE E 209 53.41 -46.90 -26.33
C PHE E 209 52.78 -48.20 -25.82
N TYR E 210 53.45 -49.32 -26.03
CA TYR E 210 53.01 -50.59 -25.45
C TYR E 210 52.98 -50.53 -23.93
N GLU E 211 53.98 -49.85 -23.34
CA GLU E 211 54.09 -49.71 -21.90
C GLU E 211 53.00 -48.79 -21.33
N VAL E 212 52.76 -47.66 -21.98
CA VAL E 212 51.80 -46.66 -21.48
C VAL E 212 50.35 -47.14 -21.62
N PHE E 213 50.06 -47.92 -22.66
CA PHE E 213 48.72 -48.50 -22.82
C PHE E 213 48.47 -49.64 -21.83
N GLU E 214 49.52 -50.39 -21.52
CA GLU E 214 49.43 -51.47 -20.52
C GLU E 214 49.30 -50.92 -19.10
N LYS E 215 50.17 -49.97 -18.76
CA LYS E 215 50.17 -49.35 -17.42
C LYS E 215 48.94 -48.47 -17.21
N HIS E 216 48.49 -47.79 -18.28
CA HIS E 216 47.34 -46.90 -18.21
C HIS E 216 46.32 -47.27 -19.31
N PRO E 217 45.37 -48.17 -18.99
CA PRO E 217 44.32 -48.58 -19.93
C PRO E 217 43.37 -47.45 -20.37
N HIS E 218 43.28 -46.39 -19.57
CA HIS E 218 42.45 -45.23 -19.91
C HIS E 218 43.06 -44.41 -21.06
N PHE E 219 44.38 -44.45 -21.21
CA PHE E 219 45.05 -43.72 -22.30
C PHE E 219 44.85 -44.36 -23.68
N ILE E 220 44.50 -45.65 -23.71
CA ILE E 220 44.23 -46.33 -24.99
C ILE E 220 42.85 -45.88 -25.48
N ASP E 221 41.96 -45.61 -24.53
CA ASP E 221 40.64 -45.03 -24.83
C ASP E 221 40.78 -43.59 -25.30
N VAL E 222 41.75 -42.87 -24.73
CA VAL E 222 42.03 -41.49 -25.14
C VAL E 222 42.61 -41.43 -26.55
N PHE E 223 43.50 -42.37 -26.88
CA PHE E 223 44.13 -42.41 -28.20
C PHE E 223 43.15 -42.81 -29.31
N VAL E 224 42.30 -43.79 -29.03
CA VAL E 224 41.31 -44.26 -29.99
C VAL E 224 40.32 -43.15 -30.34
N HIS E 225 39.82 -42.45 -29.32
CA HIS E 225 38.89 -41.34 -29.54
C HIS E 225 39.58 -40.08 -30.09
N PHE E 226 40.89 -39.97 -29.88
CA PHE E 226 41.69 -38.95 -30.56
C PHE E 226 41.83 -39.28 -32.04
N GLY E 227 42.14 -40.55 -32.33
CA GLY E 227 42.31 -41.02 -33.70
C GLY E 227 41.06 -40.89 -34.54
N ILE E 228 39.91 -41.14 -33.93
CA ILE E 228 38.62 -40.98 -34.60
C ILE E 228 38.34 -39.49 -34.83
N ALA E 229 38.66 -38.67 -33.84
CA ALA E 229 38.52 -37.21 -33.96
C ALA E 229 39.51 -36.63 -34.96
N GLN E 230 40.72 -37.20 -35.01
CA GLN E 230 41.74 -36.82 -36.00
C GLN E 230 41.31 -37.22 -37.41
N SER E 231 40.72 -38.40 -37.53
CA SER E 231 40.25 -38.91 -38.82
C SER E 231 38.94 -38.26 -39.27
N SER E 232 38.29 -37.50 -38.38
CA SER E 232 37.06 -36.79 -38.72
C SER E 232 37.30 -35.40 -39.34
N THR E 233 38.57 -34.99 -39.42
CA THR E 233 38.90 -33.66 -39.94
C THR E 233 38.72 -33.57 -41.46
N ARG E 234 38.73 -32.34 -41.97
CA ARG E 234 38.48 -32.06 -43.39
C ARG E 234 39.74 -32.28 -44.23
N GLY E 235 40.91 -31.98 -43.65
CA GLY E 235 42.19 -32.16 -44.35
C GLY E 235 43.34 -31.53 -43.59
N GLY E 236 44.55 -32.08 -43.78
CA GLY E 236 45.74 -31.61 -43.07
C GLY E 236 47.02 -31.75 -43.88
N SER E 237 47.97 -32.53 -43.37
CA SER E 237 49.23 -32.81 -44.05
C SER E 237 49.34 -34.28 -44.41
N ARG E 238 50.36 -34.66 -45.18
CA ARG E 238 50.53 -36.05 -45.60
C ARG E 238 50.86 -36.98 -44.42
N VAL E 239 51.56 -36.44 -43.43
CA VAL E 239 51.88 -37.18 -42.20
C VAL E 239 50.61 -37.47 -41.39
N GLU E 240 49.66 -36.54 -41.43
CA GLU E 240 48.34 -36.77 -40.83
C GLU E 240 47.53 -37.76 -41.66
N GLY E 241 47.79 -37.79 -42.97
CA GLY E 241 47.26 -38.83 -43.85
C GLY E 241 47.83 -40.20 -43.55
N ILE E 242 49.09 -40.24 -43.14
CA ILE E 242 49.73 -41.49 -42.71
C ILE E 242 49.02 -42.02 -41.46
N PHE E 243 48.90 -41.16 -40.46
CA PHE E 243 48.25 -41.51 -39.20
C PHE E 243 46.82 -42.02 -39.41
N ALA E 244 46.06 -41.31 -40.24
CA ALA E 244 44.67 -41.66 -40.53
C ALA E 244 44.55 -43.03 -41.18
N GLY E 245 45.44 -43.32 -42.12
CA GLY E 245 45.47 -44.62 -42.80
C GLY E 245 45.92 -45.74 -41.88
N LEU E 246 46.97 -45.49 -41.10
CA LEU E 246 47.49 -46.48 -40.15
C LEU E 246 46.53 -46.72 -38.99
N PHE E 247 45.79 -45.69 -38.60
CA PHE E 247 44.80 -45.81 -37.52
C PHE E 247 43.60 -46.66 -37.95
N MET E 248 43.16 -46.47 -39.20
CA MET E 248 42.01 -47.22 -39.73
C MET E 248 42.34 -48.68 -40.08
N ASN E 249 43.64 -49.01 -40.13
CA ASN E 249 44.06 -50.40 -40.24
C ASN E 249 43.75 -51.18 -38.95
N ALA E 250 43.68 -50.46 -37.83
CA ALA E 250 43.31 -51.04 -36.55
C ALA E 250 41.83 -51.43 -36.49
N TYR E 251 40.99 -50.73 -37.27
CA TYR E 251 39.55 -51.04 -37.32
C TYR E 251 39.34 -52.51 -37.68
N GLY E 252 38.55 -53.21 -36.86
CA GLY E 252 38.28 -54.63 -37.07
C GLY E 252 39.35 -55.56 -36.53
N ALA E 253 40.24 -55.03 -35.69
CA ALA E 253 41.25 -55.85 -35.03
C ALA E 253 40.59 -56.67 -33.93
N GLY E 254 41.13 -57.86 -33.69
CA GLY E 254 40.57 -58.78 -32.71
C GLY E 254 39.30 -59.47 -33.18
N GLN E 255 39.04 -59.42 -34.49
CA GLN E 255 37.85 -60.02 -35.08
C GLN E 255 38.05 -60.25 -36.58
N VAL E 256 39.15 -60.90 -36.91
CA VAL E 256 39.50 -61.24 -38.30
C VAL E 256 38.67 -62.41 -38.82
N MET E 257 38.28 -63.32 -37.92
CA MET E 257 37.45 -64.46 -38.28
C MET E 257 36.10 -64.01 -38.82
N LEU E 258 35.65 -62.84 -38.38
CA LEU E 258 34.41 -62.23 -38.88
C LEU E 258 34.56 -61.83 -40.35
N ARG E 259 35.73 -61.29 -40.71
CA ARG E 259 36.00 -60.87 -42.09
C ARG E 259 36.29 -62.06 -43.01
N TRP E 260 37.03 -63.05 -42.49
CA TRP E 260 37.33 -64.26 -43.25
C TRP E 260 36.09 -65.14 -43.47
N GLY E 261 35.08 -64.99 -42.62
CA GLY E 261 33.81 -65.68 -42.79
C GLY E 261 33.03 -65.18 -43.99
N VAL E 262 33.13 -63.87 -44.26
CA VAL E 262 32.51 -63.26 -45.44
C VAL E 262 33.29 -63.65 -46.71
N LEU E 263 34.60 -63.83 -46.56
CA LEU E 263 35.46 -64.25 -47.68
C LEU E 263 35.12 -65.67 -48.13
N ALA E 264 34.94 -66.57 -47.17
CA ALA E 264 34.55 -67.96 -47.46
C ALA E 264 33.18 -68.02 -48.15
N LYS E 265 32.28 -67.11 -47.75
CA LYS E 265 30.97 -66.96 -48.36
C LYS E 265 31.09 -66.35 -49.77
N SER E 266 32.02 -65.41 -49.94
CA SER E 266 32.25 -64.76 -51.23
C SER E 266 32.84 -65.73 -52.26
N VAL E 267 33.88 -66.46 -51.86
CA VAL E 267 34.52 -67.44 -52.75
C VAL E 267 33.71 -68.73 -52.91
N LYS E 268 32.69 -68.91 -52.07
CA LYS E 268 31.79 -70.07 -52.15
C LYS E 268 32.52 -71.38 -51.85
N ASN E 269 33.06 -71.49 -50.65
CA ASN E 269 33.70 -72.73 -50.21
C ASN E 269 32.63 -73.79 -49.91
N ILE E 270 32.79 -74.96 -50.52
CA ILE E 270 31.77 -76.02 -50.48
C ILE E 270 31.51 -76.55 -49.06
N MET E 271 32.50 -76.50 -48.18
CA MET E 271 32.35 -77.02 -46.81
C MET E 271 31.46 -76.17 -45.90
N LEU E 272 31.06 -74.97 -46.37
CA LEU E 272 30.03 -74.17 -45.69
C LEU E 272 28.68 -74.87 -45.67
N GLY E 273 28.38 -75.62 -46.75
CA GLY E 273 27.13 -76.37 -46.85
C GLY E 273 27.11 -77.70 -46.11
N HIS E 274 28.19 -78.02 -45.40
CA HIS E 274 28.28 -79.25 -44.61
C HIS E 274 27.26 -79.26 -43.47
N ALA E 275 26.78 -80.45 -43.13
CA ALA E 275 25.67 -80.62 -42.18
C ALA E 275 25.91 -79.97 -40.81
N SER E 276 27.06 -80.28 -40.20
CA SER E 276 27.38 -79.75 -38.86
C SER E 276 27.65 -78.24 -38.88
N VAL E 277 28.07 -77.72 -40.04
CA VAL E 277 28.24 -76.28 -40.22
C VAL E 277 26.87 -75.60 -40.34
N GLN E 278 25.94 -76.26 -41.02
CA GLN E 278 24.58 -75.73 -41.21
C GLN E 278 23.75 -75.71 -39.92
N ALA E 279 24.11 -76.56 -38.96
CA ALA E 279 23.45 -76.57 -37.66
C ALA E 279 23.73 -75.29 -36.87
N GLU E 280 24.92 -74.72 -37.09
CA GLU E 280 25.36 -73.50 -36.41
C GLU E 280 24.87 -72.22 -37.11
N MET E 281 24.43 -72.34 -38.36
CA MET E 281 24.08 -71.19 -39.19
C MET E 281 23.01 -70.26 -38.61
N GLU E 282 22.12 -70.80 -37.78
CA GLU E 282 21.11 -69.98 -37.10
C GLU E 282 21.78 -69.01 -36.12
N GLN E 283 22.80 -69.49 -35.40
CA GLN E 283 23.47 -68.69 -34.37
C GLN E 283 24.61 -67.81 -34.90
N VAL E 284 25.25 -68.21 -35.99
CA VAL E 284 26.32 -67.41 -36.58
C VAL E 284 25.77 -66.15 -37.26
N VAL E 285 24.54 -66.25 -37.77
CA VAL E 285 23.86 -65.10 -38.37
C VAL E 285 23.52 -64.05 -37.30
N GLU E 286 23.20 -64.51 -36.09
CA GLU E 286 22.89 -63.61 -34.97
C GLU E 286 24.05 -62.67 -34.63
N VAL E 287 25.27 -63.21 -34.64
CA VAL E 287 26.47 -62.40 -34.33
C VAL E 287 26.86 -61.50 -35.51
N TYR E 288 26.66 -61.98 -36.75
CA TYR E 288 26.88 -61.13 -37.93
C TYR E 288 25.86 -60.01 -38.02
N GLU E 289 24.60 -60.31 -37.70
CA GLU E 289 23.56 -59.28 -37.61
C GLU E 289 23.82 -58.33 -36.44
N TYR E 290 24.40 -58.86 -35.36
CA TYR E 290 24.81 -58.05 -34.21
C TYR E 290 25.98 -57.13 -34.56
N ALA E 291 26.90 -57.64 -35.38
CA ALA E 291 28.01 -56.84 -35.88
C ALA E 291 27.52 -55.74 -36.83
N GLN E 292 26.51 -56.07 -37.64
CA GLN E 292 25.87 -55.10 -38.53
C GLN E 292 25.07 -54.04 -37.73
N LYS E 293 24.52 -54.45 -36.59
CA LYS E 293 23.75 -53.56 -35.72
C LYS E 293 24.65 -52.49 -35.09
N LEU E 294 25.78 -52.92 -34.53
CA LEU E 294 26.73 -52.01 -33.89
C LEU E 294 27.34 -51.05 -34.91
N GLY E 295 27.78 -51.60 -36.04
CA GLY E 295 28.35 -50.79 -37.12
C GLY E 295 29.79 -50.38 -36.84
N GLY E 296 30.05 -49.08 -36.91
CA GLY E 296 31.38 -48.54 -36.68
C GLY E 296 31.85 -48.68 -35.23
N GLU E 297 30.90 -48.74 -34.31
CA GLU E 297 31.20 -48.88 -32.88
C GLU E 297 31.97 -50.16 -32.56
N ALA E 298 31.69 -51.23 -33.31
CA ALA E 298 32.31 -52.54 -33.08
C ALA E 298 33.76 -52.66 -33.60
N GLY E 299 34.24 -51.63 -34.28
CA GLY E 299 35.59 -51.65 -34.85
C GLY E 299 36.70 -51.74 -33.81
N PHE E 300 36.58 -50.93 -32.75
CA PHE E 300 37.59 -50.88 -31.69
C PHE E 300 37.08 -51.54 -30.40
N TYR E 301 36.35 -52.65 -30.55
CA TYR E 301 35.80 -53.39 -29.41
C TYR E 301 36.83 -54.30 -28.74
N HIS E 302 37.89 -54.68 -29.48
CA HIS E 302 38.97 -55.49 -28.92
C HIS E 302 40.20 -54.67 -28.58
N ILE E 303 40.43 -53.58 -29.33
CA ILE E 303 41.51 -52.65 -29.04
C ILE E 303 41.24 -51.98 -27.68
N LEU E 304 40.09 -51.32 -27.57
CA LEU E 304 39.52 -51.02 -26.26
C LEU E 304 39.01 -52.37 -25.78
N ASN E 305 39.40 -52.81 -24.60
CA ASN E 305 38.92 -54.11 -24.10
C ASN E 305 37.46 -54.02 -23.66
N ASN E 306 36.57 -53.94 -24.64
CA ASN E 306 35.14 -53.77 -24.42
C ASN E 306 34.54 -55.09 -23.93
N PRO E 307 33.71 -55.04 -22.87
CA PRO E 307 33.00 -56.23 -22.39
C PRO E 307 32.21 -56.97 -23.47
N LYS E 308 31.64 -56.22 -24.41
CA LYS E 308 30.80 -56.78 -25.48
C LYS E 308 31.62 -57.31 -26.67
N ALA E 309 32.95 -57.32 -26.55
CA ALA E 309 33.83 -57.85 -27.58
C ALA E 309 33.71 -59.37 -27.72
N SER E 310 33.42 -60.05 -26.61
CA SER E 310 33.25 -61.50 -26.60
C SER E 310 32.02 -61.96 -27.37
N LEU E 311 31.03 -61.08 -27.51
CA LEU E 311 29.80 -61.39 -28.25
C LEU E 311 30.03 -61.52 -29.76
N LEU E 312 31.07 -60.87 -30.27
CA LEU E 312 31.40 -60.91 -31.70
C LEU E 312 32.21 -62.16 -32.10
N SER E 313 32.51 -63.02 -31.14
CA SER E 313 33.33 -64.21 -31.38
C SER E 313 32.58 -65.28 -32.17
N LEU E 314 33.26 -65.81 -33.19
CA LEU E 314 32.76 -66.97 -33.95
C LEU E 314 33.40 -68.27 -33.45
N THR E 315 34.39 -68.15 -32.57
CA THR E 315 35.10 -69.31 -32.01
C THR E 315 34.17 -70.25 -31.24
N GLN E 316 33.10 -69.70 -30.66
CA GLN E 316 32.06 -70.50 -30.01
C GLN E 316 31.40 -71.53 -30.96
N PHE E 317 31.51 -71.29 -32.26
CA PHE E 317 31.02 -72.21 -33.28
C PHE E 317 32.20 -73.00 -33.89
N PRO E 318 32.45 -74.22 -33.40
CA PRO E 318 33.61 -75.01 -33.84
C PRO E 318 33.66 -75.32 -35.33
N HIS E 319 32.54 -75.72 -35.90
CA HIS E 319 32.50 -76.20 -37.29
C HIS E 319 32.63 -75.07 -38.30
N PHE E 320 31.88 -73.98 -38.09
CA PHE E 320 31.95 -72.82 -38.97
C PHE E 320 33.31 -72.14 -38.91
N SER E 321 33.89 -72.08 -37.72
CA SER E 321 35.23 -71.50 -37.54
C SER E 321 36.30 -72.29 -38.31
N SER E 322 36.16 -73.61 -38.31
CA SER E 322 37.13 -74.49 -38.98
C SER E 322 37.17 -74.31 -40.48
N VAL E 323 36.00 -74.31 -41.11
CA VAL E 323 35.88 -74.10 -42.56
C VAL E 323 36.36 -72.71 -42.99
N VAL E 324 36.05 -71.70 -42.16
CA VAL E 324 36.48 -70.33 -42.41
C VAL E 324 37.99 -70.20 -42.26
N LEU E 325 38.55 -70.83 -41.22
CA LEU E 325 39.99 -70.80 -40.97
C LEU E 325 40.73 -71.67 -41.98
N GLY E 326 40.06 -72.71 -42.48
CA GLY E 326 40.60 -73.56 -43.55
C GLY E 326 40.62 -72.85 -44.89
N ASN E 327 39.54 -72.14 -45.20
CA ASN E 327 39.44 -71.34 -46.42
C ASN E 327 40.56 -70.29 -46.51
N ALA E 328 40.86 -69.66 -45.38
CA ALA E 328 41.95 -68.69 -45.29
C ALA E 328 43.32 -69.34 -45.51
N ALA E 329 43.47 -70.57 -45.02
CA ALA E 329 44.71 -71.33 -45.18
C ALA E 329 44.92 -71.77 -46.63
N GLY E 330 43.84 -72.22 -47.28
CA GLY E 330 43.90 -72.66 -48.67
C GLY E 330 44.16 -71.53 -49.65
N LEU E 331 43.53 -70.39 -49.41
CA LEU E 331 43.79 -69.17 -50.19
C LEU E 331 45.19 -68.60 -49.91
N GLY E 332 45.76 -68.96 -48.75
CA GLY E 332 47.12 -68.57 -48.41
C GLY E 332 47.19 -67.13 -47.93
N ILE E 333 46.28 -66.76 -47.04
CA ILE E 333 46.23 -65.41 -46.48
C ILE E 333 46.53 -65.34 -44.98
N MET E 334 46.45 -66.47 -44.29
CA MET E 334 46.84 -66.55 -42.87
C MET E 334 48.32 -66.95 -42.75
N GLY E 335 48.80 -67.00 -41.51
CA GLY E 335 50.20 -67.36 -41.23
C GLY E 335 51.05 -66.13 -40.97
N GLU E 336 51.62 -65.97 -39.77
CA GLU E 336 51.54 -66.94 -38.66
C GLU E 336 50.42 -66.52 -37.71
N TYR E 337 49.20 -66.95 -38.03
CA TYR E 337 48.02 -66.65 -37.22
C TYR E 337 47.85 -67.78 -36.21
N ARG E 338 47.80 -67.43 -34.93
CA ARG E 338 47.82 -68.41 -33.83
C ARG E 338 46.43 -68.95 -33.46
N GLY E 339 45.51 -68.97 -34.43
CA GLY E 339 44.19 -69.55 -34.23
C GLY E 339 44.19 -71.01 -34.67
N THR E 340 43.68 -71.88 -33.81
CA THR E 340 43.66 -73.32 -34.06
C THR E 340 42.22 -73.79 -34.32
N PRO E 341 42.01 -74.57 -35.39
CA PRO E 341 40.66 -75.08 -35.67
C PRO E 341 40.24 -76.18 -34.72
N ARG E 342 39.03 -76.07 -34.17
CA ARG E 342 38.51 -77.09 -33.26
C ARG E 342 38.21 -78.41 -33.99
N ASN E 343 37.65 -78.30 -35.18
CA ASN E 343 37.42 -79.46 -36.06
C ASN E 343 38.51 -79.50 -37.14
N GLN E 344 39.38 -80.50 -37.07
CA GLN E 344 40.51 -80.62 -37.98
C GLN E 344 40.11 -81.16 -39.36
N ASP E 345 39.10 -82.04 -39.38
CA ASP E 345 38.65 -82.65 -40.63
C ASP E 345 37.96 -81.63 -41.55
N LEU E 346 37.14 -80.75 -40.95
CA LEU E 346 36.50 -79.67 -41.70
C LEU E 346 37.52 -78.62 -42.18
N TYR E 347 38.56 -78.40 -41.38
CA TYR E 347 39.64 -77.47 -41.73
C TYR E 347 40.42 -77.95 -42.95
N ASP E 348 40.79 -79.24 -42.94
CA ASP E 348 41.56 -79.83 -44.03
C ASP E 348 40.75 -79.92 -45.33
N ALA E 349 39.45 -80.21 -45.21
CA ALA E 349 38.55 -80.29 -46.35
C ALA E 349 38.32 -78.91 -46.98
N ALA E 350 38.21 -77.89 -46.14
CA ALA E 350 38.04 -76.51 -46.58
C ALA E 350 39.33 -75.98 -47.22
N LYS E 351 40.47 -76.34 -46.63
CA LYS E 351 41.78 -75.96 -47.15
C LYS E 351 42.02 -76.57 -48.53
N ALA E 352 41.60 -77.82 -48.71
CA ALA E 352 41.79 -78.52 -49.98
C ALA E 352 40.99 -77.89 -51.11
N TYR E 353 39.72 -77.58 -50.85
CA TYR E 353 38.84 -76.95 -51.84
C TYR E 353 39.30 -75.51 -52.13
N ALA E 354 39.73 -74.81 -51.09
CA ALA E 354 40.22 -73.43 -51.24
C ALA E 354 41.48 -73.35 -52.12
N GLU E 355 42.32 -74.39 -52.05
CA GLU E 355 43.49 -74.50 -52.91
C GLU E 355 43.10 -74.76 -54.38
N GLN E 356 42.03 -75.51 -54.58
CA GLN E 356 41.51 -75.80 -55.92
C GLN E 356 40.85 -74.57 -56.57
N LEU E 357 40.31 -73.68 -55.75
CA LEU E 357 39.66 -72.45 -56.24
C LEU E 357 40.64 -71.47 -56.88
N LYS E 358 41.86 -71.40 -56.34
CA LYS E 358 42.85 -70.39 -56.75
C LYS E 358 43.81 -70.87 -57.84
N GLU E 359 43.43 -71.88 -58.61
CA GLU E 359 44.34 -72.52 -59.56
C GLU E 359 44.20 -71.92 -60.96
N ASN E 360 45.34 -71.83 -61.67
CA ASN E 360 45.39 -71.44 -63.08
C ASN E 360 45.02 -69.97 -63.33
N GLY E 361 43.80 -69.71 -63.84
CA GLY E 361 43.36 -68.36 -64.17
C GLY E 361 42.96 -68.21 -65.62
N VAL E 362 41.69 -68.48 -65.92
CA VAL E 362 41.14 -68.36 -67.26
C VAL E 362 40.27 -67.10 -67.35
N ILE E 363 40.21 -66.52 -68.55
CA ILE E 363 39.49 -65.26 -68.75
C ILE E 363 37.99 -65.51 -68.90
N ASN E 364 37.19 -64.79 -68.11
CA ASN E 364 35.73 -64.86 -68.20
C ASN E 364 35.22 -63.74 -69.12
N TYR E 365 34.79 -64.11 -70.32
CA TYR E 365 34.37 -63.13 -71.33
C TYR E 365 32.92 -62.67 -71.19
N SER E 366 32.13 -63.38 -70.38
CA SER E 366 30.74 -63.01 -70.12
C SER E 366 30.61 -61.81 -69.20
N VAL E 367 31.68 -61.50 -68.45
CA VAL E 367 31.69 -60.36 -67.53
C VAL E 367 31.74 -59.04 -68.30
N LEU E 368 32.56 -58.99 -69.35
CA LEU E 368 32.70 -57.79 -70.17
C LEU E 368 31.46 -57.58 -71.02
N ASP E 369 31.21 -56.33 -71.41
CA ASP E 369 30.07 -55.99 -72.25
C ASP E 369 30.46 -56.05 -73.74
N LEU E 370 30.98 -57.20 -74.15
CA LEU E 370 31.43 -57.41 -75.53
C LEU E 370 30.23 -57.62 -76.46
N THR E 371 30.25 -56.95 -77.60
CA THR E 371 29.15 -57.03 -78.56
C THR E 371 29.45 -58.08 -79.62
N ALA F 2 -19.87 -66.08 -25.83
CA ALA F 2 -18.97 -66.92 -26.68
C ALA F 2 -18.03 -67.77 -25.82
N LEU F 3 -17.54 -68.86 -26.41
CA LEU F 3 -16.60 -69.75 -25.73
C LEU F 3 -15.16 -69.26 -25.87
N SER F 4 -14.95 -68.22 -26.67
CA SER F 4 -13.63 -67.59 -26.81
C SER F 4 -13.30 -66.72 -25.59
N LYS F 5 -14.34 -66.20 -24.92
CA LYS F 5 -14.15 -65.30 -23.79
C LYS F 5 -13.77 -66.00 -22.49
N VAL F 6 -14.21 -67.26 -22.32
CA VAL F 6 -13.86 -68.03 -21.13
C VAL F 6 -12.34 -68.30 -21.09
N LYS F 7 -11.62 -67.39 -20.45
CA LYS F 7 -10.16 -67.45 -20.36
C LYS F 7 -9.70 -66.73 -19.09
N LEU F 8 -8.46 -66.96 -18.70
CA LEU F 8 -7.90 -66.33 -17.50
C LEU F 8 -6.37 -66.35 -17.54
N ASN F 9 -5.77 -65.19 -17.76
CA ASN F 9 -4.32 -65.06 -17.84
C ASN F 9 -3.73 -65.00 -16.42
N ASP F 10 -3.50 -66.16 -15.83
CA ASP F 10 -2.98 -66.26 -14.47
C ASP F 10 -1.52 -65.78 -14.38
N THR F 11 -0.73 -66.07 -15.41
CA THR F 11 0.68 -65.70 -15.44
C THR F 11 0.88 -64.17 -15.38
N LEU F 12 0.05 -63.45 -16.13
CA LEU F 12 0.12 -61.98 -16.17
C LEU F 12 -0.48 -61.36 -14.92
N ASN F 13 -1.53 -61.99 -14.37
CA ASN F 13 -2.19 -61.50 -13.16
C ASN F 13 -1.36 -61.72 -11.89
N LYS F 14 -0.64 -62.84 -11.83
CA LYS F 14 0.28 -63.11 -10.72
C LYS F 14 1.40 -62.07 -10.69
N ASP F 15 1.92 -61.72 -11.87
CA ASP F 15 2.94 -60.67 -12.00
C ASP F 15 2.38 -59.31 -11.58
N GLN F 16 1.14 -59.04 -11.98
CA GLN F 16 0.46 -57.79 -11.63
C GLN F 16 0.24 -57.65 -10.12
N LEU F 17 0.00 -58.77 -9.45
CA LEU F 17 -0.16 -58.78 -7.99
C LEU F 17 1.14 -58.40 -7.28
N LEU F 18 2.24 -59.03 -7.69
CA LEU F 18 3.54 -58.81 -7.06
C LEU F 18 4.15 -57.46 -7.43
N SER F 19 3.88 -57.00 -8.66
CA SER F 19 4.39 -55.71 -9.14
C SER F 19 3.72 -54.54 -8.43
N SER F 20 2.45 -54.70 -8.04
CA SER F 20 1.68 -53.64 -7.38
C SER F 20 1.47 -53.95 -5.90
N SER F 21 2.56 -54.25 -5.19
CA SER F 21 2.51 -54.49 -3.75
C SER F 21 2.50 -53.15 -3.02
N LYS F 22 1.58 -52.99 -2.07
CA LYS F 22 1.46 -51.75 -1.31
C LYS F 22 2.54 -51.68 -0.23
N TYR F 23 2.96 -52.85 0.26
CA TYR F 23 3.88 -52.95 1.40
C TYR F 23 5.18 -53.65 1.00
N THR F 24 6.22 -53.45 1.79
CA THR F 24 7.54 -53.99 1.50
C THR F 24 8.20 -54.63 2.72
N ILE F 25 8.90 -55.73 2.50
CA ILE F 25 9.71 -56.37 3.53
C ILE F 25 11.17 -55.96 3.35
N GLN F 26 11.88 -55.80 4.48
CA GLN F 26 13.28 -55.39 4.47
C GLN F 26 14.09 -56.32 5.37
N ARG F 27 14.92 -57.15 4.74
CA ARG F 27 15.60 -58.24 5.43
C ARG F 27 16.79 -57.75 6.24
N SER F 28 17.08 -58.45 7.34
CA SER F 28 18.15 -58.06 8.25
C SER F 28 19.51 -58.23 7.59
N THR F 29 20.02 -57.13 7.05
CA THR F 29 21.35 -57.11 6.45
C THR F 29 22.41 -57.29 7.54
N GLY F 30 22.09 -56.82 8.75
CA GLY F 30 22.95 -57.02 9.92
C GLY F 30 23.12 -55.74 10.71
N ASP F 31 24.25 -55.65 11.42
CA ASP F 31 24.57 -54.46 12.21
C ASP F 31 25.24 -53.38 11.36
N SER F 32 26.11 -53.79 10.44
CA SER F 32 26.82 -52.84 9.58
C SER F 32 27.39 -53.49 8.32
N ILE F 33 27.49 -52.71 7.25
CA ILE F 33 28.15 -53.10 6.01
C ILE F 33 29.21 -52.07 5.64
N ASP F 34 30.38 -52.54 5.23
CA ASP F 34 31.45 -51.68 4.76
C ASP F 34 31.16 -51.23 3.33
N THR F 35 31.04 -49.91 3.15
CA THR F 35 30.77 -49.33 1.84
C THR F 35 31.95 -48.47 1.40
N PRO F 36 32.99 -49.09 0.82
CA PRO F 36 34.17 -48.32 0.40
C PRO F 36 33.91 -47.47 -0.83
N ASN F 37 34.60 -46.33 -0.91
CA ASN F 37 34.48 -45.41 -2.04
C ASN F 37 35.64 -45.60 -3.01
N TYR F 38 35.78 -44.68 -3.98
CA TYR F 38 36.79 -44.81 -5.03
C TYR F 38 38.22 -44.56 -4.51
N ASP F 39 38.33 -43.78 -3.43
CA ASP F 39 39.64 -43.46 -2.86
C ASP F 39 40.38 -44.66 -2.26
N VAL F 40 39.60 -45.65 -1.80
CA VAL F 40 40.17 -46.86 -1.19
C VAL F 40 40.37 -47.99 -2.21
N GLN F 41 39.64 -47.94 -3.32
CA GLN F 41 39.74 -48.95 -4.38
C GLN F 41 41.19 -49.39 -4.66
N LYS F 42 42.10 -48.42 -4.69
CA LYS F 42 43.51 -48.69 -5.01
C LYS F 42 44.22 -49.43 -3.87
N HIS F 43 43.77 -49.22 -2.63
CA HIS F 43 44.31 -49.93 -1.47
C HIS F 43 43.82 -51.38 -1.42
N ILE F 44 42.58 -51.61 -1.81
CA ILE F 44 42.00 -52.97 -1.82
C ILE F 44 42.63 -53.80 -2.94
N ASN F 45 42.91 -53.16 -4.08
CA ASN F 45 43.63 -53.81 -5.18
C ASN F 45 45.01 -54.29 -4.73
N LYS F 46 45.66 -53.49 -3.89
CA LYS F 46 46.95 -53.86 -3.30
C LYS F 46 46.77 -55.03 -2.34
N LEU F 47 45.71 -54.99 -1.54
CA LEU F 47 45.38 -56.08 -0.61
C LEU F 47 45.05 -57.37 -1.36
N CYS F 48 44.35 -57.24 -2.49
CA CYS F 48 44.06 -58.38 -3.37
C CYS F 48 45.34 -58.93 -3.98
N GLY F 49 46.27 -58.04 -4.33
CA GLY F 49 47.57 -58.44 -4.87
C GLY F 49 48.43 -59.19 -3.86
N MET F 50 48.39 -58.76 -2.61
CA MET F 50 49.14 -59.41 -1.53
C MET F 50 48.75 -60.88 -1.36
N LEU F 51 47.45 -61.15 -1.41
CA LEU F 51 46.94 -62.53 -1.35
C LEU F 51 47.38 -63.36 -2.56
N LEU F 52 47.46 -62.71 -3.72
CA LEU F 52 47.84 -63.39 -4.96
C LEU F 52 49.33 -63.74 -5.04
N ILE F 53 50.19 -62.88 -4.50
CA ILE F 53 51.64 -63.17 -4.50
C ILE F 53 52.05 -64.14 -3.39
N THR F 54 51.20 -64.28 -2.36
CA THR F 54 51.49 -65.18 -1.24
C THR F 54 51.36 -66.65 -1.65
N GLU F 55 52.44 -67.40 -1.47
CA GLU F 55 52.44 -68.83 -1.78
C GLU F 55 51.69 -69.60 -0.70
N ASP F 56 50.72 -70.41 -1.13
CA ASP F 56 49.82 -71.14 -0.21
C ASP F 56 49.12 -70.16 0.75
N ALA F 57 48.41 -69.21 0.16
CA ALA F 57 47.77 -68.13 0.93
C ALA F 57 46.50 -68.60 1.62
N ASN F 58 46.16 -67.92 2.71
CA ASN F 58 44.92 -68.17 3.43
C ASN F 58 43.77 -67.34 2.82
N HIS F 59 42.99 -67.97 1.95
CA HIS F 59 41.85 -67.31 1.31
C HIS F 59 40.57 -67.51 2.12
N LYS F 60 40.63 -67.20 3.42
CA LYS F 60 39.46 -67.26 4.29
C LYS F 60 38.63 -65.99 4.14
N PHE F 61 39.31 -64.88 3.87
CA PHE F 61 38.68 -63.55 3.79
C PHE F 61 38.64 -62.98 2.38
N THR F 62 39.11 -63.75 1.39
CA THR F 62 39.22 -63.25 0.01
C THR F 62 37.86 -63.05 -0.65
N GLY F 63 36.87 -63.87 -0.25
CA GLY F 63 35.50 -63.69 -0.70
C GLY F 63 34.92 -62.37 -0.21
N LEU F 64 35.25 -62.01 1.02
CA LEU F 64 34.84 -60.73 1.61
C LEU F 64 35.65 -59.57 1.03
N ILE F 65 36.96 -59.76 0.91
CA ILE F 65 37.86 -58.76 0.32
C ILE F 65 37.51 -58.51 -1.16
N GLY F 66 37.09 -59.56 -1.86
CA GLY F 66 36.63 -59.44 -3.24
C GLY F 66 35.42 -58.54 -3.37
N MET F 67 34.45 -58.71 -2.46
CA MET F 67 33.25 -57.87 -2.44
C MET F 67 33.59 -56.41 -2.14
N LEU F 68 34.58 -56.19 -1.27
CA LEU F 68 35.02 -54.83 -0.93
C LEU F 68 35.62 -54.11 -2.14
N TYR F 69 36.31 -54.85 -3.00
CA TYR F 69 36.86 -54.27 -4.23
C TYR F 69 35.75 -53.95 -5.24
N ALA F 70 34.76 -54.84 -5.33
CA ALA F 70 33.60 -54.63 -6.20
C ALA F 70 32.78 -53.42 -5.75
N MET F 71 32.63 -53.26 -4.44
CA MET F 71 31.90 -52.12 -3.88
C MET F 71 32.68 -50.82 -3.99
N SER F 72 34.01 -50.90 -3.91
CA SER F 72 34.88 -49.73 -4.08
C SER F 72 34.88 -49.23 -5.52
N ARG F 73 34.75 -50.16 -6.47
CA ARG F 73 34.59 -49.80 -7.88
C ARG F 73 33.26 -49.10 -8.14
N LEU F 74 32.20 -49.60 -7.49
CA LEU F 74 30.88 -48.97 -7.58
C LEU F 74 30.88 -47.60 -6.91
N GLY F 75 31.41 -47.53 -5.69
CA GLY F 75 31.47 -46.29 -4.93
C GLY F 75 30.37 -46.23 -3.88
N ARG F 76 30.69 -45.64 -2.73
CA ARG F 76 29.79 -45.58 -1.58
C ARG F 76 28.35 -45.21 -1.94
N GLU F 77 28.19 -44.18 -2.77
CA GLU F 77 26.86 -43.72 -3.18
C GLU F 77 26.07 -44.78 -3.95
N ASP F 78 26.73 -45.45 -4.90
CA ASP F 78 26.08 -46.46 -5.72
C ASP F 78 25.79 -47.74 -4.93
N THR F 79 26.81 -48.30 -4.30
CA THR F 79 26.65 -49.56 -3.56
C THR F 79 25.60 -49.47 -2.44
N ILE F 80 25.43 -48.30 -1.85
CA ILE F 80 24.33 -48.08 -0.89
C ILE F 80 23.00 -48.07 -1.66
N LYS F 81 22.99 -47.43 -2.82
CA LYS F 81 21.80 -47.38 -3.68
C LYS F 81 21.35 -48.76 -4.16
N ILE F 82 22.29 -49.66 -4.43
CA ILE F 82 21.96 -50.99 -4.93
C ILE F 82 21.43 -51.89 -3.80
N LEU F 83 21.94 -51.70 -2.58
CA LEU F 83 21.45 -52.44 -1.42
C LEU F 83 20.03 -52.01 -1.03
N ARG F 84 19.76 -50.71 -1.08
CA ARG F 84 18.42 -50.18 -0.76
C ARG F 84 17.38 -50.56 -1.81
N ASP F 85 17.79 -50.54 -3.09
CA ASP F 85 16.91 -50.95 -4.18
C ASP F 85 16.60 -52.45 -4.14
N ALA F 86 17.56 -53.24 -3.65
CA ALA F 86 17.35 -54.68 -3.46
C ALA F 86 16.32 -54.97 -2.37
N GLY F 87 16.28 -54.11 -1.35
CA GLY F 87 15.34 -54.24 -0.24
C GLY F 87 16.04 -54.60 1.05
N TYR F 88 17.01 -53.77 1.44
CA TYR F 88 17.80 -54.00 2.65
C TYR F 88 18.04 -52.68 3.39
N HIS F 89 17.82 -52.69 4.71
CA HIS F 89 18.21 -51.57 5.57
C HIS F 89 19.70 -51.64 5.82
N VAL F 90 20.45 -50.66 5.32
CA VAL F 90 21.90 -50.68 5.39
C VAL F 90 22.48 -49.63 6.33
N LYS F 91 23.33 -50.09 7.24
CA LYS F 91 24.08 -49.24 8.15
C LYS F 91 25.47 -49.05 7.55
N ALA F 92 25.63 -47.99 6.76
CA ALA F 92 26.84 -47.80 5.96
C ALA F 92 28.06 -47.43 6.80
N ASN F 93 29.06 -48.31 6.78
CA ASN F 93 30.36 -48.04 7.40
C ASN F 93 31.33 -47.56 6.33
N GLY F 94 31.98 -46.42 6.57
CA GLY F 94 32.97 -45.88 5.64
C GLY F 94 34.23 -46.73 5.61
N VAL F 95 35.03 -46.57 4.57
CA VAL F 95 36.30 -47.32 4.43
C VAL F 95 37.40 -46.42 3.86
N ASP F 96 38.50 -46.28 4.60
CA ASP F 96 39.63 -45.41 4.24
C ASP F 96 40.90 -45.91 4.94
N VAL F 97 41.99 -45.16 4.84
CA VAL F 97 43.30 -45.64 5.25
C VAL F 97 43.80 -44.96 6.53
N THR F 98 44.23 -45.79 7.49
CA THR F 98 44.88 -45.32 8.71
C THR F 98 46.16 -46.13 8.97
N THR F 99 47.19 -45.47 9.48
CA THR F 99 48.48 -46.12 9.73
C THR F 99 48.49 -46.75 11.13
N HIS F 100 48.66 -48.07 11.17
CA HIS F 100 48.69 -48.83 12.42
C HIS F 100 50.13 -49.23 12.77
N ARG F 101 50.54 -48.92 14.00
CA ARG F 101 51.88 -49.26 14.48
C ARG F 101 51.83 -50.46 15.44
N GLN F 102 52.55 -51.52 15.08
CA GLN F 102 52.62 -52.73 15.89
C GLN F 102 54.02 -53.34 15.80
N ASP F 103 54.51 -53.85 16.92
CA ASP F 103 55.86 -54.40 16.99
C ASP F 103 55.90 -55.91 16.79
N ILE F 104 56.05 -56.32 15.53
CA ILE F 104 56.17 -57.74 15.18
C ILE F 104 57.64 -58.16 15.31
N ASN F 105 57.87 -59.25 16.05
CA ASN F 105 59.22 -59.78 16.30
C ASN F 105 60.15 -58.76 16.96
N GLY F 106 59.61 -57.94 17.86
CA GLY F 106 60.39 -56.94 18.59
C GLY F 106 60.45 -55.59 17.91
N LYS F 107 60.72 -55.59 16.60
CA LYS F 107 60.88 -54.36 15.83
C LYS F 107 59.53 -53.71 15.53
N GLU F 108 59.41 -52.42 15.82
CA GLU F 108 58.17 -51.68 15.60
C GLU F 108 57.96 -51.43 14.10
N MET F 109 56.81 -51.86 13.58
CA MET F 109 56.52 -51.77 12.15
C MET F 109 55.23 -50.99 11.88
N LYS F 110 55.21 -50.28 10.75
CA LYS F 110 54.04 -49.53 10.32
C LYS F 110 53.25 -50.32 9.27
N PHE F 111 51.93 -50.16 9.28
CA PHE F 111 51.04 -50.84 8.34
C PHE F 111 49.87 -49.95 7.94
N GLU F 112 49.67 -49.77 6.64
CA GLU F 112 48.49 -49.07 6.12
C GLU F 112 47.32 -50.05 6.10
N VAL F 113 46.32 -49.81 6.95
CA VAL F 113 45.18 -50.71 7.10
C VAL F 113 43.85 -49.99 6.88
N LEU F 114 42.89 -50.71 6.31
CA LEU F 114 41.53 -50.20 6.17
C LEU F 114 40.78 -50.49 7.47
N THR F 115 40.12 -49.48 8.02
CA THR F 115 39.38 -49.63 9.26
C THR F 115 37.98 -50.20 8.96
N LEU F 116 37.95 -51.49 8.64
CA LEU F 116 36.73 -52.18 8.25
C LEU F 116 36.05 -52.82 9.47
N ALA F 117 34.73 -52.95 9.42
CA ALA F 117 33.97 -53.63 10.46
C ALA F 117 34.04 -55.14 10.29
N SER F 118 33.85 -55.60 9.05
CA SER F 118 33.87 -57.03 8.74
C SER F 118 35.28 -57.64 8.82
N LEU F 119 36.29 -56.83 8.50
CA LEU F 119 37.68 -57.28 8.50
C LEU F 119 38.47 -56.56 9.58
N THR F 120 39.08 -57.33 10.49
CA THR F 120 39.84 -56.78 11.62
C THR F 120 41.19 -56.25 11.14
N THR F 121 41.71 -55.24 11.85
CA THR F 121 43.04 -54.71 11.57
C THR F 121 44.16 -55.68 11.93
N GLU F 122 43.85 -56.65 12.79
CA GLU F 122 44.82 -57.66 13.22
C GLU F 122 45.08 -58.69 12.12
N ILE F 123 44.05 -59.01 11.35
CA ILE F 123 44.17 -59.99 10.25
C ILE F 123 44.66 -59.34 8.96
N GLN F 124 44.43 -58.03 8.82
CA GLN F 124 44.88 -57.27 7.66
C GLN F 124 46.42 -57.19 7.59
N ILE F 125 47.04 -56.95 8.74
CA ILE F 125 48.51 -56.89 8.81
C ILE F 125 49.14 -58.26 8.54
N ASN F 126 48.45 -59.33 8.92
CA ASN F 126 48.94 -60.69 8.67
C ASN F 126 48.91 -61.07 7.19
N ILE F 127 48.00 -60.47 6.42
CA ILE F 127 47.97 -60.65 4.98
C ILE F 127 49.18 -59.95 4.36
N GLU F 128 49.53 -58.78 4.88
CA GLU F 128 50.70 -58.03 4.41
C GLU F 128 52.01 -58.66 4.90
N ILE F 129 52.00 -59.20 6.12
CA ILE F 129 53.18 -59.87 6.69
C ILE F 129 53.56 -61.12 5.89
N GLU F 130 52.57 -61.97 5.62
CA GLU F 130 52.80 -63.21 4.87
C GLU F 130 53.14 -62.96 3.40
N SER F 131 52.67 -61.84 2.86
CA SER F 131 52.99 -61.45 1.48
C SER F 131 54.43 -60.96 1.35
N ARG F 132 54.90 -60.24 2.37
CA ARG F 132 56.30 -59.77 2.41
C ARG F 132 57.29 -60.94 2.49
N LYS F 133 56.90 -62.02 3.17
CA LYS F 133 57.70 -63.23 3.23
C LYS F 133 57.83 -63.87 1.84
N SER F 134 56.69 -63.98 1.16
CA SER F 134 56.65 -64.54 -0.19
C SER F 134 57.29 -63.60 -1.23
N TYR F 135 57.24 -62.30 -0.95
CA TYR F 135 57.84 -61.30 -1.84
C TYR F 135 59.37 -61.38 -1.82
N LYS F 136 59.95 -61.45 -0.63
CA LYS F 136 61.42 -61.54 -0.50
C LYS F 136 61.95 -62.89 -0.98
N LYS F 137 61.14 -63.94 -0.84
CA LYS F 137 61.47 -65.27 -1.36
C LYS F 137 61.44 -65.22 -2.89
N MET F 138 60.44 -64.53 -3.44
CA MET F 138 60.33 -64.32 -4.88
C MET F 138 61.46 -63.42 -5.40
N LEU F 139 61.80 -62.40 -4.61
CA LEU F 139 62.89 -61.48 -4.97
C LEU F 139 64.25 -62.18 -4.93
N LYS F 140 64.39 -63.17 -4.05
CA LYS F 140 65.62 -63.94 -3.92
C LYS F 140 65.82 -64.91 -5.08
N GLU F 141 64.71 -65.38 -5.65
CA GLU F 141 64.75 -66.38 -6.73
C GLU F 141 65.04 -65.76 -8.10
N MET F 142 64.32 -64.69 -8.45
CA MET F 142 64.45 -64.05 -9.77
C MET F 142 65.18 -62.70 -9.73
N GLY F 143 65.72 -62.33 -8.58
CA GLY F 143 66.45 -61.07 -8.44
C GLY F 143 65.55 -59.86 -8.47
N GLU F 144 65.13 -59.46 -9.66
CA GLU F 144 64.22 -58.33 -9.86
C GLU F 144 62.84 -58.84 -10.28
N VAL F 145 61.83 -58.48 -9.51
CA VAL F 145 60.44 -58.88 -9.81
C VAL F 145 59.82 -57.92 -10.84
N ALA F 146 59.15 -58.48 -11.84
CA ALA F 146 58.55 -57.69 -12.92
C ALA F 146 57.19 -57.12 -12.49
N PRO F 147 56.67 -56.15 -13.27
CA PRO F 147 55.33 -55.60 -13.00
C PRO F 147 54.18 -56.62 -13.01
N GLU F 148 54.36 -57.71 -13.75
CA GLU F 148 53.34 -58.74 -13.88
C GLU F 148 53.22 -59.57 -12.59
N TYR F 149 54.37 -59.92 -12.01
CA TYR F 149 54.41 -60.81 -10.84
C TYR F 149 54.12 -60.12 -9.52
N ARG F 150 54.16 -58.79 -9.48
CA ARG F 150 54.01 -58.04 -8.22
C ARG F 150 52.55 -57.72 -7.88
N HIS F 151 52.35 -57.32 -6.62
CA HIS F 151 51.02 -57.02 -6.07
C HIS F 151 50.47 -55.66 -6.53
N ASP F 152 51.32 -54.78 -7.03
CA ASP F 152 50.92 -53.42 -7.42
C ASP F 152 50.13 -53.37 -8.74
N SER F 153 50.12 -54.45 -9.49
CA SER F 153 49.42 -54.51 -10.78
C SER F 153 47.92 -54.22 -10.61
N PRO F 154 47.33 -53.47 -11.56
CA PRO F 154 45.90 -53.13 -11.48
C PRO F 154 44.95 -54.31 -11.74
N ASP F 155 45.47 -55.39 -12.32
CA ASP F 155 44.67 -56.58 -12.61
C ASP F 155 44.30 -57.35 -11.35
N CYS F 156 45.19 -57.32 -10.35
CA CYS F 156 45.04 -58.11 -9.11
C CYS F 156 43.61 -58.18 -8.56
N GLY F 157 42.96 -57.03 -8.48
CA GLY F 157 41.60 -56.95 -7.95
C GLY F 157 40.58 -57.69 -8.79
N MET F 158 40.67 -57.52 -10.11
CA MET F 158 39.75 -58.18 -11.05
C MET F 158 40.07 -59.66 -11.23
N ILE F 159 41.34 -60.03 -11.05
CA ILE F 159 41.76 -61.44 -11.14
C ILE F 159 41.05 -62.29 -10.07
N ILE F 160 40.90 -61.73 -8.87
CA ILE F 160 40.16 -62.39 -7.78
C ILE F 160 38.66 -62.42 -8.09
N LEU F 161 38.14 -61.36 -8.73
CA LEU F 161 36.74 -61.31 -9.14
C LEU F 161 36.41 -62.17 -10.36
N CYS F 162 37.45 -62.62 -11.09
CA CYS F 162 37.25 -63.51 -12.24
C CYS F 162 36.69 -64.87 -11.82
N ILE F 163 37.26 -65.45 -10.76
CA ILE F 163 36.76 -66.72 -10.22
C ILE F 163 35.48 -66.53 -9.39
N ALA F 164 35.22 -65.28 -8.98
CA ALA F 164 33.94 -64.93 -8.36
C ALA F 164 32.82 -65.01 -9.39
N ALA F 165 33.13 -64.62 -10.64
CA ALA F 165 32.20 -64.76 -11.76
C ALA F 165 31.98 -66.22 -12.15
N LEU F 166 33.01 -67.05 -11.93
CA LEU F 166 32.89 -68.50 -12.15
C LEU F 166 32.03 -69.15 -11.05
N VAL F 167 32.14 -68.64 -9.83
CA VAL F 167 31.30 -69.11 -8.72
C VAL F 167 29.84 -68.70 -8.96
N ILE F 168 29.63 -67.48 -9.43
CA ILE F 168 28.28 -66.97 -9.71
C ILE F 168 27.66 -67.71 -10.90
N THR F 169 28.50 -68.22 -11.80
CA THR F 169 28.07 -69.01 -12.94
C THR F 169 27.44 -70.34 -12.49
N LYS F 170 27.96 -70.94 -11.43
CA LYS F 170 27.47 -72.23 -10.93
C LYS F 170 26.69 -72.10 -9.61
N LEU F 171 26.10 -70.93 -9.34
CA LEU F 171 25.26 -70.75 -8.16
C LEU F 171 23.85 -71.32 -8.34
N ALA F 172 23.46 -71.56 -9.60
CA ALA F 172 22.12 -72.09 -9.90
C ALA F 172 21.85 -73.42 -9.20
N ALA F 173 22.86 -74.27 -9.12
CA ALA F 173 22.75 -75.55 -8.41
C ALA F 173 22.47 -75.33 -6.92
N GLY F 174 23.23 -74.44 -6.31
CA GLY F 174 23.00 -74.02 -4.92
C GLY F 174 23.44 -75.06 -3.89
N ASP F 175 24.56 -75.72 -4.14
CA ASP F 175 25.11 -76.69 -3.19
C ASP F 175 26.62 -76.94 -3.36
N ARG F 176 27.35 -75.93 -3.87
CA ARG F 176 28.78 -76.04 -4.15
C ARG F 176 29.16 -77.26 -5.01
N SER F 177 28.24 -77.69 -5.88
CA SER F 177 28.48 -78.84 -6.75
C SER F 177 29.32 -78.47 -7.97
N GLY F 178 29.20 -77.21 -8.40
CA GLY F 178 29.96 -76.71 -9.54
C GLY F 178 31.42 -76.40 -9.27
N LEU F 179 31.82 -76.43 -8.00
CA LEU F 179 33.21 -76.15 -7.59
C LEU F 179 34.25 -76.84 -8.47
N THR F 180 33.98 -78.08 -8.86
CA THR F 180 34.88 -78.83 -9.74
C THR F 180 35.00 -78.15 -11.11
N ALA F 181 33.87 -77.69 -11.64
CA ALA F 181 33.85 -76.97 -12.92
C ALA F 181 34.43 -75.56 -12.79
N VAL F 182 34.27 -74.96 -11.61
CA VAL F 182 34.83 -73.63 -11.35
C VAL F 182 36.36 -73.66 -11.37
N ILE F 183 36.94 -74.71 -10.77
CA ILE F 183 38.39 -74.89 -10.75
C ILE F 183 38.89 -75.29 -12.14
N ARG F 184 38.14 -76.16 -12.81
CA ARG F 184 38.46 -76.63 -14.16
C ARG F 184 38.57 -75.47 -15.14
N ARG F 185 37.54 -74.62 -15.17
CA ARG F 185 37.54 -73.45 -16.04
C ARG F 185 38.60 -72.43 -15.63
N ALA F 186 38.81 -72.29 -14.31
CA ALA F 186 39.84 -71.38 -13.80
C ALA F 186 41.27 -71.79 -14.20
N ASN F 187 41.43 -73.02 -14.68
CA ASN F 187 42.69 -73.50 -15.25
C ASN F 187 42.74 -73.34 -16.77
N ASN F 188 41.61 -73.57 -17.43
CA ASN F 188 41.50 -73.36 -18.88
C ASN F 188 41.48 -71.86 -19.18
N VAL F 189 40.61 -71.14 -18.47
CA VAL F 189 40.60 -69.68 -18.48
C VAL F 189 41.70 -69.25 -17.50
N LEU F 190 42.13 -68.00 -17.58
CA LEU F 190 42.91 -67.39 -16.52
C LEU F 190 44.27 -68.10 -16.30
N LYS F 191 44.74 -68.79 -17.34
CA LYS F 191 45.96 -69.62 -17.23
C LYS F 191 47.22 -68.78 -17.15
N ASN F 192 47.26 -67.68 -17.90
CA ASN F 192 48.36 -66.73 -17.83
C ASN F 192 48.45 -66.04 -16.46
N GLU F 193 47.29 -65.82 -15.84
CA GLU F 193 47.22 -65.17 -14.53
C GLU F 193 47.76 -66.06 -13.42
N MET F 194 47.53 -67.37 -13.52
CA MET F 194 48.01 -68.34 -12.53
C MET F 194 49.54 -68.51 -12.57
N LYS F 195 50.13 -68.28 -13.74
CA LYS F 195 51.60 -68.33 -13.88
C LYS F 195 52.26 -67.19 -13.10
N ARG F 196 51.68 -65.99 -13.22
CA ARG F 196 52.26 -64.78 -12.62
C ARG F 196 51.84 -64.53 -11.17
N TYR F 197 51.01 -65.41 -10.61
CA TYR F 197 50.63 -65.31 -9.20
C TYR F 197 50.54 -66.69 -8.54
N LYS F 198 51.38 -66.91 -7.52
CA LYS F 198 51.43 -68.18 -6.80
C LYS F 198 50.15 -68.43 -5.99
N GLY F 199 49.60 -67.36 -5.42
CA GLY F 199 48.40 -67.44 -4.58
C GLY F 199 47.08 -67.36 -5.32
N LEU F 200 47.08 -67.71 -6.62
CA LEU F 200 45.84 -67.83 -7.37
C LEU F 200 45.39 -69.29 -7.27
N LEU F 201 44.69 -69.59 -6.18
CA LEU F 201 44.20 -70.94 -5.89
C LEU F 201 42.70 -71.00 -6.16
N PRO F 202 42.29 -71.57 -7.32
CA PRO F 202 40.86 -71.62 -7.68
C PRO F 202 39.97 -72.25 -6.61
N LYS F 203 40.41 -73.36 -6.02
CA LYS F 203 39.63 -74.07 -5.01
C LYS F 203 39.45 -73.24 -3.73
N ASP F 204 40.54 -72.61 -3.28
CA ASP F 204 40.53 -71.82 -2.05
C ASP F 204 39.73 -70.53 -2.18
N ILE F 205 39.86 -69.86 -3.33
CA ILE F 205 39.17 -68.59 -3.55
C ILE F 205 37.69 -68.80 -3.87
N ALA F 206 37.38 -69.83 -4.65
CA ALA F 206 35.99 -70.14 -5.01
C ALA F 206 35.16 -70.50 -3.77
N ASN F 207 35.73 -71.31 -2.89
CA ASN F 207 35.08 -71.65 -1.62
C ASN F 207 34.85 -70.44 -0.73
N SER F 208 35.73 -69.44 -0.83
CA SER F 208 35.57 -68.20 -0.09
C SER F 208 34.38 -67.39 -0.61
N PHE F 209 34.24 -67.32 -1.93
CA PHE F 209 33.11 -66.65 -2.56
C PHE F 209 31.81 -67.45 -2.38
N TYR F 210 31.90 -68.77 -2.41
CA TYR F 210 30.76 -69.63 -2.08
C TYR F 210 30.28 -69.38 -0.66
N GLU F 211 31.21 -69.18 0.26
CA GLU F 211 30.89 -68.93 1.67
C GLU F 211 30.24 -67.56 1.88
N VAL F 212 30.80 -66.53 1.25
CA VAL F 212 30.30 -65.16 1.44
C VAL F 212 28.94 -64.92 0.79
N PHE F 213 28.67 -65.60 -0.32
CA PHE F 213 27.35 -65.53 -0.97
C PHE F 213 26.30 -66.30 -0.18
N GLU F 214 26.71 -67.42 0.43
CA GLU F 214 25.81 -68.21 1.27
C GLU F 214 25.49 -67.50 2.59
N LYS F 215 26.54 -67.01 3.26
CA LYS F 215 26.38 -66.31 4.53
C LYS F 215 25.72 -64.95 4.37
N HIS F 216 26.02 -64.27 3.26
CA HIS F 216 25.46 -62.95 2.97
C HIS F 216 24.81 -62.94 1.58
N PRO F 217 23.50 -63.26 1.51
CA PRO F 217 22.76 -63.25 0.24
C PRO F 217 22.65 -61.88 -0.43
N HIS F 218 22.80 -60.80 0.35
CA HIS F 218 22.79 -59.44 -0.20
C HIS F 218 24.04 -59.13 -1.02
N PHE F 219 25.16 -59.78 -0.71
CA PHE F 219 26.41 -59.58 -1.46
C PHE F 219 26.39 -60.21 -2.86
N ILE F 220 25.52 -61.19 -3.08
CA ILE F 220 25.41 -61.82 -4.41
C ILE F 220 24.65 -60.84 -5.32
N ASP F 221 23.72 -60.09 -4.72
CA ASP F 221 23.01 -59.02 -5.42
C ASP F 221 23.96 -57.86 -5.74
N VAL F 222 24.89 -57.59 -4.83
CA VAL F 222 25.90 -56.56 -5.03
C VAL F 222 26.87 -56.92 -6.15
N PHE F 223 27.26 -58.19 -6.22
CA PHE F 223 28.20 -58.66 -7.25
C PHE F 223 27.57 -58.70 -8.64
N VAL F 224 26.32 -59.15 -8.72
CA VAL F 224 25.60 -59.22 -10.00
C VAL F 224 25.43 -57.82 -10.60
N HIS F 225 25.01 -56.86 -9.78
CA HIS F 225 24.82 -55.48 -10.24
C HIS F 225 26.16 -54.75 -10.45
N PHE F 226 27.22 -55.23 -9.80
CA PHE F 226 28.58 -54.77 -10.10
C PHE F 226 29.01 -55.30 -11.46
N GLY F 227 28.78 -56.59 -11.70
CA GLY F 227 29.15 -57.25 -12.95
C GLY F 227 28.45 -56.67 -14.17
N ILE F 228 27.19 -56.29 -14.00
CA ILE F 228 26.43 -55.62 -15.06
C ILE F 228 26.96 -54.21 -15.29
N ALA F 229 27.28 -53.51 -14.20
CA ALA F 229 27.89 -52.18 -14.28
C ALA F 229 29.30 -52.25 -14.86
N GLN F 230 30.04 -53.30 -14.52
CA GLN F 230 31.37 -53.55 -15.06
C GLN F 230 31.30 -53.87 -16.56
N SER F 231 30.31 -54.65 -16.95
CA SER F 231 30.11 -55.03 -18.34
C SER F 231 29.49 -53.91 -19.19
N SER F 232 29.02 -52.85 -18.53
CA SER F 232 28.45 -51.69 -19.23
C SER F 232 29.49 -50.65 -19.65
N THR F 233 30.76 -50.87 -19.27
CA THR F 233 31.83 -49.92 -19.57
C THR F 233 32.21 -49.92 -21.05
N ARG F 234 32.96 -48.90 -21.45
CA ARG F 234 33.35 -48.69 -22.85
C ARG F 234 34.55 -49.57 -23.24
N GLY F 235 35.48 -49.74 -22.29
CA GLY F 235 36.67 -50.56 -22.52
C GLY F 235 37.68 -50.45 -21.39
N GLY F 236 38.44 -51.52 -21.15
CA GLY F 236 39.42 -51.57 -20.06
C GLY F 236 40.66 -52.37 -20.39
N SER F 237 40.91 -53.43 -19.61
CA SER F 237 42.05 -54.33 -19.83
C SER F 237 41.54 -55.73 -20.22
N ARG F 238 42.47 -56.60 -20.61
CA ARG F 238 42.10 -57.97 -21.03
C ARG F 238 41.56 -58.80 -19.87
N VAL F 239 42.05 -58.53 -18.66
CA VAL F 239 41.57 -59.19 -17.44
C VAL F 239 40.12 -58.77 -17.13
N GLU F 240 39.79 -57.53 -17.44
CA GLU F 240 38.41 -57.06 -17.35
C GLU F 240 37.55 -57.66 -18.47
N GLY F 241 38.18 -57.96 -19.60
CA GLY F 241 37.55 -58.72 -20.66
C GLY F 241 37.27 -60.16 -20.27
N ILE F 242 38.16 -60.74 -19.45
CA ILE F 242 37.95 -62.08 -18.90
C ILE F 242 36.73 -62.08 -18.00
N PHE F 243 36.70 -61.15 -17.05
CA PHE F 243 35.58 -61.02 -16.11
C PHE F 243 34.25 -60.83 -16.83
N ALA F 244 34.23 -59.95 -17.83
CA ALA F 244 33.01 -59.66 -18.59
C ALA F 244 32.49 -60.89 -19.32
N GLY F 245 33.40 -61.67 -19.92
CA GLY F 245 33.04 -62.90 -20.61
C GLY F 245 32.58 -63.99 -19.65
N LEU F 246 33.30 -64.16 -18.55
CA LEU F 246 32.96 -65.17 -17.54
C LEU F 246 31.67 -64.81 -16.79
N PHE F 247 31.42 -63.52 -16.61
CA PHE F 247 30.19 -63.05 -15.95
C PHE F 247 28.96 -63.29 -16.82
N MET F 248 29.09 -63.07 -18.12
CA MET F 248 27.97 -63.26 -19.05
C MET F 248 27.68 -64.74 -19.35
N ASN F 249 28.59 -65.63 -18.98
CA ASN F 249 28.32 -67.07 -19.01
C ASN F 249 27.30 -67.46 -17.96
N ALA F 250 27.21 -66.67 -16.89
CA ALA F 250 26.22 -66.86 -15.84
C ALA F 250 24.80 -66.52 -16.31
N TYR F 251 24.69 -65.62 -17.28
CA TYR F 251 23.38 -65.24 -17.84
C TYR F 251 22.64 -66.49 -18.33
N GLY F 252 21.39 -66.64 -17.87
CA GLY F 252 20.58 -67.79 -18.25
C GLY F 252 20.85 -69.04 -17.42
N ALA F 253 21.54 -68.88 -16.30
CA ALA F 253 21.78 -69.99 -15.38
C ALA F 253 20.50 -70.30 -14.61
N GLY F 254 20.31 -71.57 -14.27
CA GLY F 254 19.10 -72.01 -13.59
C GLY F 254 17.88 -72.09 -14.51
N GLN F 255 18.12 -72.08 -15.82
CA GLN F 255 17.05 -72.14 -16.81
C GLN F 255 17.60 -72.60 -18.17
N VAL F 256 18.30 -73.72 -18.13
CA VAL F 256 18.88 -74.34 -19.33
C VAL F 256 17.82 -75.04 -20.17
N MET F 257 16.79 -75.57 -19.52
CA MET F 257 15.69 -76.25 -20.20
C MET F 257 14.96 -75.29 -21.16
N LEU F 258 15.01 -74.00 -20.84
CA LEU F 258 14.45 -72.95 -21.69
C LEU F 258 15.23 -72.84 -23.00
N ARG F 259 16.56 -72.92 -22.91
CA ARG F 259 17.42 -72.85 -24.09
C ARG F 259 17.40 -74.14 -24.90
N TRP F 260 17.38 -75.28 -24.22
CA TRP F 260 17.31 -76.59 -24.89
C TRP F 260 15.96 -76.82 -25.58
N GLY F 261 14.92 -76.13 -25.11
CA GLY F 261 13.61 -76.17 -25.76
C GLY F 261 13.59 -75.51 -27.12
N VAL F 262 14.37 -74.43 -27.25
CA VAL F 262 14.54 -73.75 -28.54
C VAL F 262 15.41 -74.59 -29.47
N LEU F 263 16.37 -75.33 -28.90
CA LEU F 263 17.24 -76.22 -29.67
C LEU F 263 16.44 -77.37 -30.30
N ALA F 264 15.55 -77.98 -29.51
CA ALA F 264 14.68 -79.05 -30.00
C ALA F 264 13.76 -78.55 -31.12
N LYS F 265 13.32 -77.31 -30.99
CA LYS F 265 12.51 -76.65 -32.02
C LYS F 265 13.35 -76.32 -33.25
N SER F 266 14.61 -75.94 -33.04
CA SER F 266 15.52 -75.62 -34.14
C SER F 266 15.90 -76.86 -34.96
N VAL F 267 16.26 -77.93 -34.26
CA VAL F 267 16.63 -79.19 -34.93
C VAL F 267 15.41 -80.00 -35.42
N LYS F 268 14.21 -79.58 -35.02
CA LYS F 268 12.95 -80.19 -35.46
C LYS F 268 12.83 -81.65 -35.00
N ASN F 269 12.84 -81.85 -33.69
CA ASN F 269 12.64 -83.18 -33.11
C ASN F 269 11.17 -83.60 -33.26
N ILE F 270 10.97 -84.77 -33.85
CA ILE F 270 9.62 -85.25 -34.22
C ILE F 270 8.69 -85.44 -33.01
N MET F 271 9.25 -85.74 -31.84
CA MET F 271 8.43 -85.98 -30.63
C MET F 271 7.80 -84.71 -30.04
N LEU F 272 8.18 -83.53 -30.56
CA LEU F 272 7.50 -82.27 -30.22
C LEU F 272 6.04 -82.28 -30.71
N GLY F 273 5.81 -82.92 -31.85
CA GLY F 273 4.46 -83.02 -32.42
C GLY F 273 3.58 -84.11 -31.80
N HIS F 274 4.09 -84.80 -30.79
CA HIS F 274 3.34 -85.84 -30.09
C HIS F 274 2.11 -85.25 -29.37
N ALA F 275 1.05 -86.05 -29.28
CA ALA F 275 -0.25 -85.59 -28.77
C ALA F 275 -0.20 -84.97 -27.38
N SER F 276 0.40 -85.68 -26.43
CA SER F 276 0.48 -85.20 -25.04
C SER F 276 1.40 -84.00 -24.89
N VAL F 277 2.37 -83.86 -25.79
CA VAL F 277 3.24 -82.68 -25.82
C VAL F 277 2.48 -81.48 -26.36
N GLN F 278 1.63 -81.71 -27.37
CA GLN F 278 0.83 -80.65 -27.98
C GLN F 278 -0.26 -80.10 -27.05
N ALA F 279 -0.69 -80.90 -26.08
CA ALA F 279 -1.66 -80.46 -25.08
C ALA F 279 -1.08 -79.38 -24.17
N GLU F 280 0.22 -79.45 -23.94
CA GLU F 280 0.93 -78.48 -23.08
C GLU F 280 1.35 -77.22 -23.83
N MET F 281 1.34 -77.27 -25.16
CA MET F 281 1.87 -76.17 -25.99
C MET F 281 1.24 -74.81 -25.75
N GLU F 282 -0.02 -74.78 -25.33
CA GLU F 282 -0.69 -73.52 -24.99
C GLU F 282 -0.01 -72.86 -23.78
N GLN F 283 0.36 -73.66 -22.79
CA GLN F 283 0.95 -73.15 -21.56
C GLN F 283 2.46 -72.93 -21.62
N VAL F 284 3.16 -73.71 -22.44
CA VAL F 284 4.63 -73.55 -22.58
C VAL F 284 4.97 -72.28 -23.35
N VAL F 285 4.08 -71.87 -24.24
CA VAL F 285 4.24 -70.61 -24.98
C VAL F 285 4.11 -69.40 -24.04
N GLU F 286 3.26 -69.52 -23.02
CA GLU F 286 3.06 -68.45 -22.04
C GLU F 286 4.33 -68.12 -21.27
N VAL F 287 5.09 -69.15 -20.90
CA VAL F 287 6.35 -68.96 -20.15
C VAL F 287 7.47 -68.47 -21.07
N TYR F 288 7.50 -68.94 -22.32
CA TYR F 288 8.46 -68.44 -23.30
C TYR F 288 8.17 -66.98 -23.68
N GLU F 289 6.89 -66.64 -23.83
CA GLU F 289 6.49 -65.25 -24.04
C GLU F 289 6.76 -64.39 -22.80
N TYR F 290 6.63 -65.00 -21.62
CA TYR F 290 6.97 -64.34 -20.36
C TYR F 290 8.48 -64.10 -20.24
N ALA F 291 9.26 -65.07 -20.72
CA ALA F 291 10.72 -64.93 -20.77
C ALA F 291 11.14 -63.85 -21.77
N GLN F 292 10.42 -63.77 -22.88
CA GLN F 292 10.63 -62.72 -23.88
C GLN F 292 10.21 -61.34 -23.35
N LYS F 293 9.20 -61.32 -22.49
CA LYS F 293 8.70 -60.07 -21.89
C LYS F 293 9.74 -59.47 -20.93
N LEU F 294 10.27 -60.30 -20.04
CA LEU F 294 11.28 -59.86 -19.07
C LEU F 294 12.56 -59.41 -19.76
N GLY F 295 13.04 -60.22 -20.70
CA GLY F 295 14.23 -59.89 -21.48
C GLY F 295 15.52 -60.15 -20.70
N GLY F 296 16.36 -59.14 -20.60
CA GLY F 296 17.62 -59.23 -19.88
C GLY F 296 17.48 -59.41 -18.39
N GLU F 297 16.37 -58.93 -17.85
CA GLU F 297 16.08 -59.02 -16.41
C GLU F 297 16.02 -60.47 -15.93
N ALA F 298 15.52 -61.37 -16.78
CA ALA F 298 15.35 -62.79 -16.43
C ALA F 298 16.65 -63.60 -16.42
N GLY F 299 17.76 -63.00 -16.85
CA GLY F 299 19.04 -63.69 -16.91
C GLY F 299 19.56 -64.16 -15.57
N PHE F 300 19.49 -63.28 -14.57
CA PHE F 300 19.99 -63.58 -13.23
C PHE F 300 18.85 -63.78 -12.22
N TYR F 301 17.77 -64.42 -12.69
CA TYR F 301 16.60 -64.71 -11.84
C TYR F 301 16.81 -65.90 -10.91
N HIS F 302 17.74 -66.79 -11.26
CA HIS F 302 18.07 -67.94 -10.41
C HIS F 302 19.36 -67.73 -9.62
N ILE F 303 20.29 -66.96 -10.19
CA ILE F 303 21.53 -66.60 -9.49
C ILE F 303 21.18 -65.75 -8.28
N LEU F 304 20.50 -64.63 -8.53
CA LEU F 304 19.75 -63.95 -7.47
C LEU F 304 18.52 -64.83 -7.29
N ASN F 305 18.26 -65.30 -6.08
CA ASN F 305 17.09 -66.16 -5.86
C ASN F 305 15.80 -65.36 -5.92
N ASN F 306 15.42 -64.99 -7.14
CA ASN F 306 14.26 -64.16 -7.40
C ASN F 306 12.98 -64.99 -7.23
N PRO F 307 11.98 -64.45 -6.52
CA PRO F 307 10.67 -65.12 -6.37
C PRO F 307 10.03 -65.52 -7.70
N LYS F 308 10.23 -64.71 -8.74
CA LYS F 308 9.65 -64.95 -10.06
C LYS F 308 10.46 -65.91 -10.93
N ALA F 309 11.49 -66.54 -10.35
CA ALA F 309 12.31 -67.52 -11.06
C ALA F 309 11.55 -68.82 -11.30
N SER F 310 10.63 -69.15 -10.40
CA SER F 310 9.82 -70.36 -10.52
C SER F 310 8.84 -70.31 -11.70
N LEU F 311 8.48 -69.08 -12.11
CA LEU F 311 7.57 -68.89 -13.24
C LEU F 311 8.19 -69.28 -14.59
N LEU F 312 9.51 -69.23 -14.67
CA LEU F 312 10.24 -69.59 -15.91
C LEU F 312 10.44 -71.10 -16.07
N SER F 313 9.97 -71.89 -15.11
CA SER F 313 10.16 -73.34 -15.13
C SER F 313 9.32 -74.03 -16.19
N LEU F 314 9.95 -74.93 -16.95
CA LEU F 314 9.25 -75.81 -17.89
C LEU F 314 9.01 -77.19 -17.28
N THR F 315 9.59 -77.44 -16.10
CA THR F 315 9.45 -78.72 -15.39
C THR F 315 8.00 -79.03 -15.04
N GLN F 316 7.19 -78.00 -14.84
CA GLN F 316 5.74 -78.16 -14.63
C GLN F 316 5.03 -78.86 -15.80
N PHE F 317 5.67 -78.87 -16.97
CA PHE F 317 5.17 -79.57 -18.15
C PHE F 317 5.97 -80.87 -18.35
N PRO F 318 5.43 -82.01 -17.87
CA PRO F 318 6.17 -83.28 -17.91
C PRO F 318 6.56 -83.77 -19.31
N HIS F 319 5.63 -83.65 -20.27
CA HIS F 319 5.82 -84.22 -21.60
C HIS F 319 6.80 -83.40 -22.44
N PHE F 320 6.62 -82.08 -22.45
CA PHE F 320 7.50 -81.18 -23.19
C PHE F 320 8.92 -81.18 -22.63
N SER F 321 9.04 -81.26 -21.30
CA SER F 321 10.35 -81.35 -20.65
C SER F 321 11.10 -82.62 -21.04
N SER F 322 10.37 -83.73 -21.17
CA SER F 322 10.97 -85.03 -21.50
C SER F 322 11.59 -85.05 -22.90
N VAL F 323 10.82 -84.59 -23.89
CA VAL F 323 11.31 -84.53 -25.28
C VAL F 323 12.48 -83.56 -25.44
N VAL F 324 12.43 -82.44 -24.71
CA VAL F 324 13.51 -81.46 -24.73
C VAL F 324 14.76 -82.01 -24.05
N LEU F 325 14.59 -82.70 -22.93
CA LEU F 325 15.70 -83.31 -22.21
C LEU F 325 16.24 -84.53 -22.95
N GLY F 326 15.36 -85.20 -23.71
CA GLY F 326 15.75 -86.31 -24.57
C GLY F 326 16.55 -85.85 -25.78
N ASN F 327 16.09 -84.76 -26.41
CA ASN F 327 16.80 -84.16 -27.54
C ASN F 327 18.23 -83.76 -27.17
N ALA F 328 18.40 -83.20 -25.97
CA ALA F 328 19.71 -82.83 -25.46
C ALA F 328 20.60 -84.05 -25.23
N ALA F 329 19.99 -85.16 -24.79
CA ALA F 329 20.72 -86.41 -24.56
C ALA F 329 21.15 -87.06 -25.87
N GLY F 330 20.28 -87.03 -26.88
CA GLY F 330 20.58 -87.61 -28.18
C GLY F 330 21.64 -86.84 -28.95
N LEU F 331 21.58 -85.51 -28.89
CA LEU F 331 22.62 -84.66 -29.46
C LEU F 331 23.94 -84.76 -28.68
N GLY F 332 23.86 -85.20 -27.42
CA GLY F 332 25.04 -85.44 -26.61
C GLY F 332 25.63 -84.16 -26.05
N ILE F 333 24.76 -83.31 -25.51
CA ILE F 333 25.18 -82.02 -24.93
C ILE F 333 24.99 -81.96 -23.41
N MET F 334 24.11 -82.80 -22.86
CA MET F 334 23.93 -82.89 -21.41
C MET F 334 24.91 -83.92 -20.81
N GLY F 335 24.90 -84.03 -19.48
CA GLY F 335 25.78 -84.96 -18.77
C GLY F 335 26.97 -84.23 -18.16
N GLU F 336 27.12 -84.22 -16.83
CA GLU F 336 26.24 -84.90 -15.88
C GLU F 336 25.20 -83.91 -15.35
N TYR F 337 24.10 -83.78 -16.07
CA TYR F 337 23.00 -82.88 -15.72
C TYR F 337 22.00 -83.68 -14.88
N ARG F 338 21.72 -83.19 -13.68
CA ARG F 338 20.90 -83.94 -12.70
C ARG F 338 19.40 -83.73 -12.85
N GLY F 339 18.95 -83.45 -14.07
CA GLY F 339 17.52 -83.34 -14.39
C GLY F 339 16.98 -84.66 -14.88
N THR F 340 15.88 -85.12 -14.28
CA THR F 340 15.28 -86.40 -14.60
C THR F 340 13.97 -86.18 -15.37
N PRO F 341 13.77 -86.91 -16.49
CA PRO F 341 12.53 -86.78 -17.25
C PRO F 341 11.35 -87.45 -16.56
N ARG F 342 10.23 -86.74 -16.44
CA ARG F 342 9.02 -87.30 -15.83
C ARG F 342 8.41 -88.40 -16.69
N ASN F 343 8.37 -88.18 -18.00
CA ASN F 343 7.95 -89.20 -18.96
C ASN F 343 9.17 -89.86 -19.60
N GLN F 344 9.39 -91.13 -19.28
CA GLN F 344 10.57 -91.86 -19.76
C GLN F 344 10.43 -92.31 -21.22
N ASP F 345 9.21 -92.63 -21.63
CA ASP F 345 8.95 -93.11 -23.00
C ASP F 345 9.16 -92.00 -24.03
N LEU F 346 8.71 -90.78 -23.71
CA LEU F 346 8.94 -89.62 -24.57
C LEU F 346 10.41 -89.21 -24.61
N TYR F 347 11.11 -89.40 -23.49
CA TYR F 347 12.54 -89.11 -23.40
C TYR F 347 13.36 -90.04 -24.31
N ASP F 348 13.06 -91.34 -24.24
CA ASP F 348 13.78 -92.34 -25.04
C ASP F 348 13.49 -92.19 -26.54
N ALA F 349 12.25 -91.84 -26.88
CA ALA F 349 11.85 -91.64 -28.27
C ALA F 349 12.51 -90.39 -28.85
N ALA F 350 12.61 -89.33 -28.05
CA ALA F 350 13.27 -88.09 -28.45
C ALA F 350 14.78 -88.28 -28.57
N LYS F 351 15.36 -89.05 -27.65
CA LYS F 351 16.79 -89.37 -27.67
C LYS F 351 17.16 -90.17 -28.92
N ALA F 352 16.28 -91.11 -29.30
CA ALA F 352 16.51 -91.97 -30.46
C ALA F 352 16.51 -91.18 -31.77
N TYR F 353 15.53 -90.30 -31.93
CA TYR F 353 15.44 -89.46 -33.13
C TYR F 353 16.58 -88.42 -33.17
N ALA F 354 16.92 -87.88 -32.02
CA ALA F 354 18.02 -86.91 -31.91
C ALA F 354 19.37 -87.50 -32.29
N GLU F 355 19.55 -88.79 -32.00
CA GLU F 355 20.76 -89.52 -32.41
C GLU F 355 20.79 -89.74 -33.92
N GLN F 356 19.62 -89.95 -34.53
CA GLN F 356 19.51 -90.11 -35.99
C GLN F 356 19.74 -88.80 -36.74
N LEU F 357 19.44 -87.68 -36.10
CA LEU F 357 19.63 -86.35 -36.71
C LEU F 357 21.10 -86.00 -36.93
N LYS F 358 21.95 -86.41 -36.00
CA LYS F 358 23.37 -86.03 -35.99
C LYS F 358 24.29 -87.00 -36.74
N GLU F 359 23.73 -87.82 -37.62
CA GLU F 359 24.49 -88.90 -38.24
C GLU F 359 25.16 -88.48 -39.55
N ASN F 360 26.33 -89.07 -39.82
CA ASN F 360 27.04 -88.91 -41.09
C ASN F 360 27.52 -87.47 -41.36
N GLY F 361 26.92 -86.79 -42.34
CA GLY F 361 27.31 -85.43 -42.70
C GLY F 361 27.49 -85.25 -44.18
N VAL F 362 26.40 -84.92 -44.88
CA VAL F 362 26.42 -84.70 -46.33
C VAL F 362 26.32 -83.21 -46.63
N ILE F 363 26.92 -82.79 -47.75
CA ILE F 363 26.97 -81.37 -48.12
C ILE F 363 25.66 -80.94 -48.77
N ASN F 364 25.10 -79.83 -48.29
CA ASN F 364 23.89 -79.23 -48.88
C ASN F 364 24.29 -78.12 -49.85
N TYR F 365 24.16 -78.39 -51.14
CA TYR F 365 24.60 -77.46 -52.19
C TYR F 365 23.58 -76.37 -52.52
N SER F 366 22.33 -76.55 -52.06
CA SER F 366 21.28 -75.56 -52.28
C SER F 366 21.45 -74.32 -51.39
N VAL F 367 22.21 -74.46 -50.31
CA VAL F 367 22.45 -73.36 -49.39
C VAL F 367 23.36 -72.30 -50.01
N LEU F 368 24.40 -72.75 -50.71
CA LEU F 368 25.34 -71.84 -51.36
C LEU F 368 24.70 -71.19 -52.59
N ASP F 369 25.21 -70.01 -52.96
CA ASP F 369 24.71 -69.28 -54.13
C ASP F 369 25.47 -69.69 -55.39
N LEU F 370 25.50 -70.99 -55.66
CA LEU F 370 26.22 -71.54 -56.81
C LEU F 370 25.45 -71.28 -58.09
N THR F 371 26.16 -70.85 -59.14
CA THR F 371 25.53 -70.53 -60.43
C THR F 371 25.66 -71.73 -61.37
N ALA G 2 -36.20 -50.07 -28.22
CA ALA G 2 -35.59 -51.32 -28.76
C ALA G 2 -35.47 -52.40 -27.70
N LEU G 3 -35.40 -53.66 -28.14
CA LEU G 3 -35.27 -54.79 -27.22
C LEU G 3 -33.81 -55.04 -26.84
N SER G 4 -32.89 -54.31 -27.47
CA SER G 4 -31.47 -54.37 -27.11
C SER G 4 -31.19 -53.61 -25.81
N LYS G 5 -32.02 -52.62 -25.50
CA LYS G 5 -31.81 -51.77 -24.32
C LYS G 5 -32.24 -52.43 -23.01
N VAL G 6 -33.25 -53.31 -23.08
CA VAL G 6 -33.71 -54.01 -21.88
C VAL G 6 -32.61 -54.94 -21.34
N LYS G 7 -31.80 -54.39 -20.44
CA LYS G 7 -30.66 -55.09 -19.86
C LYS G 7 -30.37 -54.53 -18.47
N LEU G 8 -29.57 -55.26 -17.68
CA LEU G 8 -29.22 -54.81 -16.33
C LEU G 8 -27.96 -55.54 -15.84
N ASN G 9 -26.85 -54.81 -15.79
CA ASN G 9 -25.57 -55.37 -15.35
C ASN G 9 -25.53 -55.42 -13.82
N ASP G 10 -26.07 -56.48 -13.25
CA ASP G 10 -26.13 -56.65 -11.80
C ASP G 10 -24.74 -56.88 -11.20
N THR G 11 -23.89 -57.62 -11.90
CA THR G 11 -22.55 -57.94 -11.42
C THR G 11 -21.70 -56.67 -11.22
N LEU G 12 -21.79 -55.74 -12.17
CA LEU G 12 -21.05 -54.49 -12.10
C LEU G 12 -21.66 -53.52 -11.10
N ASN G 13 -22.99 -53.53 -10.98
CA ASN G 13 -23.70 -52.65 -10.05
C ASN G 13 -23.53 -53.09 -8.58
N LYS G 14 -23.48 -54.40 -8.35
CA LYS G 14 -23.21 -54.93 -7.00
C LYS G 14 -21.81 -54.52 -6.53
N ASP G 15 -20.84 -54.57 -7.44
CA ASP G 15 -19.48 -54.13 -7.15
C ASP G 15 -19.43 -52.62 -6.88
N GLN G 16 -20.21 -51.86 -7.66
CA GLN G 16 -20.29 -50.41 -7.51
C GLN G 16 -20.91 -50.01 -6.17
N LEU G 17 -21.85 -50.82 -5.67
CA LEU G 17 -22.46 -50.59 -4.36
C LEU G 17 -21.44 -50.77 -3.22
N LEU G 18 -20.70 -51.87 -3.26
CA LEU G 18 -19.73 -52.19 -2.21
C LEU G 18 -18.48 -51.31 -2.29
N SER G 19 -18.08 -50.94 -3.50
CA SER G 19 -16.91 -50.09 -3.70
C SER G 19 -17.14 -48.66 -3.20
N SER G 20 -18.38 -48.19 -3.27
CA SER G 20 -18.74 -46.83 -2.87
C SER G 20 -19.53 -46.82 -1.55
N SER G 21 -19.02 -47.51 -0.54
CA SER G 21 -19.64 -47.54 0.78
C SER G 21 -19.25 -46.27 1.54
N LYS G 22 -20.25 -45.61 2.11
CA LYS G 22 -20.03 -44.36 2.86
C LYS G 22 -19.46 -44.66 4.24
N TYR G 23 -19.81 -45.83 4.78
CA TYR G 23 -19.48 -46.20 6.16
C TYR G 23 -18.62 -47.45 6.19
N THR G 24 -17.92 -47.66 7.31
CA THR G 24 -16.98 -48.77 7.45
C THR G 24 -17.15 -49.50 8.78
N ILE G 25 -17.02 -50.82 8.75
CA ILE G 25 -16.98 -51.64 9.97
C ILE G 25 -15.53 -51.96 10.32
N GLN G 26 -15.25 -52.03 11.62
CA GLN G 26 -13.91 -52.33 12.11
C GLN G 26 -13.98 -53.41 13.18
N ARG G 27 -13.48 -54.59 12.85
CA ARG G 27 -13.65 -55.78 13.66
C ARG G 27 -12.71 -55.80 14.86
N SER G 28 -13.17 -56.40 15.95
CA SER G 28 -12.41 -56.46 17.20
C SER G 28 -11.15 -57.30 17.04
N THR G 29 -10.04 -56.64 16.76
CA THR G 29 -8.74 -57.30 16.66
C THR G 29 -8.33 -57.80 18.04
N GLY G 30 -8.76 -57.10 19.08
CA GLY G 30 -8.56 -57.52 20.47
C GLY G 30 -8.08 -56.38 21.34
N ASP G 31 -7.32 -56.74 22.38
CA ASP G 31 -6.76 -55.74 23.29
C ASP G 31 -5.43 -55.19 22.78
N SER G 32 -4.59 -56.06 22.20
CA SER G 32 -3.29 -55.64 21.68
C SER G 32 -2.70 -56.62 20.66
N ILE G 33 -1.89 -56.08 19.75
CA ILE G 33 -1.13 -56.88 18.79
C ILE G 33 0.34 -56.50 18.87
N ASP G 34 1.21 -57.50 18.84
CA ASP G 34 2.65 -57.28 18.83
C ASP G 34 3.11 -56.92 17.42
N THR G 35 3.66 -55.72 17.27
CA THR G 35 4.16 -55.23 15.98
C THR G 35 5.68 -55.06 16.03
N PRO G 36 6.43 -56.15 15.81
CA PRO G 36 7.89 -56.07 15.86
C PRO G 36 8.48 -55.33 14.66
N ASN G 37 9.61 -54.65 14.88
CA ASN G 37 10.30 -53.91 13.84
C ASN G 37 11.50 -54.72 13.31
N TYR G 38 12.34 -54.08 12.50
CA TYR G 38 13.46 -54.77 11.85
C TYR G 38 14.58 -55.15 12.83
N ASP G 39 14.69 -54.41 13.93
CA ASP G 39 15.74 -54.65 14.92
C ASP G 39 15.56 -55.98 15.67
N VAL G 40 14.32 -56.44 15.78
CA VAL G 40 14.02 -57.70 16.48
C VAL G 40 13.98 -58.90 15.54
N GLN G 41 13.78 -58.65 14.24
CA GLN G 41 13.73 -59.71 13.23
C GLN G 41 14.81 -60.79 13.44
N LYS G 42 16.02 -60.36 13.78
CA LYS G 42 17.15 -61.27 13.95
C LYS G 42 17.01 -62.12 15.22
N HIS G 43 16.35 -61.58 16.23
CA HIS G 43 16.07 -62.31 17.47
C HIS G 43 14.99 -63.38 17.27
N ILE G 44 13.98 -63.06 16.46
CA ILE G 44 12.88 -63.99 16.18
C ILE G 44 13.38 -65.15 15.30
N ASN G 45 14.27 -64.83 14.36
CA ASN G 45 14.93 -65.86 13.55
C ASN G 45 15.69 -66.86 14.42
N LYS G 46 16.33 -66.36 15.47
CA LYS G 46 17.01 -67.20 16.45
C LYS G 46 16.01 -68.05 17.22
N LEU G 47 14.90 -67.43 17.62
CA LEU G 47 13.81 -68.14 18.31
C LEU G 47 13.18 -69.21 17.42
N CYS G 48 13.04 -68.90 16.13
CA CYS G 48 12.56 -69.86 15.14
C CYS G 48 13.54 -71.02 14.97
N GLY G 49 14.84 -70.70 15.02
CA GLY G 49 15.89 -71.71 14.94
C GLY G 49 15.92 -72.65 16.13
N MET G 50 15.68 -72.10 17.33
CA MET G 50 15.63 -72.90 18.56
C MET G 50 14.57 -74.00 18.49
N LEU G 51 13.39 -73.65 17.99
CA LEU G 51 12.31 -74.63 17.79
C LEU G 51 12.68 -75.70 16.76
N LEU G 52 13.43 -75.29 15.74
CA LEU G 52 13.83 -76.21 14.67
C LEU G 52 14.91 -77.21 15.09
N ILE G 53 15.86 -76.78 15.93
CA ILE G 53 16.90 -77.70 16.42
C ILE G 53 16.42 -78.61 17.55
N THR G 54 15.32 -78.23 18.20
CA THR G 54 14.76 -79.02 19.31
C THR G 54 14.11 -80.31 18.80
N GLU G 55 14.58 -81.45 19.30
CA GLU G 55 14.02 -82.74 18.93
C GLU G 55 12.68 -82.94 19.64
N ASP G 56 11.64 -83.27 18.86
CA ASP G 56 10.27 -83.40 19.37
C ASP G 56 9.85 -82.11 20.08
N ALA G 57 9.89 -81.01 19.35
CA ALA G 57 9.63 -79.68 19.91
C ALA G 57 8.13 -79.43 20.08
N ASN G 58 7.81 -78.56 21.03
CA ASN G 58 6.43 -78.12 21.26
C ASN G 58 6.09 -76.95 20.35
N HIS G 59 5.43 -77.24 19.23
CA HIS G 59 5.02 -76.21 18.27
C HIS G 59 3.60 -75.72 18.58
N LYS G 60 3.38 -75.32 19.84
CA LYS G 60 2.10 -74.74 20.25
C LYS G 60 2.07 -73.25 19.91
N PHE G 61 3.24 -72.62 19.94
CA PHE G 61 3.36 -71.17 19.74
C PHE G 61 4.05 -70.80 18.42
N THR G 62 4.41 -71.81 17.62
CA THR G 62 5.19 -71.58 16.39
C THR G 62 4.37 -70.87 15.31
N GLY G 63 3.06 -71.08 15.30
CA GLY G 63 2.17 -70.35 14.41
C GLY G 63 2.16 -68.87 14.73
N LEU G 64 2.17 -68.56 16.03
CA LEU G 64 2.24 -67.17 16.50
C LEU G 64 3.63 -66.59 16.31
N ILE G 65 4.66 -67.37 16.64
CA ILE G 65 6.06 -66.97 16.45
C ILE G 65 6.38 -66.76 14.97
N GLY G 66 5.76 -67.56 14.11
CA GLY G 66 5.90 -67.40 12.66
C GLY G 66 5.36 -66.07 12.18
N MET G 67 4.20 -65.68 12.68
CA MET G 67 3.59 -64.38 12.34
C MET G 67 4.46 -63.22 12.82
N LEU G 68 5.09 -63.38 13.99
CA LEU G 68 5.98 -62.35 14.53
C LEU G 68 7.21 -62.12 13.64
N TYR G 69 7.72 -63.19 13.03
CA TYR G 69 8.83 -63.07 12.10
C TYR G 69 8.40 -62.39 10.79
N ALA G 70 7.20 -62.73 10.33
CA ALA G 70 6.64 -62.13 9.12
C ALA G 70 6.37 -60.63 9.32
N MET G 71 5.90 -60.27 10.50
CA MET G 71 5.65 -58.86 10.85
C MET G 71 6.94 -58.09 11.08
N SER G 72 7.96 -58.76 11.60
CA SER G 72 9.28 -58.13 11.82
C SER G 72 9.98 -57.85 10.49
N ARG G 73 9.75 -58.72 9.50
CA ARG G 73 10.25 -58.50 8.15
C ARG G 73 9.57 -57.31 7.49
N LEU G 74 8.26 -57.18 7.71
CA LEU G 74 7.49 -56.05 7.21
C LEU G 74 7.91 -54.76 7.90
N GLY G 75 7.99 -54.80 9.23
CA GLY G 75 8.37 -53.64 10.03
C GLY G 75 7.16 -52.96 10.64
N ARG G 76 7.32 -52.46 11.87
CA ARG G 76 6.23 -51.87 12.65
C ARG G 76 5.33 -50.93 11.83
N GLU G 77 5.95 -50.05 11.05
CA GLU G 77 5.20 -49.08 10.25
C GLU G 77 4.30 -49.74 9.19
N ASP G 78 4.85 -50.72 8.48
CA ASP G 78 4.10 -51.40 7.42
C ASP G 78 3.01 -52.33 7.99
N THR G 79 3.39 -53.22 8.91
CA THR G 79 2.43 -54.17 9.48
C THR G 79 1.25 -53.49 10.17
N ILE G 80 1.46 -52.31 10.75
CA ILE G 80 0.35 -51.50 11.27
C ILE G 80 -0.49 -50.97 10.10
N LYS G 81 0.18 -50.55 9.04
CA LYS G 81 -0.50 -50.05 7.84
C LYS G 81 -1.36 -51.12 7.16
N ILE G 82 -0.91 -52.38 7.19
CA ILE G 82 -1.65 -53.47 6.53
C ILE G 82 -2.88 -53.89 7.35
N LEU G 83 -2.77 -53.81 8.68
CA LEU G 83 -3.90 -54.10 9.58
C LEU G 83 -4.99 -53.03 9.46
N ARG G 84 -4.59 -51.76 9.40
CA ARG G 84 -5.54 -50.66 9.27
C ARG G 84 -6.22 -50.64 7.91
N ASP G 85 -5.47 -50.95 6.85
CA ASP G 85 -6.02 -51.04 5.49
C ASP G 85 -6.98 -52.22 5.34
N ALA G 86 -6.74 -53.29 6.10
CA ALA G 86 -7.63 -54.44 6.13
C ALA G 86 -8.97 -54.10 6.78
N GLY G 87 -8.93 -53.20 7.76
CA GLY G 87 -10.14 -52.76 8.47
C GLY G 87 -10.15 -53.25 9.91
N TYR G 88 -9.11 -52.91 10.65
CA TYR G 88 -8.96 -53.33 12.05
C TYR G 88 -8.39 -52.19 12.90
N HIS G 89 -9.00 -51.95 14.06
CA HIS G 89 -8.44 -51.05 15.06
C HIS G 89 -7.32 -51.78 15.80
N VAL G 90 -6.09 -51.30 15.64
CA VAL G 90 -4.92 -51.97 16.20
C VAL G 90 -4.27 -51.19 17.33
N LYS G 91 -4.07 -51.89 18.46
CA LYS G 91 -3.36 -51.37 19.60
C LYS G 91 -1.93 -51.91 19.55
N ALA G 92 -1.05 -51.16 18.89
CA ALA G 92 0.30 -51.62 18.58
C ALA G 92 1.20 -51.75 19.80
N ASN G 93 1.65 -52.98 20.06
CA ASN G 93 2.63 -53.25 21.11
C ASN G 93 4.01 -53.40 20.48
N GLY G 94 4.98 -52.65 20.99
CA GLY G 94 6.36 -52.74 20.50
C GLY G 94 7.00 -54.07 20.87
N VAL G 95 8.05 -54.44 20.15
CA VAL G 95 8.78 -55.69 20.42
C VAL G 95 10.30 -55.46 20.30
N ASP G 96 11.03 -55.76 21.38
CA ASP G 96 12.48 -55.56 21.47
C ASP G 96 13.06 -56.50 22.53
N VAL G 97 14.33 -56.32 22.87
CA VAL G 97 15.06 -57.30 23.67
C VAL G 97 15.37 -56.80 25.08
N THR G 98 15.02 -57.61 26.08
CA THR G 98 15.39 -57.36 27.48
C THR G 98 15.99 -58.62 28.08
N THR G 99 16.95 -58.45 28.99
CA THR G 99 17.63 -59.58 29.63
C THR G 99 16.90 -59.99 30.91
N HIS G 100 16.38 -61.22 30.91
CA HIS G 100 15.64 -61.76 32.07
C HIS G 100 16.52 -62.72 32.85
N ARG G 101 16.60 -62.50 34.17
CA ARG G 101 17.38 -63.36 35.06
C ARG G 101 16.48 -64.27 35.88
N GLN G 102 16.69 -65.58 35.72
CA GLN G 102 15.90 -66.59 36.45
C GLN G 102 16.79 -67.78 36.81
N ASP G 103 16.58 -68.32 38.00
CA ASP G 103 17.42 -69.42 38.52
C ASP G 103 16.81 -70.80 38.25
N ILE G 104 17.16 -71.36 37.08
CA ILE G 104 16.73 -72.71 36.71
C ILE G 104 17.69 -73.73 37.32
N ASN G 105 17.13 -74.71 38.03
CA ASN G 105 17.90 -75.76 38.70
C ASN G 105 18.92 -75.22 39.70
N GLY G 106 18.56 -74.14 40.40
CA GLY G 106 19.44 -73.54 41.40
C GLY G 106 20.35 -72.44 40.86
N LYS G 107 21.01 -72.73 39.74
CA LYS G 107 21.97 -71.81 39.13
C LYS G 107 21.25 -70.66 38.43
N GLU G 108 21.67 -69.43 38.72
CA GLU G 108 21.06 -68.23 38.13
C GLU G 108 21.51 -68.09 36.66
N MET G 109 20.53 -68.01 35.76
CA MET G 109 20.80 -67.96 34.32
C MET G 109 20.19 -66.72 33.67
N LYS G 110 20.88 -66.20 32.65
CA LYS G 110 20.41 -65.06 31.88
C LYS G 110 19.73 -65.52 30.59
N PHE G 111 18.70 -64.78 30.16
CA PHE G 111 17.97 -65.08 28.93
C PHE G 111 17.56 -63.81 28.21
N GLU G 112 17.90 -63.70 26.93
CA GLU G 112 17.43 -62.61 26.08
C GLU G 112 16.03 -62.94 25.59
N VAL G 113 15.05 -62.18 26.08
CA VAL G 113 13.63 -62.44 25.78
C VAL G 113 12.95 -61.22 25.15
N LEU G 114 12.02 -61.48 24.24
CA LEU G 114 11.19 -60.44 23.67
C LEU G 114 10.02 -60.19 24.62
N THR G 115 9.80 -58.93 24.99
CA THR G 115 8.71 -58.59 25.90
C THR G 115 7.41 -58.47 25.12
N LEU G 116 6.86 -59.62 24.74
CA LEU G 116 5.65 -59.72 23.93
C LEU G 116 4.40 -59.82 24.80
N ALA G 117 3.28 -59.38 24.25
CA ALA G 117 1.98 -59.50 24.93
C ALA G 117 1.39 -60.88 24.71
N SER G 118 1.40 -61.33 23.45
CA SER G 118 0.85 -62.64 23.09
C SER G 118 1.69 -63.80 23.61
N LEU G 119 3.01 -63.60 23.70
CA LEU G 119 3.93 -64.63 24.16
C LEU G 119 4.56 -64.23 25.50
N THR G 120 4.41 -65.10 26.50
CA THR G 120 4.92 -64.82 27.85
C THR G 120 6.44 -65.04 27.91
N THR G 121 7.10 -64.31 28.79
CA THR G 121 8.54 -64.48 29.02
C THR G 121 8.88 -65.80 29.70
N GLU G 122 7.88 -66.42 30.34
CA GLU G 122 8.06 -67.70 31.02
C GLU G 122 8.16 -68.85 30.03
N ILE G 123 7.43 -68.75 28.91
CA ILE G 123 7.43 -69.80 27.89
C ILE G 123 8.57 -69.59 26.88
N GLN G 124 9.01 -68.34 26.73
CA GLN G 124 10.12 -68.01 25.83
C GLN G 124 11.44 -68.64 26.30
N ILE G 125 11.70 -68.58 27.60
CA ILE G 125 12.90 -69.19 28.17
C ILE G 125 12.88 -70.72 28.06
N ASN G 126 11.69 -71.31 28.11
CA ASN G 126 11.53 -72.76 27.98
C ASN G 126 11.83 -73.26 26.56
N ILE G 127 11.60 -72.41 25.57
CA ILE G 127 11.97 -72.71 24.19
C ILE G 127 13.50 -72.73 24.07
N GLU G 128 14.16 -71.78 24.74
CA GLU G 128 15.62 -71.71 24.74
C GLU G 128 16.24 -72.80 25.60
N ILE G 129 15.59 -73.15 26.72
CA ILE G 129 16.07 -74.20 27.62
C ILE G 129 16.04 -75.57 26.93
N GLU G 130 14.92 -75.90 26.28
CA GLU G 130 14.77 -77.18 25.59
C GLU G 130 15.65 -77.28 24.34
N SER G 131 15.97 -76.14 23.74
CA SER G 131 16.86 -76.10 22.57
C SER G 131 18.31 -76.35 22.98
N ARG G 132 18.71 -75.80 24.13
CA ARG G 132 20.05 -76.03 24.68
C ARG G 132 20.30 -77.51 25.02
N LYS G 133 19.25 -78.19 25.47
CA LYS G 133 19.32 -79.64 25.73
C LYS G 133 19.57 -80.41 24.44
N SER G 134 18.82 -80.07 23.39
CA SER G 134 18.97 -80.70 22.08
C SER G 134 20.27 -80.28 21.40
N TYR G 135 20.75 -79.08 21.71
CA TYR G 135 22.01 -78.57 21.13
C TYR G 135 23.21 -79.33 21.67
N LYS G 136 23.27 -79.54 22.98
CA LYS G 136 24.38 -80.26 23.59
C LYS G 136 24.35 -81.75 23.25
N LYS G 137 23.15 -82.29 23.05
CA LYS G 137 22.98 -83.67 22.60
C LYS G 137 23.45 -83.79 21.15
N MET G 138 23.15 -82.78 20.34
CA MET G 138 23.62 -82.71 18.96
C MET G 138 25.14 -82.51 18.93
N LEU G 139 25.65 -81.66 19.81
CA LEU G 139 27.08 -81.39 19.92
C LEU G 139 27.86 -82.63 20.37
N LYS G 140 27.23 -83.47 21.19
CA LYS G 140 27.84 -84.69 21.71
C LYS G 140 27.92 -85.78 20.63
N GLU G 141 26.98 -85.75 19.69
CA GLU G 141 26.90 -86.77 18.64
C GLU G 141 27.88 -86.51 17.48
N MET G 142 27.91 -85.28 16.98
CA MET G 142 28.74 -84.92 15.82
C MET G 142 29.97 -84.07 16.16
N GLY G 143 30.19 -83.82 17.45
CA GLY G 143 31.35 -83.05 17.89
C GLY G 143 31.20 -81.56 17.62
N GLU G 144 31.40 -81.17 16.37
CA GLU G 144 31.26 -79.78 15.94
C GLU G 144 30.02 -79.63 15.04
N VAL G 145 29.07 -78.80 15.47
CA VAL G 145 27.86 -78.55 14.68
C VAL G 145 28.15 -77.53 13.57
N ALA G 146 27.67 -77.83 12.36
CA ALA G 146 27.92 -76.98 11.19
C ALA G 146 26.92 -75.83 11.15
N PRO G 147 27.19 -74.81 10.31
CA PRO G 147 26.26 -73.68 10.13
C PRO G 147 24.84 -74.06 9.67
N GLU G 148 24.72 -75.19 8.96
CA GLU G 148 23.43 -75.64 8.44
C GLU G 148 22.52 -76.17 9.55
N TYR G 149 23.10 -76.93 10.49
CA TYR G 149 22.34 -77.61 11.53
C TYR G 149 21.98 -76.70 12.72
N ARG G 150 22.63 -75.55 12.85
CA ARG G 150 22.46 -74.68 14.01
C ARG G 150 21.31 -73.69 13.87
N HIS G 151 20.91 -73.11 14.99
CA HIS G 151 19.79 -72.17 15.07
C HIS G 151 20.11 -70.77 14.53
N ASP G 152 21.39 -70.44 14.40
CA ASP G 152 21.82 -69.11 13.97
C ASP G 152 21.61 -68.84 12.47
N SER G 153 21.36 -69.88 11.69
CA SER G 153 21.18 -69.75 10.25
C SER G 153 20.03 -68.80 9.90
N PRO G 154 20.21 -67.97 8.85
CA PRO G 154 19.17 -67.02 8.45
C PRO G 154 17.92 -67.66 7.82
N ASP G 155 18.04 -68.91 7.39
CA ASP G 155 16.91 -69.63 6.78
C ASP G 155 15.83 -70.00 7.80
N CYS G 156 16.25 -70.27 9.04
CA CYS G 156 15.36 -70.75 10.11
C CYS G 156 13.98 -70.10 10.14
N GLY G 157 13.95 -68.77 10.05
CA GLY G 157 12.69 -68.02 10.09
C GLY G 157 11.79 -68.30 8.91
N MET G 158 12.37 -68.34 7.70
CA MET G 158 11.62 -68.61 6.49
C MET G 158 11.24 -70.09 6.34
N ILE G 159 12.06 -70.98 6.91
CA ILE G 159 11.76 -72.42 6.90
C ILE G 159 10.44 -72.71 7.61
N ILE G 160 10.18 -72.01 8.71
CA ILE G 160 8.91 -72.14 9.43
C ILE G 160 7.76 -71.52 8.65
N LEU G 161 8.05 -70.43 7.92
CA LEU G 161 7.04 -69.79 7.07
C LEU G 161 6.78 -70.54 5.76
N CYS G 162 7.65 -71.50 5.41
CA CYS G 162 7.45 -72.32 4.21
C CYS G 162 6.22 -73.22 4.34
N ILE G 163 6.07 -73.87 5.50
CA ILE G 163 4.88 -74.70 5.76
C ILE G 163 3.66 -73.84 6.10
N ALA G 164 3.89 -72.58 6.48
CA ALA G 164 2.80 -71.61 6.64
C ALA G 164 2.18 -71.29 5.27
N ALA G 165 3.02 -71.24 4.24
CA ALA G 165 2.56 -71.05 2.86
C ALA G 165 1.84 -72.30 2.33
N LEU G 166 2.21 -73.47 2.84
CA LEU G 166 1.51 -74.72 2.52
C LEU G 166 0.15 -74.77 3.21
N VAL G 167 0.07 -74.24 4.44
CA VAL G 167 -1.20 -74.14 5.15
C VAL G 167 -2.14 -73.15 4.46
N ILE G 168 -1.58 -72.02 4.02
CA ILE G 168 -2.36 -70.99 3.32
C ILE G 168 -2.82 -71.50 1.95
N THR G 169 -2.06 -72.42 1.37
CA THR G 169 -2.40 -73.07 0.10
C THR G 169 -3.69 -73.91 0.22
N LYS G 170 -3.89 -74.54 1.38
CA LYS G 170 -5.06 -75.40 1.61
C LYS G 170 -6.08 -74.78 2.59
N LEU G 171 -6.10 -73.46 2.70
CA LEU G 171 -7.10 -72.77 3.53
C LEU G 171 -8.47 -72.65 2.85
N ALA G 172 -8.50 -72.84 1.53
CA ALA G 172 -9.74 -72.73 0.75
C ALA G 172 -10.82 -73.70 1.25
N ALA G 173 -10.41 -74.90 1.62
CA ALA G 173 -11.33 -75.90 2.19
C ALA G 173 -11.94 -75.40 3.48
N GLY G 174 -11.10 -74.87 4.37
CA GLY G 174 -11.54 -74.25 5.61
C GLY G 174 -12.01 -75.23 6.67
N ASP G 175 -11.31 -76.36 6.79
CA ASP G 175 -11.63 -77.35 7.82
C ASP G 175 -10.44 -78.29 8.15
N ARG G 176 -9.22 -77.80 7.99
CA ARG G 176 -8.00 -78.58 8.21
C ARG G 176 -7.99 -79.93 7.46
N SER G 177 -8.64 -79.98 6.31
CA SER G 177 -8.72 -81.21 5.51
C SER G 177 -7.46 -81.41 4.68
N GLY G 178 -6.81 -80.30 4.30
CA GLY G 178 -5.59 -80.35 3.50
C GLY G 178 -4.32 -80.70 4.28
N LEU G 179 -4.43 -80.77 5.61
CA LEU G 179 -3.30 -81.10 6.48
C LEU G 179 -2.46 -82.28 5.99
N THR G 180 -3.14 -83.30 5.46
CA THR G 180 -2.46 -84.47 4.89
C THR G 180 -1.60 -84.09 3.69
N ALA G 181 -2.14 -83.22 2.83
CA ALA G 181 -1.40 -82.73 1.66
C ALA G 181 -0.31 -81.73 2.05
N VAL G 182 -0.53 -81.00 3.14
CA VAL G 182 0.45 -80.03 3.65
C VAL G 182 1.70 -80.77 4.16
N ILE G 183 1.49 -81.88 4.86
CA ILE G 183 2.59 -82.72 5.36
C ILE G 183 3.27 -83.45 4.21
N ARG G 184 2.46 -83.96 3.28
CA ARG G 184 2.95 -84.67 2.10
C ARG G 184 3.90 -83.80 1.28
N ARG G 185 3.46 -82.59 0.95
CA ARG G 185 4.28 -81.64 0.19
C ARG G 185 5.50 -81.20 1.00
N ALA G 186 5.31 -81.01 2.31
CA ALA G 186 6.41 -80.61 3.19
C ALA G 186 7.52 -81.68 3.29
N ASN G 187 7.23 -82.89 2.83
CA ASN G 187 8.24 -83.96 2.70
C ASN G 187 8.85 -84.02 1.30
N ASN G 188 8.03 -83.78 0.28
CA ASN G 188 8.51 -83.72 -1.10
C ASN G 188 9.29 -82.42 -1.31
N VAL G 189 8.67 -81.30 -0.92
CA VAL G 189 9.35 -80.02 -0.84
C VAL G 189 10.14 -80.02 0.47
N LEU G 190 11.09 -79.11 0.60
CA LEU G 190 11.69 -78.81 1.90
C LEU G 190 12.39 -80.03 2.53
N LYS G 191 12.80 -80.98 1.68
CA LYS G 191 13.39 -82.24 2.16
C LYS G 191 14.79 -82.07 2.72
N ASN G 192 15.58 -81.21 2.09
CA ASN G 192 16.91 -80.86 2.59
C ASN G 192 16.86 -80.14 3.95
N GLU G 193 15.80 -79.35 4.14
CA GLU G 193 15.61 -78.60 5.38
C GLU G 193 15.28 -79.51 6.57
N MET G 194 14.50 -80.56 6.31
CA MET G 194 14.13 -81.52 7.35
C MET G 194 15.31 -82.37 7.83
N LYS G 195 16.30 -82.58 6.95
CA LYS G 195 17.52 -83.30 7.32
C LYS G 195 18.34 -82.52 8.33
N ARG G 196 18.48 -81.22 8.09
CA ARG G 196 19.32 -80.34 8.92
C ARG G 196 18.64 -79.81 10.18
N TYR G 197 17.35 -80.08 10.35
CA TYR G 197 16.62 -79.67 11.55
C TYR G 197 15.69 -80.78 12.05
N LYS G 198 15.94 -81.23 13.29
CA LYS G 198 15.14 -82.28 13.90
C LYS G 198 13.72 -81.82 14.21
N GLY G 199 13.58 -80.57 14.61
CA GLY G 199 12.28 -80.00 14.98
C GLY G 199 11.47 -79.41 13.84
N LEU G 200 11.74 -79.85 12.61
CA LEU G 200 10.90 -79.49 11.47
C LEU G 200 9.82 -80.57 11.34
N LEU G 201 8.75 -80.39 12.11
CA LEU G 201 7.62 -81.32 12.12
C LEU G 201 6.45 -80.71 11.35
N PRO G 202 6.22 -81.16 10.11
CA PRO G 202 5.14 -80.61 9.28
C PRO G 202 3.77 -80.63 9.94
N LYS G 203 3.42 -81.74 10.58
CA LYS G 203 2.12 -81.89 11.23
C LYS G 203 1.94 -80.94 12.41
N ASP G 204 2.98 -80.82 13.24
CA ASP G 204 2.93 -79.98 14.44
C ASP G 204 2.92 -78.49 14.10
N ILE G 205 3.71 -78.09 13.11
CA ILE G 205 3.82 -76.68 12.74
C ILE G 205 2.61 -76.22 11.92
N ALA G 206 2.13 -77.09 11.02
CA ALA G 206 0.96 -76.77 10.20
C ALA G 206 -0.30 -76.55 11.05
N ASN G 207 -0.50 -77.43 12.03
CA ASN G 207 -1.61 -77.30 12.98
C ASN G 207 -1.52 -76.01 13.80
N SER G 208 -0.30 -75.55 14.07
CA SER G 208 -0.08 -74.29 14.78
C SER G 208 -0.52 -73.10 13.93
N PHE G 209 -0.17 -73.12 12.65
CA PHE G 209 -0.58 -72.08 11.71
C PHE G 209 -2.08 -72.17 11.39
N TYR G 210 -2.61 -73.39 11.32
CA TYR G 210 -4.05 -73.59 11.18
C TYR G 210 -4.81 -72.98 12.36
N GLU G 211 -4.24 -73.14 13.56
CA GLU G 211 -4.85 -72.60 14.79
C GLU G 211 -4.81 -71.08 14.83
N VAL G 212 -3.67 -70.48 14.48
CA VAL G 212 -3.49 -69.03 14.57
C VAL G 212 -4.29 -68.27 13.50
N PHE G 213 -4.46 -68.89 12.33
CA PHE G 213 -5.29 -68.29 11.28
C PHE G 213 -6.78 -68.40 11.60
N GLU G 214 -7.17 -69.50 12.26
CA GLU G 214 -8.56 -69.68 12.70
C GLU G 214 -8.91 -68.77 13.87
N LYS G 215 -8.04 -68.74 14.89
CA LYS G 215 -8.26 -67.91 16.07
C LYS G 215 -8.11 -66.42 15.76
N HIS G 216 -7.19 -66.09 14.86
CA HIS G 216 -6.94 -64.71 14.47
C HIS G 216 -7.01 -64.55 12.94
N PRO G 217 -8.21 -64.25 12.40
CA PRO G 217 -8.41 -64.05 10.97
C PRO G 217 -7.63 -62.86 10.38
N HIS G 218 -7.27 -61.89 11.21
CA HIS G 218 -6.46 -60.75 10.76
C HIS G 218 -5.01 -61.13 10.45
N PHE G 219 -4.51 -62.19 11.09
CA PHE G 219 -3.14 -62.66 10.82
C PHE G 219 -2.99 -63.37 9.47
N ILE G 220 -4.09 -63.87 8.90
CA ILE G 220 -4.05 -64.52 7.59
C ILE G 220 -3.92 -63.41 6.53
N ASP G 221 -4.51 -62.26 6.82
CA ASP G 221 -4.36 -61.06 5.98
C ASP G 221 -2.94 -60.51 6.07
N VAL G 222 -2.34 -60.61 7.26
CA VAL G 222 -0.96 -60.18 7.47
C VAL G 222 0.03 -61.08 6.72
N PHE G 223 -0.23 -62.38 6.72
CA PHE G 223 0.65 -63.35 6.05
C PHE G 223 0.57 -63.25 4.54
N VAL G 224 -0.64 -63.08 4.00
CA VAL G 224 -0.85 -62.96 2.55
C VAL G 224 -0.13 -61.71 2.01
N HIS G 225 -0.30 -60.59 2.69
CA HIS G 225 0.35 -59.34 2.27
C HIS G 225 1.85 -59.33 2.58
N PHE G 226 2.28 -60.16 3.52
CA PHE G 226 3.71 -60.41 3.72
C PHE G 226 4.27 -61.23 2.57
N GLY G 227 3.55 -62.28 2.20
CA GLY G 227 3.96 -63.18 1.11
C GLY G 227 4.06 -62.49 -0.23
N ILE G 228 3.15 -61.56 -0.49
CA ILE G 228 3.17 -60.75 -1.71
C ILE G 228 4.36 -59.77 -1.65
N ALA G 229 4.59 -59.18 -0.49
CA ALA G 229 5.74 -58.29 -0.28
C ALA G 229 7.06 -59.06 -0.34
N GLN G 230 7.06 -60.29 0.17
CA GLN G 230 8.22 -61.18 0.09
C GLN G 230 8.50 -61.59 -1.35
N SER G 231 7.43 -61.88 -2.09
CA SER G 231 7.55 -62.28 -3.49
C SER G 231 7.83 -61.10 -4.44
N SER G 232 7.74 -59.87 -3.92
CA SER G 232 8.03 -58.67 -4.70
C SER G 232 9.52 -58.29 -4.68
N THR G 233 10.33 -59.01 -3.90
CA THR G 233 11.75 -58.69 -3.77
C THR G 233 12.55 -59.03 -5.03
N ARG G 234 13.77 -58.51 -5.10
CA ARG G 234 14.64 -58.69 -6.27
C ARG G 234 15.35 -60.04 -6.25
N GLY G 235 15.68 -60.53 -5.05
CA GLY G 235 16.33 -61.83 -4.90
C GLY G 235 16.83 -62.06 -3.47
N GLY G 236 16.92 -63.32 -3.08
CA GLY G 236 17.34 -63.69 -1.72
C GLY G 236 18.10 -65.00 -1.65
N SER G 237 17.58 -65.96 -0.88
CA SER G 237 18.16 -67.30 -0.76
C SER G 237 17.24 -68.34 -1.38
N ARG G 238 17.71 -69.58 -1.48
CA ARG G 238 16.91 -70.66 -2.07
C ARG G 238 15.69 -71.02 -1.21
N VAL G 239 15.83 -70.86 0.11
CA VAL G 239 14.72 -71.08 1.04
C VAL G 239 13.63 -70.02 0.86
N GLU G 240 14.04 -68.80 0.52
CA GLU G 240 13.09 -67.74 0.17
C GLU G 240 12.47 -68.02 -1.20
N GLY G 241 13.22 -68.70 -2.07
CA GLY G 241 12.69 -69.20 -3.34
C GLY G 241 11.66 -70.30 -3.13
N ILE G 242 11.86 -71.12 -2.09
CA ILE G 242 10.87 -72.15 -1.71
C ILE G 242 9.57 -71.48 -1.29
N PHE G 243 9.68 -70.54 -0.36
CA PHE G 243 8.51 -69.81 0.15
C PHE G 243 7.74 -69.12 -0.97
N ALA G 244 8.47 -68.44 -1.87
CA ALA G 244 7.85 -67.72 -2.98
C ALA G 244 7.08 -68.65 -3.92
N GLY G 245 7.66 -69.82 -4.21
CA GLY G 245 7.01 -70.82 -5.05
C GLY G 245 5.81 -71.47 -4.37
N LEU G 246 5.98 -71.82 -3.10
CA LEU G 246 4.90 -72.43 -2.31
C LEU G 246 3.76 -71.45 -2.03
N PHE G 247 4.10 -70.16 -1.88
CA PHE G 247 3.10 -69.12 -1.66
C PHE G 247 2.24 -68.87 -2.90
N MET G 248 2.89 -68.89 -4.07
CA MET G 248 2.18 -68.66 -5.34
C MET G 248 1.35 -69.85 -5.80
N ASN G 249 1.56 -71.02 -5.18
CA ASN G 249 0.67 -72.17 -5.39
C ASN G 249 -0.70 -71.92 -4.78
N ALA G 250 -0.76 -71.06 -3.77
CA ALA G 250 -2.01 -70.65 -3.14
C ALA G 250 -2.86 -69.76 -4.04
N TYR G 251 -2.21 -69.02 -4.94
CA TYR G 251 -2.92 -68.16 -5.88
C TYR G 251 -3.94 -68.98 -6.67
N GLY G 252 -5.19 -68.50 -6.68
CA GLY G 252 -6.28 -69.19 -7.36
C GLY G 252 -6.91 -70.31 -6.57
N ALA G 253 -6.63 -70.36 -5.27
CA ALA G 253 -7.25 -71.35 -4.38
C ALA G 253 -8.70 -70.94 -4.12
N GLY G 254 -9.56 -71.93 -3.93
CA GLY G 254 -10.99 -71.69 -3.74
C GLY G 254 -11.72 -71.31 -5.03
N GLN G 255 -11.09 -71.57 -6.17
CA GLN G 255 -11.67 -71.24 -7.47
C GLN G 255 -10.99 -72.05 -8.58
N VAL G 256 -10.94 -73.36 -8.36
CA VAL G 256 -10.35 -74.31 -9.32
C VAL G 256 -11.28 -74.54 -10.51
N MET G 257 -12.60 -74.46 -10.28
CA MET G 257 -13.59 -74.63 -11.33
C MET G 257 -13.44 -73.56 -12.42
N LEU G 258 -12.90 -72.40 -12.03
CA LEU G 258 -12.60 -71.33 -12.97
C LEU G 258 -11.48 -71.74 -13.93
N ARG G 259 -10.45 -72.41 -13.40
CA ARG G 259 -9.31 -72.88 -14.20
C ARG G 259 -9.67 -74.10 -15.05
N TRP G 260 -10.44 -75.02 -14.48
CA TRP G 260 -10.89 -76.21 -15.20
C TRP G 260 -11.88 -75.88 -16.32
N GLY G 261 -12.57 -74.74 -16.20
CA GLY G 261 -13.47 -74.27 -17.25
C GLY G 261 -12.72 -73.83 -18.50
N VAL G 262 -11.52 -73.25 -18.31
CA VAL G 262 -10.65 -72.87 -19.41
C VAL G 262 -10.01 -74.11 -20.05
N LEU G 263 -9.77 -75.13 -19.23
CA LEU G 263 -9.22 -76.40 -19.70
C LEU G 263 -10.20 -77.13 -20.62
N ALA G 264 -11.46 -77.17 -20.22
CA ALA G 264 -12.53 -77.78 -21.04
C ALA G 264 -12.69 -77.05 -22.37
N LYS G 265 -12.52 -75.74 -22.33
CA LYS G 265 -12.53 -74.90 -23.54
C LYS G 265 -11.28 -75.13 -24.40
N SER G 266 -10.14 -75.34 -23.74
CA SER G 266 -8.88 -75.60 -24.44
C SER G 266 -8.88 -76.96 -25.15
N VAL G 267 -9.31 -78.00 -24.44
CA VAL G 267 -9.38 -79.35 -25.00
C VAL G 267 -10.60 -79.56 -25.92
N LYS G 268 -11.52 -78.60 -25.92
CA LYS G 268 -12.69 -78.63 -26.79
C LYS G 268 -13.62 -79.80 -26.49
N ASN G 269 -14.15 -79.83 -25.27
CA ASN G 269 -15.12 -80.85 -24.88
C ASN G 269 -16.46 -80.57 -25.55
N ILE G 270 -17.00 -81.57 -26.22
CA ILE G 270 -18.20 -81.43 -27.05
C ILE G 270 -19.46 -81.03 -26.26
N MET G 271 -19.52 -81.41 -24.98
CA MET G 271 -20.69 -81.12 -24.15
C MET G 271 -20.81 -79.64 -23.74
N LEU G 272 -19.79 -78.83 -24.02
CA LEU G 272 -19.88 -77.37 -23.87
C LEU G 272 -20.90 -76.77 -24.83
N GLY G 273 -21.03 -77.35 -26.02
CA GLY G 273 -21.99 -76.89 -27.02
C GLY G 273 -23.42 -77.36 -26.81
N HIS G 274 -23.66 -78.09 -25.72
CA HIS G 274 -24.99 -78.59 -25.38
C HIS G 274 -25.96 -77.43 -25.08
N ALA G 275 -27.23 -77.64 -25.40
CA ALA G 275 -28.25 -76.58 -25.36
C ALA G 275 -28.37 -75.89 -23.99
N SER G 276 -28.53 -76.69 -22.93
CA SER G 276 -28.70 -76.16 -21.57
C SER G 276 -27.42 -75.48 -21.06
N VAL G 277 -26.27 -75.91 -21.56
CA VAL G 277 -24.99 -75.28 -21.23
C VAL G 277 -24.88 -73.92 -21.92
N GLN G 278 -25.35 -73.86 -23.17
CA GLN G 278 -25.33 -72.62 -23.96
C GLN G 278 -26.27 -71.53 -23.44
N ALA G 279 -27.31 -71.94 -22.72
CA ALA G 279 -28.24 -70.99 -22.09
C ALA G 279 -27.55 -70.19 -20.97
N GLU G 280 -26.58 -70.82 -20.31
CA GLU G 280 -25.84 -70.21 -19.21
C GLU G 280 -24.66 -69.36 -19.69
N MET G 281 -24.23 -69.56 -20.94
CA MET G 281 -23.01 -68.95 -21.48
C MET G 281 -22.97 -67.42 -21.39
N GLU G 282 -24.14 -66.78 -21.45
CA GLU G 282 -24.21 -65.32 -21.29
C GLU G 282 -23.74 -64.90 -19.90
N GLN G 283 -24.13 -65.66 -18.88
CA GLN G 283 -23.81 -65.33 -17.48
C GLN G 283 -22.45 -65.85 -17.01
N VAL G 284 -21.96 -66.95 -17.59
CA VAL G 284 -20.65 -67.49 -17.20
C VAL G 284 -19.52 -66.60 -17.73
N VAL G 285 -19.75 -65.94 -18.86
CA VAL G 285 -18.79 -64.99 -19.42
C VAL G 285 -18.65 -63.76 -18.51
N GLU G 286 -19.75 -63.36 -17.87
CA GLU G 286 -19.74 -62.21 -16.97
C GLU G 286 -18.80 -62.41 -15.77
N VAL G 287 -18.77 -63.62 -15.22
CA VAL G 287 -17.89 -63.95 -14.08
C VAL G 287 -16.43 -64.11 -14.54
N TYR G 288 -16.23 -64.69 -15.73
CA TYR G 288 -14.88 -64.80 -16.30
C TYR G 288 -14.31 -63.43 -16.67
N GLU G 289 -15.15 -62.56 -17.22
CA GLU G 289 -14.76 -61.17 -17.49
C GLU G 289 -14.54 -60.40 -16.18
N TYR G 290 -15.32 -60.74 -15.15
CA TYR G 290 -15.14 -60.16 -13.82
C TYR G 290 -13.84 -60.64 -13.18
N ALA G 291 -13.48 -61.90 -13.42
CA ALA G 291 -12.21 -62.45 -12.95
C ALA G 291 -11.03 -61.80 -13.68
N GLN G 292 -11.23 -61.53 -14.98
CA GLN G 292 -10.23 -60.82 -15.78
C GLN G 292 -10.09 -59.35 -15.35
N LYS G 293 -11.21 -58.77 -14.89
CA LYS G 293 -11.23 -57.37 -14.43
C LYS G 293 -10.40 -57.20 -13.15
N LEU G 294 -10.65 -58.07 -12.17
CA LEU G 294 -9.94 -58.02 -10.89
C LEU G 294 -8.44 -58.30 -11.07
N GLY G 295 -8.12 -59.34 -11.85
CA GLY G 295 -6.73 -59.69 -12.14
C GLY G 295 -6.06 -60.42 -11.00
N GLY G 296 -4.93 -59.90 -10.55
CA GLY G 296 -4.17 -60.48 -9.46
C GLY G 296 -4.86 -60.40 -8.10
N GLU G 297 -5.72 -59.39 -7.94
CA GLU G 297 -6.47 -59.18 -6.70
C GLU G 297 -7.36 -60.37 -6.35
N ALA G 298 -7.91 -61.04 -7.36
CA ALA G 298 -8.83 -62.16 -7.17
C ALA G 298 -8.14 -63.48 -6.76
N GLY G 299 -6.81 -63.49 -6.75
CA GLY G 299 -6.05 -64.71 -6.42
C GLY G 299 -6.29 -65.21 -5.00
N PHE G 300 -6.26 -64.29 -4.04
CA PHE G 300 -6.42 -64.62 -2.62
C PHE G 300 -7.79 -64.18 -2.09
N TYR G 301 -8.81 -64.29 -2.93
CA TYR G 301 -10.19 -63.91 -2.55
C TYR G 301 -10.88 -64.95 -1.68
N HIS G 302 -10.42 -66.20 -1.73
CA HIS G 302 -10.97 -67.26 -0.89
C HIS G 302 -10.07 -67.58 0.31
N ILE G 303 -8.76 -67.40 0.15
CA ILE G 303 -7.80 -67.56 1.24
C ILE G 303 -8.09 -66.51 2.31
N LEU G 304 -8.06 -65.23 1.91
CA LEU G 304 -8.69 -64.17 2.67
C LEU G 304 -10.17 -64.35 2.38
N ASN G 305 -11.00 -64.52 3.40
CA ASN G 305 -12.44 -64.73 3.16
C ASN G 305 -13.10 -63.43 2.70
N ASN G 306 -12.84 -63.09 1.44
CA ASN G 306 -13.33 -61.85 0.85
C ASN G 306 -14.82 -61.98 0.52
N PRO G 307 -15.62 -60.96 0.88
CA PRO G 307 -17.05 -60.94 0.53
C PRO G 307 -17.34 -61.16 -0.95
N LYS G 308 -16.45 -60.65 -1.81
CA LYS G 308 -16.62 -60.74 -3.27
C LYS G 308 -16.11 -62.07 -3.86
N ALA G 309 -15.74 -63.01 -3.00
CA ALA G 309 -15.30 -64.34 -3.44
C ALA G 309 -16.45 -65.18 -4.01
N SER G 310 -17.65 -64.95 -3.49
CA SER G 310 -18.85 -65.66 -3.95
C SER G 310 -19.24 -65.28 -5.38
N LEU G 311 -18.83 -64.11 -5.83
CA LEU G 311 -19.11 -63.64 -7.19
C LEU G 311 -18.34 -64.42 -8.27
N LEU G 312 -17.20 -64.99 -7.89
CA LEU G 312 -16.38 -65.78 -8.81
C LEU G 312 -16.85 -67.23 -8.99
N SER G 313 -17.92 -67.60 -8.28
CA SER G 313 -18.43 -68.97 -8.31
C SER G 313 -19.12 -69.32 -9.63
N LEU G 314 -18.76 -70.48 -10.18
CA LEU G 314 -19.43 -71.04 -11.35
C LEU G 314 -20.48 -72.08 -10.94
N THR G 315 -20.51 -72.43 -9.65
CA THR G 315 -21.45 -73.41 -9.10
C THR G 315 -22.91 -72.99 -9.28
N GLN G 316 -23.15 -71.69 -9.32
CA GLN G 316 -24.49 -71.14 -9.62
C GLN G 316 -25.02 -71.57 -11.00
N PHE G 317 -24.12 -72.00 -11.89
CA PHE G 317 -24.49 -72.53 -13.20
C PHE G 317 -24.35 -74.06 -13.18
N PRO G 318 -25.48 -74.78 -12.98
CA PRO G 318 -25.45 -76.24 -12.85
C PRO G 318 -24.89 -76.99 -14.06
N HIS G 319 -25.30 -76.59 -15.26
CA HIS G 319 -24.97 -77.34 -16.47
C HIS G 319 -23.51 -77.15 -16.89
N PHE G 320 -23.04 -75.90 -16.88
CA PHE G 320 -21.65 -75.59 -17.22
C PHE G 320 -20.67 -76.19 -16.21
N SER G 321 -21.04 -76.16 -14.93
CA SER G 321 -20.22 -76.75 -13.87
C SER G 321 -20.07 -78.26 -14.05
N SER G 322 -21.14 -78.92 -14.48
CA SER G 322 -21.14 -80.38 -14.66
C SER G 322 -20.20 -80.84 -15.76
N VAL G 323 -20.29 -80.21 -16.93
CA VAL G 323 -19.40 -80.53 -18.06
C VAL G 323 -17.94 -80.22 -17.75
N VAL G 324 -17.70 -79.13 -17.03
CA VAL G 324 -16.34 -78.75 -16.61
C VAL G 324 -15.79 -79.74 -15.57
N LEU G 325 -16.64 -80.15 -14.64
CA LEU G 325 -16.24 -81.11 -13.61
C LEU G 325 -16.12 -82.51 -14.19
N GLY G 326 -16.91 -82.79 -15.24
CA GLY G 326 -16.81 -84.05 -15.98
C GLY G 326 -15.55 -84.14 -16.81
N ASN G 327 -15.21 -83.05 -17.50
CA ASN G 327 -13.98 -82.96 -18.28
C ASN G 327 -12.74 -83.22 -17.43
N ALA G 328 -12.73 -82.67 -16.21
CA ALA G 328 -11.64 -82.88 -15.27
C ALA G 328 -11.57 -84.34 -14.81
N ALA G 329 -12.72 -84.98 -14.67
CA ALA G 329 -12.79 -86.39 -14.27
C ALA G 329 -12.31 -87.32 -15.39
N GLY G 330 -12.67 -87.00 -16.63
CA GLY G 330 -12.28 -87.80 -17.78
C GLY G 330 -10.79 -87.69 -18.11
N LEU G 331 -10.24 -86.48 -17.98
CA LEU G 331 -8.80 -86.27 -18.12
C LEU G 331 -8.02 -86.88 -16.95
N GLY G 332 -8.70 -87.09 -15.82
CA GLY G 332 -8.10 -87.75 -14.67
C GLY G 332 -7.20 -86.83 -13.87
N ILE G 333 -7.69 -85.62 -13.61
CA ILE G 333 -6.94 -84.62 -12.84
C ILE G 333 -7.55 -84.34 -11.46
N MET G 334 -8.86 -84.53 -11.32
CA MET G 334 -9.53 -84.38 -10.02
C MET G 334 -9.38 -85.65 -9.19
N GLY G 335 -9.90 -85.62 -7.95
CA GLY G 335 -9.84 -86.76 -7.04
C GLY G 335 -8.73 -86.58 -6.01
N GLU G 336 -9.03 -86.49 -4.72
CA GLU G 336 -10.39 -86.59 -4.16
C GLU G 336 -10.96 -85.18 -3.96
N TYR G 337 -11.55 -84.64 -5.02
CA TYR G 337 -12.16 -83.31 -4.99
C TYR G 337 -13.62 -83.46 -4.61
N ARG G 338 -14.02 -82.76 -3.54
CA ARG G 338 -15.36 -82.95 -2.94
C ARG G 338 -16.45 -82.08 -3.59
N GLY G 339 -16.30 -81.78 -4.88
CA GLY G 339 -17.31 -81.06 -5.65
C GLY G 339 -18.22 -82.04 -6.37
N THR G 340 -19.53 -81.88 -6.19
CA THR G 340 -20.51 -82.78 -6.79
C THR G 340 -21.24 -82.07 -7.94
N PRO G 341 -21.38 -82.74 -9.10
CA PRO G 341 -22.08 -82.13 -10.23
C PRO G 341 -23.59 -82.11 -10.02
N ARG G 342 -24.22 -80.97 -10.26
CA ARG G 342 -25.67 -80.83 -10.12
C ARG G 342 -26.40 -81.63 -11.20
N ASN G 343 -25.91 -81.57 -12.44
CA ASN G 343 -26.42 -82.38 -13.54
C ASN G 343 -25.51 -83.59 -13.74
N GLN G 344 -26.04 -84.79 -13.45
CA GLN G 344 -25.26 -86.03 -13.53
C GLN G 344 -25.10 -86.53 -14.97
N ASP G 345 -26.11 -86.30 -15.80
CA ASP G 345 -26.09 -86.76 -17.19
C ASP G 345 -25.07 -86.00 -18.03
N LEU G 346 -24.98 -84.69 -17.81
CA LEU G 346 -23.97 -83.86 -18.47
C LEU G 346 -22.55 -84.18 -18.00
N TYR G 347 -22.43 -84.53 -16.72
CA TYR G 347 -21.15 -84.91 -16.14
C TYR G 347 -20.62 -86.22 -16.75
N ASP G 348 -21.48 -87.21 -16.86
CA ASP G 348 -21.10 -88.52 -17.42
C ASP G 348 -20.77 -88.43 -18.92
N ALA G 349 -21.53 -87.61 -19.64
CA ALA G 349 -21.31 -87.39 -21.07
C ALA G 349 -19.99 -86.66 -21.33
N ALA G 350 -19.68 -85.68 -20.48
CA ALA G 350 -18.42 -84.93 -20.57
C ALA G 350 -17.24 -85.81 -20.17
N LYS G 351 -17.42 -86.64 -19.16
CA LYS G 351 -16.40 -87.58 -18.69
C LYS G 351 -16.06 -88.59 -19.78
N ALA G 352 -17.09 -89.07 -20.49
CA ALA G 352 -16.91 -90.07 -21.54
C ALA G 352 -16.11 -89.52 -22.72
N TYR G 353 -16.46 -88.31 -23.17
CA TYR G 353 -15.74 -87.67 -24.27
C TYR G 353 -14.32 -87.28 -23.88
N ALA G 354 -14.15 -86.82 -22.64
CA ALA G 354 -12.84 -86.44 -22.11
C ALA G 354 -11.88 -87.63 -22.04
N GLU G 355 -12.42 -88.82 -21.77
CA GLU G 355 -11.65 -90.06 -21.79
C GLU G 355 -11.23 -90.45 -23.20
N GLN G 356 -12.08 -90.16 -24.19
CA GLN G 356 -11.78 -90.44 -25.59
C GLN G 356 -10.71 -89.48 -26.16
N LEU G 357 -10.64 -88.27 -25.60
CA LEU G 357 -9.66 -87.27 -26.03
C LEU G 357 -8.22 -87.65 -25.71
N LYS G 358 -8.02 -88.32 -24.57
CA LYS G 358 -6.68 -88.62 -24.06
C LYS G 358 -6.12 -89.98 -24.48
N GLU G 359 -6.68 -90.58 -25.53
CA GLU G 359 -6.34 -91.95 -25.91
C GLU G 359 -5.19 -92.02 -26.90
N ASN G 360 -4.38 -93.07 -26.78
CA ASN G 360 -3.30 -93.38 -27.73
C ASN G 360 -2.17 -92.33 -27.76
N GLY G 361 -2.06 -91.55 -28.83
CA GLY G 361 -1.01 -90.54 -28.98
C GLY G 361 -0.29 -90.66 -30.30
N VAL G 362 -0.80 -89.98 -31.32
CA VAL G 362 -0.19 -89.97 -32.66
C VAL G 362 0.52 -88.65 -32.90
N ILE G 363 1.58 -88.68 -33.70
CA ILE G 363 2.40 -87.50 -33.95
C ILE G 363 1.74 -86.60 -35.00
N ASN G 364 1.64 -85.30 -34.67
CA ASN G 364 1.12 -84.31 -35.60
C ASN G 364 2.28 -83.61 -36.31
N TYR G 365 2.47 -83.93 -37.58
CA TYR G 365 3.62 -83.44 -38.36
C TYR G 365 3.39 -82.05 -38.96
N SER G 366 2.15 -81.58 -38.97
CA SER G 366 1.81 -80.25 -39.48
C SER G 366 2.24 -79.13 -38.52
N VAL G 367 2.44 -79.48 -37.26
CA VAL G 367 2.86 -78.50 -36.24
C VAL G 367 4.30 -78.07 -36.46
N LEU G 368 5.18 -79.02 -36.78
CA LEU G 368 6.59 -78.73 -37.02
C LEU G 368 6.77 -78.01 -38.34
N ASP G 369 7.85 -77.24 -38.46
CA ASP G 369 8.16 -76.51 -39.70
C ASP G 369 9.02 -77.36 -40.62
N LEU G 370 8.52 -78.55 -40.96
CA LEU G 370 9.24 -79.49 -41.81
C LEU G 370 9.15 -79.06 -43.28
N THR G 371 10.27 -79.13 -43.98
CA THR G 371 10.34 -78.73 -45.39
C THR G 371 10.26 -79.97 -46.28
N ALA H 2 -41.40 -28.78 -35.17
CA ALA H 2 -41.29 -30.22 -35.55
C ALA H 2 -42.05 -31.11 -34.57
N LEU H 3 -42.42 -32.30 -35.03
CA LEU H 3 -43.14 -33.26 -34.19
C LEU H 3 -42.18 -34.10 -33.33
N SER H 4 -40.88 -33.95 -33.57
CA SER H 4 -39.86 -34.60 -32.76
C SER H 4 -39.70 -33.92 -31.40
N LYS H 5 -40.01 -32.61 -31.35
CA LYS H 5 -39.82 -31.82 -30.13
C LYS H 5 -40.91 -32.07 -29.08
N VAL H 6 -42.13 -32.38 -29.52
CA VAL H 6 -43.24 -32.65 -28.60
C VAL H 6 -42.95 -33.92 -27.77
N LYS H 7 -42.31 -33.70 -26.61
CA LYS H 7 -41.91 -34.78 -25.72
C LYS H 7 -41.86 -34.26 -24.28
N LEU H 8 -41.80 -35.18 -23.32
CA LEU H 8 -41.74 -34.80 -21.91
C LEU H 8 -41.21 -35.94 -21.05
N ASN H 9 -39.96 -35.79 -20.58
CA ASN H 9 -39.32 -36.83 -19.77
C ASN H 9 -39.80 -36.71 -18.32
N ASP H 10 -40.94 -37.34 -18.04
CA ASP H 10 -41.53 -37.29 -16.70
C ASP H 10 -40.71 -38.06 -15.67
N THR H 11 -40.13 -39.18 -16.08
CA THR H 11 -39.33 -40.02 -15.19
C THR H 11 -38.10 -39.27 -14.64
N LEU H 12 -37.43 -38.52 -15.51
CA LEU H 12 -36.26 -37.74 -15.13
C LEU H 12 -36.63 -36.49 -14.33
N ASN H 13 -37.76 -35.89 -14.69
CA ASN H 13 -38.25 -34.68 -13.99
C ASN H 13 -38.79 -34.98 -12.60
N LYS H 14 -39.44 -36.12 -12.43
CA LYS H 14 -39.91 -36.56 -11.10
C LYS H 14 -38.73 -36.78 -10.16
N ASP H 15 -37.65 -37.38 -10.68
CA ASP H 15 -36.42 -37.57 -9.93
C ASP H 15 -35.77 -36.23 -9.57
N GLN H 16 -35.79 -35.30 -10.53
CA GLN H 16 -35.23 -33.96 -10.32
C GLN H 16 -35.99 -33.18 -9.24
N LEU H 17 -37.30 -33.40 -9.16
CA LEU H 17 -38.13 -32.77 -8.12
C LEU H 17 -37.75 -33.25 -6.72
N LEU H 18 -37.64 -34.57 -6.57
CA LEU H 18 -37.34 -35.18 -5.27
C LEU H 18 -35.88 -34.99 -4.86
N SER H 19 -34.97 -34.98 -5.84
CA SER H 19 -33.55 -34.79 -5.58
C SER H 19 -33.23 -33.36 -5.12
N SER H 20 -34.01 -32.39 -5.59
CA SER H 20 -33.80 -30.98 -5.25
C SER H 20 -34.87 -30.46 -4.30
N SER H 21 -35.11 -31.19 -3.21
CA SER H 21 -36.07 -30.77 -2.19
C SER H 21 -35.41 -29.75 -1.27
N LYS H 22 -36.10 -28.64 -1.02
CA LYS H 22 -35.57 -27.57 -0.17
C LYS H 22 -35.71 -27.94 1.31
N TYR H 23 -36.73 -28.74 1.62
CA TYR H 23 -37.09 -29.05 3.00
C TYR H 23 -36.96 -30.55 3.26
N THR H 24 -36.88 -30.93 4.53
CA THR H 24 -36.67 -32.31 4.93
C THR H 24 -37.58 -32.73 6.08
N ILE H 25 -38.06 -33.97 6.02
CA ILE H 25 -38.81 -34.56 7.13
C ILE H 25 -37.88 -35.46 7.94
N GLN H 26 -38.11 -35.50 9.26
CA GLN H 26 -37.30 -36.31 10.17
C GLN H 26 -38.21 -37.11 11.09
N ARG H 27 -38.24 -38.42 10.88
CA ARG H 27 -39.21 -39.31 11.51
C ARG H 27 -38.83 -39.62 12.96
N SER H 28 -39.85 -39.83 13.79
CA SER H 28 -39.65 -40.08 15.22
C SER H 28 -38.96 -41.41 15.44
N THR H 29 -37.64 -41.35 15.61
CA THR H 29 -36.84 -42.53 15.92
C THR H 29 -37.18 -43.03 17.33
N GLY H 30 -37.56 -42.10 18.20
CA GLY H 30 -38.04 -42.41 19.55
C GLY H 30 -37.40 -41.54 20.60
N ASP H 31 -37.30 -42.07 21.82
CA ASP H 31 -36.69 -41.35 22.93
C ASP H 31 -35.16 -41.51 22.93
N SER H 32 -34.69 -42.72 22.62
CA SER H 32 -33.25 -43.00 22.59
C SER H 32 -32.89 -44.24 21.78
N ILE H 33 -31.69 -44.24 21.21
CA ILE H 33 -31.12 -45.40 20.54
C ILE H 33 -29.76 -45.72 21.13
N ASP H 34 -29.50 -47.01 21.35
CA ASP H 34 -28.21 -47.47 21.85
C ASP H 34 -27.20 -47.52 20.70
N THR H 35 -26.13 -46.74 20.83
CA THR H 35 -25.09 -46.68 19.81
C THR H 35 -23.77 -47.21 20.39
N PRO H 36 -23.59 -48.54 20.38
CA PRO H 36 -22.37 -49.14 20.92
C PRO H 36 -21.15 -48.90 20.04
N ASN H 37 -19.99 -48.78 20.67
CA ASN H 37 -18.72 -48.57 19.95
C ASN H 37 -17.95 -49.88 19.83
N TYR H 38 -16.70 -49.81 19.41
CA TYR H 38 -15.88 -51.00 19.15
C TYR H 38 -15.47 -51.73 20.43
N ASP H 39 -15.39 -50.99 21.53
CA ASP H 39 -14.98 -51.57 22.81
C ASP H 39 -15.98 -52.58 23.38
N VAL H 40 -17.26 -52.40 23.05
CA VAL H 40 -18.33 -53.30 23.52
C VAL H 40 -18.59 -54.46 22.56
N GLN H 41 -18.22 -54.28 21.29
CA GLN H 41 -18.43 -55.32 20.26
C GLN H 41 -18.11 -56.73 20.76
N LYS H 42 -17.02 -56.86 21.52
CA LYS H 42 -16.58 -58.17 22.01
C LYS H 42 -17.51 -58.72 23.11
N HIS H 43 -18.13 -57.81 23.87
CA HIS H 43 -19.10 -58.19 24.89
C HIS H 43 -20.42 -58.66 24.27
N ILE H 44 -20.84 -58.01 23.19
CA ILE H 44 -22.08 -58.37 22.50
C ILE H 44 -21.92 -59.71 21.78
N ASN H 45 -20.74 -59.96 21.23
CA ASN H 45 -20.41 -61.25 20.62
C ASN H 45 -20.52 -62.39 21.64
N LYS H 46 -20.13 -62.10 22.88
CA LYS H 46 -20.27 -63.05 23.99
C LYS H 46 -21.75 -63.25 24.33
N LEU H 47 -22.51 -62.16 24.35
CA LEU H 47 -23.95 -62.20 24.58
C LEU H 47 -24.68 -62.97 23.47
N CYS H 48 -24.22 -62.77 22.23
CA CYS H 48 -24.75 -63.52 21.09
C CYS H 48 -24.42 -65.01 21.21
N GLY H 49 -23.22 -65.32 21.71
CA GLY H 49 -22.80 -66.69 21.94
C GLY H 49 -23.61 -67.40 23.02
N MET H 50 -23.95 -66.67 24.09
CA MET H 50 -24.76 -67.20 25.18
C MET H 50 -26.12 -67.70 24.70
N LEU H 51 -26.76 -66.92 23.83
CA LEU H 51 -28.04 -67.30 23.22
C LEU H 51 -27.90 -68.53 22.33
N LEU H 52 -26.76 -68.64 21.66
CA LEU H 52 -26.51 -69.75 20.74
C LEU H 52 -26.24 -71.08 21.45
N ILE H 53 -25.55 -71.04 22.58
CA ILE H 53 -25.27 -72.27 23.35
C ILE H 53 -26.46 -72.73 24.19
N THR H 54 -27.40 -71.82 24.45
CA THR H 54 -28.59 -72.14 25.26
C THR H 54 -29.55 -73.04 24.48
N GLU H 55 -29.86 -74.20 25.06
CA GLU H 55 -30.81 -75.13 24.44
C GLU H 55 -32.23 -74.60 24.63
N ASP H 56 -32.99 -74.52 23.53
CA ASP H 56 -34.33 -73.94 23.53
C ASP H 56 -34.32 -72.53 24.12
N ALA H 57 -33.52 -71.66 23.51
CA ALA H 57 -33.30 -70.30 24.01
C ALA H 57 -34.47 -69.38 23.68
N ASN H 58 -34.64 -68.36 24.52
CA ASN H 58 -35.65 -67.32 24.29
C ASN H 58 -35.09 -66.24 23.38
N HIS H 59 -35.39 -66.32 22.09
CA HIS H 59 -34.94 -65.32 21.12
C HIS H 59 -35.98 -64.21 20.94
N LYS H 60 -36.38 -63.62 22.06
CA LYS H 60 -37.28 -62.47 22.05
C LYS H 60 -36.51 -61.17 21.79
N PHE H 61 -35.26 -61.15 22.26
CA PHE H 61 -34.42 -59.96 22.19
C PHE H 61 -33.25 -60.09 21.21
N THR H 62 -33.16 -61.24 20.52
CA THR H 62 -32.02 -61.53 19.65
C THR H 62 -32.00 -60.65 18.39
N GLY H 63 -33.18 -60.24 17.93
CA GLY H 63 -33.28 -59.29 16.82
C GLY H 63 -32.70 -57.94 17.20
N LEU H 64 -32.96 -57.52 18.43
CA LEU H 64 -32.41 -56.27 18.98
C LEU H 64 -30.93 -56.43 19.31
N ILE H 65 -30.56 -57.55 19.94
CA ILE H 65 -29.16 -57.85 20.26
C ILE H 65 -28.33 -57.99 18.99
N GLY H 66 -28.93 -58.51 17.93
CA GLY H 66 -28.26 -58.60 16.63
C GLY H 66 -27.92 -57.24 16.05
N MET H 67 -28.86 -56.30 16.15
CA MET H 67 -28.64 -54.93 15.70
C MET H 67 -27.55 -54.24 16.51
N LEU H 68 -27.49 -54.52 17.81
CA LEU H 68 -26.45 -53.96 18.68
C LEU H 68 -25.05 -54.41 18.28
N TYR H 69 -24.92 -55.66 17.81
CA TYR H 69 -23.65 -56.17 17.33
C TYR H 69 -23.26 -55.53 15.99
N ALA H 70 -24.24 -55.34 15.12
CA ALA H 70 -24.03 -54.69 13.84
C ALA H 70 -23.62 -53.22 14.01
N MET H 71 -24.23 -52.55 14.98
CA MET H 71 -23.89 -51.15 15.30
C MET H 71 -22.54 -51.03 16.01
N SER H 72 -22.18 -52.03 16.81
CA SER H 72 -20.88 -52.06 17.49
C SER H 72 -19.74 -52.29 16.50
N ARG H 73 -20.01 -53.06 15.45
CA ARG H 73 -19.05 -53.25 14.36
C ARG H 73 -18.84 -51.96 13.58
N LEU H 74 -19.93 -51.24 13.33
CA LEU H 74 -19.87 -49.93 12.67
C LEU H 74 -19.14 -48.91 13.54
N GLY H 75 -19.54 -48.83 14.81
CA GLY H 75 -18.96 -47.88 15.76
C GLY H 75 -19.84 -46.67 15.95
N ARG H 76 -19.85 -46.14 17.16
CA ARG H 76 -20.74 -45.03 17.57
C ARG H 76 -20.75 -43.89 16.56
N GLU H 77 -19.58 -43.48 16.07
CA GLU H 77 -19.49 -42.38 15.12
C GLU H 77 -20.17 -42.68 13.79
N ASP H 78 -19.97 -43.89 13.26
CA ASP H 78 -20.55 -44.28 11.98
C ASP H 78 -22.07 -44.52 12.09
N THR H 79 -22.47 -45.37 13.03
CA THR H 79 -23.90 -45.71 13.18
C THR H 79 -24.78 -44.48 13.46
N ILE H 80 -24.23 -43.47 14.14
CA ILE H 80 -24.94 -42.19 14.30
C ILE H 80 -25.00 -41.48 12.95
N LYS H 81 -23.90 -41.52 12.20
CA LYS H 81 -23.84 -40.91 10.86
C LYS H 81 -24.82 -41.54 9.88
N ILE H 82 -25.05 -42.85 9.99
CA ILE H 82 -25.95 -43.55 9.05
C ILE H 82 -27.42 -43.29 9.39
N LEU H 83 -27.72 -43.10 10.67
CA LEU H 83 -29.07 -42.74 11.11
C LEU H 83 -29.44 -41.31 10.69
N ARG H 84 -28.49 -40.39 10.84
CA ARG H 84 -28.72 -39.00 10.45
C ARG H 84 -28.81 -38.82 8.93
N ASP H 85 -27.99 -39.56 8.19
CA ASP H 85 -28.05 -39.55 6.72
C ASP H 85 -29.35 -40.16 6.19
N ALA H 86 -29.88 -41.14 6.92
CA ALA H 86 -31.18 -41.74 6.57
C ALA H 86 -32.33 -40.74 6.74
N GLY H 87 -32.20 -39.86 7.74
CA GLY H 87 -33.21 -38.85 8.01
C GLY H 87 -33.93 -39.10 9.31
N TYR H 88 -33.16 -39.20 10.40
CA TYR H 88 -33.69 -39.48 11.73
C TYR H 88 -32.97 -38.65 12.79
N HIS H 89 -33.75 -38.02 13.69
CA HIS H 89 -33.18 -37.36 14.87
C HIS H 89 -32.84 -38.42 15.91
N VAL H 90 -31.54 -38.57 16.20
CA VAL H 90 -31.09 -39.64 17.09
C VAL H 90 -30.56 -39.11 18.42
N LYS H 91 -31.11 -39.67 19.50
CA LYS H 91 -30.65 -39.40 20.86
C LYS H 91 -29.70 -40.54 21.25
N ALA H 92 -28.41 -40.34 20.98
CA ALA H 92 -27.43 -41.41 21.12
C ALA H 92 -27.16 -41.80 22.57
N ASN H 93 -27.43 -43.06 22.88
CA ASN H 93 -27.12 -43.64 24.19
C ASN H 93 -25.84 -44.48 24.07
N GLY H 94 -24.86 -44.20 24.92
CA GLY H 94 -23.61 -44.97 24.93
C GLY H 94 -23.83 -46.39 25.41
N VAL H 95 -22.88 -47.27 25.10
CA VAL H 95 -22.94 -48.67 25.53
C VAL H 95 -21.56 -49.17 25.96
N ASP H 96 -21.46 -49.64 27.20
CA ASP H 96 -20.21 -50.12 27.81
C ASP H 96 -20.52 -51.08 28.95
N VAL H 97 -19.49 -51.52 29.68
CA VAL H 97 -19.63 -52.62 30.63
C VAL H 97 -19.59 -52.15 32.09
N THR H 98 -20.59 -52.58 32.86
CA THR H 98 -20.62 -52.36 34.31
C THR H 98 -20.92 -53.68 35.02
N THR H 99 -20.35 -53.86 36.21
CA THR H 99 -20.53 -55.09 36.98
C THR H 99 -21.74 -54.98 37.90
N HIS H 100 -22.75 -55.82 37.67
CA HIS H 100 -23.97 -55.83 38.47
C HIS H 100 -23.95 -56.99 39.46
N ARG H 101 -24.23 -56.68 40.73
CA ARG H 101 -24.26 -57.69 41.78
C ARG H 101 -25.71 -58.00 42.20
N GLN H 102 -26.10 -59.26 42.06
CA GLN H 102 -27.43 -59.72 42.41
C GLN H 102 -27.38 -61.13 42.99
N ASP H 103 -28.19 -61.39 44.01
CA ASP H 103 -28.18 -62.68 44.71
C ASP H 103 -29.25 -63.64 44.18
N ILE H 104 -28.86 -64.43 43.18
CA ILE H 104 -29.72 -65.46 42.59
C ILE H 104 -29.60 -66.73 43.43
N ASN H 105 -30.74 -67.26 43.86
CA ASN H 105 -30.81 -68.47 44.69
C ASN H 105 -30.04 -68.35 46.01
N GLY H 106 -30.07 -67.15 46.60
CA GLY H 106 -29.40 -66.90 47.88
C GLY H 106 -27.96 -66.41 47.74
N LYS H 107 -27.20 -67.09 46.89
CA LYS H 107 -25.77 -66.78 46.71
C LYS H 107 -25.60 -65.52 45.86
N GLU H 108 -24.79 -64.58 46.36
CA GLU H 108 -24.53 -63.32 45.66
C GLU H 108 -23.62 -63.56 44.45
N MET H 109 -24.08 -63.14 43.27
CA MET H 109 -23.36 -63.38 42.01
C MET H 109 -23.07 -62.09 41.27
N LYS H 110 -21.93 -62.07 40.56
CA LYS H 110 -21.53 -60.94 39.74
C LYS H 110 -21.87 -61.18 38.27
N PHE H 111 -22.22 -60.11 37.56
CA PHE H 111 -22.56 -60.19 36.14
C PHE H 111 -22.08 -58.95 35.38
N GLU H 112 -21.33 -59.17 34.31
CA GLU H 112 -20.93 -58.09 33.42
C GLU H 112 -22.08 -57.79 32.47
N VAL H 113 -22.70 -56.62 32.63
CA VAL H 113 -23.87 -56.24 31.83
C VAL H 113 -23.66 -54.93 31.08
N LEU H 114 -24.23 -54.84 29.89
CA LEU H 114 -24.25 -53.60 29.13
C LEU H 114 -25.40 -52.74 29.63
N THR H 115 -25.12 -51.47 29.92
CA THR H 115 -26.13 -50.57 30.43
C THR H 115 -26.91 -49.97 29.26
N LEU H 116 -27.78 -50.80 28.68
CA LEU H 116 -28.56 -50.43 27.49
C LEU H 116 -29.92 -49.85 27.89
N ALA H 117 -30.46 -48.99 27.03
CA ALA H 117 -31.79 -48.42 27.22
C ALA H 117 -32.86 -49.40 26.73
N SER H 118 -32.65 -49.95 25.54
CA SER H 118 -33.59 -50.89 24.94
C SER H 118 -33.62 -52.25 25.65
N LEU H 119 -32.48 -52.66 26.20
CA LEU H 119 -32.35 -53.95 26.89
C LEU H 119 -32.08 -53.73 28.38
N THR H 120 -32.93 -54.31 29.23
CA THR H 120 -32.82 -54.15 30.67
C THR H 120 -31.69 -55.02 31.23
N THR H 121 -31.09 -54.56 32.33
CA THR H 121 -30.06 -55.34 33.03
C THR H 121 -30.63 -56.59 33.70
N GLU H 122 -31.93 -56.61 33.93
CA GLU H 122 -32.61 -57.74 34.56
C GLU H 122 -32.74 -58.92 33.59
N ILE H 123 -32.94 -58.62 32.31
CA ILE H 123 -33.09 -59.67 31.29
C ILE H 123 -31.72 -60.10 30.73
N GLN H 124 -30.73 -59.23 30.82
CA GLN H 124 -29.37 -59.55 30.39
C GLN H 124 -28.74 -60.65 31.24
N ILE H 125 -28.93 -60.57 32.55
CA ILE H 125 -28.41 -61.60 33.47
C ILE H 125 -29.11 -62.94 33.27
N ASN H 126 -30.38 -62.91 32.88
CA ASN H 126 -31.15 -64.13 32.62
C ASN H 126 -30.67 -64.86 31.36
N ILE H 127 -30.13 -64.12 30.39
CA ILE H 127 -29.52 -64.72 29.22
C ILE H 127 -28.23 -65.44 29.62
N GLU H 128 -27.47 -64.83 30.53
CA GLU H 128 -26.24 -65.44 31.04
C GLU H 128 -26.52 -66.60 32.01
N ILE H 129 -27.59 -66.46 32.80
CA ILE H 129 -27.99 -67.52 33.75
C ILE H 129 -28.41 -68.79 33.02
N GLU H 130 -29.28 -68.64 32.02
CA GLU H 130 -29.78 -69.79 31.25
C GLU H 130 -28.69 -70.42 30.37
N SER H 131 -27.69 -69.63 29.97
CA SER H 131 -26.57 -70.14 29.19
C SER H 131 -25.62 -70.97 30.06
N ARG H 132 -25.42 -70.54 31.31
CA ARG H 132 -24.60 -71.29 32.26
C ARG H 132 -25.19 -72.66 32.58
N LYS H 133 -26.52 -72.74 32.61
CA LYS H 133 -27.22 -74.02 32.81
C LYS H 133 -26.95 -74.96 31.64
N SER H 134 -27.07 -74.44 30.42
CA SER H 134 -26.81 -75.21 29.20
C SER H 134 -25.33 -75.50 29.02
N TYR H 135 -24.46 -74.63 29.55
CA TYR H 135 -23.02 -74.82 29.47
C TYR H 135 -22.55 -75.99 30.33
N LYS H 136 -23.04 -76.03 31.57
CA LYS H 136 -22.65 -77.12 32.49
C LYS H 136 -23.27 -78.46 32.08
N LYS H 137 -24.44 -78.40 31.45
CA LYS H 137 -25.08 -79.60 30.89
C LYS H 137 -24.28 -80.10 29.69
N MET H 138 -23.79 -79.16 28.88
CA MET H 138 -22.91 -79.48 27.76
C MET H 138 -21.56 -79.99 28.25
N LEU H 139 -21.04 -79.36 29.31
CA LEU H 139 -19.77 -79.78 29.92
C LEU H 139 -19.86 -81.17 30.54
N LYS H 140 -21.04 -81.52 31.04
CA LYS H 140 -21.27 -82.82 31.67
C LYS H 140 -21.36 -83.95 30.62
N GLU H 141 -21.81 -83.60 29.42
CA GLU H 141 -22.00 -84.58 28.34
C GLU H 141 -20.71 -84.93 27.61
N MET H 142 -19.94 -83.91 27.22
CA MET H 142 -18.72 -84.11 26.44
C MET H 142 -17.43 -83.86 27.22
N GLY H 143 -17.54 -83.63 28.53
CA GLY H 143 -16.38 -83.41 29.39
C GLY H 143 -15.74 -82.06 29.16
N GLU H 144 -14.95 -81.95 28.09
CA GLU H 144 -14.28 -80.71 27.70
C GLU H 144 -14.96 -80.13 26.46
N VAL H 145 -15.44 -78.89 26.56
CA VAL H 145 -16.07 -78.22 25.42
C VAL H 145 -15.00 -77.58 24.53
N ALA H 146 -15.15 -77.77 23.21
CA ALA H 146 -14.17 -77.26 22.24
C ALA H 146 -14.44 -75.78 21.93
N PRO H 147 -13.46 -75.10 21.29
CA PRO H 147 -13.64 -73.70 20.86
C PRO H 147 -14.83 -73.46 19.92
N GLU H 148 -15.23 -74.48 19.17
CA GLU H 148 -16.33 -74.35 18.21
C GLU H 148 -17.68 -74.29 18.93
N TYR H 149 -17.86 -75.11 19.94
CA TYR H 149 -19.15 -75.24 20.64
C TYR H 149 -19.41 -74.14 21.68
N ARG H 150 -18.38 -73.40 22.06
CA ARG H 150 -18.50 -72.41 23.15
C ARG H 150 -18.93 -71.03 22.67
N HIS H 151 -19.36 -70.21 23.63
CA HIS H 151 -19.86 -68.86 23.37
C HIS H 151 -18.76 -67.83 23.04
N ASP H 152 -17.51 -68.14 23.39
CA ASP H 152 -16.39 -67.21 23.20
C ASP H 152 -15.94 -67.07 21.74
N SER H 153 -16.40 -67.95 20.87
CA SER H 153 -16.02 -67.93 19.45
C SER H 153 -16.39 -66.59 18.79
N PRO H 154 -15.53 -66.07 17.91
CA PRO H 154 -15.81 -64.79 17.24
C PRO H 154 -16.92 -64.86 16.19
N ASP H 155 -17.28 -66.07 15.75
CA ASP H 155 -18.33 -66.25 14.75
C ASP H 155 -19.73 -65.98 15.32
N CYS H 156 -19.91 -66.26 16.60
CA CYS H 156 -21.23 -66.16 17.28
C CYS H 156 -22.07 -64.94 16.86
N GLY H 157 -21.44 -63.77 16.84
CA GLY H 157 -22.13 -62.53 16.49
C GLY H 157 -22.61 -62.50 15.05
N MET H 158 -21.76 -62.95 14.14
CA MET H 158 -22.11 -62.98 12.71
C MET H 158 -23.05 -64.13 12.37
N ILE H 159 -23.00 -65.23 13.14
CA ILE H 159 -23.91 -66.36 12.95
C ILE H 159 -25.37 -65.93 13.15
N ILE H 160 -25.61 -65.08 14.14
CA ILE H 160 -26.94 -64.52 14.37
C ILE H 160 -27.34 -63.54 13.26
N LEU H 161 -26.36 -62.79 12.74
CA LEU H 161 -26.60 -61.87 11.64
C LEU H 161 -26.75 -62.56 10.27
N CYS H 162 -26.36 -63.83 10.19
CA CYS H 162 -26.52 -64.61 8.95
C CYS H 162 -27.99 -64.83 8.61
N ILE H 163 -28.79 -65.20 9.60
CA ILE H 163 -30.24 -65.35 9.39
C ILE H 163 -30.96 -64.01 9.36
N ALA H 164 -30.31 -62.96 9.85
CA ALA H 164 -30.80 -61.59 9.68
C ALA H 164 -30.72 -61.18 8.21
N ALA H 165 -29.66 -61.63 7.54
CA ALA H 165 -29.50 -61.41 6.09
C ALA H 165 -30.51 -62.24 5.28
N LEU H 166 -30.91 -63.39 5.82
CA LEU H 166 -31.96 -64.21 5.21
C LEU H 166 -33.33 -63.56 5.39
N VAL H 167 -33.56 -62.91 6.54
CA VAL H 167 -34.79 -62.16 6.79
C VAL H 167 -34.85 -60.94 5.86
N ILE H 168 -33.73 -60.25 5.70
CA ILE H 168 -33.66 -59.06 4.83
C ILE H 168 -33.84 -59.46 3.36
N THR H 169 -33.46 -60.69 3.03
CA THR H 169 -33.63 -61.24 1.68
C THR H 169 -35.11 -61.39 1.32
N LYS H 170 -35.95 -61.72 2.29
CA LYS H 170 -37.39 -61.92 2.07
C LYS H 170 -38.26 -60.80 2.68
N LEU H 171 -37.70 -59.60 2.84
CA LEU H 171 -38.46 -58.44 3.32
C LEU H 171 -39.30 -57.80 2.21
N ALA H 172 -38.98 -58.10 0.95
CA ALA H 172 -39.69 -57.53 -0.19
C ALA H 172 -41.19 -57.83 -0.17
N ALA H 173 -41.54 -59.04 0.28
CA ALA H 173 -42.95 -59.43 0.42
C ALA H 173 -43.65 -58.56 1.46
N GLY H 174 -43.00 -58.38 2.62
CA GLY H 174 -43.50 -57.49 3.66
C GLY H 174 -44.69 -58.02 4.44
N ASP H 175 -44.67 -59.32 4.73
CA ASP H 175 -45.73 -59.95 5.53
C ASP H 175 -45.30 -61.27 6.20
N ARG H 176 -44.00 -61.40 6.49
CA ARG H 176 -43.44 -62.62 7.07
C ARG H 176 -43.80 -63.91 6.30
N SER H 177 -44.01 -63.79 4.99
CA SER H 177 -44.38 -64.94 4.16
C SER H 177 -43.15 -65.79 3.80
N GLY H 178 -42.00 -65.14 3.72
CA GLY H 178 -40.74 -65.83 3.39
C GLY H 178 -40.12 -66.62 4.53
N LEU H 179 -40.68 -66.48 5.74
CA LEU H 179 -40.18 -67.19 6.93
C LEU H 179 -39.90 -68.67 6.68
N THR H 180 -40.76 -69.32 5.90
CA THR H 180 -40.56 -70.73 5.53
C THR H 180 -39.28 -70.93 4.72
N ALA H 181 -39.04 -70.02 3.77
CA ALA H 181 -37.82 -70.05 2.96
C ALA H 181 -36.59 -69.63 3.76
N VAL H 182 -36.78 -68.74 4.74
CA VAL H 182 -35.69 -68.29 5.62
C VAL H 182 -35.17 -69.45 6.47
N ILE H 183 -36.09 -70.26 7.01
CA ILE H 183 -35.75 -71.43 7.81
C ILE H 183 -35.16 -72.54 6.91
N ARG H 184 -35.76 -72.72 5.74
CA ARG H 184 -35.30 -73.70 4.76
C ARG H 184 -33.84 -73.47 4.37
N ARG H 185 -33.53 -72.24 3.96
CA ARG H 185 -32.16 -71.87 3.59
C ARG H 185 -31.22 -71.93 4.80
N ALA H 186 -31.72 -71.54 5.97
CA ALA H 186 -30.92 -71.59 7.20
C ALA H 186 -30.54 -73.02 7.61
N ASN H 187 -31.19 -74.02 7.00
CA ASN H 187 -30.82 -75.43 7.19
C ASN H 187 -29.89 -75.93 6.08
N ASN H 188 -30.12 -75.46 4.85
CA ASN H 188 -29.23 -75.78 3.72
C ASN H 188 -27.92 -75.01 3.88
N VAL H 189 -28.02 -73.71 4.10
CA VAL H 189 -26.89 -72.87 4.47
C VAL H 189 -26.69 -73.05 5.96
N LEU H 190 -25.51 -72.69 6.46
CA LEU H 190 -25.31 -72.54 7.90
C LEU H 190 -25.51 -73.87 8.66
N LYS H 191 -25.34 -74.98 7.96
CA LYS H 191 -25.60 -76.31 8.53
C LYS H 191 -24.55 -76.74 9.54
N ASN H 192 -23.29 -76.41 9.26
CA ASN H 192 -22.20 -76.65 10.21
C ASN H 192 -22.37 -75.84 11.49
N GLU H 193 -22.92 -74.63 11.35
CA GLU H 193 -23.12 -73.73 12.49
C GLU H 193 -24.22 -74.24 13.44
N MET H 194 -25.25 -74.86 12.88
CA MET H 194 -26.35 -75.42 13.68
C MET H 194 -25.93 -76.65 14.48
N LYS H 195 -24.94 -77.39 13.99
CA LYS H 195 -24.39 -78.54 14.71
C LYS H 195 -23.67 -78.10 15.98
N ARG H 196 -22.89 -77.03 15.87
CA ARG H 196 -22.05 -76.55 16.98
C ARG H 196 -22.77 -75.61 17.95
N TYR H 197 -24.02 -75.27 17.68
CA TYR H 197 -24.82 -74.44 18.58
C TYR H 197 -26.26 -74.93 18.68
N LYS H 198 -26.68 -75.30 19.89
CA LYS H 198 -28.03 -75.80 20.14
C LYS H 198 -29.08 -74.71 19.96
N GLY H 199 -28.74 -73.49 20.35
CA GLY H 199 -29.67 -72.35 20.29
C GLY H 199 -29.68 -71.59 18.97
N LEU H 200 -29.27 -72.25 17.89
CA LEU H 200 -29.41 -71.69 16.55
C LEU H 200 -30.75 -72.15 15.99
N LEU H 201 -31.81 -71.42 16.35
CA LEU H 201 -33.18 -71.72 15.94
C LEU H 201 -33.61 -70.74 14.85
N PRO H 202 -33.59 -71.17 13.57
CA PRO H 202 -33.95 -70.28 12.46
C PRO H 202 -35.30 -69.60 12.61
N LYS H 203 -36.32 -70.36 13.03
CA LYS H 203 -37.67 -69.82 13.18
C LYS H 203 -37.75 -68.76 14.29
N ASP H 204 -37.11 -69.05 15.42
CA ASP H 204 -37.15 -68.15 16.58
C ASP H 204 -36.35 -66.86 16.34
N ILE H 205 -35.20 -66.98 15.70
CA ILE H 205 -34.32 -65.83 15.47
C ILE H 205 -34.85 -64.97 14.31
N ALA H 206 -35.35 -65.61 13.26
CA ALA H 206 -35.89 -64.88 12.10
C ALA H 206 -37.10 -64.04 12.48
N ASN H 207 -38.00 -64.61 13.30
CA ASN H 207 -39.16 -63.88 13.82
C ASN H 207 -38.76 -62.68 14.69
N SER H 208 -37.62 -62.80 15.36
CA SER H 208 -37.08 -61.71 16.18
C SER H 208 -36.61 -60.55 15.30
N PHE H 209 -35.91 -60.89 14.21
CA PHE H 209 -35.46 -59.88 13.25
C PHE H 209 -36.63 -59.32 12.43
N TYR H 210 -37.61 -60.16 12.12
CA TYR H 210 -38.85 -59.69 11.48
C TYR H 210 -39.56 -58.67 12.37
N GLU H 211 -39.56 -58.92 13.68
CA GLU H 211 -40.21 -58.03 14.65
C GLU H 211 -39.50 -56.70 14.78
N VAL H 212 -38.17 -56.74 14.89
CA VAL H 212 -37.37 -55.53 15.11
C VAL H 212 -37.31 -54.62 13.88
N PHE H 213 -37.36 -55.22 12.68
CA PHE H 213 -37.41 -54.44 11.45
C PHE H 213 -38.80 -53.82 11.24
N GLU H 214 -39.84 -54.52 11.66
CA GLU H 214 -41.21 -54.01 11.59
C GLU H 214 -41.46 -52.91 12.61
N LYS H 215 -41.07 -53.16 13.85
CA LYS H 215 -41.25 -52.19 14.94
C LYS H 215 -40.34 -50.97 14.78
N HIS H 216 -39.12 -51.20 14.28
CA HIS H 216 -38.14 -50.14 14.08
C HIS H 216 -37.64 -50.16 12.63
N PRO H 217 -38.30 -49.40 11.73
CA PRO H 217 -37.89 -49.30 10.32
C PRO H 217 -36.51 -48.68 10.09
N HIS H 218 -36.04 -47.90 11.05
CA HIS H 218 -34.69 -47.30 10.98
C HIS H 218 -33.58 -48.34 11.15
N PHE H 219 -33.86 -49.43 11.87
CA PHE H 219 -32.87 -50.50 12.06
C PHE H 219 -32.64 -51.36 10.80
N ILE H 220 -33.59 -51.35 9.87
CA ILE H 220 -33.42 -52.09 8.61
C ILE H 220 -32.44 -51.30 7.73
N ASP H 221 -32.49 -49.97 7.86
CA ASP H 221 -31.54 -49.09 7.18
C ASP H 221 -30.14 -49.23 7.79
N VAL H 222 -30.09 -49.46 9.10
CA VAL H 222 -28.82 -49.68 9.80
C VAL H 222 -28.18 -51.01 9.38
N PHE H 223 -29.00 -52.04 9.23
CA PHE H 223 -28.51 -53.37 8.86
C PHE H 223 -28.03 -53.42 7.40
N VAL H 224 -28.77 -52.79 6.50
CA VAL H 224 -28.41 -52.76 5.08
C VAL H 224 -27.07 -52.04 4.87
N HIS H 225 -26.90 -50.90 5.52
CA HIS H 225 -25.66 -50.14 5.42
C HIS H 225 -24.51 -50.78 6.22
N PHE H 226 -24.85 -51.60 7.20
CA PHE H 226 -23.86 -52.45 7.88
C PHE H 226 -23.41 -53.57 6.94
N GLY H 227 -24.37 -54.21 6.29
CA GLY H 227 -24.10 -55.31 5.36
C GLY H 227 -23.25 -54.90 4.17
N ILE H 228 -23.49 -53.68 3.66
CA ILE H 228 -22.69 -53.13 2.58
C ILE H 228 -21.28 -52.80 3.08
N ALA H 229 -21.19 -52.25 4.29
CA ALA H 229 -19.91 -51.96 4.92
C ALA H 229 -19.16 -53.25 5.28
N GLN H 230 -19.90 -54.28 5.69
CA GLN H 230 -19.33 -55.59 5.97
C GLN H 230 -18.83 -56.26 4.69
N SER H 231 -19.59 -56.11 3.61
CA SER H 231 -19.22 -56.68 2.32
C SER H 231 -18.13 -55.88 1.59
N SER H 232 -17.80 -54.69 2.11
CA SER H 232 -16.74 -53.86 1.54
C SER H 232 -15.35 -54.20 2.08
N THR H 233 -15.28 -55.11 3.06
CA THR H 233 -14.00 -55.47 3.69
C THR H 233 -13.09 -56.28 2.76
N ARG H 234 -11.82 -56.40 3.15
CA ARG H 234 -10.81 -57.08 2.34
C ARG H 234 -10.86 -58.60 2.52
N GLY H 235 -11.16 -59.05 3.74
CA GLY H 235 -11.27 -60.47 4.03
C GLY H 235 -11.43 -60.75 5.52
N GLY H 236 -12.10 -61.85 5.87
CA GLY H 236 -12.38 -62.21 7.26
C GLY H 236 -12.40 -63.70 7.51
N SER H 237 -13.53 -64.21 7.99
CA SER H 237 -13.73 -65.65 8.23
C SER H 237 -14.79 -66.20 7.28
N ARG H 238 -14.95 -67.54 7.28
CA ARG H 238 -15.92 -68.18 6.39
C ARG H 238 -17.37 -67.84 6.76
N VAL H 239 -17.60 -67.62 8.07
CA VAL H 239 -18.93 -67.21 8.55
C VAL H 239 -19.26 -65.79 8.07
N GLU H 240 -18.25 -64.95 7.95
CA GLU H 240 -18.42 -63.61 7.35
C GLU H 240 -18.60 -63.73 5.84
N GLY H 241 -18.02 -64.77 5.25
CA GLY H 241 -18.28 -65.13 3.85
C GLY H 241 -19.70 -65.60 3.63
N ILE H 242 -20.27 -66.29 4.62
CA ILE H 242 -21.68 -66.70 4.59
C ILE H 242 -22.58 -65.47 4.57
N PHE H 243 -22.35 -64.58 5.53
CA PHE H 243 -23.13 -63.35 5.65
C PHE H 243 -23.09 -62.51 4.37
N ALA H 244 -21.88 -62.35 3.82
CA ALA H 244 -21.69 -61.56 2.60
C ALA H 244 -22.45 -62.15 1.41
N GLY H 245 -22.42 -63.47 1.27
CA GLY H 245 -23.14 -64.16 0.21
C GLY H 245 -24.65 -64.10 0.39
N LEU H 246 -25.11 -64.34 1.62
CA LEU H 246 -26.54 -64.29 1.95
C LEU H 246 -27.10 -62.87 1.88
N PHE H 247 -26.27 -61.88 2.21
CA PHE H 247 -26.69 -60.48 2.14
C PHE H 247 -26.86 -60.01 0.69
N MET H 248 -25.94 -60.44 -0.18
CA MET H 248 -26.00 -60.07 -1.60
C MET H 248 -27.11 -60.79 -2.39
N ASN H 249 -27.67 -61.85 -1.81
CA ASN H 249 -28.86 -62.48 -2.36
C ASN H 249 -30.08 -61.56 -2.25
N ALA H 250 -30.05 -60.67 -1.26
CA ALA H 250 -31.10 -59.68 -1.08
C ALA H 250 -31.09 -58.59 -2.17
N TYR H 251 -29.91 -58.35 -2.74
CA TYR H 251 -29.78 -57.37 -3.83
C TYR H 251 -30.76 -57.71 -4.96
N GLY H 252 -31.55 -56.72 -5.38
CA GLY H 252 -32.53 -56.90 -6.43
C GLY H 252 -33.84 -57.52 -5.97
N ALA H 253 -34.06 -57.54 -4.65
CA ALA H 253 -35.32 -58.02 -4.09
C ALA H 253 -36.41 -56.98 -4.32
N GLY H 254 -37.64 -57.45 -4.49
CA GLY H 254 -38.77 -56.56 -4.78
C GLY H 254 -38.77 -56.04 -6.21
N GLN H 255 -38.00 -56.68 -7.08
CA GLN H 255 -37.90 -56.28 -8.48
C GLN H 255 -37.36 -57.42 -9.34
N VAL H 256 -38.00 -58.59 -9.20
CA VAL H 256 -37.64 -59.79 -9.95
C VAL H 256 -38.12 -59.71 -11.40
N MET H 257 -39.24 -59.01 -11.62
CA MET H 257 -39.79 -58.83 -12.96
C MET H 257 -38.83 -58.09 -13.87
N LEU H 258 -37.96 -57.27 -13.26
CA LEU H 258 -36.91 -56.56 -13.98
C LEU H 258 -35.86 -57.55 -14.50
N ARG H 259 -35.50 -58.54 -13.69
CA ARG H 259 -34.52 -59.56 -14.08
C ARG H 259 -35.11 -60.58 -15.06
N TRP H 260 -36.37 -60.98 -14.84
CA TRP H 260 -37.05 -61.90 -15.75
C TRP H 260 -37.34 -61.28 -17.12
N GLY H 261 -37.41 -59.96 -17.18
CA GLY H 261 -37.57 -59.25 -18.45
C GLY H 261 -36.35 -59.35 -19.34
N VAL H 262 -35.17 -59.36 -18.71
CA VAL H 262 -33.90 -59.55 -19.43
C VAL H 262 -33.76 -61.01 -19.87
N LEU H 263 -34.30 -61.93 -19.07
CA LEU H 263 -34.29 -63.36 -19.40
C LEU H 263 -35.13 -63.65 -20.64
N ALA H 264 -36.33 -63.07 -20.70
CA ALA H 264 -37.22 -63.21 -21.86
C ALA H 264 -36.58 -62.64 -23.12
N LYS H 265 -35.83 -61.55 -22.96
CA LYS H 265 -35.06 -60.95 -24.05
C LYS H 265 -33.86 -61.82 -24.45
N SER H 266 -33.23 -62.45 -23.46
CA SER H 266 -32.09 -63.34 -23.70
C SER H 266 -32.50 -64.62 -24.44
N VAL H 267 -33.57 -65.27 -23.96
CA VAL H 267 -34.08 -66.49 -24.59
C VAL H 267 -34.86 -66.23 -25.88
N LYS H 268 -35.18 -64.96 -26.15
CA LYS H 268 -35.87 -64.54 -27.38
C LYS H 268 -37.28 -65.12 -27.47
N ASN H 269 -38.12 -64.78 -26.51
CA ASN H 269 -39.53 -65.19 -26.52
C ASN H 269 -40.28 -64.40 -27.59
N ILE H 270 -40.97 -65.11 -28.48
CA ILE H 270 -41.62 -64.52 -29.66
C ILE H 270 -42.71 -63.50 -29.31
N MET H 271 -43.36 -63.67 -28.16
CA MET H 271 -44.46 -62.79 -27.76
C MET H 271 -44.00 -61.38 -27.34
N LEU H 272 -42.69 -61.17 -27.21
CA LEU H 272 -42.13 -59.82 -27.01
C LEU H 272 -42.40 -58.93 -28.23
N GLY H 273 -42.37 -59.53 -29.42
CA GLY H 273 -42.63 -58.80 -30.66
C GLY H 273 -44.09 -58.54 -30.98
N HIS H 274 -44.99 -58.95 -30.07
CA HIS H 274 -46.42 -58.74 -30.24
C HIS H 274 -46.77 -57.24 -30.24
N ALA H 275 -47.81 -56.88 -30.99
CA ALA H 275 -48.16 -55.47 -31.23
C ALA H 275 -48.40 -54.66 -29.96
N SER H 276 -49.24 -55.17 -29.06
CA SER H 276 -49.57 -54.47 -27.82
C SER H 276 -48.38 -54.39 -26.85
N VAL H 277 -47.47 -55.36 -26.95
CA VAL H 277 -46.24 -55.34 -26.17
C VAL H 277 -45.28 -54.27 -26.72
N GLN H 278 -45.23 -54.15 -28.04
CA GLN H 278 -44.37 -53.16 -28.71
C GLN H 278 -44.81 -51.71 -28.48
N ALA H 279 -46.09 -51.50 -28.18
CA ALA H 279 -46.60 -50.18 -27.86
C ALA H 279 -46.03 -49.66 -26.54
N GLU H 280 -45.75 -50.58 -25.62
CA GLU H 280 -45.20 -50.24 -24.30
C GLU H 280 -43.68 -50.09 -24.30
N MET H 281 -43.02 -50.61 -25.34
CA MET H 281 -41.55 -50.68 -25.38
C MET H 281 -40.83 -49.34 -25.22
N GLU H 282 -41.47 -48.24 -25.61
CA GLU H 282 -40.91 -46.91 -25.41
C GLU H 282 -40.78 -46.60 -23.92
N GLN H 283 -41.79 -46.97 -23.14
CA GLN H 283 -41.83 -46.67 -21.71
C GLN H 283 -41.13 -47.69 -20.83
N VAL H 284 -41.04 -48.94 -21.27
CA VAL H 284 -40.35 -49.98 -20.48
C VAL H 284 -38.83 -49.79 -20.54
N VAL H 285 -38.35 -49.21 -21.65
CA VAL H 285 -36.93 -48.88 -21.79
C VAL H 285 -36.53 -47.76 -20.83
N GLU H 286 -37.45 -46.84 -20.57
CA GLU H 286 -37.21 -45.71 -19.64
C GLU H 286 -36.91 -46.19 -18.22
N VAL H 287 -37.64 -47.21 -17.77
CA VAL H 287 -37.44 -47.76 -16.41
C VAL H 287 -36.17 -48.64 -16.35
N TYR H 288 -35.89 -49.36 -17.43
CA TYR H 288 -34.64 -50.15 -17.51
C TYR H 288 -33.41 -49.24 -17.60
N GLU H 289 -33.52 -48.15 -18.34
CA GLU H 289 -32.46 -47.12 -18.38
C GLU H 289 -32.34 -46.40 -17.04
N TYR H 290 -33.48 -46.23 -16.36
CA TYR H 290 -33.51 -45.64 -15.01
C TYR H 290 -32.86 -46.58 -14.00
N ALA H 291 -33.07 -47.89 -14.17
CA ALA H 291 -32.43 -48.90 -13.33
C ALA H 291 -30.93 -48.95 -13.57
N GLN H 292 -30.54 -48.78 -14.84
CA GLN H 292 -29.12 -48.68 -15.22
C GLN H 292 -28.47 -47.41 -14.69
N LYS H 293 -29.26 -46.33 -14.60
CA LYS H 293 -28.78 -45.04 -14.10
C LYS H 293 -28.44 -45.11 -12.61
N LEU H 294 -29.37 -45.66 -11.82
CA LEU H 294 -29.18 -45.79 -10.37
C LEU H 294 -28.02 -46.73 -10.05
N GLY H 295 -27.99 -47.89 -10.71
CA GLY H 295 -26.92 -48.87 -10.54
C GLY H 295 -27.08 -49.68 -9.27
N GLY H 296 -26.04 -49.69 -8.43
CA GLY H 296 -26.05 -50.43 -7.18
C GLY H 296 -27.02 -49.87 -6.15
N GLU H 297 -27.32 -48.59 -6.24
CA GLU H 297 -28.24 -47.92 -5.32
C GLU H 297 -29.65 -48.52 -5.36
N ALA H 298 -30.07 -48.97 -6.54
CA ALA H 298 -31.42 -49.53 -6.74
C ALA H 298 -31.60 -50.96 -6.20
N GLY H 299 -30.52 -51.58 -5.73
CA GLY H 299 -30.57 -52.95 -5.22
C GLY H 299 -31.46 -53.12 -4.00
N PHE H 300 -31.32 -52.21 -3.04
CA PHE H 300 -32.07 -52.26 -1.79
C PHE H 300 -33.16 -51.18 -1.73
N TYR H 301 -33.80 -50.92 -2.87
CA TYR H 301 -34.86 -49.92 -2.96
C TYR H 301 -36.20 -50.42 -2.43
N HIS H 302 -36.39 -51.73 -2.40
CA HIS H 302 -37.62 -52.33 -1.86
C HIS H 302 -37.43 -52.89 -0.44
N ILE H 303 -36.21 -53.34 -0.14
CA ILE H 303 -35.86 -53.79 1.21
C ILE H 303 -35.96 -52.60 2.17
N LEU H 304 -35.19 -51.56 1.88
CA LEU H 304 -35.46 -50.24 2.44
C LEU H 304 -36.66 -49.75 1.64
N ASN H 305 -37.75 -49.41 2.32
CA ASN H 305 -38.95 -48.96 1.58
C ASN H 305 -38.74 -47.57 0.99
N ASN H 306 -37.95 -47.52 -0.08
CA ASN H 306 -37.58 -46.28 -0.73
C ASN H 306 -38.75 -45.75 -1.56
N PRO H 307 -39.06 -44.44 -1.43
CA PRO H 307 -40.11 -43.82 -2.25
C PRO H 307 -39.97 -44.05 -3.76
N LYS H 308 -38.72 -44.10 -4.24
CA LYS H 308 -38.43 -44.28 -5.65
C LYS H 308 -38.45 -45.74 -6.11
N ALA H 309 -38.85 -46.65 -5.23
CA ALA H 309 -38.97 -48.07 -5.56
C ALA H 309 -40.12 -48.35 -6.53
N SER H 310 -41.17 -47.53 -6.44
CA SER H 310 -42.34 -47.66 -7.33
C SER H 310 -42.02 -47.32 -8.79
N LEU H 311 -40.98 -46.52 -9.01
CA LEU H 311 -40.55 -46.14 -10.35
C LEU H 311 -39.94 -47.30 -11.14
N LEU H 312 -39.39 -48.29 -10.42
CA LEU H 312 -38.77 -49.47 -11.06
C LEU H 312 -39.79 -50.54 -11.46
N SER H 313 -41.06 -50.30 -11.19
CA SER H 313 -42.13 -51.28 -11.47
C SER H 313 -42.41 -51.44 -12.96
N LEU H 314 -42.48 -52.68 -13.41
CA LEU H 314 -42.93 -53.01 -14.77
C LEU H 314 -44.41 -53.39 -14.80
N THR H 315 -45.01 -53.53 -13.62
CA THR H 315 -46.42 -53.92 -13.49
C THR H 315 -47.37 -52.89 -14.13
N GLN H 316 -46.94 -51.63 -14.18
CA GLN H 316 -47.68 -50.58 -14.88
C GLN H 316 -47.87 -50.88 -16.38
N PHE H 317 -47.03 -51.76 -16.93
CA PHE H 317 -47.15 -52.22 -18.31
C PHE H 317 -47.76 -53.63 -18.33
N PRO H 318 -49.09 -53.73 -18.57
CA PRO H 318 -49.78 -55.03 -18.51
C PRO H 318 -49.27 -56.08 -19.50
N HIS H 319 -49.04 -55.67 -20.75
CA HIS H 319 -48.72 -56.61 -21.82
C HIS H 319 -47.30 -57.17 -21.71
N PHE H 320 -46.33 -56.29 -21.46
CA PHE H 320 -44.94 -56.69 -21.29
C PHE H 320 -44.75 -57.54 -20.03
N SER H 321 -45.46 -57.20 -18.96
CA SER H 321 -45.40 -57.97 -17.72
C SER H 321 -45.92 -59.40 -17.92
N SER H 322 -46.97 -59.55 -18.73
CA SER H 322 -47.60 -60.84 -18.97
C SER H 322 -46.67 -61.82 -19.71
N VAL H 323 -46.07 -61.34 -20.80
CA VAL H 323 -45.13 -62.16 -21.58
C VAL H 323 -43.87 -62.52 -20.77
N VAL H 324 -43.40 -61.59 -19.94
CA VAL H 324 -42.25 -61.82 -19.07
C VAL H 324 -42.60 -62.82 -17.97
N LEU H 325 -43.80 -62.69 -17.40
CA LEU H 325 -44.26 -63.61 -16.35
C LEU H 325 -44.62 -64.96 -16.93
N GLY H 326 -45.06 -64.98 -18.20
CA GLY H 326 -45.33 -66.22 -18.93
C GLY H 326 -44.06 -66.96 -19.29
N ASN H 327 -43.05 -66.22 -19.75
CA ASN H 327 -41.74 -66.79 -20.06
C ASN H 327 -41.11 -67.49 -18.85
N ALA H 328 -41.25 -66.88 -17.68
CA ALA H 328 -40.76 -67.45 -16.43
C ALA H 328 -41.53 -68.73 -16.06
N ALA H 329 -42.83 -68.74 -16.35
CA ALA H 329 -43.67 -69.91 -16.08
C ALA H 329 -43.35 -71.08 -17.02
N GLY H 330 -43.11 -70.77 -18.29
CA GLY H 330 -42.78 -71.79 -19.29
C GLY H 330 -41.41 -72.41 -19.07
N LEU H 331 -40.43 -71.58 -18.71
CA LEU H 331 -39.09 -72.06 -18.33
C LEU H 331 -39.12 -72.83 -17.00
N GLY H 332 -40.14 -72.56 -16.18
CA GLY H 332 -40.34 -73.30 -14.93
C GLY H 332 -39.43 -72.80 -13.83
N ILE H 333 -39.35 -71.47 -13.68
CA ILE H 333 -38.52 -70.85 -12.64
C ILE H 333 -39.34 -70.17 -11.54
N MET H 334 -40.55 -69.71 -11.86
CA MET H 334 -41.45 -69.13 -10.86
C MET H 334 -42.21 -70.23 -10.11
N GLY H 335 -42.99 -69.82 -9.11
CA GLY H 335 -43.78 -70.75 -8.30
C GLY H 335 -43.12 -70.99 -6.95
N GLU H 336 -43.77 -70.64 -5.84
CA GLU H 336 -45.10 -70.03 -5.80
C GLU H 336 -44.97 -68.50 -5.71
N TYR H 337 -44.87 -67.88 -6.88
CA TYR H 337 -44.74 -66.42 -7.00
C TYR H 337 -46.15 -65.83 -7.14
N ARG H 338 -46.51 -64.92 -6.23
CA ARG H 338 -47.88 -64.40 -6.15
C ARG H 338 -48.16 -63.22 -7.09
N GLY H 339 -47.46 -63.16 -8.21
CA GLY H 339 -47.70 -62.16 -9.25
C GLY H 339 -48.67 -62.69 -10.29
N THR H 340 -49.71 -61.92 -10.58
CA THR H 340 -50.76 -62.34 -11.52
C THR H 340 -50.67 -61.51 -12.80
N PRO H 341 -50.71 -62.18 -13.97
CA PRO H 341 -50.64 -61.44 -15.24
C PRO H 341 -51.95 -60.72 -15.56
N ARG H 342 -51.85 -59.45 -15.94
CA ARG H 342 -53.02 -58.65 -16.29
C ARG H 342 -53.64 -59.15 -17.61
N ASN H 343 -52.80 -59.46 -18.59
CA ASN H 343 -53.24 -60.08 -19.83
C ASN H 343 -52.99 -61.59 -19.78
N GLN H 344 -54.07 -62.36 -19.76
CA GLN H 344 -53.98 -63.83 -19.63
C GLN H 344 -53.61 -64.50 -20.95
N ASP H 345 -54.07 -63.93 -22.07
CA ASP H 345 -53.81 -64.50 -23.40
C ASP H 345 -52.33 -64.40 -23.78
N LEU H 346 -51.72 -63.26 -23.49
CA LEU H 346 -50.28 -63.06 -23.71
C LEU H 346 -49.43 -63.93 -22.79
N TYR H 347 -49.92 -64.16 -21.58
CA TYR H 347 -49.24 -65.02 -20.60
C TYR H 347 -49.20 -66.47 -21.07
N ASP H 348 -50.35 -66.97 -21.53
CA ASP H 348 -50.47 -68.36 -22.00
C ASP H 348 -49.67 -68.60 -23.28
N ALA H 349 -49.66 -67.61 -24.17
CA ALA H 349 -48.90 -67.69 -25.43
C ALA H 349 -47.40 -67.68 -25.18
N ALA H 350 -46.97 -66.86 -24.22
CA ALA H 350 -45.56 -66.79 -23.83
C ALA H 350 -45.11 -68.05 -23.10
N LYS H 351 -45.99 -68.58 -22.25
CA LYS H 351 -45.73 -69.83 -21.52
C LYS H 351 -45.58 -71.00 -22.49
N ALA H 352 -46.41 -71.03 -23.53
CA ALA H 352 -46.39 -72.11 -24.51
C ALA H 352 -45.09 -72.13 -25.32
N TYR H 353 -44.66 -70.96 -25.79
CA TYR H 353 -43.41 -70.83 -26.54
C TYR H 353 -42.20 -71.10 -25.66
N ALA H 354 -42.25 -70.63 -24.41
CA ALA H 354 -41.17 -70.84 -23.45
C ALA H 354 -40.97 -72.33 -23.12
N GLU H 355 -42.05 -73.10 -23.13
CA GLU H 355 -41.99 -74.55 -22.95
C GLU H 355 -41.36 -75.25 -24.16
N GLN H 356 -41.61 -74.70 -25.36
CA GLN H 356 -41.02 -75.24 -26.59
C GLN H 356 -39.53 -74.93 -26.70
N LEU H 357 -39.08 -73.84 -26.08
CA LEU H 357 -37.66 -73.45 -26.10
C LEU H 357 -36.77 -74.41 -25.32
N LYS H 358 -37.27 -74.95 -24.22
CA LYS H 358 -36.48 -75.77 -23.29
C LYS H 358 -36.53 -77.28 -23.58
N GLU H 359 -36.88 -77.67 -24.80
CA GLU H 359 -37.14 -79.07 -25.12
C GLU H 359 -35.90 -79.78 -25.67
N ASN H 360 -35.77 -81.07 -25.34
CA ASN H 360 -34.73 -81.95 -25.89
C ASN H 360 -33.30 -81.57 -25.47
N GLY H 361 -32.52 -80.96 -26.36
CA GLY H 361 -31.13 -80.60 -26.07
C GLY H 361 -30.16 -81.21 -27.07
N VAL H 362 -29.92 -80.49 -28.16
CA VAL H 362 -28.98 -80.93 -29.22
C VAL H 362 -27.70 -80.12 -29.12
N ILE H 363 -26.58 -80.72 -29.52
CA ILE H 363 -25.27 -80.09 -29.40
C ILE H 363 -25.04 -79.11 -30.55
N ASN H 364 -24.63 -77.89 -30.22
CA ASN H 364 -24.29 -76.87 -31.21
C ASN H 364 -22.78 -76.87 -31.44
N TYR H 365 -22.36 -77.38 -32.59
CA TYR H 365 -20.94 -77.56 -32.90
C TYR H 365 -20.27 -76.29 -33.46
N SER H 366 -21.08 -75.32 -33.88
CA SER H 366 -20.56 -74.06 -34.40
C SER H 366 -20.01 -73.14 -33.29
N VAL H 367 -20.41 -73.41 -32.04
CA VAL H 367 -19.96 -72.63 -30.90
C VAL H 367 -18.48 -72.91 -30.59
N LEU H 368 -18.11 -74.19 -30.65
CA LEU H 368 -16.73 -74.60 -30.37
C LEU H 368 -15.81 -74.19 -31.51
N ASP H 369 -14.52 -74.04 -31.21
CA ASP H 369 -13.53 -73.67 -32.21
C ASP H 369 -12.91 -74.91 -32.85
N LEU H 370 -13.77 -75.78 -33.38
CA LEU H 370 -13.34 -77.04 -34.00
C LEU H 370 -12.75 -76.78 -35.37
N THR H 371 -11.62 -77.42 -35.67
CA THR H 371 -10.92 -77.24 -36.94
C THR H 371 -11.27 -78.38 -37.90
N ALA I 2 -33.40 -8.44 -42.32
CA ALA I 2 -33.86 -9.81 -42.71
C ALA I 2 -35.23 -10.13 -42.09
N LEU I 3 -35.95 -11.06 -42.72
CA LEU I 3 -37.27 -11.47 -42.23
C LEU I 3 -37.15 -12.55 -41.15
N SER I 4 -35.93 -13.04 -40.93
CA SER I 4 -35.67 -14.00 -39.84
C SER I 4 -35.66 -13.30 -38.48
N LYS I 5 -35.32 -12.01 -38.46
CA LYS I 5 -35.21 -11.26 -37.21
C LYS I 5 -36.56 -10.85 -36.61
N VAL I 6 -37.56 -10.63 -37.46
CA VAL I 6 -38.91 -10.26 -36.99
C VAL I 6 -39.52 -11.41 -36.17
N LYS I 7 -39.28 -11.37 -34.87
CA LYS I 7 -39.73 -12.41 -33.94
C LYS I 7 -39.92 -11.80 -32.55
N LEU I 8 -40.62 -12.52 -31.68
CA LEU I 8 -40.85 -12.06 -30.31
C LEU I 8 -41.23 -13.21 -29.39
N ASN I 9 -40.30 -13.60 -28.52
CA ASN I 9 -40.51 -14.70 -27.59
C ASN I 9 -41.32 -14.22 -26.39
N ASP I 10 -42.65 -14.22 -26.55
CA ASP I 10 -43.56 -13.76 -25.50
C ASP I 10 -43.57 -14.69 -24.29
N THR I 11 -43.48 -16.00 -24.54
CA THR I 11 -43.50 -17.00 -23.48
C THR I 11 -42.32 -16.83 -22.50
N LEU I 12 -41.14 -16.57 -23.04
CA LEU I 12 -39.94 -16.38 -22.24
C LEU I 12 -39.92 -15.01 -21.55
N ASN I 13 -40.46 -14.00 -22.24
CA ASN I 13 -40.52 -12.64 -21.69
C ASN I 13 -41.56 -12.49 -20.58
N LYS I 14 -42.69 -13.17 -20.71
CA LYS I 14 -43.70 -13.20 -19.65
C LYS I 14 -43.15 -13.83 -18.37
N ASP I 15 -42.38 -14.90 -18.53
CA ASP I 15 -41.70 -15.55 -17.41
C ASP I 15 -40.65 -14.63 -16.78
N GLN I 16 -39.92 -13.91 -17.64
CA GLN I 16 -38.91 -12.96 -17.18
C GLN I 16 -39.52 -11.81 -16.38
N LEU I 17 -40.73 -11.39 -16.76
CA LEU I 17 -41.45 -10.34 -16.05
C LEU I 17 -41.82 -10.78 -14.63
N LEU I 18 -42.40 -11.97 -14.51
CA LEU I 18 -42.86 -12.49 -13.23
C LEU I 18 -41.71 -12.95 -12.33
N SER I 19 -40.64 -13.46 -12.95
CA SER I 19 -39.46 -13.91 -12.19
C SER I 19 -38.69 -12.74 -11.58
N SER I 20 -38.73 -11.58 -12.23
CA SER I 20 -38.01 -10.40 -11.76
C SER I 20 -38.96 -9.33 -11.21
N SER I 21 -39.85 -9.75 -10.31
CA SER I 21 -40.77 -8.82 -9.65
C SER I 21 -40.05 -8.11 -8.50
N LYS I 22 -40.17 -6.80 -8.46
CA LYS I 22 -39.51 -5.99 -7.42
C LYS I 22 -40.28 -6.08 -6.10
N TYR I 23 -41.59 -6.29 -6.20
CA TYR I 23 -42.48 -6.26 -5.04
C TYR I 23 -43.17 -7.61 -4.84
N THR I 24 -43.67 -7.84 -3.63
CA THR I 24 -44.28 -9.12 -3.27
C THR I 24 -45.60 -8.93 -2.52
N ILE I 25 -46.57 -9.79 -2.82
CA ILE I 25 -47.83 -9.85 -2.06
C ILE I 25 -47.75 -10.97 -1.03
N GLN I 26 -48.38 -10.75 0.12
CA GLN I 26 -48.40 -11.74 1.20
C GLN I 26 -49.82 -11.92 1.70
N ARG I 27 -50.38 -13.09 1.43
CA ARG I 27 -51.80 -13.35 1.65
C ARG I 27 -52.11 -13.62 3.11
N SER I 28 -53.31 -13.24 3.53
CA SER I 28 -53.72 -13.38 4.93
C SER I 28 -53.86 -14.85 5.30
N THR I 29 -52.81 -15.40 5.90
CA THR I 29 -52.81 -16.77 6.40
C THR I 29 -53.79 -16.88 7.58
N GLY I 30 -53.94 -15.78 8.32
CA GLY I 30 -54.91 -15.69 9.41
C GLY I 30 -54.31 -15.08 10.66
N ASP I 31 -54.87 -15.45 11.81
CA ASP I 31 -54.39 -14.98 13.10
C ASP I 31 -53.23 -15.83 13.61
N SER I 32 -53.31 -17.15 13.42
CA SER I 32 -52.27 -18.06 13.89
C SER I 32 -52.29 -19.41 13.17
N ILE I 33 -51.12 -20.03 13.06
CA ILE I 33 -50.97 -21.39 12.54
C ILE I 33 -50.18 -22.24 13.55
N ASP I 34 -50.65 -23.45 13.78
CA ASP I 34 -49.97 -24.40 14.66
C ASP I 34 -48.80 -25.02 13.92
N THR I 35 -47.59 -24.81 14.44
CA THR I 35 -46.37 -25.35 13.85
C THR I 35 -45.73 -26.35 14.81
N PRO I 36 -46.20 -27.62 14.79
CA PRO I 36 -45.65 -28.63 15.69
C PRO I 36 -44.24 -29.08 15.29
N ASN I 37 -43.44 -29.45 16.29
CA ASN I 37 -42.07 -29.91 16.07
C ASN I 37 -42.00 -31.44 16.14
N TYR I 38 -40.80 -31.99 16.19
CA TYR I 38 -40.60 -33.44 16.15
C TYR I 38 -41.01 -34.12 17.45
N ASP I 39 -40.96 -33.38 18.56
CA ASP I 39 -41.30 -33.93 19.88
C ASP I 39 -42.79 -34.30 20.01
N VAL I 40 -43.64 -33.62 19.26
CA VAL I 40 -45.09 -33.86 19.30
C VAL I 40 -45.54 -34.86 18.23
N GLN I 41 -44.75 -35.03 17.19
CA GLN I 41 -45.07 -35.96 16.09
C GLN I 41 -45.64 -37.29 16.59
N LYS I 42 -45.06 -37.82 17.66
CA LYS I 42 -45.47 -39.12 18.21
C LYS I 42 -46.84 -39.05 18.89
N HIS I 43 -47.18 -37.88 19.44
CA HIS I 43 -48.50 -37.66 20.04
C HIS I 43 -49.59 -37.54 18.99
N ILE I 44 -49.27 -36.90 17.86
CA ILE I 44 -50.24 -36.72 16.77
C ILE I 44 -50.51 -38.06 16.08
N ASN I 45 -49.46 -38.88 15.94
CA ASN I 45 -49.61 -40.24 15.42
C ASN I 45 -50.57 -41.08 16.27
N LYS I 46 -50.51 -40.87 17.59
CA LYS I 46 -51.43 -41.51 18.52
C LYS I 46 -52.84 -40.98 18.33
N LEU I 47 -52.97 -39.67 18.14
CA LEU I 47 -54.26 -39.03 17.87
C LEU I 47 -54.84 -39.49 16.54
N CYS I 48 -53.98 -39.67 15.54
CA CYS I 48 -54.38 -40.22 14.25
C CYS I 48 -54.85 -41.67 14.39
N GLY I 49 -54.17 -42.42 15.26
CA GLY I 49 -54.54 -43.82 15.53
C GLY I 49 -55.89 -43.94 16.23
N MET I 50 -56.17 -43.01 17.15
CA MET I 50 -57.45 -43.00 17.88
C MET I 50 -58.64 -42.87 16.93
N LEU I 51 -58.52 -41.98 15.95
CA LEU I 51 -59.54 -41.81 14.92
C LEU I 51 -59.71 -43.06 14.06
N LEU I 52 -58.60 -43.75 13.81
CA LEU I 52 -58.60 -44.96 12.97
C LEU I 52 -59.24 -46.17 13.66
N ILE I 53 -59.02 -46.33 14.96
CA ILE I 53 -59.62 -47.44 15.71
C ILE I 53 -61.09 -47.21 16.07
N THR I 54 -61.52 -45.95 16.04
CA THR I 54 -62.90 -45.60 16.38
C THR I 54 -63.87 -46.03 15.27
N GLU I 55 -64.85 -46.85 15.63
CA GLU I 55 -65.86 -47.32 14.69
C GLU I 55 -66.85 -46.18 14.40
N ASP I 56 -67.05 -45.89 13.11
CA ASP I 56 -67.89 -44.77 12.67
C ASP I 56 -67.42 -43.46 13.32
N ALA I 57 -66.16 -43.13 13.07
CA ALA I 57 -65.53 -41.97 13.70
C ALA I 57 -65.95 -40.65 13.04
N ASN I 58 -65.87 -39.58 13.82
CA ASN I 58 -66.14 -38.23 13.31
C ASN I 58 -64.87 -37.64 12.72
N HIS I 59 -64.74 -37.72 11.39
CA HIS I 59 -63.58 -37.17 10.68
C HIS I 59 -63.85 -35.73 10.24
N LYS I 60 -64.29 -34.89 11.17
CA LYS I 60 -64.50 -33.47 10.90
C LYS I 60 -63.17 -32.72 11.01
N PHE I 61 -62.28 -33.20 11.88
CA PHE I 61 -61.02 -32.54 12.16
C PHE I 61 -59.80 -33.32 11.64
N THR I 62 -60.03 -34.43 10.97
CA THR I 62 -58.95 -35.31 10.52
C THR I 62 -58.10 -34.70 9.40
N GLY I 63 -58.73 -33.86 8.58
CA GLY I 63 -58.01 -33.09 7.56
C GLY I 63 -57.04 -32.11 8.20
N LEU I 64 -57.46 -31.48 9.29
CA LEU I 64 -56.62 -30.57 10.05
C LEU I 64 -55.56 -31.34 10.86
N ILE I 65 -55.98 -32.43 11.51
CA ILE I 65 -55.08 -33.30 12.27
C ILE I 65 -54.03 -33.94 11.36
N GLY I 66 -54.42 -34.26 10.13
CA GLY I 66 -53.50 -34.78 9.13
C GLY I 66 -52.39 -33.81 8.78
N MET I 67 -52.76 -32.54 8.61
CA MET I 67 -51.78 -31.48 8.34
C MET I 67 -50.83 -31.27 9.51
N LEU I 68 -51.34 -31.41 10.74
CA LEU I 68 -50.51 -31.29 11.94
C LEU I 68 -49.45 -32.37 12.02
N TYR I 69 -49.77 -33.58 11.56
CA TYR I 69 -48.81 -34.68 11.51
C TYR I 69 -47.75 -34.44 10.43
N ALA I 70 -48.19 -33.91 9.28
CA ALA I 70 -47.28 -33.58 8.18
C ALA I 70 -46.32 -32.47 8.57
N MET I 71 -46.82 -31.48 9.32
CA MET I 71 -45.99 -30.37 9.80
C MET I 71 -45.07 -30.79 10.94
N SER I 72 -45.51 -31.75 11.75
CA SER I 72 -44.67 -32.28 12.83
C SER I 72 -43.50 -33.11 12.28
N ARG I 73 -43.75 -33.80 11.16
CA ARG I 73 -42.69 -34.53 10.46
C ARG I 73 -41.66 -33.57 9.86
N LEU I 74 -42.14 -32.46 9.31
CA LEU I 74 -41.25 -31.42 8.78
C LEU I 74 -40.46 -30.74 9.90
N GLY I 75 -41.17 -30.35 10.95
CA GLY I 75 -40.56 -29.68 12.10
C GLY I 75 -40.76 -28.18 12.04
N ARG I 76 -40.97 -27.57 13.21
CA ARG I 76 -41.29 -26.14 13.35
C ARG I 76 -40.45 -25.24 12.44
N GLU I 77 -39.13 -25.47 12.42
CA GLU I 77 -38.22 -24.65 11.62
C GLU I 77 -38.49 -24.75 10.11
N ASP I 78 -38.70 -25.97 9.63
CA ASP I 78 -38.95 -26.19 8.20
C ASP I 78 -40.34 -25.72 7.78
N THR I 79 -41.38 -26.18 8.48
CA THR I 79 -42.75 -25.81 8.13
C THR I 79 -43.00 -24.29 8.15
N ILE I 80 -42.31 -23.57 9.02
CA ILE I 80 -42.34 -22.10 8.98
C ILE I 80 -41.62 -21.60 7.73
N LYS I 81 -40.50 -22.22 7.41
CA LYS I 81 -39.72 -21.87 6.21
C LYS I 81 -40.50 -22.09 4.91
N ILE I 82 -41.33 -23.12 4.86
CA ILE I 82 -42.10 -23.43 3.64
C ILE I 82 -43.29 -22.50 3.47
N LEU I 83 -43.87 -22.04 4.59
CA LEU I 83 -44.96 -21.06 4.54
C LEU I 83 -44.45 -19.68 4.11
N ARG I 84 -43.29 -19.28 4.62
CA ARG I 84 -42.69 -17.99 4.26
C ARG I 84 -42.20 -17.96 2.81
N ASP I 85 -41.62 -19.07 2.35
CA ASP I 85 -41.18 -19.20 0.96
C ASP I 85 -42.36 -19.21 -0.02
N ALA I 86 -43.50 -19.75 0.43
CA ALA I 86 -44.73 -19.73 -0.37
C ALA I 86 -45.26 -18.30 -0.55
N GLY I 87 -45.07 -17.47 0.48
CA GLY I 87 -45.52 -16.08 0.45
C GLY I 87 -46.66 -15.84 1.43
N TYR I 88 -46.42 -16.15 2.70
CA TYR I 88 -47.42 -16.00 3.74
C TYR I 88 -46.80 -15.48 5.05
N HIS I 89 -47.41 -14.45 5.62
CA HIS I 89 -47.03 -13.99 6.96
C HIS I 89 -47.59 -14.96 8.00
N VAL I 90 -46.71 -15.66 8.70
CA VAL I 90 -47.13 -16.71 9.63
C VAL I 90 -46.88 -16.34 11.09
N LYS I 91 -47.95 -16.49 11.89
CA LYS I 91 -47.89 -16.31 13.33
C LYS I 91 -47.77 -17.69 13.96
N ALA I 92 -46.52 -18.13 14.18
CA ALA I 92 -46.24 -19.51 14.58
C ALA I 92 -46.68 -19.81 16.02
N ASN I 93 -47.64 -20.72 16.16
CA ASN I 93 -48.06 -21.24 17.45
C ASN I 93 -47.35 -22.57 17.72
N GLY I 94 -46.70 -22.69 18.88
CA GLY I 94 -46.03 -23.93 19.26
C GLY I 94 -47.02 -25.04 19.55
N VAL I 95 -46.55 -26.28 19.54
CA VAL I 95 -47.41 -27.44 19.84
C VAL I 95 -46.65 -28.47 20.69
N ASP I 96 -47.19 -28.79 21.86
CA ASP I 96 -46.58 -29.71 22.83
C ASP I 96 -47.66 -30.29 23.74
N VAL I 97 -47.26 -31.02 24.77
CA VAL I 97 -48.19 -31.83 25.56
C VAL I 97 -48.41 -31.26 26.96
N THR I 98 -49.69 -31.10 27.32
CA THR I 98 -50.09 -30.72 28.68
C THR I 98 -51.19 -31.67 29.17
N THR I 99 -51.18 -31.97 30.47
CA THR I 99 -52.15 -32.89 31.06
C THR I 99 -53.40 -32.11 31.52
N HIS I 100 -54.54 -32.45 30.92
CA HIS I 100 -55.82 -31.80 31.24
C HIS I 100 -56.67 -32.72 32.12
N ARG I 101 -57.17 -32.18 33.23
CA ARG I 101 -58.02 -32.93 34.15
C ARG I 101 -59.47 -32.49 34.03
N GLN I 102 -60.34 -33.45 33.67
CA GLN I 102 -61.77 -33.19 33.52
C GLN I 102 -62.57 -34.39 34.01
N ASP I 103 -63.69 -34.13 34.67
CA ASP I 103 -64.52 -35.19 35.27
C ASP I 103 -65.67 -35.64 34.36
N ILE I 104 -65.39 -36.63 33.51
CA ILE I 104 -66.39 -37.20 32.62
C ILE I 104 -67.17 -38.28 33.38
N ASN I 105 -68.50 -38.16 33.35
CA ASN I 105 -69.40 -39.10 34.04
C ASN I 105 -69.14 -39.20 35.55
N GLY I 106 -68.80 -38.07 36.16
CA GLY I 106 -68.54 -38.00 37.60
C GLY I 106 -67.09 -38.24 37.98
N LYS I 107 -66.50 -39.29 37.42
CA LYS I 107 -65.13 -39.68 37.75
C LYS I 107 -64.12 -38.75 37.08
N GLU I 108 -63.16 -38.24 37.88
CA GLU I 108 -62.14 -37.33 37.39
C GLU I 108 -61.12 -38.10 36.54
N MET I 109 -60.91 -37.65 35.30
CA MET I 109 -60.03 -38.34 34.36
C MET I 109 -58.93 -37.41 33.82
N LYS I 110 -57.76 -37.99 33.55
CA LYS I 110 -56.63 -37.26 32.98
C LYS I 110 -56.55 -37.49 31.47
N PHE I 111 -56.10 -36.46 30.75
CA PHE I 111 -55.95 -36.54 29.29
C PHE I 111 -54.73 -35.75 28.82
N GLU I 112 -53.86 -36.41 28.06
CA GLU I 112 -52.73 -35.74 27.41
C GLU I 112 -53.24 -35.07 26.15
N VAL I 113 -53.22 -33.73 26.15
CA VAL I 113 -53.77 -32.94 25.03
C VAL I 113 -52.73 -31.96 24.48
N LEU I 114 -52.79 -31.74 23.17
CA LEU I 114 -51.98 -30.72 22.51
C LEU I 114 -52.69 -29.38 22.63
N THR I 115 -51.98 -28.36 23.12
CA THR I 115 -52.58 -27.03 23.27
C THR I 115 -52.52 -26.29 21.92
N LEU I 116 -53.41 -26.70 21.03
CA LEU I 116 -53.48 -26.15 19.66
C LEU I 116 -54.45 -24.99 19.59
N ALA I 117 -54.21 -24.08 18.66
CA ALA I 117 -55.12 -22.96 18.40
C ALA I 117 -56.29 -23.39 17.52
N SER I 118 -55.98 -24.12 16.45
CA SER I 118 -57.00 -24.60 15.52
C SER I 118 -57.88 -25.70 16.11
N LEU I 119 -57.31 -26.52 16.99
CA LEU I 119 -58.03 -27.63 17.61
C LEU I 119 -58.19 -27.39 19.11
N THR I 120 -59.44 -27.42 19.57
CA THR I 120 -59.76 -27.15 20.98
C THR I 120 -59.41 -28.37 21.84
N THR I 121 -59.09 -28.12 23.11
CA THR I 121 -58.82 -29.19 24.07
C THR I 121 -60.09 -29.97 24.44
N GLU I 122 -61.25 -29.36 24.20
CA GLU I 122 -62.53 -29.99 24.52
C GLU I 122 -62.88 -31.08 23.50
N ILE I 123 -62.48 -30.87 22.24
CA ILE I 123 -62.77 -31.84 21.18
C ILE I 123 -61.67 -32.91 21.08
N GLN I 124 -60.46 -32.58 21.57
CA GLN I 124 -59.36 -33.54 21.60
C GLN I 124 -59.64 -34.70 22.55
N ILE I 125 -60.18 -34.39 23.73
CA ILE I 125 -60.53 -35.43 24.71
C ILE I 125 -61.67 -36.32 24.22
N ASN I 126 -62.58 -35.75 23.41
CA ASN I 126 -63.69 -36.51 22.84
C ASN I 126 -63.24 -37.53 21.78
N ILE I 127 -62.13 -37.22 21.10
CA ILE I 127 -61.52 -38.17 20.17
C ILE I 127 -60.93 -39.35 20.95
N GLU I 128 -60.31 -39.06 22.09
CA GLU I 128 -59.75 -40.09 22.97
C GLU I 128 -60.84 -40.87 23.71
N ILE I 129 -61.92 -40.18 24.10
CA ILE I 129 -63.04 -40.82 24.79
C ILE I 129 -63.76 -41.83 23.90
N GLU I 130 -64.07 -41.42 22.68
CA GLU I 130 -64.76 -42.30 21.73
C GLU I 130 -63.87 -43.45 21.23
N SER I 131 -62.55 -43.25 21.24
CA SER I 131 -61.61 -44.30 20.87
C SER I 131 -61.50 -45.36 21.96
N ARG I 132 -61.54 -44.95 23.21
CA ARG I 132 -61.53 -45.87 24.35
C ARG I 132 -62.77 -46.76 24.38
N LYS I 133 -63.90 -46.22 23.95
CA LYS I 133 -65.13 -47.00 23.81
C LYS I 133 -64.98 -48.10 22.76
N SER I 134 -64.43 -47.72 21.60
CA SER I 134 -64.19 -48.66 20.51
C SER I 134 -63.04 -49.62 20.83
N TYR I 135 -62.10 -49.19 21.66
CA TYR I 135 -60.98 -50.02 22.07
C TYR I 135 -61.42 -51.16 22.98
N LYS I 136 -62.24 -50.84 23.98
CA LYS I 136 -62.74 -51.86 24.91
C LYS I 136 -63.74 -52.81 24.25
N LYS I 137 -64.47 -52.30 23.26
CA LYS I 137 -65.37 -53.12 22.45
C LYS I 137 -64.55 -54.08 21.58
N MET I 138 -63.45 -53.57 21.03
CA MET I 138 -62.51 -54.38 20.26
C MET I 138 -61.80 -55.39 21.15
N LEU I 139 -61.43 -54.96 22.35
CA LEU I 139 -60.76 -55.83 23.33
C LEU I 139 -61.70 -56.95 23.81
N LYS I 140 -63.00 -56.65 23.87
CA LYS I 140 -64.00 -57.63 24.29
C LYS I 140 -64.26 -58.69 23.23
N GLU I 141 -64.07 -58.32 21.95
CA GLU I 141 -64.33 -59.22 20.83
C GLU I 141 -63.19 -60.21 20.57
N MET I 142 -61.96 -59.70 20.53
CA MET I 142 -60.78 -60.53 20.20
C MET I 142 -59.86 -60.81 21.39
N GLY I 143 -60.28 -60.41 22.59
CA GLY I 143 -59.51 -60.64 23.81
C GLY I 143 -58.27 -59.77 23.89
N GLU I 144 -57.23 -60.15 23.16
CA GLU I 144 -55.98 -59.40 23.09
C GLU I 144 -55.86 -58.73 21.72
N VAL I 145 -55.70 -57.41 21.72
CA VAL I 145 -55.52 -56.65 20.47
C VAL I 145 -54.06 -56.66 20.03
N ALA I 146 -53.84 -56.92 18.75
CA ALA I 146 -52.48 -57.03 18.19
C ALA I 146 -51.91 -55.64 17.89
N PRO I 147 -50.58 -55.56 17.66
CA PRO I 147 -49.93 -54.30 17.28
C PRO I 147 -50.48 -53.65 16.01
N GLU I 148 -51.03 -54.45 15.10
CA GLU I 148 -51.58 -53.94 13.84
C GLU I 148 -52.88 -53.18 14.04
N TYR I 149 -53.75 -53.72 14.90
CA TYR I 149 -55.10 -53.17 15.10
C TYR I 149 -55.15 -51.96 16.04
N ARG I 150 -54.08 -51.74 16.81
CA ARG I 150 -54.08 -50.68 17.83
C ARG I 150 -53.61 -49.32 17.31
N HIS I 151 -53.90 -48.29 18.11
CA HIS I 151 -53.59 -46.89 17.77
C HIS I 151 -52.11 -46.52 17.90
N ASP I 152 -51.34 -47.34 18.62
CA ASP I 152 -49.93 -47.04 18.88
C ASP I 152 -49.00 -47.27 17.68
N SER I 153 -49.50 -47.96 16.66
CA SER I 153 -48.71 -48.28 15.46
C SER I 153 -48.19 -47.01 14.78
N PRO I 154 -46.95 -47.03 14.29
CA PRO I 154 -46.36 -45.86 13.63
C PRO I 154 -46.96 -45.53 12.25
N ASP I 155 -47.67 -46.48 11.66
CA ASP I 155 -48.31 -46.29 10.36
C ASP I 155 -49.51 -45.35 10.42
N CYS I 156 -50.21 -45.35 11.56
CA CYS I 156 -51.46 -44.60 11.74
C CYS I 156 -51.45 -43.19 11.13
N GLY I 157 -50.39 -42.43 11.39
CA GLY I 157 -50.26 -41.07 10.90
C GLY I 157 -50.17 -40.99 9.38
N MET I 158 -49.38 -41.87 8.78
CA MET I 158 -49.21 -41.91 7.33
C MET I 158 -50.42 -42.53 6.62
N ILE I 159 -51.13 -43.44 7.30
CA ILE I 159 -52.35 -44.05 6.75
C ILE I 159 -53.41 -42.99 6.46
N ILE I 160 -53.53 -42.00 7.35
CA ILE I 160 -54.44 -40.88 7.14
C ILE I 160 -53.95 -39.95 6.03
N LEU I 161 -52.63 -39.81 5.91
CA LEU I 161 -52.03 -39.00 4.85
C LEU I 161 -52.03 -39.70 3.48
N CYS I 162 -52.28 -41.02 3.47
CA CYS I 162 -52.36 -41.76 2.21
C CYS I 162 -53.57 -41.33 1.36
N ILE I 163 -54.73 -41.18 2.00
CA ILE I 163 -55.92 -40.67 1.30
C ILE I 163 -55.87 -39.16 1.09
N ALA I 164 -54.99 -38.48 1.84
CA ALA I 164 -54.70 -37.07 1.59
C ALA I 164 -53.96 -36.92 0.26
N ALA I 165 -53.09 -37.87 -0.04
CA ALA I 165 -52.39 -37.92 -1.32
C ALA I 165 -53.33 -38.27 -2.48
N LEU I 166 -54.37 -39.06 -2.17
CA LEU I 166 -55.42 -39.36 -3.15
C LEU I 166 -56.31 -38.14 -3.42
N VAL I 167 -56.56 -37.34 -2.38
CA VAL I 167 -57.30 -36.09 -2.53
C VAL I 167 -56.49 -35.09 -3.36
N ILE I 168 -55.19 -35.01 -3.08
CA ILE I 168 -54.29 -34.09 -3.80
C ILE I 168 -54.14 -34.52 -5.27
N THR I 169 -54.30 -35.82 -5.51
CA THR I 169 -54.26 -36.38 -6.88
C THR I 169 -55.43 -35.87 -7.73
N LYS I 170 -56.59 -35.68 -7.11
CA LYS I 170 -57.79 -35.22 -7.83
C LYS I 170 -58.18 -33.76 -7.50
N LEU I 171 -57.20 -32.95 -7.09
CA LEU I 171 -57.45 -31.52 -6.83
C LEU I 171 -57.48 -30.70 -8.12
N ALA I 172 -56.94 -31.25 -9.21
CA ALA I 172 -56.88 -30.55 -10.50
C ALA I 172 -58.26 -30.13 -11.00
N ALA I 173 -59.27 -30.99 -10.78
CA ALA I 173 -60.64 -30.68 -11.13
C ALA I 173 -61.16 -29.47 -10.35
N GLY I 174 -60.92 -29.48 -9.04
CA GLY I 174 -61.24 -28.35 -8.18
C GLY I 174 -62.73 -28.19 -7.89
N ASP I 175 -63.42 -29.31 -7.68
CA ASP I 175 -64.85 -29.27 -7.33
C ASP I 175 -65.34 -30.56 -6.62
N ARG I 176 -64.44 -31.24 -5.92
CA ARG I 176 -64.73 -32.52 -5.26
C ARG I 176 -65.39 -33.55 -6.17
N SER I 177 -65.05 -33.52 -7.46
CA SER I 177 -65.60 -34.45 -8.43
C SER I 177 -64.89 -35.80 -8.39
N GLY I 178 -63.61 -35.78 -8.03
CA GLY I 178 -62.80 -36.99 -7.95
C GLY I 178 -63.03 -37.84 -6.71
N LEU I 179 -63.82 -37.33 -5.76
CA LEU I 179 -64.14 -38.04 -4.50
C LEU I 179 -64.51 -39.51 -4.73
N THR I 180 -65.27 -39.78 -5.79
CA THR I 180 -65.64 -41.15 -6.15
C THR I 180 -64.42 -42.00 -6.49
N ALA I 181 -63.48 -41.42 -7.24
CA ALA I 181 -62.23 -42.09 -7.59
C ALA I 181 -61.28 -42.19 -6.40
N VAL I 182 -61.35 -41.21 -5.49
CA VAL I 182 -60.53 -41.22 -4.28
C VAL I 182 -60.93 -42.37 -3.36
N ILE I 183 -62.24 -42.60 -3.23
CA ILE I 183 -62.75 -43.71 -2.41
C ILE I 183 -62.49 -45.04 -3.11
N ARG I 184 -62.68 -45.07 -4.43
CA ARG I 184 -62.44 -46.26 -5.25
C ARG I 184 -61.01 -46.76 -5.10
N ARG I 185 -60.05 -45.86 -5.29
CA ARG I 185 -58.63 -46.21 -5.16
C ARG I 185 -58.28 -46.55 -3.71
N ALA I 186 -58.88 -45.85 -2.76
CA ALA I 186 -58.66 -46.11 -1.33
C ALA I 186 -59.15 -47.50 -0.90
N ASN I 187 -59.94 -48.15 -1.75
CA ASN I 187 -60.36 -49.54 -1.53
C ASN I 187 -59.47 -50.53 -2.28
N ASN I 188 -59.03 -50.15 -3.49
CA ASN I 188 -58.08 -50.97 -4.26
C ASN I 188 -56.70 -50.89 -3.62
N VAL I 189 -56.25 -49.66 -3.38
CA VAL I 189 -55.04 -49.40 -2.60
C VAL I 189 -55.47 -49.48 -1.14
N LEU I 190 -54.50 -49.64 -0.23
CA LEU I 190 -54.74 -49.44 1.19
C LEU I 190 -55.77 -50.43 1.76
N LYS I 191 -55.92 -51.57 1.10
CA LYS I 191 -56.95 -52.56 1.46
C LYS I 191 -56.62 -53.30 2.76
N ASN I 192 -55.34 -53.61 2.95
CA ASN I 192 -54.86 -54.23 4.19
C ASN I 192 -55.04 -53.28 5.38
N GLU I 193 -54.88 -51.98 5.14
CA GLU I 193 -55.00 -50.95 6.18
C GLU I 193 -56.45 -50.80 6.67
N MET I 194 -57.41 -50.94 5.76
CA MET I 194 -58.83 -50.84 6.10
C MET I 194 -59.33 -52.02 6.92
N LYS I 195 -58.69 -53.18 6.76
CA LYS I 195 -59.02 -54.36 7.55
C LYS I 195 -58.65 -54.16 9.03
N ARG I 196 -57.47 -53.58 9.25
CA ARG I 196 -56.92 -53.43 10.61
C ARG I 196 -57.36 -52.14 11.32
N TYR I 197 -58.16 -51.31 10.65
CA TYR I 197 -58.71 -50.10 11.27
C TYR I 197 -60.16 -49.87 10.84
N LYS I 198 -61.07 -49.87 11.81
CA LYS I 198 -62.49 -49.67 11.56
C LYS I 198 -62.80 -48.25 11.09
N GLY I 199 -62.08 -47.28 11.64
CA GLY I 199 -62.28 -45.86 11.33
C GLY I 199 -61.50 -45.34 10.14
N LEU I 200 -61.13 -46.22 9.22
CA LEU I 200 -60.53 -45.82 7.95
C LEU I 200 -61.67 -45.67 6.94
N LEU I 201 -62.31 -44.51 6.96
CA LEU I 201 -63.45 -44.20 6.09
C LEU I 201 -62.99 -43.26 4.97
N PRO I 202 -62.77 -43.80 3.75
CA PRO I 202 -62.26 -42.98 2.64
C PRO I 202 -63.11 -41.74 2.35
N LYS I 203 -64.44 -41.90 2.35
CA LYS I 203 -65.35 -40.78 2.06
C LYS I 203 -65.28 -39.68 3.13
N ASP I 204 -65.26 -40.10 4.39
CA ASP I 204 -65.25 -39.16 5.52
C ASP I 204 -63.91 -38.41 5.64
N ILE I 205 -62.81 -39.12 5.43
CA ILE I 205 -61.48 -38.53 5.57
C ILE I 205 -61.13 -37.67 4.36
N ALA I 206 -61.50 -38.12 3.16
CA ALA I 206 -61.23 -37.37 1.93
C ALA I 206 -61.95 -36.03 1.92
N ASN I 207 -63.21 -36.02 2.33
CA ASN I 207 -63.99 -34.79 2.46
C ASN I 207 -63.38 -33.82 3.50
N SER I 208 -62.73 -34.37 4.52
CA SER I 208 -62.05 -33.56 5.53
C SER I 208 -60.83 -32.86 4.92
N PHE I 209 -60.06 -33.59 4.13
CA PHE I 209 -58.90 -33.02 3.43
C PHE I 209 -59.33 -32.08 2.29
N TYR I 210 -60.43 -32.41 1.61
CA TYR I 210 -61.01 -31.51 0.62
C TYR I 210 -61.43 -30.18 1.27
N GLU I 211 -61.96 -30.25 2.49
CA GLU I 211 -62.41 -29.07 3.21
C GLU I 211 -61.23 -28.20 3.67
N VAL I 212 -60.20 -28.83 4.21
CA VAL I 212 -59.04 -28.11 4.77
C VAL I 212 -58.18 -27.48 3.68
N PHE I 213 -58.10 -28.10 2.51
CA PHE I 213 -57.37 -27.54 1.37
C PHE I 213 -58.16 -26.38 0.74
N GLU I 214 -59.48 -26.48 0.74
CA GLU I 214 -60.36 -25.41 0.23
C GLU I 214 -60.37 -24.20 1.16
N LYS I 215 -60.57 -24.46 2.46
CA LYS I 215 -60.62 -23.40 3.47
C LYS I 215 -59.24 -22.77 3.70
N HIS I 216 -58.20 -23.59 3.63
CA HIS I 216 -56.82 -23.12 3.82
C HIS I 216 -55.94 -23.53 2.64
N PRO I 217 -55.85 -22.66 1.61
CA PRO I 217 -55.01 -22.92 0.43
C PRO I 217 -53.51 -23.03 0.73
N HIS I 218 -53.06 -22.44 1.83
CA HIS I 218 -51.66 -22.53 2.26
C HIS I 218 -51.28 -23.94 2.74
N PHE I 219 -52.25 -24.69 3.26
CA PHE I 219 -52.01 -26.06 3.72
C PHE I 219 -51.80 -27.06 2.57
N ILE I 220 -52.27 -26.73 1.37
CA ILE I 220 -52.06 -27.61 0.21
C ILE I 220 -50.61 -27.45 -0.25
N ASP I 221 -50.07 -26.25 -0.08
CA ASP I 221 -48.66 -25.97 -0.33
C ASP I 221 -47.78 -26.67 0.72
N VAL I 222 -48.27 -26.75 1.94
CA VAL I 222 -47.56 -27.44 3.03
C VAL I 222 -47.52 -28.95 2.78
N PHE I 223 -48.63 -29.51 2.30
CA PHE I 223 -48.72 -30.95 2.04
C PHE I 223 -47.87 -31.38 0.85
N VAL I 224 -47.89 -30.58 -0.23
CA VAL I 224 -47.11 -30.88 -1.43
C VAL I 224 -45.62 -30.89 -1.12
N HIS I 225 -45.15 -29.88 -0.40
CA HIS I 225 -43.73 -29.79 -0.02
C HIS I 225 -43.36 -30.79 1.09
N PHE I 226 -44.35 -31.25 1.85
CA PHE I 226 -44.15 -32.37 2.77
C PHE I 226 -44.00 -33.66 1.98
N GLY I 227 -44.88 -33.87 1.00
CA GLY I 227 -44.86 -35.07 0.17
C GLY I 227 -43.59 -35.23 -0.65
N ILE I 228 -43.04 -34.12 -1.12
CA ILE I 228 -41.77 -34.11 -1.83
C ILE I 228 -40.63 -34.41 -0.87
N ALA I 229 -40.69 -33.82 0.33
CA ALA I 229 -39.71 -34.09 1.39
C ALA I 229 -39.81 -35.52 1.90
N GLN I 230 -41.04 -36.04 1.98
CA GLN I 230 -41.28 -37.43 2.36
C GLN I 230 -40.76 -38.40 1.29
N SER I 231 -40.97 -38.04 0.02
CA SER I 231 -40.50 -38.86 -1.10
C SER I 231 -38.99 -38.73 -1.35
N SER I 232 -38.34 -37.78 -0.70
CA SER I 232 -36.89 -37.59 -0.82
C SER I 232 -36.09 -38.46 0.16
N THR I 233 -36.77 -39.18 1.05
CA THR I 233 -36.10 -40.00 2.06
C THR I 233 -35.42 -41.24 1.45
N ARG I 234 -34.56 -41.87 2.23
CA ARG I 234 -33.78 -43.02 1.79
C ARG I 234 -34.59 -44.32 1.84
N GLY I 235 -35.44 -44.43 2.86
CA GLY I 235 -36.31 -45.60 3.01
C GLY I 235 -37.06 -45.60 4.34
N GLY I 236 -38.23 -46.23 4.37
CA GLY I 236 -39.08 -46.25 5.56
C GLY I 236 -39.87 -47.54 5.71
N SER I 237 -41.20 -47.42 5.74
CA SER I 237 -42.11 -48.58 5.83
C SER I 237 -42.93 -48.70 4.55
N ARG I 238 -43.67 -49.80 4.42
CA ARG I 238 -44.49 -50.04 3.22
C ARG I 238 -45.64 -49.04 3.10
N VAL I 239 -46.16 -48.58 4.24
CA VAL I 239 -47.21 -47.55 4.26
C VAL I 239 -46.67 -46.21 3.78
N GLU I 240 -45.40 -45.94 4.06
CA GLU I 240 -44.72 -44.76 3.52
C GLU I 240 -44.43 -44.95 2.04
N GLY I 241 -44.25 -46.20 1.62
CA GLY I 241 -44.16 -46.56 0.21
C GLY I 241 -45.49 -46.35 -0.51
N ILE I 242 -46.60 -46.60 0.18
CA ILE I 242 -47.94 -46.31 -0.36
C ILE I 242 -48.10 -44.83 -0.62
N PHE I 243 -47.81 -44.03 0.41
CA PHE I 243 -47.92 -42.57 0.32
C PHE I 243 -47.06 -42.01 -0.82
N ALA I 244 -45.82 -42.48 -0.92
CA ALA I 244 -44.89 -42.01 -1.94
C ALA I 244 -45.40 -42.31 -3.35
N GLY I 245 -45.95 -43.50 -3.54
CA GLY I 245 -46.52 -43.91 -4.83
C GLY I 245 -47.79 -43.15 -5.16
N LEU I 246 -48.67 -43.01 -4.18
CA LEU I 246 -49.93 -42.28 -4.35
C LEU I 246 -49.71 -40.77 -4.53
N PHE I 247 -48.67 -40.25 -3.89
CA PHE I 247 -48.34 -38.82 -4.02
C PHE I 247 -47.79 -38.50 -5.41
N MET I 248 -46.96 -39.40 -5.95
CA MET I 248 -46.37 -39.21 -7.28
C MET I 248 -47.36 -39.43 -8.43
N ASN I 249 -48.51 -40.04 -8.13
CA ASN I 249 -49.60 -40.13 -9.10
C ASN I 249 -50.21 -38.74 -9.36
N ALA I 250 -50.09 -37.85 -8.37
CA ALA I 250 -50.55 -36.47 -8.50
C ALA I 250 -49.68 -35.66 -9.47
N TYR I 251 -48.40 -36.03 -9.59
CA TYR I 251 -47.48 -35.36 -10.52
C TYR I 251 -48.06 -35.34 -11.93
N GLY I 252 -48.13 -34.16 -12.52
CA GLY I 252 -48.68 -33.99 -13.87
C GLY I 252 -50.20 -33.88 -13.91
N ALA I 253 -50.82 -33.65 -12.75
CA ALA I 253 -52.26 -33.44 -12.68
C ALA I 253 -52.59 -32.04 -13.21
N GLY I 254 -53.76 -31.91 -13.82
CA GLY I 254 -54.17 -30.64 -14.43
C GLY I 254 -53.47 -30.35 -15.74
N GLN I 255 -52.85 -31.37 -16.33
CA GLN I 255 -52.12 -31.22 -17.59
C GLN I 255 -51.93 -32.58 -18.27
N VAL I 256 -53.05 -33.29 -18.42
CA VAL I 256 -53.08 -34.60 -19.07
C VAL I 256 -52.97 -34.49 -20.59
N MET I 257 -53.48 -33.38 -21.14
CA MET I 257 -53.41 -33.12 -22.58
C MET I 257 -51.97 -33.02 -23.06
N LEU I 258 -51.08 -32.62 -22.14
CA LEU I 258 -49.64 -32.56 -22.41
C LEU I 258 -49.06 -33.97 -22.62
N ARG I 259 -49.51 -34.92 -21.78
CA ARG I 259 -49.05 -36.31 -21.87
C ARG I 259 -49.69 -37.04 -23.05
N TRP I 260 -50.97 -36.80 -23.29
CA TRP I 260 -51.67 -37.41 -24.42
C TRP I 260 -51.17 -36.89 -25.78
N GLY I 261 -50.60 -35.69 -25.79
CA GLY I 261 -49.99 -35.14 -26.99
C GLY I 261 -48.73 -35.89 -27.41
N VAL I 262 -47.97 -36.37 -26.42
CA VAL I 262 -46.79 -37.18 -26.68
C VAL I 262 -47.20 -38.59 -27.12
N LEU I 263 -48.34 -39.06 -26.61
CA LEU I 263 -48.88 -40.37 -26.98
C LEU I 263 -49.32 -40.38 -28.45
N ALA I 264 -50.00 -39.32 -28.88
CA ALA I 264 -50.42 -39.18 -30.28
C ALA I 264 -49.21 -39.11 -31.22
N LYS I 265 -48.15 -38.49 -30.76
CA LYS I 265 -46.88 -38.43 -31.49
C LYS I 265 -46.17 -39.79 -31.48
N SER I 266 -46.29 -40.52 -30.38
CA SER I 266 -45.68 -41.85 -30.26
C SER I 266 -46.37 -42.88 -31.15
N VAL I 267 -47.69 -42.90 -31.12
CA VAL I 267 -48.48 -43.82 -31.96
C VAL I 267 -48.57 -43.39 -33.42
N LYS I 268 -48.16 -42.15 -33.71
CA LYS I 268 -48.13 -41.61 -35.07
C LYS I 268 -49.53 -41.49 -35.67
N ASN I 269 -50.38 -40.69 -35.04
CA ASN I 269 -51.71 -40.42 -35.55
C ASN I 269 -51.62 -39.49 -36.78
N ILE I 270 -52.23 -39.91 -37.88
CA ILE I 270 -52.09 -39.23 -39.17
C ILE I 270 -52.63 -37.79 -39.17
N MET I 271 -53.62 -37.51 -38.32
CA MET I 271 -54.24 -36.18 -38.27
C MET I 271 -53.35 -35.10 -37.65
N LEU I 272 -52.21 -35.50 -37.06
CA LEU I 272 -51.18 -34.54 -36.62
C LEU I 272 -50.58 -33.77 -37.80
N GLY I 273 -50.45 -34.45 -38.95
CA GLY I 273 -49.92 -33.83 -40.16
C GLY I 273 -50.90 -32.98 -40.94
N HIS I 274 -52.12 -32.83 -40.42
CA HIS I 274 -53.14 -32.00 -41.06
C HIS I 274 -52.73 -30.53 -41.09
N ALA I 275 -53.18 -29.81 -42.12
CA ALA I 275 -52.72 -28.44 -42.39
C ALA I 275 -52.95 -27.48 -41.23
N SER I 276 -54.18 -27.44 -40.71
CA SER I 276 -54.53 -26.52 -39.62
C SER I 276 -53.85 -26.88 -38.31
N VAL I 277 -53.50 -28.16 -38.14
CA VAL I 277 -52.74 -28.63 -36.98
C VAL I 277 -51.28 -28.18 -37.11
N GLN I 278 -50.75 -28.24 -38.32
CA GLN I 278 -49.35 -27.84 -38.59
C GLN I 278 -49.12 -26.34 -38.46
N ALA I 279 -50.18 -25.54 -38.60
CA ALA I 279 -50.09 -24.09 -38.41
C ALA I 279 -49.80 -23.75 -36.94
N GLU I 280 -50.30 -24.59 -36.03
CA GLU I 280 -50.13 -24.38 -34.60
C GLU I 280 -48.81 -24.94 -34.06
N MET I 281 -48.17 -25.81 -34.85
CA MET I 281 -46.97 -26.55 -34.40
C MET I 281 -45.81 -25.69 -33.91
N GLU I 282 -45.70 -24.47 -34.44
CA GLU I 282 -44.68 -23.53 -33.98
C GLU I 282 -44.91 -23.14 -32.52
N GLN I 283 -46.17 -22.92 -32.16
CA GLN I 283 -46.54 -22.47 -30.81
C GLN I 283 -46.72 -23.60 -29.79
N VAL I 284 -47.09 -24.79 -30.25
CA VAL I 284 -47.26 -25.93 -29.34
C VAL I 284 -45.91 -26.45 -28.85
N VAL I 285 -44.89 -26.30 -29.70
CA VAL I 285 -43.52 -26.67 -29.33
C VAL I 285 -42.97 -25.75 -28.23
N GLU I 286 -43.38 -24.48 -28.26
CA GLU I 286 -42.95 -23.50 -27.25
C GLU I 286 -43.40 -23.89 -25.84
N VAL I 287 -44.61 -24.40 -25.71
CA VAL I 287 -45.15 -24.83 -24.40
C VAL I 287 -44.56 -26.17 -23.96
N TYR I 288 -44.30 -27.07 -24.91
CA TYR I 288 -43.63 -28.33 -24.61
C TYR I 288 -42.17 -28.10 -24.21
N GLU I 289 -41.49 -27.18 -24.90
CA GLU I 289 -40.14 -26.77 -24.52
C GLU I 289 -40.14 -26.02 -23.18
N TYR I 290 -41.21 -25.27 -22.91
CA TYR I 290 -41.41 -24.60 -21.63
C TYR I 290 -41.65 -25.61 -20.50
N ALA I 291 -42.38 -26.67 -20.81
CA ALA I 291 -42.60 -27.76 -19.86
C ALA I 291 -41.30 -28.51 -19.58
N GLN I 292 -40.49 -28.69 -20.62
CA GLN I 292 -39.16 -29.30 -20.49
C GLN I 292 -38.20 -28.40 -19.70
N LYS I 293 -38.37 -27.08 -19.83
CA LYS I 293 -37.54 -26.11 -19.12
C LYS I 293 -37.78 -26.15 -17.61
N LEU I 294 -39.06 -26.13 -17.22
CA LEU I 294 -39.44 -26.17 -15.81
C LEU I 294 -39.03 -27.48 -15.16
N GLY I 295 -39.33 -28.59 -15.83
CA GLY I 295 -38.96 -29.92 -15.35
C GLY I 295 -39.89 -30.42 -14.27
N GLY I 296 -39.32 -30.80 -13.12
CA GLY I 296 -40.08 -31.32 -11.99
C GLY I 296 -40.96 -30.28 -11.32
N GLU I 297 -40.57 -29.01 -11.44
CA GLU I 297 -41.31 -27.90 -10.85
C GLU I 297 -42.74 -27.79 -11.40
N ALA I 298 -42.91 -28.13 -12.68
CA ALA I 298 -44.21 -28.03 -13.36
C ALA I 298 -45.20 -29.14 -13.00
N GLY I 299 -44.77 -30.13 -12.22
CA GLY I 299 -45.63 -31.25 -11.85
C GLY I 299 -46.83 -30.86 -11.00
N PHE I 300 -46.60 -30.00 -10.01
CA PHE I 300 -47.65 -29.56 -9.09
C PHE I 300 -48.06 -28.11 -9.35
N TYR I 301 -48.08 -27.72 -10.63
CA TYR I 301 -48.46 -26.35 -11.02
C TYR I 301 -49.97 -26.13 -11.03
N HIS I 302 -50.75 -27.21 -11.12
CA HIS I 302 -52.21 -27.12 -11.07
C HIS I 302 -52.77 -27.53 -9.70
N ILE I 303 -52.08 -28.45 -9.02
CA ILE I 303 -52.44 -28.86 -7.66
C ILE I 303 -52.27 -27.66 -6.74
N LEU I 304 -51.06 -27.11 -6.69
CA LEU I 304 -50.85 -25.76 -6.20
C LEU I 304 -51.39 -24.87 -7.32
N ASN I 305 -52.33 -23.98 -7.04
CA ASN I 305 -52.87 -23.12 -8.10
C ASN I 305 -51.86 -22.06 -8.51
N ASN I 306 -50.83 -22.50 -9.25
CA ASN I 306 -49.73 -21.64 -9.67
C ASN I 306 -50.18 -20.74 -10.81
N PRO I 307 -49.86 -19.43 -10.74
CA PRO I 307 -50.15 -18.49 -11.83
C PRO I 307 -49.64 -18.94 -13.20
N LYS I 308 -48.49 -19.62 -13.22
CA LYS I 308 -47.86 -20.08 -14.46
C LYS I 308 -48.41 -21.41 -14.97
N ALA I 309 -49.47 -21.92 -14.35
CA ALA I 309 -50.12 -23.16 -14.78
C ALA I 309 -50.87 -22.99 -16.09
N SER I 310 -51.39 -21.78 -16.33
CA SER I 310 -52.12 -21.46 -17.56
C SER I 310 -51.22 -21.48 -18.79
N LEU I 311 -49.92 -21.27 -18.59
CA LEU I 311 -48.95 -21.28 -19.69
C LEU I 311 -48.73 -22.68 -20.28
N LEU I 312 -48.97 -23.72 -19.48
CA LEU I 312 -48.81 -25.11 -19.93
C LEU I 312 -50.01 -25.64 -20.72
N SER I 313 -51.05 -24.81 -20.89
CA SER I 313 -52.28 -25.22 -21.56
C SER I 313 -52.10 -25.40 -23.07
N LEU I 314 -52.58 -26.52 -23.58
CA LEU I 314 -52.65 -26.77 -25.03
C LEU I 314 -54.04 -26.44 -25.58
N THR I 315 -54.99 -26.16 -24.69
CA THR I 315 -56.36 -25.83 -25.07
C THR I 315 -56.46 -24.58 -25.94
N GLN I 316 -55.51 -23.66 -25.78
CA GLN I 316 -55.39 -22.48 -26.64
C GLN I 316 -55.19 -22.83 -28.12
N PHE I 317 -54.75 -24.06 -28.40
CA PHE I 317 -54.60 -24.56 -29.76
C PHE I 317 -55.75 -25.53 -30.07
N PRO I 318 -56.81 -25.03 -30.75
CA PRO I 318 -58.01 -25.85 -31.00
C PRO I 318 -57.76 -27.12 -31.82
N HIS I 319 -56.98 -27.02 -32.88
CA HIS I 319 -56.80 -28.12 -33.83
C HIS I 319 -55.92 -29.23 -33.26
N PHE I 320 -54.80 -28.86 -32.66
CA PHE I 320 -53.89 -29.83 -32.05
C PHE I 320 -54.54 -30.53 -30.84
N SER I 321 -55.33 -29.78 -30.06
CA SER I 321 -56.04 -30.35 -28.92
C SER I 321 -57.07 -31.40 -29.37
N SER I 322 -57.73 -31.14 -30.49
CA SER I 322 -58.77 -32.03 -31.00
C SER I 322 -58.23 -33.39 -31.43
N VAL I 323 -57.16 -33.37 -32.22
CA VAL I 323 -56.51 -34.62 -32.67
C VAL I 323 -55.91 -35.42 -31.50
N VAL I 324 -55.37 -34.71 -30.52
CA VAL I 324 -54.82 -35.35 -29.32
C VAL I 324 -55.92 -35.95 -28.46
N LEU I 325 -57.03 -35.21 -28.32
CA LEU I 325 -58.18 -35.68 -27.54
C LEU I 325 -58.93 -36.78 -28.29
N GLY I 326 -58.87 -36.74 -29.62
CA GLY I 326 -59.44 -37.79 -30.47
C GLY I 326 -58.63 -39.07 -30.42
N ASN I 327 -57.31 -38.95 -30.47
CA ASN I 327 -56.41 -40.09 -30.34
C ASN I 327 -56.62 -40.85 -29.04
N ALA I 328 -56.82 -40.11 -27.95
CA ALA I 328 -57.09 -40.69 -26.64
C ALA I 328 -58.44 -41.42 -26.63
N ALA I 329 -59.43 -40.88 -27.34
CA ALA I 329 -60.75 -41.49 -27.44
C ALA I 329 -60.73 -42.77 -28.27
N GLY I 330 -59.96 -42.76 -29.36
CA GLY I 330 -59.83 -43.93 -30.24
C GLY I 330 -59.07 -45.08 -29.60
N LEU I 331 -58.01 -44.75 -28.88
CA LEU I 331 -57.26 -45.75 -28.09
C LEU I 331 -58.08 -46.25 -26.90
N GLY I 332 -59.07 -45.46 -26.48
CA GLY I 332 -59.98 -45.87 -25.41
C GLY I 332 -59.36 -45.72 -24.03
N ILE I 333 -58.72 -44.57 -23.79
CA ILE I 333 -58.07 -44.28 -22.51
C ILE I 333 -58.77 -43.18 -21.72
N MET I 334 -59.47 -42.28 -22.40
CA MET I 334 -60.26 -41.24 -21.73
C MET I 334 -61.64 -41.77 -21.35
N GLY I 335 -62.43 -40.92 -20.67
CA GLY I 335 -63.78 -41.29 -20.23
C GLY I 335 -63.79 -41.66 -18.75
N GLU I 336 -64.51 -40.91 -17.90
CA GLU I 336 -65.34 -39.75 -18.29
C GLU I 336 -64.54 -38.46 -18.09
N TYR I 337 -63.79 -38.09 -19.11
CA TYR I 337 -62.97 -36.88 -19.10
C TYR I 337 -63.80 -35.74 -19.68
N ARG I 338 -63.96 -34.67 -18.91
CA ARG I 338 -64.87 -33.57 -19.26
C ARG I 338 -64.25 -32.50 -20.18
N GLY I 339 -63.27 -32.90 -21.00
CA GLY I 339 -62.67 -32.02 -21.99
C GLY I 339 -63.38 -32.17 -23.33
N THR I 340 -63.78 -31.05 -23.92
CA THR I 340 -64.53 -31.04 -25.17
C THR I 340 -63.65 -30.51 -26.31
N PRO I 341 -63.61 -31.21 -27.45
CA PRO I 341 -62.80 -30.75 -28.58
C PRO I 341 -63.43 -29.56 -29.29
N ARG I 342 -62.62 -28.52 -29.54
CA ARG I 342 -63.09 -27.32 -30.23
C ARG I 342 -63.42 -27.62 -31.70
N ASN I 343 -62.54 -28.39 -32.35
CA ASN I 343 -62.79 -28.88 -33.71
C ASN I 343 -63.29 -30.31 -33.66
N GLN I 344 -64.55 -30.52 -34.04
CA GLN I 344 -65.19 -31.83 -33.97
C GLN I 344 -64.78 -32.74 -35.13
N ASP I 345 -64.53 -32.16 -36.30
CA ASP I 345 -64.16 -32.93 -37.48
C ASP I 345 -62.77 -33.56 -37.34
N LEU I 346 -61.82 -32.80 -36.78
CA LEU I 346 -60.48 -33.30 -36.49
C LEU I 346 -60.49 -34.36 -35.39
N TYR I 347 -61.39 -34.19 -34.41
CA TYR I 347 -61.55 -35.15 -33.32
C TYR I 347 -62.04 -36.51 -33.83
N ASP I 348 -63.07 -36.47 -34.68
CA ASP I 348 -63.66 -37.70 -35.23
C ASP I 348 -62.69 -38.42 -36.18
N ALA I 349 -61.93 -37.65 -36.96
CA ALA I 349 -60.95 -38.22 -37.88
C ALA I 349 -59.78 -38.86 -37.13
N ALA I 350 -59.36 -38.22 -36.04
CA ALA I 350 -58.29 -38.76 -35.18
C ALA I 350 -58.76 -39.99 -34.42
N LYS I 351 -60.00 -39.97 -33.96
CA LYS I 351 -60.61 -41.10 -33.25
C LYS I 351 -60.73 -42.31 -34.17
N ALA I 352 -61.09 -42.08 -35.43
CA ALA I 352 -61.25 -43.15 -36.41
C ALA I 352 -59.93 -43.85 -36.72
N TYR I 353 -58.87 -43.08 -36.95
CA TYR I 353 -57.55 -43.62 -37.22
C TYR I 353 -56.95 -44.32 -36.00
N ALA I 354 -57.19 -43.73 -34.83
CA ALA I 354 -56.70 -44.30 -33.56
C ALA I 354 -57.34 -45.66 -33.26
N GLU I 355 -58.59 -45.84 -33.68
CA GLU I 355 -59.27 -47.14 -33.56
C GLU I 355 -58.69 -48.17 -34.52
N GLN I 356 -58.26 -47.72 -35.70
CA GLN I 356 -57.63 -48.61 -36.68
C GLN I 356 -56.21 -49.04 -36.25
N LEU I 357 -55.54 -48.19 -35.47
CA LEU I 357 -54.19 -48.49 -34.99
C LEU I 357 -54.16 -49.66 -33.99
N LYS I 358 -55.18 -49.78 -33.16
CA LYS I 358 -55.22 -50.76 -32.07
C LYS I 358 -55.87 -52.10 -32.44
N GLU I 359 -55.92 -52.42 -33.74
CA GLU I 359 -56.70 -53.57 -34.21
C GLU I 359 -55.84 -54.84 -34.31
N ASN I 360 -56.47 -55.98 -34.03
CA ASN I 360 -55.88 -57.31 -34.24
C ASN I 360 -54.66 -57.59 -33.32
N GLY I 361 -53.45 -57.56 -33.88
CA GLY I 361 -52.23 -57.85 -33.12
C GLY I 361 -51.39 -58.93 -33.76
N VAL I 362 -50.47 -58.50 -34.64
CA VAL I 362 -49.56 -59.42 -35.33
C VAL I 362 -48.14 -59.28 -34.74
N ILE I 363 -47.38 -60.37 -34.78
CA ILE I 363 -46.03 -60.39 -34.20
C ILE I 363 -45.03 -59.75 -35.15
N ASN I 364 -44.22 -58.84 -34.62
CA ASN I 364 -43.13 -58.22 -35.38
C ASN I 364 -41.81 -58.93 -35.08
N TYR I 365 -41.33 -59.70 -36.05
CA TYR I 365 -40.14 -60.54 -35.85
C TYR I 365 -38.83 -59.80 -36.10
N SER I 366 -38.90 -58.62 -36.70
CA SER I 366 -37.71 -57.79 -36.94
C SER I 366 -37.20 -57.12 -35.67
N VAL I 367 -38.05 -57.02 -34.65
CA VAL I 367 -37.68 -56.41 -33.37
C VAL I 367 -36.71 -57.30 -32.60
N LEU I 368 -36.97 -58.60 -32.59
CA LEU I 368 -36.13 -59.57 -31.88
C LEU I 368 -34.81 -59.76 -32.62
N ASP I 369 -33.78 -60.16 -31.89
CA ASP I 369 -32.46 -60.41 -32.46
C ASP I 369 -32.33 -61.87 -32.91
N LEU I 370 -33.26 -62.30 -33.76
CA LEU I 370 -33.30 -63.68 -34.26
C LEU I 370 -32.24 -63.87 -35.34
N THR I 371 -31.52 -64.99 -35.27
CA THR I 371 -30.44 -65.29 -36.20
C THR I 371 -30.95 -66.21 -37.31
N ALA J 2 -14.99 5.06 -45.15
CA ALA J 2 -15.89 4.02 -45.75
C ALA J 2 -17.36 4.45 -45.66
N LEU J 3 -18.18 3.88 -46.55
CA LEU J 3 -19.62 4.16 -46.57
C LEU J 3 -20.37 3.28 -45.57
N SER J 4 -19.68 2.31 -44.97
CA SER J 4 -20.26 1.48 -43.92
C SER J 4 -20.38 2.24 -42.59
N LYS J 5 -19.51 3.22 -42.39
CA LYS J 5 -19.46 3.98 -41.13
C LYS J 5 -20.58 5.02 -41.01
N VAL J 6 -21.01 5.58 -42.13
CA VAL J 6 -22.10 6.57 -42.13
C VAL J 6 -23.41 5.93 -41.65
N LYS J 7 -23.63 6.01 -40.34
CA LYS J 7 -24.79 5.41 -39.69
C LYS J 7 -25.12 6.17 -38.41
N LEU J 8 -26.32 5.97 -37.88
CA LEU J 8 -26.74 6.64 -36.64
C LEU J 8 -27.89 5.90 -35.97
N ASN J 9 -27.58 5.23 -34.86
CA ASN J 9 -28.58 4.47 -34.12
C ASN J 9 -29.42 5.41 -33.25
N ASP J 10 -30.46 5.98 -33.84
CA ASP J 10 -31.32 6.93 -33.14
C ASP J 10 -32.17 6.24 -32.07
N THR J 11 -32.63 5.03 -32.35
CA THR J 11 -33.46 4.27 -31.41
C THR J 11 -32.75 4.00 -30.08
N LEU J 12 -31.46 3.62 -30.18
CA LEU J 12 -30.65 3.34 -29.00
C LEU J 12 -30.22 4.62 -28.28
N ASN J 13 -29.96 5.68 -29.04
CA ASN J 13 -29.55 6.96 -28.48
C ASN J 13 -30.71 7.70 -27.78
N LYS J 14 -31.92 7.59 -28.33
CA LYS J 14 -33.10 8.15 -27.69
C LYS J 14 -33.35 7.49 -26.33
N ASP J 15 -33.17 6.18 -26.27
CA ASP J 15 -33.29 5.42 -25.02
C ASP J 15 -32.20 5.82 -24.02
N GLN J 16 -30.99 6.03 -24.54
CA GLN J 16 -29.84 6.47 -23.71
C GLN J 16 -30.07 7.86 -23.11
N LEU J 17 -30.76 8.73 -23.86
CA LEU J 17 -31.09 10.06 -23.37
C LEU J 17 -32.06 10.01 -22.19
N LEU J 18 -33.13 9.24 -22.36
CA LEU J 18 -34.18 9.14 -21.32
C LEU J 18 -33.74 8.32 -20.11
N SER J 19 -32.90 7.29 -20.35
CA SER J 19 -32.39 6.46 -19.27
C SER J 19 -31.41 7.20 -18.36
N SER J 20 -30.68 8.17 -18.93
CA SER J 20 -29.69 8.94 -18.18
C SER J 20 -30.16 10.37 -17.93
N SER J 21 -31.38 10.51 -17.40
CA SER J 21 -31.91 11.82 -17.04
C SER J 21 -31.36 12.24 -15.69
N LYS J 22 -30.86 13.48 -15.62
CA LYS J 22 -30.30 14.01 -14.37
C LYS J 22 -31.40 14.44 -13.41
N TYR J 23 -32.54 14.84 -13.96
CA TYR J 23 -33.64 15.42 -13.19
C TYR J 23 -34.89 14.56 -13.31
N THR J 24 -35.81 14.73 -12.36
CA THR J 24 -37.03 13.92 -12.30
C THR J 24 -38.27 14.78 -12.05
N ILE J 25 -39.38 14.40 -12.68
CA ILE J 25 -40.68 15.02 -12.41
C ILE J 25 -41.49 14.10 -11.49
N GLN J 26 -42.28 14.72 -10.61
CA GLN J 26 -43.11 13.98 -9.66
C GLN J 26 -44.53 14.54 -9.68
N ARG J 27 -45.45 13.72 -10.19
CA ARG J 27 -46.81 14.17 -10.50
C ARG J 27 -47.67 14.24 -9.24
N SER J 28 -48.62 15.17 -9.24
CA SER J 28 -49.49 15.38 -8.09
C SER J 28 -50.40 14.19 -7.86
N THR J 29 -49.99 13.31 -6.95
CA THR J 29 -50.80 12.16 -6.56
C THR J 29 -52.03 12.65 -5.80
N GLY J 30 -51.88 13.77 -5.10
CA GLY J 30 -52.99 14.43 -4.42
C GLY J 30 -52.64 14.85 -3.00
N ASP J 31 -53.65 14.88 -2.14
CA ASP J 31 -53.45 15.23 -0.73
C ASP J 31 -53.06 14.01 0.10
N SER J 32 -53.67 12.86 -0.18
CA SER J 32 -53.38 11.63 0.56
C SER J 32 -53.79 10.36 -0.19
N ILE J 33 -53.09 9.27 0.10
CA ILE J 33 -53.44 7.94 -0.41
C ILE J 33 -53.51 6.96 0.75
N ASP J 34 -54.55 6.12 0.74
CA ASP J 34 -54.71 5.07 1.75
C ASP J 34 -53.80 3.90 1.42
N THR J 35 -52.88 3.60 2.33
CA THR J 35 -51.93 2.49 2.17
C THR J 35 -52.18 1.42 3.23
N PRO J 36 -53.15 0.52 2.98
CA PRO J 36 -53.47 -0.51 3.96
C PRO J 36 -52.40 -1.59 4.05
N ASN J 37 -52.23 -2.16 5.24
CA ASN J 37 -51.25 -3.22 5.46
C ASN J 37 -51.94 -4.60 5.48
N TYR J 38 -51.22 -5.63 5.89
CA TYR J 38 -51.72 -7.00 5.84
C TYR J 38 -52.81 -7.27 6.89
N ASP J 39 -52.79 -6.51 7.98
CA ASP J 39 -53.76 -6.69 9.06
C ASP J 39 -55.20 -6.32 8.66
N VAL J 40 -55.33 -5.41 7.70
CA VAL J 40 -56.64 -4.95 7.22
C VAL J 40 -57.14 -5.76 6.02
N GLN J 41 -56.21 -6.39 5.30
CA GLN J 41 -56.55 -7.20 4.11
C GLN J 41 -57.81 -8.06 4.32
N LYS J 42 -57.92 -8.67 5.49
CA LYS J 42 -59.05 -9.56 5.80
C LYS J 42 -60.37 -8.79 5.97
N HIS J 43 -60.28 -7.54 6.43
CA HIS J 43 -61.45 -6.68 6.57
C HIS J 43 -61.95 -6.20 5.21
N ILE J 44 -61.03 -5.91 4.29
CA ILE J 44 -61.38 -5.44 2.94
C ILE J 44 -62.00 -6.58 2.13
N ASN J 45 -61.48 -7.79 2.31
CA ASN J 45 -62.06 -8.99 1.71
C ASN J 45 -63.52 -9.19 2.13
N LYS J 46 -63.80 -8.88 3.40
CA LYS J 46 -65.17 -8.92 3.92
C LYS J 46 -66.02 -7.83 3.27
N LEU J 47 -65.44 -6.64 3.14
CA LEU J 47 -66.11 -5.51 2.48
C LEU J 47 -66.38 -5.81 1.01
N CYS J 48 -65.43 -6.47 0.36
CA CYS J 48 -65.59 -6.93 -1.03
C CYS J 48 -66.69 -7.98 -1.13
N GLY J 49 -66.77 -8.85 -0.13
CA GLY J 49 -67.82 -9.87 -0.07
C GLY J 49 -69.21 -9.29 0.12
N MET J 50 -69.31 -8.24 0.93
CA MET J 50 -70.59 -7.56 1.17
C MET J 50 -71.20 -7.00 -0.12
N LEU J 51 -70.36 -6.39 -0.95
CA LEU J 51 -70.79 -5.88 -2.26
C LEU J 51 -71.24 -7.01 -3.19
N LEU J 52 -70.57 -8.17 -3.08
CA LEU J 52 -70.86 -9.32 -3.94
C LEU J 52 -72.18 -10.02 -3.58
N ILE J 53 -72.49 -10.10 -2.29
CA ILE J 53 -73.75 -10.73 -1.85
C ILE J 53 -74.96 -9.81 -2.01
N THR J 54 -74.72 -8.51 -2.11
CA THR J 54 -75.80 -7.52 -2.25
C THR J 54 -76.43 -7.59 -3.64
N GLU J 55 -77.74 -7.83 -3.69
CA GLU J 55 -78.48 -7.88 -4.95
C GLU J 55 -78.68 -6.46 -5.49
N ASP J 56 -78.29 -6.25 -6.75
CA ASP J 56 -78.32 -4.93 -7.38
C ASP J 56 -77.53 -3.92 -6.54
N ALA J 57 -76.25 -4.23 -6.33
CA ALA J 57 -75.39 -3.44 -5.46
C ALA J 57 -74.90 -2.16 -6.15
N ASN J 58 -74.59 -1.15 -5.34
CA ASN J 58 -74.02 0.10 -5.84
C ASN J 58 -72.50 -0.03 -5.93
N HIS J 59 -72.00 -0.31 -7.13
CA HIS J 59 -70.56 -0.43 -7.36
C HIS J 59 -69.98 0.92 -7.80
N LYS J 60 -70.22 1.95 -7.01
CA LYS J 60 -69.65 3.27 -7.25
C LYS J 60 -68.23 3.35 -6.66
N PHE J 61 -68.02 2.62 -5.58
CA PHE J 61 -66.76 2.64 -4.84
C PHE J 61 -65.95 1.35 -4.95
N THR J 62 -66.45 0.38 -5.73
CA THR J 62 -65.83 -0.94 -5.83
C THR J 62 -64.48 -0.90 -6.55
N GLY J 63 -64.33 0.03 -7.49
CA GLY J 63 -63.04 0.25 -8.15
C GLY J 63 -62.00 0.74 -7.16
N LEU J 64 -62.41 1.61 -6.25
CA LEU J 64 -61.54 2.12 -5.19
C LEU J 64 -61.30 1.05 -4.12
N ILE J 65 -62.37 0.36 -3.72
CA ILE J 65 -62.28 -0.72 -2.74
C ILE J 65 -61.42 -1.88 -3.28
N GLY J 66 -61.49 -2.12 -4.58
CA GLY J 66 -60.64 -3.12 -5.24
C GLY J 66 -59.17 -2.79 -5.12
N MET J 67 -58.82 -1.53 -5.34
CA MET J 67 -57.43 -1.07 -5.20
C MET J 67 -56.94 -1.18 -3.76
N LEU J 68 -57.82 -0.93 -2.80
CA LEU J 68 -57.48 -1.07 -1.38
C LEU J 68 -57.14 -2.50 -1.01
N TYR J 69 -57.82 -3.47 -1.61
CA TYR J 69 -57.52 -4.89 -1.38
C TYR J 69 -56.19 -5.28 -2.03
N ALA J 70 -55.93 -4.75 -3.22
CA ALA J 70 -54.67 -5.00 -3.93
C ALA J 70 -53.48 -4.41 -3.17
N MET J 71 -53.67 -3.22 -2.59
CA MET J 71 -52.63 -2.56 -1.79
C MET J 71 -52.44 -3.23 -0.43
N SER J 72 -53.52 -3.78 0.14
CA SER J 72 -53.43 -4.51 1.41
C SER J 72 -52.70 -5.83 1.24
N ARG J 73 -52.85 -6.46 0.07
CA ARG J 73 -52.09 -7.67 -0.26
C ARG J 73 -50.60 -7.36 -0.42
N LEU J 74 -50.29 -6.23 -1.05
CA LEU J 74 -48.91 -5.77 -1.19
C LEU J 74 -48.31 -5.41 0.16
N GLY J 75 -49.05 -4.62 0.94
CA GLY J 75 -48.61 -4.18 2.26
C GLY J 75 -48.07 -2.76 2.22
N ARG J 76 -48.31 -2.02 3.30
CA ARG J 76 -47.96 -0.59 3.38
C ARG J 76 -46.55 -0.27 2.89
N GLU J 77 -45.58 -1.08 3.29
CA GLU J 77 -44.17 -0.86 2.90
C GLU J 77 -43.96 -1.00 1.39
N ASP J 78 -44.54 -2.03 0.78
CA ASP J 78 -44.37 -2.26 -0.65
C ASP J 78 -45.15 -1.26 -1.50
N THR J 79 -46.45 -1.11 -1.23
CA THR J 79 -47.29 -0.21 -2.01
C THR J 79 -46.79 1.25 -1.99
N ILE J 80 -46.17 1.68 -0.89
CA ILE J 80 -45.51 2.99 -0.86
C ILE J 80 -44.26 2.95 -1.75
N LYS J 81 -43.53 1.84 -1.70
CA LYS J 81 -42.33 1.67 -2.53
C LYS J 81 -42.65 1.67 -4.03
N ILE J 82 -43.81 1.13 -4.42
CA ILE J 82 -44.18 1.06 -5.85
C ILE J 82 -44.66 2.43 -6.36
N LEU J 83 -45.30 3.22 -5.49
CA LEU J 83 -45.72 4.58 -5.85
C LEU J 83 -44.52 5.51 -6.00
N ARG J 84 -43.54 5.39 -5.12
CA ARG J 84 -42.33 6.22 -5.17
C ARG J 84 -41.44 5.85 -6.37
N ASP J 85 -41.34 4.56 -6.66
CA ASP J 85 -40.59 4.09 -7.83
C ASP J 85 -41.24 4.50 -9.14
N ALA J 86 -42.57 4.60 -9.14
CA ALA J 86 -43.31 5.08 -10.31
C ALA J 86 -43.03 6.56 -10.58
N GLY J 87 -42.81 7.33 -9.51
CA GLY J 87 -42.51 8.76 -9.62
C GLY J 87 -43.65 9.61 -9.08
N TYR J 88 -44.03 9.37 -7.83
CA TYR J 88 -45.12 10.08 -7.18
C TYR J 88 -44.76 10.40 -5.72
N HIS J 89 -45.02 11.65 -5.31
CA HIS J 89 -44.94 12.03 -3.90
C HIS J 89 -46.18 11.54 -3.18
N VAL J 90 -46.00 10.62 -2.24
CA VAL J 90 -47.14 9.98 -1.57
C VAL J 90 -47.24 10.36 -0.10
N LYS J 91 -48.43 10.83 0.29
CA LYS J 91 -48.78 11.13 1.66
C LYS J 91 -49.53 9.91 2.21
N ALA J 92 -48.79 8.99 2.81
CA ALA J 92 -49.33 7.69 3.20
C ALA J 92 -50.30 7.79 4.38
N ASN J 93 -51.56 7.41 4.14
CA ASN J 93 -52.57 7.29 5.19
C ASN J 93 -52.68 5.83 5.61
N GLY J 94 -52.58 5.57 6.92
CA GLY J 94 -52.74 4.21 7.44
C GLY J 94 -54.18 3.73 7.33
N VAL J 95 -54.37 2.42 7.39
CA VAL J 95 -55.72 1.83 7.32
C VAL J 95 -55.84 0.67 8.31
N ASP J 96 -56.83 0.77 9.20
CA ASP J 96 -57.07 -0.22 10.28
C ASP J 96 -58.53 -0.13 10.72
N VAL J 97 -58.87 -0.85 11.79
CA VAL J 97 -60.27 -1.04 12.17
C VAL J 97 -60.66 -0.28 13.44
N THR J 98 -61.75 0.47 13.36
CA THR J 98 -62.35 1.14 14.51
C THR J 98 -63.86 0.87 14.54
N THR J 99 -64.42 0.77 15.74
CA THR J 99 -65.85 0.47 15.90
C THR J 99 -66.66 1.77 15.95
N HIS J 100 -67.55 1.94 14.97
CA HIS J 100 -68.40 3.12 14.87
C HIS J 100 -69.81 2.81 15.34
N ARG J 101 -70.33 3.63 16.26
CA ARG J 101 -71.69 3.46 16.79
C ARG J 101 -72.64 4.50 16.19
N GLN J 102 -73.68 4.01 15.53
CA GLN J 102 -74.69 4.87 14.91
C GLN J 102 -76.08 4.24 15.04
N ASP J 103 -77.09 5.07 15.27
CA ASP J 103 -78.46 4.58 15.49
C ASP J 103 -79.30 4.60 14.21
N ILE J 104 -79.25 3.50 13.47
CA ILE J 104 -80.05 3.32 12.25
C ILE J 104 -81.44 2.82 12.65
N ASN J 105 -82.47 3.50 12.17
CA ASN J 105 -83.86 3.17 12.46
C ASN J 105 -84.19 3.14 13.96
N GLY J 106 -83.58 4.06 14.70
CA GLY J 106 -83.82 4.17 16.15
C GLY J 106 -82.87 3.34 17.00
N LYS J 107 -82.68 2.08 16.62
CA LYS J 107 -81.85 1.15 17.37
C LYS J 107 -80.36 1.43 17.15
N GLU J 108 -79.61 1.54 18.24
CA GLU J 108 -78.17 1.82 18.17
C GLU J 108 -77.42 0.58 17.70
N MET J 109 -76.64 0.73 16.63
CA MET J 109 -75.93 -0.39 16.01
C MET J 109 -74.42 -0.13 15.93
N LYS J 110 -73.64 -1.21 16.05
CA LYS J 110 -72.19 -1.14 15.94
C LYS J 110 -71.74 -1.55 14.54
N PHE J 111 -70.65 -0.94 14.06
CA PHE J 111 -70.09 -1.24 12.75
C PHE J 111 -68.57 -1.16 12.77
N GLU J 112 -67.91 -2.22 12.31
CA GLU J 112 -66.46 -2.22 12.14
C GLU J 112 -66.13 -1.55 10.81
N VAL J 113 -65.53 -0.36 10.89
CA VAL J 113 -65.23 0.44 9.70
C VAL J 113 -63.74 0.76 9.58
N LEU J 114 -63.25 0.80 8.34
CA LEU J 114 -61.89 1.26 8.07
C LEU J 114 -61.88 2.78 8.02
N THR J 115 -60.99 3.40 8.78
CA THR J 115 -60.91 4.85 8.82
C THR J 115 -60.10 5.36 7.63
N LEU J 116 -60.72 5.31 6.45
CA LEU J 116 -60.08 5.67 5.19
C LEU J 116 -60.29 7.15 4.86
N ALA J 117 -59.39 7.72 4.08
CA ALA J 117 -59.51 9.09 3.60
C ALA J 117 -60.39 9.16 2.35
N SER J 118 -60.12 8.26 1.40
CA SER J 118 -60.85 8.21 0.14
C SER J 118 -62.29 7.71 0.33
N LEU J 119 -62.49 6.83 1.30
CA LEU J 119 -63.81 6.25 1.57
C LEU J 119 -64.33 6.72 2.93
N THR J 120 -65.53 7.30 2.94
CA THR J 120 -66.12 7.83 4.17
C THR J 120 -66.68 6.70 5.03
N THR J 121 -66.71 6.91 6.35
CA THR J 121 -67.31 5.96 7.28
C THR J 121 -68.84 5.90 7.15
N GLU J 122 -69.43 6.94 6.57
CA GLU J 122 -70.87 7.01 6.38
C GLU J 122 -71.33 6.10 5.25
N ILE J 123 -70.50 5.95 4.22
CA ILE J 123 -70.83 5.10 3.07
C ILE J 123 -70.41 3.64 3.30
N GLN J 124 -69.42 3.44 4.17
CA GLN J 124 -68.96 2.09 4.54
C GLN J 124 -70.04 1.29 5.27
N ILE J 125 -70.73 1.95 6.20
CA ILE J 125 -71.83 1.31 6.94
C ILE J 125 -73.02 0.98 6.04
N ASN J 126 -73.23 1.81 5.01
CA ASN J 126 -74.32 1.57 4.05
C ASN J 126 -74.07 0.35 3.16
N ILE J 127 -72.80 0.04 2.92
CA ILE J 127 -72.44 -1.18 2.20
C ILE J 127 -72.75 -2.41 3.07
N GLU J 128 -72.49 -2.29 4.37
CA GLU J 128 -72.79 -3.36 5.32
C GLU J 128 -74.30 -3.46 5.61
N ILE J 129 -74.98 -2.32 5.64
CA ILE J 129 -76.43 -2.30 5.88
C ILE J 129 -77.19 -2.97 4.73
N GLU J 130 -76.86 -2.60 3.49
CA GLU J 130 -77.53 -3.16 2.32
C GLU J 130 -77.18 -4.64 2.10
N SER J 131 -76.00 -5.07 2.56
CA SER J 131 -75.59 -6.47 2.48
C SER J 131 -76.36 -7.33 3.47
N ARG J 132 -76.61 -6.79 4.67
CA ARG J 132 -77.41 -7.48 5.69
C ARG J 132 -78.85 -7.70 5.24
N LYS J 133 -79.39 -6.76 4.47
CA LYS J 133 -80.72 -6.89 3.88
C LYS J 133 -80.76 -8.06 2.89
N SER J 134 -79.76 -8.11 2.01
CA SER J 134 -79.65 -9.18 1.03
C SER J 134 -79.27 -10.52 1.66
N TYR J 135 -78.55 -10.46 2.79
CA TYR J 135 -78.15 -11.67 3.51
C TYR J 135 -79.35 -12.36 4.16
N LYS J 136 -80.20 -11.58 4.82
CA LYS J 136 -81.39 -12.15 5.48
C LYS J 136 -82.43 -12.61 4.45
N LYS J 137 -82.47 -11.94 3.30
CA LYS J 137 -83.33 -12.36 2.19
C LYS J 137 -82.82 -13.67 1.61
N MET J 138 -81.49 -13.79 1.50
CA MET J 138 -80.85 -15.01 1.04
C MET J 138 -81.02 -16.13 2.08
N LEU J 139 -80.91 -15.78 3.36
CA LEU J 139 -81.10 -16.74 4.45
C LEU J 139 -82.54 -17.25 4.52
N LYS J 140 -83.49 -16.39 4.14
CA LYS J 140 -84.92 -16.75 4.15
C LYS J 140 -85.27 -17.69 3.00
N GLU J 141 -84.52 -17.60 1.90
CA GLU J 141 -84.80 -18.40 0.70
C GLU J 141 -84.23 -19.82 0.79
N MET J 142 -82.97 -19.95 1.19
CA MET J 142 -82.29 -21.25 1.24
C MET J 142 -82.06 -21.77 2.66
N GLY J 143 -82.60 -21.08 3.66
CA GLY J 143 -82.46 -21.51 5.06
C GLY J 143 -81.07 -21.29 5.61
N GLU J 144 -80.16 -22.19 5.25
CA GLU J 144 -78.75 -22.11 5.66
C GLU J 144 -77.89 -21.73 4.46
N VAL J 145 -77.15 -20.63 4.58
CA VAL J 145 -76.25 -20.18 3.52
C VAL J 145 -74.91 -20.92 3.59
N ALA J 146 -74.42 -21.39 2.46
CA ALA J 146 -73.19 -22.17 2.40
C ALA J 146 -71.96 -21.25 2.38
N PRO J 147 -70.76 -21.81 2.63
CA PRO J 147 -69.52 -21.03 2.56
C PRO J 147 -69.24 -20.35 1.22
N GLU J 148 -69.78 -20.91 0.14
CA GLU J 148 -69.56 -20.35 -1.21
C GLU J 148 -70.35 -19.07 -1.42
N TYR J 149 -71.60 -19.05 -0.95
CA TYR J 149 -72.51 -17.92 -1.18
C TYR J 149 -72.29 -16.72 -0.25
N ARG J 150 -71.56 -16.94 0.85
CA ARG J 150 -71.40 -15.89 1.87
C ARG J 150 -70.23 -14.94 1.61
N HIS J 151 -70.24 -13.82 2.32
CA HIS J 151 -69.22 -12.77 2.18
C HIS J 151 -67.88 -13.10 2.82
N ASP J 152 -67.86 -14.08 3.72
CA ASP J 152 -66.64 -14.44 4.47
C ASP J 152 -65.60 -15.20 3.64
N SER J 153 -66.00 -15.69 2.47
CA SER J 153 -65.10 -16.48 1.61
C SER J 153 -63.85 -15.66 1.22
N PRO J 154 -62.69 -16.32 1.18
CA PRO J 154 -61.44 -15.62 0.83
C PRO J 154 -61.33 -15.22 -0.65
N ASP J 155 -62.16 -15.81 -1.50
CA ASP J 155 -62.16 -15.50 -2.94
C ASP J 155 -62.73 -14.10 -3.24
N CYS J 156 -63.68 -13.67 -2.41
CA CYS J 156 -64.42 -12.40 -2.63
C CYS J 156 -63.55 -11.24 -3.11
N GLY J 157 -62.41 -11.03 -2.47
CA GLY J 157 -61.50 -9.94 -2.81
C GLY J 157 -60.89 -10.07 -4.20
N MET J 158 -60.47 -11.30 -4.54
CA MET J 158 -59.88 -11.57 -5.85
C MET J 158 -60.92 -11.65 -6.96
N ILE J 159 -62.14 -12.04 -6.61
CA ILE J 159 -63.26 -12.09 -7.58
C ILE J 159 -63.53 -10.70 -8.16
N ILE J 160 -63.46 -9.68 -7.31
CA ILE J 160 -63.62 -8.29 -7.75
C ILE J 160 -62.42 -7.83 -8.58
N LEU J 161 -61.23 -8.31 -8.23
CA LEU J 161 -60.02 -8.00 -8.99
C LEU J 161 -59.90 -8.77 -10.30
N CYS J 162 -60.71 -9.82 -10.48
CA CYS J 162 -60.72 -10.59 -11.73
C CYS J 162 -61.23 -9.76 -12.90
N ILE J 163 -62.32 -9.01 -12.69
CA ILE J 163 -62.83 -8.11 -13.72
C ILE J 163 -62.01 -6.82 -13.82
N ALA J 164 -61.22 -6.52 -12.79
CA ALA J 164 -60.24 -5.44 -12.85
C ALA J 164 -59.12 -5.80 -13.83
N ALA J 165 -58.75 -7.08 -13.86
CA ALA J 165 -57.78 -7.59 -14.83
C ALA J 165 -58.35 -7.61 -16.25
N LEU J 166 -59.67 -7.78 -16.37
CA LEU J 166 -60.35 -7.68 -17.66
C LEU J 166 -60.42 -6.23 -18.14
N VAL J 167 -60.60 -5.29 -17.22
CA VAL J 167 -60.57 -3.87 -17.54
C VAL J 167 -59.16 -3.44 -17.97
N ILE J 168 -58.15 -3.94 -17.27
CA ILE J 168 -56.75 -3.63 -17.60
C ILE J 168 -56.35 -4.25 -18.94
N THR J 169 -57.00 -5.35 -19.29
CA THR J 169 -56.80 -6.03 -20.58
C THR J 169 -57.23 -5.14 -21.76
N LYS J 170 -58.29 -4.36 -21.57
CA LYS J 170 -58.82 -3.49 -22.62
C LYS J 170 -58.58 -2.00 -22.37
N LEU J 171 -57.53 -1.67 -21.60
CA LEU J 171 -57.16 -0.27 -21.38
C LEU J 171 -56.37 0.32 -22.55
N ALA J 172 -55.83 -0.53 -23.42
CA ALA J 172 -55.04 -0.09 -24.56
C ALA J 172 -55.82 0.85 -25.48
N ALA J 173 -57.11 0.58 -25.67
CA ALA J 173 -57.98 1.44 -26.46
C ALA J 173 -58.10 2.83 -25.84
N GLY J 174 -58.32 2.87 -24.53
CA GLY J 174 -58.34 4.12 -23.77
C GLY J 174 -59.58 4.97 -23.98
N ASP J 175 -60.74 4.32 -24.09
CA ASP J 175 -62.02 5.03 -24.24
C ASP J 175 -63.24 4.20 -23.83
N ARG J 176 -63.04 3.27 -22.89
CA ARG J 176 -64.10 2.36 -22.44
C ARG J 176 -64.82 1.62 -23.57
N SER J 177 -64.13 1.37 -24.68
CA SER J 177 -64.71 0.69 -25.83
C SER J 177 -64.75 -0.82 -25.62
N GLY J 178 -63.80 -1.35 -24.84
CA GLY J 178 -63.73 -2.77 -24.56
C GLY J 178 -64.73 -3.28 -23.52
N LEU J 179 -65.44 -2.35 -22.87
CA LEU J 179 -66.45 -2.70 -21.85
C LEU J 179 -67.37 -3.85 -22.27
N THR J 180 -67.76 -3.87 -23.54
CA THR J 180 -68.60 -4.95 -24.06
C THR J 180 -67.89 -6.29 -24.01
N ALA J 181 -66.60 -6.30 -24.36
CA ALA J 181 -65.76 -7.50 -24.30
C ALA J 181 -65.42 -7.89 -22.87
N VAL J 182 -65.32 -6.89 -21.99
CA VAL J 182 -65.05 -7.13 -20.56
C VAL J 182 -66.21 -7.86 -19.90
N ILE J 183 -67.43 -7.45 -20.24
CA ILE J 183 -68.65 -8.09 -19.72
C ILE J 183 -68.84 -9.47 -20.35
N ARG J 184 -68.56 -9.56 -21.65
CA ARG J 184 -68.67 -10.81 -22.40
C ARG J 184 -67.76 -11.89 -21.80
N ARG J 185 -66.49 -11.57 -21.61
CA ARG J 185 -65.54 -12.50 -21.01
C ARG J 185 -65.87 -12.79 -19.56
N ALA J 186 -66.35 -11.78 -18.83
CA ALA J 186 -66.76 -11.96 -17.43
C ALA J 186 -67.97 -12.90 -17.27
N ASN J 187 -68.64 -13.21 -18.38
CA ASN J 187 -69.70 -14.22 -18.39
C ASN J 187 -69.19 -15.60 -18.85
N ASN J 188 -68.26 -15.60 -19.80
CA ASN J 188 -67.60 -16.85 -20.24
C ASN J 188 -66.63 -17.33 -19.17
N VAL J 189 -65.76 -16.42 -18.73
CA VAL J 189 -64.91 -16.64 -17.57
C VAL J 189 -65.78 -16.36 -16.35
N LEU J 190 -65.35 -16.84 -15.18
CA LEU J 190 -65.92 -16.39 -13.91
C LEU J 190 -67.41 -16.72 -13.78
N LYS J 191 -67.87 -17.75 -14.52
CA LYS J 191 -69.28 -18.10 -14.59
C LYS J 191 -69.77 -18.76 -13.29
N ASN J 192 -68.93 -19.60 -12.69
CA ASN J 192 -69.23 -20.20 -11.40
C ASN J 192 -69.32 -19.16 -10.29
N GLU J 193 -68.51 -18.12 -10.39
CA GLU J 193 -68.49 -17.04 -9.39
C GLU J 193 -69.77 -16.20 -9.41
N MET J 194 -70.32 -15.98 -10.61
CA MET J 194 -71.55 -15.20 -10.77
C MET J 194 -72.78 -15.93 -10.23
N LYS J 195 -72.74 -17.25 -10.24
CA LYS J 195 -73.83 -18.06 -9.67
C LYS J 195 -73.91 -17.88 -8.15
N ARG J 196 -72.74 -17.89 -7.50
CA ARG J 196 -72.65 -17.83 -6.04
C ARG J 196 -72.64 -16.41 -5.46
N TYR J 197 -72.70 -15.40 -6.32
CA TYR J 197 -72.78 -14.01 -5.86
C TYR J 197 -73.72 -13.19 -6.74
N LYS J 198 -74.79 -12.67 -6.14
CA LYS J 198 -75.79 -11.88 -6.85
C LYS J 198 -75.22 -10.53 -7.32
N GLY J 199 -74.35 -9.94 -6.49
CA GLY J 199 -73.77 -8.63 -6.79
C GLY J 199 -72.49 -8.66 -7.60
N LEU J 200 -72.29 -9.72 -8.39
CA LEU J 200 -71.20 -9.78 -9.35
C LEU J 200 -71.73 -9.26 -10.68
N LEU J 201 -71.72 -7.93 -10.81
CA LEU J 201 -72.22 -7.24 -12.00
C LEU J 201 -71.04 -6.75 -12.84
N PRO J 202 -70.71 -7.46 -13.94
CA PRO J 202 -69.56 -7.10 -14.77
C PRO J 202 -69.58 -5.65 -15.26
N LYS J 203 -70.74 -5.18 -15.72
CA LYS J 203 -70.88 -3.82 -16.25
C LYS J 203 -70.66 -2.76 -15.17
N ASP J 204 -71.25 -2.99 -13.98
CA ASP J 204 -71.16 -2.02 -12.88
C ASP J 204 -69.76 -1.96 -12.27
N ILE J 205 -69.12 -3.12 -12.12
CA ILE J 205 -67.79 -3.19 -11.50
C ILE J 205 -66.70 -2.72 -12.48
N ALA J 206 -66.82 -3.10 -13.75
CA ALA J 206 -65.85 -2.71 -14.77
C ALA J 206 -65.81 -1.19 -14.95
N ASN J 207 -66.99 -0.56 -14.99
CA ASN J 207 -67.09 0.90 -15.07
C ASN J 207 -66.47 1.60 -13.86
N SER J 208 -66.52 0.94 -12.69
CA SER J 208 -65.91 1.47 -11.47
C SER J 208 -64.39 1.45 -11.58
N PHE J 209 -63.84 0.36 -12.10
CA PHE J 209 -62.40 0.25 -12.33
C PHE J 209 -61.95 1.14 -13.48
N TYR J 210 -62.78 1.28 -14.52
CA TYR J 210 -62.51 2.23 -15.60
C TYR J 210 -62.44 3.66 -15.06
N GLU J 211 -63.32 3.99 -14.11
CA GLU J 211 -63.36 5.31 -13.51
C GLU J 211 -62.14 5.60 -12.63
N VAL J 212 -61.77 4.63 -11.80
CA VAL J 212 -60.65 4.81 -10.86
C VAL J 212 -59.29 4.86 -11.55
N PHE J 213 -59.14 4.12 -12.65
CA PHE J 213 -57.90 4.17 -13.43
C PHE J 213 -57.80 5.47 -14.23
N GLU J 214 -58.94 5.99 -14.70
CA GLU J 214 -58.98 7.27 -15.41
C GLU J 214 -58.74 8.45 -14.47
N LYS J 215 -59.45 8.46 -13.34
CA LYS J 215 -59.33 9.54 -12.36
C LYS J 215 -57.98 9.50 -11.63
N HIS J 216 -57.47 8.29 -11.39
CA HIS J 216 -56.19 8.09 -10.70
C HIS J 216 -55.27 7.19 -11.54
N PRO J 217 -54.45 7.80 -12.42
CA PRO J 217 -53.50 7.04 -13.25
C PRO J 217 -52.40 6.30 -12.46
N HIS J 218 -52.14 6.74 -11.24
CA HIS J 218 -51.17 6.07 -10.37
C HIS J 218 -51.67 4.71 -9.86
N PHE J 219 -52.99 4.55 -9.75
CA PHE J 219 -53.58 3.27 -9.31
C PHE J 219 -53.50 2.17 -10.37
N ILE J 220 -53.34 2.54 -11.64
CA ILE J 220 -53.21 1.54 -12.72
C ILE J 220 -51.78 0.97 -12.64
N ASP J 221 -50.84 1.80 -12.22
CA ASP J 221 -49.46 1.37 -11.96
C ASP J 221 -49.41 0.47 -10.73
N VAL J 222 -50.25 0.77 -9.74
CA VAL J 222 -50.35 -0.05 -8.52
C VAL J 222 -50.94 -1.43 -8.82
N PHE J 223 -51.96 -1.47 -9.68
CA PHE J 223 -52.62 -2.72 -10.04
C PHE J 223 -51.73 -3.63 -10.90
N VAL J 224 -51.03 -3.03 -11.86
CA VAL J 224 -50.13 -3.79 -12.74
C VAL J 224 -49.01 -4.45 -11.94
N HIS J 225 -48.39 -3.68 -11.04
CA HIS J 225 -47.31 -4.22 -10.20
C HIS J 225 -47.82 -5.13 -9.08
N PHE J 226 -49.10 -5.00 -8.74
CA PHE J 226 -49.76 -5.98 -7.86
C PHE J 226 -49.99 -7.28 -8.62
N GLY J 227 -50.49 -7.18 -9.85
CA GLY J 227 -50.76 -8.34 -10.69
C GLY J 227 -49.53 -9.16 -11.02
N ILE J 228 -48.40 -8.47 -11.23
CA ILE J 228 -47.12 -9.13 -11.46
C ILE J 228 -46.63 -9.81 -10.17
N ALA J 229 -46.81 -9.13 -9.05
CA ALA J 229 -46.46 -9.68 -7.73
C ALA J 229 -47.38 -10.84 -7.36
N GLN J 230 -48.66 -10.74 -7.74
CA GLN J 230 -49.64 -11.81 -7.53
C GLN J 230 -49.31 -13.02 -8.42
N SER J 231 -48.90 -12.76 -9.65
CA SER J 231 -48.54 -13.82 -10.59
C SER J 231 -47.15 -14.42 -10.31
N SER J 232 -46.38 -13.79 -9.41
CA SER J 232 -45.07 -14.31 -9.03
C SER J 232 -45.13 -15.33 -7.89
N THR J 233 -46.32 -15.56 -7.34
CA THR J 233 -46.48 -16.48 -6.20
C THR J 233 -46.31 -17.95 -6.61
N ARG J 234 -46.15 -18.81 -5.61
CA ARG J 234 -45.91 -20.23 -5.82
C ARG J 234 -47.21 -21.00 -6.10
N GLY J 235 -48.30 -20.56 -5.49
CA GLY J 235 -49.61 -21.20 -5.68
C GLY J 235 -50.65 -20.69 -4.70
N GLY J 236 -51.92 -20.73 -5.09
CA GLY J 236 -53.02 -20.23 -4.26
C GLY J 236 -54.32 -20.99 -4.45
N SER J 237 -55.37 -20.28 -4.89
CA SER J 237 -56.68 -20.87 -5.17
C SER J 237 -56.99 -20.76 -6.66
N ARG J 238 -58.07 -21.40 -7.11
CA ARG J 238 -58.47 -21.37 -8.52
C ARG J 238 -58.90 -19.98 -8.97
N VAL J 239 -59.48 -19.21 -8.06
CA VAL J 239 -59.87 -17.81 -8.34
C VAL J 239 -58.64 -16.93 -8.54
N GLU J 240 -57.56 -17.24 -7.82
CA GLU J 240 -56.28 -16.57 -8.03
C GLU J 240 -55.64 -17.03 -9.34
N GLY J 241 -55.94 -18.27 -9.73
CA GLY J 241 -55.57 -18.78 -11.06
C GLY J 241 -56.33 -18.08 -12.17
N ILE J 242 -57.58 -17.70 -11.90
CA ILE J 242 -58.38 -16.92 -12.85
C ILE J 242 -57.73 -15.56 -13.07
N PHE J 243 -57.46 -14.87 -11.97
CA PHE J 243 -56.83 -13.54 -12.00
C PHE J 243 -55.50 -13.56 -12.74
N ALA J 244 -54.67 -14.55 -12.45
CA ALA J 244 -53.35 -14.69 -13.07
C ALA J 244 -53.44 -14.88 -14.58
N GLY J 245 -54.39 -15.70 -15.01
CA GLY J 245 -54.62 -15.95 -16.44
C GLY J 245 -55.20 -14.73 -17.14
N LEU J 246 -56.19 -14.10 -16.51
CA LEU J 246 -56.82 -12.89 -17.07
C LEU J 246 -55.87 -11.69 -17.08
N PHE J 247 -54.98 -11.63 -16.09
CA PHE J 247 -54.00 -10.54 -16.02
C PHE J 247 -52.95 -10.67 -17.12
N MET J 248 -52.50 -11.90 -17.39
CA MET J 248 -51.50 -12.15 -18.43
C MET J 248 -52.05 -12.04 -19.86
N ASN J 249 -53.36 -12.01 -20.00
CA ASN J 249 -53.99 -11.69 -21.28
C ASN J 249 -53.76 -10.23 -21.66
N ALA J 250 -53.56 -9.38 -20.64
CA ALA J 250 -53.25 -7.97 -20.85
C ALA J 250 -51.84 -7.76 -21.41
N TYR J 251 -50.93 -8.69 -21.12
CA TYR J 251 -49.56 -8.62 -21.63
C TYR J 251 -49.57 -8.50 -23.15
N GLY J 252 -48.86 -7.49 -23.67
CA GLY J 252 -48.80 -7.25 -25.11
C GLY J 252 -49.98 -6.47 -25.66
N ALA J 253 -50.77 -5.85 -24.77
CA ALA J 253 -51.88 -4.99 -25.20
C ALA J 253 -51.32 -3.68 -25.72
N GLY J 254 -52.01 -3.09 -26.69
CA GLY J 254 -51.56 -1.86 -27.34
C GLY J 254 -50.41 -2.07 -28.31
N GLN J 255 -50.19 -3.32 -28.71
CA GLN J 255 -49.10 -3.67 -29.63
C GLN J 255 -49.37 -5.04 -30.27
N VAL J 256 -50.57 -5.17 -30.83
CA VAL J 256 -50.99 -6.39 -31.52
C VAL J 256 -50.35 -6.51 -32.90
N MET J 257 -50.08 -5.36 -33.53
CA MET J 257 -49.43 -5.32 -34.85
C MET J 257 -48.04 -5.95 -34.79
N LEU J 258 -47.42 -5.90 -33.61
CA LEU J 258 -46.13 -6.54 -33.37
C LEU J 258 -46.24 -8.06 -33.43
N ARG J 259 -47.33 -8.59 -32.86
CA ARG J 259 -47.57 -10.04 -32.86
C ARG J 259 -48.05 -10.55 -34.22
N TRP J 260 -48.91 -9.77 -34.88
CA TRP J 260 -49.41 -10.11 -36.21
C TRP J 260 -48.30 -10.04 -37.28
N GLY J 261 -47.27 -9.25 -37.03
CA GLY J 261 -46.11 -9.17 -37.93
C GLY J 261 -45.30 -10.45 -37.92
N VAL J 262 -45.22 -11.11 -36.77
CA VAL J 262 -44.55 -12.41 -36.65
C VAL J 262 -45.40 -13.50 -37.30
N LEU J 263 -46.72 -13.35 -37.22
CA LEU J 263 -47.66 -14.29 -37.84
C LEU J 263 -47.54 -14.28 -39.36
N ALA J 264 -47.47 -13.08 -39.94
CA ALA J 264 -47.28 -12.93 -41.39
C ALA J 264 -45.95 -13.53 -41.86
N LYS J 265 -44.93 -13.40 -41.01
CA LYS J 265 -43.62 -14.00 -41.25
C LYS J 265 -43.68 -15.53 -41.09
N SER J 266 -44.47 -16.01 -40.13
CA SER J 266 -44.65 -17.44 -39.88
C SER J 266 -45.39 -18.13 -41.03
N VAL J 267 -46.51 -17.55 -41.44
CA VAL J 267 -47.31 -18.10 -42.54
C VAL J 267 -46.70 -17.84 -43.92
N LYS J 268 -45.70 -16.97 -43.98
CA LYS J 268 -44.97 -16.66 -45.22
C LYS J 268 -45.87 -15.99 -46.26
N ASN J 269 -46.40 -14.82 -45.91
CA ASN J 269 -47.21 -14.03 -46.85
C ASN J 269 -46.29 -13.40 -47.91
N ILE J 270 -46.63 -13.63 -49.17
CA ILE J 270 -45.78 -13.23 -50.30
C ILE J 270 -45.55 -11.71 -50.41
N MET J 271 -46.51 -10.91 -49.93
CA MET J 271 -46.40 -9.46 -50.02
C MET J 271 -45.38 -8.83 -49.07
N LEU J 272 -44.82 -9.63 -48.15
CA LEU J 272 -43.67 -9.21 -47.33
C LEU J 272 -42.43 -8.95 -48.19
N GLY J 273 -42.27 -9.73 -49.26
CA GLY J 273 -41.15 -9.57 -50.18
C GLY J 273 -41.29 -8.45 -51.20
N HIS J 274 -42.39 -7.71 -51.12
CA HIS J 274 -42.64 -6.58 -52.03
C HIS J 274 -41.60 -5.47 -51.83
N ALA J 275 -41.29 -4.76 -52.91
CA ALA J 275 -40.19 -3.78 -52.94
C ALA J 275 -40.31 -2.69 -51.87
N SER J 276 -41.47 -2.03 -51.81
CA SER J 276 -41.68 -0.94 -50.86
C SER J 276 -41.73 -1.43 -49.40
N VAL J 277 -42.10 -2.70 -49.21
CA VAL J 277 -42.07 -3.32 -47.88
C VAL J 277 -40.63 -3.62 -47.48
N GLN J 278 -39.81 -4.04 -48.45
CA GLN J 278 -38.40 -4.35 -48.20
C GLN J 278 -37.54 -3.11 -47.91
N ALA J 279 -37.99 -1.94 -48.35
CA ALA J 279 -37.31 -0.69 -48.06
C ALA J 279 -37.39 -0.35 -46.57
N GLU J 280 -38.49 -0.75 -45.93
CA GLU J 280 -38.72 -0.50 -44.51
C GLU J 280 -38.07 -1.54 -43.60
N MET J 281 -37.68 -2.69 -44.16
CA MET J 281 -37.19 -3.83 -43.38
C MET J 281 -35.99 -3.53 -42.48
N GLU J 282 -35.17 -2.57 -42.87
CA GLU J 282 -34.04 -2.15 -42.03
C GLU J 282 -34.53 -1.53 -40.72
N GLN J 283 -35.59 -0.73 -40.79
CA GLN J 283 -36.11 -0.01 -39.63
C GLN J 283 -37.12 -0.80 -38.80
N VAL J 284 -37.84 -1.74 -39.43
CA VAL J 284 -38.81 -2.57 -38.70
C VAL J 284 -38.10 -3.59 -37.80
N VAL J 285 -36.90 -4.02 -38.23
CA VAL J 285 -36.08 -4.93 -37.44
C VAL J 285 -35.57 -4.23 -36.17
N GLU J 286 -35.29 -2.93 -36.26
CA GLU J 286 -34.81 -2.14 -35.12
C GLU J 286 -35.82 -2.12 -33.97
N VAL J 287 -37.11 -2.00 -34.29
CA VAL J 287 -38.18 -1.98 -33.28
C VAL J 287 -38.46 -3.38 -32.74
N TYR J 288 -38.36 -4.41 -33.59
CA TYR J 288 -38.49 -5.79 -33.14
C TYR J 288 -37.31 -6.22 -32.25
N GLU J 289 -36.11 -5.79 -32.61
CA GLU J 289 -34.92 -6.00 -31.78
C GLU J 289 -35.02 -5.18 -30.48
N TYR J 290 -35.64 -4.01 -30.56
CA TYR J 290 -35.89 -3.17 -29.38
C TYR J 290 -36.93 -3.82 -28.46
N ALA J 291 -37.93 -4.46 -29.06
CA ALA J 291 -38.94 -5.22 -28.30
C ALA J 291 -38.32 -6.44 -27.63
N GLN J 292 -37.38 -7.09 -28.34
CA GLN J 292 -36.63 -8.21 -27.79
C GLN J 292 -35.68 -7.78 -26.68
N LYS J 293 -35.17 -6.55 -26.78
CA LYS J 293 -34.25 -5.99 -25.78
C LYS J 293 -34.96 -5.74 -24.45
N LEU J 294 -36.13 -5.09 -24.52
CA LEU J 294 -36.93 -4.78 -23.34
C LEU J 294 -37.41 -6.06 -22.66
N GLY J 295 -37.96 -6.98 -23.46
CA GLY J 295 -38.43 -8.27 -22.95
C GLY J 295 -39.79 -8.16 -22.28
N GLY J 296 -39.86 -8.63 -21.04
CA GLY J 296 -41.10 -8.60 -20.26
C GLY J 296 -41.55 -7.20 -19.87
N GLU J 297 -40.60 -6.28 -19.79
CA GLU J 297 -40.88 -4.89 -19.43
C GLU J 297 -41.82 -4.21 -20.42
N ALA J 298 -41.71 -4.58 -21.70
CA ALA J 298 -42.50 -3.97 -22.77
C ALA J 298 -43.96 -4.45 -22.84
N GLY J 299 -44.32 -5.44 -22.01
CA GLY J 299 -45.66 -6.00 -22.01
C GLY J 299 -46.75 -5.01 -21.61
N PHE J 300 -46.49 -4.25 -20.54
CA PHE J 300 -47.45 -3.28 -20.02
C PHE J 300 -47.02 -1.83 -20.33
N TYR J 301 -46.44 -1.62 -21.51
CA TYR J 301 -45.98 -0.30 -21.93
C TYR J 301 -47.12 0.60 -22.43
N HIS J 302 -48.23 -0.01 -22.86
CA HIS J 302 -49.40 0.75 -23.31
C HIS J 302 -50.51 0.79 -22.24
N ILE J 303 -50.59 -0.25 -21.42
CA ILE J 303 -51.52 -0.29 -20.29
C ILE J 303 -51.13 0.80 -19.29
N LEU J 304 -49.90 0.72 -18.81
CA LEU J 304 -49.24 1.88 -18.19
C LEU J 304 -48.93 2.77 -19.39
N ASN J 305 -49.36 4.03 -19.38
CA ASN J 305 -49.05 4.91 -20.51
C ASN J 305 -47.58 5.34 -20.50
N ASN J 306 -46.72 4.39 -20.87
CA ASN J 306 -45.28 4.59 -20.85
C ASN J 306 -44.85 5.47 -22.02
N PRO J 307 -44.00 6.48 -21.77
CA PRO J 307 -43.45 7.33 -22.84
C PRO J 307 -42.80 6.54 -23.98
N LYS J 308 -42.15 5.43 -23.65
CA LYS J 308 -41.44 4.60 -24.63
C LYS J 308 -42.35 3.61 -25.37
N ALA J 309 -43.66 3.71 -25.16
CA ALA J 309 -44.64 2.86 -25.85
C ALA J 309 -44.75 3.21 -27.34
N SER J 310 -44.52 4.48 -27.66
CA SER J 310 -44.57 4.95 -29.06
C SER J 310 -43.43 4.38 -29.91
N LEU J 311 -42.33 4.00 -29.26
CA LEU J 311 -41.17 3.42 -29.96
C LEU J 311 -41.46 2.02 -30.52
N LEU J 312 -42.41 1.31 -29.91
CA LEU J 312 -42.78 -0.05 -30.35
C LEU J 312 -43.76 -0.06 -31.52
N SER J 313 -44.16 1.12 -31.99
CA SER J 313 -45.15 1.25 -33.07
C SER J 313 -44.58 0.83 -34.43
N LEU J 314 -45.35 0.01 -35.14
CA LEU J 314 -45.04 -0.34 -36.53
C LEU J 314 -45.84 0.52 -37.51
N THR J 315 -46.78 1.30 -36.99
CA THR J 315 -47.64 2.17 -37.80
C THR J 315 -46.84 3.23 -38.58
N GLN J 316 -45.69 3.62 -38.04
CA GLN J 316 -44.76 4.52 -38.75
C GLN J 316 -44.28 3.94 -40.09
N PHE J 317 -44.40 2.63 -40.26
CA PHE J 317 -44.06 1.96 -41.51
C PHE J 317 -45.35 1.59 -42.27
N PRO J 318 -45.77 2.44 -43.23
CA PRO J 318 -47.05 2.23 -43.93
C PRO J 318 -47.17 0.91 -44.68
N HIS J 319 -46.12 0.51 -45.40
CA HIS J 319 -46.19 -0.65 -46.29
C HIS J 319 -46.18 -1.97 -45.52
N PHE J 320 -45.29 -2.08 -44.54
CA PHE J 320 -45.20 -3.29 -43.71
C PHE J 320 -46.45 -3.47 -42.86
N SER J 321 -46.99 -2.37 -42.35
CA SER J 321 -48.23 -2.41 -41.55
C SER J 321 -49.42 -2.91 -42.37
N SER J 322 -49.47 -2.51 -43.64
CA SER J 322 -50.57 -2.88 -44.52
C SER J 322 -50.62 -4.38 -44.82
N VAL J 323 -49.48 -4.95 -45.20
CA VAL J 323 -49.38 -6.39 -45.46
C VAL J 323 -49.64 -7.22 -44.21
N VAL J 324 -49.18 -6.75 -43.06
CA VAL J 324 -49.41 -7.42 -41.78
C VAL J 324 -50.89 -7.35 -41.39
N LEU J 325 -51.49 -6.19 -41.59
CA LEU J 325 -52.92 -5.98 -41.27
C LEU J 325 -53.80 -6.69 -42.29
N GLY J 326 -53.31 -6.83 -43.52
CA GLY J 326 -53.99 -7.59 -44.56
C GLY J 326 -53.94 -9.10 -44.32
N ASN J 327 -52.77 -9.59 -43.90
CA ASN J 327 -52.59 -10.99 -43.54
C ASN J 327 -53.54 -11.42 -42.42
N ALA J 328 -53.72 -10.55 -41.43
CA ALA J 328 -54.66 -10.79 -40.33
C ALA J 328 -56.11 -10.82 -40.82
N ALA J 329 -56.43 -9.98 -41.81
CA ALA J 329 -57.77 -9.93 -42.39
C ALA J 329 -58.07 -11.17 -43.22
N GLY J 330 -57.08 -11.64 -43.99
CA GLY J 330 -57.25 -12.81 -44.83
C GLY J 330 -57.36 -14.11 -44.04
N LEU J 331 -56.57 -14.22 -42.98
CA LEU J 331 -56.67 -15.34 -42.03
C LEU J 331 -57.97 -15.28 -41.22
N GLY J 332 -58.55 -14.09 -41.11
CA GLY J 332 -59.83 -13.90 -40.44
C GLY J 332 -59.69 -13.89 -38.93
N ILE J 333 -58.71 -13.14 -38.44
CA ILE J 333 -58.44 -13.03 -37.00
C ILE J 333 -58.71 -11.63 -36.43
N MET J 334 -58.77 -10.62 -37.30
CA MET J 334 -59.14 -9.26 -36.87
C MET J 334 -60.65 -9.05 -36.99
N GLY J 335 -61.11 -7.86 -36.60
CA GLY J 335 -62.53 -7.52 -36.64
C GLY J 335 -63.19 -7.67 -35.28
N GLU J 336 -63.71 -6.59 -34.68
CA GLU J 336 -63.73 -5.24 -35.26
C GLU J 336 -62.55 -4.43 -34.74
N TYR J 337 -61.40 -4.58 -35.40
CA TYR J 337 -60.17 -3.88 -35.06
C TYR J 337 -60.15 -2.56 -35.82
N ARG J 338 -60.02 -1.45 -35.10
CA ARG J 338 -60.15 -0.11 -35.68
C ARG J 338 -58.84 0.44 -36.28
N GLY J 339 -57.96 -0.46 -36.73
CA GLY J 339 -56.73 -0.05 -37.41
C GLY J 339 -56.95 -0.03 -38.91
N THR J 340 -56.55 1.08 -39.54
CA THR J 340 -56.74 1.28 -40.97
C THR J 340 -55.40 1.21 -41.69
N PRO J 341 -55.32 0.45 -42.81
CA PRO J 341 -54.06 0.35 -43.55
C PRO J 341 -53.79 1.62 -44.36
N ARG J 342 -52.56 2.14 -44.26
CA ARG J 342 -52.17 3.33 -45.02
C ARG J 342 -52.10 3.05 -46.51
N ASN J 343 -51.53 1.89 -46.87
CA ASN J 343 -51.52 1.42 -48.26
C ASN J 343 -52.61 0.38 -48.47
N GLN J 344 -53.61 0.74 -49.27
CA GLN J 344 -54.78 -0.11 -49.50
C GLN J 344 -54.49 -1.25 -50.49
N ASP J 345 -53.63 -0.98 -51.47
CA ASP J 345 -53.29 -1.97 -52.49
C ASP J 345 -52.49 -3.13 -51.91
N LEU J 346 -51.54 -2.83 -51.03
CA LEU J 346 -50.76 -3.85 -50.32
C LEU J 346 -51.63 -4.65 -49.35
N TYR J 347 -52.61 -3.99 -48.75
CA TYR J 347 -53.55 -4.64 -47.82
C TYR J 347 -54.42 -5.66 -48.54
N ASP J 348 -54.97 -5.27 -49.70
CA ASP J 348 -55.84 -6.14 -50.48
C ASP J 348 -55.08 -7.33 -51.08
N ALA J 349 -53.85 -7.09 -51.50
CA ALA J 349 -52.99 -8.14 -52.06
C ALA J 349 -52.59 -9.15 -50.99
N ALA J 350 -52.29 -8.66 -49.79
CA ALA J 350 -51.95 -9.52 -48.65
C ALA J 350 -53.16 -10.31 -48.17
N LYS J 351 -54.32 -9.66 -48.16
CA LYS J 351 -55.58 -10.30 -47.78
C LYS J 351 -55.95 -11.44 -48.73
N ALA J 352 -55.72 -11.21 -50.03
CA ALA J 352 -56.03 -12.20 -51.06
C ALA J 352 -55.17 -13.45 -50.93
N TYR J 353 -53.87 -13.27 -50.74
CA TYR J 353 -52.94 -14.39 -50.57
C TYR J 353 -53.18 -15.13 -49.24
N ALA J 354 -53.48 -14.37 -48.21
CA ALA J 354 -53.77 -14.94 -46.88
C ALA J 354 -55.03 -15.82 -46.90
N GLU J 355 -56.00 -15.46 -47.73
CA GLU J 355 -57.21 -16.28 -47.93
C GLU J 355 -56.89 -17.57 -48.69
N GLN J 356 -55.94 -17.50 -49.62
CA GLN J 356 -55.52 -18.69 -50.37
C GLN J 356 -54.70 -19.67 -49.51
N LEU J 357 -54.01 -19.15 -48.49
CA LEU J 357 -53.21 -19.98 -47.59
C LEU J 357 -54.05 -20.91 -46.71
N LYS J 358 -55.23 -20.45 -46.32
CA LYS J 358 -56.08 -21.17 -45.36
C LYS J 358 -57.13 -22.09 -46.00
N GLU J 359 -56.91 -22.49 -47.24
CA GLU J 359 -57.93 -23.23 -48.00
C GLU J 359 -57.75 -24.74 -47.89
N ASN J 360 -58.88 -25.45 -47.86
CA ASN J 360 -58.91 -26.93 -47.91
C ASN J 360 -58.32 -27.61 -46.67
N GLY J 361 -57.11 -28.16 -46.76
CA GLY J 361 -56.47 -28.87 -45.66
C GLY J 361 -56.09 -30.30 -46.02
N VAL J 362 -54.88 -30.45 -46.56
CA VAL J 362 -54.34 -31.76 -46.94
C VAL J 362 -53.31 -32.22 -45.91
N ILE J 363 -53.19 -33.54 -45.74
CA ILE J 363 -52.31 -34.10 -44.72
C ILE J 363 -50.86 -34.13 -45.23
N ASN J 364 -49.95 -33.59 -44.42
CA ASN J 364 -48.52 -33.62 -44.72
C ASN J 364 -47.87 -34.82 -44.03
N TYR J 365 -47.52 -35.84 -44.81
CA TYR J 365 -46.99 -37.10 -44.27
C TYR J 365 -45.49 -37.07 -44.00
N SER J 366 -44.80 -36.07 -44.53
CA SER J 366 -43.36 -35.90 -44.30
C SER J 366 -43.04 -35.40 -42.89
N VAL J 367 -44.03 -34.80 -42.23
CA VAL J 367 -43.85 -34.29 -40.87
C VAL J 367 -43.73 -35.43 -39.86
N LEU J 368 -44.57 -36.46 -40.01
CA LEU J 368 -44.55 -37.61 -39.12
C LEU J 368 -43.31 -38.46 -39.37
N ASP J 369 -42.89 -39.22 -38.34
CA ASP J 369 -41.74 -40.10 -38.45
C ASP J 369 -42.17 -41.50 -38.92
N LEU J 370 -42.86 -41.55 -40.05
CA LEU J 370 -43.37 -42.80 -40.60
C LEU J 370 -42.24 -43.59 -41.27
N THR J 371 -42.18 -44.89 -40.98
CA THR J 371 -41.14 -45.76 -41.52
C THR J 371 -41.61 -46.44 -42.80
N ALA K 2 7.35 8.25 -40.78
CA ALA K 2 6.32 7.68 -41.71
C ALA K 2 5.29 8.73 -42.11
N LEU K 3 4.62 8.50 -43.24
CA LEU K 3 3.60 9.41 -43.74
C LEU K 3 2.23 9.09 -43.11
N SER K 4 2.15 7.99 -42.35
CA SER K 4 0.94 7.65 -41.61
C SER K 4 0.77 8.53 -40.37
N LYS K 5 1.88 9.03 -39.83
CA LYS K 5 1.86 9.82 -38.59
C LYS K 5 1.41 11.26 -38.80
N VAL K 6 1.67 11.81 -39.99
CA VAL K 6 1.23 13.19 -40.30
C VAL K 6 -0.31 13.27 -40.32
N LYS K 7 -0.87 13.58 -39.16
CA LYS K 7 -2.31 13.65 -38.98
C LYS K 7 -2.65 14.63 -37.85
N LEU K 8 -3.90 15.05 -37.77
CA LEU K 8 -4.33 15.98 -36.72
C LEU K 8 -5.84 15.92 -36.53
N ASN K 9 -6.28 15.33 -35.42
CA ASN K 9 -7.70 15.19 -35.12
C ASN K 9 -8.23 16.50 -34.54
N ASP K 10 -8.61 17.42 -35.41
CA ASP K 10 -9.12 18.73 -35.01
C ASP K 10 -10.48 18.64 -34.32
N THR K 11 -11.34 17.74 -34.80
CA THR K 11 -12.68 17.56 -34.25
C THR K 11 -12.66 17.14 -32.77
N LEU K 12 -11.75 16.21 -32.44
CA LEU K 12 -11.60 15.73 -31.07
C LEU K 12 -10.89 16.74 -30.18
N ASN K 13 -9.93 17.48 -30.75
CA ASN K 13 -9.18 18.49 -30.01
C ASN K 13 -10.01 19.74 -29.71
N LYS K 14 -10.87 20.13 -30.64
CA LYS K 14 -11.79 21.25 -30.42
C LYS K 14 -12.75 20.93 -29.27
N ASP K 15 -13.24 19.70 -29.23
CA ASP K 15 -14.09 19.23 -28.14
C ASP K 15 -13.35 19.21 -26.81
N GLN K 16 -12.08 18.78 -26.85
CA GLN K 16 -11.23 18.73 -25.67
C GLN K 16 -10.96 20.13 -25.10
N LEU K 17 -10.86 21.13 -25.98
CA LEU K 17 -10.66 22.52 -25.57
C LEU K 17 -11.88 23.05 -24.81
N LEU K 18 -13.07 22.83 -25.37
CA LEU K 18 -14.31 23.34 -24.77
C LEU K 18 -14.72 22.54 -23.53
N SER K 19 -14.42 21.24 -23.52
CA SER K 19 -14.76 20.38 -22.38
C SER K 19 -13.90 20.71 -21.15
N SER K 20 -12.67 21.14 -21.37
CA SER K 20 -11.73 21.46 -20.29
C SER K 20 -11.54 22.97 -20.14
N SER K 21 -12.63 23.71 -20.06
CA SER K 21 -12.58 25.16 -19.84
C SER K 21 -12.37 25.44 -18.35
N LYS K 22 -11.41 26.31 -18.04
CA LYS K 22 -11.11 26.66 -16.66
C LYS K 22 -12.14 27.65 -16.11
N TYR K 23 -12.70 28.46 -16.98
CA TYR K 23 -13.59 29.55 -16.59
C TYR K 23 -14.98 29.37 -17.20
N THR K 24 -15.97 30.03 -16.61
CA THR K 24 -17.37 29.89 -17.02
C THR K 24 -18.07 31.24 -17.15
N ILE K 25 -18.94 31.35 -18.15
CA ILE K 25 -19.81 32.52 -18.31
C ILE K 25 -21.19 32.18 -17.77
N GLN K 26 -21.85 33.18 -17.17
CA GLN K 26 -23.17 33.02 -16.59
C GLN K 26 -24.09 34.15 -17.07
N ARG K 27 -25.05 33.79 -17.92
CA ARG K 27 -25.86 34.77 -18.64
C ARG K 27 -26.95 35.36 -17.75
N SER K 28 -27.31 36.61 -18.03
CA SER K 28 -28.29 37.34 -17.23
C SER K 28 -29.67 36.73 -17.39
N THR K 29 -30.03 35.87 -16.44
CA THR K 29 -31.36 35.26 -16.41
C THR K 29 -32.41 36.33 -16.09
N GLY K 30 -31.99 37.34 -15.33
CA GLY K 30 -32.84 38.49 -15.03
C GLY K 30 -32.82 38.85 -13.57
N ASP K 31 -33.90 39.48 -13.10
CA ASP K 31 -34.03 39.86 -11.69
C ASP K 31 -34.55 38.70 -10.84
N SER K 32 -35.50 37.92 -11.38
CA SER K 32 -36.08 36.80 -10.66
C SER K 32 -36.77 35.79 -11.57
N ILE K 33 -36.77 34.52 -11.15
CA ILE K 33 -37.52 33.45 -11.81
C ILE K 33 -38.42 32.76 -10.80
N ASP K 34 -39.67 32.49 -11.21
CA ASP K 34 -40.61 31.76 -10.38
C ASP K 34 -40.30 30.27 -10.43
N THR K 35 -39.99 29.69 -9.28
CA THR K 35 -39.66 28.27 -9.17
C THR K 35 -40.72 27.55 -8.33
N PRO K 36 -41.86 27.18 -8.94
CA PRO K 36 -42.92 26.52 -8.19
C PRO K 36 -42.57 25.08 -7.80
N ASN K 37 -43.09 24.64 -6.66
CA ASN K 37 -42.86 23.28 -6.16
C ASN K 37 -44.06 22.39 -6.47
N TYR K 38 -44.10 21.20 -5.89
CA TYR K 38 -45.14 20.21 -6.18
C TYR K 38 -46.50 20.59 -5.59
N ASP K 39 -46.48 21.38 -4.51
CA ASP K 39 -47.72 21.79 -3.83
C ASP K 39 -48.60 22.72 -4.68
N VAL K 40 -47.97 23.48 -5.58
CA VAL K 40 -48.68 24.42 -6.45
C VAL K 40 -49.08 23.79 -7.78
N GLN K 41 -48.37 22.74 -8.19
CA GLN K 41 -48.64 22.05 -9.45
C GLN K 41 -50.13 21.88 -9.74
N LYS K 42 -50.90 21.53 -8.71
CA LYS K 42 -52.34 21.29 -8.86
C LYS K 42 -53.13 22.59 -9.11
N HIS K 43 -52.62 23.71 -8.58
CA HIS K 43 -53.22 25.02 -8.81
C HIS K 43 -52.95 25.52 -10.23
N ILE K 44 -51.76 25.24 -10.76
CA ILE K 44 -51.39 25.66 -12.11
C ILE K 44 -52.17 24.85 -13.14
N ASN K 45 -52.37 23.56 -12.87
CA ASN K 45 -53.21 22.70 -13.70
C ASN K 45 -54.63 23.25 -13.82
N LYS K 46 -55.14 23.78 -12.71
CA LYS K 46 -56.45 24.43 -12.68
C LYS K 46 -56.42 25.71 -13.52
N LEU K 47 -55.35 26.49 -13.38
CA LEU K 47 -55.16 27.71 -14.17
C LEU K 47 -55.03 27.40 -15.66
N CYS K 48 -54.34 26.31 -15.99
CA CYS K 48 -54.24 25.82 -17.37
C CYS K 48 -55.61 25.39 -17.90
N GLY K 49 -56.41 24.76 -17.04
CA GLY K 49 -57.77 24.35 -17.39
C GLY K 49 -58.69 25.51 -17.66
N MET K 50 -58.56 26.57 -16.88
CA MET K 50 -59.38 27.79 -17.04
C MET K 50 -59.20 28.41 -18.43
N LEU K 51 -57.95 28.48 -18.89
CA LEU K 51 -57.64 28.97 -20.23
C LEU K 51 -58.22 28.06 -21.33
N LEU K 52 -58.24 26.76 -21.07
CA LEU K 52 -58.74 25.78 -22.03
C LEU K 52 -60.26 25.80 -22.18
N ILE K 53 -60.99 26.01 -21.07
CA ILE K 53 -62.46 26.07 -21.14
C ILE K 53 -62.98 27.43 -21.65
N THR K 54 -62.13 28.46 -21.59
CA THR K 54 -62.51 29.80 -22.04
C THR K 54 -62.61 29.86 -23.56
N GLU K 55 -63.79 30.25 -24.06
CA GLU K 55 -64.00 30.39 -25.50
C GLU K 55 -63.34 31.67 -26.00
N ASP K 56 -62.51 31.54 -27.03
CA ASP K 56 -61.71 32.65 -27.56
C ASP K 56 -60.86 33.28 -26.45
N ALA K 57 -60.02 32.44 -25.84
CA ALA K 57 -59.22 32.86 -24.68
C ALA K 57 -58.01 33.67 -25.09
N ASN K 58 -57.54 34.52 -24.16
CA ASN K 58 -56.33 35.31 -24.35
C ASN K 58 -55.11 34.50 -23.93
N HIS K 59 -54.43 33.88 -24.90
CA HIS K 59 -53.23 33.09 -24.64
C HIS K 59 -51.97 33.95 -24.76
N LYS K 60 -51.96 35.09 -24.07
CA LYS K 60 -50.79 35.96 -24.02
C LYS K 60 -49.79 35.45 -22.99
N PHE K 61 -50.31 34.82 -21.93
CA PHE K 61 -49.50 34.36 -20.81
C PHE K 61 -49.40 32.83 -20.71
N THR K 62 -50.00 32.13 -21.67
CA THR K 62 -50.08 30.66 -21.62
C THR K 62 -48.71 30.00 -21.83
N GLY K 63 -47.85 30.64 -22.61
CA GLY K 63 -46.47 30.19 -22.78
C GLY K 63 -45.70 30.26 -21.47
N LEU K 64 -45.95 31.32 -20.70
CA LEU K 64 -45.33 31.49 -19.38
C LEU K 64 -45.99 30.56 -18.36
N ILE K 65 -47.31 30.48 -18.38
CA ILE K 65 -48.07 29.59 -17.49
C ILE K 65 -47.73 28.11 -17.76
N GLY K 66 -47.48 27.78 -19.03
CA GLY K 66 -47.04 26.44 -19.40
C GLY K 66 -45.72 26.06 -18.78
N MET K 67 -44.76 27.00 -18.79
CA MET K 67 -43.45 26.79 -18.17
C MET K 67 -43.57 26.62 -16.66
N LEU K 68 -44.50 27.35 -16.04
CA LEU K 68 -44.73 27.24 -14.60
C LEU K 68 -45.25 25.87 -14.21
N TYR K 69 -46.06 25.25 -15.06
CA TYR K 69 -46.55 23.89 -14.82
C TYR K 69 -45.43 22.86 -15.00
N ALA K 70 -44.58 23.08 -16.00
CA ALA K 70 -43.43 22.20 -16.23
C ALA K 70 -42.43 22.27 -15.08
N MET K 71 -42.23 23.47 -14.55
CA MET K 71 -41.32 23.67 -13.41
C MET K 71 -41.92 23.15 -12.10
N SER K 72 -43.24 23.21 -11.97
CA SER K 72 -43.93 22.68 -10.80
C SER K 72 -43.89 21.15 -10.77
N ARG K 73 -43.93 20.54 -11.95
CA ARG K 73 -43.76 19.09 -12.07
C ARG K 73 -42.35 18.66 -11.69
N LEU K 74 -41.35 19.45 -12.11
CA LEU K 74 -39.96 19.20 -11.73
C LEU K 74 -39.75 19.41 -10.24
N GLY K 75 -40.23 20.54 -9.73
CA GLY K 75 -40.09 20.89 -8.32
C GLY K 75 -38.97 21.88 -8.10
N ARG K 76 -39.17 22.78 -7.13
CA ARG K 76 -38.24 23.88 -6.85
C ARG K 76 -36.77 23.45 -6.82
N GLU K 77 -36.48 22.34 -6.13
CA GLU K 77 -35.10 21.85 -6.02
C GLU K 77 -34.50 21.46 -7.36
N ASP K 78 -35.27 20.75 -8.19
CA ASP K 78 -34.79 20.30 -9.50
C ASP K 78 -34.67 21.44 -10.50
N THR K 79 -35.76 22.20 -10.68
CA THR K 79 -35.76 23.30 -11.66
C THR K 79 -34.68 24.36 -11.38
N ILE K 80 -34.32 24.57 -10.13
CA ILE K 80 -33.18 25.43 -9.78
C ILE K 80 -31.88 24.72 -10.20
N LYS K 81 -31.81 23.41 -9.96
CA LYS K 81 -30.65 22.61 -10.33
C LYS K 81 -30.41 22.59 -11.85
N ILE K 82 -31.48 22.60 -12.64
CA ILE K 82 -31.36 22.54 -14.11
C ILE K 82 -30.94 23.90 -14.68
N LEU K 83 -31.38 24.99 -14.05
CA LEU K 83 -30.98 26.33 -14.45
C LEU K 83 -29.50 26.60 -14.13
N ARG K 84 -29.05 26.16 -12.97
CA ARG K 84 -27.64 26.33 -12.57
C ARG K 84 -26.69 25.46 -13.39
N ASP K 85 -27.12 24.23 -13.71
CA ASP K 85 -26.34 23.34 -14.56
C ASP K 85 -26.25 23.85 -16.00
N ALA K 86 -27.29 24.54 -16.46
CA ALA K 86 -27.29 25.17 -17.79
C ALA K 86 -26.28 26.32 -17.86
N GLY K 87 -26.11 27.03 -16.76
CA GLY K 87 -25.16 28.14 -16.67
C GLY K 87 -25.88 29.48 -16.51
N TYR K 88 -26.71 29.57 -15.47
CA TYR K 88 -27.48 30.77 -15.19
C TYR K 88 -27.51 31.06 -13.69
N HIS K 89 -27.27 32.32 -13.32
CA HIS K 89 -27.47 32.78 -11.94
C HIS K 89 -28.96 33.01 -11.72
N VAL K 90 -29.55 32.21 -10.84
CA VAL K 90 -31.01 32.25 -10.63
C VAL K 90 -31.40 32.81 -9.26
N LYS K 91 -32.28 33.81 -9.30
CA LYS K 91 -32.87 34.38 -8.10
C LYS K 91 -34.24 33.73 -7.92
N ALA K 92 -34.27 32.64 -7.14
CA ALA K 92 -35.45 31.79 -7.03
C ALA K 92 -36.59 32.46 -6.25
N ASN K 93 -37.71 32.68 -6.94
CA ASN K 93 -38.94 33.16 -6.31
C ASN K 93 -39.85 31.97 -6.04
N GLY K 94 -40.33 31.84 -4.81
CA GLY K 94 -41.26 30.77 -4.44
C GLY K 94 -42.62 30.98 -5.07
N VAL K 95 -43.43 29.91 -5.13
CA VAL K 95 -44.78 29.99 -5.67
C VAL K 95 -45.75 29.15 -4.85
N ASP K 96 -46.81 29.78 -4.34
CA ASP K 96 -47.81 29.15 -3.48
C ASP K 96 -49.12 29.95 -3.55
N VAL K 97 -50.10 29.58 -2.72
CA VAL K 97 -51.46 30.09 -2.85
C VAL K 97 -51.82 31.09 -1.75
N THR K 98 -52.35 32.25 -2.16
CA THR K 98 -52.89 33.25 -1.24
C THR K 98 -54.25 33.72 -1.75
N THR K 99 -55.17 33.98 -0.82
CA THR K 99 -56.54 34.39 -1.17
C THR K 99 -56.60 35.91 -1.33
N HIS K 100 -56.96 36.37 -2.54
CA HIS K 100 -57.07 37.78 -2.85
C HIS K 100 -58.53 38.21 -2.90
N ARG K 101 -58.87 39.28 -2.18
CA ARG K 101 -60.23 39.81 -2.16
C ARG K 101 -60.33 41.08 -2.99
N GLN K 102 -61.21 41.06 -3.99
CA GLN K 102 -61.43 42.21 -4.87
C GLN K 102 -62.90 42.28 -5.27
N ASP K 103 -63.44 43.50 -5.33
CA ASP K 103 -64.86 43.70 -5.63
C ASP K 103 -65.11 43.98 -7.12
N ILE K 104 -65.35 42.91 -7.87
CA ILE K 104 -65.69 43.00 -9.29
C ILE K 104 -67.19 43.23 -9.43
N ASN K 105 -67.56 44.26 -10.19
CA ASN K 105 -68.96 44.63 -10.42
C ASN K 105 -69.73 44.92 -9.12
N GLY K 106 -69.04 45.53 -8.15
CA GLY K 106 -69.66 45.90 -6.88
C GLY K 106 -69.54 44.83 -5.80
N LYS K 107 -69.84 43.58 -6.18
CA LYS K 107 -69.84 42.47 -5.23
C LYS K 107 -68.42 42.01 -4.91
N GLU K 108 -68.11 41.90 -3.62
CA GLU K 108 -66.78 41.48 -3.18
C GLU K 108 -66.58 39.99 -3.44
N MET K 109 -65.51 39.65 -4.16
CA MET K 109 -65.24 38.27 -4.57
C MET K 109 -63.86 37.79 -4.10
N LYS K 110 -63.77 36.51 -3.79
CA LYS K 110 -62.51 35.88 -3.38
C LYS K 110 -61.87 35.15 -4.56
N PHE K 111 -60.54 35.14 -4.61
CA PHE K 111 -59.78 34.47 -5.66
C PHE K 111 -58.50 33.84 -5.12
N GLU K 112 -58.32 32.55 -5.38
CA GLU K 112 -57.06 31.87 -5.06
C GLU K 112 -56.04 32.18 -6.15
N VAL K 113 -55.00 32.93 -5.80
CA VAL K 113 -54.00 33.39 -6.77
C VAL K 113 -52.59 32.98 -6.35
N LEU K 114 -51.75 32.67 -7.34
CA LEU K 114 -50.34 32.42 -7.11
C LEU K 114 -49.61 33.76 -7.08
N THR K 115 -48.78 33.96 -6.06
CA THR K 115 -48.04 35.21 -5.92
C THR K 115 -46.75 35.14 -6.75
N LEU K 116 -46.92 35.23 -8.06
CA LEU K 116 -45.82 35.12 -9.02
C LEU K 116 -45.21 36.48 -9.33
N ALA K 117 -43.93 36.50 -9.67
CA ALA K 117 -43.25 37.72 -10.08
C ALA K 117 -43.54 38.03 -11.56
N SER K 118 -43.44 37.00 -12.40
CA SER K 118 -43.68 37.15 -13.84
C SER K 118 -45.15 37.38 -14.17
N LEU K 119 -46.04 36.80 -13.37
CA LEU K 119 -47.50 36.91 -13.60
C LEU K 119 -48.15 37.71 -12.47
N THR K 120 -48.83 38.79 -12.83
CA THR K 120 -49.48 39.67 -11.85
C THR K 120 -50.75 39.03 -11.30
N THR K 121 -51.10 39.37 -10.06
CA THR K 121 -52.35 38.90 -9.45
C THR K 121 -53.59 39.54 -10.10
N GLU K 122 -53.40 40.66 -10.79
CA GLU K 122 -54.49 41.37 -11.46
C GLU K 122 -54.92 40.63 -12.73
N ILE K 123 -53.97 40.01 -13.42
CA ILE K 123 -54.25 39.27 -14.66
C ILE K 123 -54.68 37.83 -14.38
N GLN K 124 -54.25 37.30 -13.23
CA GLN K 124 -54.64 35.94 -12.80
C GLN K 124 -56.13 35.83 -12.54
N ILE K 125 -56.69 36.83 -11.85
CA ILE K 125 -58.13 36.86 -11.57
C ILE K 125 -58.97 37.00 -12.84
N ASN K 126 -58.42 37.70 -13.84
CA ASN K 126 -59.10 37.89 -15.12
C ASN K 126 -59.18 36.59 -15.94
N ILE K 127 -58.20 35.70 -15.75
CA ILE K 127 -58.23 34.37 -16.36
C ILE K 127 -59.35 33.55 -15.72
N GLU K 128 -59.51 33.67 -14.41
CA GLU K 128 -60.57 32.98 -13.68
C GLU K 128 -61.95 33.61 -13.93
N ILE K 129 -61.99 34.94 -14.07
CA ILE K 129 -63.24 35.65 -14.35
C ILE K 129 -63.80 35.27 -15.72
N GLU K 130 -62.96 35.30 -16.75
CA GLU K 130 -63.38 34.97 -18.11
C GLU K 130 -63.71 33.49 -18.28
N SER K 131 -63.10 32.63 -17.46
CA SER K 131 -63.40 31.20 -17.48
C SER K 131 -64.76 30.89 -16.85
N ARG K 132 -65.11 31.62 -15.79
CA ARG K 132 -66.41 31.49 -15.14
C ARG K 132 -67.56 31.90 -16.06
N LYS K 133 -67.31 32.89 -16.92
CA LYS K 133 -68.27 33.30 -17.94
C LYS K 133 -68.53 32.18 -18.94
N SER K 134 -67.44 31.59 -19.42
CA SER K 134 -67.52 30.48 -20.36
C SER K 134 -68.03 29.19 -19.71
N TYR K 135 -67.79 29.05 -18.41
CA TYR K 135 -68.26 27.89 -17.66
C TYR K 135 -69.78 27.90 -17.51
N LYS K 136 -70.34 29.05 -17.13
CA LYS K 136 -71.79 29.16 -16.96
C LYS K 136 -72.54 29.12 -18.30
N LYS K 137 -71.88 29.59 -19.36
CA LYS K 137 -72.41 29.49 -20.71
C LYS K 137 -72.41 28.02 -21.15
N MET K 138 -71.34 27.31 -20.82
CA MET K 138 -71.24 25.88 -21.08
C MET K 138 -72.24 25.09 -20.23
N LEU K 139 -72.40 25.50 -18.97
CA LEU K 139 -73.37 24.86 -18.07
C LEU K 139 -74.80 25.08 -18.53
N LYS K 140 -75.06 26.22 -19.17
CA LYS K 140 -76.39 26.56 -19.66
C LYS K 140 -76.75 25.76 -20.92
N GLU K 141 -75.73 25.37 -21.69
CA GLU K 141 -75.94 24.66 -22.95
C GLU K 141 -76.17 23.16 -22.75
N MET K 142 -75.33 22.51 -21.95
CA MET K 142 -75.39 21.06 -21.75
C MET K 142 -75.92 20.66 -20.36
N GLY K 143 -76.37 21.63 -19.56
CA GLY K 143 -76.91 21.35 -18.24
C GLY K 143 -75.84 20.97 -17.24
N GLU K 144 -75.40 19.72 -17.30
CA GLU K 144 -74.34 19.21 -16.43
C GLU K 144 -73.07 19.00 -17.24
N VAL K 145 -71.97 19.64 -16.81
CA VAL K 145 -70.68 19.50 -17.47
C VAL K 145 -69.96 18.24 -16.98
N ALA K 146 -69.39 17.48 -17.91
CA ALA K 146 -68.72 16.22 -17.58
C ALA K 146 -67.29 16.48 -17.12
N PRO K 147 -66.64 15.46 -16.52
CA PRO K 147 -65.23 15.57 -16.11
C PRO K 147 -64.24 15.90 -17.24
N GLU K 148 -64.60 15.53 -18.47
CA GLU K 148 -63.73 15.76 -19.64
C GLU K 148 -63.71 17.24 -20.03
N TYR K 149 -64.87 17.87 -20.01
CA TYR K 149 -65.02 19.25 -20.48
C TYR K 149 -64.59 20.31 -19.47
N ARG K 150 -64.44 19.93 -18.20
CA ARG K 150 -64.16 20.89 -17.12
C ARG K 150 -62.66 21.16 -16.92
N HIS K 151 -62.38 22.24 -16.20
CA HIS K 151 -61.01 22.68 -15.92
C HIS K 151 -60.26 21.85 -14.87
N ASP K 152 -61.00 21.07 -14.08
CA ASP K 152 -60.42 20.29 -12.98
C ASP K 152 -59.66 19.04 -13.45
N SER K 153 -59.82 18.67 -14.71
CA SER K 153 -59.16 17.48 -15.26
C SER K 153 -57.63 17.57 -15.15
N PRO K 154 -56.97 16.45 -14.82
CA PRO K 154 -55.51 16.45 -14.68
C PRO K 154 -54.75 16.60 -16.01
N ASP K 155 -55.43 16.35 -17.13
CA ASP K 155 -54.81 16.47 -18.45
C ASP K 155 -54.53 17.93 -18.85
N CYS K 156 -55.37 18.84 -18.38
CA CYS K 156 -55.32 20.27 -18.76
C CYS K 156 -53.90 20.84 -18.86
N GLY K 157 -53.08 20.58 -17.84
CA GLY K 157 -51.71 21.09 -17.81
C GLY K 157 -50.83 20.53 -18.91
N MET K 158 -50.93 19.23 -19.14
CA MET K 158 -50.14 18.56 -20.18
C MET K 158 -50.68 18.84 -21.59
N ILE K 159 -51.98 19.09 -21.70
CA ILE K 159 -52.59 19.45 -22.99
C ILE K 159 -51.99 20.74 -23.55
N ILE K 160 -51.73 21.70 -22.68
CA ILE K 160 -51.07 22.95 -23.07
C ILE K 160 -49.59 22.71 -23.41
N LEU K 161 -48.95 21.78 -22.70
CA LEU K 161 -47.56 21.41 -22.97
C LEU K 161 -47.40 20.53 -24.21
N CYS K 162 -48.50 19.95 -24.71
CA CYS K 162 -48.45 19.13 -25.93
C CYS K 162 -48.10 19.96 -27.16
N ILE K 163 -48.71 21.14 -27.29
CA ILE K 163 -48.38 22.06 -28.40
C ILE K 163 -47.07 22.81 -28.13
N ALA K 164 -46.63 22.83 -26.87
CA ALA K 164 -45.30 23.33 -26.54
C ALA K 164 -44.23 22.39 -27.10
N ALA K 165 -44.51 21.09 -27.07
CA ALA K 165 -43.63 20.08 -27.68
C ALA K 165 -43.64 20.17 -29.20
N LEU K 166 -44.76 20.61 -29.77
CA LEU K 166 -44.86 20.85 -31.22
C LEU K 166 -44.08 22.12 -31.61
N VAL K 167 -44.09 23.12 -30.75
CA VAL K 167 -43.30 24.33 -30.96
C VAL K 167 -41.80 24.02 -30.86
N ILE K 168 -41.43 23.19 -29.88
CA ILE K 168 -40.02 22.80 -29.69
C ILE K 168 -39.54 21.91 -30.84
N THR K 169 -40.47 21.20 -31.48
CA THR K 169 -40.19 20.37 -32.64
C THR K 169 -39.74 21.21 -33.83
N LYS K 170 -40.33 22.40 -33.99
CA LYS K 170 -40.01 23.29 -35.12
C LYS K 170 -39.19 24.52 -34.71
N LEU K 171 -38.44 24.43 -33.62
CA LEU K 171 -37.54 25.51 -33.19
C LEU K 171 -36.23 25.54 -33.99
N ALA K 172 -35.90 24.44 -34.66
CA ALA K 172 -34.68 24.33 -35.45
C ALA K 172 -34.58 25.42 -36.52
N ALA K 173 -35.70 25.74 -37.16
CA ALA K 173 -35.76 26.81 -38.15
C ALA K 173 -35.41 28.16 -37.52
N GLY K 174 -36.02 28.45 -36.38
CA GLY K 174 -35.70 29.65 -35.61
C GLY K 174 -36.25 30.95 -36.19
N ASP K 175 -37.47 30.89 -36.72
CA ASP K 175 -38.14 32.08 -37.27
C ASP K 175 -39.67 31.96 -37.34
N ARG K 176 -40.25 31.15 -36.44
CA ARG K 176 -41.69 30.87 -36.42
C ARG K 176 -42.26 30.42 -37.78
N SER K 177 -41.43 29.76 -38.59
CA SER K 177 -41.86 29.30 -39.90
C SER K 177 -42.66 27.99 -39.81
N GLY K 178 -42.38 27.20 -38.78
CA GLY K 178 -43.08 25.94 -38.55
C GLY K 178 -44.47 26.07 -37.97
N LEU K 179 -44.85 27.27 -37.54
CA LEU K 179 -46.17 27.55 -36.95
C LEU K 179 -47.32 26.91 -37.72
N THR K 180 -47.24 26.92 -39.05
CA THR K 180 -48.26 26.30 -39.89
C THR K 180 -48.32 24.79 -39.67
N ALA K 181 -47.15 24.16 -39.56
CA ALA K 181 -47.05 22.72 -39.28
C ALA K 181 -47.42 22.40 -37.83
N VAL K 182 -47.16 23.33 -36.92
CA VAL K 182 -47.50 23.15 -35.51
C VAL K 182 -49.03 23.12 -35.33
N ILE K 183 -49.73 24.00 -36.04
CA ILE K 183 -51.19 24.04 -36.00
C ILE K 183 -51.78 22.84 -36.73
N ARG K 184 -51.17 22.49 -37.87
CA ARG K 184 -51.60 21.35 -38.68
C ARG K 184 -51.56 20.05 -37.88
N ARG K 185 -50.42 19.78 -37.24
CA ARG K 185 -50.27 18.59 -36.40
C ARG K 185 -51.16 18.65 -35.17
N ALA K 186 -51.33 19.84 -34.59
CA ALA K 186 -52.20 20.03 -33.43
C ALA K 186 -53.68 19.75 -33.74
N ASN K 187 -54.02 19.66 -35.03
CA ASN K 187 -55.36 19.25 -35.46
C ASN K 187 -55.43 17.75 -35.78
N ASN K 188 -54.35 17.21 -36.36
CA ASN K 188 -54.25 15.77 -36.62
C ASN K 188 -54.02 15.03 -35.32
N VAL K 189 -53.04 15.49 -34.54
CA VAL K 189 -52.82 15.03 -33.17
C VAL K 189 -53.81 15.81 -32.31
N LEU K 190 -54.06 15.34 -31.10
CA LEU K 190 -54.73 16.14 -30.08
C LEU K 190 -56.16 16.54 -30.49
N LYS K 191 -56.76 15.76 -31.39
CA LYS K 191 -58.08 16.10 -31.96
C LYS K 191 -59.21 15.88 -30.96
N ASN K 192 -59.10 14.82 -30.15
CA ASN K 192 -60.06 14.57 -29.07
C ASN K 192 -60.01 15.66 -28.00
N GLU K 193 -58.81 16.20 -27.76
CA GLU K 193 -58.61 17.25 -26.76
C GLU K 193 -59.26 18.57 -27.17
N MET K 194 -59.22 18.88 -28.46
CA MET K 194 -59.81 20.12 -29.00
C MET K 194 -61.34 20.10 -28.96
N LYS K 195 -61.94 18.90 -29.01
CA LYS K 195 -63.39 18.75 -28.89
C LYS K 195 -63.86 19.12 -27.48
N ARG K 196 -63.12 18.66 -26.48
CA ARG K 196 -63.50 18.83 -25.07
C ARG K 196 -63.01 20.14 -24.44
N TYR K 197 -62.32 20.98 -25.22
CA TYR K 197 -61.88 22.29 -24.75
C TYR K 197 -61.98 23.35 -25.86
N LYS K 198 -62.82 24.36 -25.62
CA LYS K 198 -63.03 25.44 -26.59
C LYS K 198 -61.78 26.31 -26.76
N GLY K 199 -61.06 26.53 -25.65
CA GLY K 199 -59.87 27.38 -25.65
C GLY K 199 -58.57 26.68 -25.99
N LEU K 200 -58.65 25.57 -26.71
CA LEU K 200 -57.47 24.91 -27.24
C LEU K 200 -57.22 25.46 -28.65
N LEU K 201 -56.55 26.61 -28.70
CA LEU K 201 -56.24 27.31 -29.94
C LEU K 201 -54.77 27.10 -30.29
N PRO K 202 -54.48 26.19 -31.25
CA PRO K 202 -53.09 25.90 -31.62
C PRO K 202 -52.27 27.13 -32.01
N LYS K 203 -52.85 28.02 -32.80
CA LYS K 203 -52.16 29.22 -33.27
C LYS K 203 -51.84 30.18 -32.12
N ASP K 204 -52.81 30.39 -31.23
CA ASP K 204 -52.66 31.32 -30.11
C ASP K 204 -51.68 30.81 -29.05
N ILE K 205 -51.74 29.52 -28.76
CA ILE K 205 -50.88 28.92 -27.73
C ILE K 205 -49.45 28.72 -28.25
N ALA K 206 -49.32 28.30 -29.51
CA ALA K 206 -47.99 28.09 -30.11
C ALA K 206 -47.19 29.39 -30.18
N ASN K 207 -47.86 30.47 -30.58
CA ASN K 207 -47.23 31.80 -30.61
C ASN K 207 -46.80 32.27 -29.23
N SER K 208 -47.53 31.85 -28.20
CA SER K 208 -47.18 32.17 -26.82
C SER K 208 -45.89 31.45 -26.39
N PHE K 209 -45.79 30.17 -26.74
CA PHE K 209 -44.58 29.40 -26.48
C PHE K 209 -43.41 29.84 -27.36
N TYR K 210 -43.69 30.22 -28.61
CA TYR K 210 -42.67 30.83 -29.47
C TYR K 210 -42.12 32.11 -28.87
N GLU K 211 -43.00 32.90 -28.26
CA GLU K 211 -42.62 34.17 -27.63
C GLU K 211 -41.76 33.96 -26.38
N VAL K 212 -42.18 33.03 -25.52
CA VAL K 212 -41.50 32.80 -24.25
C VAL K 212 -40.12 32.13 -24.42
N PHE K 213 -39.98 31.29 -25.44
CA PHE K 213 -38.68 30.68 -25.75
C PHE K 213 -37.73 31.70 -26.40
N GLU K 214 -38.29 32.61 -27.20
CA GLU K 214 -37.49 33.68 -27.82
C GLU K 214 -37.05 34.72 -26.78
N LYS K 215 -37.99 35.18 -25.97
CA LYS K 215 -37.70 36.19 -24.94
C LYS K 215 -36.85 35.61 -23.80
N HIS K 216 -37.09 34.35 -23.47
CA HIS K 216 -36.35 33.67 -22.40
C HIS K 216 -35.73 32.37 -22.91
N PRO K 217 -34.49 32.42 -23.43
CA PRO K 217 -33.79 31.23 -23.92
C PRO K 217 -33.50 30.17 -22.85
N HIS K 218 -33.47 30.58 -21.57
CA HIS K 218 -33.28 29.63 -20.47
C HIS K 218 -34.49 28.72 -20.24
N PHE K 219 -35.68 29.20 -20.61
CA PHE K 219 -36.90 28.39 -20.46
C PHE K 219 -37.01 27.26 -21.49
N ILE K 220 -36.29 27.37 -22.61
CA ILE K 220 -36.31 26.30 -23.62
C ILE K 220 -35.43 25.16 -23.10
N ASP K 221 -34.39 25.51 -22.34
CA ASP K 221 -33.56 24.52 -21.65
C ASP K 221 -34.33 23.85 -20.53
N VAL K 222 -35.20 24.61 -19.86
CA VAL K 222 -36.06 24.08 -18.80
C VAL K 222 -37.10 23.09 -19.35
N PHE K 223 -37.67 23.42 -20.51
CA PHE K 223 -38.69 22.57 -21.13
C PHE K 223 -38.10 21.27 -21.69
N VAL K 224 -36.92 21.36 -22.31
CA VAL K 224 -36.26 20.19 -22.88
C VAL K 224 -35.90 19.18 -21.78
N HIS K 225 -35.34 19.68 -20.69
CA HIS K 225 -34.97 18.82 -19.56
C HIS K 225 -36.18 18.36 -18.74
N PHE K 226 -37.28 19.11 -18.84
CA PHE K 226 -38.57 18.65 -18.30
C PHE K 226 -39.12 17.51 -19.16
N GLY K 227 -39.07 17.69 -20.48
CA GLY K 227 -39.56 16.69 -21.43
C GLY K 227 -38.82 15.37 -21.36
N ILE K 228 -37.51 15.44 -21.14
CA ILE K 228 -36.69 14.25 -20.95
C ILE K 228 -37.03 13.58 -19.61
N ALA K 229 -37.21 14.39 -18.58
CA ALA K 229 -37.63 13.89 -17.26
C ALA K 229 -39.04 13.33 -17.28
N GLN K 230 -39.91 13.96 -18.08
CA GLN K 230 -41.29 13.49 -18.28
C GLN K 230 -41.31 12.17 -19.05
N SER K 231 -40.44 12.06 -20.06
CA SER K 231 -40.32 10.86 -20.87
C SER K 231 -39.57 9.72 -20.17
N SER K 232 -38.93 10.02 -19.04
CA SER K 232 -38.22 9.02 -18.24
C SER K 232 -39.12 8.27 -17.26
N THR K 233 -40.39 8.68 -17.15
CA THR K 233 -41.32 8.07 -16.19
C THR K 233 -41.74 6.66 -16.60
N ARG K 234 -42.35 5.94 -15.66
CA ARG K 234 -42.73 4.54 -15.85
C ARG K 234 -44.06 4.42 -16.61
N GLY K 235 -44.98 5.35 -16.34
CA GLY K 235 -46.28 5.36 -17.01
C GLY K 235 -47.23 6.38 -16.42
N GLY K 236 -48.14 6.91 -17.24
CA GLY K 236 -49.08 7.95 -16.80
C GLY K 236 -50.44 7.86 -17.48
N SER K 237 -50.81 8.92 -18.21
CA SER K 237 -52.07 8.96 -18.96
C SER K 237 -51.79 9.05 -20.46
N ARG K 238 -52.84 8.92 -21.28
CA ARG K 238 -52.68 8.95 -22.74
C ARG K 238 -52.23 10.33 -23.23
N VAL K 239 -52.66 11.39 -22.54
CA VAL K 239 -52.24 12.76 -22.85
C VAL K 239 -50.74 12.95 -22.57
N GLU K 240 -50.24 12.27 -21.54
CA GLU K 240 -48.81 12.25 -21.27
C GLU K 240 -48.07 11.40 -22.31
N GLY K 241 -48.76 10.39 -22.85
CA GLY K 241 -48.27 9.63 -23.98
C GLY K 241 -48.20 10.46 -25.26
N ILE K 242 -49.15 11.40 -25.42
CA ILE K 242 -49.12 12.35 -26.53
C ILE K 242 -47.88 13.22 -26.44
N PHE K 243 -47.70 13.83 -25.28
CA PHE K 243 -46.55 14.72 -25.02
C PHE K 243 -45.22 14.01 -25.25
N ALA K 244 -45.10 12.78 -24.74
CA ALA K 244 -43.88 12.00 -24.88
C ALA K 244 -43.55 11.70 -26.34
N GLY K 245 -44.57 11.36 -27.12
CA GLY K 245 -44.42 11.08 -28.55
C GLY K 245 -44.09 12.34 -29.35
N LEU K 246 -44.81 13.42 -29.06
CA LEU K 246 -44.58 14.70 -29.74
C LEU K 246 -43.25 15.33 -29.36
N PHE K 247 -42.80 15.10 -28.12
CA PHE K 247 -41.51 15.61 -27.66
C PHE K 247 -40.34 14.90 -28.33
N MET K 248 -40.47 13.58 -28.50
CA MET K 248 -39.41 12.78 -29.14
C MET K 248 -39.34 12.96 -30.66
N ASN K 249 -40.37 13.57 -31.25
CA ASN K 249 -40.32 13.99 -32.65
C ASN K 249 -39.33 15.14 -32.85
N ALA K 250 -39.10 15.90 -31.78
CA ALA K 250 -38.12 16.99 -31.79
C ALA K 250 -36.68 16.46 -31.81
N TYR K 251 -36.46 15.26 -31.28
CA TYR K 251 -35.13 14.64 -31.29
C TYR K 251 -34.59 14.58 -32.71
N GLY K 252 -33.36 15.08 -32.90
CA GLY K 252 -32.72 15.10 -34.21
C GLY K 252 -33.15 16.26 -35.09
N ALA K 253 -33.78 17.27 -34.49
CA ALA K 253 -34.16 18.49 -35.22
C ALA K 253 -32.92 19.34 -35.45
N GLY K 254 -32.90 20.06 -36.57
CA GLY K 254 -31.76 20.87 -36.95
C GLY K 254 -30.59 20.06 -37.48
N GLN K 255 -30.86 18.80 -37.85
CA GLN K 255 -29.83 17.89 -38.36
C GLN K 255 -30.47 16.74 -39.14
N VAL K 256 -31.33 17.10 -40.09
CA VAL K 256 -32.02 16.14 -40.95
C VAL K 256 -31.09 15.58 -42.02
N MET K 257 -30.13 16.39 -42.46
CA MET K 257 -29.15 15.97 -43.47
C MET K 257 -28.32 14.79 -42.98
N LEU K 258 -28.18 14.69 -41.65
CA LEU K 258 -27.49 13.56 -41.02
C LEU K 258 -28.28 12.27 -41.20
N ARG K 259 -29.61 12.35 -41.07
CA ARG K 259 -30.49 11.18 -41.23
C ARG K 259 -30.67 10.81 -42.70
N TRP K 260 -30.80 11.82 -43.56
CA TRP K 260 -30.92 11.59 -45.00
C TRP K 260 -29.64 11.03 -45.63
N GLY K 261 -28.50 11.28 -44.99
CA GLY K 261 -27.22 10.72 -45.43
C GLY K 261 -27.16 9.21 -45.22
N VAL K 262 -27.77 8.73 -44.14
CA VAL K 262 -27.86 7.29 -43.87
C VAL K 262 -28.87 6.65 -44.82
N LEU K 263 -29.90 7.39 -45.21
CA LEU K 263 -30.91 6.92 -46.16
C LEU K 263 -30.31 6.70 -47.55
N ALA K 264 -29.50 7.66 -48.00
CA ALA K 264 -28.81 7.55 -49.28
C ALA K 264 -27.85 6.35 -49.29
N LYS K 265 -27.22 6.10 -48.15
CA LYS K 265 -26.36 4.93 -47.97
C LYS K 265 -27.17 3.63 -47.91
N SER K 266 -28.35 3.69 -47.31
CA SER K 266 -29.24 2.53 -47.21
C SER K 266 -29.82 2.12 -48.58
N VAL K 267 -30.32 3.11 -49.32
CA VAL K 267 -30.87 2.86 -50.66
C VAL K 267 -29.80 2.66 -51.74
N LYS K 268 -28.53 2.95 -51.40
CA LYS K 268 -27.39 2.75 -52.29
C LYS K 268 -27.47 3.64 -53.54
N ASN K 269 -27.47 4.95 -53.32
CA ASN K 269 -27.46 5.91 -54.42
C ASN K 269 -26.07 5.92 -55.08
N ILE K 270 -26.05 5.74 -56.39
CA ILE K 270 -24.80 5.57 -57.15
C ILE K 270 -23.86 6.79 -57.08
N MET K 271 -24.44 7.98 -56.92
CA MET K 271 -23.64 9.21 -56.89
C MET K 271 -22.82 9.40 -55.60
N LEU K 272 -23.03 8.54 -54.61
CA LEU K 272 -22.17 8.49 -53.43
C LEU K 272 -20.74 8.05 -53.80
N GLY K 273 -20.63 7.17 -54.78
CA GLY K 273 -19.33 6.69 -55.25
C GLY K 273 -18.58 7.65 -56.18
N HIS K 274 -19.19 8.80 -56.48
CA HIS K 274 -18.56 9.82 -57.32
C HIS K 274 -17.27 10.35 -56.69
N ALA K 275 -16.31 10.70 -57.53
CA ALA K 275 -14.94 11.03 -57.09
C ALA K 275 -14.87 12.18 -56.08
N SER K 276 -15.52 13.30 -56.42
CA SER K 276 -15.51 14.48 -55.54
C SER K 276 -16.26 14.24 -54.23
N VAL K 277 -17.22 13.32 -54.25
CA VAL K 277 -17.92 12.89 -53.04
C VAL K 277 -17.00 12.02 -52.19
N GLN K 278 -16.23 11.15 -52.85
CA GLN K 278 -15.28 10.27 -52.16
C GLN K 278 -14.11 10.99 -51.52
N ALA K 279 -13.77 12.18 -52.03
CA ALA K 279 -12.72 13.01 -51.46
C ALA K 279 -13.11 13.53 -50.07
N GLU K 280 -14.41 13.74 -49.87
CA GLU K 280 -14.94 14.25 -48.60
C GLU K 280 -15.19 13.13 -47.57
N MET K 281 -15.23 11.88 -48.04
CA MET K 281 -15.62 10.74 -47.18
C MET K 281 -14.78 10.56 -45.92
N GLU K 282 -13.53 10.98 -45.95
CA GLU K 282 -12.68 10.93 -44.76
C GLU K 282 -13.22 11.85 -43.66
N GLN K 283 -13.68 13.04 -44.06
CA GLN K 283 -14.16 14.05 -43.11
C GLN K 283 -15.63 13.88 -42.71
N VAL K 284 -16.46 13.32 -43.60
CA VAL K 284 -17.88 13.12 -43.27
C VAL K 284 -18.07 11.98 -42.26
N VAL K 285 -17.15 11.02 -42.28
CA VAL K 285 -17.14 9.93 -41.30
C VAL K 285 -16.82 10.45 -39.89
N GLU K 286 -15.96 11.47 -39.82
CA GLU K 286 -15.58 12.08 -38.54
C GLU K 286 -16.78 12.69 -37.80
N VAL K 287 -17.67 13.34 -38.55
CA VAL K 287 -18.86 13.96 -37.96
C VAL K 287 -19.94 12.91 -37.62
N TYR K 288 -20.05 11.87 -38.44
CA TYR K 288 -20.95 10.76 -38.14
C TYR K 288 -20.48 9.96 -36.93
N GLU K 289 -19.16 9.75 -36.84
CA GLU K 289 -18.57 9.12 -35.65
C GLU K 289 -18.69 10.03 -34.42
N TYR K 290 -18.62 11.35 -34.64
CA TYR K 290 -18.82 12.33 -33.59
C TYR K 290 -20.28 12.33 -33.11
N ALA K 291 -21.21 12.16 -34.05
CA ALA K 291 -22.63 12.03 -33.73
C ALA K 291 -22.91 10.74 -32.96
N GLN K 292 -22.22 9.67 -33.33
CA GLN K 292 -22.29 8.39 -32.63
C GLN K 292 -21.67 8.47 -31.22
N LYS K 293 -20.65 9.31 -31.08
CA LYS K 293 -19.97 9.52 -29.80
C LYS K 293 -20.87 10.21 -28.79
N LEU K 294 -21.50 11.30 -29.22
CA LEU K 294 -22.41 12.07 -28.36
C LEU K 294 -23.62 11.25 -27.96
N GLY K 295 -24.24 10.59 -28.94
CA GLY K 295 -25.39 9.73 -28.70
C GLY K 295 -26.67 10.52 -28.52
N GLY K 296 -27.36 10.28 -27.40
CA GLY K 296 -28.62 10.96 -27.10
C GLY K 296 -28.46 12.45 -26.82
N GLU K 297 -27.27 12.84 -26.36
CA GLU K 297 -26.97 14.23 -26.05
C GLU K 297 -27.11 15.14 -27.27
N ALA K 298 -26.77 14.63 -28.45
CA ALA K 298 -26.80 15.40 -29.70
C ALA K 298 -28.20 15.63 -30.27
N GLY K 299 -29.22 15.01 -29.69
CA GLY K 299 -30.59 15.14 -30.17
C GLY K 299 -31.14 16.55 -30.12
N PHE K 300 -30.92 17.23 -28.99
CA PHE K 300 -31.42 18.58 -28.78
C PHE K 300 -30.29 19.62 -28.83
N TYR K 301 -29.33 19.41 -29.74
CA TYR K 301 -28.20 20.33 -29.91
C TYR K 301 -28.55 21.57 -30.72
N HIS K 302 -29.60 21.50 -31.52
CA HIS K 302 -30.08 22.65 -32.29
C HIS K 302 -31.30 23.32 -31.67
N ILE K 303 -32.13 22.52 -30.98
CA ILE K 303 -33.29 23.05 -30.25
C ILE K 303 -32.79 23.94 -29.13
N LEU K 304 -31.97 23.37 -28.25
CA LEU K 304 -31.09 24.17 -27.39
C LEU K 304 -30.01 24.65 -28.34
N ASN K 305 -29.79 25.96 -28.43
CA ASN K 305 -28.75 26.46 -29.35
C ASN K 305 -27.35 26.17 -28.81
N ASN K 306 -26.96 24.90 -28.89
CA ASN K 306 -25.69 24.43 -28.36
C ASN K 306 -24.54 24.87 -29.27
N PRO K 307 -23.46 25.41 -28.69
CA PRO K 307 -22.26 25.77 -29.45
C PRO K 307 -21.72 24.66 -30.34
N LYS K 308 -21.82 23.42 -29.88
CA LYS K 308 -21.31 22.25 -30.59
C LYS K 308 -22.28 21.70 -31.65
N ALA K 309 -23.37 22.42 -31.90
CA ALA K 309 -24.34 22.04 -32.93
C ALA K 309 -23.78 22.23 -34.34
N SER K 310 -22.90 23.21 -34.50
CA SER K 310 -22.27 23.49 -35.80
C SER K 310 -21.32 22.37 -36.25
N LEU K 311 -20.80 21.60 -35.28
CA LEU K 311 -19.89 20.49 -35.57
C LEU K 311 -20.60 19.32 -36.27
N LEU K 312 -21.91 19.19 -36.06
CA LEU K 312 -22.70 18.11 -36.67
C LEU K 312 -23.13 18.42 -38.12
N SER K 313 -22.75 19.58 -38.63
CA SER K 313 -23.15 20.02 -39.97
C SER K 313 -22.44 19.25 -41.07
N LEU K 314 -23.22 18.79 -42.05
CA LEU K 314 -22.68 18.18 -43.27
C LEU K 314 -22.62 19.20 -44.42
N THR K 315 -23.20 20.37 -44.20
CA THR K 315 -23.22 21.44 -45.21
C THR K 315 -21.83 21.91 -45.61
N GLN K 316 -20.87 21.80 -44.68
CA GLN K 316 -19.46 22.07 -44.97
C GLN K 316 -18.89 21.19 -46.10
N PHE K 317 -19.55 20.07 -46.37
CA PHE K 317 -19.17 19.18 -47.48
C PHE K 317 -20.16 19.38 -48.65
N PRO K 318 -19.78 20.19 -49.65
CA PRO K 318 -20.70 20.53 -50.75
C PRO K 318 -21.18 19.34 -51.59
N HIS K 319 -20.27 18.42 -51.91
CA HIS K 319 -20.58 17.32 -52.82
C HIS K 319 -21.44 16.25 -52.17
N PHE K 320 -21.08 15.84 -50.96
CA PHE K 320 -21.84 14.83 -50.22
C PHE K 320 -23.24 15.34 -49.84
N SER K 321 -23.33 16.62 -49.49
CA SER K 321 -24.62 17.24 -49.17
C SER K 321 -25.56 17.24 -50.39
N SER K 322 -25.00 17.48 -51.58
CA SER K 322 -25.79 17.55 -52.80
C SER K 322 -26.43 16.22 -53.18
N VAL K 323 -25.63 15.15 -53.16
CA VAL K 323 -26.13 13.80 -53.46
C VAL K 323 -27.17 13.33 -52.43
N VAL K 324 -26.94 13.67 -51.16
CA VAL K 324 -27.86 13.32 -50.08
C VAL K 324 -29.17 14.11 -50.21
N LEU K 325 -29.06 15.40 -50.55
CA LEU K 325 -30.23 16.25 -50.72
C LEU K 325 -30.95 15.91 -52.03
N GLY K 326 -30.21 15.43 -53.02
CA GLY K 326 -30.78 14.93 -54.27
C GLY K 326 -31.52 13.63 -54.10
N ASN K 327 -30.94 12.71 -53.33
CA ASN K 327 -31.57 11.42 -53.02
C ASN K 327 -32.92 11.61 -52.33
N ALA K 328 -32.97 12.58 -51.40
CA ALA K 328 -34.21 12.92 -50.70
C ALA K 328 -35.27 13.50 -51.66
N ALA K 329 -34.80 14.27 -52.64
CA ALA K 329 -35.70 14.86 -53.65
C ALA K 329 -36.25 13.81 -54.61
N GLY K 330 -35.41 12.86 -55.01
CA GLY K 330 -35.82 11.79 -55.91
C GLY K 330 -36.78 10.81 -55.28
N LEU K 331 -36.53 10.46 -54.03
CA LEU K 331 -37.45 9.62 -53.23
C LEU K 331 -38.75 10.37 -52.92
N GLY K 332 -38.71 11.70 -52.94
CA GLY K 332 -39.89 12.52 -52.74
C GLY K 332 -40.27 12.65 -51.28
N ILE K 333 -39.28 12.91 -50.44
CA ILE K 333 -39.49 13.06 -48.99
C ILE K 333 -39.23 14.49 -48.48
N MET K 334 -38.50 15.29 -49.25
CA MET K 334 -38.29 16.71 -48.91
C MET K 334 -39.40 17.57 -49.55
N GLY K 335 -39.37 18.86 -49.24
CA GLY K 335 -40.36 19.81 -49.76
C GLY K 335 -41.42 20.14 -48.71
N GLU K 336 -41.54 21.40 -48.28
CA GLU K 336 -40.74 22.53 -48.75
C GLU K 336 -39.55 22.75 -47.80
N TYR K 337 -38.46 22.04 -48.06
CA TYR K 337 -37.24 22.13 -47.27
C TYR K 337 -36.34 23.19 -47.90
N ARG K 338 -35.96 24.20 -47.12
CA ARG K 338 -35.25 25.37 -47.63
C ARG K 338 -33.72 25.19 -47.70
N GLY K 339 -33.27 23.95 -47.88
CA GLY K 339 -31.85 23.66 -48.08
C GLY K 339 -31.52 23.62 -49.55
N THR K 340 -30.48 24.34 -49.95
CA THR K 340 -30.07 24.44 -51.35
C THR K 340 -28.77 23.67 -51.57
N PRO K 341 -28.70 22.84 -52.63
CA PRO K 341 -27.47 22.10 -52.91
C PRO K 341 -26.38 23.00 -53.50
N ARG K 342 -25.17 22.92 -52.97
CA ARG K 342 -24.05 23.70 -53.47
C ARG K 342 -23.62 23.23 -54.87
N ASN K 343 -23.59 21.91 -55.06
CA ASN K 343 -23.34 21.33 -56.38
C ASN K 343 -24.66 20.89 -57.03
N GLN K 344 -25.04 21.59 -58.09
CA GLN K 344 -26.33 21.33 -58.75
C GLN K 344 -26.29 20.09 -59.64
N ASP K 345 -25.13 19.82 -60.25
CA ASP K 345 -24.98 18.67 -61.16
C ASP K 345 -25.06 17.34 -60.40
N LEU K 346 -24.43 17.29 -59.23
CA LEU K 346 -24.51 16.10 -58.36
C LEU K 346 -25.91 15.90 -57.78
N TYR K 347 -26.60 17.01 -57.52
CA TYR K 347 -27.98 16.97 -57.01
C TYR K 347 -28.95 16.38 -58.04
N ASP K 348 -28.84 16.85 -59.28
CA ASP K 348 -29.70 16.39 -60.38
C ASP K 348 -29.44 14.93 -60.73
N ALA K 349 -28.17 14.53 -60.69
CA ALA K 349 -27.78 13.15 -60.98
C ALA K 349 -28.26 12.19 -59.90
N ALA K 350 -28.18 12.63 -58.65
CA ALA K 350 -28.67 11.85 -57.51
C ALA K 350 -30.20 11.76 -57.50
N LYS K 351 -30.85 12.86 -57.87
CA LYS K 351 -32.31 12.91 -57.97
C LYS K 351 -32.82 11.96 -59.05
N ALA K 352 -32.10 11.91 -60.17
CA ALA K 352 -32.49 11.07 -61.31
C ALA K 352 -32.41 9.58 -60.96
N TYR K 353 -31.31 9.17 -60.33
CA TYR K 353 -31.13 7.77 -59.91
C TYR K 353 -32.10 7.39 -58.80
N ALA K 354 -32.35 8.32 -57.88
CA ALA K 354 -33.28 8.09 -56.77
C ALA K 354 -34.72 7.88 -57.27
N GLU K 355 -35.07 8.56 -58.36
CA GLU K 355 -36.38 8.36 -58.99
C GLU K 355 -36.48 6.98 -59.67
N GLN K 356 -35.37 6.50 -60.21
CA GLN K 356 -35.31 5.17 -60.84
C GLN K 356 -35.37 4.04 -59.80
N LEU K 357 -34.89 4.31 -58.59
CA LEU K 357 -34.91 3.31 -57.51
C LEU K 357 -36.33 2.97 -57.03
N LYS K 358 -37.21 3.97 -57.01
CA LYS K 358 -38.55 3.81 -56.44
C LYS K 358 -39.63 3.39 -57.45
N GLU K 359 -39.21 2.81 -58.57
CA GLU K 359 -40.14 2.55 -59.68
C GLU K 359 -40.76 1.15 -59.59
N ASN K 360 -42.01 1.05 -60.05
CA ASN K 360 -42.72 -0.22 -60.19
C ASN K 360 -42.99 -0.94 -58.85
N GLY K 361 -42.30 -2.05 -58.58
CA GLY K 361 -42.51 -2.82 -57.36
C GLY K 361 -42.70 -4.30 -57.63
N VAL K 362 -41.59 -5.04 -57.70
CA VAL K 362 -41.62 -6.49 -57.95
C VAL K 362 -41.31 -7.24 -56.66
N ILE K 363 -41.87 -8.44 -56.52
CA ILE K 363 -41.74 -9.23 -55.30
C ILE K 363 -40.40 -9.96 -55.27
N ASN K 364 -39.66 -9.83 -54.17
CA ASN K 364 -38.41 -10.54 -53.97
C ASN K 364 -38.66 -11.81 -53.17
N TYR K 365 -38.59 -12.97 -53.83
CA TYR K 365 -38.92 -14.25 -53.21
C TYR K 365 -37.76 -14.89 -52.44
N SER K 366 -36.55 -14.37 -52.66
CA SER K 366 -35.37 -14.86 -51.93
C SER K 366 -35.33 -14.40 -50.48
N VAL K 367 -36.09 -13.35 -50.16
CA VAL K 367 -36.14 -12.81 -48.80
C VAL K 367 -36.90 -13.76 -47.87
N LEU K 368 -38.02 -14.31 -48.36
CA LEU K 368 -38.83 -15.23 -47.57
C LEU K 368 -38.14 -16.58 -47.43
N ASP K 369 -38.48 -17.31 -46.37
CA ASP K 369 -37.90 -18.63 -46.12
C ASP K 369 -38.75 -19.73 -46.78
N LEU K 370 -38.97 -19.58 -48.09
CA LEU K 370 -39.80 -20.52 -48.85
C LEU K 370 -39.02 -21.80 -49.12
N THR K 371 -39.68 -22.94 -48.93
CA THR K 371 -39.05 -24.24 -49.11
C THR K 371 -39.36 -24.78 -50.51
N ALA L 2 25.75 1.37 -28.84
CA ALA L 2 24.94 1.23 -30.10
C ALA L 2 24.70 2.58 -30.77
N LEU L 3 24.44 2.54 -32.07
CA LEU L 3 24.18 3.76 -32.84
C LEU L 3 22.70 4.17 -32.74
N SER L 4 21.88 3.33 -32.12
CA SER L 4 20.48 3.66 -31.86
C SER L 4 20.34 4.65 -30.70
N LYS L 5 21.31 4.65 -29.78
CA LYS L 5 21.25 5.51 -28.59
C LYS L 5 21.63 6.97 -28.87
N VAL L 6 22.48 7.20 -29.87
CA VAL L 6 22.87 8.57 -30.23
C VAL L 6 21.66 9.34 -30.77
N LYS L 7 20.96 10.01 -29.86
CA LYS L 7 19.75 10.76 -30.18
C LYS L 7 19.56 11.90 -29.17
N LEU L 8 18.71 12.86 -29.50
CA LEU L 8 18.45 13.98 -28.61
C LEU L 8 17.11 14.66 -28.95
N ASN L 9 16.12 14.45 -28.09
CA ASN L 9 14.79 15.01 -28.30
C ASN L 9 14.77 16.48 -27.87
N ASP L 10 15.18 17.36 -28.77
CA ASP L 10 15.23 18.80 -28.49
C ASP L 10 13.85 19.41 -28.31
N THR L 11 12.88 18.96 -29.11
CA THR L 11 11.52 19.48 -29.07
C THR L 11 10.87 19.26 -27.69
N LEU L 12 11.06 18.07 -27.13
CA LEU L 12 10.52 17.73 -25.81
C LEU L 12 11.28 18.40 -24.68
N ASN L 13 12.60 18.53 -24.85
CA ASN L 13 13.44 19.18 -23.84
C ASN L 13 13.25 20.69 -23.78
N LYS L 14 13.03 21.33 -24.93
CA LYS L 14 12.71 22.76 -24.97
C LYS L 14 11.41 23.06 -24.23
N ASP L 15 10.42 22.19 -24.43
CA ASP L 15 9.13 22.29 -23.72
C ASP L 15 9.31 22.08 -22.22
N GLN L 16 10.16 21.12 -21.85
CA GLN L 16 10.46 20.82 -20.46
C GLN L 16 11.16 21.99 -19.76
N LEU L 17 11.99 22.73 -20.50
CA LEU L 17 12.66 23.92 -19.96
C LEU L 17 11.65 25.02 -19.62
N LEU L 18 10.77 25.31 -20.57
CA LEU L 18 9.79 26.39 -20.41
C LEU L 18 8.67 26.03 -19.43
N SER L 19 8.30 24.75 -19.40
CA SER L 19 7.25 24.27 -18.48
C SER L 19 7.70 24.30 -17.02
N SER L 20 9.00 24.12 -16.78
CA SER L 20 9.56 24.10 -15.43
C SER L 20 10.38 25.36 -15.13
N SER L 21 9.78 26.52 -15.39
CA SER L 21 10.43 27.79 -15.10
C SER L 21 10.25 28.12 -13.62
N LYS L 22 11.36 28.47 -12.96
CA LYS L 22 11.32 28.81 -11.52
C LYS L 22 10.75 30.20 -11.30
N TYR L 23 10.94 31.08 -12.28
CA TYR L 23 10.60 32.49 -12.16
C TYR L 23 9.56 32.89 -13.20
N THR L 24 8.87 34.00 -12.95
CA THR L 24 7.79 34.46 -13.81
C THR L 24 7.88 35.96 -14.11
N ILE L 25 7.56 36.34 -15.34
CA ILE L 25 7.44 37.74 -15.72
C ILE L 25 5.97 38.15 -15.71
N GLN L 26 5.71 39.39 -15.34
CA GLN L 26 4.35 39.92 -15.27
C GLN L 26 4.29 41.28 -15.96
N ARG L 27 3.61 41.32 -17.10
CA ARG L 27 3.64 42.47 -18.00
C ARG L 27 2.73 43.59 -17.51
N SER L 28 3.13 44.82 -17.80
CA SER L 28 2.39 46.00 -17.34
C SER L 28 1.04 46.09 -18.02
N THR L 29 0.01 45.59 -17.32
CA THR L 29 -1.36 45.68 -17.79
C THR L 29 -1.81 47.14 -17.78
N GLY L 30 -1.25 47.91 -16.86
CA GLY L 30 -1.48 49.36 -16.79
C GLY L 30 -1.77 49.83 -15.38
N ASP L 31 -2.55 50.90 -15.28
CA ASP L 31 -2.94 51.46 -13.98
C ASP L 31 -4.20 50.78 -13.44
N SER L 32 -5.16 50.46 -14.31
CA SER L 32 -6.41 49.82 -13.89
C SER L 32 -7.15 49.14 -15.04
N ILE L 33 -7.89 48.09 -14.70
CA ILE L 33 -8.79 47.41 -15.64
C ILE L 33 -10.18 47.33 -15.04
N ASP L 34 -11.19 47.61 -15.87
CA ASP L 34 -12.58 47.49 -15.46
C ASP L 34 -13.01 46.03 -15.49
N THR L 35 -13.41 45.51 -14.33
CA THR L 35 -13.85 44.12 -14.20
C THR L 35 -15.32 44.08 -13.80
N PRO L 36 -16.23 44.18 -14.78
CA PRO L 36 -17.66 44.17 -14.48
C PRO L 36 -18.17 42.80 -14.07
N ASN L 37 -19.18 42.77 -13.21
CA ASN L 37 -19.79 41.53 -12.72
C ASN L 37 -21.09 41.25 -13.48
N TYR L 38 -21.87 40.28 -13.00
CA TYR L 38 -23.09 39.85 -13.69
C TYR L 38 -24.22 40.86 -13.59
N ASP L 39 -24.20 41.67 -12.53
CA ASP L 39 -25.24 42.68 -12.30
C ASP L 39 -25.25 43.80 -13.35
N VAL L 40 -24.08 44.08 -13.93
CA VAL L 40 -23.93 45.14 -14.93
C VAL L 40 -24.11 44.61 -16.36
N GLN L 41 -23.91 43.31 -16.56
CA GLN L 41 -24.03 42.68 -17.87
C GLN L 41 -25.24 43.18 -18.67
N LYS L 42 -26.37 43.34 -17.98
CA LYS L 42 -27.62 43.77 -18.62
C LYS L 42 -27.58 45.25 -19.05
N HIS L 43 -26.81 46.06 -18.32
CA HIS L 43 -26.61 47.47 -18.67
C HIS L 43 -25.70 47.62 -19.89
N ILE L 44 -24.68 46.77 -19.98
CA ILE L 44 -23.74 46.83 -21.11
C ILE L 44 -24.41 46.33 -22.39
N ASN L 45 -25.27 45.33 -22.26
CA ASN L 45 -26.09 44.86 -23.38
C ASN L 45 -26.97 45.97 -23.94
N LYS L 46 -27.49 46.81 -23.05
CA LYS L 46 -28.28 47.98 -23.44
C LYS L 46 -27.38 49.01 -24.15
N LEU L 47 -26.18 49.22 -23.61
CA LEU L 47 -25.19 50.11 -24.21
C LEU L 47 -24.75 49.61 -25.58
N CYS L 48 -24.60 48.29 -25.71
CA CYS L 48 -24.28 47.66 -26.99
C CYS L 48 -25.43 47.83 -27.99
N GLY L 49 -26.66 47.75 -27.49
CA GLY L 49 -27.85 47.96 -28.31
C GLY L 49 -27.98 49.39 -28.82
N MET L 50 -27.63 50.36 -27.98
CA MET L 50 -27.68 51.78 -28.35
C MET L 50 -26.79 52.08 -29.55
N LEU L 51 -25.58 51.52 -29.56
CA LEU L 51 -24.65 51.66 -30.69
C LEU L 51 -25.20 51.01 -31.96
N LEU L 52 -25.92 49.89 -31.79
CA LEU L 52 -26.47 49.15 -32.92
C LEU L 52 -27.67 49.84 -33.58
N ILE L 53 -28.51 50.48 -32.78
CA ILE L 53 -29.67 51.20 -33.33
C ILE L 53 -29.30 52.57 -33.92
N THR L 54 -28.14 53.11 -33.51
CA THR L 54 -27.69 54.41 -33.99
C THR L 54 -27.23 54.33 -35.45
N GLU L 55 -27.85 55.15 -36.30
CA GLU L 55 -27.49 55.22 -37.72
C GLU L 55 -26.17 55.97 -37.88
N ASP L 56 -25.22 55.37 -38.58
CA ASP L 56 -23.87 55.92 -38.73
C ASP L 56 -23.24 56.21 -37.37
N ALA L 57 -23.15 55.17 -36.55
CA ALA L 57 -22.68 55.30 -35.17
C ALA L 57 -21.16 55.42 -35.09
N ASN L 58 -20.69 56.05 -34.02
CA ASN L 58 -19.26 56.17 -33.75
C ASN L 58 -18.78 54.94 -32.98
N HIS L 59 -18.20 53.98 -33.69
CA HIS L 59 -17.66 52.77 -33.08
C HIS L 59 -16.18 52.94 -32.72
N LYS L 60 -15.87 54.01 -31.99
CA LYS L 60 -14.52 54.26 -31.50
C LYS L 60 -14.28 53.47 -30.22
N PHE L 61 -15.34 53.27 -29.44
CA PHE L 61 -15.27 52.63 -28.13
C PHE L 61 -15.92 51.25 -28.09
N THR L 62 -16.45 50.80 -29.23
CA THR L 62 -17.21 49.54 -29.28
C THR L 62 -16.33 48.31 -29.07
N GLY L 63 -15.06 48.40 -29.46
CA GLY L 63 -14.09 47.34 -29.18
C GLY L 63 -13.86 47.20 -27.69
N LEU L 64 -13.80 48.33 -26.99
CA LEU L 64 -13.65 48.34 -25.53
C LEU L 64 -14.96 47.95 -24.85
N ILE L 65 -16.07 48.49 -25.33
CA ILE L 65 -17.40 48.15 -24.80
C ILE L 65 -17.73 46.67 -25.02
N GLY L 66 -17.25 46.12 -26.13
CA GLY L 66 -17.40 44.69 -26.41
C GLY L 66 -16.69 43.82 -25.38
N MET L 67 -15.47 44.20 -25.02
CA MET L 67 -14.70 43.50 -24.00
C MET L 67 -15.37 43.58 -22.63
N LEU L 68 -15.99 44.72 -22.33
CA LEU L 68 -16.71 44.90 -21.07
C LEU L 68 -17.91 43.96 -20.95
N TYR L 69 -18.58 43.69 -22.07
CA TYR L 69 -19.70 42.75 -22.09
C TYR L 69 -19.20 41.31 -21.93
N ALA L 70 -18.07 40.99 -22.55
CA ALA L 70 -17.46 39.67 -22.43
C ALA L 70 -16.98 39.40 -21.01
N MET L 71 -16.43 40.43 -20.37
CA MET L 71 -15.97 40.33 -18.99
C MET L 71 -17.12 40.28 -17.99
N SER L 72 -18.23 40.97 -18.31
CA SER L 72 -19.43 40.95 -17.47
C SER L 72 -20.11 39.58 -17.52
N ARG L 73 -20.04 38.91 -18.67
CA ARG L 73 -20.54 37.55 -18.81
C ARG L 73 -19.71 36.57 -17.99
N LEU L 74 -18.39 36.76 -18.00
CA LEU L 74 -17.47 35.95 -17.19
C LEU L 74 -17.69 36.21 -15.70
N GLY L 75 -17.74 37.48 -15.33
CA GLY L 75 -17.93 37.88 -13.93
C GLY L 75 -16.62 38.27 -13.27
N ARG L 76 -16.67 39.28 -12.41
CA ARG L 76 -15.49 39.86 -11.77
C ARG L 76 -14.49 38.82 -11.27
N GLU L 77 -14.99 37.78 -10.59
CA GLU L 77 -14.12 36.73 -10.04
C GLU L 77 -13.37 35.96 -11.10
N ASP L 78 -14.07 35.57 -12.18
CA ASP L 78 -13.45 34.80 -13.25
C ASP L 78 -12.50 35.64 -14.10
N THR L 79 -12.97 36.78 -14.60
CA THR L 79 -12.15 37.64 -15.46
C THR L 79 -10.86 38.11 -14.77
N ILE L 80 -10.89 38.30 -13.46
CA ILE L 80 -9.67 38.57 -12.69
C ILE L 80 -8.78 37.32 -12.68
N LYS L 81 -9.41 36.15 -12.51
CA LYS L 81 -8.69 34.87 -12.51
C LYS L 81 -8.01 34.57 -13.85
N ILE L 82 -8.63 34.98 -14.96
CA ILE L 82 -8.07 34.71 -16.29
C ILE L 82 -6.90 35.65 -16.62
N LEU L 83 -6.97 36.88 -16.11
CA LEU L 83 -5.87 37.85 -16.28
C LEU L 83 -4.64 37.44 -15.46
N ARG L 84 -4.86 36.97 -14.23
CA ARG L 84 -3.76 36.53 -13.36
C ARG L 84 -3.11 35.24 -13.87
N ASP L 85 -3.93 34.31 -14.38
CA ASP L 85 -3.43 33.06 -14.97
C ASP L 85 -2.65 33.31 -16.26
N ALA L 86 -3.03 34.35 -17.00
CA ALA L 86 -2.31 34.75 -18.21
C ALA L 86 -0.92 35.30 -17.86
N GLY L 87 -0.81 35.96 -16.72
CA GLY L 87 0.47 36.52 -16.25
C GLY L 87 0.44 38.04 -16.28
N TYR L 88 -0.52 38.62 -15.57
CA TYR L 88 -0.69 40.07 -15.51
C TYR L 88 -1.08 40.52 -14.11
N HIS L 89 -0.40 41.55 -13.60
CA HIS L 89 -0.81 42.22 -12.36
C HIS L 89 -1.99 43.12 -12.65
N VAL L 90 -3.15 42.79 -12.08
CA VAL L 90 -4.39 43.51 -12.38
C VAL L 90 -4.89 44.33 -11.19
N LYS L 91 -5.16 45.61 -11.48
CA LYS L 91 -5.77 46.53 -10.54
C LYS L 91 -7.26 46.60 -10.86
N ALA L 92 -8.04 45.74 -10.21
CA ALA L 92 -9.45 45.55 -10.56
C ALA L 92 -10.33 46.74 -10.17
N ASN L 93 -10.94 47.36 -11.18
CA ASN L 93 -11.93 48.42 -10.97
C ASN L 93 -13.32 47.83 -11.11
N GLY L 94 -14.16 48.06 -10.10
CA GLY L 94 -15.55 47.58 -10.14
C GLY L 94 -16.37 48.33 -11.18
N VAL L 95 -17.49 47.75 -11.60
CA VAL L 95 -18.39 48.37 -12.58
C VAL L 95 -19.85 48.15 -12.18
N ASP L 96 -20.58 49.26 -12.04
CA ASP L 96 -21.99 49.26 -11.60
C ASP L 96 -22.67 50.55 -12.08
N VAL L 97 -23.90 50.78 -11.62
CA VAL L 97 -24.75 51.83 -12.19
C VAL L 97 -24.94 53.01 -11.23
N THR L 98 -24.69 54.22 -11.72
CA THR L 98 -24.99 55.46 -11.01
C THR L 98 -25.75 56.42 -11.93
N THR L 99 -26.65 57.20 -11.35
CA THR L 99 -27.47 58.14 -12.11
C THR L 99 -26.78 59.50 -12.21
N HIS L 100 -26.44 59.90 -13.43
CA HIS L 100 -25.76 61.17 -13.69
C HIS L 100 -26.75 62.21 -14.23
N ARG L 101 -26.76 63.38 -13.61
CA ARG L 101 -27.65 64.48 -14.02
C ARG L 101 -26.86 65.56 -14.76
N GLN L 102 -27.25 65.81 -16.01
CA GLN L 102 -26.60 66.83 -16.85
C GLN L 102 -27.65 67.52 -17.71
N ASP L 103 -27.49 68.83 -17.90
CA ASP L 103 -28.45 69.64 -18.64
C ASP L 103 -28.06 69.82 -20.11
N ILE L 104 -28.52 68.89 -20.95
CA ILE L 104 -28.30 68.95 -22.39
C ILE L 104 -29.37 69.83 -23.02
N ASN L 105 -28.94 70.82 -23.81
CA ASN L 105 -29.84 71.76 -24.48
C ASN L 105 -30.75 72.53 -23.52
N GLY L 106 -30.23 72.87 -22.34
CA GLY L 106 -30.98 73.62 -21.33
C GLY L 106 -31.74 72.74 -20.34
N LYS L 107 -32.45 71.75 -20.87
CA LYS L 107 -33.29 70.87 -20.05
C LYS L 107 -32.43 69.86 -19.28
N GLU L 108 -32.65 69.75 -17.98
CA GLU L 108 -31.91 68.83 -17.12
C GLU L 108 -32.35 67.39 -17.39
N MET L 109 -31.40 66.52 -17.72
CA MET L 109 -31.70 65.13 -18.08
C MET L 109 -30.94 64.14 -17.21
N LYS L 110 -31.56 63.00 -16.94
CA LYS L 110 -30.95 61.91 -16.17
C LYS L 110 -30.37 60.85 -17.10
N PHE L 111 -29.27 60.24 -16.68
CA PHE L 111 -28.61 59.17 -17.45
C PHE L 111 -28.04 58.10 -16.53
N GLU L 112 -28.39 56.85 -16.79
CA GLU L 112 -27.80 55.71 -16.09
C GLU L 112 -26.46 55.38 -16.76
N VAL L 113 -25.37 55.63 -16.03
CA VAL L 113 -24.02 55.45 -16.57
C VAL L 113 -23.19 54.49 -15.72
N LEU L 114 -22.32 53.73 -16.37
CA LEU L 114 -21.34 52.88 -15.68
C LEU L 114 -20.13 53.73 -15.34
N THR L 115 -19.73 53.71 -14.07
CA THR L 115 -18.58 54.49 -13.63
C THR L 115 -17.28 53.73 -13.94
N LEU L 116 -16.93 53.73 -15.23
CA LEU L 116 -15.76 53.01 -15.74
C LEU L 116 -14.53 53.90 -15.75
N ALA L 117 -13.36 53.28 -15.65
CA ALA L 117 -12.08 53.98 -15.74
C ALA L 117 -11.70 54.22 -17.20
N SER L 118 -11.81 53.17 -18.02
CA SER L 118 -11.47 53.24 -19.44
C SER L 118 -12.46 54.07 -20.25
N LEU L 119 -13.72 54.07 -19.83
CA LEU L 119 -14.78 54.80 -20.53
C LEU L 119 -15.31 55.94 -19.65
N THR L 120 -15.27 57.15 -20.18
CA THR L 120 -15.69 58.35 -19.43
C THR L 120 -17.22 58.44 -19.40
N THR L 121 -17.75 59.04 -18.34
CA THR L 121 -19.19 59.27 -18.22
C THR L 121 -19.70 60.32 -19.21
N GLU L 122 -18.80 61.14 -19.73
CA GLU L 122 -19.14 62.19 -20.69
C GLU L 122 -19.43 61.59 -22.07
N ILE L 123 -18.71 60.52 -22.43
CA ILE L 123 -18.88 59.87 -23.73
C ILE L 123 -20.01 58.82 -23.69
N GLN L 124 -20.27 58.28 -22.50
CA GLN L 124 -21.36 57.31 -22.30
C GLN L 124 -22.73 57.92 -22.56
N ILE L 125 -22.95 59.13 -22.07
CA ILE L 125 -24.22 59.84 -22.28
C ILE L 125 -24.41 60.21 -23.75
N ASN L 126 -23.31 60.46 -24.47
CA ASN L 126 -23.37 60.79 -25.90
C ASN L 126 -23.77 59.59 -26.76
N ILE L 127 -23.44 58.38 -26.30
CA ILE L 127 -23.90 57.16 -26.95
C ILE L 127 -25.40 57.01 -26.79
N GLU L 128 -25.91 57.34 -25.60
CA GLU L 128 -27.34 57.29 -25.32
C GLU L 128 -28.10 58.44 -25.99
N ILE L 129 -27.47 59.62 -26.06
CA ILE L 129 -28.08 60.79 -26.70
C ILE L 129 -28.26 60.55 -28.20
N GLU L 130 -27.21 60.07 -28.88
CA GLU L 130 -27.27 59.82 -30.32
C GLU L 130 -28.19 58.64 -30.67
N SER L 131 -28.36 57.70 -29.74
CA SER L 131 -29.25 56.57 -29.94
C SER L 131 -30.72 56.99 -29.83
N ARG L 132 -31.01 57.92 -28.92
CA ARG L 132 -32.35 58.47 -28.76
C ARG L 132 -32.80 59.25 -30.00
N LYS L 133 -31.85 59.91 -30.66
CA LYS L 133 -32.12 60.60 -31.93
C LYS L 133 -32.52 59.61 -33.01
N SER L 134 -31.74 58.53 -33.12
CA SER L 134 -32.02 57.48 -34.11
C SER L 134 -33.26 56.67 -33.73
N TYR L 135 -33.56 56.57 -32.44
CA TYR L 135 -34.73 55.85 -31.96
C TYR L 135 -36.03 56.56 -32.33
N LYS L 136 -36.07 57.87 -32.11
CA LYS L 136 -37.27 58.66 -32.44
C LYS L 136 -37.47 58.80 -33.96
N LYS L 137 -36.35 58.80 -34.70
CA LYS L 137 -36.40 58.80 -36.17
C LYS L 137 -36.92 57.45 -36.65
N MET L 138 -36.49 56.38 -36.00
CA MET L 138 -36.99 55.03 -36.29
C MET L 138 -38.45 54.90 -35.89
N LEU L 139 -38.82 55.48 -34.75
CA LEU L 139 -40.20 55.46 -34.26
C LEU L 139 -41.13 56.26 -35.17
N LYS L 140 -40.61 57.31 -35.79
CA LYS L 140 -41.38 58.17 -36.70
C LYS L 140 -41.63 57.47 -38.04
N GLU L 141 -40.73 56.59 -38.44
CA GLU L 141 -40.82 55.90 -39.73
C GLU L 141 -41.78 54.70 -39.70
N MET L 142 -41.64 53.84 -38.69
CA MET L 142 -42.44 52.62 -38.61
C MET L 142 -43.53 52.65 -37.52
N GLY L 143 -43.69 53.80 -36.86
CA GLY L 143 -44.71 53.95 -35.82
C GLY L 143 -44.35 53.24 -34.53
N GLU L 144 -44.52 51.92 -34.53
CA GLU L 144 -44.18 51.08 -33.37
C GLU L 144 -42.97 50.22 -33.69
N VAL L 145 -41.90 50.38 -32.91
CA VAL L 145 -40.69 49.58 -33.09
C VAL L 145 -40.85 48.20 -32.44
N ALA L 146 -40.45 47.16 -33.17
CA ALA L 146 -40.59 45.78 -32.69
C ALA L 146 -39.44 45.40 -31.76
N PRO L 147 -39.58 44.28 -31.03
CA PRO L 147 -38.50 43.78 -30.15
C PRO L 147 -37.17 43.50 -30.86
N GLU L 148 -37.23 43.17 -32.16
CA GLU L 148 -36.03 42.85 -32.93
C GLU L 148 -35.18 44.10 -33.21
N TYR L 149 -35.85 45.19 -33.55
CA TYR L 149 -35.16 46.42 -33.97
C TYR L 149 -34.65 47.28 -32.81
N ARG L 150 -35.13 47.02 -31.59
CA ARG L 150 -34.80 47.86 -30.44
C ARG L 150 -33.52 47.45 -29.72
N HIS L 151 -33.02 48.35 -28.88
CA HIS L 151 -31.77 48.15 -28.14
C HIS L 151 -31.89 47.18 -26.94
N ASP L 152 -33.12 46.95 -26.49
CA ASP L 152 -33.36 46.10 -25.30
C ASP L 152 -33.15 44.61 -25.55
N SER L 153 -33.08 44.19 -26.81
CA SER L 153 -32.91 42.78 -27.16
C SER L 153 -31.65 42.19 -26.53
N PRO L 154 -31.73 40.93 -26.06
CA PRO L 154 -30.57 40.28 -25.43
C PRO L 154 -29.44 39.91 -26.41
N ASP L 155 -29.75 39.88 -27.70
CA ASP L 155 -28.75 39.54 -28.73
C ASP L 155 -27.72 40.65 -28.92
N CYS L 156 -28.14 41.91 -28.72
CA CYS L 156 -27.31 43.09 -28.98
C CYS L 156 -25.84 42.95 -28.56
N GLY L 157 -25.62 42.45 -27.34
CA GLY L 157 -24.27 42.29 -26.80
C GLY L 157 -23.45 41.27 -27.56
N MET L 158 -24.07 40.13 -27.89
CA MET L 158 -23.38 39.07 -28.63
C MET L 158 -23.23 39.39 -30.11
N ILE L 159 -24.15 40.20 -30.66
CA ILE L 159 -24.06 40.63 -32.06
C ILE L 159 -22.78 41.43 -32.31
N ILE L 160 -22.39 42.27 -31.35
CA ILE L 160 -21.15 43.02 -31.43
C ILE L 160 -19.93 42.10 -31.25
N LEU L 161 -20.08 41.07 -30.42
CA LEU L 161 -19.01 40.09 -30.22
C LEU L 161 -18.89 39.08 -31.37
N CYS L 162 -19.90 39.02 -32.24
CA CYS L 162 -19.85 38.14 -33.42
C CYS L 162 -18.76 38.57 -34.40
N ILE L 163 -18.68 39.88 -34.68
CA ILE L 163 -17.61 40.41 -35.54
C ILE L 163 -16.27 40.50 -34.80
N ALA L 164 -16.31 40.45 -33.48
CA ALA L 164 -15.09 40.33 -32.68
C ALA L 164 -14.46 38.95 -32.89
N ALA L 165 -15.32 37.93 -33.03
CA ALA L 165 -14.87 36.58 -33.35
C ALA L 165 -14.34 36.48 -34.78
N LEU L 166 -14.87 37.31 -35.67
CA LEU L 166 -14.36 37.40 -37.05
C LEU L 166 -13.00 38.11 -37.08
N VAL L 167 -12.82 39.11 -36.22
CA VAL L 167 -11.53 39.80 -36.08
C VAL L 167 -10.48 38.84 -35.50
N ILE L 168 -10.87 38.07 -34.50
CA ILE L 168 -9.98 37.09 -33.86
C ILE L 168 -9.62 35.95 -34.83
N THR L 169 -10.52 35.68 -35.78
CA THR L 169 -10.31 34.68 -36.82
C THR L 169 -9.15 35.09 -37.76
N LYS L 170 -9.01 36.39 -38.02
CA LYS L 170 -7.97 36.89 -38.92
C LYS L 170 -6.85 37.66 -38.19
N LEU L 171 -6.64 37.35 -36.92
CA LEU L 171 -5.53 37.96 -36.15
C LEU L 171 -4.18 37.30 -36.46
N ALA L 172 -4.21 36.10 -37.03
CA ALA L 172 -2.98 35.35 -37.35
C ALA L 172 -2.04 36.14 -38.26
N ALA L 173 -2.62 36.87 -39.23
CA ALA L 173 -1.84 37.72 -40.12
C ALA L 173 -1.13 38.83 -39.34
N GLY L 174 -1.87 39.49 -38.45
CA GLY L 174 -1.30 40.49 -37.54
C GLY L 174 -0.95 41.80 -38.21
N ASP L 175 -1.81 42.25 -39.12
CA ASP L 175 -1.61 43.55 -39.79
C ASP L 175 -2.91 44.13 -40.40
N ARG L 176 -4.05 43.79 -39.81
CA ARG L 176 -5.36 44.22 -40.30
C ARG L 176 -5.59 43.92 -41.80
N SER L 177 -4.98 42.85 -42.30
CA SER L 177 -5.10 42.48 -43.71
C SER L 177 -6.40 41.71 -43.97
N GLY L 178 -6.89 41.00 -42.96
CA GLY L 178 -8.13 40.24 -43.06
C GLY L 178 -9.40 41.06 -42.97
N LEU L 179 -9.28 42.34 -42.64
CA LEU L 179 -10.43 43.25 -42.50
C LEU L 179 -11.43 43.13 -43.66
N THR L 180 -10.92 42.95 -44.88
CA THR L 180 -11.78 42.76 -46.06
C THR L 180 -12.60 41.48 -45.95
N ALA L 181 -11.97 40.41 -45.48
CA ALA L 181 -12.66 39.13 -45.27
C ALA L 181 -13.57 39.17 -44.06
N VAL L 182 -13.22 39.98 -43.06
CA VAL L 182 -14.06 40.15 -41.85
C VAL L 182 -15.38 40.83 -42.21
N ILE L 183 -15.31 41.85 -43.06
CA ILE L 183 -16.51 42.56 -43.53
C ILE L 183 -17.32 41.67 -44.49
N ARG L 184 -16.61 40.97 -45.37
CA ARG L 184 -17.23 40.06 -46.33
C ARG L 184 -18.06 38.99 -45.64
N ARG L 185 -17.46 38.31 -44.66
CA ARG L 185 -18.16 37.28 -43.89
C ARG L 185 -19.27 37.88 -43.04
N ALA L 186 -19.04 39.07 -42.48
CA ALA L 186 -20.05 39.76 -41.68
C ALA L 186 -21.29 40.16 -42.49
N ASN L 187 -21.19 40.10 -43.82
CA ASN L 187 -22.33 40.29 -44.71
C ASN L 187 -22.99 38.97 -45.12
N ASN L 188 -22.17 37.94 -45.33
CA ASN L 188 -22.67 36.59 -45.62
C ASN L 188 -23.26 35.97 -44.35
N VAL L 189 -22.47 36.02 -43.27
CA VAL L 189 -22.96 35.67 -41.94
C VAL L 189 -23.71 36.91 -41.43
N LEU L 190 -24.52 36.73 -40.39
CA LEU L 190 -25.04 37.86 -39.62
C LEU L 190 -25.89 38.82 -40.47
N LYS L 191 -26.46 38.30 -41.56
CA LYS L 191 -27.19 39.13 -42.53
C LYS L 191 -28.55 39.58 -41.99
N ASN L 192 -29.23 38.70 -41.25
CA ASN L 192 -30.48 39.05 -40.59
C ASN L 192 -30.28 40.10 -39.49
N GLU L 193 -29.12 40.07 -38.84
CA GLU L 193 -28.79 41.01 -37.78
C GLU L 193 -28.57 42.43 -38.31
N MET L 194 -27.97 42.53 -39.50
CA MET L 194 -27.71 43.83 -40.14
C MET L 194 -28.99 44.52 -40.62
N LYS L 195 -30.01 43.74 -40.93
CA LYS L 195 -31.31 44.27 -41.33
C LYS L 195 -31.99 44.98 -40.15
N ARG L 196 -31.94 44.34 -38.99
CA ARG L 196 -32.64 44.84 -37.79
C ARG L 196 -31.86 45.89 -37.00
N TYR L 197 -30.61 46.16 -37.39
CA TYR L 197 -29.79 47.18 -36.73
C TYR L 197 -29.02 48.03 -37.75
N LYS L 198 -29.30 49.33 -37.76
CA LYS L 198 -28.66 50.28 -38.68
C LYS L 198 -27.18 50.45 -38.36
N GLY L 199 -26.84 50.45 -37.06
CA GLY L 199 -25.47 50.65 -36.61
C GLY L 199 -24.62 49.40 -36.52
N LEU L 200 -24.96 48.37 -37.29
CA LEU L 200 -24.12 47.18 -37.42
C LEU L 200 -23.21 47.42 -38.63
N LEU L 201 -22.10 48.11 -38.37
CA LEU L 201 -21.12 48.45 -39.41
C LEU L 201 -19.90 47.55 -39.24
N PRO L 202 -19.75 46.51 -40.10
CA PRO L 202 -18.63 45.57 -39.97
C PRO L 202 -17.26 46.24 -39.99
N LYS L 203 -17.06 47.20 -40.88
CA LYS L 203 -15.77 47.89 -41.02
C LYS L 203 -15.43 48.72 -39.78
N ASP L 204 -16.43 49.45 -39.27
CA ASP L 204 -16.24 50.33 -38.11
C ASP L 204 -16.02 49.55 -36.81
N ILE L 205 -16.77 48.47 -36.63
CA ILE L 205 -16.68 47.67 -35.40
C ILE L 205 -15.44 46.78 -35.40
N ALA L 206 -15.11 46.21 -36.57
CA ALA L 206 -13.92 45.35 -36.69
C ALA L 206 -12.64 46.12 -36.40
N ASN L 207 -12.53 47.33 -36.95
CA ASN L 207 -11.39 48.22 -36.69
C ASN L 207 -11.27 48.60 -35.22
N SER L 208 -12.40 48.67 -34.52
CA SER L 208 -12.43 48.96 -33.09
C SER L 208 -11.84 47.79 -32.30
N PHE L 209 -12.23 46.57 -32.66
CA PHE L 209 -11.69 45.37 -32.03
C PHE L 209 -10.23 45.12 -32.44
N TYR L 210 -9.88 45.45 -33.68
CA TYR L 210 -8.48 45.41 -34.12
C TYR L 210 -7.62 46.37 -33.30
N GLU L 211 -8.18 47.53 -32.98
CA GLU L 211 -7.47 48.55 -32.19
C GLU L 211 -7.28 48.12 -30.74
N VAL L 212 -8.33 47.58 -30.13
CA VAL L 212 -8.30 47.21 -28.70
C VAL L 212 -7.43 45.98 -28.44
N PHE L 213 -7.37 45.05 -29.40
CA PHE L 213 -6.48 43.88 -29.28
C PHE L 213 -5.02 44.26 -29.50
N GLU L 214 -4.78 45.24 -30.39
CA GLU L 214 -3.43 45.75 -30.63
C GLU L 214 -2.91 46.58 -29.45
N LYS L 215 -3.74 47.52 -28.99
CA LYS L 215 -3.38 48.39 -27.87
C LYS L 215 -3.32 47.63 -26.55
N HIS L 216 -4.22 46.66 -26.38
CA HIS L 216 -4.27 45.84 -25.17
C HIS L 216 -4.22 44.35 -25.51
N PRO L 217 -2.99 43.77 -25.56
CA PRO L 217 -2.81 42.35 -25.84
C PRO L 217 -3.42 41.40 -24.79
N HIS L 218 -3.62 41.89 -23.58
CA HIS L 218 -4.26 41.10 -22.53
C HIS L 218 -5.75 40.88 -22.77
N PHE L 219 -6.40 41.81 -23.50
CA PHE L 219 -7.83 41.67 -23.83
C PHE L 219 -8.10 40.60 -24.89
N ILE L 220 -7.10 40.24 -25.68
CA ILE L 220 -7.27 39.18 -26.70
C ILE L 220 -7.27 37.84 -25.97
N ASP L 221 -6.51 37.76 -24.88
CA ASP L 221 -6.50 36.59 -23.99
C ASP L 221 -7.83 36.48 -23.24
N VAL L 222 -8.41 37.63 -22.89
CA VAL L 222 -9.70 37.66 -22.21
C VAL L 222 -10.82 37.21 -23.15
N PHE L 223 -10.76 37.62 -24.40
CA PHE L 223 -11.78 37.27 -25.39
C PHE L 223 -11.73 35.79 -25.78
N VAL L 224 -10.53 35.26 -25.97
CA VAL L 224 -10.34 33.85 -26.33
C VAL L 224 -10.88 32.93 -25.22
N HIS L 225 -10.53 33.23 -23.98
CA HIS L 225 -11.00 32.44 -22.84
C HIS L 225 -12.48 32.69 -22.52
N PHE L 226 -13.01 33.83 -22.96
CA PHE L 226 -14.45 34.07 -22.91
C PHE L 226 -15.15 33.22 -23.96
N GLY L 227 -14.60 33.21 -25.17
CA GLY L 227 -15.16 32.45 -26.29
C GLY L 227 -15.19 30.94 -26.04
N ILE L 228 -14.15 30.44 -25.38
CA ILE L 228 -14.09 29.02 -24.99
C ILE L 228 -15.12 28.75 -23.88
N ALA L 229 -15.24 29.67 -22.94
CA ALA L 229 -16.24 29.58 -21.88
C ALA L 229 -17.66 29.72 -22.42
N GLN L 230 -17.83 30.58 -23.42
CA GLN L 230 -19.11 30.76 -24.11
C GLN L 230 -19.48 29.52 -24.90
N SER L 231 -18.49 28.92 -25.56
CA SER L 231 -18.69 27.71 -26.35
C SER L 231 -18.83 26.44 -25.49
N SER L 232 -18.54 26.55 -24.20
CA SER L 232 -18.68 25.43 -23.27
C SER L 232 -20.09 25.31 -22.69
N THR L 233 -20.98 26.25 -23.01
CA THR L 233 -22.34 26.24 -22.46
C THR L 233 -23.20 25.14 -23.06
N ARG L 234 -24.34 24.88 -22.40
CA ARG L 234 -25.25 23.81 -22.80
C ARG L 234 -26.14 24.23 -23.98
N GLY L 235 -26.51 25.51 -24.01
CA GLY L 235 -27.35 26.04 -25.09
C GLY L 235 -27.84 27.45 -24.79
N GLY L 236 -28.10 28.22 -25.85
CA GLY L 236 -28.53 29.63 -25.71
C GLY L 236 -29.47 30.07 -26.81
N SER L 237 -29.07 31.11 -27.55
CA SER L 237 -29.85 31.62 -28.69
C SER L 237 -29.09 31.38 -30.00
N ARG L 238 -29.75 31.66 -31.12
CA ARG L 238 -29.12 31.45 -32.44
C ARG L 238 -27.94 32.41 -32.67
N VAL L 239 -28.02 33.60 -32.10
CA VAL L 239 -26.94 34.58 -32.19
C VAL L 239 -25.71 34.11 -31.40
N GLU L 240 -25.95 33.40 -30.30
CA GLU L 240 -24.87 32.76 -29.55
C GLU L 240 -24.32 31.56 -30.32
N GLY L 241 -25.19 30.92 -31.12
CA GLY L 241 -24.76 29.89 -32.07
C GLY L 241 -23.90 30.45 -33.18
N ILE L 242 -24.19 31.68 -33.60
CA ILE L 242 -23.36 32.39 -34.60
C ILE L 242 -21.96 32.60 -34.02
N PHE L 243 -21.90 33.19 -32.84
CA PHE L 243 -20.64 33.48 -32.16
C PHE L 243 -19.80 32.22 -31.97
N ALA L 244 -20.44 31.14 -31.51
CA ALA L 244 -19.76 29.87 -31.26
C ALA L 244 -19.15 29.29 -32.54
N GLY L 245 -19.90 29.36 -33.64
CA GLY L 245 -19.43 28.89 -34.94
C GLY L 245 -18.32 29.75 -35.51
N LEU L 246 -18.50 31.07 -35.42
CA LEU L 246 -17.50 32.02 -35.91
C LEU L 246 -16.23 32.02 -35.06
N PHE L 247 -16.37 31.76 -33.76
CA PHE L 247 -15.22 31.67 -32.86
C PHE L 247 -14.37 30.43 -33.13
N MET L 248 -15.04 29.31 -33.41
CA MET L 248 -14.35 28.04 -33.69
C MET L 248 -13.70 27.99 -35.08
N ASN L 249 -14.06 28.93 -35.96
CA ASN L 249 -13.35 29.11 -37.22
C ASN L 249 -11.94 29.65 -37.00
N ALA L 250 -11.75 30.35 -35.89
CA ALA L 250 -10.43 30.86 -35.49
C ALA L 250 -9.49 29.73 -35.05
N TYR L 251 -10.04 28.63 -34.54
CA TYR L 251 -9.24 27.48 -34.13
C TYR L 251 -8.36 27.01 -35.29
N GLY L 252 -7.06 26.88 -35.03
CA GLY L 252 -6.09 26.46 -36.03
C GLY L 252 -5.62 27.59 -36.94
N ALA L 253 -5.87 28.83 -36.55
CA ALA L 253 -5.37 29.99 -37.29
C ALA L 253 -3.87 30.15 -37.03
N GLY L 254 -3.15 30.65 -38.03
CA GLY L 254 -1.71 30.78 -37.95
C GLY L 254 -0.97 29.47 -38.10
N GLN L 255 -1.66 28.44 -38.59
CA GLN L 255 -1.07 27.11 -38.77
C GLN L 255 -1.88 26.30 -39.79
N VAL L 256 -2.11 26.91 -40.94
CA VAL L 256 -2.86 26.27 -42.04
C VAL L 256 -1.99 25.24 -42.77
N MET L 257 -0.69 25.46 -42.81
CA MET L 257 0.26 24.54 -43.44
C MET L 257 0.23 23.17 -42.75
N LEU L 258 -0.13 23.16 -41.46
CA LEU L 258 -0.30 21.94 -40.69
C LEU L 258 -1.48 21.13 -41.22
N ARG L 259 -2.58 21.82 -41.54
CA ARG L 259 -3.79 21.17 -42.05
C ARG L 259 -3.63 20.75 -43.52
N TRP L 260 -2.99 21.61 -44.33
CA TRP L 260 -2.74 21.29 -45.74
C TRP L 260 -1.74 20.15 -45.91
N GLY L 261 -0.88 19.92 -44.90
CA GLY L 261 0.04 18.79 -44.91
C GLY L 261 -0.68 17.45 -44.77
N VAL L 262 -1.76 17.44 -44.01
CA VAL L 262 -2.59 16.24 -43.85
C VAL L 262 -3.42 16.02 -45.13
N LEU L 263 -3.79 17.10 -45.80
CA LEU L 263 -4.53 17.04 -47.06
C LEU L 263 -3.69 16.41 -48.17
N ALA L 264 -2.42 16.83 -48.26
CA ALA L 264 -1.49 16.26 -49.24
C ALA L 264 -1.25 14.78 -48.99
N LYS L 265 -1.23 14.40 -47.71
CA LYS L 265 -1.13 12.99 -47.30
C LYS L 265 -2.42 12.23 -47.61
N SER L 266 -3.56 12.89 -47.45
CA SER L 266 -4.86 12.28 -47.72
C SER L 266 -5.07 12.02 -49.22
N VAL L 267 -4.78 13.03 -50.04
CA VAL L 267 -4.90 12.90 -51.50
C VAL L 267 -3.74 12.13 -52.13
N LYS L 268 -2.70 11.85 -51.34
CA LYS L 268 -1.55 11.04 -51.77
C LYS L 268 -0.76 11.71 -52.90
N ASN L 269 -0.28 12.93 -52.64
CA ASN L 269 0.57 13.63 -53.60
C ASN L 269 1.92 12.93 -53.72
N ILE L 270 2.30 12.57 -54.94
CA ILE L 270 3.48 11.75 -55.20
C ILE L 270 4.81 12.43 -54.83
N MET L 271 4.83 13.76 -54.84
CA MET L 271 6.05 14.51 -54.49
C MET L 271 6.39 14.46 -53.00
N LEU L 272 5.49 13.93 -52.17
CA LEU L 272 5.81 13.60 -50.77
C LEU L 272 6.89 12.53 -50.66
N GLY L 273 6.87 11.58 -51.60
CA GLY L 273 7.86 10.50 -51.63
C GLY L 273 9.22 10.89 -52.19
N HIS L 274 9.35 12.15 -52.63
CA HIS L 274 10.62 12.67 -53.15
C HIS L 274 11.72 12.62 -52.08
N ALA L 275 12.96 12.40 -52.51
CA ALA L 275 14.08 12.12 -51.60
C ALA L 275 14.35 13.22 -50.59
N SER L 276 14.44 14.47 -51.06
CA SER L 276 14.73 15.60 -50.19
C SER L 276 13.57 15.89 -49.22
N VAL L 277 12.35 15.51 -49.62
CA VAL L 277 11.19 15.60 -48.74
C VAL L 277 11.26 14.50 -47.66
N GLN L 278 11.71 13.30 -48.06
CA GLN L 278 11.84 12.17 -47.15
C GLN L 278 12.94 12.35 -46.10
N ALA L 279 13.94 13.18 -46.41
CA ALA L 279 15.00 13.50 -45.45
C ALA L 279 14.46 14.30 -44.27
N GLU L 280 13.44 15.11 -44.51
CA GLU L 280 12.82 15.94 -43.48
C GLU L 280 11.76 15.19 -42.66
N MET L 281 11.27 14.07 -43.18
CA MET L 281 10.15 13.34 -42.59
C MET L 281 10.33 12.94 -41.12
N GLU L 282 11.57 12.72 -40.71
CA GLU L 282 11.86 12.42 -39.30
C GLU L 282 11.48 13.60 -38.40
N GLN L 283 11.79 14.81 -38.86
CA GLN L 283 11.56 16.03 -38.07
C GLN L 283 10.15 16.61 -38.21
N VAL L 284 9.50 16.38 -39.36
CA VAL L 284 8.13 16.90 -39.56
C VAL L 284 7.11 16.10 -38.73
N VAL L 285 7.42 14.83 -38.49
CA VAL L 285 6.59 13.97 -37.63
C VAL L 285 6.65 14.46 -36.17
N GLU L 286 7.81 14.96 -35.76
CA GLU L 286 7.99 15.47 -34.39
C GLU L 286 7.06 16.64 -34.07
N VAL L 287 6.87 17.54 -35.04
CA VAL L 287 5.98 18.70 -34.86
C VAL L 287 4.50 18.29 -34.96
N TYR L 288 4.19 17.34 -35.83
CA TYR L 288 2.83 16.79 -35.92
C TYR L 288 2.45 16.01 -34.66
N GLU L 289 3.40 15.24 -34.14
CA GLU L 289 3.21 14.55 -32.86
C GLU L 289 3.13 15.54 -31.69
N TYR L 290 3.88 16.64 -31.81
CA TYR L 290 3.81 17.73 -30.82
C TYR L 290 2.47 18.45 -30.89
N ALA L 291 1.93 18.61 -32.10
CA ALA L 291 0.60 19.20 -32.29
C ALA L 291 -0.48 18.27 -31.73
N GLN L 292 -0.29 16.96 -31.91
CA GLN L 292 -1.19 15.96 -31.34
C GLN L 292 -1.10 15.91 -29.81
N LYS L 293 0.09 16.19 -29.28
CA LYS L 293 0.33 16.20 -27.83
C LYS L 293 -0.43 17.35 -27.16
N LEU L 294 -0.30 18.55 -27.70
CA LEU L 294 -0.96 19.74 -27.16
C LEU L 294 -2.48 19.62 -27.26
N GLY L 295 -2.96 19.19 -28.43
CA GLY L 295 -4.39 18.99 -28.65
C GLY L 295 -5.13 20.29 -28.88
N GLY L 296 -6.17 20.53 -28.09
CA GLY L 296 -6.99 21.74 -28.20
C GLY L 296 -6.26 23.01 -27.79
N GLU L 297 -5.25 22.87 -26.93
CA GLU L 297 -4.45 24.00 -26.45
C GLU L 297 -3.74 24.73 -27.60
N ALA L 298 -3.31 23.98 -28.61
CA ALA L 298 -2.56 24.53 -29.74
C ALA L 298 -3.42 25.31 -30.75
N GLY L 299 -4.74 25.30 -30.58
CA GLY L 299 -5.65 25.98 -31.51
C GLY L 299 -5.46 27.48 -31.57
N PHE L 300 -5.33 28.11 -30.40
CA PHE L 300 -5.18 29.56 -30.30
C PHE L 300 -3.75 29.96 -29.91
N TYR L 301 -2.77 29.22 -30.43
CA TYR L 301 -1.36 29.49 -30.15
C TYR L 301 -0.80 30.66 -30.96
N HIS L 302 -1.44 30.99 -32.08
CA HIS L 302 -1.02 32.13 -32.90
C HIS L 302 -1.93 33.35 -32.70
N ILE L 303 -3.21 33.11 -32.39
CA ILE L 303 -4.15 34.17 -32.06
C ILE L 303 -3.67 34.87 -30.79
N LEU L 304 -3.55 34.09 -29.72
CA LEU L 304 -2.75 34.51 -28.57
C LEU L 304 -1.32 34.31 -29.03
N ASN L 305 -0.49 35.37 -29.01
CA ASN L 305 0.89 35.22 -29.48
C ASN L 305 1.73 34.40 -28.50
N ASN L 306 1.49 33.09 -28.53
CA ASN L 306 2.13 32.15 -27.62
C ASN L 306 3.59 31.92 -28.06
N PRO L 307 4.54 31.97 -27.10
CA PRO L 307 5.94 31.64 -27.39
C PRO L 307 6.16 30.31 -28.10
N LYS L 308 5.33 29.32 -27.76
CA LYS L 308 5.44 27.97 -28.32
C LYS L 308 4.73 27.80 -29.68
N ALA L 309 4.25 28.91 -30.25
CA ALA L 309 3.61 28.89 -31.57
C ALA L 309 4.62 28.64 -32.69
N SER L 310 5.86 29.09 -32.49
CA SER L 310 6.93 28.89 -33.48
C SER L 310 7.33 27.43 -33.63
N LEU L 311 7.08 26.62 -32.60
CA LEU L 311 7.40 25.19 -32.62
C LEU L 311 6.50 24.40 -33.57
N LEU L 312 5.29 24.91 -33.83
CA LEU L 312 4.34 24.26 -34.74
C LEU L 312 4.61 24.55 -36.22
N SER L 313 5.63 25.36 -36.51
CA SER L 313 5.94 25.76 -37.87
C SER L 313 6.53 24.63 -38.71
N LEU L 314 6.00 24.46 -39.92
CA LEU L 314 6.55 23.54 -40.91
C LEU L 314 7.45 24.27 -41.91
N THR L 315 7.45 25.60 -41.84
CA THR L 315 8.26 26.44 -42.73
C THR L 315 9.77 26.18 -42.60
N GLN L 316 10.19 25.75 -41.43
CA GLN L 316 11.58 25.31 -41.20
C GLN L 316 12.00 24.16 -42.11
N PHE L 317 11.03 23.42 -42.65
CA PHE L 317 11.28 22.35 -43.61
C PHE L 317 10.94 22.83 -45.03
N PRO L 318 11.96 23.27 -45.80
CA PRO L 318 11.72 23.85 -47.13
C PRO L 318 11.03 22.92 -48.13
N HIS L 319 11.46 21.67 -48.19
CA HIS L 319 11.00 20.73 -49.21
C HIS L 319 9.57 20.25 -48.95
N PHE L 320 9.29 19.86 -47.71
CA PHE L 320 7.95 19.41 -47.32
C PHE L 320 6.93 20.53 -47.43
N SER L 321 7.32 21.75 -47.06
CA SER L 321 6.45 22.92 -47.17
C SER L 321 6.08 23.21 -48.62
N SER L 322 7.03 23.03 -49.53
CA SER L 322 6.82 23.32 -50.95
C SER L 322 5.79 22.39 -51.60
N VAL L 323 5.94 21.09 -51.38
CA VAL L 323 5.00 20.09 -51.91
C VAL L 323 3.60 20.26 -51.31
N VAL L 324 3.53 20.60 -50.02
CA VAL L 324 2.27 20.85 -49.34
C VAL L 324 1.59 22.13 -49.86
N LEU L 325 2.40 23.17 -50.08
CA LEU L 325 1.89 24.44 -50.60
C LEU L 325 1.56 24.32 -52.09
N GLY L 326 2.27 23.44 -52.78
CA GLY L 326 1.98 23.11 -54.19
C GLY L 326 0.70 22.31 -54.34
N ASN L 327 0.51 21.32 -53.46
CA ASN L 327 -0.72 20.52 -53.45
C ASN L 327 -1.96 21.38 -53.26
N ALA L 328 -1.86 22.37 -52.37
CA ALA L 328 -2.96 23.31 -52.12
C ALA L 328 -3.23 24.20 -53.34
N ALA L 329 -2.17 24.56 -54.07
CA ALA L 329 -2.29 25.37 -55.28
C ALA L 329 -2.94 24.59 -56.43
N GLY L 330 -2.56 23.33 -56.57
CA GLY L 330 -3.10 22.47 -57.62
C GLY L 330 -4.57 22.10 -57.39
N LEU L 331 -4.92 21.83 -56.14
CA LEU L 331 -6.33 21.61 -55.75
C LEU L 331 -7.15 22.90 -55.83
N GLY L 332 -6.48 24.05 -55.83
CA GLY L 332 -7.14 25.34 -56.00
C GLY L 332 -7.87 25.79 -54.76
N ILE L 333 -7.22 25.65 -53.61
CA ILE L 333 -7.79 26.04 -52.32
C ILE L 333 -7.12 27.29 -51.73
N MET L 334 -5.85 27.51 -52.04
CA MET L 334 -5.14 28.72 -51.60
C MET L 334 -5.44 29.90 -52.53
N GLY L 335 -4.89 31.07 -52.19
CA GLY L 335 -5.10 32.29 -52.96
C GLY L 335 -6.15 33.19 -52.32
N GLU L 336 -5.79 34.40 -51.88
CA GLU L 336 -4.46 34.98 -52.00
C GLU L 336 -3.68 34.76 -50.70
N TYR L 337 -3.04 33.59 -50.60
CA TYR L 337 -2.26 33.22 -49.43
C TYR L 337 -0.81 33.66 -49.66
N ARG L 338 -0.29 34.47 -48.73
CA ARG L 338 1.02 35.12 -48.92
C ARG L 338 2.21 34.26 -48.46
N GLY L 339 2.06 32.94 -48.55
CA GLY L 339 3.15 32.01 -48.26
C GLY L 339 3.89 31.65 -49.54
N THR L 340 5.21 31.79 -49.52
CA THR L 340 6.04 31.53 -50.69
C THR L 340 6.84 30.23 -50.49
N PRO L 341 6.84 29.34 -51.49
CA PRO L 341 7.60 28.09 -51.37
C PRO L 341 9.10 28.32 -51.51
N ARG L 342 9.88 27.74 -50.59
CA ARG L 342 11.34 27.86 -50.64
C ARG L 342 11.92 27.10 -51.83
N ASN L 343 11.41 25.90 -52.08
CA ASN L 343 11.78 25.12 -53.26
C ASN L 343 10.70 25.27 -54.34
N GLN L 344 11.06 25.93 -55.43
CA GLN L 344 10.10 26.23 -56.51
C GLN L 344 9.84 25.00 -57.40
N ASP L 345 10.86 24.17 -57.59
CA ASP L 345 10.74 22.99 -58.45
C ASP L 345 9.81 21.93 -57.85
N LEU L 346 9.92 21.74 -56.53
CA LEU L 346 9.02 20.82 -55.81
C LEU L 346 7.59 21.35 -55.76
N TYR L 347 7.45 22.67 -55.68
CA TYR L 347 6.13 23.31 -55.68
C TYR L 347 5.41 23.12 -57.01
N ASP L 348 6.11 23.35 -58.11
CA ASP L 348 5.54 23.21 -59.46
C ASP L 348 5.20 21.75 -59.79
N ALA L 349 6.04 20.82 -59.34
CA ALA L 349 5.80 19.40 -59.56
C ALA L 349 4.60 18.90 -58.76
N ALA L 350 4.46 19.40 -57.53
CA ALA L 350 3.32 19.06 -56.67
C ALA L 350 2.03 19.68 -57.20
N LYS L 351 2.13 20.92 -57.67
CA LYS L 351 0.98 21.63 -58.25
C LYS L 351 0.49 20.92 -59.51
N ALA L 352 1.43 20.44 -60.32
CA ALA L 352 1.09 19.75 -61.57
C ALA L 352 0.30 18.46 -61.33
N TYR L 353 0.72 17.68 -60.34
CA TYR L 353 0.03 16.42 -60.01
C TYR L 353 -1.29 16.68 -59.28
N ALA L 354 -1.30 17.67 -58.39
CA ALA L 354 -2.50 18.05 -57.66
C ALA L 354 -3.63 18.49 -58.60
N GLU L 355 -3.26 19.11 -59.72
CA GLU L 355 -4.21 19.43 -60.78
C GLU L 355 -4.71 18.16 -61.45
N GLN L 356 -3.80 17.21 -61.68
CA GLN L 356 -4.15 15.90 -62.26
C GLN L 356 -5.04 15.06 -61.33
N LEU L 357 -4.89 15.26 -60.02
CA LEU L 357 -5.70 14.53 -59.02
C LEU L 357 -7.15 14.97 -59.01
N LYS L 358 -7.37 16.27 -58.88
CA LYS L 358 -8.73 16.84 -58.86
C LYS L 358 -9.44 16.71 -60.19
N GLU L 359 -8.67 16.41 -61.24
CA GLU L 359 -9.17 16.36 -62.60
C GLU L 359 -10.25 15.28 -62.70
N ASN L 360 -11.41 15.67 -63.21
CA ASN L 360 -12.45 14.70 -63.58
C ASN L 360 -13.21 14.11 -62.37
N GLY L 361 -13.96 13.02 -62.57
CA GLY L 361 -14.89 12.48 -61.57
C GLY L 361 -15.68 11.25 -62.01
N VAL L 362 -15.02 10.09 -62.04
CA VAL L 362 -15.69 8.80 -62.34
C VAL L 362 -16.35 8.26 -61.07
N ILE L 363 -17.38 7.43 -61.24
CA ILE L 363 -18.04 6.75 -60.13
C ILE L 363 -17.26 5.49 -59.73
N ASN L 364 -16.94 5.37 -58.44
CA ASN L 364 -16.31 4.17 -57.90
C ASN L 364 -17.36 3.23 -57.30
N TYR L 365 -17.62 2.13 -57.98
CA TYR L 365 -18.70 1.21 -57.59
C TYR L 365 -18.29 0.20 -56.50
N SER L 366 -16.98 0.08 -56.25
CA SER L 366 -16.47 -0.81 -55.21
C SER L 366 -16.70 -0.26 -53.80
N VAL L 367 -16.94 1.05 -53.70
CA VAL L 367 -17.18 1.70 -52.41
C VAL L 367 -18.55 1.33 -51.86
N LEU L 368 -19.56 1.30 -52.72
CA LEU L 368 -20.93 0.95 -52.32
C LEU L 368 -21.03 -0.54 -52.03
N ASP L 369 -21.99 -0.91 -51.19
CA ASP L 369 -22.21 -2.31 -50.83
C ASP L 369 -23.22 -2.95 -51.79
N LEU L 370 -22.90 -2.90 -53.09
CA LEU L 370 -23.77 -3.43 -54.13
C LEU L 370 -23.65 -4.95 -54.20
N THR L 371 -24.78 -5.63 -54.32
CA THR L 371 -24.83 -7.09 -54.37
C THR L 371 -24.95 -7.56 -55.81
N ALA M 2 33.79 -11.72 -11.72
CA ALA M 2 33.46 -11.63 -13.18
C ALA M 2 34.11 -10.41 -13.82
N LEU M 3 34.29 -10.47 -15.14
CA LEU M 3 34.89 -9.36 -15.88
C LEU M 3 33.84 -8.31 -16.27
N SER M 4 32.56 -8.61 -16.02
CA SER M 4 31.48 -7.65 -16.23
C SER M 4 31.46 -6.58 -15.14
N LYS M 5 31.95 -6.92 -13.95
CA LYS M 5 31.91 -6.01 -12.80
C LYS M 5 32.98 -4.92 -12.85
N VAL M 6 34.12 -5.22 -13.47
CA VAL M 6 35.21 -4.23 -13.60
C VAL M 6 34.75 -3.06 -14.49
N LYS M 7 34.19 -2.04 -13.84
CA LYS M 7 33.65 -0.86 -14.52
C LYS M 7 33.71 0.34 -13.58
N LEU M 8 33.56 1.54 -14.13
CA LEU M 8 33.58 2.76 -13.33
C LEU M 8 32.90 3.91 -14.07
N ASN M 9 31.71 4.29 -13.61
CA ASN M 9 30.94 5.38 -14.22
C ASN M 9 31.47 6.72 -13.74
N ASP M 10 32.52 7.21 -14.41
CA ASP M 10 33.15 8.48 -14.03
C ASP M 10 32.24 9.68 -14.31
N THR M 11 31.50 9.63 -15.42
CA THR M 11 30.60 10.72 -15.81
C THR M 11 29.52 10.98 -14.77
N LEU M 12 28.94 9.91 -14.23
CA LEU M 12 27.90 10.00 -13.21
C LEU M 12 28.47 10.38 -11.84
N ASN M 13 29.67 9.88 -11.54
CA ASN M 13 30.33 10.18 -10.27
C ASN M 13 30.86 11.61 -10.19
N LYS M 14 31.35 12.14 -11.31
CA LYS M 14 31.77 13.54 -11.39
C LYS M 14 30.60 14.48 -11.13
N ASP M 15 29.44 14.14 -11.69
CA ASP M 15 28.20 14.90 -11.46
C ASP M 15 27.77 14.80 -9.99
N GLN M 16 27.89 13.61 -9.42
CA GLN M 16 27.55 13.37 -8.01
C GLN M 16 28.44 14.18 -7.06
N LEU M 17 29.70 14.36 -7.44
CA LEU M 17 30.63 15.16 -6.64
C LEU M 17 30.22 16.63 -6.61
N LEU M 18 29.93 17.19 -7.78
CA LEU M 18 29.57 18.61 -7.91
C LEU M 18 28.17 18.91 -7.39
N SER M 19 27.25 17.95 -7.55
CA SER M 19 25.87 18.11 -7.09
C SER M 19 25.78 18.10 -5.56
N SER M 20 26.68 17.37 -4.90
CA SER M 20 26.68 17.24 -3.44
C SER M 20 27.84 18.01 -2.81
N SER M 21 27.99 19.28 -3.20
CA SER M 21 29.02 20.14 -2.63
C SER M 21 28.55 20.69 -1.29
N LYS M 22 29.39 20.59 -0.27
CA LYS M 22 29.05 21.05 1.08
C LYS M 22 29.16 22.57 1.17
N TYR M 23 30.07 23.14 0.37
CA TYR M 23 30.40 24.56 0.45
C TYR M 23 30.07 25.27 -0.86
N THR M 24 29.96 26.60 -0.81
CA THR M 24 29.57 27.40 -1.96
C THR M 24 30.44 28.63 -2.12
N ILE M 25 30.74 28.98 -3.37
CA ILE M 25 31.42 30.23 -3.70
C ILE M 25 30.39 31.27 -4.16
N GLN M 26 30.64 32.53 -3.82
CA GLN M 26 29.75 33.62 -4.20
C GLN M 26 30.57 34.77 -4.79
N ARG M 27 30.39 34.98 -6.09
CA ARG M 27 31.24 35.87 -6.86
C ARG M 27 30.86 37.34 -6.65
N SER M 28 31.86 38.22 -6.75
CA SER M 28 31.66 39.65 -6.51
C SER M 28 30.79 40.26 -7.59
N THR M 29 29.50 40.38 -7.30
CA THR M 29 28.54 41.02 -8.20
C THR M 29 28.85 42.52 -8.27
N GLY M 30 29.38 43.06 -7.17
CA GLY M 30 29.85 44.45 -7.13
C GLY M 30 29.37 45.16 -5.89
N ASP M 31 29.22 46.49 -6.00
CA ASP M 31 28.73 47.31 -4.89
C ASP M 31 27.20 47.32 -4.82
N SER M 32 26.55 47.39 -5.98
CA SER M 32 25.09 47.41 -6.04
C SER M 32 24.54 47.02 -7.41
N ILE M 33 23.32 46.47 -7.42
CA ILE M 33 22.58 46.17 -8.63
C ILE M 33 21.20 46.81 -8.55
N ASP M 34 20.77 47.41 -9.67
CA ASP M 34 19.43 47.99 -9.76
C ASP M 34 18.41 46.90 -10.01
N THR M 35 17.46 46.75 -9.08
CA THR M 35 16.41 45.75 -9.19
C THR M 35 15.04 46.42 -9.32
N PRO M 36 14.67 46.82 -10.55
CA PRO M 36 13.40 47.50 -10.77
C PRO M 36 12.20 46.55 -10.63
N ASN M 37 11.08 47.09 -10.15
CA ASN M 37 9.84 46.32 -9.99
C ASN M 37 8.89 46.60 -11.16
N TYR M 38 7.65 46.15 -11.03
CA TYR M 38 6.67 46.24 -12.13
C TYR M 38 6.18 47.67 -12.35
N ASP M 39 6.24 48.51 -11.30
CA ASP M 39 5.78 49.89 -11.39
C ASP M 39 6.64 50.77 -12.31
N VAL M 40 7.92 50.42 -12.44
CA VAL M 40 8.86 51.16 -13.29
C VAL M 40 8.92 50.62 -14.71
N GLN M 41 8.56 49.35 -14.88
CA GLN M 41 8.59 48.70 -16.21
C GLN M 41 8.08 49.60 -17.33
N LYS M 42 7.01 50.34 -17.07
CA LYS M 42 6.39 51.20 -18.08
C LYS M 42 7.25 52.43 -18.38
N HIS M 43 8.02 52.90 -17.40
CA HIS M 43 8.95 54.01 -17.58
C HIS M 43 10.18 53.59 -18.40
N ILE M 44 10.65 52.37 -18.18
CA ILE M 44 11.82 51.85 -18.91
C ILE M 44 11.45 51.58 -20.37
N ASN M 45 10.23 51.10 -20.60
CA ASN M 45 9.70 50.92 -21.96
C ASN M 45 9.68 52.25 -22.72
N LYS M 46 9.35 53.33 -22.02
CA LYS M 46 9.39 54.68 -22.58
C LYS M 46 10.83 55.09 -22.89
N LEU M 47 11.74 54.79 -21.96
CA LEU M 47 13.17 55.06 -22.14
C LEU M 47 13.75 54.25 -23.31
N CYS M 48 13.30 53.01 -23.45
CA CYS M 48 13.68 52.16 -24.58
C CYS M 48 13.15 52.73 -25.89
N GLY M 49 11.93 53.28 -25.85
CA GLY M 49 11.32 53.91 -27.02
C GLY M 49 12.05 55.17 -27.46
N MET M 50 12.51 55.97 -26.49
CA MET M 50 13.26 57.19 -26.77
C MET M 50 14.53 56.92 -27.58
N LEU M 51 15.26 55.86 -27.21
CA LEU M 51 16.45 55.43 -27.94
C LEU M 51 16.11 54.96 -29.36
N LEU M 52 14.95 54.33 -29.51
CA LEU M 52 14.52 53.79 -30.80
C LEU M 52 14.08 54.87 -31.78
N ILE M 53 13.43 55.92 -31.29
CA ILE M 53 12.99 57.03 -32.18
C ILE M 53 14.12 58.00 -32.52
N THR M 54 15.20 57.98 -31.72
CA THR M 54 16.34 58.87 -31.94
C THR M 54 17.15 58.44 -33.16
N GLU M 55 17.30 59.34 -34.12
CA GLU M 55 18.09 59.07 -35.32
C GLU M 55 19.58 59.12 -34.98
N ASP M 56 20.30 58.07 -35.34
CA ASP M 56 21.73 57.92 -34.99
C ASP M 56 21.93 58.04 -33.49
N ALA M 57 21.24 57.17 -32.74
CA ALA M 57 21.24 57.23 -31.28
C ALA M 57 22.52 56.65 -30.68
N ASN M 58 22.86 57.12 -29.48
CA ASN M 58 24.00 56.61 -28.74
C ASN M 58 23.58 55.40 -27.91
N HIS M 59 23.84 54.20 -28.43
CA HIS M 59 23.50 52.96 -27.74
C HIS M 59 24.69 52.48 -26.89
N LYS M 60 25.20 53.36 -26.04
CA LYS M 60 26.26 53.02 -25.10
C LYS M 60 25.68 52.36 -23.85
N PHE M 61 24.45 52.76 -23.50
CA PHE M 61 23.80 52.31 -22.28
C PHE M 61 22.59 51.39 -22.54
N THR M 62 22.32 51.09 -23.82
CA THR M 62 21.13 50.33 -24.20
C THR M 62 21.20 48.86 -23.76
N GLY M 63 22.41 48.32 -23.69
CA GLY M 63 22.63 46.98 -23.15
C GLY M 63 22.25 46.91 -21.68
N LEU M 64 22.61 47.96 -20.94
CA LEU M 64 22.26 48.08 -19.52
C LEU M 64 20.77 48.41 -19.34
N ILE M 65 20.27 49.34 -20.16
CA ILE M 65 18.85 49.72 -20.14
C ILE M 65 17.96 48.53 -20.54
N GLY M 66 18.46 47.70 -21.45
CA GLY M 66 17.76 46.47 -21.84
C GLY M 66 17.61 45.50 -20.69
N MET M 67 18.67 45.32 -19.91
CA MET M 67 18.64 44.47 -18.72
C MET M 67 17.67 44.99 -17.67
N LEU M 68 17.60 46.32 -17.52
CA LEU M 68 16.68 46.95 -16.58
C LEU M 68 15.22 46.67 -16.92
N TYR M 69 14.91 46.62 -18.23
CA TYR M 69 13.55 46.28 -18.67
C TYR M 69 13.23 44.82 -18.43
N ALA M 70 14.23 43.95 -18.66
CA ALA M 70 14.07 42.51 -18.41
C ALA M 70 13.87 42.22 -16.92
N MET M 71 14.60 42.95 -16.07
CA MET M 71 14.47 42.81 -14.62
C MET M 71 13.17 43.42 -14.08
N SER M 72 12.70 44.49 -14.73
CA SER M 72 11.42 45.11 -14.35
C SER M 72 10.23 44.22 -14.71
N ARG M 73 10.36 43.46 -15.80
CA ARG M 73 9.36 42.47 -16.18
C ARG M 73 9.32 41.32 -15.18
N LEU M 74 10.49 40.88 -14.73
CA LEU M 74 10.60 39.84 -13.70
C LEU M 74 10.05 40.33 -12.36
N GLY M 75 10.49 41.53 -11.96
CA GLY M 75 10.08 42.13 -10.69
C GLY M 75 11.13 41.96 -9.62
N ARG M 76 11.24 42.95 -8.74
CA ARG M 76 12.28 43.01 -7.71
C ARG M 76 12.45 41.69 -6.95
N GLU M 77 11.34 41.08 -6.56
CA GLU M 77 11.37 39.82 -5.79
C GLU M 77 11.98 38.67 -6.58
N ASP M 78 11.59 38.54 -7.85
CA ASP M 78 12.08 37.45 -8.70
C ASP M 78 13.54 37.66 -9.11
N THR M 79 13.85 38.83 -9.68
CA THR M 79 15.21 39.11 -10.16
C THR M 79 16.26 39.02 -9.04
N ILE M 80 15.89 39.34 -7.81
CA ILE M 80 16.77 39.11 -6.66
C ILE M 80 16.90 37.60 -6.41
N LYS M 81 15.80 36.88 -6.52
CA LYS M 81 15.78 35.42 -6.35
C LYS M 81 16.64 34.70 -7.40
N ILE M 82 16.68 35.22 -8.63
CA ILE M 82 17.45 34.57 -9.70
C ILE M 82 18.95 34.83 -9.56
N LEU M 83 19.31 36.01 -9.04
CA LEU M 83 20.71 36.34 -8.76
C LEU M 83 21.27 35.50 -7.60
N ARG M 84 20.46 35.33 -6.54
CA ARG M 84 20.88 34.53 -5.39
C ARG M 84 20.97 33.04 -5.71
N ASP M 85 20.03 32.55 -6.52
CA ASP M 85 20.05 31.15 -6.96
C ASP M 85 21.23 30.86 -7.89
N ALA M 86 21.65 31.87 -8.66
CA ALA M 86 22.82 31.76 -9.52
C ALA M 86 24.11 31.63 -8.70
N GLY M 87 24.13 32.31 -7.54
CA GLY M 87 25.29 32.27 -6.64
C GLY M 87 25.99 33.62 -6.59
N TYR M 88 25.24 34.66 -6.24
CA TYR M 88 25.77 36.02 -6.16
C TYR M 88 25.20 36.75 -4.95
N HIS M 89 26.07 37.44 -4.20
CA HIS M 89 25.64 38.33 -3.13
C HIS M 89 25.17 39.65 -3.76
N VAL M 90 23.88 39.94 -3.63
CA VAL M 90 23.29 41.11 -4.28
C VAL M 90 22.87 42.20 -3.29
N LYS M 91 23.37 43.41 -3.57
CA LYS M 91 22.98 44.61 -2.83
C LYS M 91 21.89 45.30 -3.64
N ALA M 92 20.64 44.96 -3.36
CA ALA M 92 19.51 45.40 -4.17
C ALA M 92 19.23 46.89 -4.05
N ASN M 93 19.31 47.60 -5.18
CA ASN M 93 18.95 49.00 -5.27
C ASN M 93 17.57 49.12 -5.91
N GLY M 94 16.66 49.83 -5.25
CA GLY M 94 15.31 50.04 -5.78
C GLY M 94 15.33 50.94 -7.00
N VAL M 95 14.26 50.90 -7.79
CA VAL M 95 14.14 51.74 -8.99
C VAL M 95 12.71 52.28 -9.13
N ASP M 96 12.57 53.60 -9.16
CA ASP M 96 11.28 54.30 -9.24
C ASP M 96 11.49 55.70 -9.83
N VAL M 97 10.42 56.50 -9.87
CA VAL M 97 10.41 57.75 -10.63
C VAL M 97 10.48 58.99 -9.74
N THR M 98 11.42 59.88 -10.04
CA THR M 98 11.52 61.19 -9.40
C THR M 98 11.64 62.27 -10.46
N THR M 99 11.09 63.45 -10.18
CA THR M 99 11.11 64.56 -11.13
C THR M 99 12.34 65.44 -10.91
N HIS M 100 13.22 65.49 -11.92
CA HIS M 100 14.45 66.28 -11.86
C HIS M 100 14.28 67.58 -12.64
N ARG M 101 14.63 68.70 -12.00
CA ARG M 101 14.55 70.02 -12.63
C ARG M 101 15.94 70.54 -13.00
N GLN M 102 16.13 70.80 -14.29
CA GLN M 102 17.41 71.32 -14.80
C GLN M 102 17.15 72.30 -15.93
N ASP M 103 17.96 73.36 -15.98
CA ASP M 103 17.78 74.43 -16.97
C ASP M 103 18.68 74.24 -18.19
N ILE M 104 18.15 73.52 -19.19
CA ILE M 104 18.84 73.31 -20.46
C ILE M 104 18.56 74.50 -21.38
N ASN M 105 19.62 75.09 -21.92
CA ASN M 105 19.54 76.26 -22.81
C ASN M 105 18.83 77.46 -22.17
N GLY M 106 19.05 77.65 -20.86
CA GLY M 106 18.45 78.77 -20.13
C GLY M 106 17.10 78.46 -19.52
N LYS M 107 16.22 77.85 -20.30
CA LYS M 107 14.85 77.55 -19.86
C LYS M 107 14.84 76.35 -18.92
N GLU M 108 14.18 76.52 -17.76
CA GLU M 108 14.09 75.45 -16.76
C GLU M 108 13.13 74.36 -17.23
N MET M 109 13.61 73.12 -17.27
CA MET M 109 12.84 71.98 -17.78
C MET M 109 12.71 70.86 -16.75
N LYS M 110 11.58 70.16 -16.79
CA LYS M 110 11.32 69.02 -15.91
C LYS M 110 11.59 67.71 -16.65
N PHE M 111 12.07 66.71 -15.91
CA PHE M 111 12.37 65.38 -16.48
C PHE M 111 12.05 64.29 -15.48
N GLU M 112 11.24 63.31 -15.90
CA GLU M 112 10.98 62.12 -15.11
C GLU M 112 12.14 61.15 -15.28
N VAL M 113 12.92 60.95 -14.23
CA VAL M 113 14.12 60.11 -14.28
C VAL M 113 14.07 58.98 -13.26
N LEU M 114 14.64 57.83 -13.63
CA LEU M 114 14.80 56.72 -12.69
C LEU M 114 16.08 56.96 -11.90
N THR M 115 15.98 56.85 -10.58
CA THR M 115 17.13 57.08 -9.71
C THR M 115 17.97 55.80 -9.62
N LEU M 116 18.69 55.51 -10.70
CA LEU M 116 19.48 54.30 -10.84
C LEU M 116 20.92 54.52 -10.36
N ALA M 117 21.56 53.44 -9.91
CA ALA M 117 22.97 53.48 -9.51
C ALA M 117 23.87 53.34 -10.73
N SER M 118 23.56 52.37 -11.59
CA SER M 118 24.34 52.10 -12.79
C SER M 118 24.19 53.20 -13.85
N LEU M 119 23.01 53.83 -13.90
CA LEU M 119 22.72 54.87 -14.88
C LEU M 119 22.52 56.22 -14.17
N THR M 120 23.30 57.22 -14.58
CA THR M 120 23.25 58.55 -13.97
C THR M 120 22.02 59.32 -14.45
N THR M 121 21.52 60.22 -13.60
CA THR M 121 20.40 61.10 -13.96
C THR M 121 20.80 62.14 -15.02
N GLU M 122 22.10 62.39 -15.15
CA GLU M 122 22.62 63.36 -16.12
C GLU M 122 22.56 62.80 -17.54
N ILE M 123 22.77 61.49 -17.69
CA ILE M 123 22.74 60.85 -19.00
C ILE M 123 21.32 60.42 -19.39
N GLN M 124 20.45 60.22 -18.39
CA GLN M 124 19.05 59.88 -18.63
C GLN M 124 18.29 61.01 -19.31
N ILE M 125 18.52 62.24 -18.86
CA ILE M 125 17.89 63.41 -19.46
C ILE M 125 18.37 63.65 -20.89
N ASN M 126 19.64 63.31 -21.17
CA ASN M 126 20.20 63.45 -22.50
C ASN M 126 19.60 62.47 -23.52
N ILE M 127 19.15 61.32 -23.04
CA ILE M 127 18.42 60.36 -23.88
C ILE M 127 17.06 60.95 -24.25
N GLU M 128 16.40 61.60 -23.29
CA GLU M 128 15.12 62.25 -23.52
C GLU M 128 15.26 63.53 -24.35
N ILE M 129 16.35 64.26 -24.13
CA ILE M 129 16.61 65.51 -24.88
C ILE M 129 16.84 65.22 -26.36
N GLU M 130 17.70 64.23 -26.66
CA GLU M 130 18.00 63.87 -28.05
C GLU M 130 16.81 63.21 -28.77
N SER M 131 15.94 62.56 -27.99
CA SER M 131 14.72 61.95 -28.55
C SER M 131 13.69 63.01 -28.93
N ARG M 132 13.58 64.06 -28.11
CA ARG M 132 12.68 65.18 -28.40
C ARG M 132 13.09 65.92 -29.68
N LYS M 133 14.39 66.01 -29.94
CA LYS M 133 14.90 66.60 -31.18
C LYS M 133 14.47 65.78 -32.38
N SER M 134 14.64 64.46 -32.29
CA SER M 134 14.24 63.54 -33.36
C SER M 134 12.72 63.43 -33.47
N TYR M 135 12.01 63.64 -32.36
CA TYR M 135 10.55 63.58 -32.35
C TYR M 135 9.94 64.76 -33.12
N LYS M 136 10.44 65.97 -32.85
CA LYS M 136 9.93 67.17 -33.53
C LYS M 136 10.34 67.20 -35.00
N LYS M 137 11.49 66.61 -35.32
CA LYS M 137 11.94 66.46 -36.71
C LYS M 137 11.04 65.46 -37.43
N MET M 138 10.67 64.39 -36.72
CA MET M 138 9.73 63.39 -37.25
C MET M 138 8.34 64.00 -37.38
N LEU M 139 7.93 64.80 -36.40
CA LEU M 139 6.63 65.47 -36.41
C LEU M 139 6.54 66.50 -37.54
N LYS M 140 7.67 67.11 -37.88
CA LYS M 140 7.72 68.12 -38.95
C LYS M 140 7.63 67.47 -40.34
N GLU M 141 8.09 66.23 -40.46
CA GLU M 141 8.11 65.52 -41.74
C GLU M 141 6.75 64.91 -42.10
N MET M 142 6.14 64.20 -41.15
CA MET M 142 4.88 63.49 -41.41
C MET M 142 3.66 64.13 -40.74
N GLY M 143 3.84 65.30 -40.13
CA GLY M 143 2.74 66.03 -39.50
C GLY M 143 2.29 65.38 -38.21
N GLU M 144 1.51 64.30 -38.33
CA GLU M 144 1.02 63.54 -37.18
C GLU M 144 1.74 62.19 -37.12
N VAL M 145 2.40 61.92 -35.99
CA VAL M 145 3.08 60.64 -35.80
C VAL M 145 2.11 59.57 -35.32
N ALA M 146 2.19 58.38 -35.92
CA ALA M 146 1.27 57.28 -35.60
C ALA M 146 1.74 56.54 -34.36
N PRO M 147 0.85 55.69 -33.77
CA PRO M 147 1.22 54.86 -32.62
C PRO M 147 2.41 53.91 -32.85
N GLU M 148 2.64 53.51 -34.09
CA GLU M 148 3.73 52.59 -34.44
C GLU M 148 5.10 53.28 -34.34
N TYR M 149 5.17 54.51 -34.83
CA TYR M 149 6.44 55.24 -34.92
C TYR M 149 6.89 55.89 -33.61
N ARG M 150 5.98 56.00 -32.64
CA ARG M 150 6.27 56.74 -31.40
C ARG M 150 6.88 55.87 -30.30
N HIS M 151 7.45 56.53 -29.30
CA HIS M 151 8.13 55.88 -28.18
C HIS M 151 7.19 55.22 -27.16
N ASP M 152 5.92 55.62 -27.16
CA ASP M 152 4.94 55.13 -26.19
C ASP M 152 4.48 53.70 -26.43
N SER M 153 4.79 53.14 -27.60
CA SER M 153 4.37 51.78 -27.95
C SER M 153 4.93 50.75 -26.97
N PRO M 154 4.12 49.72 -26.62
CA PRO M 154 4.56 48.69 -25.67
C PRO M 154 5.64 47.75 -26.22
N ASP M 155 5.79 47.71 -27.54
CA ASP M 155 6.79 46.84 -28.18
C ASP M 155 8.22 47.32 -27.95
N CYS M 156 8.40 48.64 -27.84
CA CYS M 156 9.73 49.27 -27.73
C CYS M 156 10.72 48.53 -26.83
N GLY M 157 10.26 48.13 -25.65
CA GLY M 157 11.12 47.43 -24.69
C GLY M 157 11.57 46.06 -25.18
N MET M 158 10.64 45.31 -25.76
CA MET M 158 10.94 43.97 -26.28
C MET M 158 11.71 44.02 -27.61
N ILE M 159 11.51 45.09 -28.38
CA ILE M 159 12.25 45.28 -29.64
C ILE M 159 13.75 45.37 -29.39
N ILE M 160 14.14 46.05 -28.31
CA ILE M 160 15.54 46.13 -27.92
C ILE M 160 16.05 44.78 -27.39
N LEU M 161 15.18 44.04 -26.71
CA LEU M 161 15.52 42.70 -26.21
C LEU M 161 15.53 41.63 -27.31
N CYS M 162 14.97 41.93 -28.47
CA CYS M 162 14.98 40.99 -29.61
C CYS M 162 16.39 40.77 -30.13
N ILE M 163 17.16 41.85 -30.30
CA ILE M 163 18.56 41.73 -30.71
C ILE M 163 19.48 41.30 -29.57
N ALA M 164 18.99 41.42 -28.32
CA ALA M 164 19.67 40.85 -27.17
C ALA M 164 19.61 39.32 -27.23
N ALA M 165 18.48 38.80 -27.71
CA ALA M 165 18.32 37.36 -27.93
C ALA M 165 19.18 36.86 -29.09
N LEU M 166 19.43 37.74 -30.07
CA LEU M 166 20.33 37.43 -31.17
C LEU M 166 21.80 37.44 -30.70
N VAL M 167 22.13 38.33 -29.78
CA VAL M 167 23.46 38.36 -29.18
C VAL M 167 23.68 37.11 -28.32
N ILE M 168 22.67 36.71 -27.56
CA ILE M 168 22.75 35.52 -26.70
C ILE M 168 22.82 34.25 -27.55
N THR M 169 22.26 34.30 -28.76
CA THR M 169 22.32 33.20 -29.72
C THR M 169 23.76 32.93 -30.19
N LYS M 170 24.56 33.99 -30.31
CA LYS M 170 25.95 33.85 -30.77
C LYS M 170 26.99 34.11 -29.67
N LEU M 171 26.60 33.88 -28.41
CA LEU M 171 27.54 33.99 -27.28
C LEU M 171 28.45 32.77 -27.14
N ALA M 172 28.05 31.64 -27.76
CA ALA M 172 28.81 30.40 -27.69
C ALA M 172 30.25 30.56 -28.18
N ALA M 173 30.44 31.36 -29.23
CA ALA M 173 31.77 31.64 -29.76
C ALA M 173 32.62 32.38 -28.71
N GLY M 174 32.03 33.40 -28.09
CA GLY M 174 32.68 34.12 -27.00
C GLY M 174 33.79 35.06 -27.43
N ASP M 175 33.60 35.74 -28.57
CA ASP M 175 34.58 36.72 -29.05
C ASP M 175 33.97 37.75 -30.02
N ARG M 176 32.69 38.04 -29.88
CA ARG M 176 31.95 38.96 -30.77
C ARG M 176 32.11 38.63 -32.26
N SER M 177 32.30 37.35 -32.58
CA SER M 177 32.48 36.93 -33.98
C SER M 177 31.15 36.82 -34.71
N GLY M 178 30.09 36.52 -33.96
CA GLY M 178 28.75 36.40 -34.53
C GLY M 178 28.05 37.71 -34.83
N LEU M 179 28.65 38.83 -34.40
CA LEU M 179 28.09 40.17 -34.64
C LEU M 179 27.58 40.39 -36.06
N THR M 180 28.31 39.86 -37.04
CA THR M 180 27.91 39.95 -38.45
C THR M 180 26.59 39.20 -38.70
N ALA M 181 26.46 38.02 -38.09
CA ALA M 181 25.23 37.23 -38.21
C ALA M 181 24.08 37.83 -37.38
N VAL M 182 24.43 38.49 -36.28
CA VAL M 182 23.44 39.16 -35.43
C VAL M 182 22.78 40.33 -36.18
N ILE M 183 23.59 41.10 -36.90
CA ILE M 183 23.11 42.22 -37.70
C ILE M 183 22.34 41.70 -38.93
N ARG M 184 22.88 40.65 -39.55
CA ARG M 184 22.26 40.02 -40.72
C ARG M 184 20.84 39.54 -40.41
N ARG M 185 20.70 38.77 -39.34
CA ARG M 185 19.39 38.27 -38.91
C ARG M 185 18.47 39.42 -38.45
N ALA M 186 19.05 40.41 -37.79
CA ALA M 186 18.29 41.59 -37.35
C ALA M 186 17.72 42.41 -38.51
N ASN M 187 18.20 42.15 -39.73
CA ASN M 187 17.64 42.76 -40.95
C ASN M 187 16.62 41.84 -41.62
N ASN M 188 16.88 40.53 -41.59
CA ASN M 188 15.93 39.54 -42.11
C ASN M 188 14.75 39.43 -41.16
N VAL M 189 15.05 39.24 -39.88
CA VAL M 189 14.05 39.30 -38.81
C VAL M 189 13.87 40.77 -38.50
N LEU M 190 12.77 41.10 -37.82
CA LEU M 190 12.62 42.43 -37.22
C LEU M 190 12.64 43.56 -38.25
N LYS M 191 12.29 43.24 -39.50
CA LYS M 191 12.39 44.20 -40.61
C LYS M 191 11.30 45.27 -40.55
N ASN M 192 10.10 44.87 -40.14
CA ASN M 192 9.00 45.83 -39.91
C ASN M 192 9.32 46.79 -38.78
N GLU M 193 10.04 46.30 -37.77
CA GLU M 193 10.40 47.11 -36.60
C GLU M 193 11.42 48.20 -36.94
N MET M 194 12.35 47.88 -37.85
CA MET M 194 13.37 48.84 -38.29
C MET M 194 12.81 49.97 -39.13
N LYS M 195 11.70 49.70 -39.83
CA LYS M 195 11.01 50.73 -40.62
C LYS M 195 10.40 51.80 -39.71
N ARG M 196 9.78 51.35 -38.62
CA ARG M 196 9.03 52.24 -37.71
C ARG M 196 9.90 52.88 -36.63
N TYR M 197 11.19 52.54 -36.57
CA TYR M 197 12.12 53.15 -35.62
C TYR M 197 13.47 53.43 -36.27
N LYS M 198 13.86 54.70 -36.30
CA LYS M 198 15.13 55.13 -36.89
C LYS M 198 16.33 54.65 -36.07
N GLY M 199 16.19 54.64 -34.76
CA GLY M 199 17.26 54.24 -33.84
C GLY M 199 17.35 52.76 -33.53
N LEU M 200 16.82 51.92 -34.43
CA LEU M 200 17.01 50.48 -34.33
C LEU M 200 18.26 50.12 -35.13
N LEU M 201 19.41 50.26 -34.49
CA LEU M 201 20.71 49.98 -35.09
C LEU M 201 21.24 48.66 -34.57
N PRO M 202 21.14 47.58 -35.38
CA PRO M 202 21.59 46.25 -34.92
C PRO M 202 23.04 46.21 -34.43
N LYS M 203 23.95 46.86 -35.16
CA LYS M 203 25.36 46.87 -34.81
C LYS M 203 25.62 47.60 -33.48
N ASP M 204 24.99 48.75 -33.31
CA ASP M 204 25.17 49.57 -32.11
C ASP M 204 24.57 48.94 -30.86
N ILE M 205 23.39 48.34 -31.00
CA ILE M 205 22.68 47.74 -29.86
C ILE M 205 23.30 46.38 -29.49
N ALA M 206 23.68 45.59 -30.49
CA ALA M 206 24.30 44.28 -30.25
C ALA M 206 25.62 44.41 -29.51
N ASN M 207 26.45 45.37 -29.92
CA ASN M 207 27.71 45.67 -29.23
C ASN M 207 27.50 46.12 -27.79
N SER M 208 26.38 46.77 -27.52
CA SER M 208 26.03 47.20 -26.16
C SER M 208 25.70 45.99 -25.28
N PHE M 209 24.94 45.05 -25.84
CA PHE M 209 24.61 43.81 -25.13
C PHE M 209 25.83 42.88 -25.01
N TYR M 210 26.67 42.86 -26.05
CA TYR M 210 27.94 42.15 -25.98
C TYR M 210 28.83 42.69 -24.85
N GLU M 211 28.82 44.01 -24.68
CA GLU M 211 29.62 44.68 -23.64
C GLU M 211 29.10 44.37 -22.24
N VAL M 212 27.78 44.46 -22.05
CA VAL M 212 27.17 44.28 -20.73
C VAL M 212 27.22 42.83 -20.25
N PHE M 213 27.15 41.87 -21.19
CA PHE M 213 27.29 40.46 -20.85
C PHE M 213 28.73 40.10 -20.53
N GLU M 214 29.68 40.74 -21.21
CA GLU M 214 31.11 40.55 -20.95
C GLU M 214 31.54 41.18 -19.63
N LYS M 215 31.15 42.43 -19.43
CA LYS M 215 31.49 43.17 -18.21
C LYS M 215 30.76 42.62 -16.98
N HIS M 216 29.51 42.18 -17.18
CA HIS M 216 28.69 41.64 -16.10
C HIS M 216 28.15 40.26 -16.50
N PRO M 217 28.90 39.19 -16.15
CA PRO M 217 28.47 37.81 -16.44
C PRO M 217 27.18 37.37 -15.73
N HIS M 218 26.84 38.04 -14.62
CA HIS M 218 25.60 37.75 -13.89
C HIS M 218 24.35 38.21 -14.66
N PHE M 219 24.50 39.23 -15.50
CA PHE M 219 23.37 39.72 -16.31
C PHE M 219 22.99 38.79 -17.46
N ILE M 220 23.91 37.92 -17.88
CA ILE M 220 23.60 36.96 -18.95
C ILE M 220 22.73 35.85 -18.33
N ASP M 221 22.97 35.56 -17.05
CA ASP M 221 22.14 34.62 -16.29
C ASP M 221 20.75 35.21 -16.05
N VAL M 222 20.70 36.52 -15.83
CA VAL M 222 19.43 37.24 -15.65
C VAL M 222 18.59 37.23 -16.93
N PHE M 223 19.25 37.43 -18.07
CA PHE M 223 18.56 37.47 -19.36
C PHE M 223 18.05 36.09 -19.80
N VAL M 224 18.85 35.06 -19.59
CA VAL M 224 18.47 33.68 -19.94
C VAL M 224 17.24 33.24 -19.14
N HIS M 225 17.25 33.50 -17.84
CA HIS M 225 16.12 33.15 -16.97
C HIS M 225 14.92 34.08 -17.16
N PHE M 226 15.16 35.27 -17.68
CA PHE M 226 14.08 36.15 -18.13
C PHE M 226 13.44 35.60 -19.41
N GLY M 227 14.29 35.20 -20.36
CA GLY M 227 13.84 34.65 -21.63
C GLY M 227 13.03 33.38 -21.49
N ILE M 228 13.43 32.53 -20.54
CA ILE M 228 12.69 31.30 -20.24
C ILE M 228 11.35 31.65 -19.57
N ALA M 229 11.38 32.63 -18.66
CA ALA M 229 10.16 33.11 -18.01
C ALA M 229 9.24 33.83 -19.00
N GLN M 230 9.83 34.55 -19.95
CA GLN M 230 9.09 35.22 -21.01
C GLN M 230 8.47 34.20 -21.96
N SER M 231 9.22 33.14 -22.27
CA SER M 231 8.74 32.08 -23.15
C SER M 231 7.77 31.12 -22.47
N SER M 232 7.62 31.23 -21.14
CA SER M 232 6.67 30.41 -20.39
C SER M 232 5.26 31.01 -20.33
N THR M 233 5.08 32.21 -20.88
CA THR M 233 3.78 32.90 -20.84
C THR M 233 2.75 32.25 -21.76
N ARG M 234 1.49 32.62 -21.57
CA ARG M 234 0.36 32.04 -22.31
C ARG M 234 0.20 32.69 -23.69
N GLY M 235 0.47 33.99 -23.78
CA GLY M 235 0.38 34.72 -25.04
C GLY M 235 0.54 36.22 -24.86
N GLY M 236 1.04 36.90 -25.89
CA GLY M 236 1.30 38.34 -25.84
C GLY M 236 1.11 39.05 -27.17
N SER M 237 2.18 39.68 -27.66
CA SER M 237 2.16 40.36 -28.97
C SER M 237 3.11 39.65 -29.93
N ARG M 238 3.07 40.06 -31.21
CA ARG M 238 3.92 39.44 -32.23
C ARG M 238 5.41 39.72 -32.01
N VAL M 239 5.71 40.89 -31.43
CA VAL M 239 7.09 41.25 -31.08
C VAL M 239 7.61 40.36 -29.95
N GLU M 240 6.73 39.97 -29.04
CA GLU M 240 7.07 39.00 -28.00
C GLU M 240 7.21 37.60 -28.60
N GLY M 241 6.46 37.34 -29.68
CA GLY M 241 6.63 36.13 -30.48
C GLY M 241 7.97 36.10 -31.20
N ILE M 242 8.46 37.27 -31.62
CA ILE M 242 9.79 37.39 -32.23
C ILE M 242 10.85 37.01 -31.21
N PHE M 243 10.78 37.64 -30.04
CA PHE M 243 11.73 37.39 -28.96
C PHE M 243 11.77 35.92 -28.56
N ALA M 244 10.60 35.32 -28.41
CA ALA M 244 10.48 33.91 -28.01
C ALA M 244 11.14 32.98 -29.04
N GLY M 245 10.91 33.26 -30.32
CA GLY M 245 11.50 32.47 -31.40
C GLY M 245 13.00 32.67 -31.51
N LEU M 246 13.45 33.92 -31.42
CA LEU M 246 14.88 34.25 -31.48
C LEU M 246 15.64 33.76 -30.25
N PHE M 247 14.96 33.74 -29.09
CA PHE M 247 15.57 33.25 -27.86
C PHE M 247 15.77 31.73 -27.89
N MET M 248 14.79 31.01 -28.44
CA MET M 248 14.87 29.55 -28.54
C MET M 248 15.84 29.05 -29.62
N ASN M 249 16.26 29.95 -30.52
CA ASN M 249 17.34 29.64 -31.45
C ASN M 249 18.68 29.48 -30.72
N ALA M 250 18.80 30.15 -29.58
CA ALA M 250 19.99 30.04 -28.73
C ALA M 250 20.10 28.67 -28.06
N TYR M 251 18.96 28.01 -27.83
CA TYR M 251 18.94 26.67 -27.23
C TYR M 251 19.83 25.72 -28.04
N GLY M 252 20.74 25.04 -27.35
CA GLY M 252 21.66 24.12 -28.00
C GLY M 252 22.88 24.79 -28.63
N ALA M 253 23.13 26.04 -28.27
CA ALA M 253 24.32 26.75 -28.72
C ALA M 253 25.54 26.24 -27.97
N GLY M 254 26.69 26.24 -28.64
CA GLY M 254 27.92 25.72 -28.06
C GLY M 254 27.97 24.19 -28.01
N GLN M 255 27.10 23.55 -28.78
CA GLN M 255 27.02 22.09 -28.81
C GLN M 255 26.29 21.63 -30.08
N VAL M 256 26.77 22.13 -31.22
CA VAL M 256 26.22 21.77 -32.53
C VAL M 256 26.67 20.39 -32.98
N MET M 257 27.87 19.99 -32.55
CA MET M 257 28.42 18.67 -32.87
C MET M 257 27.53 17.55 -32.30
N LEU M 258 26.82 17.86 -31.23
CA LEU M 258 25.85 16.93 -30.63
C LEU M 258 24.67 16.72 -31.58
N ARG M 259 24.20 17.79 -32.21
CA ARG M 259 23.07 17.71 -33.15
C ARG M 259 23.48 17.10 -34.49
N TRP M 260 24.67 17.47 -34.97
CA TRP M 260 25.20 16.91 -36.23
C TRP M 260 25.53 15.42 -36.11
N GLY M 261 25.79 14.95 -34.89
CA GLY M 261 26.02 13.53 -34.65
C GLY M 261 24.77 12.69 -34.84
N VAL M 262 23.62 13.26 -34.48
CA VAL M 262 22.33 12.61 -34.69
C VAL M 262 21.96 12.64 -36.19
N LEU M 263 22.38 13.69 -36.88
CA LEU M 263 22.16 13.82 -38.32
C LEU M 263 22.92 12.75 -39.10
N ALA M 264 24.19 12.54 -38.75
CA ALA M 264 25.01 11.50 -39.37
C ALA M 264 24.43 10.11 -39.13
N LYS M 265 23.85 9.92 -37.95
CA LYS M 265 23.15 8.68 -37.60
C LYS M 265 21.83 8.55 -38.37
N SER M 266 21.14 9.68 -38.57
CA SER M 266 19.88 9.69 -39.32
C SER M 266 20.08 9.39 -40.80
N VAL M 267 21.06 10.06 -41.41
CA VAL M 267 21.38 9.84 -42.83
C VAL M 267 22.18 8.55 -43.07
N LYS M 268 22.65 7.92 -41.99
CA LYS M 268 23.35 6.63 -42.05
C LYS M 268 24.68 6.73 -42.79
N ASN M 269 25.55 7.61 -42.32
CA ASN M 269 26.89 7.74 -42.90
C ASN M 269 27.73 6.50 -42.57
N ILE M 270 28.26 5.86 -43.61
CA ILE M 270 28.93 4.56 -43.49
C ILE M 270 30.22 4.61 -42.66
N MET M 271 30.86 5.77 -42.59
CA MET M 271 32.09 5.91 -41.81
C MET M 271 31.87 5.88 -40.29
N LEU M 272 30.61 5.92 -39.85
CA LEU M 272 30.27 5.65 -38.44
C LEU M 272 30.62 4.22 -38.04
N GLY M 273 30.46 3.28 -38.97
CA GLY M 273 30.79 1.88 -38.73
C GLY M 273 32.27 1.55 -38.77
N HIS M 274 33.12 2.54 -39.06
CA HIS M 274 34.57 2.36 -39.09
C HIS M 274 35.10 1.94 -37.71
N ALA M 275 36.16 1.13 -37.71
CA ALA M 275 36.65 0.47 -36.50
C ALA M 275 37.06 1.44 -35.39
N SER M 276 37.87 2.44 -35.74
CA SER M 276 38.35 3.42 -34.75
C SER M 276 37.21 4.30 -34.22
N VAL M 277 36.16 4.48 -35.02
CA VAL M 277 34.96 5.18 -34.59
C VAL M 277 34.16 4.31 -33.63
N GLN M 278 34.10 3.01 -33.91
CA GLN M 278 33.37 2.05 -33.07
C GLN M 278 34.02 1.83 -31.70
N ALA M 279 35.32 2.07 -31.60
CA ALA M 279 36.03 1.98 -30.32
C ALA M 279 35.57 3.06 -29.34
N GLU M 280 35.18 4.21 -29.88
CA GLU M 280 34.72 5.34 -29.09
C GLU M 280 33.24 5.26 -28.72
N MET M 281 32.48 4.43 -29.44
CA MET M 281 31.02 4.37 -29.30
C MET M 281 30.51 4.11 -27.89
N GLU M 282 31.29 3.40 -27.07
CA GLU M 282 30.93 3.17 -25.68
C GLU M 282 30.88 4.49 -24.90
N GLN M 283 31.85 5.37 -25.16
CA GLN M 283 31.97 6.63 -24.44
C GLN M 283 31.15 7.77 -25.03
N VAL M 284 30.86 7.73 -26.33
CA VAL M 284 30.06 8.78 -26.95
C VAL M 284 28.58 8.64 -26.58
N VAL M 285 28.15 7.40 -26.31
CA VAL M 285 26.79 7.13 -25.84
C VAL M 285 26.59 7.69 -24.43
N GLU M 286 27.65 7.67 -23.61
CA GLU M 286 27.58 8.19 -22.24
C GLU M 286 27.25 9.68 -22.20
N VAL M 287 27.84 10.46 -23.11
CA VAL M 287 27.59 11.91 -23.20
C VAL M 287 26.21 12.20 -23.81
N TYR M 288 25.80 11.40 -24.79
CA TYR M 288 24.46 11.54 -25.37
C TYR M 288 23.37 11.15 -24.36
N GLU M 289 23.61 10.11 -23.59
CA GLU M 289 22.72 9.72 -22.48
C GLU M 289 22.74 10.78 -21.37
N TYR M 290 23.90 11.39 -21.16
CA TYR M 290 24.04 12.49 -20.20
C TYR M 290 23.29 13.74 -20.68
N ALA M 291 23.32 13.99 -21.99
CA ALA M 291 22.55 15.09 -22.59
C ALA M 291 21.05 14.83 -22.49
N GLN M 292 20.65 13.57 -22.66
CA GLN M 292 19.27 13.15 -22.49
C GLN M 292 18.82 13.25 -21.03
N LYS M 293 19.75 13.01 -20.11
CA LYS M 293 19.48 13.08 -18.67
C LYS M 293 19.17 14.51 -18.23
N LEU M 294 20.02 15.45 -18.63
CA LEU M 294 19.85 16.86 -18.28
C LEU M 294 18.57 17.43 -18.90
N GLY M 295 18.37 17.16 -20.19
CA GLY M 295 17.18 17.60 -20.90
C GLY M 295 17.24 19.06 -21.29
N GLY M 296 16.24 19.84 -20.89
CA GLY M 296 16.16 21.26 -21.20
C GLY M 296 17.23 22.10 -20.50
N GLU M 297 17.71 21.61 -19.36
CA GLU M 297 18.73 22.30 -18.58
C GLU M 297 20.05 22.48 -19.36
N ALA M 298 20.37 21.51 -20.21
CA ALA M 298 21.61 21.52 -20.99
C ALA M 298 21.61 22.48 -22.19
N GLY M 299 20.46 23.09 -22.48
CA GLY M 299 20.33 24.00 -23.61
C GLY M 299 21.20 25.24 -23.53
N PHE M 300 21.22 25.87 -22.35
CA PHE M 300 21.99 27.09 -22.13
C PHE M 300 23.22 26.84 -21.25
N TYR M 301 23.87 25.69 -21.45
CA TYR M 301 25.06 25.31 -20.69
C TYR M 301 26.33 25.99 -21.19
N HIS M 302 26.33 26.44 -22.44
CA HIS M 302 27.47 27.17 -23.02
C HIS M 302 27.23 28.67 -23.07
N ILE M 303 25.97 29.08 -23.22
CA ILE M 303 25.59 30.49 -23.18
C ILE M 303 25.88 31.04 -21.79
N LEU M 304 25.26 30.42 -20.78
CA LEU M 304 25.73 30.55 -19.41
C LEU M 304 26.97 29.67 -19.36
N ASN M 305 28.13 30.23 -19.00
CA ASN M 305 29.35 29.42 -18.97
C ASN M 305 29.33 28.42 -17.82
N ASN M 306 28.53 27.37 -17.99
CA ASN M 306 28.33 26.35 -16.97
C ASN M 306 29.55 25.43 -16.90
N PRO M 307 30.05 25.15 -15.68
CA PRO M 307 31.15 24.21 -15.49
C PRO M 307 30.93 22.85 -16.15
N LYS M 308 29.69 22.38 -16.18
CA LYS M 308 29.33 21.08 -16.73
C LYS M 308 29.14 21.10 -18.26
N ALA M 309 29.43 22.23 -18.90
CA ALA M 309 29.32 22.35 -20.35
C ALA M 309 30.41 21.54 -21.08
N SER M 310 31.56 21.39 -20.43
CA SER M 310 32.68 20.62 -21.00
C SER M 310 32.37 19.12 -21.09
N LEU M 311 31.46 18.65 -20.25
CA LEU M 311 31.05 17.23 -20.24
C LEU M 311 30.26 16.83 -21.49
N LEU M 312 29.59 17.80 -22.12
CA LEU M 312 28.80 17.56 -23.33
C LEU M 312 29.63 17.53 -24.62
N SER M 313 30.95 17.73 -24.49
CA SER M 313 31.84 17.81 -25.64
C SER M 313 32.07 16.43 -26.30
N LEU M 314 31.95 16.40 -27.62
CA LEU M 314 32.31 15.21 -28.40
C LEU M 314 33.71 15.33 -28.99
N THR M 315 34.32 16.51 -28.85
CA THR M 315 35.67 16.79 -29.37
C THR M 315 36.73 15.88 -28.74
N GLN M 316 36.49 15.44 -27.51
CA GLN M 316 37.35 14.46 -26.85
C GLN M 316 37.46 13.13 -27.63
N PHE M 317 36.49 12.86 -28.50
CA PHE M 317 36.52 11.70 -29.37
C PHE M 317 36.91 12.13 -30.79
N PRO M 318 38.20 11.96 -31.15
CA PRO M 318 38.71 12.42 -32.45
C PRO M 318 38.03 11.80 -33.68
N HIS M 319 37.83 10.49 -33.65
CA HIS M 319 37.35 9.76 -34.82
C HIS M 319 35.87 10.00 -35.10
N PHE M 320 35.05 9.94 -34.05
CA PHE M 320 33.61 10.19 -34.18
C PHE M 320 33.33 11.65 -34.56
N SER M 321 34.11 12.58 -34.01
CA SER M 321 33.97 14.00 -34.35
C SER M 321 34.27 14.26 -35.82
N SER M 322 35.27 13.56 -36.35
CA SER M 322 35.70 13.74 -37.75
C SER M 322 34.63 13.32 -38.75
N VAL M 323 34.07 12.13 -38.55
CA VAL M 323 33.00 11.61 -39.43
C VAL M 323 31.72 12.47 -39.33
N VAL M 324 31.42 12.96 -38.13
CA VAL M 324 30.27 13.84 -37.93
C VAL M 324 30.50 15.20 -38.57
N LEU M 325 31.71 15.73 -38.44
CA LEU M 325 32.07 17.03 -39.04
C LEU M 325 32.21 16.89 -40.56
N GLY M 326 32.62 15.71 -41.02
CA GLY M 326 32.69 15.40 -42.44
C GLY M 326 31.31 15.26 -43.07
N ASN M 327 30.41 14.57 -42.36
CA ASN M 327 29.02 14.42 -42.81
C ASN M 327 28.33 15.77 -43.01
N ALA M 328 28.59 16.70 -42.10
CA ALA M 328 28.05 18.06 -42.18
C ALA M 328 28.64 18.82 -43.37
N ALA M 329 29.91 18.57 -43.67
CA ALA M 329 30.59 19.21 -44.80
C ALA M 329 30.07 18.69 -46.14
N GLY M 330 29.84 17.38 -46.22
CA GLY M 330 29.34 16.76 -47.44
C GLY M 330 27.90 17.12 -47.74
N LEU M 331 27.06 17.19 -46.70
CA LEU M 331 25.69 17.66 -46.83
C LEU M 331 25.63 19.17 -47.11
N GLY M 332 26.72 19.88 -46.82
CA GLY M 332 26.84 21.30 -47.14
C GLY M 332 26.04 22.18 -46.20
N ILE M 333 26.14 21.88 -44.90
CA ILE M 333 25.43 22.65 -43.88
C ILE M 333 26.37 23.51 -43.02
N MET M 334 27.61 23.09 -42.86
CA MET M 334 28.62 23.88 -42.13
C MET M 334 29.22 24.95 -43.05
N GLY M 335 30.09 25.79 -42.47
CA GLY M 335 30.75 26.87 -43.21
C GLY M 335 30.10 28.21 -42.92
N GLU M 336 30.82 29.18 -42.33
CA GLU M 336 32.22 29.06 -41.95
C GLU M 336 32.32 28.66 -40.47
N TYR M 337 32.29 27.35 -40.22
CA TYR M 337 32.37 26.79 -38.88
C TYR M 337 33.83 26.50 -38.57
N ARG M 338 34.35 27.09 -37.48
CA ARG M 338 35.78 27.04 -37.17
C ARG M 338 36.20 25.79 -36.39
N GLY M 339 35.49 24.69 -36.58
CA GLY M 339 35.85 23.40 -35.99
C GLY M 339 36.70 22.59 -36.95
N THR M 340 37.84 22.11 -36.47
CA THR M 340 38.79 21.36 -37.30
C THR M 340 38.78 19.88 -36.91
N PRO M 341 38.70 18.97 -37.90
CA PRO M 341 38.70 17.55 -37.60
C PRO M 341 40.10 17.05 -37.20
N ARG M 342 40.17 16.29 -36.11
CA ARG M 342 41.45 15.73 -35.64
C ARG M 342 41.95 14.65 -36.60
N ASN M 343 41.05 13.80 -37.08
CA ASN M 343 41.37 12.82 -38.11
C ASN M 343 40.90 13.32 -39.48
N GLN M 344 41.86 13.61 -40.35
CA GLN M 344 41.56 14.17 -41.67
C GLN M 344 41.08 13.12 -42.67
N ASP M 345 41.58 11.90 -42.54
CA ASP M 345 41.21 10.81 -43.45
C ASP M 345 39.75 10.37 -43.26
N LEU M 346 39.32 10.28 -42.01
CA LEU M 346 37.92 9.98 -41.68
C LEU M 346 36.98 11.10 -42.09
N TYR M 347 37.45 12.34 -42.01
CA TYR M 347 36.68 13.52 -42.41
C TYR M 347 36.43 13.52 -43.92
N ASP M 348 37.48 13.27 -44.70
CA ASP M 348 37.38 13.25 -46.16
C ASP M 348 36.52 12.09 -46.67
N ALA M 349 36.63 10.94 -46.02
CA ALA M 349 35.84 9.76 -46.37
C ALA M 349 34.36 9.97 -46.06
N ALA M 350 34.08 10.61 -44.93
CA ALA M 350 32.70 10.93 -44.53
C ALA M 350 32.10 12.01 -45.44
N LYS M 351 32.92 13.01 -45.78
CA LYS M 351 32.51 14.08 -46.69
C LYS M 351 32.17 13.53 -48.08
N ALA M 352 32.96 12.56 -48.53
CA ALA M 352 32.77 11.96 -49.85
C ALA M 352 31.43 11.23 -49.96
N TYR M 353 31.10 10.44 -48.94
CA TYR M 353 29.83 9.71 -48.92
C TYR M 353 28.63 10.63 -48.68
N ALA M 354 28.81 11.62 -47.80
CA ALA M 354 27.76 12.60 -47.51
C ALA M 354 27.35 13.38 -48.76
N GLU M 355 28.31 13.63 -49.64
CA GLU M 355 28.03 14.22 -50.96
C GLU M 355 27.25 13.23 -51.83
N GLN M 356 27.63 11.96 -51.77
CA GLN M 356 26.91 10.90 -52.50
C GLN M 356 25.49 10.66 -51.96
N LEU M 357 25.28 10.93 -50.67
CA LEU M 357 23.97 10.76 -50.04
C LEU M 357 22.95 11.81 -50.49
N LYS M 358 23.34 13.08 -50.37
CA LYS M 358 22.46 14.20 -50.77
C LYS M 358 22.23 14.25 -52.28
N GLU M 359 23.01 13.46 -53.01
CA GLU M 359 23.04 13.52 -54.46
C GLU M 359 21.70 13.06 -55.02
N ASN M 360 21.10 13.90 -55.88
CA ASN M 360 19.94 13.51 -56.67
C ASN M 360 18.61 13.56 -55.89
N GLY M 361 17.62 12.75 -56.28
CA GLY M 361 16.24 12.87 -55.75
C GLY M 361 15.17 12.08 -56.49
N VAL M 362 15.19 10.75 -56.34
CA VAL M 362 14.15 9.87 -56.91
C VAL M 362 12.93 9.85 -55.99
N ILE M 363 11.76 9.56 -56.56
CA ILE M 363 10.54 9.41 -55.77
C ILE M 363 10.44 7.98 -55.21
N ASN M 364 10.24 7.88 -53.89
CA ASN M 364 10.03 6.60 -53.22
C ASN M 364 8.53 6.33 -53.08
N TYR M 365 8.01 5.38 -53.86
CA TYR M 365 6.58 5.10 -53.92
C TYR M 365 6.09 4.16 -52.81
N SER M 366 7.03 3.48 -52.14
CA SER M 366 6.68 2.58 -51.04
C SER M 366 6.29 3.33 -49.76
N VAL M 367 6.68 4.61 -49.68
CA VAL M 367 6.36 5.45 -48.52
C VAL M 367 4.88 5.80 -48.48
N LEU M 368 4.32 6.14 -49.64
CA LEU M 368 2.91 6.50 -49.74
C LEU M 368 2.03 5.26 -49.58
N ASP M 369 0.78 5.47 -49.16
CA ASP M 369 -0.18 4.38 -48.98
C ASP M 369 -0.98 4.16 -50.26
N LEU M 370 -0.27 3.94 -51.37
CA LEU M 370 -0.89 3.74 -52.67
C LEU M 370 -1.47 2.32 -52.77
N THR M 371 -2.68 2.23 -53.30
CA THR M 371 -3.38 0.95 -53.43
C THR M 371 -3.24 0.41 -54.85
N ALA N 2 28.62 -24.98 6.34
CA ALA N 2 28.88 -24.91 4.86
C ALA N 2 30.20 -24.21 4.56
N LEU N 3 30.76 -24.49 3.38
CA LEU N 3 32.01 -23.88 2.95
C LEU N 3 31.76 -22.51 2.29
N SER N 4 30.50 -22.17 2.08
CA SER N 4 30.13 -20.85 1.55
C SER N 4 30.26 -19.77 2.63
N LYS N 5 30.12 -20.16 3.90
CA LYS N 5 30.14 -19.21 5.01
C LYS N 5 31.54 -18.74 5.38
N VAL N 6 32.54 -19.60 5.19
CA VAL N 6 33.94 -19.23 5.48
C VAL N 6 34.41 -18.09 4.57
N LYS N 7 34.20 -16.86 5.04
CA LYS N 7 34.53 -15.65 4.29
C LYS N 7 34.83 -14.51 5.26
N LEU N 8 35.44 -13.45 4.74
CA LEU N 8 35.77 -12.29 5.58
C LEU N 8 36.00 -11.04 4.72
N ASN N 9 35.04 -10.11 4.77
CA ASN N 9 35.12 -8.88 3.98
C ASN N 9 36.02 -7.88 4.69
N ASP N 10 37.33 -8.00 4.45
CA ASP N 10 38.32 -7.12 5.07
C ASP N 10 38.23 -5.69 4.57
N THR N 11 37.94 -5.53 3.28
CA THR N 11 37.84 -4.19 2.66
C THR N 11 36.73 -3.35 3.29
N LEU N 12 35.58 -3.97 3.54
CA LEU N 12 34.44 -3.29 4.15
C LEU N 12 34.64 -3.06 5.64
N ASN N 13 35.29 -4.02 6.30
CA ASN N 13 35.57 -3.92 7.75
C ASN N 13 36.65 -2.88 8.08
N LYS N 14 37.66 -2.77 7.22
CA LYS N 14 38.68 -1.73 7.38
C LYS N 14 38.07 -0.34 7.27
N ASP N 15 37.15 -0.17 6.32
CA ASP N 15 36.42 1.09 6.15
C ASP N 15 35.53 1.37 7.37
N GLN N 16 34.89 0.33 7.88
CA GLN N 16 34.03 0.44 9.06
C GLN N 16 34.83 0.85 10.31
N LEU N 17 36.08 0.40 10.41
CA LEU N 17 36.95 0.76 11.52
C LEU N 17 37.29 2.25 11.49
N LEU N 18 37.69 2.75 10.32
CA LEU N 18 38.11 4.14 10.17
C LEU N 18 36.92 5.10 10.18
N SER N 19 35.78 4.66 9.66
CA SER N 19 34.56 5.48 9.63
C SER N 19 33.98 5.69 11.04
N SER N 20 34.18 4.71 11.92
CA SER N 20 33.64 4.78 13.30
C SER N 20 34.75 4.99 14.32
N SER N 21 35.60 6.00 14.08
CA SER N 21 36.66 6.35 15.01
C SER N 21 36.08 7.21 16.14
N LYS N 22 36.39 6.85 17.38
CA LYS N 22 35.88 7.57 18.55
C LYS N 22 36.65 8.87 18.76
N TYR N 23 37.92 8.88 18.34
CA TYR N 23 38.83 9.99 18.61
C TYR N 23 39.31 10.60 17.30
N THR N 24 39.82 11.84 17.39
CA THR N 24 40.24 12.59 16.21
C THR N 24 41.59 13.28 16.43
N ILE N 25 42.42 13.28 15.38
CA ILE N 25 43.67 14.03 15.39
C ILE N 25 43.47 15.36 14.66
N GLN N 26 44.14 16.41 15.13
CA GLN N 26 44.04 17.73 14.53
C GLN N 26 45.44 18.32 14.32
N ARG N 27 45.82 18.41 13.05
CA ARG N 27 47.19 18.74 12.66
C ARG N 27 47.49 20.22 12.82
N SER N 28 48.74 20.53 13.14
CA SER N 28 49.17 21.91 13.38
C SER N 28 49.10 22.72 12.10
N THR N 29 48.00 23.44 11.92
CA THR N 29 47.82 24.34 10.79
C THR N 29 48.79 25.51 10.90
N GLY N 30 49.12 25.89 12.13
CA GLY N 30 50.12 26.91 12.41
C GLY N 30 49.64 27.91 13.45
N ASP N 31 50.18 29.12 13.38
CA ASP N 31 49.79 30.19 14.30
C ASP N 31 48.54 30.92 13.82
N SER N 32 48.43 31.14 12.52
CA SER N 32 47.27 31.84 11.95
C SER N 32 47.08 31.59 10.46
N ILE N 33 45.83 31.64 10.02
CA ILE N 33 45.47 31.56 8.60
C ILE N 33 44.60 32.77 8.24
N ASP N 34 44.91 33.37 7.09
CA ASP N 34 44.11 34.48 6.57
C ASP N 34 42.83 33.95 5.92
N THR N 35 41.69 34.36 6.45
CA THR N 35 40.39 33.93 5.95
C THR N 35 39.62 35.15 5.39
N PRO N 36 39.91 35.53 4.13
CA PRO N 36 39.24 36.69 3.53
C PRO N 36 37.78 36.41 3.19
N ASN N 37 36.96 37.46 3.27
CA ASN N 37 35.53 37.36 2.97
C ASN N 37 35.25 37.91 1.56
N TYR N 38 33.98 38.09 1.24
CA TYR N 38 33.58 38.50 -0.12
C TYR N 38 33.91 39.96 -0.41
N ASP N 39 34.00 40.78 0.63
CA ASP N 39 34.29 42.21 0.47
C ASP N 39 35.70 42.49 -0.04
N VAL N 40 36.64 41.58 0.25
CA VAL N 40 38.04 41.72 -0.19
C VAL N 40 38.31 41.03 -1.53
N GLN N 41 37.47 40.07 -1.89
CA GLN N 41 37.63 39.32 -3.15
C GLN N 41 38.01 40.23 -4.34
N LYS N 42 37.38 41.40 -4.41
CA LYS N 42 37.62 42.33 -5.52
C LYS N 42 39.00 42.99 -5.44
N HIS N 43 39.52 43.15 -4.23
CA HIS N 43 40.88 43.68 -4.02
C HIS N 43 41.95 42.66 -4.39
N ILE N 44 41.70 41.39 -4.09
CA ILE N 44 42.65 40.31 -4.40
C ILE N 44 42.70 40.08 -5.92
N ASN N 45 41.55 40.18 -6.57
CA ASN N 45 41.49 40.11 -8.04
C ASN N 45 42.33 41.20 -8.70
N LYS N 46 42.33 42.39 -8.09
CA LYS N 46 43.18 43.49 -8.53
C LYS N 46 44.66 43.17 -8.30
N LEU N 47 44.96 42.59 -7.14
CA LEU N 47 46.32 42.16 -6.81
C LEU N 47 46.80 41.05 -7.74
N CYS N 48 45.90 40.14 -8.09
CA CYS N 48 46.18 39.09 -9.07
C CYS N 48 46.44 39.68 -10.46
N GLY N 49 45.68 40.72 -10.79
CA GLY N 49 45.86 41.42 -12.07
C GLY N 49 47.18 42.16 -12.17
N MET N 50 47.62 42.76 -11.06
CA MET N 50 48.90 43.46 -11.00
C MET N 50 50.07 42.55 -11.34
N LEU N 51 50.05 41.34 -10.79
CA LEU N 51 51.08 40.33 -11.09
C LEU N 51 51.04 39.91 -12.57
N LEU N 52 49.84 39.85 -13.13
CA LEU N 52 49.66 39.44 -14.52
C LEU N 52 50.13 40.48 -15.54
N ILE N 53 49.92 41.75 -15.25
CA ILE N 53 50.36 42.83 -16.16
C ILE N 53 51.86 43.12 -16.04
N THR N 54 52.47 42.72 -14.93
CA THR N 54 53.89 42.96 -14.69
C THR N 54 54.76 42.06 -15.58
N GLU N 55 55.62 42.69 -16.39
CA GLU N 55 56.54 41.95 -17.26
C GLU N 55 57.67 41.34 -16.42
N ASP N 56 57.89 40.04 -16.58
CA ASP N 56 58.87 39.29 -15.78
C ASP N 56 58.60 39.49 -14.29
N ALA N 57 57.40 39.13 -13.86
CA ALA N 57 56.95 39.35 -12.49
C ALA N 57 57.53 38.32 -11.52
N ASN N 58 57.63 38.72 -10.26
CA ASN N 58 58.08 37.84 -9.19
C ASN N 58 56.89 37.06 -8.63
N HIS N 59 56.73 35.82 -9.10
CA HIS N 59 55.64 34.96 -8.62
C HIS N 59 56.10 34.09 -7.45
N LYS N 60 56.69 34.72 -6.44
CA LYS N 60 57.09 34.05 -5.21
C LYS N 60 55.89 33.87 -4.29
N PHE N 61 54.95 34.84 -4.34
CA PHE N 61 53.79 34.87 -3.45
C PHE N 61 52.47 34.58 -4.16
N THR N 62 52.52 34.31 -5.46
CA THR N 62 51.31 34.12 -6.26
C THR N 62 50.54 32.85 -5.91
N GLY N 63 51.27 31.83 -5.46
CA GLY N 63 50.64 30.61 -4.96
C GLY N 63 49.83 30.89 -3.70
N LEU N 64 50.37 31.75 -2.83
CA LEU N 64 49.67 32.16 -1.62
C LEU N 64 48.55 33.15 -1.94
N ILE N 65 48.83 34.10 -2.82
CA ILE N 65 47.82 35.08 -3.27
C ILE N 65 46.67 34.40 -4.01
N GLY N 66 46.99 33.33 -4.74
CA GLY N 66 45.97 32.52 -5.41
C GLY N 66 45.01 31.87 -4.44
N MET N 67 45.55 31.31 -3.36
CA MET N 67 44.73 30.71 -2.30
C MET N 67 43.85 31.73 -1.61
N LEU N 68 44.36 32.96 -1.43
CA LEU N 68 43.59 34.05 -0.82
C LEU N 68 42.38 34.43 -1.67
N TYR N 69 42.52 34.37 -2.99
CA TYR N 69 41.40 34.65 -3.90
C TYR N 69 40.36 33.52 -3.86
N ALA N 70 40.84 32.28 -3.78
CA ALA N 70 39.97 31.11 -3.68
C ALA N 70 39.18 31.12 -2.37
N MET N 71 39.84 31.53 -1.28
CA MET N 71 39.20 31.63 0.02
C MET N 71 38.24 32.82 0.11
N SER N 72 38.56 33.90 -0.59
CA SER N 72 37.68 35.08 -0.64
C SER N 72 36.40 34.79 -1.43
N ARG N 73 36.51 33.94 -2.45
CA ARG N 73 35.34 33.47 -3.20
C ARG N 73 34.44 32.59 -2.34
N LEU N 74 35.07 31.72 -1.53
CA LEU N 74 34.33 30.88 -0.59
C LEU N 74 33.68 31.72 0.50
N GLY N 75 34.46 32.62 1.10
CA GLY N 75 33.97 33.48 2.18
C GLY N 75 34.39 32.97 3.53
N ARG N 76 34.71 33.90 4.44
CA ARG N 76 35.24 33.59 5.77
C ARG N 76 34.51 32.44 6.47
N GLU N 77 33.18 32.46 6.43
CA GLU N 77 32.37 31.42 7.08
C GLU N 77 32.60 30.03 6.49
N ASP N 78 32.62 29.94 5.16
CA ASP N 78 32.79 28.67 4.47
C ASP N 78 34.22 28.15 4.59
N THR N 79 35.20 28.98 4.22
CA THR N 79 36.61 28.55 4.27
C THR N 79 37.08 28.11 5.66
N ILE N 80 36.51 28.70 6.71
CA ILE N 80 36.76 28.21 8.08
C ILE N 80 36.09 26.85 8.27
N LYS N 81 34.87 26.71 7.74
CA LYS N 81 34.13 25.45 7.82
C LYS N 81 34.84 24.30 7.09
N ILE N 82 35.51 24.60 5.98
CA ILE N 82 36.19 23.54 5.21
C ILE N 82 37.50 23.12 5.87
N LEU N 83 38.17 24.05 6.55
CA LEU N 83 39.38 23.73 7.30
C LEU N 83 39.07 22.88 8.54
N ARG N 84 37.99 23.21 9.24
CA ARG N 84 37.58 22.46 10.43
C ARG N 84 37.05 21.06 10.08
N ASP N 85 36.33 20.96 8.97
CA ASP N 85 35.83 19.66 8.49
C ASP N 85 36.97 18.76 8.00
N ALA N 86 38.03 19.37 7.48
CA ALA N 86 39.22 18.64 7.07
C ALA N 86 39.95 18.04 8.27
N GLY N 87 39.93 18.76 9.39
CA GLY N 87 40.56 18.31 10.63
C GLY N 87 41.75 19.18 10.99
N TYR N 88 41.49 20.48 11.13
CA TYR N 88 42.53 21.46 11.45
C TYR N 88 42.02 22.51 12.43
N HIS N 89 42.78 22.77 13.49
CA HIS N 89 42.51 23.88 14.39
C HIS N 89 42.96 25.18 13.72
N VAL N 90 41.99 26.05 13.40
CA VAL N 90 42.28 27.27 12.65
C VAL N 90 42.13 28.54 13.49
N LYS N 91 43.17 29.36 13.45
CA LYS N 91 43.18 30.68 14.07
C LYS N 91 42.87 31.70 12.99
N ALA N 92 41.59 32.02 12.82
CA ALA N 92 41.13 32.82 11.69
C ALA N 92 41.56 34.29 11.78
N ASN N 93 42.37 34.73 10.82
CA ASN N 93 42.75 36.13 10.67
C ASN N 93 41.86 36.77 9.61
N GLY N 94 41.23 37.89 9.95
CA GLY N 94 40.40 38.63 9.00
C GLY N 94 41.23 39.27 7.91
N VAL N 95 40.58 39.63 6.80
CA VAL N 95 41.26 40.30 5.68
C VAL N 95 40.37 41.40 5.08
N ASP N 96 40.90 42.63 5.07
CA ASP N 96 40.19 43.83 4.60
C ASP N 96 41.20 44.90 4.18
N VAL N 97 40.71 46.09 3.86
CA VAL N 97 41.54 47.11 3.21
C VAL N 97 41.88 48.28 4.14
N THR N 98 43.17 48.60 4.23
CA THR N 98 43.65 49.78 4.94
C THR N 98 44.62 50.57 4.04
N THR N 99 44.60 51.88 4.16
CA THR N 99 45.45 52.75 3.34
C THR N 99 46.80 52.98 4.03
N HIS N 100 47.87 52.53 3.37
CA HIS N 100 49.23 52.67 3.89
C HIS N 100 49.96 53.80 3.18
N ARG N 101 50.56 54.70 3.96
CA ARG N 101 51.32 55.83 3.42
C ARG N 101 52.82 55.61 3.58
N GLN N 102 53.53 55.60 2.45
CA GLN N 102 54.97 55.40 2.43
C GLN N 102 55.60 56.26 1.33
N ASP N 103 56.77 56.83 1.62
CA ASP N 103 57.45 57.73 0.69
C ASP N 103 58.50 57.02 -0.16
N ILE N 104 58.06 56.52 -1.32
CA ILE N 104 58.96 55.88 -2.28
C ILE N 104 59.58 56.95 -3.17
N ASN N 105 60.91 56.92 -3.27
CA ASN N 105 61.69 57.89 -4.06
C ASN N 105 61.44 59.34 -3.65
N GLY N 106 61.29 59.57 -2.35
CA GLY N 106 61.07 60.91 -1.80
C GLY N 106 59.62 61.32 -1.71
N LYS N 107 58.87 61.09 -2.78
CA LYS N 107 57.46 61.50 -2.84
C LYS N 107 56.58 60.55 -2.03
N GLU N 108 55.74 61.13 -1.17
CA GLU N 108 54.83 60.36 -0.32
C GLU N 108 53.69 59.77 -1.15
N MET N 109 53.52 58.45 -1.08
CA MET N 109 52.53 57.74 -1.89
C MET N 109 51.57 56.92 -1.03
N LYS N 110 50.32 56.82 -1.49
CA LYS N 110 49.29 56.03 -0.82
C LYS N 110 49.14 54.67 -1.49
N PHE N 111 48.82 53.65 -0.68
CA PHE N 111 48.63 52.28 -1.18
C PHE N 111 47.52 51.57 -0.41
N GLU N 112 46.55 51.03 -1.15
CA GLU N 112 45.51 50.18 -0.55
C GLU N 112 46.08 48.78 -0.37
N VAL N 113 46.27 48.37 0.88
CA VAL N 113 46.88 47.07 1.20
C VAL N 113 45.99 46.22 2.10
N LEU N 114 46.05 44.91 1.89
CA LEU N 114 45.37 43.96 2.76
C LEU N 114 46.27 43.67 3.95
N THR N 115 45.73 43.78 5.16
CA THR N 115 46.51 43.53 6.38
C THR N 115 46.53 42.02 6.66
N LEU N 116 47.33 41.30 5.87
CA LEU N 116 47.44 39.85 5.95
C LEU N 116 48.57 39.44 6.89
N ALA N 117 48.45 38.27 7.49
CA ALA N 117 49.50 37.70 8.34
C ALA N 117 50.57 37.03 7.49
N SER N 118 50.14 36.24 6.51
CA SER N 118 51.05 35.52 5.63
C SER N 118 51.78 36.44 4.65
N LEU N 119 51.12 37.52 4.24
CA LEU N 119 51.68 38.47 3.28
C LEU N 119 51.92 39.82 3.94
N THR N 120 53.17 40.30 3.88
CA THR N 120 53.54 41.56 4.52
C THR N 120 53.05 42.75 3.70
N THR N 121 52.79 43.88 4.37
CA THR N 121 52.40 45.11 3.69
C THR N 121 53.54 45.73 2.90
N GLU N 122 54.78 45.35 3.22
CA GLU N 122 55.97 45.85 2.54
C GLU N 122 56.13 45.23 1.16
N ILE N 123 55.74 43.96 1.02
CA ILE N 123 55.85 43.26 -0.27
C ILE N 123 54.61 43.48 -1.14
N GLN N 124 53.49 43.82 -0.51
CA GLN N 124 52.24 44.12 -1.24
C GLN N 124 52.37 45.40 -2.08
N ILE N 125 52.99 46.43 -1.49
CA ILE N 125 53.22 47.68 -2.22
C ILE N 125 54.21 47.52 -3.37
N ASN N 126 55.16 46.59 -3.22
CA ASN N 126 56.13 46.31 -4.27
C ASN N 126 55.51 45.60 -5.48
N ILE N 127 54.44 44.85 -5.25
CA ILE N 127 53.68 44.23 -6.34
C ILE N 127 52.95 45.33 -7.12
N GLU N 128 52.41 46.31 -6.40
CA GLU N 128 51.73 47.45 -7.02
C GLU N 128 52.72 48.42 -7.68
N ILE N 129 53.89 48.61 -7.07
CA ILE N 129 54.92 49.49 -7.62
C ILE N 129 55.46 48.97 -8.94
N GLU N 130 55.80 47.68 -8.99
CA GLU N 130 56.33 47.06 -10.20
C GLU N 130 55.28 46.93 -11.31
N SER N 131 54.00 46.85 -10.93
CA SER N 131 52.91 46.80 -11.89
C SER N 131 52.67 48.16 -12.54
N ARG N 132 52.80 49.23 -11.76
CA ARG N 132 52.68 50.59 -12.28
C ARG N 132 53.78 50.92 -13.30
N LYS N 133 54.98 50.37 -13.08
CA LYS N 133 56.08 50.51 -14.04
C LYS N 133 55.74 49.84 -15.37
N SER N 134 55.23 48.62 -15.29
CA SER N 134 54.82 47.87 -16.48
C SER N 134 53.56 48.44 -17.13
N TYR N 135 52.72 49.08 -16.31
CA TYR N 135 51.48 49.69 -16.81
C TYR N 135 51.78 50.93 -17.66
N LYS N 136 52.67 51.80 -17.18
CA LYS N 136 53.03 53.01 -17.92
C LYS N 136 53.87 52.69 -19.16
N LYS N 137 54.64 51.61 -19.09
CA LYS N 137 55.40 51.11 -20.25
C LYS N 137 54.43 50.57 -21.29
N MET N 138 53.40 49.86 -20.83
CA MET N 138 52.34 49.35 -21.69
C MET N 138 51.51 50.50 -22.26
N LEU N 139 51.22 51.51 -21.43
CA LEU N 139 50.47 52.70 -21.85
C LEU N 139 51.25 53.51 -22.89
N LYS N 140 52.57 53.51 -22.79
CA LYS N 140 53.44 54.24 -23.72
C LYS N 140 53.52 53.55 -25.08
N GLU N 141 53.34 52.23 -25.10
CA GLU N 141 53.46 51.44 -26.33
C GLU N 141 52.18 51.47 -27.17
N MET N 142 51.02 51.25 -26.53
CA MET N 142 49.74 51.17 -27.24
C MET N 142 48.82 52.37 -27.00
N GLY N 143 49.33 53.40 -26.32
CA GLY N 143 48.55 54.61 -26.05
C GLY N 143 47.45 54.39 -25.02
N GLU N 144 46.35 53.79 -25.46
CA GLU N 144 45.22 53.46 -24.59
C GLU N 144 45.16 51.96 -24.36
N VAL N 145 45.19 51.54 -23.11
CA VAL N 145 45.10 50.12 -22.75
C VAL N 145 43.65 49.67 -22.69
N ALA N 146 43.36 48.52 -23.30
CA ALA N 146 41.99 48.00 -23.37
C ALA N 146 41.61 47.27 -22.08
N PRO N 147 40.30 46.99 -21.88
CA PRO N 147 39.83 46.23 -20.72
C PRO N 147 40.44 44.83 -20.58
N GLU N 148 40.85 44.23 -21.70
CA GLU N 148 41.43 42.88 -21.69
C GLU N 148 42.83 42.87 -21.10
N TYR N 149 43.63 43.87 -21.47
CA TYR N 149 45.05 43.92 -21.08
C TYR N 149 45.30 44.44 -19.66
N ARG N 150 44.29 45.08 -19.06
CA ARG N 150 44.46 45.72 -17.74
C ARG N 150 44.20 44.80 -16.56
N HIS N 151 44.63 45.24 -15.39
CA HIS N 151 44.53 44.48 -14.14
C HIS N 151 43.11 44.46 -13.53
N ASP N 152 42.26 45.38 -13.97
CA ASP N 152 40.90 45.51 -13.40
C ASP N 152 39.93 44.42 -13.87
N SER N 153 40.30 43.66 -14.91
CA SER N 153 39.45 42.61 -15.44
C SER N 153 39.10 41.56 -14.39
N PRO N 154 37.84 41.07 -14.39
CA PRO N 154 37.42 40.07 -13.40
C PRO N 154 38.03 38.67 -13.60
N ASP N 155 38.59 38.42 -14.79
CA ASP N 155 39.21 37.13 -15.10
C ASP N 155 40.53 36.93 -14.37
N CYS N 156 41.26 38.03 -14.12
CA CYS N 156 42.61 37.99 -13.54
C CYS N 156 42.79 36.98 -12.40
N GLY N 157 41.84 36.97 -11.47
CA GLY N 157 41.90 36.08 -10.31
C GLY N 157 41.80 34.61 -10.69
N MET N 158 40.87 34.30 -11.59
CA MET N 158 40.66 32.93 -12.05
C MET N 158 41.75 32.47 -13.03
N ILE N 159 42.34 33.41 -13.78
CA ILE N 159 43.44 33.10 -14.69
C ILE N 159 44.63 32.52 -13.93
N ILE N 160 44.92 33.06 -12.75
CA ILE N 160 45.99 32.53 -11.89
C ILE N 160 45.59 31.18 -11.29
N LEU N 161 44.31 31.00 -11.00
CA LEU N 161 43.81 29.72 -10.49
C LEU N 161 43.67 28.64 -11.58
N CYS N 162 43.73 29.04 -12.85
CA CYS N 162 43.68 28.07 -13.96
C CYS N 162 44.91 27.16 -13.98
N ILE N 163 46.09 27.74 -13.81
CA ILE N 163 47.33 26.95 -13.72
C ILE N 163 47.48 26.29 -12.36
N ALA N 164 46.74 26.76 -11.36
CA ALA N 164 46.65 26.09 -10.07
C ALA N 164 45.91 24.75 -10.23
N ALA N 165 44.90 24.74 -11.10
CA ALA N 165 44.16 23.53 -11.43
C ALA N 165 45.02 22.57 -12.26
N LEU N 166 45.95 23.12 -13.05
CA LEU N 166 46.92 22.30 -13.78
C LEU N 166 47.96 21.69 -12.85
N VAL N 167 48.35 22.43 -11.82
CA VAL N 167 49.26 21.92 -10.79
C VAL N 167 48.58 20.81 -9.99
N ILE N 168 47.31 21.01 -9.64
CA ILE N 168 46.55 20.02 -8.87
C ILE N 168 46.29 18.77 -9.71
N THR N 169 46.25 18.93 -11.04
CA THR N 169 46.10 17.81 -11.98
C THR N 169 47.31 16.86 -11.92
N LYS N 170 48.50 17.42 -11.72
CA LYS N 170 49.74 16.62 -11.68
C LYS N 170 50.35 16.50 -10.27
N LEU N 171 49.50 16.62 -9.24
CA LEU N 171 49.96 16.42 -7.85
C LEU N 171 50.07 14.95 -7.48
N ALA N 172 49.44 14.06 -8.26
CA ALA N 172 49.45 12.62 -8.00
C ALA N 172 50.87 12.05 -7.96
N ALA N 173 51.73 12.55 -8.83
CA ALA N 173 53.13 12.13 -8.86
C ALA N 173 53.84 12.52 -7.55
N GLY N 174 53.64 13.77 -7.12
CA GLY N 174 54.14 14.24 -5.84
C GLY N 174 55.64 14.50 -5.81
N ASP N 175 56.17 15.06 -6.90
CA ASP N 175 57.59 15.42 -6.97
C ASP N 175 57.90 16.49 -8.02
N ARG N 176 56.93 17.36 -8.31
CA ARG N 176 57.06 18.39 -9.35
C ARG N 176 57.53 17.86 -10.71
N SER N 177 57.17 16.61 -11.03
CA SER N 177 57.58 15.99 -12.29
C SER N 177 56.67 16.43 -13.44
N GLY N 178 55.41 16.73 -13.12
CA GLY N 178 54.44 17.17 -14.11
C GLY N 178 54.58 18.62 -14.57
N LEU N 179 55.45 19.38 -13.90
CA LEU N 179 55.69 20.79 -14.23
C LEU N 179 55.84 21.05 -15.73
N THR N 180 56.52 20.13 -16.42
CA THR N 180 56.70 20.23 -17.88
C THR N 180 55.36 20.15 -18.61
N ALA N 181 54.49 19.23 -18.15
CA ALA N 181 53.15 19.08 -18.72
C ALA N 181 52.22 20.23 -18.30
N VAL N 182 52.46 20.78 -17.11
CA VAL N 182 51.68 21.92 -16.62
C VAL N 182 51.92 23.17 -17.48
N ILE N 183 53.18 23.39 -17.84
CA ILE N 183 53.56 24.51 -18.71
C ILE N 183 53.09 24.26 -20.14
N ARG N 184 53.24 23.02 -20.60
CA ARG N 184 52.82 22.61 -21.93
C ARG N 184 51.34 22.87 -22.16
N ARG N 185 50.50 22.38 -21.24
CA ARG N 185 49.06 22.58 -21.32
C ARG N 185 48.69 24.06 -21.14
N ALA N 186 49.41 24.76 -20.27
CA ALA N 186 49.19 26.20 -20.04
C ALA N 186 49.50 27.05 -21.29
N ASN N 187 50.16 26.46 -22.28
CA ASN N 187 50.38 27.11 -23.58
C ASN N 187 49.34 26.68 -24.61
N ASN N 188 48.93 25.41 -24.57
CA ASN N 188 47.85 24.90 -25.43
C ASN N 188 46.51 25.45 -24.96
N VAL N 189 46.25 25.30 -23.67
CA VAL N 189 45.12 25.93 -23.01
C VAL N 189 45.55 27.36 -22.69
N LEU N 190 44.60 28.24 -22.42
CA LEU N 190 44.90 29.54 -21.82
C LEU N 190 45.79 30.41 -22.73
N LYS N 191 45.76 30.14 -24.03
CA LYS N 191 46.64 30.81 -24.99
C LYS N 191 46.23 32.26 -25.24
N ASN N 192 44.93 32.51 -25.29
CA ASN N 192 44.40 33.87 -25.41
C ASN N 192 44.74 34.72 -24.18
N GLU N 193 44.76 34.07 -23.01
CA GLU N 193 45.06 34.76 -21.74
C GLU N 193 46.52 35.21 -21.66
N MET N 194 47.43 34.40 -22.21
CA MET N 194 48.86 34.72 -22.21
C MET N 194 49.20 35.89 -23.14
N LYS N 195 48.40 36.08 -24.19
CA LYS N 195 48.57 37.21 -25.11
C LYS N 195 48.26 38.53 -24.40
N ARG N 196 47.19 38.54 -23.62
CA ARG N 196 46.70 39.76 -22.97
C ARG N 196 47.34 40.06 -21.61
N TYR N 197 48.24 39.19 -21.15
CA TYR N 197 48.97 39.41 -19.90
C TYR N 197 50.43 38.95 -20.02
N LYS N 198 51.35 39.90 -19.86
CA LYS N 198 52.79 39.63 -19.95
C LYS N 198 53.27 38.75 -18.80
N GLY N 199 52.72 38.96 -17.62
CA GLY N 199 53.12 38.24 -16.41
C GLY N 199 52.40 36.92 -16.18
N LEU N 200 51.87 36.31 -17.24
CA LEU N 200 51.31 34.96 -17.16
C LEU N 200 52.43 33.98 -17.50
N LEU N 201 53.24 33.65 -16.50
CA LEU N 201 54.38 32.76 -16.64
C LEU N 201 54.03 31.40 -16.04
N PRO N 202 53.70 30.40 -16.89
CA PRO N 202 53.30 29.08 -16.39
C PRO N 202 54.31 28.44 -15.44
N LYS N 203 55.60 28.51 -15.77
CA LYS N 203 56.65 27.92 -14.95
C LYS N 203 56.76 28.59 -13.58
N ASP N 204 56.73 29.92 -13.57
CA ASP N 204 56.87 30.69 -12.33
C ASP N 204 55.67 30.55 -11.40
N ILE N 205 54.47 30.55 -11.98
CA ILE N 205 53.23 30.47 -11.18
C ILE N 205 52.98 29.04 -10.70
N ALA N 206 53.25 28.06 -11.55
CA ALA N 206 53.07 26.64 -11.19
C ALA N 206 53.97 26.23 -10.03
N ASN N 207 55.23 26.65 -10.08
CA ASN N 207 56.18 26.41 -8.99
C ASN N 207 55.75 27.08 -7.68
N SER N 208 55.05 28.20 -7.78
CA SER N 208 54.51 28.90 -6.61
C SER N 208 53.40 28.08 -5.96
N PHE N 209 52.51 27.54 -6.79
CA PHE N 209 51.43 26.68 -6.30
C PHE N 209 51.96 25.32 -5.84
N TYR N 210 52.98 24.79 -6.51
CA TYR N 210 53.67 23.58 -6.05
C TYR N 210 54.28 23.79 -4.66
N GLU N 211 54.84 24.98 -4.43
CA GLU N 211 55.45 25.32 -3.15
C GLU N 211 54.44 25.46 -2.03
N VAL N 212 53.33 26.15 -2.31
CA VAL N 212 52.31 26.43 -1.29
C VAL N 212 51.52 25.17 -0.90
N PHE N 213 51.32 24.26 -1.85
CA PHE N 213 50.66 22.98 -1.56
C PHE N 213 51.58 22.04 -0.78
N GLU N 214 52.89 22.10 -1.07
CA GLU N 214 53.88 21.31 -0.34
C GLU N 214 54.09 21.82 1.08
N LYS N 215 54.29 23.14 1.21
CA LYS N 215 54.52 23.76 2.51
C LYS N 215 53.25 23.76 3.37
N HIS N 216 52.09 23.93 2.73
CA HIS N 216 50.81 23.94 3.43
C HIS N 216 49.85 22.92 2.81
N PRO N 217 49.86 21.67 3.32
CA PRO N 217 48.96 20.62 2.83
C PRO N 217 47.46 20.90 3.04
N HIS N 218 47.14 21.76 4.00
CA HIS N 218 45.74 22.16 4.24
C HIS N 218 45.18 23.05 3.13
N PHE N 219 46.05 23.79 2.44
CA PHE N 219 45.62 24.64 1.32
C PHE N 219 45.24 23.86 0.06
N ILE N 220 45.73 22.62 -0.06
CA ILE N 220 45.37 21.79 -1.22
C ILE N 220 43.94 21.28 -1.00
N ASP N 221 43.59 21.05 0.26
CA ASP N 221 42.22 20.70 0.64
C ASP N 221 41.27 21.89 0.43
N VAL N 222 41.77 23.09 0.68
CA VAL N 222 41.01 24.32 0.46
C VAL N 222 40.74 24.56 -1.03
N PHE N 223 41.74 24.30 -1.87
CA PHE N 223 41.62 24.49 -3.32
C PHE N 223 40.69 23.47 -3.97
N VAL N 224 40.80 22.21 -3.55
CA VAL N 224 39.96 21.14 -4.09
C VAL N 224 38.48 21.40 -3.79
N HIS N 225 38.19 21.77 -2.55
CA HIS N 225 36.81 22.06 -2.15
C HIS N 225 36.31 23.42 -2.68
N PHE N 226 37.25 24.30 -3.02
CA PHE N 226 36.91 25.52 -3.76
C PHE N 226 36.55 25.17 -5.20
N GLY N 227 37.37 24.32 -5.83
CA GLY N 227 37.16 23.91 -7.21
C GLY N 227 35.85 23.15 -7.43
N ILE N 228 35.47 22.33 -6.45
CA ILE N 228 34.20 21.63 -6.48
C ILE N 228 33.05 22.62 -6.30
N ALA N 229 33.22 23.57 -5.39
CA ALA N 229 32.25 24.64 -5.16
C ALA N 229 32.15 25.58 -6.37
N GLN N 230 33.28 25.84 -7.01
CA GLN N 230 33.34 26.64 -8.23
C GLN N 230 32.66 25.91 -9.40
N SER N 231 32.87 24.60 -9.48
CA SER N 231 32.27 23.78 -10.53
C SER N 231 30.79 23.47 -10.28
N SER N 232 30.31 23.77 -9.08
CA SER N 232 28.89 23.58 -8.73
C SER N 232 28.00 24.75 -9.13
N THR N 233 28.59 25.83 -9.63
CA THR N 233 27.83 27.03 -9.99
C THR N 233 26.97 26.83 -11.25
N ARG N 234 26.04 27.75 -11.47
CA ARG N 234 25.10 27.66 -12.58
C ARG N 234 25.71 28.14 -13.90
N GLY N 235 26.56 29.16 -13.82
CA GLY N 235 27.25 29.69 -15.00
C GLY N 235 28.01 30.97 -14.70
N GLY N 236 29.09 31.21 -15.44
CA GLY N 236 29.97 32.37 -15.22
C GLY N 236 30.56 32.93 -16.50
N SER N 237 31.90 32.95 -16.56
CA SER N 237 32.63 33.41 -17.76
C SER N 237 33.39 32.24 -18.39
N ARG N 238 33.98 32.47 -19.57
CA ARG N 238 34.71 31.43 -20.28
C ARG N 238 36.00 31.03 -19.54
N VAL N 239 36.60 31.98 -18.84
CA VAL N 239 37.79 31.71 -18.01
C VAL N 239 37.44 30.82 -16.83
N GLU N 240 36.23 30.98 -16.29
CA GLU N 240 35.72 30.09 -15.26
C GLU N 240 35.36 28.72 -15.85
N GLY N 241 34.99 28.72 -17.14
CA GLY N 241 34.82 27.48 -17.90
C GLY N 241 36.14 26.76 -18.11
N ILE N 242 37.22 27.52 -18.29
CA ILE N 242 38.58 26.95 -18.39
C ILE N 242 38.94 26.24 -17.09
N PHE N 243 38.80 26.97 -15.97
CA PHE N 243 39.11 26.44 -14.66
C PHE N 243 38.32 25.17 -14.34
N ALA N 244 37.02 25.19 -14.63
CA ALA N 244 36.14 24.04 -14.39
C ALA N 244 36.57 22.81 -15.18
N GLY N 245 36.94 23.01 -16.44
CA GLY N 245 37.41 21.93 -17.30
C GLY N 245 38.77 21.40 -16.87
N LEU N 246 39.68 22.31 -16.57
CA LEU N 246 41.03 21.95 -16.12
C LEU N 246 41.02 21.31 -14.72
N PHE N 247 40.10 21.72 -13.88
CA PHE N 247 39.96 21.16 -12.53
C PHE N 247 39.43 19.73 -12.58
N MET N 248 38.47 19.47 -13.47
CA MET N 248 37.88 18.13 -13.62
C MET N 248 38.80 17.14 -14.33
N ASN N 249 39.85 17.63 -14.98
CA ASN N 249 40.90 16.76 -15.51
C ASN N 249 41.70 16.11 -14.37
N ALA N 250 41.72 16.76 -13.22
CA ALA N 250 42.38 16.22 -12.03
C ALA N 250 41.61 15.04 -11.43
N TYR N 251 40.29 15.00 -11.64
CA TYR N 251 39.46 13.89 -11.16
C TYR N 251 40.00 12.56 -11.67
N GLY N 252 40.22 11.63 -10.75
CA GLY N 252 40.75 10.30 -11.08
C GLY N 252 42.26 10.27 -11.22
N ALA N 253 42.94 11.31 -10.73
CA ALA N 253 44.40 11.34 -10.71
C ALA N 253 44.92 10.42 -9.62
N GLY N 254 46.08 9.81 -9.85
CA GLY N 254 46.66 8.86 -8.91
C GLY N 254 45.98 7.50 -8.93
N GLN N 255 45.20 7.24 -9.98
CA GLN N 255 44.46 5.98 -10.12
C GLN N 255 44.08 5.75 -11.59
N VAL N 256 45.07 5.86 -12.47
CA VAL N 256 44.89 5.65 -13.90
C VAL N 256 44.76 4.16 -14.25
N MET N 257 45.41 3.31 -13.45
CA MET N 257 45.35 1.86 -13.64
C MET N 257 43.92 1.34 -13.49
N LEU N 258 43.12 2.07 -12.70
CA LEU N 258 41.70 1.76 -12.52
C LEU N 258 40.93 1.99 -13.82
N ARG N 259 41.25 3.09 -14.52
CA ARG N 259 40.59 3.43 -15.78
C ARG N 259 41.08 2.55 -16.94
N TRP N 260 42.39 2.27 -16.97
CA TRP N 260 42.97 1.40 -17.99
C TRP N 260 42.52 -0.06 -17.86
N GLY N 261 42.12 -0.45 -16.65
CA GLY N 261 41.57 -1.78 -16.41
C GLY N 261 40.20 -1.98 -17.06
N VAL N 262 39.41 -0.90 -17.10
CA VAL N 262 38.11 -0.93 -17.77
C VAL N 262 38.31 -0.90 -19.29
N LEU N 263 39.38 -0.23 -19.74
CA LEU N 263 39.73 -0.19 -21.16
C LEU N 263 40.11 -1.57 -21.69
N ALA N 264 40.93 -2.29 -20.93
CA ALA N 264 41.33 -3.65 -21.29
C ALA N 264 40.12 -4.59 -21.35
N LYS N 265 39.17 -4.36 -20.45
CA LYS N 265 37.90 -5.10 -20.44
C LYS N 265 37.01 -4.69 -21.62
N SER N 266 37.05 -3.41 -21.98
CA SER N 266 36.26 -2.89 -23.11
C SER N 266 36.78 -3.42 -24.45
N VAL N 267 38.08 -3.36 -24.64
CA VAL N 267 38.71 -3.87 -25.88
C VAL N 267 38.83 -5.40 -25.91
N LYS N 268 38.57 -6.04 -24.77
CA LYS N 268 38.56 -7.50 -24.65
C LYS N 268 39.94 -8.11 -24.89
N ASN N 269 40.92 -7.67 -24.10
CA ASN N 269 42.27 -8.23 -24.18
C ASN N 269 42.27 -9.67 -23.65
N ILE N 270 42.76 -10.59 -24.49
CA ILE N 270 42.65 -12.03 -24.22
C ILE N 270 43.45 -12.48 -22.99
N MET N 271 44.50 -11.74 -22.63
CA MET N 271 45.33 -12.08 -21.47
C MET N 271 44.63 -11.85 -20.12
N LEU N 272 43.47 -11.20 -20.14
CA LEU N 272 42.61 -11.11 -18.94
C LEU N 272 42.11 -12.49 -18.53
N GLY N 273 41.83 -13.35 -19.52
CA GLY N 273 41.37 -14.71 -19.26
C GLY N 273 42.44 -15.69 -18.80
N HIS N 274 43.69 -15.23 -18.74
CA HIS N 274 44.81 -16.06 -18.27
C HIS N 274 44.60 -16.50 -16.82
N ALA N 275 45.08 -17.70 -16.49
CA ALA N 275 44.77 -18.36 -15.21
C ALA N 275 45.21 -17.56 -13.99
N SER N 276 46.45 -17.09 -13.98
CA SER N 276 46.98 -16.33 -12.85
C SER N 276 46.30 -14.97 -12.69
N VAL N 277 45.78 -14.44 -13.79
CA VAL N 277 44.98 -13.21 -13.77
C VAL N 277 43.59 -13.51 -13.19
N GLN N 278 43.03 -14.66 -13.55
CA GLN N 278 41.71 -15.07 -13.06
C GLN N 278 41.69 -15.42 -11.56
N ALA N 279 42.85 -15.78 -11.02
CA ALA N 279 42.98 -16.04 -9.58
C ALA N 279 42.78 -14.77 -8.76
N GLU N 280 43.17 -13.63 -9.34
CA GLU N 280 43.07 -12.34 -8.67
C GLU N 280 41.69 -11.68 -8.85
N MET N 281 40.91 -12.18 -9.81
CA MET N 281 39.64 -11.53 -10.20
C MET N 281 38.63 -11.38 -9.06
N GLU N 282 38.68 -12.26 -8.06
CA GLU N 282 37.81 -12.14 -6.89
C GLU N 282 38.14 -10.87 -6.11
N GLN N 283 39.43 -10.56 -5.98
CA GLN N 283 39.88 -9.41 -5.18
C GLN N 283 39.94 -8.09 -5.96
N VAL N 284 40.11 -8.15 -7.28
CA VAL N 284 40.14 -6.93 -8.09
C VAL N 284 38.74 -6.34 -8.23
N VAL N 285 37.72 -7.20 -8.20
CA VAL N 285 36.32 -6.78 -8.24
C VAL N 285 35.95 -6.02 -6.96
N GLU N 286 36.53 -6.43 -5.83
CA GLU N 286 36.27 -5.78 -4.54
C GLU N 286 36.69 -4.31 -4.54
N VAL N 287 37.83 -4.00 -5.15
CA VAL N 287 38.33 -2.62 -5.22
C VAL N 287 37.56 -1.80 -6.26
N TYR N 288 37.15 -2.43 -7.36
CA TYR N 288 36.30 -1.76 -8.36
C TYR N 288 34.91 -1.49 -7.81
N GLU N 289 34.36 -2.44 -7.06
CA GLU N 289 33.09 -2.24 -6.36
C GLU N 289 33.23 -1.20 -5.24
N TYR N 290 34.41 -1.15 -4.61
CA TYR N 290 34.72 -0.14 -3.61
C TYR N 290 34.84 1.25 -4.24
N ALA N 291 35.41 1.31 -5.45
CA ALA N 291 35.49 2.55 -6.20
C ALA N 291 34.10 3.03 -6.64
N GLN N 292 33.25 2.07 -7.01
CA GLN N 292 31.84 2.36 -7.34
C GLN N 292 31.06 2.81 -6.13
N LYS N 293 31.41 2.29 -4.95
CA LYS N 293 30.74 2.64 -3.70
C LYS N 293 31.01 4.09 -3.30
N LEU N 294 32.29 4.47 -3.34
CA LEU N 294 32.70 5.84 -3.00
C LEU N 294 32.12 6.87 -3.98
N GLY N 295 32.23 6.58 -5.27
CA GLY N 295 31.69 7.44 -6.32
C GLY N 295 32.57 8.64 -6.59
N GLY N 296 31.97 9.83 -6.51
CA GLY N 296 32.69 11.08 -6.75
C GLY N 296 33.72 11.42 -5.69
N GLU N 297 33.51 10.89 -4.48
CA GLU N 297 34.42 11.12 -3.35
C GLU N 297 35.83 10.60 -3.63
N ALA N 298 35.93 9.50 -4.37
CA ALA N 298 37.20 8.85 -4.68
C ALA N 298 38.04 9.56 -5.76
N GLY N 299 37.48 10.59 -6.38
CA GLY N 299 38.18 11.32 -7.44
C GLY N 299 39.44 12.02 -6.99
N PHE N 300 39.37 12.70 -5.84
CA PHE N 300 40.50 13.46 -5.30
C PHE N 300 41.10 12.76 -4.07
N TYR N 301 41.15 11.44 -4.10
CA TYR N 301 41.70 10.65 -3.00
C TYR N 301 43.23 10.62 -3.00
N HIS N 302 43.85 10.87 -4.16
CA HIS N 302 45.31 10.93 -4.26
C HIS N 302 45.84 12.36 -4.32
N ILE N 303 45.03 13.27 -4.87
CA ILE N 303 45.37 14.70 -4.88
C ILE N 303 45.40 15.20 -3.45
N LEU N 304 44.28 15.05 -2.75
CA LEU N 304 44.28 15.10 -1.29
C LEU N 304 44.90 13.77 -0.88
N ASN N 305 45.97 13.78 -0.09
CA ASN N 305 46.60 12.52 0.31
C ASN N 305 45.75 11.77 1.33
N ASN N 306 44.65 11.19 0.83
CA ASN N 306 43.67 10.51 1.66
C ASN N 306 44.22 9.15 2.10
N PRO N 307 44.09 8.81 3.39
CA PRO N 307 44.49 7.49 3.90
C PRO N 307 43.89 6.30 3.13
N LYS N 308 42.65 6.47 2.65
CA LYS N 308 41.94 5.42 1.93
C LYS N 308 42.27 5.36 0.43
N ALA N 309 43.27 6.14 0.01
CA ALA N 309 43.72 6.13 -1.39
C ALA N 309 44.46 4.84 -1.75
N SER N 310 45.13 4.25 -0.76
CA SER N 310 45.87 3.00 -0.95
C SER N 310 44.96 1.81 -1.23
N LEU N 311 43.70 1.91 -0.77
CA LEU N 311 42.70 0.84 -0.98
C LEU N 311 42.28 0.71 -2.45
N LEU N 312 42.39 1.80 -3.20
CA LEU N 312 42.02 1.80 -4.63
C LEU N 312 43.11 1.25 -5.55
N SER N 313 44.25 0.84 -4.97
CA SER N 313 45.39 0.36 -5.75
C SER N 313 45.15 -1.02 -6.35
N LEU N 314 45.45 -1.15 -7.63
CA LEU N 314 45.45 -2.45 -8.32
C LEU N 314 46.85 -3.05 -8.38
N THR N 315 47.86 -2.27 -7.98
CA THR N 315 49.26 -2.70 -7.99
C THR N 315 49.52 -3.91 -7.08
N GLN N 316 48.70 -4.06 -6.04
CA GLN N 316 48.74 -5.25 -5.18
C GLN N 316 48.46 -6.56 -5.94
N PHE N 317 47.84 -6.44 -7.11
CA PHE N 317 47.58 -7.59 -7.99
C PHE N 317 48.57 -7.56 -9.17
N PRO N 318 49.69 -8.33 -9.06
CA PRO N 318 50.74 -8.29 -10.08
C PRO N 318 50.29 -8.68 -11.50
N HIS N 319 49.51 -9.74 -11.60
CA HIS N 319 49.14 -10.31 -12.91
C HIS N 319 48.14 -9.44 -13.66
N PHE N 320 47.10 -9.01 -12.96
CA PHE N 320 46.07 -8.14 -13.56
C PHE N 320 46.64 -6.77 -13.93
N SER N 321 47.54 -6.24 -13.10
CA SER N 321 48.20 -4.96 -13.38
C SER N 321 49.06 -5.05 -14.65
N SER N 322 49.72 -6.18 -14.85
CA SER N 322 50.61 -6.37 -16.00
C SER N 322 49.87 -6.37 -17.33
N VAL N 323 48.79 -7.15 -17.41
CA VAL N 323 47.96 -7.21 -18.62
C VAL N 323 47.28 -5.86 -18.92
N VAL N 324 46.87 -5.15 -17.87
CA VAL N 324 46.25 -3.83 -18.03
C VAL N 324 47.30 -2.80 -18.47
N LEU N 325 48.50 -2.87 -17.90
CA LEU N 325 49.57 -1.96 -18.26
C LEU N 325 50.15 -2.31 -19.64
N GLY N 326 50.06 -3.60 -20.00
CA GLY N 326 50.45 -4.07 -21.33
C GLY N 326 49.47 -3.64 -22.41
N ASN N 327 48.18 -3.74 -22.10
CA ASN N 327 47.11 -3.30 -23.01
C ASN N 327 47.25 -1.81 -23.35
N ALA N 328 47.58 -1.01 -22.35
CA ALA N 328 47.81 0.43 -22.54
C ALA N 328 49.04 0.69 -23.42
N ALA N 329 50.07 -0.14 -23.26
CA ALA N 329 51.29 -0.02 -24.06
C ALA N 329 51.07 -0.40 -25.52
N GLY N 330 50.29 -1.45 -25.75
CA GLY N 330 49.97 -1.91 -27.10
C GLY N 330 49.07 -0.97 -27.86
N LEU N 331 48.08 -0.40 -27.17
CA LEU N 331 47.21 0.64 -27.74
C LEU N 331 47.97 1.96 -27.94
N GLY N 332 49.10 2.12 -27.26
CA GLY N 332 49.97 3.27 -27.43
C GLY N 332 49.41 4.52 -26.78
N ILE N 333 48.93 4.37 -25.55
CA ILE N 333 48.36 5.49 -24.78
C ILE N 333 49.24 5.92 -23.61
N MET N 334 50.02 5.00 -23.06
CA MET N 334 50.98 5.32 -21.99
C MET N 334 52.28 5.88 -22.57
N GLY N 335 53.19 6.29 -21.69
CA GLY N 335 54.48 6.85 -22.09
C GLY N 335 54.49 8.36 -21.98
N GLU N 336 55.33 8.95 -21.13
CA GLU N 336 56.29 8.26 -20.28
C GLU N 336 55.70 8.03 -18.89
N TYR N 337 54.99 6.92 -18.74
CA TYR N 337 54.35 6.54 -17.48
C TYR N 337 55.32 5.65 -16.70
N ARG N 338 55.65 6.05 -15.48
CA ARG N 338 56.70 5.40 -14.70
C ARG N 338 56.21 4.18 -13.88
N GLY N 339 55.17 3.51 -14.38
CA GLY N 339 54.68 2.28 -13.76
C GLY N 339 55.34 1.07 -14.43
N THR N 340 55.87 0.17 -13.61
CA THR N 340 56.59 -1.01 -14.10
C THR N 340 55.77 -2.27 -13.81
N PRO N 341 55.59 -3.14 -14.83
CA PRO N 341 54.83 -4.37 -14.63
C PRO N 341 55.60 -5.40 -13.81
N ARG N 342 54.96 -5.98 -12.80
CA ARG N 342 55.59 -7.00 -11.96
C ARG N 342 55.82 -8.29 -12.74
N ASN N 343 54.83 -8.69 -13.53
CA ASN N 343 54.97 -9.83 -14.45
C ASN N 343 55.26 -9.32 -15.86
N GLN N 344 56.47 -9.60 -16.35
CA GLN N 344 56.92 -9.11 -17.66
C GLN N 344 56.34 -9.94 -18.80
N ASP N 345 56.16 -11.24 -18.59
CA ASP N 345 55.64 -12.14 -19.62
C ASP N 345 54.18 -11.83 -19.97
N LEU N 346 53.37 -11.56 -18.94
CA LEU N 346 51.97 -11.15 -19.14
C LEU N 346 51.86 -9.78 -19.79
N TYR N 347 52.80 -8.89 -19.47
CA TYR N 347 52.84 -7.55 -20.05
C TYR N 347 53.13 -7.61 -21.55
N ASP N 348 54.13 -8.39 -21.93
CA ASP N 348 54.52 -8.53 -23.34
C ASP N 348 53.45 -9.23 -24.18
N ALA N 349 52.77 -10.21 -23.58
CA ALA N 349 51.70 -10.94 -24.26
C ALA N 349 50.47 -10.05 -24.47
N ALA N 350 50.17 -9.22 -23.47
CA ALA N 350 49.06 -8.27 -23.55
C ALA N 350 49.36 -7.13 -24.53
N LYS N 351 50.61 -6.67 -24.53
CA LYS N 351 51.07 -5.64 -25.46
C LYS N 351 51.00 -6.14 -26.90
N ALA N 352 51.37 -7.40 -27.11
CA ALA N 352 51.37 -8.00 -28.45
C ALA N 352 49.96 -8.05 -29.04
N TYR N 353 48.98 -8.47 -28.24
CA TYR N 353 47.60 -8.54 -28.70
C TYR N 353 46.96 -7.17 -28.84
N ALA N 354 47.27 -6.27 -27.90
CA ALA N 354 46.75 -4.90 -27.93
C ALA N 354 47.19 -4.16 -29.19
N GLU N 355 48.39 -4.47 -29.69
CA GLU N 355 48.85 -3.97 -30.98
C GLU N 355 48.05 -4.58 -32.12
N GLN N 356 47.73 -5.87 -32.01
CA GLN N 356 46.90 -6.57 -32.99
C GLN N 356 45.44 -6.08 -32.98
N LEU N 357 44.98 -5.58 -31.84
CA LEU N 357 43.60 -5.07 -31.70
C LEU N 357 43.42 -3.73 -32.42
N LYS N 358 44.30 -2.78 -32.12
CA LYS N 358 44.26 -1.44 -32.74
C LYS N 358 44.61 -1.48 -34.23
N GLU N 359 45.09 -2.63 -34.68
CA GLU N 359 45.62 -2.77 -36.03
C GLU N 359 44.49 -2.59 -37.03
N ASN N 360 44.70 -1.69 -38.00
CA ASN N 360 43.82 -1.59 -39.17
C ASN N 360 42.47 -0.87 -38.85
N GLY N 361 41.43 -1.12 -39.64
CA GLY N 361 40.18 -0.34 -39.58
C GLY N 361 39.17 -0.62 -40.70
N VAL N 362 38.50 -1.77 -40.63
CA VAL N 362 37.42 -2.13 -41.57
C VAL N 362 36.11 -1.46 -41.13
N ILE N 363 35.18 -1.29 -42.07
CA ILE N 363 33.84 -0.78 -41.76
C ILE N 363 32.92 -1.94 -41.33
N ASN N 364 32.27 -1.78 -40.18
CA ASN N 364 31.27 -2.73 -39.71
C ASN N 364 29.87 -2.26 -40.10
N TYR N 365 29.25 -2.96 -41.05
CA TYR N 365 27.96 -2.56 -41.61
C TYR N 365 26.76 -3.05 -40.79
N SER N 366 26.99 -3.99 -39.88
CA SER N 366 25.92 -4.50 -39.01
C SER N 366 25.54 -3.51 -37.91
N VAL N 367 26.43 -2.55 -37.62
CA VAL N 367 26.18 -1.53 -36.60
C VAL N 367 25.11 -0.55 -37.06
N LEU N 368 25.18 -0.12 -38.32
CA LEU N 368 24.22 0.82 -38.87
C LEU N 368 22.87 0.16 -39.10
N ASP N 369 21.81 0.95 -39.11
CA ASP N 369 20.46 0.45 -39.33
C ASP N 369 20.11 0.48 -40.82
N LEU N 370 20.95 -0.18 -41.62
CA LEU N 370 20.77 -0.22 -43.07
C LEU N 370 19.67 -1.21 -43.44
N THR N 371 18.80 -0.81 -44.36
CA THR N 371 17.67 -1.64 -44.78
C THR N 371 18.00 -2.39 -46.07
N ALA O 2 12.30 -32.23 20.80
CA ALA O 2 13.02 -32.47 19.52
C ALA O 2 14.53 -32.49 19.73
N LEU O 3 15.23 -33.14 18.80
CA LEU O 3 16.70 -33.21 18.85
C LEU O 3 17.34 -31.98 18.22
N SER O 4 16.53 -31.11 17.60
CA SER O 4 17.01 -29.85 17.06
C SER O 4 17.27 -28.82 18.16
N LYS O 5 16.56 -28.95 19.28
CA LYS O 5 16.66 -28.00 20.39
C LYS O 5 17.91 -28.18 21.24
N VAL O 6 18.39 -29.41 21.37
CA VAL O 6 19.62 -29.69 22.13
C VAL O 6 20.83 -29.00 21.49
N LYS O 7 21.09 -27.78 21.94
CA LYS O 7 22.17 -26.95 21.41
C LYS O 7 22.64 -25.97 22.48
N LEU O 8 23.80 -25.36 22.27
CA LEU O 8 24.34 -24.39 23.23
C LEU O 8 25.39 -23.50 22.58
N ASN O 9 25.02 -22.24 22.34
CA ASN O 9 25.92 -21.27 21.70
C ASN O 9 26.90 -20.72 22.73
N ASP O 10 28.00 -21.45 22.94
CA ASP O 10 29.01 -21.06 23.92
C ASP O 10 29.78 -19.80 23.50
N THR O 11 30.04 -19.68 22.19
CA THR O 11 30.79 -18.54 21.65
C THR O 11 30.06 -17.21 21.91
N LEU O 12 28.75 -17.21 21.71
CA LEU O 12 27.93 -16.02 21.93
C LEU O 12 27.70 -15.74 23.42
N ASN O 13 27.58 -16.80 24.21
CA ASN O 13 27.38 -16.68 25.65
C ASN O 13 28.64 -16.20 26.39
N LYS O 14 29.80 -16.67 25.95
CA LYS O 14 31.07 -16.21 26.50
C LYS O 14 31.26 -14.71 26.26
N ASP O 15 30.89 -14.25 25.06
CA ASP O 15 30.94 -12.82 24.73
C ASP O 15 29.94 -12.03 25.58
N GLN O 16 28.75 -12.60 25.79
CA GLN O 16 27.71 -11.98 26.62
C GLN O 16 28.15 -11.84 28.07
N LEU O 17 28.94 -12.79 28.56
CA LEU O 17 29.47 -12.74 29.92
C LEU O 17 30.44 -11.58 30.09
N LEU O 18 31.39 -11.47 29.17
CA LEU O 18 32.44 -10.44 29.24
C LEU O 18 31.91 -9.05 28.90
N SER O 19 30.93 -8.98 27.99
CA SER O 19 30.33 -7.70 27.61
C SER O 19 29.49 -7.09 28.73
N SER O 20 28.90 -7.94 29.57
CA SER O 20 28.04 -7.48 30.67
C SER O 20 28.72 -7.68 32.03
N SER O 21 29.96 -7.20 32.15
CA SER O 21 30.69 -7.25 33.41
C SER O 21 30.23 -6.11 34.31
N LYS O 22 29.92 -6.43 35.57
CA LYS O 22 29.46 -5.42 36.53
C LYS O 22 30.64 -4.62 37.07
N TYR O 23 31.82 -5.24 37.11
CA TYR O 23 33.00 -4.66 37.74
C TYR O 23 34.12 -4.49 36.72
N THR O 24 35.07 -3.61 37.03
CA THR O 24 36.17 -3.28 36.12
C THR O 24 37.52 -3.28 36.82
N ILE O 25 38.54 -3.74 36.11
CA ILE O 25 39.93 -3.64 36.58
C ILE O 25 40.62 -2.46 35.90
N GLN O 26 41.51 -1.80 36.63
CA GLN O 26 42.25 -0.67 36.11
C GLN O 26 43.74 -0.82 36.43
N ARG O 27 44.52 -1.04 35.37
CA ARG O 27 45.92 -1.44 35.50
C ARG O 27 46.81 -0.25 35.82
N SER O 28 47.89 -0.50 36.57
CA SER O 28 48.80 0.54 37.02
C SER O 28 49.55 1.15 35.84
N THR O 29 49.03 2.27 35.34
CA THR O 29 49.68 3.02 34.27
C THR O 29 50.98 3.63 34.79
N GLY O 30 51.00 3.98 36.08
CA GLY O 30 52.20 4.46 36.75
C GLY O 30 51.92 5.66 37.63
N ASP O 31 52.93 6.52 37.77
CA ASP O 31 52.81 7.74 38.57
C ASP O 31 52.31 8.92 37.75
N SER O 32 52.73 9.01 36.50
CA SER O 32 52.32 10.10 35.61
C SER O 32 52.52 9.77 34.13
N ILE O 33 51.67 10.34 33.29
CA ILE O 33 51.81 10.26 31.83
C ILE O 33 51.78 11.67 31.24
N ASP O 34 52.69 11.93 30.31
CA ASP O 34 52.73 13.21 29.61
C ASP O 34 51.66 13.25 28.54
N THR O 35 50.73 14.18 28.66
CA THR O 35 49.63 14.35 27.70
C THR O 35 49.75 15.71 27.02
N PRO O 36 50.61 15.81 25.98
CA PRO O 36 50.80 17.08 25.28
C PRO O 36 49.59 17.45 24.41
N ASN O 37 49.35 18.75 24.28
CA ASN O 37 48.23 19.26 23.48
C ASN O 37 48.70 19.69 22.09
N TYR O 38 47.84 20.37 21.34
CA TYR O 38 48.15 20.77 19.96
C TYR O 38 49.20 21.88 19.89
N ASP O 39 49.29 22.70 20.94
CA ASP O 39 50.26 23.79 20.98
C ASP O 39 51.71 23.31 21.01
N VAL O 40 51.94 22.17 21.66
CA VAL O 40 53.28 21.59 21.79
C VAL O 40 53.64 20.68 20.59
N GLN O 41 52.64 20.25 19.84
CA GLN O 41 52.84 19.36 18.68
C GLN O 41 53.96 19.82 17.76
N LYS O 42 54.01 21.12 17.47
CA LYS O 42 54.98 21.68 16.53
C LYS O 42 56.41 21.65 17.09
N HIS O 43 56.53 21.68 18.42
CA HIS O 43 57.82 21.57 19.10
C HIS O 43 58.35 20.14 19.05
N ILE O 44 57.46 19.16 19.15
CA ILE O 44 57.83 17.74 19.13
C ILE O 44 58.26 17.33 17.72
N ASN O 45 57.58 17.88 16.71
CA ASN O 45 57.97 17.67 15.31
C ASN O 45 59.39 18.17 15.04
N LYS O 46 59.76 19.28 15.68
CA LYS O 46 61.11 19.82 15.60
C LYS O 46 62.10 18.89 16.31
N LEU O 47 61.69 18.37 17.47
CA LEU O 47 62.49 17.42 18.23
C LEU O 47 62.68 16.11 17.45
N CYS O 48 61.63 15.68 16.77
CA CYS O 48 61.69 14.51 15.89
C CYS O 48 62.63 14.75 14.71
N GLY O 49 62.61 15.98 14.18
CA GLY O 49 63.50 16.38 13.09
C GLY O 49 64.97 16.40 13.49
N MET O 50 65.23 16.85 14.72
CA MET O 50 66.60 16.90 15.25
C MET O 50 67.26 15.52 15.28
N LEU O 51 66.50 14.52 15.72
CA LEU O 51 66.95 13.13 15.73
C LEU O 51 67.21 12.60 14.32
N LEU O 52 66.39 13.04 13.36
CA LEU O 52 66.49 12.59 11.98
C LEU O 52 67.70 13.17 11.24
N ILE O 53 68.03 14.44 11.51
CA ILE O 53 69.20 15.08 10.87
C ILE O 53 70.53 14.68 11.51
N THR O 54 70.48 14.16 12.75
CA THR O 54 71.67 13.75 13.47
C THR O 54 72.25 12.46 12.88
N GLU O 55 73.52 12.52 12.46
CA GLU O 55 74.21 11.35 11.92
C GLU O 55 74.60 10.41 13.05
N ASP O 56 74.22 9.13 12.91
CA ASP O 56 74.42 8.13 13.96
C ASP O 56 73.80 8.59 15.28
N ALA O 57 72.49 8.87 15.24
CA ALA O 57 71.78 9.42 16.38
C ALA O 57 71.46 8.36 17.44
N ASN O 58 71.32 8.82 18.68
CA ASN O 58 70.92 7.95 19.78
C ASN O 58 69.40 7.86 19.86
N HIS O 59 68.84 6.80 19.29
CA HIS O 59 67.39 6.58 19.32
C HIS O 59 66.99 5.73 20.53
N LYS O 60 67.41 6.17 21.71
CA LYS O 60 67.02 5.52 22.96
C LYS O 60 65.65 6.03 23.42
N PHE O 61 65.36 7.29 23.09
CA PHE O 61 64.13 7.95 23.53
C PHE O 61 63.14 8.22 22.40
N THR O 62 63.48 7.79 21.18
CA THR O 62 62.67 8.10 19.99
C THR O 62 61.33 7.37 20.00
N GLY O 63 61.29 6.19 20.60
CA GLY O 63 60.03 5.45 20.79
C GLY O 63 59.09 6.22 21.71
N LEU O 64 59.66 6.82 22.76
CA LEU O 64 58.89 7.65 23.69
C LEU O 64 58.52 9.00 23.05
N ILE O 65 59.49 9.62 22.36
CA ILE O 65 59.26 10.89 21.67
C ILE O 65 58.24 10.71 20.54
N GLY O 66 58.24 9.55 19.90
CA GLY O 66 57.25 9.22 18.88
C GLY O 66 55.83 9.20 19.43
N MET O 67 55.67 8.59 20.61
CA MET O 67 54.36 8.55 21.28
C MET O 67 53.90 9.95 21.68
N LEU O 68 54.84 10.81 22.09
CA LEU O 68 54.51 12.19 22.45
C LEU O 68 53.98 12.98 21.27
N TYR O 69 54.50 12.71 20.07
CA TYR O 69 53.99 13.36 18.85
C TYR O 69 52.61 12.84 18.48
N ALA O 70 52.39 11.54 18.65
CA ALA O 70 51.09 10.91 18.38
C ALA O 70 50.02 11.44 19.34
N MET O 71 50.40 11.62 20.61
CA MET O 71 49.49 12.14 21.62
C MET O 71 49.23 13.65 21.44
N SER O 72 50.23 14.38 20.96
CA SER O 72 50.08 15.81 20.67
C SER O 72 49.15 16.05 19.48
N ARG O 73 49.19 15.13 18.51
CA ARG O 73 48.25 15.17 17.38
C ARG O 73 46.82 14.90 17.83
N LEU O 74 46.66 13.94 18.75
CA LEU O 74 45.35 13.63 19.33
C LEU O 74 44.84 14.79 20.17
N GLY O 75 45.70 15.32 21.05
CA GLY O 75 45.36 16.42 21.93
C GLY O 75 45.03 15.94 23.33
N ARG O 76 45.41 16.72 24.33
CA ARG O 76 45.27 16.36 25.75
C ARG O 76 43.91 15.75 26.10
N GLU O 77 42.84 16.37 25.59
CA GLU O 77 41.48 15.89 25.89
C GLU O 77 41.21 14.50 25.34
N ASP O 78 41.61 14.25 24.09
CA ASP O 78 41.38 12.96 23.45
C ASP O 78 42.28 11.86 24.01
N THR O 79 43.58 12.11 24.05
CA THR O 79 44.53 11.10 24.54
C THR O 79 44.25 10.66 25.98
N ILE O 80 43.73 11.55 26.82
CA ILE O 80 43.26 11.17 28.15
C ILE O 80 42.01 10.30 28.02
N LYS O 81 41.11 10.67 27.11
CA LYS O 81 39.89 9.92 26.85
C LYS O 81 40.17 8.49 26.36
N ILE O 82 41.23 8.31 25.57
CA ILE O 82 41.55 6.99 25.02
C ILE O 82 42.23 6.09 26.07
N LEU O 83 42.98 6.69 26.98
CA LEU O 83 43.59 5.96 28.10
C LEU O 83 42.53 5.48 29.09
N ARG O 84 41.55 6.34 29.40
CA ARG O 84 40.48 5.99 30.33
C ARG O 84 39.51 4.96 29.74
N ASP O 85 39.23 5.07 28.44
CA ASP O 85 38.38 4.10 27.74
C ASP O 85 39.06 2.73 27.63
N ALA O 86 40.39 2.73 27.54
CA ALA O 86 41.16 1.48 27.53
C ALA O 86 41.09 0.76 28.88
N GLY O 87 41.02 1.54 29.95
CA GLY O 87 40.92 1.00 31.32
C GLY O 87 42.19 1.28 32.11
N TYR O 88 42.54 2.56 32.22
CA TYR O 88 43.74 2.98 32.94
C TYR O 88 43.49 4.27 33.73
N HIS O 89 43.94 4.29 34.98
CA HIS O 89 43.95 5.52 35.79
C HIS O 89 45.14 6.37 35.38
N VAL O 90 44.87 7.60 34.96
CA VAL O 90 45.91 8.47 34.39
C VAL O 90 46.08 9.79 35.15
N LYS O 91 47.29 9.99 35.68
CA LYS O 91 47.70 11.25 36.29
C LYS O 91 48.32 12.11 35.18
N ALA O 92 47.49 12.91 34.53
CA ALA O 92 47.92 13.67 33.35
C ALA O 92 48.91 14.78 33.70
N ASN O 93 50.07 14.77 33.04
CA ASN O 93 51.08 15.80 33.20
C ASN O 93 51.04 16.78 32.04
N GLY O 94 50.85 18.06 32.34
CA GLY O 94 50.75 19.11 31.32
C GLY O 94 52.11 19.44 30.73
N VAL O 95 52.22 19.35 29.41
CA VAL O 95 53.46 19.64 28.70
C VAL O 95 53.47 21.10 28.25
N ASP O 96 54.44 21.86 28.74
CA ASP O 96 54.58 23.28 28.41
C ASP O 96 56.00 23.58 27.94
N VAL O 97 56.14 24.59 27.08
CA VAL O 97 57.45 24.98 26.55
C VAL O 97 58.09 26.01 27.47
N THR O 98 59.31 25.73 27.93
CA THR O 98 60.06 26.63 28.80
C THR O 98 61.50 26.78 28.32
N THR O 99 62.05 27.98 28.47
CA THR O 99 63.41 28.28 28.03
C THR O 99 64.41 27.95 29.15
N HIS O 100 65.31 27.00 28.88
CA HIS O 100 66.31 26.56 29.85
C HIS O 100 67.67 27.14 29.49
N ARG O 101 68.33 27.77 30.46
CA ARG O 101 69.65 28.36 30.28
C ARG O 101 70.73 27.49 30.93
N GLN O 102 71.69 27.04 30.12
CA GLN O 102 72.79 26.20 30.59
C GLN O 102 74.06 26.55 29.82
N ASP O 103 75.19 26.54 30.54
CA ASP O 103 76.48 26.93 29.95
C ASP O 103 77.28 25.72 29.45
N ILE O 104 77.06 25.36 28.19
CA ILE O 104 77.80 24.27 27.54
C ILE O 104 79.10 24.83 26.98
N ASN O 105 80.21 24.19 27.34
CA ASN O 105 81.55 24.59 26.91
C ASN O 105 81.91 26.03 27.31
N GLY O 106 81.46 26.45 28.49
CA GLY O 106 81.74 27.78 29.00
C GLY O 106 80.69 28.83 28.62
N LYS O 107 80.33 28.86 27.34
CA LYS O 107 79.39 29.85 26.81
C LYS O 107 77.96 29.51 27.23
N GLU O 108 77.25 30.50 27.78
CA GLU O 108 75.86 30.33 28.22
C GLU O 108 74.93 30.24 27.01
N MET O 109 74.16 29.15 26.95
CA MET O 109 73.28 28.90 25.81
C MET O 109 71.82 28.71 26.24
N LYS O 110 70.90 29.13 25.38
CA LYS O 110 69.45 28.97 25.61
C LYS O 110 68.92 27.77 24.86
N PHE O 111 67.93 27.09 25.45
CA PHE O 111 67.30 25.93 24.85
C PHE O 111 65.80 25.89 25.16
N GLU O 112 64.98 25.73 24.12
CA GLU O 112 63.54 25.54 24.30
C GLU O 112 63.28 24.07 24.60
N VAL O 113 62.79 23.79 25.81
CA VAL O 113 62.55 22.42 26.27
C VAL O 113 61.12 22.22 26.78
N LEU O 114 60.64 20.98 26.70
CA LEU O 114 59.30 20.63 27.16
C LEU O 114 59.33 20.18 28.62
N THR O 115 58.28 20.51 29.36
CA THR O 115 58.14 20.07 30.75
C THR O 115 57.60 18.65 30.79
N LEU O 116 58.47 17.69 30.48
CA LEU O 116 58.10 16.28 30.41
C LEU O 116 58.59 15.52 31.65
N ALA O 117 57.75 14.63 32.16
CA ALA O 117 58.11 13.76 33.29
C ALA O 117 58.95 12.59 32.81
N SER O 118 58.53 11.97 31.70
CA SER O 118 59.23 10.81 31.14
C SER O 118 60.57 11.18 30.51
N LEU O 119 60.68 12.39 29.98
CA LEU O 119 61.90 12.85 29.32
C LEU O 119 62.51 14.03 30.10
N THR O 120 63.78 13.87 30.50
CA THR O 120 64.47 14.88 31.30
C THR O 120 64.89 16.06 30.42
N THR O 121 64.97 17.25 31.02
CA THR O 121 65.45 18.45 30.32
C THR O 121 66.95 18.37 30.00
N GLU O 122 67.67 17.51 30.72
CA GLU O 122 69.11 17.34 30.52
C GLU O 122 69.40 16.56 29.24
N ILE O 123 68.53 15.62 28.90
CA ILE O 123 68.71 14.80 27.70
C ILE O 123 68.07 15.46 26.47
N GLN O 124 67.08 16.32 26.69
CA GLN O 124 66.44 17.09 25.61
C GLN O 124 67.41 18.04 24.93
N ILE O 125 68.23 18.74 25.74
CA ILE O 125 69.23 19.67 25.20
C ILE O 125 70.34 18.93 24.43
N ASN O 126 70.65 17.70 24.86
CA ASN O 126 71.67 16.89 24.18
C ASN O 126 71.23 16.41 22.80
N ILE O 127 69.92 16.26 22.61
CA ILE O 127 69.36 15.94 21.29
C ILE O 127 69.53 17.16 20.37
N GLU O 128 69.31 18.35 20.91
CA GLU O 128 69.49 19.59 20.15
C GLU O 128 70.96 19.92 19.94
N ILE O 129 71.80 19.62 20.92
CA ILE O 129 73.25 19.87 20.81
C ILE O 129 73.88 19.01 19.71
N GLU O 130 73.57 17.71 19.72
CA GLU O 130 74.12 16.78 18.74
C GLU O 130 73.56 17.01 17.33
N SER O 131 72.35 17.56 17.24
CA SER O 131 71.74 17.91 15.95
C SER O 131 72.40 19.14 15.34
N ARG O 132 72.75 20.12 16.18
CA ARG O 132 73.47 21.32 15.74
C ARG O 132 74.86 20.99 15.18
N LYS O 133 75.50 19.98 15.74
CA LYS O 133 76.79 19.49 15.25
C LYS O 133 76.63 18.90 13.84
N SER O 134 75.61 18.07 13.67
CA SER O 134 75.32 17.46 12.37
C SER O 134 74.76 18.47 11.37
N TYR O 135 74.10 19.51 11.87
CA TYR O 135 73.55 20.56 11.02
C TYR O 135 74.64 21.41 10.40
N LYS O 136 75.62 21.83 11.21
CA LYS O 136 76.73 22.64 10.70
C LYS O 136 77.67 21.84 9.81
N LYS O 137 77.78 20.54 10.07
CA LYS O 137 78.53 19.63 9.21
C LYS O 137 77.83 19.48 7.87
N MET O 138 76.50 19.37 7.92
CA MET O 138 75.68 19.31 6.72
C MET O 138 75.71 20.64 5.96
N LEU O 139 75.68 21.74 6.70
CA LEU O 139 75.76 23.09 6.12
C LEU O 139 77.11 23.34 5.45
N LYS O 140 78.17 22.74 6.00
CA LYS O 140 79.52 22.88 5.47
C LYS O 140 79.71 22.09 4.17
N GLU O 141 78.96 21.00 4.02
CA GLU O 141 79.09 20.12 2.86
C GLU O 141 78.33 20.63 1.64
N MET O 142 77.07 21.02 1.83
CA MET O 142 76.20 21.45 0.72
C MET O 142 75.94 22.96 0.69
N GLY O 143 76.59 23.72 1.59
CA GLY O 143 76.43 25.17 1.63
C GLY O 143 75.09 25.60 2.20
N GLU O 144 74.06 25.51 1.38
CA GLU O 144 72.69 25.84 1.78
C GLU O 144 71.85 24.58 1.89
N VAL O 145 71.30 24.32 3.08
CA VAL O 145 70.45 23.16 3.29
C VAL O 145 69.01 23.43 2.81
N ALA O 146 68.44 22.49 2.09
CA ALA O 146 67.10 22.65 1.51
C ALA O 146 66.02 22.32 2.55
N PRO O 147 64.75 22.70 2.27
CA PRO O 147 63.63 22.38 3.17
C PRO O 147 63.43 20.88 3.43
N GLU O 148 63.85 20.03 2.50
CA GLU O 148 63.68 18.58 2.63
C GLU O 148 64.65 17.99 3.66
N TYR O 149 65.89 18.46 3.65
CA TYR O 149 66.94 17.91 4.50
C TYR O 149 66.92 18.42 5.95
N ARG O 150 66.21 19.51 6.20
CA ARG O 150 66.23 20.16 7.52
C ARG O 150 65.19 19.59 8.50
N HIS O 151 65.38 19.91 9.77
CA HIS O 151 64.52 19.43 10.87
C HIS O 151 63.16 20.12 10.94
N ASP O 152 63.02 21.29 10.30
CA ASP O 152 61.79 22.08 10.38
C ASP O 152 60.62 21.50 9.56
N SER O 153 60.92 20.56 8.66
CA SER O 153 59.90 19.95 7.79
C SER O 153 58.77 19.31 8.62
N PRO O 154 57.52 19.45 8.16
CA PRO O 154 56.38 18.87 8.88
C PRO O 154 56.29 17.34 8.82
N ASP O 155 57.01 16.72 7.88
CA ASP O 155 57.02 15.26 7.73
C ASP O 155 57.78 14.57 8.87
N CYS O 156 58.81 15.24 9.40
CA CYS O 156 59.70 14.66 10.41
C CYS O 156 59.01 13.82 11.48
N GLY O 157 57.92 14.34 12.04
CA GLY O 157 57.17 13.65 13.10
C GLY O 157 56.52 12.37 12.62
N MET O 158 55.92 12.41 11.43
CA MET O 158 55.25 11.24 10.86
C MET O 158 56.25 10.23 10.28
N ILE O 159 57.41 10.71 9.84
CA ILE O 159 58.48 9.82 9.34
C ILE O 159 58.94 8.85 10.43
N ILE O 160 59.04 9.34 11.66
CA ILE O 160 59.39 8.49 12.81
C ILE O 160 58.25 7.54 13.15
N LEU O 161 57.01 7.99 12.99
CA LEU O 161 55.83 7.15 13.22
C LEU O 161 55.57 6.13 12.10
N CYS O 162 56.21 6.32 10.95
CA CYS O 162 56.09 5.36 9.83
C CYS O 162 56.68 4.00 10.19
N ILE O 163 57.87 3.99 10.79
CA ILE O 163 58.48 2.74 11.25
C ILE O 163 57.85 2.23 12.55
N ALA O 164 57.14 3.11 13.26
CA ALA O 164 56.32 2.70 14.40
C ALA O 164 55.15 1.85 13.92
N ALA O 165 54.60 2.20 12.76
CA ALA O 165 53.54 1.42 12.11
C ALA O 165 54.06 0.09 11.58
N LEU O 166 55.34 0.06 11.19
CA LEU O 166 56.00 -1.18 10.79
C LEU O 166 56.26 -2.10 11.99
N VAL O 167 56.59 -1.50 13.13
CA VAL O 167 56.76 -2.25 14.38
C VAL O 167 55.42 -2.83 14.84
N ILE O 168 54.36 -2.03 14.75
CA ILE O 168 53.02 -2.46 15.14
C ILE O 168 52.50 -3.55 14.19
N THR O 169 52.97 -3.54 12.95
CA THR O 169 52.65 -4.55 11.95
C THR O 169 53.18 -5.94 12.35
N LYS O 170 54.35 -5.97 12.99
CA LYS O 170 54.97 -7.23 13.41
C LYS O 170 54.94 -7.46 14.94
N LEU O 171 53.98 -6.87 15.62
CA LEU O 171 53.81 -7.08 17.06
C LEU O 171 53.09 -8.40 17.37
N ALA O 172 52.42 -8.97 16.38
CA ALA O 172 51.67 -10.22 16.56
C ALA O 172 52.55 -11.36 17.04
N ALA O 173 53.78 -11.43 16.54
CA ALA O 173 54.76 -12.43 16.98
C ALA O 173 55.08 -12.26 18.47
N GLY O 174 55.34 -11.01 18.87
CA GLY O 174 55.56 -10.69 20.28
C GLY O 174 56.90 -11.13 20.84
N ASP O 175 57.95 -11.01 20.02
CA ASP O 175 59.31 -11.34 20.46
C ASP O 175 60.42 -10.66 19.63
N ARG O 176 60.12 -9.49 19.08
CA ARG O 176 61.04 -8.75 18.20
C ARG O 176 61.62 -9.59 17.05
N SER O 177 60.86 -10.58 16.58
CA SER O 177 61.31 -11.45 15.50
C SER O 177 61.14 -10.78 14.14
N GLY O 178 60.15 -9.90 14.02
CA GLY O 178 59.88 -9.19 12.78
C GLY O 178 60.82 -8.03 12.48
N LEU O 179 61.67 -7.68 13.45
CA LEU O 179 62.64 -6.58 13.30
C LEU O 179 63.38 -6.59 11.95
N THR O 180 63.73 -7.79 11.49
CA THR O 180 64.39 -7.94 10.19
C THR O 180 63.49 -7.49 9.04
N ALA O 181 62.21 -7.85 9.11
CA ALA O 181 61.22 -7.44 8.12
C ALA O 181 60.86 -5.96 8.25
N VAL O 182 60.92 -5.43 9.47
CA VAL O 182 60.65 -4.02 9.74
C VAL O 182 61.72 -3.14 9.08
N ILE O 183 62.98 -3.55 9.19
CA ILE O 183 64.10 -2.83 8.57
C ILE O 183 64.06 -3.00 7.05
N ARG O 184 63.76 -4.22 6.60
CA ARG O 184 63.65 -4.55 5.18
C ARG O 184 62.63 -3.66 4.47
N ARG O 185 61.41 -3.61 5.02
CA ARG O 185 60.36 -2.77 4.47
C ARG O 185 60.67 -1.29 4.60
N ALA O 186 61.31 -0.90 5.70
CA ALA O 186 61.73 0.49 5.91
C ALA O 186 62.78 0.97 4.90
N ASN O 187 63.38 0.03 4.17
CA ASN O 187 64.28 0.35 3.06
C ASN O 187 63.57 0.33 1.70
N ASN O 188 62.63 -0.60 1.54
CA ASN O 188 61.79 -0.65 0.33
C ASN O 188 60.79 0.49 0.35
N VAL O 189 60.06 0.61 1.46
CA VAL O 189 59.22 1.78 1.73
C VAL O 189 60.15 2.87 2.25
N LEU O 190 59.69 4.10 2.23
CA LEU O 190 60.34 5.19 2.96
C LEU O 190 61.78 5.45 2.47
N LYS O 191 62.05 5.07 1.22
CA LYS O 191 63.41 5.16 0.66
C LYS O 191 63.83 6.60 0.36
N ASN O 192 62.89 7.41 -0.11
CA ASN O 192 63.13 8.83 -0.33
C ASN O 192 63.41 9.57 0.98
N GLU O 193 62.75 9.13 2.05
CA GLU O 193 62.91 9.74 3.37
C GLU O 193 64.29 9.49 3.98
N MET O 194 64.84 8.29 3.73
CA MET O 194 66.16 7.93 4.23
C MET O 194 67.29 8.69 3.55
N LYS O 195 67.06 9.10 2.30
CA LYS O 195 68.03 9.92 1.56
C LYS O 195 68.17 11.30 2.19
N ARG O 196 67.04 11.90 2.55
CA ARG O 196 66.99 13.27 3.07
C ARG O 196 67.20 13.39 4.57
N TYR O 197 67.37 12.25 5.26
CA TYR O 197 67.67 12.26 6.70
C TYR O 197 68.70 11.19 7.06
N LYS O 198 69.84 11.63 7.57
CA LYS O 198 70.93 10.72 7.96
C LYS O 198 70.55 9.85 9.16
N GLY O 199 69.80 10.43 10.10
CA GLY O 199 69.39 9.74 11.32
C GLY O 199 68.11 8.94 11.22
N LEU O 200 67.74 8.52 10.01
CA LEU O 200 66.62 7.60 9.82
C LEU O 200 67.20 6.18 9.83
N LEU O 201 67.38 5.64 11.03
CA LEU O 201 67.94 4.32 11.24
C LEU O 201 66.82 3.34 11.61
N PRO O 202 66.37 2.50 10.65
CA PRO O 202 65.27 1.58 10.90
C PRO O 202 65.48 0.66 12.10
N LYS O 203 66.69 0.11 12.24
CA LYS O 203 67.00 -0.82 13.34
C LYS O 203 66.96 -0.11 14.70
N ASP O 204 67.54 1.09 14.77
CA ASP O 204 67.62 1.85 16.02
C ASP O 204 66.26 2.38 16.48
N ILE O 205 65.46 2.85 15.53
CA ILE O 205 64.15 3.44 15.84
C ILE O 205 63.12 2.35 16.13
N ALA O 206 63.16 1.26 15.37
CA ALA O 206 62.22 0.14 15.57
C ALA O 206 62.40 -0.51 16.95
N ASN O 207 63.64 -0.71 17.35
CA ASN O 207 63.95 -1.23 18.68
C ASN O 207 63.48 -0.31 19.80
N SER O 208 63.47 0.99 19.54
CA SER O 208 62.97 1.99 20.50
C SER O 208 61.46 1.85 20.67
N PHE O 209 60.74 1.69 19.56
CA PHE O 209 59.29 1.47 19.60
C PHE O 209 58.95 0.09 20.14
N TYR O 210 59.76 -0.92 19.83
CA TYR O 210 59.61 -2.24 20.43
C TYR O 210 59.76 -2.18 21.95
N GLU O 211 60.70 -1.36 22.42
CA GLU O 211 60.95 -1.20 23.85
C GLU O 211 59.80 -0.48 24.56
N VAL O 212 59.30 0.60 23.96
CA VAL O 212 58.26 1.42 24.59
C VAL O 212 56.91 0.72 24.62
N PHE O 213 56.62 -0.10 23.60
CA PHE O 213 55.39 -0.89 23.59
C PHE O 213 55.45 -2.06 24.58
N GLU O 214 56.63 -2.63 24.76
CA GLU O 214 56.84 -3.70 25.73
C GLU O 214 56.80 -3.18 27.16
N LYS O 215 57.54 -2.10 27.42
CA LYS O 215 57.59 -1.49 28.76
C LYS O 215 56.27 -0.82 29.13
N HIS O 216 55.59 -0.23 28.14
CA HIS O 216 54.32 0.46 28.36
C HIS O 216 53.26 -0.07 27.39
N PRO O 217 52.51 -1.12 27.80
CA PRO O 217 51.44 -1.69 26.98
C PRO O 217 50.27 -0.74 26.68
N HIS O 218 50.10 0.28 27.51
CA HIS O 218 49.06 1.29 27.29
C HIS O 218 49.38 2.21 26.10
N PHE O 219 50.67 2.39 25.79
CA PHE O 219 51.07 3.21 24.64
C PHE O 219 50.81 2.54 23.29
N ILE O 220 50.68 1.22 23.27
CA ILE O 220 50.37 0.51 22.01
C ILE O 220 48.89 0.72 21.71
N ASP O 221 48.08 0.85 22.75
CA ASP O 221 46.67 1.20 22.63
C ASP O 221 46.52 2.64 22.17
N VAL O 222 47.41 3.51 22.63
CA VAL O 222 47.43 4.92 22.23
C VAL O 222 47.80 5.07 20.76
N PHE O 223 48.78 4.29 20.31
CA PHE O 223 49.24 4.36 18.92
C PHE O 223 48.21 3.81 17.93
N VAL O 224 47.58 2.69 18.29
CA VAL O 224 46.56 2.07 17.44
C VAL O 224 45.37 3.00 17.24
N HIS O 225 44.90 3.62 18.32
CA HIS O 225 43.78 4.55 18.23
C HIS O 225 44.18 5.91 17.65
N PHE O 226 45.47 6.23 17.69
CA PHE O 226 46.01 7.37 16.95
C PHE O 226 46.02 7.06 15.45
N GLY O 227 46.50 5.87 15.10
CA GLY O 227 46.58 5.44 13.71
C GLY O 227 45.23 5.35 13.02
N ILE O 228 44.21 4.91 13.75
CA ILE O 228 42.85 4.87 13.25
C ILE O 228 42.31 6.29 13.09
N ALA O 229 42.60 7.15 14.05
CA ALA O 229 42.21 8.56 13.98
C ALA O 229 42.97 9.30 12.87
N GLN O 230 44.24 8.94 12.67
CA GLN O 230 45.05 9.48 11.58
C GLN O 230 44.54 9.01 10.22
N SER O 231 44.14 7.76 10.15
CA SER O 231 43.60 7.18 8.92
C SER O 231 42.15 7.60 8.63
N SER O 232 41.50 8.24 9.61
CA SER O 232 40.14 8.74 9.43
C SER O 232 40.07 10.14 8.82
N THR O 233 41.24 10.77 8.60
CA THR O 233 41.29 12.13 8.06
C THR O 233 40.90 12.19 6.58
N ARG O 234 40.64 13.41 6.12
CA ARG O 234 40.19 13.64 4.74
C ARG O 234 41.35 13.64 3.74
N GLY O 235 42.51 14.11 4.18
CA GLY O 235 43.72 14.15 3.34
C GLY O 235 44.84 14.95 3.97
N GLY O 236 46.08 14.61 3.63
CA GLY O 236 47.26 15.26 4.19
C GLY O 236 48.44 15.34 3.24
N SER O 237 49.57 14.75 3.62
CA SER O 237 50.77 14.68 2.78
C SER O 237 51.05 13.23 2.38
N ARG O 238 52.03 13.04 1.49
CA ARG O 238 52.37 11.69 1.02
C ARG O 238 53.01 10.84 2.13
N VAL O 239 53.71 11.48 3.05
CA VAL O 239 54.29 10.80 4.21
C VAL O 239 53.20 10.31 5.16
N GLU O 240 52.10 11.06 5.26
CA GLU O 240 50.92 10.63 6.01
C GLU O 240 50.19 9.51 5.26
N GLY O 241 50.30 9.53 3.92
CA GLY O 241 49.84 8.43 3.08
C GLY O 241 50.65 7.16 3.29
N ILE O 242 51.95 7.33 3.55
CA ILE O 242 52.83 6.19 3.88
C ILE O 242 52.38 5.56 5.19
N PHE O 243 52.23 6.38 6.22
CA PHE O 243 51.80 5.93 7.54
C PHE O 243 50.47 5.20 7.47
N ALA O 244 49.50 5.77 6.76
CA ALA O 244 48.16 5.19 6.64
C ALA O 244 48.20 3.82 5.97
N GLY O 245 49.01 3.68 4.93
CA GLY O 245 49.17 2.41 4.22
C GLY O 245 49.90 1.38 5.06
N LEU O 246 50.98 1.80 5.71
CA LEU O 246 51.77 0.91 6.58
C LEU O 246 51.00 0.52 7.84
N PHE O 247 50.16 1.40 8.34
CA PHE O 247 49.34 1.12 9.52
C PHE O 247 48.25 0.09 9.22
N MET O 248 47.63 0.20 8.04
CA MET O 248 46.57 -0.73 7.63
C MET O 248 47.10 -2.11 7.21
N ASN O 249 48.41 -2.22 7.00
CA ASN O 249 49.05 -3.53 6.82
C ASN O 249 49.03 -4.34 8.11
N ALA O 250 48.96 -3.64 9.24
CA ALA O 250 48.85 -4.28 10.55
C ALA O 250 47.47 -4.91 10.78
N TYR O 251 46.44 -4.37 10.13
CA TYR O 251 45.08 -4.91 10.24
C TYR O 251 45.07 -6.39 9.87
N GLY O 252 44.52 -7.20 10.76
CA GLY O 252 44.46 -8.65 10.55
C GLY O 252 45.72 -9.39 10.95
N ALA O 253 46.61 -8.73 11.68
CA ALA O 253 47.81 -9.37 12.21
C ALA O 253 47.44 -10.29 13.37
N GLY O 254 48.19 -11.38 13.52
CA GLY O 254 47.90 -12.38 14.53
C GLY O 254 46.71 -13.26 14.20
N GLN O 255 46.30 -13.25 12.93
CA GLN O 255 45.16 -14.05 12.48
C GLN O 255 45.20 -14.23 10.96
N VAL O 256 46.37 -14.70 10.49
CA VAL O 256 46.59 -14.97 9.06
C VAL O 256 45.91 -16.26 8.62
N MET O 257 45.79 -17.21 9.54
CA MET O 257 45.11 -18.49 9.26
C MET O 257 43.65 -18.27 8.89
N LEU O 258 43.07 -17.18 9.39
CA LEU O 258 41.70 -16.78 9.06
C LEU O 258 41.61 -16.37 7.59
N ARG O 259 42.61 -15.63 7.10
CA ARG O 259 42.64 -15.18 5.71
C ARG O 259 43.01 -16.32 4.75
N TRP O 260 43.96 -17.16 5.15
CA TRP O 260 44.37 -18.31 4.34
C TRP O 260 43.26 -19.37 4.24
N GLY O 261 42.36 -19.40 5.21
CA GLY O 261 41.20 -20.30 5.17
C GLY O 261 40.21 -19.93 4.09
N VAL O 262 40.08 -18.62 3.84
CA VAL O 262 39.22 -18.12 2.75
C VAL O 262 39.88 -18.37 1.40
N LEU O 263 41.22 -18.33 1.38
CA LEU O 263 42.00 -18.60 0.17
C LEU O 263 41.84 -20.06 -0.28
N ALA O 264 41.93 -20.98 0.69
CA ALA O 264 41.74 -22.41 0.41
C ALA O 264 40.32 -22.69 -0.11
N LYS O 265 39.35 -21.94 0.41
CA LYS O 265 37.96 -22.01 -0.04
C LYS O 265 37.81 -21.38 -1.43
N SER O 266 38.55 -20.30 -1.69
CA SER O 266 38.52 -19.63 -2.98
C SER O 266 39.12 -20.48 -4.10
N VAL O 267 40.31 -21.04 -3.84
CA VAL O 267 40.98 -21.91 -4.81
C VAL O 267 40.37 -23.31 -4.88
N LYS O 268 39.50 -23.64 -3.93
CA LYS O 268 38.77 -24.91 -3.90
C LYS O 268 39.70 -26.10 -3.70
N ASN O 269 40.45 -26.08 -2.60
CA ASN O 269 41.33 -27.21 -2.25
C ASN O 269 40.47 -28.42 -1.83
N ILE O 270 40.71 -29.55 -2.49
CA ILE O 270 39.86 -30.74 -2.35
C ILE O 270 39.91 -31.36 -0.95
N MET O 271 41.00 -31.14 -0.21
CA MET O 271 41.14 -31.69 1.14
C MET O 271 40.24 -31.00 2.18
N LEU O 272 39.59 -29.90 1.81
CA LEU O 272 38.53 -29.29 2.62
C LEU O 272 37.33 -30.22 2.77
N GLY O 273 37.04 -30.98 1.70
CA GLY O 273 35.93 -31.94 1.72
C GLY O 273 36.20 -33.23 2.45
N HIS O 274 37.42 -33.39 2.98
CA HIS O 274 37.80 -34.58 3.76
C HIS O 274 36.94 -34.71 5.01
N ALA O 275 36.68 -35.97 5.42
CA ALA O 275 35.71 -36.26 6.47
C ALA O 275 36.03 -35.61 7.81
N SER O 276 37.27 -35.77 8.28
CA SER O 276 37.69 -35.21 9.58
C SER O 276 37.72 -33.67 9.55
N VAL O 277 37.90 -33.09 8.36
CA VAL O 277 37.81 -31.64 8.18
C VAL O 277 36.34 -31.21 8.24
N GLN O 278 35.46 -32.01 7.65
CA GLN O 278 34.02 -31.73 7.64
C GLN O 278 33.35 -31.84 9.01
N ALA O 279 33.96 -32.62 9.91
CA ALA O 279 33.46 -32.74 11.28
C ALA O 279 33.64 -31.43 12.05
N GLU O 280 34.67 -30.67 11.70
CA GLU O 280 34.98 -29.40 12.36
C GLU O 280 34.22 -28.23 11.75
N MET O 281 33.65 -28.42 10.56
CA MET O 281 33.02 -27.32 9.80
C MET O 281 31.90 -26.58 10.53
N GLU O 282 31.21 -27.28 11.43
CA GLU O 282 30.17 -26.64 12.25
C GLU O 282 30.77 -25.57 13.16
N GLN O 283 31.94 -25.87 13.74
CA GLN O 283 32.58 -24.97 14.70
C GLN O 283 33.49 -23.91 14.07
N VAL O 284 34.05 -24.21 12.88
CA VAL O 284 34.91 -23.23 12.20
C VAL O 284 34.08 -22.08 11.61
N VAL O 285 32.83 -22.38 11.25
CA VAL O 285 31.90 -21.36 10.76
C VAL O 285 31.53 -20.38 11.88
N GLU O 286 31.44 -20.89 13.12
CA GLU O 286 31.11 -20.05 14.28
C GLU O 286 32.14 -18.94 14.50
N VAL O 287 33.42 -19.26 14.33
CA VAL O 287 34.49 -18.27 14.51
C VAL O 287 34.60 -17.32 13.32
N TYR O 288 34.32 -17.82 12.12
CA TYR O 288 34.26 -16.96 10.93
C TYR O 288 33.06 -16.01 10.98
N GLU O 289 31.93 -16.52 11.44
CA GLU O 289 30.74 -15.67 11.67
C GLU O 289 30.98 -14.69 12.82
N TYR O 290 31.76 -15.12 13.82
CA TYR O 290 32.16 -14.25 14.93
C TYR O 290 33.12 -13.15 14.45
N ALA O 291 34.01 -13.50 13.52
CA ALA O 291 34.90 -12.53 12.91
C ALA O 291 34.14 -11.53 12.05
N GLN O 292 33.10 -12.02 11.36
CA GLN O 292 32.20 -11.17 10.57
C GLN O 292 31.35 -10.26 11.47
N LYS O 293 31.01 -10.76 12.67
CA LYS O 293 30.22 -10.00 13.63
C LYS O 293 31.00 -8.80 14.18
N LEU O 294 32.24 -9.04 14.60
CA LEU O 294 33.10 -7.98 15.13
C LEU O 294 33.41 -6.94 14.07
N GLY O 295 33.80 -7.39 12.88
CA GLY O 295 34.10 -6.51 11.77
C GLY O 295 35.46 -5.88 11.87
N GLY O 296 35.51 -4.55 11.81
CA GLY O 296 36.76 -3.79 11.90
C GLY O 296 37.42 -3.84 13.26
N GLU O 297 36.60 -4.07 14.30
CA GLU O 297 37.09 -4.15 15.67
C GLU O 297 38.09 -5.28 15.87
N ALA O 298 37.90 -6.40 15.15
CA ALA O 298 38.75 -7.58 15.27
C ALA O 298 40.12 -7.46 14.59
N GLY O 299 40.34 -6.37 13.87
CA GLY O 299 41.60 -6.16 13.14
C GLY O 299 42.83 -6.07 14.04
N PHE O 300 42.71 -5.30 15.13
CA PHE O 300 43.81 -5.08 16.06
C PHE O 300 43.58 -5.82 17.38
N TYR O 301 43.02 -7.02 17.29
CA TYR O 301 42.75 -7.85 18.48
C TYR O 301 43.98 -8.58 19.00
N HIS O 302 44.99 -8.77 18.14
CA HIS O 302 46.25 -9.40 18.54
C HIS O 302 47.36 -8.38 18.75
N ILE O 303 47.32 -7.27 18.01
CA ILE O 303 48.26 -6.16 18.19
C ILE O 303 48.05 -5.56 19.58
N LEU O 304 46.83 -5.10 19.84
CA LEU O 304 46.38 -4.89 21.21
C LEU O 304 46.16 -6.32 21.73
N ASN O 305 46.77 -6.69 22.85
CA ASN O 305 46.57 -8.04 23.37
C ASN O 305 45.18 -8.19 23.99
N ASN O 306 44.17 -8.26 23.12
CA ASN O 306 42.78 -8.34 23.52
C ASN O 306 42.46 -9.74 24.04
N PRO O 307 41.76 -9.83 25.19
CA PRO O 307 41.31 -11.12 25.73
C PRO O 307 40.52 -11.98 24.73
N LYS O 308 39.74 -11.33 23.88
CA LYS O 308 38.88 -12.01 22.91
C LYS O 308 39.63 -12.40 21.61
N ALA O 309 40.94 -12.19 21.59
CA ALA O 309 41.77 -12.58 20.43
C ALA O 309 41.89 -14.10 20.28
N SER O 310 41.84 -14.80 21.41
CA SER O 310 41.92 -16.27 21.41
C SER O 310 40.70 -16.93 20.78
N LEU O 311 39.56 -16.22 20.78
CA LEU O 311 38.33 -16.73 20.18
C LEU O 311 38.38 -16.82 18.65
N LEU O 312 39.24 -16.00 18.04
CA LEU O 312 39.41 -15.99 16.58
C LEU O 312 40.34 -17.08 16.06
N SER O 313 40.90 -17.89 16.96
CA SER O 313 41.86 -18.93 16.60
C SER O 313 41.22 -20.10 15.88
N LEU O 314 41.83 -20.51 14.77
CA LEU O 314 41.44 -21.73 14.05
C LEU O 314 42.34 -22.91 14.45
N THR O 315 43.40 -22.64 15.21
CA THR O 315 44.35 -23.66 15.65
C THR O 315 43.69 -24.74 16.52
N GLN O 316 42.62 -24.37 17.22
CA GLN O 316 41.81 -25.34 17.98
C GLN O 316 41.22 -26.45 17.09
N PHE O 317 41.15 -26.21 15.79
CA PHE O 317 40.69 -27.20 14.82
C PHE O 317 41.90 -27.77 14.06
N PRO O 318 42.40 -28.94 14.49
CA PRO O 318 43.63 -29.52 13.90
C PRO O 318 43.55 -29.81 12.40
N HIS O 319 42.43 -30.40 11.96
CA HIS O 319 42.30 -30.89 10.59
C HIS O 319 42.12 -29.75 9.59
N PHE O 320 41.24 -28.80 9.91
CA PHE O 320 41.00 -27.64 9.05
C PHE O 320 42.23 -26.74 8.96
N SER O 321 42.95 -26.59 10.07
CA SER O 321 44.17 -25.80 10.10
C SER O 321 45.26 -26.40 9.21
N SER O 322 45.34 -27.73 9.19
CA SER O 322 46.37 -28.42 8.40
C SER O 322 46.19 -28.24 6.90
N VAL O 323 44.97 -28.44 6.41
CA VAL O 323 44.65 -28.25 4.99
C VAL O 323 44.83 -26.79 4.55
N VAL O 324 44.46 -25.86 5.42
CA VAL O 324 44.62 -24.42 5.15
C VAL O 324 46.11 -24.04 5.13
N LEU O 325 46.87 -24.58 6.08
CA LEU O 325 48.31 -24.31 6.16
C LEU O 325 49.06 -25.04 5.05
N GLY O 326 48.52 -26.19 4.62
CA GLY O 326 49.05 -26.92 3.48
C GLY O 326 48.79 -26.22 2.16
N ASN O 327 47.58 -25.70 2.00
CA ASN O 327 47.20 -24.92 0.80
C ASN O 327 48.12 -23.71 0.61
N ALA O 328 48.45 -23.04 1.70
CA ALA O 328 49.36 -21.90 1.67
C ALA O 328 50.79 -22.32 1.29
N ALA O 329 51.19 -23.51 1.74
CA ALA O 329 52.52 -24.05 1.41
C ALA O 329 52.62 -24.45 -0.06
N GLY O 330 51.57 -25.06 -0.59
CA GLY O 330 51.54 -25.48 -1.99
C GLY O 330 51.48 -24.32 -2.97
N LEU O 331 50.71 -23.29 -2.61
CA LEU O 331 50.67 -22.04 -3.39
C LEU O 331 51.97 -21.23 -3.24
N GLY O 332 52.75 -21.54 -2.21
CA GLY O 332 54.06 -20.92 -2.02
C GLY O 332 53.96 -19.50 -1.51
N ILE O 333 53.09 -19.28 -0.53
CA ILE O 333 52.88 -17.95 0.04
C ILE O 333 53.36 -17.84 1.50
N MET O 334 53.53 -18.97 2.19
CA MET O 334 54.09 -18.98 3.53
C MET O 334 55.62 -19.13 3.48
N GLY O 335 56.26 -19.11 4.65
CA GLY O 335 57.71 -19.24 4.76
C GLY O 335 58.37 -17.88 4.94
N GLU O 336 59.06 -17.63 6.07
CA GLU O 336 59.26 -18.60 7.15
C GLU O 336 58.22 -18.38 8.25
N TYR O 337 57.05 -18.99 8.06
CA TYR O 337 55.94 -18.90 9.00
C TYR O 337 56.09 -20.05 10.01
N ARG O 338 56.14 -19.70 11.30
CA ARG O 338 56.45 -20.67 12.36
C ARG O 338 55.21 -21.43 12.88
N GLY O 339 54.21 -21.60 12.03
CA GLY O 339 53.03 -22.40 12.37
C GLY O 339 53.22 -23.83 11.90
N THR O 340 52.97 -24.78 12.81
CA THR O 340 53.15 -26.20 12.52
C THR O 340 51.79 -26.90 12.43
N PRO O 341 51.58 -27.71 11.37
CA PRO O 341 50.31 -28.43 11.24
C PRO O 341 50.20 -29.59 12.22
N ARG O 342 49.06 -29.68 12.91
CA ARG O 342 48.82 -30.78 13.86
C ARG O 342 48.67 -32.12 13.13
N ASN O 343 47.94 -32.11 12.02
CA ASN O 343 47.81 -33.29 11.15
C ASN O 343 48.75 -33.14 9.96
N GLN O 344 49.78 -33.99 9.90
CA GLN O 344 50.79 -33.91 8.86
C GLN O 344 50.33 -34.51 7.53
N ASP O 345 49.49 -35.54 7.60
CA ASP O 345 48.98 -36.23 6.41
C ASP O 345 48.03 -35.33 5.60
N LEU O 346 47.17 -34.60 6.30
CA LEU O 346 46.27 -33.63 5.67
C LEU O 346 47.03 -32.44 5.08
N TYR O 347 48.12 -32.05 5.76
CA TYR O 347 48.96 -30.95 5.30
C TYR O 347 49.67 -31.30 3.99
N ASP O 348 50.24 -32.50 3.92
CA ASP O 348 50.96 -32.96 2.73
C ASP O 348 50.03 -33.18 1.54
N ALA O 349 48.82 -33.68 1.81
CA ALA O 349 47.81 -33.90 0.78
C ALA O 349 47.30 -32.58 0.21
N ALA O 350 47.10 -31.59 1.09
CA ALA O 350 46.67 -30.26 0.68
C ALA O 350 47.77 -29.52 -0.07
N LYS O 351 49.02 -29.68 0.38
CA LYS O 351 50.18 -29.09 -0.27
C LYS O 351 50.36 -29.65 -1.68
N ALA O 352 50.13 -30.96 -1.83
CA ALA O 352 50.28 -31.64 -3.10
C ALA O 352 49.32 -31.10 -4.16
N TYR O 353 48.05 -30.93 -3.78
CA TYR O 353 47.03 -30.41 -4.69
C TYR O 353 47.20 -28.92 -4.95
N ALA O 354 47.56 -28.17 -3.91
CA ALA O 354 47.79 -26.73 -4.04
C ALA O 354 48.90 -26.42 -5.03
N GLU O 355 49.91 -27.31 -5.09
CA GLU O 355 50.95 -27.23 -6.12
C GLU O 355 50.38 -27.52 -7.50
N GLN O 356 49.49 -28.51 -7.58
CA GLN O 356 48.80 -28.85 -8.84
C GLN O 356 47.85 -27.74 -9.31
N LEU O 357 47.30 -26.98 -8.36
CA LEU O 357 46.38 -25.88 -8.68
C LEU O 357 47.09 -24.70 -9.35
N LYS O 358 48.14 -24.21 -8.71
CA LYS O 358 48.93 -23.09 -9.22
C LYS O 358 49.69 -23.44 -10.50
N GLU O 359 49.77 -24.74 -10.79
CA GLU O 359 50.57 -25.24 -11.89
C GLU O 359 50.02 -24.71 -13.20
N ASN O 360 50.89 -24.11 -14.00
CA ASN O 360 50.57 -23.75 -15.39
C ASN O 360 49.70 -22.47 -15.51
N GLY O 361 48.95 -22.33 -16.60
CA GLY O 361 48.26 -21.06 -16.94
C GLY O 361 47.68 -20.98 -18.35
N VAL O 362 46.57 -21.67 -18.59
CA VAL O 362 45.83 -21.60 -19.86
C VAL O 362 44.91 -20.37 -19.86
N ILE O 363 44.57 -19.89 -21.06
CA ILE O 363 43.60 -18.79 -21.19
C ILE O 363 42.17 -19.34 -21.18
N ASN O 364 41.34 -18.78 -20.31
CA ASN O 364 39.91 -19.11 -20.25
C ASN O 364 39.11 -18.10 -21.07
N TYR O 365 38.61 -18.55 -22.22
CA TYR O 365 37.91 -17.67 -23.16
C TYR O 365 36.43 -17.45 -22.84
N SER O 366 35.88 -18.28 -21.95
CA SER O 366 34.48 -18.15 -21.53
C SER O 366 34.27 -16.98 -20.57
N VAL O 367 35.34 -16.50 -19.95
CA VAL O 367 35.28 -15.37 -19.02
C VAL O 367 35.01 -14.06 -19.75
N LEU O 368 35.69 -13.87 -20.89
CA LEU O 368 35.53 -12.66 -21.69
C LEU O 368 34.18 -12.66 -22.40
N ASP O 369 33.69 -11.47 -22.73
CA ASP O 369 32.41 -11.32 -23.43
C ASP O 369 32.62 -11.32 -24.95
N LEU O 370 33.27 -12.37 -25.44
CA LEU O 370 33.58 -12.50 -26.87
C LEU O 370 32.34 -12.91 -27.65
N THR O 371 32.11 -12.25 -28.78
CA THR O 371 30.93 -12.50 -29.61
C THR O 371 31.27 -13.49 -30.72
N ALA P 2 -9.25 -29.56 28.38
CA ALA P 2 -8.34 -30.25 27.41
C ALA P 2 -7.18 -30.94 28.13
N LEU P 3 -6.57 -31.92 27.46
CA LEU P 3 -5.44 -32.65 28.01
C LEU P 3 -4.12 -31.92 27.71
N SER P 4 -4.18 -30.87 26.91
CA SER P 4 -3.01 -30.03 26.64
C SER P 4 -2.69 -29.11 27.82
N LYS P 5 -3.70 -28.77 28.61
CA LYS P 5 -3.54 -27.85 29.73
C LYS P 5 -2.89 -28.48 30.96
N VAL P 6 -3.10 -29.78 31.16
CA VAL P 6 -2.48 -30.50 32.29
C VAL P 6 -0.94 -30.51 32.13
N LYS P 7 -0.32 -29.49 32.70
CA LYS P 7 1.14 -29.31 32.62
C LYS P 7 1.62 -28.54 33.84
N LEU P 8 2.93 -28.56 34.08
CA LEU P 8 3.52 -27.84 35.22
C LEU P 8 5.02 -27.61 35.00
N ASN P 9 5.38 -26.36 34.73
CA ASN P 9 6.78 -26.00 34.49
C ASN P 9 7.51 -25.84 35.82
N ASP P 10 7.99 -26.95 36.36
CA ASP P 10 8.69 -26.96 37.64
C ASP P 10 10.04 -26.25 37.57
N THR P 11 10.74 -26.40 36.45
CA THR P 11 12.06 -25.80 36.26
C THR P 11 12.01 -24.27 36.33
N LEU P 12 11.00 -23.68 35.69
CA LEU P 12 10.81 -22.23 35.67
C LEU P 12 10.27 -21.72 37.01
N ASN P 13 9.41 -22.51 37.66
CA ASN P 13 8.83 -22.14 38.95
C ASN P 13 9.84 -22.21 40.10
N LYS P 14 10.73 -23.21 40.06
CA LYS P 14 11.81 -23.32 41.04
C LYS P 14 12.74 -22.11 40.96
N ASP P 15 13.04 -21.67 39.73
CA ASP P 15 13.85 -20.48 39.51
C ASP P 15 13.14 -19.22 40.02
N GLN P 16 11.83 -19.15 39.78
CA GLN P 16 11.00 -18.04 40.23
C GLN P 16 10.95 -17.94 41.75
N LEU P 17 10.97 -19.09 42.44
CA LEU P 17 10.99 -19.13 43.90
C LEU P 17 12.29 -18.54 44.46
N LEU P 18 13.42 -18.98 43.91
CA LEU P 18 14.73 -18.54 44.38
C LEU P 18 15.07 -17.11 43.97
N SER P 19 14.58 -16.70 42.79
CA SER P 19 14.81 -15.35 42.29
C SER P 19 14.04 -14.30 43.09
N SER P 20 12.88 -14.67 43.61
CA SER P 20 12.03 -13.75 44.38
C SER P 20 12.05 -14.08 45.88
N SER P 21 13.25 -14.22 46.44
CA SER P 21 13.42 -14.45 47.87
C SER P 21 13.28 -13.12 48.63
N LYS P 22 12.46 -13.13 49.68
CA LYS P 22 12.24 -11.93 50.49
C LYS P 22 13.42 -11.69 51.43
N TYR P 23 14.08 -12.77 51.84
CA TYR P 23 15.12 -12.72 52.86
C TYR P 23 16.45 -13.20 52.31
N THR P 24 17.55 -12.83 52.97
CA THR P 24 18.89 -13.13 52.51
C THR P 24 19.78 -13.67 53.63
N ILE P 25 20.64 -14.63 53.30
CA ILE P 25 21.67 -15.12 54.22
C ILE P 25 23.01 -14.47 53.88
N GLN P 26 23.80 -14.20 54.91
CA GLN P 26 25.11 -13.58 54.74
C GLN P 26 26.16 -14.36 55.53
N ARG P 27 27.04 -15.03 54.80
CA ARG P 27 27.97 -16.01 55.37
C ARG P 27 29.16 -15.33 56.05
N SER P 28 29.67 -15.97 57.10
CA SER P 28 30.77 -15.41 57.89
C SER P 28 32.05 -15.34 57.07
N THR P 29 32.31 -14.16 56.50
CA THR P 29 33.53 -13.93 55.74
C THR P 29 34.73 -13.91 56.69
N GLY P 30 34.50 -13.48 57.93
CA GLY P 30 35.51 -13.51 58.98
C GLY P 30 35.55 -12.23 59.78
N ASP P 31 36.72 -11.93 60.33
CA ASP P 31 36.93 -10.71 61.12
C ASP P 31 37.32 -9.52 60.24
N SER P 32 38.13 -9.78 59.21
CA SER P 32 38.57 -8.72 58.30
C SER P 32 39.09 -9.28 56.97
N ILE P 33 38.89 -8.50 55.90
CA ILE P 33 39.47 -8.81 54.58
C ILE P 33 40.29 -7.62 54.09
N ASP P 34 41.47 -7.90 53.56
CA ASP P 34 42.33 -6.87 52.99
C ASP P 34 41.80 -6.47 51.61
N THR P 35 41.44 -5.21 51.46
CA THR P 35 40.94 -4.67 50.20
C THR P 35 41.89 -3.61 49.66
N PRO P 36 42.97 -4.04 48.99
CA PRO P 36 43.96 -3.08 48.47
C PRO P 36 43.43 -2.30 47.27
N ASN P 37 43.88 -1.05 47.12
CA ASN P 37 43.45 -0.19 46.02
C ASN P 37 44.51 -0.20 44.91
N TYR P 38 44.36 0.72 43.95
CA TYR P 38 45.25 0.78 42.78
C TYR P 38 46.67 1.26 43.14
N ASP P 39 46.77 2.06 44.20
CA ASP P 39 48.06 2.59 44.64
C ASP P 39 49.03 1.51 45.13
N VAL P 40 48.48 0.46 45.74
CA VAL P 40 49.27 -0.65 46.30
C VAL P 40 49.54 -1.74 45.24
N GLN P 41 48.74 -1.76 44.18
CA GLN P 41 48.87 -2.76 43.11
C GLN P 41 50.32 -2.97 42.64
N LYS P 42 51.05 -1.87 42.47
CA LYS P 42 52.42 -1.93 41.95
C LYS P 42 53.39 -2.55 42.97
N HIS P 43 53.07 -2.42 44.26
CA HIS P 43 53.86 -3.04 45.32
C HIS P 43 53.63 -4.55 45.39
N ILE P 44 52.41 -4.99 45.12
CA ILE P 44 52.06 -6.42 45.15
C ILE P 44 52.68 -7.13 43.94
N ASN P 45 52.71 -6.45 42.80
CA ASN P 45 53.39 -6.97 41.61
C ASN P 45 54.88 -7.23 41.88
N LYS P 46 55.49 -6.33 42.65
CA LYS P 46 56.88 -6.48 43.08
C LYS P 46 57.02 -7.68 44.02
N LEU P 47 56.06 -7.81 44.95
CA LEU P 47 56.04 -8.94 45.88
C LEU P 47 55.83 -10.26 45.15
N CYS P 48 54.98 -10.25 44.12
CA CYS P 48 54.78 -11.41 43.25
C CYS P 48 56.05 -11.75 42.48
N GLY P 49 56.78 -10.72 42.05
CA GLY P 49 58.05 -10.90 41.35
C GLY P 49 59.14 -11.49 42.23
N MET P 50 59.18 -11.08 43.50
CA MET P 50 60.15 -11.59 44.46
C MET P 50 60.03 -13.11 44.64
N LEU P 51 58.79 -13.60 44.74
CA LEU P 51 58.53 -15.03 44.83
C LEU P 51 58.94 -15.78 43.57
N LEU P 52 58.78 -15.13 42.41
CA LEU P 52 59.11 -15.73 41.12
C LEU P 52 60.62 -15.84 40.87
N ILE P 53 61.39 -14.85 41.31
CA ILE P 53 62.86 -14.89 41.15
C ILE P 53 63.55 -15.78 42.17
N THR P 54 62.86 -16.07 43.29
CA THR P 54 63.42 -16.90 44.35
C THR P 54 63.49 -18.37 43.93
N GLU P 55 64.70 -18.94 43.96
CA GLU P 55 64.90 -20.34 43.62
C GLU P 55 64.41 -21.23 44.77
N ASP P 56 63.55 -22.19 44.44
CA ASP P 56 62.90 -23.06 45.44
C ASP P 56 62.18 -22.21 46.50
N ALA P 57 61.24 -21.39 46.02
CA ALA P 57 60.54 -20.43 46.89
C ALA P 57 59.45 -21.10 47.70
N ASN P 58 59.13 -20.49 48.85
CA ASN P 58 58.04 -20.95 49.71
C ASN P 58 56.72 -20.32 49.25
N HIS P 59 55.95 -21.07 48.47
CA HIS P 59 54.65 -20.60 47.98
C HIS P 59 53.52 -21.01 48.93
N LYS P 60 53.69 -20.70 50.22
CA LYS P 60 52.66 -20.95 51.22
C LYS P 60 51.62 -19.83 51.20
N PHE P 61 52.07 -18.62 50.87
CA PHE P 61 51.22 -17.43 50.90
C PHE P 61 50.92 -16.86 49.51
N THR P 62 51.39 -17.54 48.46
CA THR P 62 51.25 -17.03 47.09
C THR P 62 49.80 -17.07 46.60
N GLY P 63 49.02 -18.02 47.08
CA GLY P 63 47.58 -18.07 46.80
C GLY P 63 46.87 -16.86 47.38
N LEU P 64 47.28 -16.46 48.58
CA LEU P 64 46.74 -15.27 49.24
C LEU P 64 47.27 -14.00 48.59
N ILE P 65 48.58 -13.97 48.31
CA ILE P 65 49.21 -12.82 47.64
C ILE P 65 48.66 -12.63 46.22
N GLY P 66 48.33 -13.74 45.55
CA GLY P 66 47.70 -13.70 44.24
C GLY P 66 46.34 -13.01 44.27
N MET P 67 45.54 -13.34 45.28
CA MET P 67 44.23 -12.71 45.47
C MET P 67 44.35 -11.21 45.76
N LEU P 68 45.40 -10.83 46.51
CA LEU P 68 45.64 -9.42 46.82
C LEU P 68 45.97 -8.61 45.57
N TYR P 69 46.66 -9.22 44.61
CA TYR P 69 46.96 -8.56 43.34
C TYR P 69 45.70 -8.43 42.47
N ALA P 70 44.86 -9.47 42.49
CA ALA P 70 43.59 -9.45 41.76
C ALA P 70 42.63 -8.40 42.33
N MET P 71 42.61 -8.26 43.65
CA MET P 71 41.78 -7.27 44.32
C MET P 71 42.33 -5.84 44.14
N SER P 72 43.66 -5.71 44.07
CA SER P 72 44.29 -4.41 43.83
C SER P 72 44.04 -3.92 42.40
N ARG P 73 43.94 -4.85 41.46
CA ARG P 73 43.57 -4.52 40.08
C ARG P 73 42.12 -4.06 39.99
N LEU P 74 41.24 -4.72 40.75
CA LEU P 74 39.83 -4.32 40.83
C LEU P 74 39.68 -2.96 41.52
N GLY P 75 40.35 -2.81 42.67
CA GLY P 75 40.30 -1.58 43.45
C GLY P 75 39.34 -1.71 44.62
N ARG P 76 39.69 -1.05 45.72
CA ARG P 76 38.93 -1.15 46.98
C ARG P 76 37.42 -1.03 46.80
N GLU P 77 36.98 -0.04 46.02
CA GLU P 77 35.55 0.20 45.79
C GLU P 77 34.86 -0.98 45.09
N ASP P 78 35.51 -1.52 44.06
CA ASP P 78 34.94 -2.64 43.30
C ASP P 78 34.96 -3.95 44.09
N THR P 79 36.13 -4.33 44.58
CA THR P 79 36.28 -5.60 45.32
C THR P 79 35.36 -5.69 46.55
N ILE P 80 35.08 -4.56 47.19
CA ILE P 80 34.07 -4.53 48.26
C ILE P 80 32.67 -4.74 47.66
N LYS P 81 32.43 -4.11 46.52
CA LYS P 81 31.15 -4.25 45.82
C LYS P 81 30.87 -5.69 45.37
N ILE P 82 31.92 -6.42 44.98
CA ILE P 82 31.74 -7.80 44.50
C ILE P 82 31.53 -8.77 45.66
N LEU P 83 32.13 -8.48 46.81
CA LEU P 83 31.92 -9.29 48.03
C LEU P 83 30.50 -9.11 48.57
N ARG P 84 30.00 -7.86 48.57
CA ARG P 84 28.65 -7.57 49.06
C ARG P 84 27.57 -8.11 48.11
N ASP P 85 27.81 -8.03 46.81
CA ASP P 85 26.89 -8.58 45.81
C ASP P 85 26.84 -10.11 45.86
N ALA P 86 27.96 -10.74 46.23
CA ALA P 86 28.02 -12.19 46.41
C ALA P 86 27.18 -12.64 47.61
N GLY P 87 27.14 -11.80 48.65
CA GLY P 87 26.37 -12.09 49.86
C GLY P 87 27.28 -12.32 51.06
N TYR P 88 28.13 -11.34 51.35
CA TYR P 88 29.09 -11.43 52.45
C TYR P 88 29.21 -10.09 53.18
N HIS P 89 29.20 -10.13 54.51
CA HIS P 89 29.50 -8.96 55.33
C HIS P 89 31.02 -8.79 55.42
N VAL P 90 31.51 -7.62 55.00
CA VAL P 90 32.96 -7.40 54.88
C VAL P 90 33.45 -6.22 55.72
N LYS P 91 34.35 -6.53 56.66
CA LYS P 91 35.08 -5.53 57.43
C LYS P 91 36.35 -5.21 56.66
N ALA P 92 36.28 -4.19 55.80
CA ALA P 92 37.38 -3.86 54.88
C ALA P 92 38.60 -3.29 55.60
N ASN P 93 39.75 -3.91 55.38
CA ASN P 93 41.02 -3.45 55.95
C ASN P 93 41.82 -2.69 54.88
N GLY P 94 42.15 -1.44 55.18
CA GLY P 94 42.89 -0.59 54.25
C GLY P 94 44.36 -0.97 54.17
N VAL P 95 44.83 -1.26 52.96
CA VAL P 95 46.22 -1.65 52.74
C VAL P 95 47.07 -0.41 52.39
N ASP P 96 48.07 -0.13 53.23
CA ASP P 96 48.95 1.02 53.04
C ASP P 96 50.42 0.58 53.10
N VAL P 97 51.28 1.31 52.39
CA VAL P 97 52.71 1.01 52.36
C VAL P 97 53.41 1.73 53.50
N THR P 98 54.13 0.97 54.34
CA THR P 98 54.87 1.52 55.47
C THR P 98 56.29 0.94 55.52
N THR P 99 57.25 1.76 55.92
CA THR P 99 58.65 1.36 55.99
C THR P 99 58.96 0.74 57.35
N HIS P 100 59.34 -0.53 57.36
CA HIS P 100 59.65 -1.26 58.58
C HIS P 100 61.16 -1.42 58.75
N ARG P 101 61.67 -1.04 59.93
CA ARG P 101 63.09 -1.15 60.24
C ARG P 101 63.35 -2.33 61.16
N GLN P 102 64.19 -3.26 60.70
CA GLN P 102 64.56 -4.44 61.48
C GLN P 102 66.02 -4.82 61.21
N ASP P 103 66.71 -5.24 62.26
CA ASP P 103 68.14 -5.56 62.16
C ASP P 103 68.40 -7.05 61.92
N ILE P 104 68.47 -7.43 60.64
CA ILE P 104 68.76 -8.80 60.24
C ILE P 104 70.28 -8.98 60.19
N ASN P 105 70.78 -10.00 60.88
CA ASN P 105 72.22 -10.31 60.95
C ASN P 105 73.05 -9.14 61.52
N GLY P 106 72.49 -8.43 62.48
CA GLY P 106 73.17 -7.31 63.14
C GLY P 106 72.93 -5.97 62.49
N LYS P 107 73.05 -5.93 61.15
CA LYS P 107 72.91 -4.68 60.40
C LYS P 107 71.44 -4.27 60.28
N GLU P 108 71.14 -3.02 60.61
CA GLU P 108 69.78 -2.49 60.54
C GLU P 108 69.36 -2.28 59.09
N MET P 109 68.24 -2.89 58.70
CA MET P 109 67.76 -2.84 57.32
C MET P 109 66.35 -2.29 57.21
N LYS P 110 66.06 -1.60 56.11
CA LYS P 110 64.74 -1.05 55.83
C LYS P 110 63.97 -1.97 54.87
N PHE P 111 62.66 -2.03 55.05
CA PHE P 111 61.78 -2.85 54.20
C PHE P 111 60.43 -2.16 53.98
N GLU P 112 60.04 -2.05 52.71
CA GLU P 112 58.70 -1.55 52.37
C GLU P 112 57.70 -2.68 52.49
N VAL P 113 56.77 -2.56 53.44
CA VAL P 113 55.78 -3.62 53.72
C VAL P 113 54.36 -3.08 53.69
N LEU P 114 53.41 -3.97 53.40
CA LEU P 114 52.00 -3.61 53.34
C LEU P 114 51.32 -3.86 54.69
N THR P 115 50.37 -3.00 55.05
CA THR P 115 49.60 -3.17 56.29
C THR P 115 48.48 -4.17 56.06
N LEU P 116 48.84 -5.45 56.00
CA LEU P 116 47.89 -6.53 55.73
C LEU P 116 47.55 -7.28 57.02
N ALA P 117 46.27 -7.63 57.17
CA ALA P 117 45.81 -8.44 58.30
C ALA P 117 46.11 -9.92 58.08
N SER P 118 45.84 -10.38 56.86
CA SER P 118 46.05 -11.80 56.50
C SER P 118 47.53 -12.15 56.40
N LEU P 119 48.37 -11.19 56.00
CA LEU P 119 49.80 -11.41 55.82
C LEU P 119 50.60 -10.57 56.82
N THR P 120 51.42 -11.23 57.62
CA THR P 120 52.20 -10.56 58.67
C THR P 120 53.38 -9.81 58.05
N THR P 121 53.80 -8.73 58.70
CA THR P 121 54.98 -7.97 58.27
C THR P 121 56.29 -8.76 58.48
N GLU P 122 56.24 -9.76 59.35
CA GLU P 122 57.40 -10.59 59.65
C GLU P 122 57.69 -11.57 58.50
N ILE P 123 56.64 -12.05 57.84
CA ILE P 123 56.79 -13.00 56.73
C ILE P 123 57.00 -12.25 55.40
N GLN P 124 56.52 -11.01 55.32
CA GLN P 124 56.72 -10.18 54.13
C GLN P 124 58.19 -9.85 53.89
N ILE P 125 58.92 -9.52 54.95
CA ILE P 125 60.34 -9.23 54.84
C ILE P 125 61.16 -10.46 54.47
N ASN P 126 60.70 -11.64 54.91
CA ASN P 126 61.37 -12.90 54.58
C ASN P 126 61.24 -13.27 53.10
N ILE P 127 60.15 -12.84 52.47
CA ILE P 127 59.98 -13.01 51.03
C ILE P 127 60.99 -12.13 50.28
N GLU P 128 61.20 -10.91 50.79
CA GLU P 128 62.17 -9.98 50.20
C GLU P 128 63.61 -10.39 50.51
N ILE P 129 63.83 -10.93 51.72
CA ILE P 129 65.17 -11.39 52.13
C ILE P 129 65.64 -12.56 51.26
N GLU P 130 64.78 -13.56 51.09
CA GLU P 130 65.12 -14.74 50.29
C GLU P 130 65.24 -14.44 48.80
N SER P 131 64.52 -13.41 48.34
CA SER P 131 64.61 -12.98 46.95
C SER P 131 65.93 -12.26 46.66
N ARG P 132 66.39 -11.47 47.63
CA ARG P 132 67.69 -10.78 47.52
C ARG P 132 68.86 -11.76 47.44
N LYS P 133 68.74 -12.89 48.15
CA LYS P 133 69.73 -13.96 48.08
C LYS P 133 69.79 -14.57 46.68
N SER P 134 68.61 -14.86 46.13
CA SER P 134 68.51 -15.41 44.78
C SER P 134 68.85 -14.38 43.71
N TYR P 135 68.63 -13.10 44.01
CA TYR P 135 68.94 -12.02 43.08
C TYR P 135 70.45 -11.85 42.91
N LYS P 136 71.19 -11.83 44.03
CA LYS P 136 72.64 -11.67 43.98
C LYS P 136 73.33 -12.92 43.42
N LYS P 137 72.72 -14.09 43.63
CA LYS P 137 73.20 -15.33 43.04
C LYS P 137 72.98 -15.29 41.53
N MET P 138 71.83 -14.78 41.12
CA MET P 138 71.51 -14.59 39.70
C MET P 138 72.41 -13.52 39.08
N LEU P 139 72.66 -12.45 39.83
CA LEU P 139 73.54 -11.36 39.38
C LEU P 139 74.99 -11.83 39.23
N LYS P 140 75.39 -12.79 40.07
CA LYS P 140 76.75 -13.34 40.04
C LYS P 140 76.95 -14.27 38.85
N GLU P 141 75.88 -14.91 38.39
CA GLU P 141 75.95 -15.88 37.30
C GLU P 141 75.97 -15.22 35.92
N MET P 142 75.05 -14.28 35.68
CA MET P 142 74.91 -13.64 34.38
C MET P 142 75.41 -12.19 34.35
N GLY P 143 76.01 -11.72 35.44
CA GLY P 143 76.54 -10.37 35.51
C GLY P 143 75.46 -9.32 35.62
N GLU P 144 74.83 -9.00 34.48
CA GLU P 144 73.74 -8.04 34.42
C GLU P 144 72.43 -8.77 34.16
N VAL P 145 71.45 -8.58 35.05
CA VAL P 145 70.13 -9.20 34.91
C VAL P 145 69.25 -8.35 33.98
N ALA P 146 68.56 -9.02 33.06
CA ALA P 146 67.72 -8.33 32.07
C ALA P 146 66.35 -8.00 32.66
N PRO P 147 65.57 -7.12 31.98
CA PRO P 147 64.20 -6.80 32.42
C PRO P 147 63.25 -8.00 32.52
N GLU P 148 63.51 -9.05 31.73
CA GLU P 148 62.67 -10.24 31.72
C GLU P 148 62.85 -11.08 32.99
N TYR P 149 64.09 -11.23 33.43
CA TYR P 149 64.43 -12.10 34.56
C TYR P 149 64.18 -11.47 35.94
N ARG P 150 64.01 -10.15 35.98
CA ARG P 150 63.89 -9.44 37.26
C ARG P 150 62.46 -9.35 37.79
N HIS P 151 62.34 -9.01 39.07
CA HIS P 151 61.06 -8.92 39.77
C HIS P 151 60.23 -7.68 39.41
N ASP P 152 60.87 -6.67 38.83
CA ASP P 152 60.20 -5.39 38.52
C ASP P 152 59.26 -5.47 37.31
N SER P 153 59.33 -6.55 36.54
CA SER P 153 58.50 -6.71 35.34
C SER P 153 57.01 -6.67 35.69
N PRO P 154 56.19 -6.02 34.84
CA PRO P 154 54.75 -5.94 35.09
C PRO P 154 53.98 -7.26 34.93
N ASP P 155 54.60 -8.23 34.26
CA ASP P 155 53.97 -9.54 34.05
C ASP P 155 53.90 -10.37 35.33
N CYS P 156 54.87 -10.19 36.22
CA CYS P 156 55.02 -10.99 37.44
C CYS P 156 53.69 -11.30 38.16
N GLY P 157 52.87 -10.27 38.35
CA GLY P 157 51.58 -10.42 39.03
C GLY P 157 50.60 -11.31 38.29
N MET P 158 50.51 -11.13 36.98
CA MET P 158 49.62 -11.92 36.14
C MET P 158 50.15 -13.34 35.90
N ILE P 159 51.47 -13.50 35.91
CA ILE P 159 52.10 -14.82 35.76
C ILE P 159 51.67 -15.77 36.88
N ILE P 160 51.57 -15.23 38.10
CA ILE P 160 51.09 -16.01 39.24
C ILE P 160 49.58 -16.29 39.13
N LEU P 161 48.84 -15.34 38.57
CA LEU P 161 47.40 -15.52 38.34
C LEU P 161 47.09 -16.42 37.14
N CYS P 162 48.08 -16.70 36.29
CA CYS P 162 47.89 -17.60 35.15
C CYS P 162 47.63 -19.04 35.61
N ILE P 163 48.40 -19.52 36.58
CA ILE P 163 48.17 -20.86 37.15
C ILE P 163 47.00 -20.87 38.12
N ALA P 164 46.59 -19.69 38.59
CA ALA P 164 45.35 -19.55 39.36
C ALA P 164 44.14 -19.82 38.46
N ALA P 165 44.24 -19.38 37.21
CA ALA P 165 43.21 -19.66 36.20
C ALA P 165 43.19 -21.14 35.81
N LEU P 166 44.36 -21.79 35.88
CA LEU P 166 44.45 -23.24 35.65
C LEU P 166 43.85 -24.02 36.83
N VAL P 167 44.03 -23.51 38.04
CA VAL P 167 43.40 -24.10 39.23
C VAL P 167 41.89 -23.95 39.18
N ILE P 168 41.42 -22.77 38.76
CA ILE P 168 39.98 -22.50 38.65
C ILE P 168 39.35 -23.32 37.52
N THR P 169 40.15 -23.68 36.53
CA THR P 169 39.72 -24.54 35.43
C THR P 169 39.37 -25.96 35.91
N LYS P 170 40.12 -26.45 36.90
CA LYS P 170 39.90 -27.81 37.44
C LYS P 170 39.28 -27.83 38.84
N LEU P 171 38.55 -26.77 39.20
CA LEU P 171 37.83 -26.72 40.47
C LEU P 171 36.53 -27.52 40.44
N ALA P 172 36.02 -27.82 39.24
CA ALA P 172 34.78 -28.56 39.08
C ALA P 172 34.80 -29.93 39.79
N ALA P 173 35.96 -30.60 39.73
CA ALA P 173 36.14 -31.87 40.42
C ALA P 173 35.99 -31.71 41.93
N GLY P 174 36.67 -30.70 42.48
CA GLY P 174 36.55 -30.34 43.88
C GLY P 174 37.26 -31.28 44.84
N ASP P 175 38.45 -31.74 44.44
CA ASP P 175 39.27 -32.61 45.30
C ASP P 175 40.76 -32.61 44.94
N ARG P 176 41.24 -31.49 44.38
CA ARG P 176 42.62 -31.36 43.92
C ARG P 176 43.09 -32.50 42.99
N SER P 177 42.16 -33.08 42.24
CA SER P 177 42.48 -34.18 41.33
C SER P 177 43.09 -33.67 40.02
N GLY P 178 42.72 -32.45 39.63
CA GLY P 178 43.23 -31.82 38.42
C GLY P 178 44.66 -31.28 38.52
N LEU P 179 45.20 -31.25 39.74
CA LEU P 179 46.56 -30.74 39.99
C LEU P 179 47.60 -31.25 38.98
N THR P 180 47.49 -32.52 38.59
CA THR P 180 48.38 -33.10 37.59
C THR P 180 48.23 -32.42 36.23
N ALA P 181 46.98 -32.15 35.85
CA ALA P 181 46.69 -31.44 34.60
C ALA P 181 47.04 -29.95 34.68
N VAL P 182 46.93 -29.38 35.89
CA VAL P 182 47.29 -27.98 36.11
C VAL P 182 48.79 -27.76 35.91
N ILE P 183 49.60 -28.69 36.41
CA ILE P 183 51.05 -28.64 36.26
C ILE P 183 51.44 -28.95 34.81
N ARG P 184 50.77 -29.94 34.22
CA ARG P 184 51.01 -30.35 32.83
C ARG P 184 50.79 -29.18 31.87
N ARG P 185 49.65 -28.52 31.98
CA ARG P 185 49.34 -27.35 31.14
C ARG P 185 50.27 -26.18 31.44
N ALA P 186 50.62 -26.00 32.72
CA ALA P 186 51.54 -24.93 33.13
C ALA P 186 52.95 -25.11 32.56
N ASN P 187 53.25 -26.30 32.03
CA ASN P 187 54.51 -26.55 31.31
C ASN P 187 54.35 -26.39 29.80
N ASN P 188 53.20 -26.80 29.27
CA ASN P 188 52.88 -26.61 27.85
C ASN P 188 52.57 -25.13 27.58
N VAL P 189 51.69 -24.57 28.39
CA VAL P 189 51.45 -23.13 28.43
C VAL P 189 52.56 -22.53 29.28
N LEU P 190 52.76 -21.23 29.18
CA LEU P 190 53.57 -20.49 30.15
C LEU P 190 55.03 -20.97 30.20
N LYS P 191 55.49 -21.57 29.09
CA LYS P 191 56.82 -22.18 29.04
C LYS P 191 57.94 -21.15 28.98
N ASN P 192 57.69 -20.05 28.25
CA ASN P 192 58.62 -18.93 28.21
C ASN P 192 58.77 -18.25 29.57
N GLU P 193 57.67 -18.21 30.34
CA GLU P 193 57.64 -17.59 31.65
C GLU P 193 58.46 -18.38 32.68
N MET P 194 58.43 -19.70 32.58
CA MET P 194 59.19 -20.58 33.49
C MET P 194 60.71 -20.49 33.26
N LYS P 195 61.12 -20.17 32.04
CA LYS P 195 62.53 -19.98 31.72
C LYS P 195 63.09 -18.74 32.43
N ARG P 196 62.31 -17.66 32.42
CA ARG P 196 62.75 -16.37 32.96
C ARG P 196 62.47 -16.19 34.46
N TYR P 197 61.88 -17.19 35.10
CA TYR P 197 61.65 -17.17 36.55
C TYR P 197 61.88 -18.54 37.18
N LYS P 198 62.86 -18.62 38.08
CA LYS P 198 63.19 -19.87 38.78
C LYS P 198 62.08 -20.32 39.72
N GLY P 199 61.43 -19.36 40.37
CA GLY P 199 60.38 -19.65 41.34
C GLY P 199 58.97 -19.78 40.76
N LEU P 200 58.88 -20.12 39.48
CA LEU P 200 57.59 -20.44 38.87
C LEU P 200 57.40 -21.96 39.00
N LEU P 201 56.91 -22.37 40.15
CA LEU P 201 56.67 -23.78 40.47
C LEU P 201 55.18 -24.08 40.38
N PRO P 202 54.73 -24.71 39.27
CA PRO P 202 53.31 -25.01 39.08
C PRO P 202 52.67 -25.78 40.24
N LYS P 203 53.35 -26.80 40.75
CA LYS P 203 52.83 -27.63 41.83
C LYS P 203 52.68 -26.84 43.13
N ASP P 204 53.69 -26.03 43.46
CA ASP P 204 53.70 -25.26 44.70
C ASP P 204 52.68 -24.12 44.70
N ILE P 205 52.55 -23.44 43.56
CA ILE P 205 51.65 -22.29 43.44
C ILE P 205 50.19 -22.75 43.30
N ALA P 206 49.96 -23.83 42.53
CA ALA P 206 48.61 -24.36 42.34
C ALA P 206 48.00 -24.85 43.66
N ASN P 207 48.81 -25.55 44.45
CA ASN P 207 48.39 -26.00 45.79
C ASN P 207 48.06 -24.85 46.73
N SER P 208 48.74 -23.71 46.54
CA SER P 208 48.48 -22.51 47.32
C SER P 208 47.12 -21.91 46.95
N PHE P 209 46.82 -21.86 45.67
CA PHE P 209 45.51 -21.39 45.18
C PHE P 209 44.40 -22.39 45.50
N TYR P 210 44.71 -23.69 45.43
CA TYR P 210 43.77 -24.72 45.88
C TYR P 210 43.42 -24.55 47.36
N GLU P 211 44.41 -24.19 48.17
CA GLU P 211 44.24 -24.01 49.60
C GLU P 211 43.39 -22.77 49.91
N VAL P 212 43.69 -21.65 49.24
CA VAL P 212 43.01 -20.39 49.52
C VAL P 212 41.55 -20.38 49.04
N PHE P 213 41.26 -21.09 47.95
CA PHE P 213 39.89 -21.23 47.47
C PHE P 213 39.07 -22.18 48.36
N GLU P 214 39.73 -23.20 48.89
CA GLU P 214 39.09 -24.14 49.83
C GLU P 214 38.82 -23.48 51.18
N LYS P 215 39.84 -22.84 51.74
CA LYS P 215 39.73 -22.18 53.03
C LYS P 215 38.83 -20.94 52.97
N HIS P 216 38.89 -20.22 51.85
CA HIS P 216 38.09 -19.01 51.66
C HIS P 216 37.28 -19.10 50.36
N PRO P 217 36.05 -19.64 50.43
CA PRO P 217 35.16 -19.75 49.26
C PRO P 217 34.75 -18.41 48.63
N HIS P 218 34.81 -17.33 49.42
CA HIS P 218 34.51 -15.99 48.90
C HIS P 218 35.59 -15.47 47.94
N PHE P 219 36.83 -15.93 48.10
CA PHE P 219 37.93 -15.52 47.21
C PHE P 219 37.85 -16.15 45.81
N ILE P 220 37.12 -17.26 45.68
CA ILE P 220 36.96 -17.89 44.36
C ILE P 220 35.94 -17.05 43.57
N ASP P 221 34.98 -16.46 44.29
CA ASP P 221 34.02 -15.53 43.70
C ASP P 221 34.72 -14.23 43.29
N VAL P 222 35.70 -13.81 44.09
CA VAL P 222 36.50 -12.63 43.79
C VAL P 222 37.38 -12.83 42.55
N PHE P 223 37.96 -14.01 42.42
CA PHE P 223 38.83 -14.32 41.28
C PHE P 223 38.05 -14.46 39.97
N VAL P 224 36.89 -15.10 40.03
CA VAL P 224 36.05 -15.29 38.85
C VAL P 224 35.58 -13.95 38.30
N HIS P 225 35.11 -13.07 39.18
CA HIS P 225 34.65 -11.74 38.77
C HIS P 225 35.81 -10.80 38.42
N PHE P 226 37.01 -11.10 38.93
CA PHE P 226 38.22 -10.42 38.48
C PHE P 226 38.58 -10.87 37.07
N GLY P 227 38.52 -12.18 36.84
CA GLY P 227 38.84 -12.76 35.53
C GLY P 227 37.93 -12.31 34.42
N ILE P 228 36.64 -12.15 34.74
CA ILE P 228 35.66 -11.61 33.80
C ILE P 228 35.93 -10.13 33.54
N ALA P 229 36.26 -9.39 34.59
CA ALA P 229 36.62 -7.98 34.47
C ALA P 229 37.95 -7.79 33.73
N GLN P 230 38.88 -8.72 33.95
CA GLN P 230 40.17 -8.74 33.25
C GLN P 230 39.97 -9.07 31.76
N SER P 231 39.08 -10.00 31.49
CA SER P 231 38.78 -10.41 30.11
C SER P 231 37.88 -9.41 29.36
N SER P 232 37.32 -8.44 30.09
CA SER P 232 36.49 -7.39 29.50
C SER P 232 37.30 -6.20 28.97
N THR P 233 38.62 -6.20 29.21
CA THR P 233 39.47 -5.08 28.80
C THR P 233 39.67 -5.02 27.28
N ARG P 234 40.19 -3.89 26.81
CA ARG P 234 40.37 -3.64 25.38
C ARG P 234 41.65 -4.28 24.83
N GLY P 235 42.70 -4.30 25.66
CA GLY P 235 43.98 -4.92 25.28
C GLY P 235 45.08 -4.63 26.28
N GLY P 236 46.03 -5.56 26.40
CA GLY P 236 47.13 -5.45 27.37
C GLY P 236 48.44 -6.04 26.88
N SER P 237 48.94 -7.05 27.59
CA SER P 237 50.17 -7.76 27.22
C SER P 237 49.87 -9.22 26.88
N ARG P 238 50.87 -9.93 26.36
CA ARG P 238 50.68 -11.33 25.96
C ARG P 238 50.43 -12.24 27.17
N VAL P 239 51.01 -11.89 28.31
CA VAL P 239 50.79 -12.63 29.56
C VAL P 239 49.35 -12.45 30.05
N GLU P 240 48.77 -11.27 29.80
CA GLU P 240 47.36 -11.04 30.07
C GLU P 240 46.49 -11.78 29.05
N GLY P 241 47.02 -11.96 27.85
CA GLY P 241 46.40 -12.82 26.85
C GLY P 241 46.40 -14.28 27.25
N ILE P 242 47.47 -14.71 27.93
CA ILE P 242 47.55 -16.06 28.49
C ILE P 242 46.46 -16.27 29.53
N PHE P 243 46.39 -15.36 30.49
CA PHE P 243 45.40 -15.41 31.56
C PHE P 243 43.97 -15.45 31.01
N ALA P 244 43.68 -14.58 30.03
CA ALA P 244 42.35 -14.50 29.43
C ALA P 244 41.95 -15.80 28.74
N GLY P 245 42.90 -16.41 28.03
CA GLY P 245 42.67 -17.69 27.36
C GLY P 245 42.51 -18.84 28.33
N LEU P 246 43.38 -18.89 29.34
CA LEU P 246 43.32 -19.94 30.36
C LEU P 246 42.10 -19.80 31.27
N PHE P 247 41.66 -18.56 31.50
CA PHE P 247 40.47 -18.31 32.31
C PHE P 247 39.20 -18.75 31.60
N MET P 248 39.12 -18.51 30.29
CA MET P 248 37.94 -18.88 29.49
C MET P 248 37.87 -20.39 29.20
N ASN P 249 38.96 -21.12 29.45
CA ASN P 249 38.93 -22.58 29.41
C ASN P 249 38.11 -23.14 30.57
N ALA P 250 38.02 -22.38 31.66
CA ALA P 250 37.21 -22.74 32.81
C ALA P 250 35.71 -22.63 32.52
N TYR P 251 35.33 -21.75 31.59
CA TYR P 251 33.92 -21.60 31.20
C TYR P 251 33.34 -22.94 30.77
N GLY P 252 32.21 -23.30 31.36
CA GLY P 252 31.54 -24.57 31.07
C GLY P 252 32.12 -25.76 31.83
N ALA P 253 32.90 -25.48 32.87
CA ALA P 253 33.43 -26.54 33.74
C ALA P 253 32.31 -27.06 34.64
N GLY P 254 32.38 -28.35 34.98
CA GLY P 254 31.35 -28.98 35.79
C GLY P 254 30.07 -29.27 35.01
N GLN P 255 30.14 -29.22 33.69
CA GLN P 255 28.97 -29.45 32.83
C GLN P 255 29.42 -29.81 31.41
N VAL P 256 30.31 -30.80 31.33
CA VAL P 256 30.84 -31.31 30.06
C VAL P 256 29.81 -32.18 29.34
N MET P 257 28.96 -32.86 30.10
CA MET P 257 27.92 -33.72 29.54
C MET P 257 26.93 -32.90 28.69
N LEU P 258 26.80 -31.62 29.04
CA LEU P 258 25.97 -30.68 28.28
C LEU P 258 26.57 -30.43 26.88
N ARG P 259 27.90 -30.30 26.82
CA ARG P 259 28.60 -30.08 25.54
C ARG P 259 28.68 -31.36 24.71
N TRP P 260 28.94 -32.48 25.37
CA TRP P 260 28.99 -33.79 24.68
C TRP P 260 27.63 -34.23 24.16
N GLY P 261 26.55 -33.73 24.76
CA GLY P 261 25.20 -33.99 24.27
C GLY P 261 24.91 -33.33 22.93
N VAL P 262 25.49 -32.15 22.73
CA VAL P 262 25.39 -31.44 21.45
C VAL P 262 26.25 -32.13 20.39
N LEU P 263 27.37 -32.69 20.84
CA LEU P 263 28.28 -33.44 19.95
C LEU P 263 27.62 -34.70 19.40
N ALA P 264 26.95 -35.45 20.28
CA ALA P 264 26.21 -36.64 19.87
C ALA P 264 25.09 -36.30 18.88
N LYS P 265 24.46 -35.15 19.09
CA LYS P 265 23.44 -34.63 18.18
C LYS P 265 24.06 -34.17 16.85
N SER P 266 25.26 -33.58 16.92
CA SER P 266 25.98 -33.12 15.73
C SER P 266 26.44 -34.27 14.86
N VAL P 267 27.06 -35.28 15.48
CA VAL P 267 27.52 -36.47 14.75
C VAL P 267 26.39 -37.45 14.40
N LYS P 268 25.21 -37.21 14.97
CA LYS P 268 24.00 -38.00 14.67
C LYS P 268 24.12 -39.45 15.13
N ASN P 269 24.40 -39.64 16.42
CA ASN P 269 24.47 -40.98 16.99
C ASN P 269 23.08 -41.63 17.02
N ILE P 270 22.96 -42.80 16.42
CA ILE P 270 21.66 -43.45 16.20
C ILE P 270 20.96 -43.87 17.49
N MET P 271 21.71 -44.09 18.56
CA MET P 271 21.13 -44.49 19.85
C MET P 271 20.38 -43.35 20.55
N LEU P 272 20.49 -42.12 20.04
CA LEU P 272 19.64 -41.00 20.47
C LEU P 272 18.17 -41.26 20.15
N GLY P 273 17.92 -41.93 19.02
CA GLY P 273 16.57 -42.27 18.60
C GLY P 273 15.94 -43.45 19.31
N HIS P 274 16.69 -44.09 20.21
CA HIS P 274 16.21 -45.21 21.00
C HIS P 274 15.02 -44.79 21.88
N ALA P 275 14.09 -45.73 22.10
CA ALA P 275 12.80 -45.43 22.74
C ALA P 275 12.93 -44.84 24.15
N SER P 276 13.72 -45.49 25.00
CA SER P 276 13.90 -45.02 26.38
C SER P 276 14.66 -43.70 26.45
N VAL P 277 15.46 -43.41 25.43
CA VAL P 277 16.13 -42.11 25.31
C VAL P 277 15.11 -41.05 24.88
N GLN P 278 14.19 -41.42 23.99
CA GLN P 278 13.15 -40.51 23.49
C GLN P 278 12.11 -40.16 24.55
N ALA P 279 11.94 -41.02 25.55
CA ALA P 279 11.03 -40.75 26.66
C ALA P 279 11.53 -39.59 27.52
N GLU P 280 12.84 -39.43 27.59
CA GLU P 280 13.48 -38.37 28.39
C GLU P 280 13.59 -37.04 27.62
N MET P 281 13.43 -37.09 26.29
CA MET P 281 13.68 -35.93 25.42
C MET P 281 12.85 -34.69 25.76
N GLU P 282 11.67 -34.87 26.34
CA GLU P 282 10.86 -33.74 26.78
C GLU P 282 11.55 -32.98 27.90
N GLN P 283 12.17 -33.71 28.84
CA GLN P 283 12.80 -33.10 30.00
C GLN P 283 14.25 -32.64 29.76
N VAL P 284 14.97 -33.29 28.84
CA VAL P 284 16.35 -32.90 28.54
C VAL P 284 16.40 -31.58 27.77
N VAL P 285 15.35 -31.31 26.98
CA VAL P 285 15.21 -30.04 26.26
C VAL P 285 15.00 -28.89 27.24
N GLU P 286 14.30 -29.14 28.35
CA GLU P 286 14.04 -28.12 29.37
C GLU P 286 15.33 -27.58 30.00
N VAL P 287 16.28 -28.48 30.25
CA VAL P 287 17.58 -28.08 30.84
C VAL P 287 18.49 -27.40 29.81
N TYR P 288 18.43 -27.87 28.56
CA TYR P 288 19.18 -27.22 27.48
C TYR P 288 18.61 -25.82 27.16
N GLU P 289 17.29 -25.70 27.18
CA GLU P 289 16.64 -24.40 27.05
C GLU P 289 16.92 -23.51 28.26
N TYR P 290 17.03 -24.13 29.45
CA TYR P 290 17.40 -23.42 30.66
C TYR P 290 18.86 -22.94 30.61
N ALA P 291 19.73 -23.76 30.01
CA ALA P 291 21.13 -23.38 29.79
C ALA P 291 21.24 -22.24 28.77
N GLN P 292 20.38 -22.28 27.76
CA GLN P 292 20.29 -21.21 26.77
C GLN P 292 19.73 -19.92 27.36
N LYS P 293 18.84 -20.06 28.34
CA LYS P 293 18.22 -18.92 29.02
C LYS P 293 19.24 -18.16 29.86
N LEU P 294 20.02 -18.89 30.66
CA LEU P 294 21.04 -18.29 31.52
C LEU P 294 22.13 -17.63 30.69
N GLY P 295 22.63 -18.35 29.69
CA GLY P 295 23.65 -17.83 28.78
C GLY P 295 25.05 -17.87 29.39
N GLY P 296 25.72 -16.72 29.42
CA GLY P 296 27.05 -16.61 29.97
C GLY P 296 27.12 -16.81 31.48
N GLU P 297 26.01 -16.53 32.15
CA GLU P 297 25.92 -16.67 33.61
C GLU P 297 26.16 -18.11 34.07
N ALA P 298 25.72 -19.07 33.26
CA ALA P 298 25.83 -20.50 33.60
C ALA P 298 27.23 -21.10 33.44
N GLY P 299 28.17 -20.32 32.89
CA GLY P 299 29.53 -20.79 32.66
C GLY P 299 30.29 -21.16 33.92
N PHE P 300 30.19 -20.31 34.94
CA PHE P 300 30.89 -20.50 36.21
C PHE P 300 29.92 -20.90 37.33
N TYR P 301 28.92 -21.73 36.99
CA TYR P 301 27.93 -22.19 37.96
C TYR P 301 28.43 -23.34 38.84
N HIS P 302 29.44 -24.06 38.37
CA HIS P 302 30.06 -25.15 39.14
C HIS P 302 31.39 -24.73 39.78
N ILE P 303 32.10 -23.81 39.13
CA ILE P 303 33.34 -23.25 39.68
C ILE P 303 33.00 -22.46 40.95
N LEU P 304 32.13 -21.48 40.80
CA LEU P 304 31.40 -20.93 41.94
C LEU P 304 30.38 -22.00 42.26
N ASN P 305 30.34 -22.50 43.49
CA ASN P 305 29.37 -23.55 43.83
C ASN P 305 27.95 -22.97 43.93
N ASN P 306 27.38 -22.66 42.77
CA ASN P 306 26.07 -22.05 42.67
C ASN P 306 24.98 -23.08 42.96
N PRO P 307 24.00 -22.71 43.81
CA PRO P 307 22.85 -23.58 44.09
C PRO P 307 22.12 -24.10 42.84
N LYS P 308 22.06 -23.26 41.80
CA LYS P 308 21.36 -23.59 40.56
C LYS P 308 22.22 -24.40 39.57
N ALA P 309 23.40 -24.84 40.02
CA ALA P 309 24.28 -25.68 39.20
C ALA P 309 23.73 -27.09 39.02
N SER P 310 22.98 -27.57 40.02
CA SER P 310 22.37 -28.90 39.97
C SER P 310 21.26 -29.00 38.91
N LEU P 311 20.66 -27.86 38.57
CA LEU P 311 19.59 -27.81 37.57
C LEU P 311 20.10 -28.09 36.14
N LEU P 312 21.38 -27.83 35.90
CA LEU P 312 22.00 -28.07 34.59
C LEU P 312 22.43 -29.51 34.36
N SER P 313 22.21 -30.37 35.36
CA SER P 313 22.64 -31.77 35.30
C SER P 313 21.80 -32.60 34.33
N LEU P 314 22.48 -33.37 33.48
CA LEU P 314 21.83 -34.36 32.61
C LEU P 314 21.88 -35.76 33.22
N THR P 315 22.63 -35.91 34.31
CA THR P 315 22.79 -37.20 35.00
C THR P 315 21.47 -37.75 35.52
N GLN P 316 20.53 -36.86 35.84
CA GLN P 316 19.15 -37.25 36.21
C GLN P 316 18.44 -38.07 35.12
N PHE P 317 18.93 -37.96 33.88
CA PHE P 317 18.40 -38.74 32.77
C PHE P 317 19.37 -39.89 32.44
N PRO P 318 19.10 -41.10 32.96
CA PRO P 318 20.03 -42.24 32.80
C PRO P 318 20.31 -42.65 31.34
N HIS P 319 19.27 -42.69 30.52
CA HIS P 319 19.39 -43.21 29.15
C HIS P 319 20.11 -42.25 28.22
N PHE P 320 19.72 -40.98 28.27
CA PHE P 320 20.35 -39.94 27.43
C PHE P 320 21.81 -39.71 27.83
N SER P 321 22.09 -39.77 29.13
CA SER P 321 23.47 -39.64 29.63
C SER P 321 24.37 -40.77 29.11
N SER P 322 23.82 -41.98 29.05
CA SER P 322 24.58 -43.15 28.63
C SER P 322 25.02 -43.08 27.16
N VAL P 323 24.07 -42.75 26.28
CA VAL P 323 24.37 -42.61 24.85
C VAL P 323 25.34 -41.46 24.57
N VAL P 324 25.20 -40.37 25.32
CA VAL P 324 26.09 -39.21 25.19
C VAL P 324 27.49 -39.55 25.70
N LEU P 325 27.56 -40.27 26.83
CA LEU P 325 28.84 -40.67 27.40
C LEU P 325 29.48 -41.80 26.59
N GLY P 326 28.64 -42.60 25.93
CA GLY P 326 29.11 -43.63 25.00
C GLY P 326 29.65 -43.03 23.71
N ASN P 327 28.95 -42.04 23.18
CA ASN P 327 29.40 -41.32 21.98
C ASN P 327 30.78 -40.69 22.17
N ALA P 328 31.01 -40.12 23.36
CA ALA P 328 32.30 -39.53 23.71
C ALA P 328 33.40 -40.60 23.80
N ALA P 329 33.03 -41.78 24.29
CA ALA P 329 33.97 -42.90 24.41
C ALA P 329 34.35 -43.48 23.05
N GLY P 330 33.37 -43.59 22.15
CA GLY P 330 33.62 -44.11 20.81
C GLY P 330 34.44 -43.18 19.94
N LEU P 331 34.16 -41.87 20.06
CA LEU P 331 34.97 -40.84 19.39
C LEU P 331 36.36 -40.71 20.02
N GLY P 332 36.52 -41.21 21.24
CA GLY P 332 37.83 -41.23 21.90
C GLY P 332 38.24 -39.87 22.42
N ILE P 333 37.31 -39.16 23.06
CA ILE P 333 37.56 -37.84 23.61
C ILE P 333 37.53 -37.79 25.14
N MET P 334 36.91 -38.80 25.77
CA MET P 334 36.93 -38.92 27.24
C MET P 334 38.13 -39.76 27.69
N GLY P 335 38.30 -39.88 29.00
CA GLY P 335 39.41 -40.64 29.59
C GLY P 335 40.52 -39.72 30.07
N GLU P 336 40.83 -39.70 31.37
CA GLU P 336 40.18 -40.52 32.41
C GLU P 336 39.07 -39.71 33.07
N TYR P 337 37.88 -39.76 32.48
CA TYR P 337 36.71 -39.06 32.99
C TYR P 337 35.96 -40.01 33.92
N ARG P 338 35.74 -39.58 35.16
CA ARG P 338 35.20 -40.45 36.21
C ARG P 338 33.65 -40.49 36.24
N GLY P 339 33.02 -40.28 35.08
CA GLY P 339 31.58 -40.41 34.96
C GLY P 339 31.21 -41.81 34.50
N THR P 340 30.27 -42.44 35.21
CA THR P 340 29.84 -43.81 34.93
C THR P 340 28.44 -43.81 34.33
N PRO P 341 28.23 -44.56 33.23
CA PRO P 341 26.90 -44.62 32.62
C PRO P 341 25.93 -45.49 33.44
N ARG P 342 24.74 -44.98 33.70
CA ARG P 342 23.73 -45.73 34.44
C ARG P 342 23.20 -46.91 33.64
N ASN P 343 22.99 -46.70 32.34
CA ASN P 343 22.61 -47.77 31.42
C ASN P 343 23.84 -48.23 30.62
N GLN P 344 24.30 -49.44 30.89
CA GLN P 344 25.52 -49.96 30.26
C GLN P 344 25.28 -50.43 28.82
N ASP P 345 24.08 -50.95 28.55
CA ASP P 345 23.75 -51.46 27.22
C ASP P 345 23.65 -50.33 26.18
N LEU P 346 23.05 -49.21 26.58
CA LEU P 346 22.97 -48.02 25.73
C LEU P 346 24.35 -47.38 25.52
N TYR P 347 25.19 -47.45 26.54
CA TYR P 347 26.56 -46.93 26.46
C TYR P 347 27.40 -47.70 25.45
N ASP P 348 27.33 -49.04 25.53
CA ASP P 348 28.10 -49.91 24.62
C ASP P 348 27.62 -49.81 23.19
N ALA P 349 26.31 -49.67 23.00
CA ALA P 349 25.71 -49.52 21.67
C ALA P 349 26.09 -48.18 21.03
N ALA P 350 26.11 -47.12 21.84
CA ALA P 350 26.50 -45.80 21.39
C ALA P 350 28.00 -45.73 21.10
N LYS P 351 28.79 -46.38 21.94
CA LYS P 351 30.25 -46.47 21.75
C LYS P 351 30.59 -47.21 20.46
N ALA P 352 29.84 -48.27 20.17
CA ALA P 352 30.07 -49.09 18.98
C ALA P 352 29.85 -48.28 17.68
N TYR P 353 28.76 -47.52 17.63
CA TYR P 353 28.46 -46.70 16.46
C TYR P 353 29.38 -45.49 16.36
N ALA P 354 29.71 -44.88 17.50
CA ALA P 354 30.62 -43.73 17.54
C ALA P 354 32.00 -44.09 17.00
N GLU P 355 32.42 -45.32 17.24
CA GLU P 355 33.65 -45.85 16.64
C GLU P 355 33.49 -46.01 15.12
N GLN P 356 32.32 -46.48 14.69
CA GLN P 356 32.00 -46.60 13.27
C GLN P 356 31.87 -45.24 12.56
N LEU P 357 31.49 -44.21 13.32
CA LEU P 357 31.34 -42.85 12.77
C LEU P 357 32.68 -42.20 12.45
N LYS P 358 33.57 -42.18 13.44
CA LYS P 358 34.91 -41.60 13.28
C LYS P 358 35.79 -42.39 12.32
N GLU P 359 35.31 -43.56 11.93
CA GLU P 359 36.09 -44.51 11.16
C GLU P 359 36.37 -43.95 9.78
N ASN P 360 37.64 -43.94 9.37
CA ASN P 360 38.02 -43.66 7.99
C ASN P 360 38.00 -42.15 7.64
N GLY P 361 37.79 -41.81 6.36
CA GLY P 361 37.95 -40.43 5.88
C GLY P 361 37.95 -40.24 4.37
N VAL P 362 36.77 -40.37 3.74
CA VAL P 362 36.61 -40.13 2.29
C VAL P 362 36.40 -38.63 2.05
N ILE P 363 36.74 -38.18 0.84
CA ILE P 363 36.51 -36.79 0.43
C ILE P 363 35.08 -36.60 -0.08
N ASN P 364 34.36 -35.63 0.50
CA ASN P 364 33.02 -35.28 0.05
C ASN P 364 33.10 -34.11 -0.95
N TYR P 365 32.84 -34.41 -2.22
CA TYR P 365 32.99 -33.42 -3.29
C TYR P 365 31.77 -32.52 -3.48
N SER P 366 30.64 -32.91 -2.89
CA SER P 366 29.42 -32.10 -2.96
C SER P 366 29.48 -30.86 -2.06
N VAL P 367 30.39 -30.86 -1.09
CA VAL P 367 30.56 -29.73 -0.18
C VAL P 367 31.19 -28.53 -0.89
N LEU P 368 32.20 -28.80 -1.70
CA LEU P 368 32.89 -27.74 -2.45
C LEU P 368 32.01 -27.21 -3.57
N ASP P 369 32.27 -25.97 -3.99
CA ASP P 369 31.52 -25.34 -5.07
C ASP P 369 32.19 -25.61 -6.42
N LEU P 370 32.40 -26.89 -6.72
CA LEU P 370 33.06 -27.31 -7.96
C LEU P 370 32.10 -27.18 -9.14
N THR P 371 32.59 -26.63 -10.24
CA THR P 371 31.78 -26.42 -11.44
C THR P 371 31.97 -27.58 -12.42
N ALA Q 2 -28.15 -16.49 28.27
CA ALA Q 2 -27.40 -17.62 27.62
C ALA Q 2 -26.99 -18.67 28.65
N LEU Q 3 -26.77 -19.89 28.18
CA LEU Q 3 -26.34 -20.99 29.05
C LEU Q 3 -24.82 -20.99 29.25
N SER Q 4 -24.12 -20.11 28.53
CA SER Q 4 -22.68 -19.95 28.73
C SER Q 4 -22.38 -19.15 30.00
N LYS Q 5 -23.32 -18.30 30.42
CA LYS Q 5 -23.11 -17.44 31.58
C LYS Q 5 -23.27 -18.15 32.92
N VAL Q 6 -24.11 -19.19 32.96
CA VAL Q 6 -24.30 -19.97 34.19
C VAL Q 6 -23.01 -20.69 34.57
N LYS Q 7 -22.20 -20.02 35.38
CA LYS Q 7 -20.90 -20.53 35.81
C LYS Q 7 -20.53 -19.92 37.16
N LEU Q 8 -19.55 -20.51 37.83
CA LEU Q 8 -19.11 -20.02 39.14
C LEU Q 8 -17.70 -20.51 39.47
N ASN Q 9 -16.72 -19.61 39.40
CA ASN Q 9 -15.33 -19.96 39.67
C ASN Q 9 -15.09 -19.99 41.18
N ASP Q 10 -15.39 -21.14 41.80
CA ASP Q 10 -15.23 -21.32 43.24
C ASP Q 10 -13.77 -21.32 43.67
N THR Q 11 -12.90 -21.90 42.85
CA THR Q 11 -11.47 -21.99 43.16
C THR Q 11 -10.82 -20.60 43.29
N LEU Q 12 -11.18 -19.70 42.37
CA LEU Q 12 -10.65 -18.34 42.38
C LEU Q 12 -11.29 -17.49 43.47
N ASN Q 13 -12.57 -17.71 43.74
CA ASN Q 13 -13.29 -16.98 44.78
C ASN Q 13 -12.88 -17.37 46.20
N LYS Q 14 -12.60 -18.66 46.40
CA LYS Q 14 -12.09 -19.14 47.69
C LYS Q 14 -10.73 -18.51 48.01
N ASP Q 15 -9.88 -18.40 46.98
CA ASP Q 15 -8.57 -17.73 47.12
C ASP Q 15 -8.75 -16.24 47.41
N GLN Q 16 -9.72 -15.62 46.74
CA GLN Q 16 -10.02 -14.20 46.93
C GLN Q 16 -10.53 -13.92 48.35
N LEU Q 17 -11.25 -14.86 48.93
CA LEU Q 17 -11.74 -14.74 50.31
C LEU Q 17 -10.58 -14.74 51.31
N LEU Q 18 -9.68 -15.71 51.17
CA LEU Q 18 -8.55 -15.87 52.09
C LEU Q 18 -7.47 -14.80 51.89
N SER Q 19 -7.29 -14.36 50.64
CA SER Q 19 -6.31 -13.33 50.32
C SER Q 19 -6.70 -11.95 50.87
N SER Q 20 -8.02 -11.70 50.96
CA SER Q 20 -8.53 -10.42 51.44
C SER Q 20 -9.16 -10.54 52.83
N SER Q 21 -8.40 -11.14 53.76
CA SER Q 21 -8.86 -11.27 55.14
C SER Q 21 -8.60 -9.95 55.88
N LYS Q 22 -9.63 -9.46 56.58
CA LYS Q 22 -9.51 -8.20 57.33
C LYS Q 22 -8.74 -8.40 58.62
N TYR Q 23 -8.83 -9.61 59.17
CA TYR Q 23 -8.28 -9.92 60.49
C TYR Q 23 -7.22 -11.02 60.40
N THR Q 24 -6.37 -11.11 61.41
CA THR Q 24 -5.25 -12.05 61.43
C THR Q 24 -5.14 -12.79 62.75
N ILE Q 25 -4.79 -14.07 62.68
CA ILE Q 25 -4.49 -14.87 63.87
C ILE Q 25 -2.96 -14.95 64.05
N GLN Q 26 -2.53 -14.97 65.30
CA GLN Q 26 -1.10 -15.05 65.62
C GLN Q 26 -0.87 -16.12 66.68
N ARG Q 27 -0.21 -17.20 66.26
CA ARG Q 27 -0.09 -18.42 67.06
C ARG Q 27 0.97 -18.27 68.14
N SER Q 28 0.75 -18.94 69.27
CA SER Q 28 1.64 -18.85 70.42
C SER Q 28 2.99 -19.49 70.11
N THR Q 29 3.95 -18.65 69.70
CA THR Q 29 5.31 -19.09 69.43
C THR Q 29 5.98 -19.52 70.74
N GLY Q 30 5.59 -18.86 71.84
CA GLY Q 30 6.06 -19.23 73.17
C GLY Q 30 6.42 -18.01 74.00
N ASP Q 31 7.37 -18.22 74.92
CA ASP Q 31 7.84 -17.14 75.80
C ASP Q 31 9.01 -16.39 75.18
N SER Q 32 9.90 -17.11 74.48
CA SER Q 32 11.06 -16.49 73.83
C SER Q 32 11.66 -17.37 72.74
N ILE Q 33 12.21 -16.72 71.71
CA ILE Q 33 12.96 -17.40 70.66
C ILE Q 33 14.36 -16.78 70.55
N ASP Q 34 15.37 -17.63 70.43
CA ASP Q 34 16.74 -17.18 70.24
C ASP Q 34 16.95 -16.75 68.80
N THR Q 35 17.31 -15.48 68.60
CA THR Q 35 17.55 -14.92 67.28
C THR Q 35 19.02 -14.48 67.16
N PRO Q 36 19.92 -15.44 66.88
CA PRO Q 36 21.34 -15.09 66.77
C PRO Q 36 21.67 -14.30 65.51
N ASN Q 37 22.67 -13.44 65.60
CA ASN Q 37 23.09 -12.60 64.47
C ASN Q 37 24.31 -13.21 63.78
N TYR Q 38 24.93 -12.44 62.88
CA TYR Q 38 26.06 -12.93 62.09
C TYR Q 38 27.33 -13.11 62.93
N ASP Q 39 27.46 -12.33 64.00
CA ASP Q 39 28.63 -12.39 64.89
C ASP Q 39 28.74 -13.74 65.62
N VAL Q 40 27.60 -14.33 65.95
CA VAL Q 40 27.54 -15.61 66.69
C VAL Q 40 27.59 -16.81 65.73
N GLN Q 41 27.30 -16.59 64.46
CA GLN Q 41 27.28 -17.66 63.44
C GLN Q 41 28.52 -18.56 63.49
N LYS Q 42 29.69 -17.95 63.64
CA LYS Q 42 30.96 -18.68 63.62
C LYS Q 42 31.14 -19.55 64.87
N HIS Q 43 30.52 -19.14 65.97
CA HIS Q 43 30.52 -19.93 67.21
C HIS Q 43 29.62 -21.16 67.12
N ILE Q 44 28.49 -21.01 66.42
CA ILE Q 44 27.53 -22.11 66.25
C ILE Q 44 28.10 -23.16 65.30
N ASN Q 45 28.81 -22.71 64.27
CA ASN Q 45 29.52 -23.61 63.36
C ASN Q 45 30.53 -24.48 64.10
N LYS Q 46 31.20 -23.88 65.09
CA LYS Q 46 32.13 -24.60 65.95
C LYS Q 46 31.38 -25.61 66.82
N LEU Q 47 30.23 -25.19 67.36
CA LEU Q 47 29.37 -26.06 68.16
C LEU Q 47 28.82 -27.22 67.33
N CYS Q 48 28.48 -26.94 66.07
CA CYS Q 48 28.05 -27.97 65.12
C CYS Q 48 29.18 -28.95 64.82
N GLY Q 49 30.41 -28.42 64.72
CA GLY Q 49 31.60 -29.24 64.49
C GLY Q 49 31.92 -30.16 65.66
N MET Q 50 31.73 -29.67 66.87
CA MET Q 50 31.97 -30.46 68.09
C MET Q 50 31.10 -31.72 68.13
N LEU Q 51 29.83 -31.57 67.77
CA LEU Q 51 28.91 -32.71 67.69
C LEU Q 51 29.32 -33.70 66.60
N LEU Q 52 29.88 -33.18 65.50
CA LEU Q 52 30.29 -34.01 64.37
C LEU Q 52 31.56 -34.82 64.64
N ILE Q 53 32.51 -34.25 65.37
CA ILE Q 53 33.74 -34.98 65.72
C ILE Q 53 33.56 -35.96 66.87
N THR Q 54 32.50 -35.77 67.67
CA THR Q 54 32.22 -36.64 68.81
C THR Q 54 31.73 -38.01 68.35
N GLU Q 55 32.44 -39.06 68.77
CA GLU Q 55 32.05 -40.43 68.44
C GLU Q 55 30.87 -40.86 69.30
N ASP Q 56 29.81 -41.35 68.65
CA ASP Q 56 28.55 -41.69 69.31
C ASP Q 56 28.00 -40.50 70.10
N ALA Q 57 27.78 -39.40 69.39
CA ALA Q 57 27.37 -38.14 70.00
C ALA Q 57 25.89 -38.13 70.37
N ASN Q 58 25.54 -37.32 71.36
CA ASN Q 58 24.15 -37.13 71.77
C ASN Q 58 23.51 -36.03 70.92
N HIS Q 59 22.78 -36.42 69.87
CA HIS Q 59 22.09 -35.48 69.00
C HIS Q 59 20.67 -35.22 69.48
N LYS Q 60 20.53 -34.87 70.76
CA LYS Q 60 19.23 -34.51 71.34
C LYS Q 60 18.92 -33.06 71.03
N PHE Q 61 19.96 -32.23 70.94
CA PHE Q 61 19.82 -30.78 70.75
C PHE Q 61 20.28 -30.30 69.37
N THR Q 62 20.70 -31.23 68.51
CA THR Q 62 21.27 -30.88 67.20
C THR Q 62 20.23 -30.31 66.25
N GLY Q 63 18.98 -30.74 66.38
CA GLY Q 63 17.87 -30.17 65.62
C GLY Q 63 17.65 -28.71 65.98
N LEU Q 64 17.78 -28.40 67.27
CA LEU Q 64 17.67 -27.02 67.76
C LEU Q 64 18.93 -26.22 67.41
N ILE Q 65 20.09 -26.82 67.60
CA ILE Q 65 21.37 -26.19 67.26
C ILE Q 65 21.48 -25.93 65.75
N GLY Q 66 20.89 -26.82 64.95
CA GLY Q 66 20.83 -26.65 63.51
C GLY Q 66 20.03 -25.41 63.11
N MET Q 67 18.88 -25.21 63.76
CA MET Q 67 18.05 -24.03 63.52
C MET Q 67 18.76 -22.75 63.93
N LEU Q 68 19.54 -22.81 65.00
CA LEU Q 68 20.32 -21.64 65.47
C LEU Q 68 21.37 -21.22 64.44
N TYR Q 69 21.96 -22.19 63.75
CA TYR Q 69 22.92 -21.88 62.69
C TYR Q 69 22.23 -21.29 61.45
N ALA Q 70 21.06 -21.83 61.12
CA ALA Q 70 20.27 -21.31 60.01
C ALA Q 70 19.78 -19.89 60.27
N MET Q 71 19.40 -19.61 61.51
CA MET Q 71 18.96 -18.26 61.90
C MET Q 71 20.13 -17.28 62.00
N SER Q 72 21.31 -17.78 62.40
CA SER Q 72 22.51 -16.94 62.46
C SER Q 72 23.00 -16.55 61.07
N ARG Q 73 22.81 -17.44 60.10
CA ARG Q 73 23.09 -17.14 58.69
C ARG Q 73 22.14 -16.07 58.14
N LEU Q 74 20.88 -16.17 58.52
CA LEU Q 74 19.87 -15.18 58.14
C LEU Q 74 20.16 -13.83 58.80
N GLY Q 75 20.40 -13.87 60.11
CA GLY Q 75 20.68 -12.66 60.88
C GLY Q 75 19.45 -12.19 61.65
N ARG Q 76 19.67 -11.68 62.86
CA ARG Q 76 18.59 -11.27 63.77
C ARG Q 76 17.48 -10.49 63.09
N GLU Q 77 17.84 -9.52 62.25
CA GLU Q 77 16.85 -8.68 61.57
C GLU Q 77 15.96 -9.48 60.62
N ASP Q 78 16.57 -10.37 59.82
CA ASP Q 78 15.82 -11.16 58.85
C ASP Q 78 14.98 -12.25 59.52
N THR Q 79 15.60 -13.06 60.37
CA THR Q 79 14.89 -14.17 61.03
C THR Q 79 13.70 -13.69 61.88
N ILE Q 80 13.79 -12.49 62.44
CA ILE Q 80 12.63 -11.88 63.11
C ILE Q 80 11.58 -11.50 62.06
N LYS Q 81 12.03 -10.96 60.94
CA LYS Q 81 11.14 -10.58 59.83
C LYS Q 81 10.39 -11.78 59.24
N ILE Q 82 11.04 -12.95 59.21
CA ILE Q 82 10.40 -14.15 58.62
C ILE Q 82 9.39 -14.77 59.58
N LEU Q 83 9.64 -14.65 60.89
CA LEU Q 83 8.69 -15.12 61.90
C LEU Q 83 7.44 -14.26 61.94
N ARG Q 84 7.61 -12.94 61.84
CA ARG Q 84 6.47 -12.01 61.85
C ARG Q 84 5.64 -12.10 60.56
N ASP Q 85 6.31 -12.28 59.42
CA ASP Q 85 5.62 -12.46 58.14
C ASP Q 85 4.85 -13.78 58.08
N ALA Q 86 5.36 -14.80 58.78
CA ALA Q 86 4.67 -16.09 58.89
C ALA Q 86 3.38 -15.96 59.71
N GLY Q 87 3.40 -15.09 60.71
CA GLY Q 87 2.24 -14.84 61.57
C GLY Q 87 2.49 -15.33 62.98
N TYR Q 88 3.54 -14.81 63.60
CA TYR Q 88 3.93 -15.20 64.97
C TYR Q 88 4.42 -13.99 65.77
N HIS Q 89 3.93 -13.86 67.00
CA HIS Q 89 4.46 -12.87 67.95
C HIS Q 89 5.75 -13.41 68.54
N VAL Q 90 6.84 -12.67 68.38
CA VAL Q 90 8.17 -13.15 68.78
C VAL Q 90 8.86 -12.24 69.81
N LYS Q 91 9.17 -12.83 70.96
CA LYS Q 91 9.98 -12.18 71.99
C LYS Q 91 11.44 -12.57 71.73
N ALA Q 92 12.13 -11.73 70.96
CA ALA Q 92 13.48 -12.06 70.50
C ALA Q 92 14.51 -12.01 71.62
N ASN Q 93 15.25 -13.11 71.78
CA ASN Q 93 16.32 -13.21 72.77
C ASN Q 93 17.68 -13.03 72.10
N GLY Q 94 18.44 -12.04 72.54
CA GLY Q 94 19.75 -11.74 71.96
C GLY Q 94 20.80 -12.76 72.37
N VAL Q 95 21.45 -13.37 71.38
CA VAL Q 95 22.48 -14.38 71.62
C VAL Q 95 23.86 -13.71 71.67
N ASP Q 96 24.53 -13.81 72.80
CA ASP Q 96 25.86 -13.23 72.99
C ASP Q 96 26.84 -14.26 73.53
N VAL Q 97 28.13 -14.10 73.20
CA VAL Q 97 29.16 -15.03 73.64
C VAL Q 97 29.71 -14.58 75.00
N THR Q 98 29.66 -15.49 75.98
CA THR Q 98 30.16 -15.21 77.33
C THR Q 98 31.04 -16.36 77.82
N THR Q 99 32.09 -16.02 78.57
CA THR Q 99 33.03 -17.01 79.10
C THR Q 99 32.55 -17.54 80.45
N HIS Q 100 32.27 -18.84 80.51
CA HIS Q 100 31.78 -19.49 81.73
C HIS Q 100 32.89 -20.28 82.39
N ARG Q 101 33.09 -20.06 83.69
CA ARG Q 101 34.12 -20.76 84.46
C ARG Q 101 33.47 -21.82 85.36
N GLN Q 102 33.86 -23.08 85.16
CA GLN Q 102 33.36 -24.20 85.94
C GLN Q 102 34.47 -25.21 86.17
N ASP Q 103 34.49 -25.80 87.37
CA ASP Q 103 35.56 -26.74 87.75
C ASP Q 103 35.16 -28.20 87.54
N ILE Q 104 35.46 -28.70 86.34
CA ILE Q 104 35.20 -30.09 85.99
C ILE Q 104 36.38 -30.95 86.46
N ASN Q 105 36.07 -32.01 87.21
CA ASN Q 105 37.09 -32.93 87.76
C ASN Q 105 38.12 -32.22 88.64
N GLY Q 106 37.68 -31.22 89.40
CA GLY Q 106 38.55 -30.47 90.31
C GLY Q 106 39.19 -29.25 89.68
N LYS Q 107 39.75 -29.41 88.48
CA LYS Q 107 40.47 -28.35 87.79
C LYS Q 107 39.50 -27.33 87.20
N GLU Q 108 39.73 -26.06 87.47
CA GLU Q 108 38.88 -24.97 86.97
C GLU Q 108 39.11 -24.77 85.48
N MET Q 109 38.03 -24.84 84.69
CA MET Q 109 38.12 -24.74 83.23
C MET Q 109 37.23 -23.63 82.68
N LYS Q 110 37.69 -23.00 81.59
CA LYS Q 110 36.95 -21.95 80.90
C LYS Q 110 36.21 -22.51 79.70
N PHE Q 111 35.03 -21.95 79.41
CA PHE Q 111 34.21 -22.37 78.28
C PHE Q 111 33.50 -21.17 77.64
N GLU Q 112 33.63 -21.04 76.32
CA GLU Q 112 32.89 -20.02 75.57
C GLU Q 112 31.48 -20.56 75.27
N VAL Q 113 30.48 -19.92 75.86
CA VAL Q 113 29.09 -20.36 75.72
C VAL Q 113 28.18 -19.23 75.23
N LEU Q 114 27.08 -19.62 74.58
CA LEU Q 114 26.10 -18.67 74.07
C LEU Q 114 24.99 -18.43 75.09
N THR Q 115 24.50 -17.19 75.15
CA THR Q 115 23.38 -16.85 76.04
C THR Q 115 22.06 -17.24 75.38
N LEU Q 116 21.77 -18.55 75.39
CA LEU Q 116 20.58 -19.10 74.75
C LEU Q 116 19.53 -19.46 75.79
N ALA Q 117 18.27 -19.16 75.47
CA ALA Q 117 17.14 -19.53 76.33
C ALA Q 117 16.77 -20.99 76.14
N SER Q 118 16.71 -21.42 74.88
CA SER Q 118 16.35 -22.81 74.54
C SER Q 118 17.44 -23.81 74.93
N LEU Q 119 18.70 -23.38 74.89
CA LEU Q 119 19.84 -24.25 75.20
C LEU Q 119 20.56 -23.76 76.47
N THR Q 120 20.65 -24.62 77.47
CA THR Q 120 21.26 -24.27 78.75
C THR Q 120 22.78 -24.24 78.63
N THR Q 121 23.43 -23.40 79.45
CA THR Q 121 24.89 -23.33 79.49
C THR Q 121 25.53 -24.58 80.09
N GLU Q 122 24.74 -25.36 80.84
CA GLU Q 122 25.22 -26.59 81.46
C GLU Q 122 25.38 -27.71 80.43
N ILE Q 123 24.50 -27.73 79.43
CA ILE Q 123 24.56 -28.75 78.38
C ILE Q 123 25.51 -28.34 77.25
N GLN Q 124 25.71 -27.04 77.07
CA GLN Q 124 26.65 -26.53 76.07
C GLN Q 124 28.09 -26.94 76.36
N ILE Q 125 28.49 -26.84 77.62
CA ILE Q 125 29.84 -27.25 78.03
C ILE Q 125 30.06 -28.76 77.89
N ASN Q 126 28.99 -29.54 78.08
CA ASN Q 126 29.07 -31.00 77.93
C ASN Q 126 29.26 -31.45 76.48
N ILE Q 127 28.78 -30.64 75.54
CA ILE Q 127 29.03 -30.87 74.12
C ILE Q 127 30.52 -30.64 73.81
N GLU Q 128 31.09 -29.60 74.42
CA GLU Q 128 32.50 -29.29 74.26
C GLU Q 128 33.40 -30.27 75.02
N ILE Q 129 32.95 -30.71 76.19
CA ILE Q 129 33.69 -31.67 77.00
C ILE Q 129 33.81 -33.03 76.30
N GLU Q 130 32.70 -33.54 75.79
CA GLU Q 130 32.68 -34.83 75.09
C GLU Q 130 33.41 -34.78 73.74
N SER Q 131 33.45 -33.60 73.12
CA SER Q 131 34.18 -33.41 71.87
C SER Q 131 35.70 -33.42 72.09
N ARG Q 132 36.13 -32.82 73.20
CA ARG Q 132 37.55 -32.82 73.58
C ARG Q 132 38.07 -34.23 73.85
N LYS Q 133 37.21 -35.08 74.41
CA LYS Q 133 37.55 -36.49 74.63
C LYS Q 133 37.77 -37.21 73.31
N SER Q 134 36.85 -37.00 72.37
CA SER Q 134 36.95 -37.60 71.03
C SER Q 134 38.06 -36.96 70.20
N TYR Q 135 38.38 -35.70 70.48
CA TYR Q 135 39.45 -34.99 69.78
C TYR Q 135 40.82 -35.55 70.14
N LYS Q 136 41.06 -35.74 71.44
CA LYS Q 136 42.35 -36.27 71.90
C LYS Q 136 42.52 -37.75 71.54
N LYS Q 137 41.41 -38.48 71.47
CA LYS Q 137 41.41 -39.87 71.01
C LYS Q 137 41.73 -39.90 69.51
N MET Q 138 41.16 -38.96 68.77
CA MET Q 138 41.45 -38.81 67.34
C MET Q 138 42.90 -38.36 67.13
N LEU Q 139 43.37 -37.44 67.97
CA LEU Q 139 44.74 -36.94 67.91
C LEU Q 139 45.76 -38.04 68.25
N LYS Q 140 45.37 -38.96 69.11
CA LYS Q 140 46.24 -40.07 69.53
C LYS Q 140 46.36 -41.13 68.42
N GLU Q 141 45.32 -41.25 67.60
CA GLU Q 141 45.28 -42.27 66.53
C GLU Q 141 46.07 -41.85 65.29
N MET Q 142 45.83 -40.63 64.82
CA MET Q 142 46.44 -40.14 63.57
C MET Q 142 47.55 -39.10 63.78
N GLY Q 143 47.89 -38.82 65.04
CA GLY Q 143 48.95 -37.87 65.36
C GLY Q 143 48.53 -36.43 65.14
N GLU Q 144 48.50 -36.01 63.89
CA GLU Q 144 48.08 -34.66 63.51
C GLU Q 144 46.74 -34.72 62.76
N VAL Q 145 45.73 -34.05 63.30
CA VAL Q 145 44.41 -34.00 62.67
C VAL Q 145 44.38 -32.95 61.56
N ALA Q 146 43.82 -33.33 60.41
CA ALA Q 146 43.78 -32.46 59.25
C ALA Q 146 42.60 -31.48 59.34
N PRO Q 147 42.59 -30.42 58.49
CA PRO Q 147 41.49 -29.46 58.44
C PRO Q 147 40.12 -30.07 58.15
N GLU Q 148 40.09 -31.20 57.45
CA GLU Q 148 38.84 -31.87 57.07
C GLU Q 148 38.18 -32.53 58.28
N TYR Q 149 38.98 -33.19 59.11
CA TYR Q 149 38.48 -33.99 60.23
C TYR Q 149 38.11 -33.16 61.47
N ARG Q 150 38.58 -31.91 61.53
CA ARG Q 150 38.40 -31.08 62.73
C ARG Q 150 37.09 -30.29 62.75
N HIS Q 151 36.75 -29.78 63.92
CA HIS Q 151 35.50 -29.04 64.14
C HIS Q 151 35.52 -27.60 63.60
N ASP Q 152 36.70 -27.07 63.33
CA ASP Q 152 36.85 -25.68 62.87
C ASP Q 152 36.43 -25.45 61.42
N SER Q 153 36.26 -26.53 60.65
CA SER Q 153 35.89 -26.43 59.24
C SER Q 153 34.56 -25.68 59.06
N PRO Q 154 34.47 -24.83 58.01
CA PRO Q 154 33.25 -24.06 57.76
C PRO Q 154 32.06 -24.90 57.27
N ASP Q 155 32.32 -26.12 56.80
CA ASP Q 155 31.27 -27.01 56.32
C ASP Q 155 30.39 -27.56 57.45
N CYS Q 156 31.00 -27.75 58.63
CA CYS Q 156 30.34 -28.38 59.78
C CYS Q 156 28.88 -27.96 59.98
N GLY Q 157 28.62 -26.66 59.93
CA GLY Q 157 27.27 -26.12 60.13
C GLY Q 157 26.28 -26.55 59.05
N MET Q 158 26.73 -26.49 57.81
CA MET Q 158 25.89 -26.88 56.67
C MET Q 158 25.74 -28.40 56.54
N ILE Q 159 26.75 -29.15 57.00
CA ILE Q 159 26.71 -30.62 56.99
C ILE Q 159 25.54 -31.13 57.84
N ILE Q 160 25.31 -30.48 58.98
CA ILE Q 160 24.17 -30.82 59.85
C ILE Q 160 22.85 -30.39 59.21
N LEU Q 161 22.86 -29.27 58.49
CA LEU Q 161 21.68 -28.80 57.77
C LEU Q 161 21.38 -29.59 56.49
N CYS Q 162 22.35 -30.38 56.01
CA CYS Q 162 22.15 -31.22 54.83
C CYS Q 162 21.11 -32.32 55.09
N ILE Q 163 21.20 -32.98 56.24
CA ILE Q 163 20.20 -33.99 56.62
C ILE Q 163 18.91 -33.35 57.14
N ALA Q 164 18.97 -32.07 57.49
CA ALA Q 164 17.76 -31.30 57.80
C ALA Q 164 16.95 -31.08 56.52
N ALA Q 165 17.64 -30.89 55.41
CA ALA Q 165 16.99 -30.79 54.09
C ALA Q 165 16.42 -32.13 53.64
N LEU Q 166 17.04 -33.22 54.07
CA LEU Q 166 16.52 -34.57 53.81
C LEU Q 166 15.28 -34.85 54.66
N VAL Q 167 15.26 -34.34 55.89
CA VAL Q 167 14.08 -34.45 56.76
C VAL Q 167 12.92 -33.63 56.19
N ILE Q 168 13.23 -32.42 55.72
CA ILE Q 168 12.21 -31.54 55.13
C ILE Q 168 11.67 -32.12 53.81
N THR Q 169 12.50 -32.90 53.13
CA THR Q 169 12.12 -33.60 51.90
C THR Q 169 11.00 -34.63 52.16
N LYS Q 170 11.06 -35.29 53.32
CA LYS Q 170 10.08 -36.33 53.67
C LYS Q 170 9.09 -35.90 54.77
N LEU Q 171 8.87 -34.59 54.91
CA LEU Q 171 7.88 -34.07 55.88
C LEU Q 171 6.44 -34.19 55.36
N ALA Q 172 6.28 -34.36 54.05
CA ALA Q 172 4.96 -34.46 53.43
C ALA Q 172 4.12 -35.60 54.02
N ALA Q 173 4.77 -36.72 54.32
CA ALA Q 173 4.09 -37.85 54.96
C ALA Q 173 3.57 -37.46 56.35
N GLY Q 174 4.42 -36.81 57.13
CA GLY Q 174 4.03 -36.27 58.43
C GLY Q 174 3.86 -37.32 59.51
N ASP Q 175 4.75 -38.32 59.54
CA ASP Q 175 4.73 -39.36 60.57
C ASP Q 175 6.08 -40.08 60.74
N ARG Q 176 7.17 -39.39 60.44
CA ARG Q 176 8.53 -39.97 60.50
C ARG Q 176 8.66 -41.30 59.74
N SER Q 177 7.90 -41.44 58.66
CA SER Q 177 7.93 -42.67 57.85
C SER Q 177 9.10 -42.65 56.87
N GLY Q 178 9.50 -41.45 56.44
CA GLY Q 178 10.62 -41.29 55.51
C GLY Q 178 11.99 -41.43 56.12
N LEU Q 179 12.06 -41.52 57.45
CA LEU Q 179 13.34 -41.66 58.19
C LEU Q 179 14.28 -42.69 57.56
N THR Q 180 13.72 -43.81 57.10
CA THR Q 180 14.51 -44.84 56.44
C THR Q 180 15.14 -44.34 55.14
N ALA Q 181 14.38 -43.57 54.37
CA ALA Q 181 14.87 -42.96 53.13
C ALA Q 181 15.83 -41.79 53.41
N VAL Q 182 15.62 -41.10 54.53
CA VAL Q 182 16.49 -39.99 54.95
C VAL Q 182 17.89 -40.51 55.28
N ILE Q 183 17.95 -41.64 55.98
CA ILE Q 183 19.23 -42.28 56.34
C ILE Q 183 19.88 -42.89 55.10
N ARG Q 184 19.05 -43.54 54.26
CA ARG Q 184 19.51 -44.15 53.01
C ARG Q 184 20.19 -43.14 52.10
N ARG Q 185 19.52 -42.01 51.85
CA ARG Q 185 20.08 -40.95 51.03
C ARG Q 185 21.30 -40.30 51.70
N ALA Q 186 21.25 -40.14 53.02
CA ALA Q 186 22.37 -39.58 53.77
C ALA Q 186 23.64 -40.45 53.71
N ASN Q 187 23.50 -41.69 53.26
CA ASN Q 187 24.64 -42.57 53.00
C ASN Q 187 25.09 -42.53 51.53
N ASN Q 188 24.12 -42.43 50.62
CA ASN Q 188 24.40 -42.28 49.19
C ASN Q 188 24.93 -40.87 48.91
N VAL Q 189 24.19 -39.87 49.40
CA VAL Q 189 24.66 -38.49 49.42
C VAL Q 189 25.58 -38.37 50.63
N LEU Q 190 26.40 -37.32 50.67
CA LEU Q 190 27.08 -36.93 51.90
C LEU Q 190 28.04 -38.01 52.42
N LYS Q 191 28.50 -38.88 51.51
CA LYS Q 191 29.33 -40.04 51.89
C LYS Q 191 30.75 -39.63 52.28
N ASN Q 192 31.30 -38.64 51.58
CA ASN Q 192 32.62 -38.09 51.93
C ASN Q 192 32.60 -37.39 53.29
N GLU Q 193 31.46 -36.78 53.63
CA GLU Q 193 31.30 -36.07 54.89
C GLU Q 193 31.26 -37.02 56.09
N MET Q 194 30.66 -38.19 55.90
CA MET Q 194 30.57 -39.19 56.97
C MET Q 194 31.92 -39.85 57.28
N LYS Q 195 32.81 -39.88 56.29
CA LYS Q 195 34.17 -40.40 56.50
C LYS Q 195 34.97 -39.48 57.43
N ARG Q 196 34.87 -38.18 57.19
CA ARG Q 196 35.65 -37.18 57.93
C ARG Q 196 35.03 -36.76 59.27
N TYR Q 197 33.84 -37.25 59.58
CA TYR Q 197 33.20 -36.97 60.87
C TYR Q 197 32.53 -38.21 61.46
N LYS Q 198 33.00 -38.62 62.64
CA LYS Q 198 32.47 -39.79 63.34
C LYS Q 198 31.03 -39.57 63.82
N GLY Q 199 30.74 -38.35 64.26
CA GLY Q 199 29.43 -38.00 64.79
C GLY Q 199 28.40 -37.56 63.77
N LEU Q 200 28.58 -37.96 62.51
CA LEU Q 200 27.57 -37.74 61.48
C LEU Q 200 26.67 -38.98 61.45
N LEU Q 201 25.68 -38.98 62.35
CA LEU Q 201 24.74 -40.08 62.48
C LEU Q 201 23.39 -39.67 61.86
N PRO Q 202 23.10 -40.16 60.64
CA PRO Q 202 21.85 -39.78 59.96
C PRO Q 202 20.59 -40.03 60.78
N LYS Q 203 20.50 -41.19 61.44
CA LYS Q 203 19.32 -41.56 62.23
C LYS Q 203 19.14 -40.64 63.44
N ASP Q 204 20.24 -40.36 64.15
CA ASP Q 204 20.20 -39.54 65.36
C ASP Q 204 19.91 -38.06 65.06
N ILE Q 205 20.50 -37.54 63.99
CA ILE Q 205 20.33 -36.13 63.63
C ILE Q 205 18.97 -35.89 62.98
N ALA Q 206 18.53 -36.82 62.12
CA ALA Q 206 17.23 -36.69 61.45
C ALA Q 206 16.08 -36.69 62.45
N ASN Q 207 16.14 -37.59 63.43
CA ASN Q 207 15.14 -37.64 64.51
C ASN Q 207 15.11 -36.36 65.34
N SER Q 208 16.27 -35.70 65.46
CA SER Q 208 16.36 -34.43 66.17
C SER Q 208 15.64 -33.32 65.40
N PHE Q 209 15.83 -33.28 64.09
CA PHE Q 209 15.14 -32.32 63.23
C PHE Q 209 13.65 -32.66 63.09
N TYR Q 210 13.32 -33.95 63.05
CA TYR Q 210 11.92 -34.38 63.09
C TYR Q 210 11.23 -33.92 64.36
N GLU Q 211 11.95 -33.97 65.48
CA GLU Q 211 11.42 -33.55 66.78
C GLU Q 211 11.20 -32.04 66.85
N VAL Q 212 12.19 -31.27 66.37
CA VAL Q 212 12.13 -29.81 66.48
C VAL Q 212 11.10 -29.19 65.53
N PHE Q 213 10.88 -29.81 64.37
CA PHE Q 213 9.84 -29.36 63.44
C PHE Q 213 8.45 -29.73 63.94
N GLU Q 214 8.33 -30.87 64.62
CA GLU Q 214 7.06 -31.29 65.22
C GLU Q 214 6.70 -30.44 66.44
N LYS Q 215 7.66 -30.26 67.33
CA LYS Q 215 7.46 -29.49 68.56
C LYS Q 215 7.32 -27.99 68.26
N HIS Q 216 8.07 -27.50 67.27
CA HIS Q 216 8.04 -26.10 66.87
C HIS Q 216 7.76 -25.97 65.37
N PRO Q 217 6.47 -25.86 64.99
CA PRO Q 217 6.08 -25.69 63.58
C PRO Q 217 6.57 -24.40 62.94
N HIS Q 218 6.87 -23.38 63.74
CA HIS Q 218 7.41 -22.12 63.23
C HIS Q 218 8.86 -22.26 62.73
N PHE Q 219 9.61 -23.22 63.28
CA PHE Q 219 10.98 -23.45 62.84
C PHE Q 219 11.09 -24.13 61.47
N ILE Q 220 10.01 -24.80 61.04
CA ILE Q 220 10.01 -25.44 59.71
C ILE Q 220 9.83 -24.33 58.66
N ASP Q 221 9.10 -23.28 59.04
CA ASP Q 221 8.95 -22.08 58.21
C ASP Q 221 10.25 -21.30 58.15
N VAL Q 222 11.00 -21.30 59.25
CA VAL Q 222 12.30 -20.65 59.32
C VAL Q 222 13.33 -21.36 58.44
N PHE Q 223 13.30 -22.69 58.44
CA PHE Q 223 14.23 -23.50 57.66
C PHE Q 223 13.96 -23.41 56.15
N VAL Q 224 12.68 -23.45 55.77
CA VAL Q 224 12.29 -23.36 54.36
C VAL Q 224 12.71 -22.02 53.76
N HIS Q 225 12.45 -20.93 54.48
CA HIS Q 225 12.82 -19.60 54.02
C HIS Q 225 14.32 -19.34 54.14
N PHE Q 226 15.00 -20.08 55.01
CA PHE Q 226 16.47 -20.09 55.04
C PHE Q 226 17.01 -20.81 53.81
N GLY Q 227 16.43 -21.97 53.50
CA GLY Q 227 16.85 -22.79 52.36
C GLY Q 227 16.67 -22.09 51.02
N ILE Q 228 15.59 -21.33 50.90
CA ILE Q 228 15.35 -20.52 49.71
C ILE Q 228 16.34 -19.36 49.63
N ALA Q 229 16.62 -18.74 50.77
CA ALA Q 229 17.61 -17.68 50.87
C ALA Q 229 19.03 -18.21 50.63
N GLN Q 230 19.29 -19.43 51.11
CA GLN Q 230 20.57 -20.10 50.88
C GLN Q 230 20.74 -20.47 49.41
N SER Q 231 19.66 -20.93 48.79
CA SER Q 231 19.67 -21.30 47.37
C SER Q 231 19.64 -20.09 46.43
N SER Q 232 19.40 -18.90 46.98
CA SER Q 232 19.40 -17.66 46.19
C SER Q 232 20.79 -17.04 46.04
N THR Q 233 21.79 -17.62 46.71
CA THR Q 233 23.16 -17.07 46.68
C THR Q 233 23.84 -17.27 45.33
N ARG Q 234 24.94 -16.55 45.12
CA ARG Q 234 25.68 -16.58 43.86
C ARG Q 234 26.59 -17.81 43.76
N GLY Q 235 27.15 -18.23 44.90
CA GLY Q 235 28.02 -19.40 44.95
C GLY Q 235 28.72 -19.54 46.28
N GLY Q 236 29.05 -20.78 46.65
CA GLY Q 236 29.68 -21.07 47.95
C GLY Q 236 30.65 -22.24 47.90
N SER Q 237 30.39 -23.27 48.70
CA SER Q 237 31.20 -24.49 48.72
C SER Q 237 30.39 -25.68 48.20
N ARG Q 238 31.05 -26.82 48.02
CA ARG Q 238 30.37 -28.02 47.51
C ARG Q 238 29.34 -28.56 48.50
N VAL Q 239 29.60 -28.39 49.79
CA VAL Q 239 28.66 -28.80 50.84
C VAL Q 239 27.41 -27.94 50.82
N GLU Q 240 27.56 -26.66 50.45
CA GLU Q 240 26.42 -25.77 50.24
C GLU Q 240 25.70 -26.14 48.95
N GLY Q 241 26.44 -26.69 47.99
CA GLY Q 241 25.85 -27.27 46.78
C GLY Q 241 25.05 -28.53 47.09
N ILE Q 242 25.50 -29.31 48.08
CA ILE Q 242 24.76 -30.49 48.55
C ILE Q 242 23.42 -30.05 49.13
N PHE Q 243 23.47 -29.10 50.06
CA PHE Q 243 22.28 -28.57 50.72
C PHE Q 243 21.28 -28.01 49.71
N ALA Q 244 21.76 -27.23 48.76
CA ALA Q 244 20.92 -26.62 47.73
C ALA Q 244 20.20 -27.66 46.88
N GLY Q 245 20.92 -28.72 46.50
CA GLY Q 245 20.35 -29.82 45.72
C GLY Q 245 19.37 -30.65 46.51
N LEU Q 246 19.73 -30.97 47.75
CA LEU Q 246 18.88 -31.76 48.65
C LEU Q 246 17.63 -30.97 49.09
N PHE Q 247 17.77 -29.65 49.22
CA PHE Q 247 16.64 -28.79 49.58
C PHE Q 247 15.62 -28.68 48.46
N MET Q 248 16.11 -28.59 47.22
CA MET Q 248 15.23 -28.47 46.05
C MET Q 248 14.56 -29.80 45.67
N ASN Q 249 15.02 -30.91 46.22
CA ASN Q 249 14.32 -32.19 46.10
C ASN Q 249 13.01 -32.17 46.88
N ALA Q 250 12.94 -31.33 47.91
CA ALA Q 250 11.73 -31.14 48.70
C ALA Q 250 10.64 -30.40 47.91
N TYR Q 251 11.04 -29.56 46.96
CA TYR Q 251 10.10 -28.83 46.12
C TYR Q 251 9.12 -29.80 45.45
N GLY Q 252 7.83 -29.54 45.61
CA GLY Q 252 6.79 -30.40 45.03
C GLY Q 252 6.46 -31.62 45.88
N ALA Q 253 6.89 -31.62 47.13
CA ALA Q 253 6.55 -32.70 48.06
C ALA Q 253 5.09 -32.53 48.51
N GLY Q 254 4.44 -33.65 48.77
CA GLY Q 254 3.02 -33.65 49.13
C GLY Q 254 2.09 -33.40 47.96
N GLN Q 255 2.62 -33.54 46.74
CA GLN Q 255 1.84 -33.31 45.52
C GLN Q 255 2.50 -34.00 44.32
N VAL Q 256 2.79 -35.29 44.51
CA VAL Q 256 3.41 -36.12 43.46
C VAL Q 256 2.39 -36.51 42.39
N MET Q 257 1.12 -36.64 42.77
CA MET Q 257 0.05 -36.98 41.84
C MET Q 257 -0.11 -35.90 40.77
N LEU Q 258 0.28 -34.67 41.11
CA LEU Q 258 0.28 -33.55 40.17
C LEU Q 258 1.33 -33.77 39.07
N ARG Q 259 2.51 -34.27 39.47
CA ARG Q 259 3.60 -34.53 38.53
C ARG Q 259 3.35 -35.80 37.70
N TRP Q 260 2.82 -36.84 38.35
CA TRP Q 260 2.48 -38.08 37.65
C TRP Q 260 1.33 -37.92 36.67
N GLY Q 261 0.48 -36.91 36.89
CA GLY Q 261 -0.59 -36.59 35.96
C GLY Q 261 -0.09 -36.02 34.64
N VAL Q 262 1.01 -35.27 34.70
CA VAL Q 262 1.66 -34.74 33.51
C VAL Q 262 2.42 -35.87 32.78
N LEU Q 263 2.92 -36.83 33.55
CA LEU Q 263 3.62 -38.00 32.99
C LEU Q 263 2.66 -38.88 32.18
N ALA Q 264 1.48 -39.12 32.73
CA ALA Q 264 0.43 -39.89 32.02
C ALA Q 264 0.01 -39.20 30.74
N LYS Q 265 -0.04 -37.86 30.77
CA LYS Q 265 -0.34 -37.05 29.60
C LYS Q 265 0.82 -37.08 28.60
N SER Q 266 2.06 -37.10 29.11
CA SER Q 266 3.25 -37.15 28.26
C SER Q 266 3.38 -38.48 27.54
N VAL Q 267 3.21 -39.59 28.26
CA VAL Q 267 3.28 -40.93 27.67
C VAL Q 267 2.00 -41.31 26.92
N LYS Q 268 0.95 -40.50 27.05
CA LYS Q 268 -0.30 -40.68 26.32
C LYS Q 268 -1.02 -41.97 26.71
N ASN Q 269 -1.33 -42.11 28.00
CA ASN Q 269 -2.08 -43.27 28.49
C ASN Q 269 -3.52 -43.19 28.00
N ILE Q 270 -3.97 -44.25 27.34
CA ILE Q 270 -5.27 -44.27 26.65
C ILE Q 270 -6.47 -44.15 27.60
N MET Q 271 -6.31 -44.58 28.85
CA MET Q 271 -7.39 -44.51 29.83
C MET Q 271 -7.70 -43.08 30.30
N LEU Q 272 -6.87 -42.10 29.92
CA LEU Q 272 -7.19 -40.68 30.10
C LEU Q 272 -8.41 -40.27 29.28
N GLY Q 273 -8.56 -40.86 28.09
CA GLY Q 273 -9.69 -40.60 27.21
C GLY Q 273 -10.99 -41.27 27.61
N HIS Q 274 -10.96 -42.07 28.67
CA HIS Q 274 -12.16 -42.76 29.18
C HIS Q 274 -13.21 -41.75 29.63
N ALA Q 275 -14.49 -42.12 29.46
CA ALA Q 275 -15.61 -41.19 29.64
C ALA Q 275 -15.70 -40.58 31.04
N SER Q 276 -15.62 -41.41 32.07
CA SER Q 276 -15.71 -40.94 33.45
C SER Q 276 -14.51 -40.09 33.85
N VAL Q 277 -13.37 -40.32 33.20
CA VAL Q 277 -12.19 -39.48 33.39
C VAL Q 277 -12.38 -38.13 32.69
N GLN Q 278 -13.01 -38.15 31.51
CA GLN Q 278 -13.28 -36.92 30.75
C GLN Q 278 -14.32 -36.02 31.40
N ALA Q 279 -15.20 -36.59 32.23
CA ALA Q 279 -16.18 -35.81 32.99
C ALA Q 279 -15.50 -34.91 34.02
N GLU Q 280 -14.37 -35.36 34.55
CA GLU Q 280 -13.62 -34.63 35.57
C GLU Q 280 -12.65 -33.60 34.96
N MET Q 281 -12.35 -33.73 33.67
CA MET Q 281 -11.33 -32.92 33.00
C MET Q 281 -11.53 -31.40 33.12
N GLU Q 282 -12.78 -30.96 33.21
CA GLU Q 282 -13.07 -29.54 33.41
C GLU Q 282 -12.51 -29.05 34.75
N GLN Q 283 -12.66 -29.87 35.79
CA GLN Q 283 -12.22 -29.48 37.14
C GLN Q 283 -10.75 -29.77 37.43
N VAL Q 284 -10.17 -30.78 36.78
CA VAL Q 284 -8.75 -31.09 37.00
C VAL Q 284 -7.84 -30.04 36.36
N VAL Q 285 -8.32 -29.42 35.28
CA VAL Q 285 -7.60 -28.32 34.63
C VAL Q 285 -7.55 -27.09 35.53
N GLU Q 286 -8.62 -26.87 36.31
CA GLU Q 286 -8.69 -25.73 37.24
C GLU Q 286 -7.58 -25.77 38.30
N VAL Q 287 -7.29 -26.97 38.82
CA VAL Q 287 -6.24 -27.14 39.84
C VAL Q 287 -4.84 -27.07 39.21
N TYR Q 288 -4.69 -27.60 38.00
CA TYR Q 288 -3.42 -27.49 37.26
C TYR Q 288 -3.14 -26.04 36.86
N GLU Q 289 -4.17 -25.32 36.43
CA GLU Q 289 -4.05 -23.89 36.15
C GLU Q 289 -3.80 -23.09 37.44
N TYR Q 290 -4.38 -23.55 38.54
CA TYR Q 290 -4.14 -22.95 39.86
C TYR Q 290 -2.71 -23.21 40.34
N ALA Q 291 -2.18 -24.40 40.03
CA ALA Q 291 -0.79 -24.73 40.32
C ALA Q 291 0.16 -23.89 39.47
N GLN Q 292 -0.22 -23.66 38.22
CA GLN Q 292 0.53 -22.79 37.31
C GLN Q 292 0.47 -21.32 37.76
N LYS Q 293 -0.64 -20.93 38.35
CA LYS Q 293 -0.84 -19.56 38.85
C LYS Q 293 0.09 -19.26 40.02
N LEU Q 294 0.11 -20.16 41.01
CA LEU Q 294 0.96 -20.00 42.20
C LEU Q 294 2.44 -20.01 41.83
N GLY Q 295 2.83 -20.98 41.01
CA GLY Q 295 4.21 -21.10 40.54
C GLY Q 295 5.13 -21.71 41.58
N GLY Q 296 6.21 -21.01 41.90
CA GLY Q 296 7.18 -21.46 42.89
C GLY Q 296 6.65 -21.50 44.31
N GLU Q 297 5.66 -20.65 44.59
CA GLU Q 297 5.05 -20.56 45.92
C GLU Q 297 4.42 -21.88 46.35
N ALA Q 298 3.86 -22.63 45.39
CA ALA Q 298 3.17 -23.89 45.67
C ALA Q 298 4.10 -25.08 45.96
N GLY Q 299 5.42 -24.88 45.82
CA GLY Q 299 6.39 -25.95 46.04
C GLY Q 299 6.42 -26.48 47.46
N PHE Q 300 6.40 -25.57 48.43
CA PHE Q 300 6.47 -25.92 49.84
C PHE Q 300 5.12 -25.72 50.55
N TYR Q 301 4.03 -25.99 49.83
CA TYR Q 301 2.68 -25.84 50.38
C TYR Q 301 2.27 -26.98 51.31
N HIS Q 302 2.92 -28.14 51.17
CA HIS Q 302 2.66 -29.28 52.06
C HIS Q 302 3.74 -29.45 53.13
N ILE Q 303 4.97 -29.05 52.82
CA ILE Q 303 6.07 -29.05 53.79
C ILE Q 303 5.74 -28.07 54.90
N LEU Q 304 5.52 -26.81 54.52
CA LEU Q 304 4.82 -25.86 55.38
C LEU Q 304 3.37 -26.28 55.27
N ASN Q 305 2.70 -26.60 56.37
CA ASN Q 305 1.30 -27.03 56.30
C ASN Q 305 0.38 -25.86 55.95
N ASN Q 306 0.42 -25.47 54.67
CA ASN Q 306 -0.33 -24.33 54.17
C ASN Q 306 -1.81 -24.71 54.02
N PRO Q 307 -2.72 -23.85 54.49
CA PRO Q 307 -4.17 -24.05 54.31
C PRO Q 307 -4.59 -24.30 52.86
N LYS Q 308 -3.90 -23.67 51.91
CA LYS Q 308 -4.22 -23.77 50.49
C LYS Q 308 -3.57 -25.00 49.82
N ALA Q 309 -2.95 -25.88 50.60
CA ALA Q 309 -2.36 -27.12 50.08
C ALA Q 309 -3.41 -28.13 49.65
N SER Q 310 -4.58 -28.10 50.31
CA SER Q 310 -5.68 -28.99 49.99
C SER Q 310 -6.29 -28.70 48.61
N LEU Q 311 -6.14 -27.47 48.15
CA LEU Q 311 -6.66 -27.04 46.83
C LEU Q 311 -5.91 -27.69 45.67
N LEU Q 312 -4.65 -28.07 45.89
CA LEU Q 312 -3.83 -28.71 44.86
C LEU Q 312 -4.08 -30.21 44.71
N SER Q 313 -4.99 -30.75 45.53
CA SER Q 313 -5.26 -32.19 45.54
C SER Q 313 -6.03 -32.65 44.30
N LEU Q 314 -5.55 -33.73 43.68
CA LEU Q 314 -6.27 -34.40 42.59
C LEU Q 314 -7.07 -35.60 43.11
N THR Q 315 -6.88 -35.94 44.38
CA THR Q 315 -7.57 -37.08 45.01
C THR Q 315 -9.10 -36.89 45.02
N GLN Q 316 -9.55 -35.65 45.03
CA GLN Q 316 -10.98 -35.34 44.90
C GLN Q 316 -11.59 -35.85 43.59
N PHE Q 317 -10.75 -36.12 42.60
CA PHE Q 317 -11.18 -36.70 41.32
C PHE Q 317 -10.80 -38.19 41.30
N PRO Q 318 -11.77 -39.08 41.62
CA PRO Q 318 -11.48 -40.52 41.72
C PRO Q 318 -10.96 -41.17 40.44
N HIS Q 319 -11.56 -40.85 39.30
CA HIS Q 319 -11.27 -41.52 38.03
C HIS Q 319 -9.92 -41.09 37.45
N PHE Q 320 -9.66 -39.79 37.44
CA PHE Q 320 -8.40 -39.25 36.93
C PHE Q 320 -7.22 -39.67 37.81
N SER Q 321 -7.43 -39.71 39.12
CA SER Q 321 -6.40 -40.16 40.06
C SER Q 321 -6.03 -41.63 39.84
N SER Q 322 -7.02 -42.45 39.53
CA SER Q 322 -6.81 -43.88 39.33
C SER Q 322 -5.93 -44.19 38.10
N VAL Q 323 -6.27 -43.58 36.97
CA VAL Q 323 -5.49 -43.76 35.74
C VAL Q 323 -4.06 -43.21 35.87
N VAL Q 324 -3.91 -42.09 36.59
CA VAL Q 324 -2.61 -41.49 36.84
C VAL Q 324 -1.78 -42.37 37.79
N LEU Q 325 -2.43 -42.91 38.82
CA LEU Q 325 -1.75 -43.79 39.78
C LEU Q 325 -1.49 -45.16 39.15
N GLY Q 326 -2.34 -45.56 38.21
CA GLY Q 326 -2.13 -46.79 37.43
C GLY Q 326 -0.97 -46.67 36.45
N ASN Q 327 -0.90 -45.52 35.76
CA ASN Q 327 0.19 -45.24 34.83
C ASN Q 327 1.56 -45.29 35.52
N ALA Q 328 1.62 -44.75 36.74
CA ALA Q 328 2.84 -44.79 37.55
C ALA Q 328 3.21 -46.21 37.97
N ALA Q 329 2.19 -47.04 38.23
CA ALA Q 329 2.41 -48.43 38.60
C ALA Q 329 2.89 -49.28 37.43
N GLY Q 330 2.33 -49.03 36.24
CA GLY Q 330 2.73 -49.75 35.03
C GLY Q 330 4.13 -49.39 34.55
N LEU Q 331 4.47 -48.11 34.63
CA LEU Q 331 5.84 -47.64 34.34
C LEU Q 331 6.84 -48.09 35.41
N GLY Q 332 6.34 -48.47 36.58
CA GLY Q 332 7.18 -49.01 37.64
C GLY Q 332 8.00 -47.96 38.35
N ILE Q 333 7.36 -46.84 38.67
CA ILE Q 333 8.02 -45.72 39.36
C ILE Q 333 7.55 -45.55 40.80
N MET Q 334 6.31 -45.95 41.10
CA MET Q 334 5.78 -45.92 42.47
C MET Q 334 6.23 -47.16 43.26
N GLY Q 335 5.87 -47.21 44.54
CA GLY Q 335 6.23 -48.32 45.42
C GLY Q 335 7.41 -47.96 46.30
N GLU Q 336 7.25 -47.93 47.63
CA GLU Q 336 6.01 -48.24 48.34
C GLU Q 336 5.25 -46.95 48.63
N TYR Q 337 4.44 -46.51 47.66
CA TYR Q 337 3.63 -45.30 47.79
C TYR Q 337 2.26 -45.69 48.34
N ARG Q 338 1.89 -45.07 49.47
CA ARG Q 338 0.69 -45.47 50.21
C ARG Q 338 -0.60 -44.80 49.71
N GLY Q 339 -0.66 -44.48 48.42
CA GLY Q 339 -1.86 -43.94 47.80
C GLY Q 339 -2.67 -45.06 47.17
N THR Q 340 -3.96 -45.11 47.50
CA THR Q 340 -4.85 -46.16 47.00
C THR Q 340 -5.82 -45.58 45.97
N PRO Q 341 -5.97 -46.26 44.82
CA PRO Q 341 -6.89 -45.78 43.80
C PRO Q 341 -8.35 -46.02 44.17
N ARG Q 342 -9.19 -44.98 44.03
CA ARG Q 342 -10.61 -45.09 44.34
C ARG Q 342 -11.33 -46.01 43.34
N ASN Q 343 -11.00 -45.85 42.06
CA ASN Q 343 -11.51 -46.74 41.02
C ASN Q 343 -10.44 -47.79 40.68
N GLN Q 344 -10.72 -49.05 41.01
CA GLN Q 344 -9.77 -50.14 40.81
C GLN Q 344 -9.70 -50.60 39.35
N ASP Q 345 -10.84 -50.55 38.65
CA ASP Q 345 -10.91 -51.00 37.26
C ASP Q 345 -10.13 -50.07 36.32
N LEU Q 346 -10.23 -48.76 36.55
CA LEU Q 346 -9.46 -47.78 35.79
C LEU Q 346 -7.96 -47.86 36.10
N TYR Q 347 -7.63 -48.19 37.34
CA TYR Q 347 -6.23 -48.36 37.76
C TYR Q 347 -5.58 -49.55 37.06
N ASP Q 348 -6.28 -50.68 37.03
CA ASP Q 348 -5.76 -51.91 36.40
C ASP Q 348 -5.64 -51.76 34.88
N ALA Q 349 -6.59 -51.07 34.27
CA ALA Q 349 -6.57 -50.83 32.83
C ALA Q 349 -5.44 -49.89 32.43
N ALA Q 350 -5.20 -48.87 33.26
CA ALA Q 350 -4.10 -47.93 33.05
C ALA Q 350 -2.73 -48.59 33.28
N LYS Q 351 -2.66 -49.42 34.32
CA LYS Q 351 -1.45 -50.18 34.63
C LYS Q 351 -1.09 -51.14 33.51
N ALA Q 352 -2.11 -51.79 32.94
CA ALA Q 352 -1.91 -52.74 31.85
C ALA Q 352 -1.30 -52.10 30.60
N TYR Q 353 -1.81 -50.93 30.23
CA TYR Q 353 -1.31 -50.21 29.07
C TYR Q 353 0.06 -49.57 29.34
N ALA Q 354 0.24 -49.03 30.54
CA ALA Q 354 1.50 -48.43 30.95
C ALA Q 354 2.66 -49.43 30.91
N GLU Q 355 2.35 -50.69 31.20
CA GLU Q 355 3.31 -51.78 31.04
C GLU Q 355 3.60 -52.02 29.55
N GLN Q 356 2.56 -51.95 28.73
CA GLN Q 356 2.70 -52.10 27.27
C GLN Q 356 3.48 -50.93 26.64
N LEU Q 357 3.41 -49.75 27.26
CA LEU Q 357 4.11 -48.56 26.76
C LEU Q 357 5.62 -48.64 26.97
N LYS Q 358 6.03 -48.93 28.21
CA LYS Q 358 7.45 -49.05 28.55
C LYS Q 358 8.10 -50.28 27.91
N GLU Q 359 7.26 -51.18 27.39
CA GLU Q 359 7.71 -52.45 26.86
C GLU Q 359 8.64 -52.19 25.67
N ASN Q 360 9.84 -52.80 25.71
CA ASN Q 360 10.72 -52.85 24.55
C ASN Q 360 11.45 -51.50 24.27
N GLY Q 361 11.92 -51.29 23.05
CA GLY Q 361 12.82 -50.17 22.72
C GLY Q 361 13.43 -50.19 21.32
N VAL Q 362 12.62 -49.85 20.31
CA VAL Q 362 13.09 -49.73 18.91
C VAL Q 362 13.69 -48.34 18.69
N ILE Q 363 14.59 -48.23 17.71
CA ILE Q 363 15.17 -46.94 17.34
C ILE Q 363 14.23 -46.19 16.38
N ASN Q 364 13.94 -44.94 16.71
CA ASN Q 364 13.15 -44.06 15.84
C ASN Q 364 14.07 -43.18 14.99
N TYR Q 365 14.15 -43.47 13.70
CA TYR Q 365 15.09 -42.80 12.80
C TYR Q 365 14.56 -41.47 12.25
N SER Q 366 13.27 -41.22 12.41
CA SER Q 366 12.67 -39.96 11.97
C SER Q 366 13.01 -38.78 12.89
N VAL Q 367 13.43 -39.09 14.11
CA VAL Q 367 13.79 -38.07 15.09
C VAL Q 367 15.10 -37.39 14.71
N LEU Q 368 16.08 -38.17 14.27
CA LEU Q 368 17.39 -37.65 13.87
C LEU Q 368 17.28 -36.91 12.54
N ASP Q 369 18.21 -35.98 12.31
CA ASP Q 369 18.24 -35.20 11.08
C ASP Q 369 19.11 -35.90 10.03
N LEU Q 370 18.77 -37.15 9.74
CA LEU Q 370 19.52 -37.97 8.78
C LEU Q 370 19.19 -37.56 7.34
N THR Q 371 20.21 -37.44 6.51
CA THR Q 371 20.05 -37.04 5.12
C THR Q 371 20.06 -38.26 4.21
N ALA R 2 -37.56 3.67 22.41
CA ALA R 2 -37.26 2.27 22.00
C ALA R 2 -37.75 1.26 23.05
N LEU R 3 -37.97 0.02 22.61
CA LEU R 3 -38.42 -1.04 23.51
C LEU R 3 -37.24 -1.70 24.22
N SER R 4 -36.02 -1.34 23.83
CA SER R 4 -34.81 -1.83 24.51
C SER R 4 -34.60 -1.12 25.85
N LYS R 5 -35.11 0.11 25.98
CA LYS R 5 -34.92 0.92 27.18
C LYS R 5 -35.81 0.50 28.34
N VAL R 6 -37.01 -0.01 28.03
CA VAL R 6 -37.94 -0.47 29.08
C VAL R 6 -37.34 -1.66 29.84
N LYS R 7 -36.63 -1.35 30.91
CA LYS R 7 -35.94 -2.35 31.74
C LYS R 7 -35.81 -1.84 33.17
N LEU R 8 -35.49 -2.72 34.10
CA LEU R 8 -35.32 -2.34 35.50
C LEU R 8 -34.50 -3.38 36.27
N ASN R 9 -33.26 -3.03 36.58
CA ASN R 9 -32.36 -3.93 37.30
C ASN R 9 -32.68 -3.91 38.79
N ASP R 10 -33.65 -4.72 39.20
CA ASP R 10 -34.08 -4.77 40.60
C ASP R 10 -33.02 -5.39 41.51
N THR R 11 -32.31 -6.40 41.01
CA THR R 11 -31.28 -7.09 41.78
C THR R 11 -30.15 -6.15 42.20
N LEU R 12 -29.72 -5.30 41.27
CA LEU R 12 -28.65 -4.34 41.52
C LEU R 12 -29.13 -3.16 42.38
N ASN R 13 -30.39 -2.76 42.18
CA ASN R 13 -30.97 -1.65 42.95
C ASN R 13 -31.28 -2.03 44.39
N LYS R 14 -31.71 -3.27 44.61
CA LYS R 14 -31.93 -3.79 45.97
C LYS R 14 -30.62 -3.81 46.76
N ASP R 15 -29.53 -4.21 46.11
CA ASP R 15 -28.20 -4.20 46.72
C ASP R 15 -27.75 -2.76 47.01
N GLN R 16 -28.04 -1.85 46.08
CA GLN R 16 -27.69 -0.43 46.24
C GLN R 16 -28.44 0.21 47.42
N LEU R 17 -29.67 -0.24 47.66
CA LEU R 17 -30.46 0.24 48.80
C LEU R 17 -29.83 -0.17 50.12
N LEU R 18 -29.50 -1.45 50.25
CA LEU R 18 -28.95 -2.00 51.49
C LEU R 18 -27.50 -1.56 51.73
N SER R 19 -26.74 -1.41 50.65
CA SER R 19 -25.34 -0.98 50.74
C SER R 19 -25.20 0.47 51.20
N SER R 20 -26.19 1.31 50.83
CA SER R 20 -26.17 2.73 51.18
C SER R 20 -27.19 3.07 52.26
N SER R 21 -27.16 2.31 53.35
CA SER R 21 -28.05 2.55 54.49
C SER R 21 -27.46 3.68 55.35
N LYS R 22 -28.30 4.65 55.69
CA LYS R 22 -27.85 5.80 56.49
C LYS R 22 -27.75 5.41 57.98
N TYR R 23 -28.58 4.46 58.39
CA TYR R 23 -28.71 4.08 59.79
C TYR R 23 -28.31 2.63 60.01
N THR R 24 -28.00 2.27 61.25
CA THR R 24 -27.53 0.93 61.59
C THR R 24 -28.22 0.38 62.83
N ILE R 25 -28.49 -0.92 62.81
CA ILE R 25 -28.99 -1.63 63.99
C ILE R 25 -27.84 -2.37 64.68
N GLN R 26 -27.90 -2.45 66.00
CA GLN R 26 -26.87 -3.13 66.79
C GLN R 26 -27.53 -4.07 67.80
N ARG R 27 -27.36 -5.36 67.57
CA ARG R 27 -28.09 -6.40 68.29
C ARG R 27 -27.50 -6.64 69.68
N SER R 28 -28.36 -7.01 70.62
CA SER R 28 -27.96 -7.22 72.01
C SER R 28 -27.04 -8.42 72.14
N THR R 29 -25.74 -8.15 72.15
CA THR R 29 -24.73 -9.18 72.34
C THR R 29 -24.81 -9.72 73.77
N GLY R 30 -25.19 -8.84 74.70
CA GLY R 30 -25.44 -9.22 76.09
C GLY R 30 -24.85 -8.24 77.08
N ASP R 31 -24.46 -8.74 78.24
CA ASP R 31 -23.85 -7.92 79.29
C ASP R 31 -22.34 -7.84 79.13
N SER R 32 -21.71 -8.95 78.75
CA SER R 32 -20.25 -8.99 78.56
C SER R 32 -19.81 -10.18 77.68
N ILE R 33 -18.71 -9.97 76.96
CA ILE R 33 -18.05 -11.04 76.20
C ILE R 33 -16.59 -11.14 76.61
N ASP R 34 -16.12 -12.37 76.79
CA ASP R 34 -14.72 -12.63 77.11
C ASP R 34 -13.87 -12.51 75.86
N THR R 35 -12.93 -11.56 75.86
CA THR R 35 -12.03 -11.33 74.73
C THR R 35 -10.60 -11.62 75.15
N PRO R 36 -10.20 -12.92 75.14
CA PRO R 36 -8.84 -13.28 75.54
C PRO R 36 -7.79 -12.86 74.51
N ASN R 37 -6.59 -12.54 74.98
CA ASN R 37 -5.50 -12.13 74.11
C ASN R 37 -4.54 -13.30 73.85
N TYR R 38 -3.38 -13.01 73.26
CA TYR R 38 -2.43 -14.05 72.89
C TYR R 38 -1.74 -14.70 74.10
N ASP R 39 -1.62 -13.94 75.19
CA ASP R 39 -0.99 -14.43 76.42
C ASP R 39 -1.76 -15.59 77.07
N VAL R 40 -3.08 -15.55 76.96
CA VAL R 40 -3.96 -16.57 77.56
C VAL R 40 -4.16 -17.77 76.61
N GLN R 41 -3.90 -17.58 75.32
CA GLN R 41 -4.08 -18.63 74.31
C GLN R 41 -3.50 -19.98 74.73
N LYS R 42 -2.29 -19.96 75.29
CA LYS R 42 -1.59 -21.19 75.68
C LYS R 42 -2.25 -21.89 76.86
N HIS R 43 -2.94 -21.12 77.71
CA HIS R 43 -3.70 -21.68 78.83
C HIS R 43 -4.98 -22.36 78.37
N ILE R 44 -5.61 -21.79 77.33
CA ILE R 44 -6.86 -22.35 76.79
C ILE R 44 -6.57 -23.65 76.02
N ASN R 45 -5.44 -23.70 75.32
CA ASN R 45 -4.98 -24.91 74.67
C ASN R 45 -4.78 -26.06 75.66
N LYS R 46 -4.29 -25.71 76.85
CA LYS R 46 -4.15 -26.68 77.94
C LYS R 46 -5.52 -27.12 78.44
N LEU R 47 -6.44 -26.17 78.58
CA LEU R 47 -7.82 -26.46 78.99
C LEU R 47 -8.53 -27.33 77.94
N CYS R 48 -8.28 -27.06 76.67
CA CYS R 48 -8.80 -27.88 75.58
C CYS R 48 -8.23 -29.30 75.63
N GLY R 49 -6.94 -29.40 75.98
CA GLY R 49 -6.27 -30.69 76.13
C GLY R 49 -6.82 -31.52 77.28
N MET R 50 -7.14 -30.86 78.39
CA MET R 50 -7.71 -31.53 79.56
C MET R 50 -9.03 -32.23 79.25
N LEU R 51 -9.89 -31.57 78.47
CA LEU R 51 -11.15 -32.15 78.01
C LEU R 51 -10.92 -33.34 77.08
N LEU R 52 -9.87 -33.27 76.28
CA LEU R 52 -9.54 -34.32 75.31
C LEU R 52 -8.97 -35.59 75.96
N ILE R 53 -8.17 -35.43 77.01
CA ILE R 53 -7.60 -36.59 77.70
C ILE R 53 -8.60 -37.25 78.67
N THR R 54 -9.63 -36.51 79.06
CA THR R 54 -10.64 -37.02 80.00
C THR R 54 -11.53 -38.06 79.33
N GLU R 55 -11.58 -39.26 79.90
CA GLU R 55 -12.43 -40.34 79.39
C GLU R 55 -13.89 -40.06 79.76
N ASP R 56 -14.77 -40.10 78.76
CA ASP R 56 -16.18 -39.74 78.93
C ASP R 56 -16.32 -38.35 79.54
N ALA R 57 -15.76 -37.36 78.86
CA ALA R 57 -15.72 -35.99 79.37
C ALA R 57 -17.04 -35.27 79.19
N ASN R 58 -17.28 -34.29 80.06
CA ASN R 58 -18.47 -33.44 79.96
C ASN R 58 -18.20 -32.27 79.03
N HIS R 59 -18.65 -32.41 77.77
CA HIS R 59 -18.49 -31.35 76.77
C HIS R 59 -19.70 -30.43 76.76
N LYS R 60 -20.05 -29.90 77.92
CA LYS R 60 -21.14 -28.92 78.05
C LYS R 60 -20.61 -27.51 77.72
N PHE R 61 -19.34 -27.28 78.03
CA PHE R 61 -18.72 -25.96 77.88
C PHE R 61 -17.67 -25.91 76.77
N THR R 62 -17.48 -27.02 76.06
CA THR R 62 -16.42 -27.12 75.05
C THR R 62 -16.69 -26.25 73.82
N GLY R 63 -17.97 -26.04 73.51
CA GLY R 63 -18.36 -25.12 72.44
C GLY R 63 -17.97 -23.69 72.78
N LEU R 64 -18.14 -23.32 74.04
CA LEU R 64 -17.74 -22.00 74.54
C LEU R 64 -16.22 -21.91 74.69
N ILE R 65 -15.61 -22.96 75.25
CA ILE R 65 -14.16 -23.02 75.40
C ILE R 65 -13.46 -23.01 74.03
N GLY R 66 -14.09 -23.63 73.04
CA GLY R 66 -13.59 -23.61 71.67
C GLY R 66 -13.54 -22.22 71.09
N MET R 67 -14.60 -21.43 71.32
CA MET R 67 -14.67 -20.04 70.87
C MET R 67 -13.61 -19.18 71.56
N LEU R 68 -13.35 -19.46 72.84
CA LEU R 68 -12.32 -18.74 73.59
C LEU R 68 -10.92 -18.95 73.02
N TYR R 69 -10.66 -20.16 72.51
CA TYR R 69 -9.38 -20.45 71.87
C TYR R 69 -9.26 -19.75 70.51
N ALA R 70 -10.37 -19.73 69.77
CA ALA R 70 -10.41 -19.04 68.48
C ALA R 70 -10.23 -17.53 68.64
N MET R 71 -10.82 -16.96 69.69
CA MET R 71 -10.69 -15.54 69.98
C MET R 71 -9.30 -15.19 70.53
N SER R 72 -8.69 -16.12 71.28
CA SER R 72 -7.34 -15.93 71.79
C SER R 72 -6.29 -15.97 70.67
N ARG R 73 -6.56 -16.78 69.65
CA ARG R 73 -5.70 -16.81 68.45
C ARG R 73 -5.81 -15.50 67.66
N LEU R 74 -7.03 -14.96 67.58
CA LEU R 74 -7.26 -13.67 66.93
C LEU R 74 -6.61 -12.53 67.73
N GLY R 75 -6.86 -12.52 69.03
CA GLY R 75 -6.33 -11.50 69.93
C GLY R 75 -7.37 -10.45 70.25
N ARG R 76 -7.32 -9.93 71.48
CA ARG R 76 -8.31 -8.99 72.00
C ARG R 76 -8.65 -7.86 71.02
N GLU R 77 -7.64 -7.27 70.40
CA GLU R 77 -7.84 -6.15 69.46
C GLU R 77 -8.62 -6.57 68.22
N ASP R 78 -8.28 -7.72 67.65
CA ASP R 78 -8.96 -8.20 66.43
C ASP R 78 -10.37 -8.69 66.72
N THR R 79 -10.52 -9.60 67.67
CA THR R 79 -11.84 -10.17 67.99
C THR R 79 -12.88 -9.10 68.40
N ILE R 80 -12.42 -8.03 69.04
CA ILE R 80 -13.30 -6.87 69.30
C ILE R 80 -13.65 -6.18 67.99
N LYS R 81 -12.65 -6.04 67.11
CA LYS R 81 -12.84 -5.43 65.79
C LYS R 81 -13.83 -6.21 64.92
N ILE R 82 -13.83 -7.54 65.03
CA ILE R 82 -14.71 -8.38 64.20
C ILE R 82 -16.15 -8.36 64.72
N LEU R 83 -16.32 -8.23 66.05
CA LEU R 83 -17.65 -8.09 66.64
C LEU R 83 -18.30 -6.75 66.29
N ARG R 84 -17.49 -5.68 66.33
CA ARG R 84 -17.99 -4.33 65.99
C ARG R 84 -18.31 -4.18 64.51
N ASP R 85 -17.47 -4.79 63.65
CA ASP R 85 -17.70 -4.78 62.20
C ASP R 85 -18.93 -5.59 61.82
N ALA R 86 -19.21 -6.64 62.59
CA ALA R 86 -20.42 -7.46 62.39
C ALA R 86 -21.68 -6.65 62.72
N GLY R 87 -21.59 -5.77 63.71
CA GLY R 87 -22.70 -4.93 64.14
C GLY R 87 -23.20 -5.30 65.51
N TYR R 88 -22.29 -5.27 66.49
CA TYR R 88 -22.61 -5.62 67.87
C TYR R 88 -21.91 -4.70 68.86
N HIS R 89 -22.65 -4.25 69.87
CA HIS R 89 -22.05 -3.50 71.00
C HIS R 89 -21.43 -4.50 71.97
N VAL R 90 -20.12 -4.35 72.22
CA VAL R 90 -19.38 -5.32 73.02
C VAL R 90 -18.73 -4.72 74.26
N LYS R 91 -19.15 -5.23 75.42
CA LYS R 91 -18.52 -4.91 76.70
C LYS R 91 -17.41 -5.94 76.93
N ALA R 92 -16.21 -5.61 76.49
CA ALA R 92 -15.08 -6.56 76.50
C ALA R 92 -14.60 -6.87 77.92
N ASN R 93 -14.54 -8.15 78.24
CA ASN R 93 -14.03 -8.63 79.52
C ASN R 93 -12.62 -9.18 79.38
N GLY R 94 -11.68 -8.59 80.11
CA GLY R 94 -10.28 -9.00 80.05
C GLY R 94 -10.03 -10.33 80.73
N VAL R 95 -9.44 -11.28 80.00
CA VAL R 95 -9.15 -12.61 80.53
C VAL R 95 -7.71 -12.64 81.06
N ASP R 96 -7.59 -12.91 82.36
CA ASP R 96 -6.29 -12.98 83.03
C ASP R 96 -6.14 -14.27 83.81
N VAL R 97 -4.91 -14.76 83.95
CA VAL R 97 -4.63 -16.00 84.67
C VAL R 97 -4.42 -15.70 86.16
N THR R 98 -5.21 -16.36 87.01
CA THR R 98 -5.10 -16.20 88.45
C THR R 98 -5.07 -17.56 89.15
N THR R 99 -4.31 -17.65 90.25
CA THR R 99 -4.17 -18.89 91.00
C THR R 99 -5.25 -18.98 92.07
N HIS R 100 -6.12 -19.98 91.95
CA HIS R 100 -7.22 -20.19 92.89
C HIS R 100 -6.90 -21.33 93.85
N ARG R 101 -7.05 -21.07 95.15
CA ARG R 101 -6.80 -22.08 96.19
C ARG R 101 -8.10 -22.61 96.75
N GLN R 102 -8.29 -23.92 96.65
CA GLN R 102 -9.49 -24.59 97.15
C GLN R 102 -9.14 -25.97 97.69
N ASP R 103 -9.78 -26.36 98.79
CA ASP R 103 -9.48 -27.63 99.46
C ASP R 103 -10.42 -28.76 99.03
N ILE R 104 -10.01 -29.47 97.97
CA ILE R 104 -10.75 -30.63 97.47
C ILE R 104 -10.33 -31.86 98.28
N ASN R 105 -11.31 -32.58 98.82
CA ASN R 105 -11.09 -33.79 99.63
C ASN R 105 -10.19 -33.53 100.85
N GLY R 106 -10.35 -32.36 101.46
CA GLY R 106 -9.57 -32.00 102.66
C GLY R 106 -8.27 -31.29 102.35
N LYS R 107 -7.51 -31.82 101.41
CA LYS R 107 -6.19 -31.28 101.07
C LYS R 107 -6.33 -30.01 100.23
N GLU R 108 -5.62 -28.95 100.64
CA GLU R 108 -5.65 -27.68 99.94
C GLU R 108 -4.88 -27.76 98.63
N MET R 109 -5.53 -27.42 97.52
CA MET R 109 -4.94 -27.54 96.19
C MET R 109 -4.96 -26.21 95.43
N LYS R 110 -3.94 -26.01 94.60
CA LYS R 110 -3.84 -24.82 93.75
C LYS R 110 -4.31 -25.12 92.34
N PHE R 111 -4.92 -24.12 91.70
CA PHE R 111 -5.42 -24.24 90.32
C PHE R 111 -5.25 -22.94 89.55
N GLU R 112 -4.63 -23.02 88.38
CA GLU R 112 -4.53 -21.87 87.47
C GLU R 112 -5.82 -21.74 86.68
N VAL R 113 -6.56 -20.65 86.93
CA VAL R 113 -7.86 -20.43 86.29
C VAL R 113 -7.92 -19.07 85.59
N LEU R 114 -8.78 -18.99 84.58
CA LEU R 114 -8.98 -17.76 83.81
C LEU R 114 -10.11 -16.93 84.41
N THR R 115 -9.96 -15.60 84.37
CA THR R 115 -11.01 -14.69 84.84
C THR R 115 -12.07 -14.51 83.75
N LEU R 116 -12.91 -15.53 83.58
CA LEU R 116 -13.94 -15.55 82.55
C LEU R 116 -15.31 -15.26 83.15
N ALA R 117 -16.10 -14.47 82.43
CA ALA R 117 -17.49 -14.17 82.83
C ALA R 117 -18.41 -15.31 82.44
N SER R 118 -18.25 -15.83 81.22
CA SER R 118 -19.07 -16.91 80.70
C SER R 118 -18.78 -18.26 81.38
N LEU R 119 -17.54 -18.46 81.81
CA LEU R 119 -17.11 -19.70 82.44
C LEU R 119 -16.70 -19.45 83.90
N THR R 120 -17.35 -20.16 84.82
CA THR R 120 -17.10 -19.99 86.25
C THR R 120 -15.78 -20.65 86.66
N THR R 121 -15.13 -20.11 87.68
CA THR R 121 -13.91 -20.70 88.23
C THR R 121 -14.18 -22.04 88.94
N GLU R 122 -15.43 -22.26 89.34
CA GLU R 122 -15.83 -23.49 90.02
C GLU R 122 -15.88 -24.67 89.05
N ILE R 123 -16.28 -24.41 87.80
CA ILE R 123 -16.36 -25.47 86.78
C ILE R 123 -15.03 -25.66 86.06
N GLN R 124 -14.20 -24.62 86.05
CA GLN R 124 -12.85 -24.70 85.45
C GLN R 124 -11.96 -25.69 86.18
N ILE R 125 -12.00 -25.66 87.52
CA ILE R 125 -11.22 -26.59 88.33
C ILE R 125 -11.70 -28.04 88.20
N ASN R 126 -13.00 -28.21 87.96
CA ASN R 126 -13.58 -29.55 87.77
C ASN R 126 -13.14 -30.19 86.45
N ILE R 127 -12.86 -29.38 85.45
CA ILE R 127 -12.29 -29.86 84.19
C ILE R 127 -10.86 -30.37 84.43
N GLU R 128 -10.11 -29.64 85.24
CA GLU R 128 -8.74 -30.04 85.60
C GLU R 128 -8.72 -31.22 86.57
N ILE R 129 -9.68 -31.27 87.48
CA ILE R 129 -9.79 -32.37 88.46
C ILE R 129 -10.09 -33.69 87.76
N GLU R 130 -11.08 -33.69 86.87
CA GLU R 130 -11.47 -34.91 86.14
C GLU R 130 -10.41 -35.35 85.12
N SER R 131 -9.62 -34.40 84.62
CA SER R 131 -8.52 -34.72 83.71
C SER R 131 -7.35 -35.38 84.44
N ARG R 132 -7.07 -34.92 85.66
CA ARG R 132 -6.03 -35.53 86.50
C ARG R 132 -6.35 -36.98 86.86
N LYS R 133 -7.63 -37.28 87.04
CA LYS R 133 -8.09 -38.65 87.29
C LYS R 133 -7.81 -39.54 86.07
N SER R 134 -8.16 -39.04 84.89
CA SER R 134 -7.93 -39.76 83.64
C SER R 134 -6.44 -39.81 83.28
N TYR R 135 -5.68 -38.80 83.72
CA TYR R 135 -4.24 -38.74 83.46
C TYR R 135 -3.50 -39.82 84.24
N LYS R 136 -3.81 -39.96 85.53
CA LYS R 136 -3.16 -40.96 86.38
C LYS R 136 -3.58 -42.38 86.02
N LYS R 137 -4.81 -42.52 85.53
CA LYS R 137 -5.31 -43.81 85.02
C LYS R 137 -4.59 -44.16 83.72
N MET R 138 -4.36 -43.15 82.88
CA MET R 138 -3.59 -43.31 81.66
C MET R 138 -2.12 -43.61 81.97
N LEU R 139 -1.58 -42.91 82.98
CA LEU R 139 -0.20 -43.10 83.41
C LEU R 139 0.02 -44.49 84.02
N LYS R 140 -1.02 -45.03 84.65
CA LYS R 140 -0.96 -46.36 85.28
C LYS R 140 -0.99 -47.48 84.22
N GLU R 141 -1.62 -47.20 83.09
CA GLU R 141 -1.79 -48.21 82.02
C GLU R 141 -0.55 -48.34 81.14
N MET R 142 -0.01 -47.20 80.68
CA MET R 142 1.13 -47.20 79.75
C MET R 142 2.45 -46.74 80.38
N GLY R 143 2.45 -46.52 81.70
CA GLY R 143 3.66 -46.12 82.42
C GLY R 143 4.04 -44.68 82.14
N GLU R 144 4.66 -44.45 80.98
CA GLU R 144 5.05 -43.11 80.54
C GLU R 144 4.16 -42.65 79.40
N VAL R 145 3.48 -41.52 79.59
CA VAL R 145 2.63 -40.95 78.55
C VAL R 145 3.46 -40.14 77.56
N ALA R 146 3.19 -40.35 76.26
CA ALA R 146 3.94 -39.68 75.20
C ALA R 146 3.40 -38.27 74.94
N PRO R 147 4.17 -37.45 74.21
CA PRO R 147 3.72 -36.09 73.83
C PRO R 147 2.40 -36.05 73.05
N GLU R 148 2.09 -37.12 72.32
CA GLU R 148 0.88 -37.17 71.51
C GLU R 148 -0.37 -37.33 72.37
N TYR R 149 -0.29 -38.18 73.39
CA TYR R 149 -1.44 -38.51 74.23
C TYR R 149 -1.76 -37.48 75.32
N ARG R 150 -0.83 -36.58 75.59
CA ARG R 150 -0.98 -35.62 76.70
C ARG R 150 -1.68 -34.33 76.32
N HIS R 151 -2.12 -33.59 77.33
CA HIS R 151 -2.87 -32.34 77.16
C HIS R 151 -2.00 -31.15 76.72
N ASP R 152 -0.68 -31.25 76.92
CA ASP R 152 0.24 -30.15 76.62
C ASP R 152 0.49 -29.92 75.12
N SER R 153 0.07 -30.87 74.28
CA SER R 153 0.27 -30.78 72.84
C SER R 153 -0.39 -29.53 72.25
N PRO R 154 0.27 -28.86 71.29
CA PRO R 154 -0.30 -27.66 70.68
C PRO R 154 -1.51 -27.90 69.76
N ASP R 155 -1.70 -29.15 69.34
CA ASP R 155 -2.83 -29.52 68.48
C ASP R 155 -4.18 -29.48 69.21
N CYS R 156 -4.15 -29.78 70.51
CA CYS R 156 -5.37 -29.90 71.32
C CYS R 156 -6.44 -28.84 71.04
N GLY R 157 -6.03 -27.59 70.97
CA GLY R 157 -6.95 -26.47 70.73
C GLY R 157 -7.60 -26.52 69.36
N MET R 158 -6.80 -26.82 68.34
CA MET R 158 -7.31 -26.91 66.96
C MET R 158 -8.09 -28.20 66.71
N ILE R 159 -7.76 -29.27 67.44
CA ILE R 159 -8.49 -30.53 67.34
C ILE R 159 -9.96 -30.36 67.72
N ILE R 160 -10.22 -29.55 68.75
CA ILE R 160 -11.59 -29.23 69.15
C ILE R 160 -12.28 -28.33 68.11
N LEU R 161 -11.50 -27.43 67.50
CA LEU R 161 -12.02 -26.55 66.45
C LEU R 161 -12.22 -27.26 65.10
N CYS R 162 -11.64 -28.45 64.95
CA CYS R 162 -11.81 -29.25 63.72
C CYS R 162 -13.26 -29.70 63.55
N ILE R 163 -13.87 -30.21 64.62
CA ILE R 163 -15.28 -30.60 64.59
C ILE R 163 -16.22 -29.38 64.66
N ALA R 164 -15.69 -28.24 65.09
CA ALA R 164 -16.42 -26.97 65.01
C ALA R 164 -16.58 -26.56 63.55
N ALA R 165 -15.54 -26.82 62.75
CA ALA R 165 -15.60 -26.59 61.30
C ALA R 165 -16.54 -27.56 60.60
N LEU R 166 -16.69 -28.76 61.16
CA LEU R 166 -17.66 -29.74 60.66
C LEU R 166 -19.09 -29.33 61.01
N VAL R 167 -19.27 -28.73 62.19
CA VAL R 167 -20.57 -28.19 62.59
C VAL R 167 -20.96 -27.00 61.72
N ILE R 168 -19.99 -26.13 61.43
CA ILE R 168 -20.22 -24.95 60.59
C ILE R 168 -20.49 -25.36 59.14
N THR R 169 -19.96 -26.52 58.75
CA THR R 169 -20.20 -27.09 57.42
C THR R 169 -21.67 -27.49 57.22
N LYS R 170 -22.32 -27.95 58.30
CA LYS R 170 -23.73 -28.38 58.23
C LYS R 170 -24.69 -27.42 58.96
N LEU R 171 -24.31 -26.15 59.08
CA LEU R 171 -25.20 -25.14 59.67
C LEU R 171 -26.26 -24.64 58.69
N ALA R 172 -26.05 -24.88 57.39
CA ALA R 172 -26.98 -24.43 56.35
C ALA R 172 -28.39 -24.98 56.55
N ALA R 173 -28.49 -26.23 57.01
CA ALA R 173 -29.78 -26.85 57.31
C ALA R 173 -30.49 -26.11 58.44
N GLY R 174 -29.74 -25.82 59.51
CA GLY R 174 -30.24 -25.02 60.62
C GLY R 174 -31.22 -25.74 61.53
N ASP R 175 -30.96 -27.02 61.79
CA ASP R 175 -31.79 -27.82 62.70
C ASP R 175 -31.08 -29.05 63.28
N ARG R 176 -29.76 -28.96 63.41
CA ARG R 176 -28.93 -30.08 63.89
C ARG R 176 -29.16 -31.40 63.15
N SER R 177 -29.54 -31.32 61.88
CA SER R 177 -29.82 -32.51 61.07
C SER R 177 -28.53 -33.14 60.55
N GLY R 178 -27.51 -32.32 60.34
CA GLY R 178 -26.22 -32.79 59.86
C GLY R 178 -25.34 -33.47 60.90
N LEU R 179 -25.76 -33.43 62.17
CA LEU R 179 -25.02 -34.05 63.28
C LEU R 179 -24.52 -35.46 62.97
N THR R 180 -25.34 -36.24 62.28
CA THR R 180 -24.97 -37.60 61.86
C THR R 180 -23.78 -37.58 60.90
N ALA R 181 -23.80 -36.64 59.96
CA ALA R 181 -22.71 -36.47 59.00
C ALA R 181 -21.46 -35.85 59.65
N VAL R 182 -21.69 -35.01 60.67
CA VAL R 182 -20.59 -34.40 61.41
C VAL R 182 -19.78 -35.45 62.19
N ILE R 183 -20.49 -36.39 62.80
CA ILE R 183 -19.87 -37.49 63.53
C ILE R 183 -19.22 -38.48 62.55
N ARG R 184 -19.91 -38.76 61.45
CA ARG R 184 -19.43 -39.66 60.42
C ARG R 184 -18.08 -39.19 59.85
N ARG R 185 -18.03 -37.92 59.44
CA ARG R 185 -16.80 -37.33 58.92
C ARG R 185 -15.72 -37.23 60.00
N ALA R 186 -16.12 -36.93 61.23
CA ALA R 186 -15.19 -36.85 62.36
C ALA R 186 -14.54 -38.21 62.70
N ASN R 187 -15.09 -39.29 62.14
CA ASN R 187 -14.47 -40.62 62.25
C ASN R 187 -13.61 -40.96 61.03
N ASN R 188 -14.05 -40.54 59.85
CA ASN R 188 -13.27 -40.70 58.62
C ASN R 188 -12.09 -39.73 58.63
N VAL R 189 -12.39 -38.46 58.88
CA VAL R 189 -11.38 -37.43 59.14
C VAL R 189 -10.96 -37.59 60.59
N LEU R 190 -9.80 -37.04 60.96
CA LEU R 190 -9.46 -36.86 62.37
C LEU R 190 -9.34 -38.20 63.11
N LYS R 191 -9.07 -39.28 62.38
CA LYS R 191 -9.05 -40.63 62.95
C LYS R 191 -7.83 -40.88 63.82
N ASN R 192 -6.69 -40.34 63.40
CA ASN R 192 -5.46 -40.40 64.21
C ASN R 192 -5.60 -39.63 65.51
N GLU R 193 -6.35 -38.54 65.47
CA GLU R 193 -6.57 -37.68 66.65
C GLU R 193 -7.44 -38.37 67.71
N MET R 194 -8.42 -39.15 67.26
CA MET R 194 -9.31 -39.88 68.17
C MET R 194 -8.60 -41.03 68.89
N LYS R 195 -7.56 -41.59 68.27
CA LYS R 195 -6.76 -42.64 68.89
C LYS R 195 -5.97 -42.08 70.08
N ARG R 196 -5.39 -40.90 69.91
CA ARG R 196 -4.51 -40.29 70.92
C ARG R 196 -5.25 -39.50 72.00
N TYR R 197 -6.57 -39.36 71.87
CA TYR R 197 -7.38 -38.66 72.87
C TYR R 197 -8.70 -39.39 73.13
N LYS R 198 -8.90 -39.82 74.37
CA LYS R 198 -10.10 -40.54 74.77
C LYS R 198 -11.34 -39.64 74.74
N GLY R 199 -11.16 -38.38 75.12
CA GLY R 199 -12.26 -37.41 75.19
C GLY R 199 -12.56 -36.66 73.90
N LEU R 200 -12.19 -37.24 72.76
CA LEU R 200 -12.57 -36.70 71.46
C LEU R 200 -13.88 -37.38 71.06
N LEU R 201 -14.98 -36.84 71.55
CA LEU R 201 -16.33 -37.36 71.30
C LEU R 201 -17.03 -36.46 70.29
N PRO R 202 -17.10 -36.89 69.01
CA PRO R 202 -17.73 -36.07 67.97
C PRO R 202 -19.15 -35.62 68.29
N LYS R 203 -19.97 -36.53 68.81
CA LYS R 203 -21.37 -36.23 69.14
C LYS R 203 -21.49 -35.20 70.26
N ASP R 204 -20.68 -35.38 71.31
CA ASP R 204 -20.73 -34.50 72.48
C ASP R 204 -20.19 -33.09 72.18
N ILE R 205 -19.10 -33.02 71.40
CA ILE R 205 -18.47 -31.74 71.09
C ILE R 205 -19.26 -30.98 70.02
N ALA R 206 -19.77 -31.69 69.02
CA ALA R 206 -20.57 -31.07 67.95
C ALA R 206 -21.85 -30.43 68.49
N ASN R 207 -22.53 -31.14 69.39
CA ASN R 207 -23.72 -30.61 70.06
C ASN R 207 -23.42 -29.37 70.90
N SER R 208 -22.21 -29.29 71.44
CA SER R 208 -21.77 -28.13 72.21
C SER R 208 -21.60 -26.91 71.30
N PHE R 209 -20.99 -27.12 70.14
CA PHE R 209 -20.83 -26.05 69.13
C PHE R 209 -22.16 -25.70 68.48
N TYR R 210 -23.02 -26.69 68.27
CA TYR R 210 -24.38 -26.43 67.79
C TYR R 210 -25.15 -25.55 68.79
N GLU R 211 -24.95 -25.79 70.07
CA GLU R 211 -25.62 -25.02 71.13
C GLU R 211 -25.11 -23.59 71.21
N VAL R 212 -23.79 -23.41 71.15
CA VAL R 212 -23.19 -22.08 71.31
C VAL R 212 -23.43 -21.18 70.10
N PHE R 213 -23.52 -21.77 68.90
CA PHE R 213 -23.85 -21.01 67.70
C PHE R 213 -25.33 -20.63 67.67
N GLU R 214 -26.18 -21.50 68.19
CA GLU R 214 -27.62 -21.22 68.30
C GLU R 214 -27.92 -20.17 69.36
N LYS R 215 -27.35 -20.36 70.55
CA LYS R 215 -27.56 -19.44 71.67
C LYS R 215 -26.87 -18.08 71.43
N HIS R 216 -25.71 -18.12 70.77
CA HIS R 216 -24.96 -16.90 70.47
C HIS R 216 -24.63 -16.83 68.98
N PRO R 217 -25.51 -16.19 68.19
CA PRO R 217 -25.29 -16.03 66.74
C PRO R 217 -24.06 -15.19 66.37
N HIS R 218 -23.61 -14.33 67.28
CA HIS R 218 -22.41 -13.53 67.06
C HIS R 218 -21.12 -14.37 67.07
N PHE R 219 -21.13 -15.49 67.80
CA PHE R 219 -19.97 -16.39 67.85
C PHE R 219 -19.76 -17.18 66.56
N ILE R 220 -20.80 -17.33 65.74
CA ILE R 220 -20.67 -18.04 64.47
C ILE R 220 -19.95 -17.09 63.48
N ASP R 221 -20.19 -15.79 63.65
CA ASP R 221 -19.50 -14.77 62.88
C ASP R 221 -18.02 -14.68 63.31
N VAL R 222 -17.77 -14.89 64.60
CA VAL R 222 -16.42 -14.90 65.14
C VAL R 222 -15.61 -16.10 64.63
N PHE R 223 -16.27 -17.26 64.55
CA PHE R 223 -15.62 -18.48 64.09
C PHE R 223 -15.31 -18.47 62.59
N VAL R 224 -16.25 -17.96 61.79
CA VAL R 224 -16.08 -17.87 60.34
C VAL R 224 -14.91 -16.94 59.99
N HIS R 225 -14.86 -15.78 60.64
CA HIS R 225 -13.77 -14.82 60.41
C HIS R 225 -12.45 -15.26 61.05
N PHE R 226 -12.53 -16.14 62.06
CA PHE R 226 -11.34 -16.81 62.59
C PHE R 226 -10.82 -17.84 61.58
N GLY R 227 -11.74 -18.63 61.04
CA GLY R 227 -11.40 -19.67 60.06
C GLY R 227 -10.78 -19.12 58.78
N ILE R 228 -11.28 -17.97 58.34
CA ILE R 228 -10.71 -17.28 57.17
C ILE R 228 -9.33 -16.73 57.52
N ALA R 229 -9.19 -16.17 58.72
CA ALA R 229 -7.90 -15.67 59.20
C ALA R 229 -6.91 -16.82 59.44
N GLN R 230 -7.41 -17.95 59.92
CA GLN R 230 -6.61 -19.16 60.10
C GLN R 230 -6.16 -19.73 58.75
N SER R 231 -7.06 -19.71 57.77
CA SER R 231 -6.78 -20.21 56.43
C SER R 231 -5.93 -19.24 55.60
N SER R 232 -5.73 -18.02 56.10
CA SER R 232 -4.90 -17.02 55.42
C SER R 232 -3.42 -17.13 55.80
N THR R 233 -3.07 -18.02 56.73
CA THR R 233 -1.69 -18.16 57.20
C THR R 233 -0.78 -18.80 56.15
N ARG R 234 0.52 -18.71 56.38
CA ARG R 234 1.53 -19.21 55.45
C ARG R 234 1.76 -20.72 55.61
N GLY R 235 1.63 -21.22 56.84
CA GLY R 235 1.80 -22.64 57.12
C GLY R 235 1.88 -22.93 58.61
N GLY R 236 1.46 -24.14 59.00
CA GLY R 236 1.42 -24.54 60.41
C GLY R 236 1.68 -26.02 60.64
N SER R 237 0.71 -26.70 61.24
CA SER R 237 0.79 -28.15 61.47
C SER R 237 -0.27 -28.88 60.64
N ARG R 238 -0.21 -30.22 60.63
CA ARG R 238 -1.16 -31.02 59.85
C ARG R 238 -2.58 -30.92 60.40
N VAL R 239 -2.71 -30.74 61.71
CA VAL R 239 -4.01 -30.55 62.36
C VAL R 239 -4.63 -29.21 61.97
N GLU R 240 -3.78 -28.21 61.74
CA GLU R 240 -4.24 -26.93 61.20
C GLU R 240 -4.59 -27.07 59.72
N GLY R 241 -3.92 -27.99 59.03
CA GLY R 241 -4.28 -28.38 57.67
C GLY R 241 -5.62 -29.09 57.61
N ILE R 242 -5.94 -29.86 58.65
CA ILE R 242 -7.26 -30.50 58.77
C ILE R 242 -8.34 -29.44 58.89
N PHE R 243 -8.16 -28.53 59.83
CA PHE R 243 -9.10 -27.44 60.07
C PHE R 243 -9.35 -26.61 58.81
N ALA R 244 -8.27 -26.24 58.12
CA ALA R 244 -8.35 -25.43 56.91
C ALA R 244 -9.15 -26.13 55.81
N GLY R 245 -8.91 -27.44 55.64
CA GLY R 245 -9.64 -28.23 54.65
C GLY R 245 -11.10 -28.42 55.01
N LEU R 246 -11.36 -28.74 56.28
CA LEU R 246 -12.72 -28.92 56.78
C LEU R 246 -13.52 -27.62 56.81
N PHE R 247 -12.83 -26.50 57.05
CA PHE R 247 -13.47 -25.19 57.06
C PHE R 247 -13.88 -24.76 55.65
N MET R 248 -13.04 -25.04 54.67
CA MET R 248 -13.32 -24.67 53.28
C MET R 248 -14.38 -25.57 52.61
N ASN R 249 -14.69 -26.71 53.23
CA ASN R 249 -15.83 -27.53 52.81
C ASN R 249 -17.15 -26.82 53.09
N ALA R 250 -17.15 -25.93 54.08
CA ALA R 250 -18.33 -25.12 54.41
C ALA R 250 -18.61 -24.06 53.35
N TYR R 251 -17.58 -23.62 52.64
CA TYR R 251 -17.74 -22.63 51.56
C TYR R 251 -18.77 -23.13 50.54
N GLY R 252 -19.75 -22.29 50.26
CA GLY R 252 -20.82 -22.64 49.32
C GLY R 252 -21.94 -23.46 49.93
N ALA R 253 -22.00 -23.52 51.25
CA ALA R 253 -23.09 -24.20 51.95
C ALA R 253 -24.34 -23.35 51.88
N GLY R 254 -25.49 -24.01 51.84
CA GLY R 254 -26.78 -23.32 51.70
C GLY R 254 -27.04 -22.81 50.30
N GLN R 255 -26.29 -23.31 49.32
CA GLN R 255 -26.42 -22.89 47.93
C GLN R 255 -25.80 -23.93 46.99
N VAL R 256 -26.22 -25.19 47.19
CA VAL R 256 -25.77 -26.32 46.38
C VAL R 256 -26.43 -26.32 44.99
N MET R 257 -27.66 -25.81 44.92
CA MET R 257 -28.40 -25.73 43.66
C MET R 257 -27.67 -24.83 42.66
N LEU R 258 -26.89 -23.88 43.18
CA LEU R 258 -26.06 -23.01 42.35
C LEU R 258 -24.94 -23.80 41.68
N ARG R 259 -24.33 -24.73 42.43
CA ARG R 259 -23.25 -25.58 41.91
C ARG R 259 -23.78 -26.67 40.98
N TRP R 260 -24.91 -27.26 41.34
CA TRP R 260 -25.54 -28.30 40.52
C TRP R 260 -26.09 -27.73 39.19
N GLY R 261 -26.39 -26.44 39.17
CA GLY R 261 -26.81 -25.77 37.94
C GLY R 261 -25.70 -25.67 36.91
N VAL R 262 -24.47 -25.48 37.39
CA VAL R 262 -23.29 -25.45 36.53
C VAL R 262 -22.96 -26.87 36.04
N LEU R 263 -23.25 -27.87 36.88
CA LEU R 263 -23.04 -29.27 36.52
C LEU R 263 -23.97 -29.70 35.39
N ALA R 264 -25.24 -29.32 35.48
CA ALA R 264 -26.22 -29.60 34.42
C ALA R 264 -25.84 -28.94 33.11
N LYS R 265 -25.26 -27.74 33.21
CA LYS R 265 -24.74 -27.01 32.05
C LYS R 265 -23.47 -27.68 31.50
N SER R 266 -22.64 -28.21 32.40
CA SER R 266 -21.40 -28.88 32.00
C SER R 266 -21.68 -30.21 31.29
N VAL R 267 -22.56 -31.02 31.87
CA VAL R 267 -22.96 -32.30 31.27
C VAL R 267 -23.93 -32.15 30.10
N LYS R 268 -24.46 -30.94 29.91
CA LYS R 268 -25.34 -30.61 28.78
C LYS R 268 -26.67 -31.38 28.82
N ASN R 269 -27.39 -31.23 29.93
CA ASN R 269 -28.71 -31.84 30.07
C ASN R 269 -29.70 -31.17 29.11
N ILE R 270 -30.35 -31.98 28.28
CA ILE R 270 -31.20 -31.47 27.19
C ILE R 270 -32.44 -30.72 27.67
N MET R 271 -32.90 -31.03 28.88
CA MET R 271 -34.09 -30.36 29.44
C MET R 271 -33.84 -28.89 29.85
N LEU R 272 -32.57 -28.46 29.83
CA LEU R 272 -32.24 -27.03 29.98
C LEU R 272 -32.79 -26.22 28.80
N GLY R 273 -32.78 -26.81 27.61
CA GLY R 273 -33.30 -26.15 26.41
C GLY R 273 -34.81 -26.11 26.30
N HIS R 274 -35.51 -26.71 27.26
CA HIS R 274 -36.98 -26.72 27.30
C HIS R 274 -37.53 -25.29 27.40
N ALA R 275 -38.70 -25.06 26.79
CA ALA R 275 -39.25 -23.71 26.62
C ALA R 275 -39.49 -22.97 27.94
N SER R 276 -40.15 -23.63 28.89
CA SER R 276 -40.45 -23.00 30.18
C SER R 276 -39.19 -22.75 31.01
N VAL R 277 -38.15 -23.55 30.78
CA VAL R 277 -36.85 -23.33 31.40
C VAL R 277 -36.16 -22.13 30.76
N GLN R 278 -36.29 -21.99 29.44
CA GLN R 278 -35.69 -20.87 28.69
C GLN R 278 -36.34 -19.52 29.00
N ALA R 279 -37.59 -19.53 29.45
CA ALA R 279 -38.27 -18.30 29.86
C ALA R 279 -37.63 -17.70 31.11
N GLU R 280 -37.09 -18.56 31.97
CA GLU R 280 -36.46 -18.14 33.22
C GLU R 280 -34.99 -17.73 33.04
N MET R 281 -34.39 -18.14 31.92
CA MET R 281 -32.95 -17.96 31.70
C MET R 281 -32.44 -16.53 31.82
N GLU R 282 -33.30 -15.55 31.52
CA GLU R 282 -32.94 -14.15 31.68
C GLU R 282 -32.68 -13.81 33.15
N GLN R 283 -33.52 -14.35 34.04
CA GLN R 283 -33.45 -14.05 35.46
C GLN R 283 -32.47 -14.95 36.23
N VAL R 284 -32.24 -16.17 35.76
CA VAL R 284 -31.29 -17.08 36.44
C VAL R 284 -29.85 -16.64 36.21
N VAL R 285 -29.59 -16.00 35.07
CA VAL R 285 -28.29 -15.43 34.77
C VAL R 285 -27.96 -14.26 35.69
N GLU R 286 -28.98 -13.50 36.07
CA GLU R 286 -28.82 -12.36 36.98
C GLU R 286 -28.28 -12.77 38.36
N VAL R 287 -28.77 -13.89 38.88
CA VAL R 287 -28.32 -14.42 40.18
C VAL R 287 -26.93 -15.06 40.07
N TYR R 288 -26.66 -15.73 38.95
CA TYR R 288 -25.33 -16.30 38.71
C TYR R 288 -24.28 -15.20 38.50
N GLU R 289 -24.65 -14.14 37.79
CA GLU R 289 -23.79 -12.96 37.65
C GLU R 289 -23.63 -12.23 38.98
N TYR R 290 -24.69 -12.24 39.79
CA TYR R 290 -24.65 -11.68 41.15
C TYR R 290 -23.74 -12.50 42.06
N ALA R 291 -23.76 -13.82 41.89
CA ALA R 291 -22.87 -14.71 42.63
C ALA R 291 -21.41 -14.51 42.20
N GLN R 292 -21.21 -14.27 40.90
CA GLN R 292 -19.88 -13.95 40.36
C GLN R 292 -19.39 -12.57 40.84
N LYS R 293 -20.33 -11.65 41.04
CA LYS R 293 -20.01 -10.30 41.51
C LYS R 293 -19.48 -10.31 42.94
N LEU R 294 -20.21 -11.00 43.83
CA LEU R 294 -19.83 -11.11 45.24
C LEU R 294 -18.50 -11.85 45.40
N GLY R 295 -18.36 -12.98 44.72
CA GLY R 295 -17.14 -13.77 44.74
C GLY R 295 -17.01 -14.60 46.00
N GLY R 296 -15.89 -14.43 46.70
CA GLY R 296 -15.63 -15.17 47.94
C GLY R 296 -16.54 -14.79 49.09
N GLU R 297 -17.05 -13.56 49.06
CA GLU R 297 -17.95 -13.05 50.10
C GLU R 297 -19.23 -13.88 50.21
N ALA R 298 -19.72 -14.40 49.08
CA ALA R 298 -20.97 -15.16 49.04
C ALA R 298 -20.85 -16.59 49.56
N GLY R 299 -19.64 -17.04 49.88
CA GLY R 299 -19.40 -18.40 50.37
C GLY R 299 -20.10 -18.72 51.68
N PHE R 300 -19.98 -17.80 52.64
CA PHE R 300 -20.56 -17.98 53.98
C PHE R 300 -21.80 -17.10 54.18
N TYR R 301 -22.61 -16.94 53.13
CA TYR R 301 -23.82 -16.13 53.19
C TYR R 301 -24.99 -16.85 53.86
N HIS R 302 -24.96 -18.17 53.89
CA HIS R 302 -26.00 -18.97 54.56
C HIS R 302 -25.54 -19.48 55.93
N ILE R 303 -24.25 -19.72 56.08
CA ILE R 303 -23.66 -20.11 57.37
C ILE R 303 -23.84 -18.96 58.35
N LEU R 304 -23.29 -17.80 58.00
CA LEU R 304 -23.70 -16.54 58.61
C LEU R 304 -25.06 -16.26 57.98
N ASN R 305 -26.11 -16.11 58.78
CA ASN R 305 -27.44 -15.86 58.20
C ASN R 305 -27.53 -14.45 57.62
N ASN R 306 -26.90 -14.27 56.46
CA ASN R 306 -26.81 -12.99 55.80
C ASN R 306 -28.16 -12.66 55.13
N PRO R 307 -28.66 -11.42 55.31
CA PRO R 307 -29.88 -10.98 54.65
C PRO R 307 -29.88 -11.18 53.12
N LYS R 308 -28.72 -11.03 52.50
CA LYS R 308 -28.57 -11.14 51.05
C LYS R 308 -28.40 -12.59 50.57
N ALA R 309 -28.54 -13.56 51.47
CA ALA R 309 -28.47 -14.98 51.13
C ALA R 309 -29.66 -15.45 50.29
N SER R 310 -30.82 -14.80 50.52
CA SER R 310 -32.04 -15.13 49.78
C SER R 310 -31.96 -14.75 48.30
N LEU R 311 -31.09 -13.78 47.98
CA LEU R 311 -30.90 -13.33 46.60
C LEU R 311 -30.21 -14.38 45.72
N LEU R 312 -29.42 -15.26 46.35
CA LEU R 312 -28.70 -16.31 45.63
C LEU R 312 -29.56 -17.55 45.32
N SER R 313 -30.83 -17.53 45.74
CA SER R 313 -31.73 -18.66 45.58
C SER R 313 -32.17 -18.86 44.12
N LEU R 314 -32.09 -20.10 43.66
CA LEU R 314 -32.63 -20.49 42.35
C LEU R 314 -34.03 -21.12 42.49
N THR R 315 -34.45 -21.36 43.73
CA THR R 315 -35.76 -21.97 44.02
C THR R 315 -36.92 -21.12 43.52
N GLN R 316 -36.72 -19.80 43.46
CA GLN R 316 -37.70 -18.89 42.86
C GLN R 316 -38.02 -19.22 41.38
N PHE R 317 -37.12 -19.94 40.72
CA PHE R 317 -37.32 -20.41 39.36
C PHE R 317 -37.70 -21.90 39.39
N PRO R 318 -39.00 -22.22 39.29
CA PRO R 318 -39.47 -23.62 39.41
C PRO R 318 -38.91 -24.57 38.34
N HIS R 319 -38.91 -24.13 37.09
CA HIS R 319 -38.57 -25.01 35.97
C HIS R 319 -37.07 -25.32 35.90
N PHE R 320 -36.25 -24.29 36.05
CA PHE R 320 -34.79 -24.46 36.04
C PHE R 320 -34.30 -25.26 37.25
N SER R 321 -34.93 -25.04 38.41
CA SER R 321 -34.60 -25.80 39.61
C SER R 321 -34.90 -27.29 39.45
N SER R 322 -36.00 -27.61 38.78
CA SER R 322 -36.43 -29.00 38.57
C SER R 322 -35.45 -29.80 37.71
N VAL R 323 -35.07 -29.24 36.57
CA VAL R 323 -34.11 -29.88 35.66
C VAL R 323 -32.72 -30.02 36.32
N VAL R 324 -32.32 -29.03 37.10
CA VAL R 324 -31.05 -29.07 37.82
C VAL R 324 -31.09 -30.12 38.94
N LEU R 325 -32.22 -30.19 39.66
CA LEU R 325 -32.40 -31.16 40.73
C LEU R 325 -32.60 -32.57 40.16
N GLY R 326 -33.18 -32.65 38.97
CA GLY R 326 -33.32 -33.91 38.25
C GLY R 326 -32.00 -34.43 37.72
N ASN R 327 -31.19 -33.53 37.17
CA ASN R 327 -29.85 -33.87 36.68
C ASN R 327 -28.98 -34.47 37.79
N ALA R 328 -29.07 -33.89 38.98
CA ALA R 328 -28.35 -34.38 40.16
C ALA R 328 -28.85 -35.76 40.59
N ALA R 329 -30.16 -36.00 40.45
CA ALA R 329 -30.76 -37.28 40.80
C ALA R 329 -30.36 -38.38 39.81
N GLY R 330 -30.32 -38.04 38.53
CA GLY R 330 -29.93 -39.00 37.49
C GLY R 330 -28.47 -39.36 37.52
N LEU R 331 -27.61 -38.38 37.79
CA LEU R 331 -26.18 -38.63 38.01
C LEU R 331 -25.92 -39.36 39.33
N GLY R 332 -26.88 -39.33 40.24
CA GLY R 332 -26.79 -40.07 41.49
C GLY R 332 -25.86 -39.42 42.49
N ILE R 333 -25.97 -38.11 42.64
CA ILE R 333 -25.13 -37.36 43.57
C ILE R 333 -25.92 -36.81 44.77
N MET R 334 -27.21 -36.58 44.61
CA MET R 334 -28.08 -36.16 45.72
C MET R 334 -28.54 -37.37 46.54
N GLY R 335 -29.26 -37.09 47.62
CA GLY R 335 -29.78 -38.14 48.51
C GLY R 335 -28.94 -38.27 49.77
N GLU R 336 -29.48 -38.02 50.96
CA GLU R 336 -30.88 -37.65 51.17
C GLU R 336 -31.01 -36.12 51.27
N TYR R 337 -31.16 -35.49 50.11
CA TYR R 337 -31.28 -34.03 50.02
C TYR R 337 -32.78 -33.68 50.05
N ARG R 338 -33.16 -32.84 51.01
CA ARG R 338 -34.57 -32.56 51.26
C ARG R 338 -35.16 -31.44 50.39
N GLY R 339 -34.62 -31.27 49.19
CA GLY R 339 -35.15 -30.32 48.22
C GLY R 339 -36.13 -31.00 47.28
N THR R 340 -37.32 -30.42 47.15
CA THR R 340 -38.38 -31.00 46.33
C THR R 340 -38.59 -30.17 45.05
N PRO R 341 -38.65 -30.83 43.88
CA PRO R 341 -38.86 -30.09 42.63
C PRO R 341 -40.29 -29.59 42.48
N ARG R 342 -40.44 -28.32 42.12
CA ARG R 342 -41.77 -27.73 41.92
C ARG R 342 -42.46 -28.32 40.69
N ASN R 343 -41.70 -28.49 39.60
CA ASN R 343 -42.17 -29.17 38.41
C ASN R 343 -41.68 -30.62 38.40
N GLN R 344 -42.61 -31.57 38.53
CA GLN R 344 -42.27 -32.98 38.61
C GLN R 344 -41.96 -33.60 37.25
N ASP R 345 -42.63 -33.11 36.20
CA ASP R 345 -42.45 -33.62 34.85
C ASP R 345 -41.06 -33.27 34.28
N LEU R 346 -40.62 -32.05 34.52
CA LEU R 346 -39.27 -31.62 34.14
C LEU R 346 -38.18 -32.34 34.94
N TYR R 347 -38.47 -32.64 36.19
CA TYR R 347 -37.55 -33.38 37.06
C TYR R 347 -37.33 -34.81 36.56
N ASP R 348 -38.43 -35.49 36.24
CA ASP R 348 -38.37 -36.87 35.75
C ASP R 348 -37.70 -36.98 34.38
N ALA R 349 -37.96 -36.01 33.51
CA ALA R 349 -37.35 -35.97 32.18
C ALA R 349 -35.84 -35.70 32.25
N ALA R 350 -35.45 -34.82 33.17
CA ALA R 350 -34.03 -34.51 33.40
C ALA R 350 -33.31 -35.69 34.05
N LYS R 351 -33.98 -36.35 34.99
CA LYS R 351 -33.44 -37.52 35.66
C LYS R 351 -33.22 -38.67 34.67
N ALA R 352 -34.16 -38.83 33.73
CA ALA R 352 -34.08 -39.89 32.73
C ALA R 352 -32.88 -39.74 31.82
N TYR R 353 -32.62 -38.52 31.34
CA TYR R 353 -31.47 -38.25 30.47
C TYR R 353 -30.15 -38.27 31.25
N ALA R 354 -30.17 -37.74 32.47
CA ALA R 354 -28.98 -37.74 33.32
C ALA R 354 -28.50 -39.17 33.62
N GLU R 355 -29.43 -40.10 33.73
CA GLU R 355 -29.10 -41.53 33.84
C GLU R 355 -28.48 -42.04 32.53
N GLN R 356 -29.03 -41.60 31.40
CA GLN R 356 -28.50 -41.95 30.08
C GLN R 356 -27.11 -41.35 29.82
N LEU R 357 -26.84 -40.20 30.43
CA LEU R 357 -25.54 -39.51 30.28
C LEU R 357 -24.41 -40.25 30.98
N LYS R 358 -24.59 -40.53 32.26
CA LYS R 358 -23.58 -41.23 33.07
C LYS R 358 -23.39 -42.68 32.62
N GLU R 359 -24.30 -43.16 31.78
CA GLU R 359 -24.35 -44.56 31.40
C GLU R 359 -23.10 -44.90 30.59
N ASN R 360 -22.41 -45.96 31.01
CA ASN R 360 -21.34 -46.55 30.22
C ASN R 360 -19.99 -45.79 30.31
N GLY R 361 -19.13 -45.91 29.30
CA GLY R 361 -17.75 -45.41 29.37
C GLY R 361 -16.81 -45.85 28.25
N VAL R 362 -17.02 -45.30 27.05
CA VAL R 362 -16.14 -45.55 25.89
C VAL R 362 -14.91 -44.63 25.98
N ILE R 363 -13.81 -45.05 25.36
CA ILE R 363 -12.60 -44.24 25.29
C ILE R 363 -12.69 -43.25 24.11
N ASN R 364 -12.49 -41.97 24.40
CA ASN R 364 -12.44 -40.93 23.36
C ASN R 364 -10.99 -40.68 22.95
N TYR R 365 -10.64 -41.13 21.74
CA TYR R 365 -9.26 -41.06 21.25
C TYR R 365 -8.89 -39.71 20.64
N SER R 366 -9.89 -38.88 20.34
CA SER R 366 -9.65 -37.54 19.79
C SER R 366 -9.12 -36.55 20.84
N VAL R 367 -9.32 -36.88 22.12
CA VAL R 367 -8.86 -36.03 23.21
C VAL R 367 -7.34 -36.07 23.34
N LEU R 368 -6.77 -37.27 23.22
CA LEU R 368 -5.32 -37.44 23.33
C LEU R 368 -4.63 -36.89 22.08
N ASP R 369 -3.36 -36.53 22.23
CA ASP R 369 -2.56 -36.00 21.13
C ASP R 369 -1.82 -37.13 20.40
N LEU R 370 -2.60 -38.13 19.95
CA LEU R 370 -2.04 -39.29 19.27
C LEU R 370 -1.67 -38.93 17.83
N THR R 371 -0.49 -39.39 17.40
CA THR R 371 0.01 -39.10 16.06
C THR R 371 -0.24 -40.29 15.14
N ALA S 2 -33.95 25.05 14.79
CA ALA S 2 -34.22 23.63 14.43
C ALA S 2 -35.42 23.09 15.20
N LEU S 3 -36.05 22.05 14.64
CA LEU S 3 -37.22 21.42 15.28
C LEU S 3 -36.79 20.38 16.31
N SER S 4 -35.49 20.09 16.38
CA SER S 4 -34.95 19.20 17.41
C SER S 4 -34.88 19.89 18.78
N LYS S 5 -34.77 21.21 18.78
CA LYS S 5 -34.62 21.98 20.02
C LYS S 5 -35.94 22.16 20.78
N VAL S 6 -37.06 22.21 20.06
CA VAL S 6 -38.38 22.35 20.70
C VAL S 6 -38.69 21.11 21.55
N LYS S 7 -38.31 21.19 22.82
CA LYS S 7 -38.48 20.09 23.78
C LYS S 7 -38.59 20.65 25.19
N LEU S 8 -39.05 19.83 26.12
CA LEU S 8 -39.19 20.25 27.52
C LEU S 8 -39.25 19.04 28.46
N ASN S 9 -38.18 18.82 29.20
CA ASN S 9 -38.09 17.69 30.13
C ASN S 9 -38.83 18.04 31.42
N ASP S 10 -40.14 17.81 31.42
CA ASP S 10 -40.99 18.12 32.58
C ASP S 10 -40.69 17.19 33.77
N THR S 11 -40.41 15.92 33.48
CA THR S 11 -40.15 14.93 34.53
C THR S 11 -38.92 15.29 35.35
N LEU S 12 -37.86 15.73 34.68
CA LEU S 12 -36.61 16.13 35.35
C LEU S 12 -36.74 17.48 36.05
N ASN S 13 -37.52 18.39 35.45
CA ASN S 13 -37.73 19.72 36.03
C ASN S 13 -38.64 19.69 37.26
N LYS S 14 -39.65 18.83 37.25
CA LYS S 14 -40.51 18.64 38.42
C LYS S 14 -39.71 18.10 39.61
N ASP S 15 -38.80 17.17 39.33
CA ASP S 15 -37.90 16.64 40.35
C ASP S 15 -36.94 17.73 40.88
N GLN S 16 -36.45 18.55 39.97
CA GLN S 16 -35.56 19.67 40.32
C GLN S 16 -36.25 20.71 41.21
N LEU S 17 -37.55 20.91 40.98
CA LEU S 17 -38.34 21.84 41.80
C LEU S 17 -38.46 21.34 43.23
N LEU S 18 -38.82 20.06 43.40
CA LEU S 18 -39.03 19.47 44.72
C LEU S 18 -37.72 19.21 45.45
N SER S 19 -36.66 18.89 44.72
CA SER S 19 -35.34 18.63 45.30
C SER S 19 -34.71 19.91 45.85
N SER S 20 -35.01 21.06 45.23
CA SER S 20 -34.44 22.34 45.63
C SER S 20 -35.49 23.24 46.31
N SER S 21 -36.18 22.68 47.30
CA SER S 21 -37.16 23.44 48.08
C SER S 21 -36.43 24.25 49.15
N LYS S 22 -36.76 25.53 49.24
CA LYS S 22 -36.13 26.43 50.21
C LYS S 22 -36.70 26.22 51.61
N TYR S 23 -37.96 25.79 51.67
CA TYR S 23 -38.70 25.68 52.92
C TYR S 23 -39.12 24.22 53.18
N THR S 24 -39.44 23.92 54.43
CA THR S 24 -39.79 22.56 54.83
C THR S 24 -41.01 22.53 55.74
N ILE S 25 -41.86 21.51 55.55
CA ILE S 25 -42.98 21.25 56.45
C ILE S 25 -42.61 20.14 57.44
N GLN S 26 -43.12 20.27 58.67
CA GLN S 26 -42.84 19.29 59.71
C GLN S 26 -44.15 18.88 60.39
N ARG S 27 -44.54 17.63 60.15
CA ARG S 27 -45.86 17.13 60.52
C ARG S 27 -45.94 16.81 62.02
N SER S 28 -47.13 16.99 62.59
CA SER S 28 -47.35 16.79 64.02
C SER S 28 -47.19 15.32 64.38
N THR S 29 -46.00 14.96 64.85
CA THR S 29 -45.72 13.60 65.31
C THR S 29 -46.49 13.32 66.60
N GLY S 30 -46.71 14.37 67.39
CA GLY S 30 -47.53 14.29 68.60
C GLY S 30 -46.88 15.00 69.78
N ASP S 31 -47.22 14.54 70.98
CA ASP S 31 -46.67 15.12 72.21
C ASP S 31 -45.35 14.48 72.61
N SER S 32 -45.23 13.17 72.38
CA SER S 32 -44.00 12.43 72.72
C SER S 32 -43.90 11.09 71.98
N ILE S 33 -42.67 10.69 71.66
CA ILE S 33 -42.38 9.37 71.10
C ILE S 33 -41.36 8.66 71.99
N ASP S 34 -41.61 7.38 72.25
CA ASP S 34 -40.68 6.55 73.03
C ASP S 34 -39.51 6.13 72.13
N THR S 35 -38.31 6.53 72.52
CA THR S 35 -37.09 6.19 71.78
C THR S 35 -36.19 5.31 72.66
N PRO S 36 -36.45 4.00 72.71
CA PRO S 36 -35.65 3.10 73.53
C PRO S 36 -34.26 2.87 72.94
N ASN S 37 -33.28 2.66 73.82
CA ASN S 37 -31.89 2.43 73.40
C ASN S 37 -31.57 0.93 73.42
N TYR S 38 -30.29 0.59 73.29
CA TYR S 38 -29.86 -0.81 73.20
C TYR S 38 -30.00 -1.56 74.54
N ASP S 39 -29.92 -0.82 75.64
CA ASP S 39 -30.02 -1.40 76.99
C ASP S 39 -31.41 -1.99 77.27
N VAL S 40 -32.44 -1.37 76.72
CA VAL S 40 -33.84 -1.80 76.92
C VAL S 40 -34.25 -2.87 75.89
N GLN S 41 -33.52 -2.98 74.79
CA GLN S 41 -33.83 -3.94 73.72
C GLN S 41 -34.12 -5.35 74.24
N LYS S 42 -33.31 -5.81 75.18
CA LYS S 42 -33.43 -7.17 75.72
C LYS S 42 -34.70 -7.36 76.57
N HIS S 43 -35.18 -6.26 77.15
CA HIS S 43 -36.43 -6.28 77.92
C HIS S 43 -37.65 -6.34 77.00
N ILE S 44 -37.57 -5.67 75.85
CA ILE S 44 -38.67 -5.66 74.88
C ILE S 44 -38.80 -7.02 74.20
N ASN S 45 -37.65 -7.66 73.92
CA ASN S 45 -37.64 -9.02 73.38
C ASN S 45 -38.33 -10.00 74.33
N LYS S 46 -38.15 -9.79 75.63
CA LYS S 46 -38.84 -10.58 76.66
C LYS S 46 -40.34 -10.29 76.63
N LEU S 47 -40.69 -9.02 76.48
CA LEU S 47 -42.10 -8.60 76.39
C LEU S 47 -42.76 -9.16 75.13
N CYS S 48 -42.00 -9.19 74.03
CA CYS S 48 -42.46 -9.80 72.78
C CYS S 48 -42.66 -11.31 72.94
N GLY S 49 -41.76 -11.94 73.71
CA GLY S 49 -41.87 -13.37 74.00
C GLY S 49 -43.08 -13.72 74.85
N MET S 50 -43.40 -12.85 75.82
CA MET S 50 -44.56 -13.04 76.69
C MET S 50 -45.87 -13.11 75.90
N LEU S 51 -46.01 -12.22 74.92
CA LEU S 51 -47.17 -12.22 74.03
C LEU S 51 -47.23 -13.48 73.17
N LEU S 52 -46.06 -13.99 72.78
CA LEU S 52 -45.98 -15.17 71.92
C LEU S 52 -46.32 -16.47 72.65
N ILE S 53 -45.92 -16.59 73.91
CA ILE S 53 -46.22 -17.79 74.71
C ILE S 53 -47.66 -17.80 75.24
N THR S 54 -48.29 -16.64 75.29
CA THR S 54 -49.66 -16.52 75.80
C THR S 54 -50.67 -17.10 74.80
N GLU S 55 -51.46 -18.08 75.26
CA GLU S 55 -52.49 -18.69 74.43
C GLU S 55 -53.67 -17.74 74.29
N ASP S 56 -54.09 -17.49 73.04
CA ASP S 56 -55.14 -16.52 72.73
C ASP S 56 -54.82 -15.15 73.34
N ALA S 57 -53.66 -14.61 72.94
CA ALA S 57 -53.15 -13.37 73.52
C ALA S 57 -53.85 -12.14 72.95
N ASN S 58 -53.87 -11.07 73.73
CA ASN S 58 -54.41 -9.79 73.29
C ASN S 58 -53.33 -8.99 72.56
N HIS S 59 -53.36 -9.04 71.22
CA HIS S 59 -52.40 -8.30 70.40
C HIS S 59 -52.95 -6.94 70.02
N LYS S 60 -53.40 -6.18 71.02
CA LYS S 60 -53.88 -4.81 70.81
C LYS S 60 -52.69 -3.85 70.76
N PHE S 61 -51.63 -4.18 71.51
CA PHE S 61 -50.46 -3.32 71.65
C PHE S 61 -49.21 -3.88 70.97
N THR S 62 -49.33 -5.03 70.32
CA THR S 62 -48.18 -5.71 69.73
C THR S 62 -47.60 -4.96 68.53
N GLY S 63 -48.45 -4.24 67.81
CA GLY S 63 -47.99 -3.36 66.72
C GLY S 63 -47.11 -2.24 67.26
N LEU S 64 -47.50 -1.68 68.40
CA LEU S 64 -46.72 -0.65 69.09
C LEU S 64 -45.48 -1.24 69.75
N ILE S 65 -45.64 -2.38 70.41
CA ILE S 65 -44.51 -3.08 71.05
C ILE S 65 -43.49 -3.55 70.01
N GLY S 66 -43.98 -3.93 68.83
CA GLY S 66 -43.10 -4.30 67.71
C GLY S 66 -42.22 -3.15 67.26
N MET S 67 -42.81 -1.95 67.16
CA MET S 67 -42.07 -0.75 66.79
C MET S 67 -41.02 -0.39 67.85
N LEU S 68 -41.35 -0.61 69.12
CA LEU S 68 -40.41 -0.35 70.22
C LEU S 68 -39.18 -1.25 70.15
N TYR S 69 -39.36 -2.49 69.70
CA TYR S 69 -38.24 -3.41 69.51
C TYR S 69 -37.38 -2.99 68.32
N ALA S 70 -38.03 -2.56 67.25
CA ALA S 70 -37.32 -2.08 66.05
C ALA S 70 -36.52 -0.81 66.34
N MET S 71 -37.08 0.08 67.17
CA MET S 71 -36.40 1.31 67.57
C MET S 71 -35.28 1.04 68.58
N SER S 72 -35.46 0.03 69.42
CA SER S 72 -34.42 -0.36 70.40
C SER S 72 -33.23 -0.99 69.69
N ARG S 73 -33.49 -1.71 68.59
CA ARG S 73 -32.40 -2.25 67.77
C ARG S 73 -31.62 -1.14 67.06
N LEU S 74 -32.34 -0.13 66.59
CA LEU S 74 -31.71 1.06 65.98
C LEU S 74 -30.91 1.85 67.01
N GLY S 75 -31.55 2.13 68.15
CA GLY S 75 -30.91 2.88 69.23
C GLY S 75 -31.37 4.33 69.23
N ARG S 76 -31.53 4.89 70.42
CA ARG S 76 -32.06 6.25 70.62
C ARG S 76 -31.49 7.28 69.65
N GLU S 77 -30.17 7.27 69.46
CA GLU S 77 -29.50 8.23 68.58
C GLU S 77 -29.94 8.09 67.11
N ASP S 78 -30.01 6.85 66.63
CA ASP S 78 -30.38 6.58 65.24
C ASP S 78 -31.88 6.83 65.00
N THR S 79 -32.74 6.21 65.80
CA THR S 79 -34.18 6.35 65.62
C THR S 79 -34.67 7.80 65.71
N ILE S 80 -34.01 8.63 66.50
CA ILE S 80 -34.28 10.07 66.50
C ILE S 80 -33.81 10.69 65.18
N LYS S 81 -32.64 10.25 64.72
CA LYS S 81 -32.08 10.74 63.45
C LYS S 81 -32.97 10.39 62.25
N ILE S 82 -33.63 9.23 62.28
CA ILE S 82 -34.48 8.81 61.16
C ILE S 82 -35.82 9.54 61.16
N LEU S 83 -36.32 9.89 62.35
CA LEU S 83 -37.54 10.68 62.46
C LEU S 83 -37.33 12.12 61.99
N ARG S 84 -36.19 12.70 62.35
CA ARG S 84 -35.86 14.08 61.94
C ARG S 84 -35.56 14.17 60.44
N ASP S 85 -34.87 13.18 59.90
CA ASP S 85 -34.58 13.12 58.46
C ASP S 85 -35.84 12.92 57.63
N ALA S 86 -36.82 12.21 58.19
CA ALA S 86 -38.13 12.02 57.54
C ALA S 86 -38.90 13.34 57.47
N GLY S 87 -38.75 14.18 58.49
CA GLY S 87 -39.42 15.47 58.55
C GLY S 87 -40.45 15.52 59.66
N TYR S 88 -40.00 15.26 60.88
CA TYR S 88 -40.87 15.24 62.05
C TYR S 88 -40.19 15.84 63.28
N HIS S 89 -40.89 16.73 63.98
CA HIS S 89 -40.44 17.24 65.27
C HIS S 89 -40.72 16.20 66.34
N VAL S 90 -39.67 15.77 67.05
CA VAL S 90 -39.78 14.66 68.00
C VAL S 90 -39.38 15.04 69.42
N LYS S 91 -40.33 14.89 70.35
CA LYS S 91 -40.08 15.03 71.78
C LYS S 91 -39.71 13.65 72.32
N ALA S 92 -38.42 13.33 72.33
CA ALA S 92 -37.94 12.00 72.67
C ALA S 92 -38.15 11.65 74.15
N ASN S 93 -38.84 10.55 74.40
CA ASN S 93 -39.07 10.05 75.76
C ASN S 93 -38.09 8.90 76.07
N GLY S 94 -37.30 9.07 77.12
CA GLY S 94 -36.31 8.06 77.51
C GLY S 94 -36.95 6.85 78.17
N VAL S 95 -36.67 5.68 77.62
CA VAL S 95 -37.21 4.41 78.14
C VAL S 95 -36.23 3.80 79.14
N ASP S 96 -36.68 3.64 80.38
CA ASP S 96 -35.85 3.07 81.45
C ASP S 96 -36.60 1.94 82.15
N VAL S 97 -35.86 0.97 82.69
CA VAL S 97 -36.45 -0.17 83.39
C VAL S 97 -36.62 0.17 84.86
N THR S 98 -37.85 0.05 85.36
CA THR S 98 -38.16 0.31 86.76
C THR S 98 -39.01 -0.82 87.36
N THR S 99 -38.76 -1.12 88.63
CA THR S 99 -39.48 -2.20 89.32
C THR S 99 -40.77 -1.66 89.95
N HIS S 100 -41.91 -2.17 89.50
CA HIS S 100 -43.21 -1.75 89.99
C HIS S 100 -43.79 -2.79 90.95
N ARG S 101 -44.24 -2.34 92.12
CA ARG S 101 -44.82 -3.22 93.13
C ARG S 101 -46.34 -3.04 93.18
N GLN S 102 -47.07 -4.12 92.93
CA GLN S 102 -48.53 -4.11 92.95
C GLN S 102 -49.06 -5.43 93.50
N ASP S 103 -50.12 -5.36 94.29
CA ASP S 103 -50.68 -6.55 94.95
C ASP S 103 -51.84 -7.15 94.17
N ILE S 104 -51.52 -8.09 93.28
CA ILE S 104 -52.52 -8.82 92.51
C ILE S 104 -53.00 -10.01 93.32
N ASN S 105 -54.32 -10.13 93.46
CA ASN S 105 -54.96 -11.20 94.24
C ASN S 105 -54.51 -11.26 95.70
N GLY S 106 -54.29 -10.08 96.29
CA GLY S 106 -53.87 -9.97 97.69
C GLY S 106 -52.37 -9.97 97.89
N LYS S 107 -51.68 -10.91 97.24
CA LYS S 107 -50.23 -11.06 97.39
C LYS S 107 -49.48 -9.98 96.63
N GLU S 108 -48.54 -9.32 97.32
CA GLU S 108 -47.73 -8.25 96.72
C GLU S 108 -46.72 -8.84 95.75
N MET S 109 -46.73 -8.36 94.51
CA MET S 109 -45.87 -8.88 93.44
C MET S 109 -45.01 -7.79 92.81
N LYS S 110 -43.81 -8.18 92.38
CA LYS S 110 -42.89 -7.26 91.69
C LYS S 110 -42.95 -7.47 90.18
N PHE S 111 -42.78 -6.39 89.43
CA PHE S 111 -42.79 -6.43 87.97
C PHE S 111 -41.79 -5.45 87.38
N GLU S 112 -40.93 -5.94 86.48
CA GLU S 112 -40.02 -5.08 85.73
C GLU S 112 -40.78 -4.46 84.55
N VAL S 113 -40.94 -3.14 84.58
CA VAL S 113 -41.70 -2.41 83.56
C VAL S 113 -40.89 -1.27 82.95
N LEU S 114 -41.23 -0.92 81.72
CA LEU S 114 -40.56 0.16 80.99
C LEU S 114 -41.30 1.48 81.21
N THR S 115 -40.55 2.58 81.29
CA THR S 115 -41.13 3.91 81.42
C THR S 115 -41.56 4.43 80.05
N LEU S 116 -42.68 3.89 79.56
CA LEU S 116 -43.19 4.23 78.23
C LEU S 116 -44.38 5.18 78.34
N ALA S 117 -44.43 6.17 77.44
CA ALA S 117 -45.55 7.10 77.36
C ALA S 117 -46.72 6.47 76.60
N SER S 118 -46.41 5.80 75.50
CA SER S 118 -47.43 5.16 74.67
C SER S 118 -48.05 3.92 75.34
N LEU S 119 -47.25 3.22 76.14
CA LEU S 119 -47.69 2.00 76.82
C LEU S 119 -47.73 2.20 78.33
N THR S 120 -48.89 2.00 78.94
CA THR S 120 -49.07 2.20 80.37
C THR S 120 -48.42 1.05 81.16
N THR S 121 -47.99 1.35 82.39
CA THR S 121 -47.43 0.33 83.29
C THR S 121 -48.50 -0.64 83.79
N GLU S 122 -49.76 -0.24 83.71
CA GLU S 122 -50.88 -1.07 84.15
C GLU S 122 -51.16 -2.20 83.15
N ILE S 123 -50.96 -1.93 81.87
CA ILE S 123 -51.20 -2.93 80.81
C ILE S 123 -49.95 -3.79 80.58
N GLN S 124 -48.77 -3.26 80.92
CA GLN S 124 -47.51 -4.01 80.82
C GLN S 124 -47.49 -5.21 81.76
N ILE S 125 -47.95 -5.01 83.00
CA ILE S 125 -48.01 -6.09 83.99
C ILE S 125 -49.04 -7.16 83.61
N ASN S 126 -50.11 -6.76 82.94
CA ASN S 126 -51.15 -7.68 82.49
C ASN S 126 -50.66 -8.60 81.37
N ILE S 127 -49.71 -8.13 80.57
CA ILE S 127 -49.06 -8.96 79.54
C ILE S 127 -48.20 -10.03 80.22
N GLU S 128 -47.51 -9.64 81.30
CA GLU S 128 -46.70 -10.57 82.08
C GLU S 128 -47.54 -11.51 82.93
N ILE S 129 -48.66 -11.01 83.45
CA ILE S 129 -49.57 -11.83 84.27
C ILE S 129 -50.21 -12.94 83.44
N GLU S 130 -50.73 -12.59 82.27
CA GLU S 130 -51.38 -13.56 81.39
C GLU S 130 -50.38 -14.56 80.77
N SER S 131 -49.12 -14.14 80.63
CA SER S 131 -48.06 -15.02 80.13
C SER S 131 -47.65 -16.06 81.17
N ARG S 132 -47.62 -15.65 82.43
CA ARG S 132 -47.32 -16.56 83.54
C ARG S 132 -48.38 -17.65 83.70
N LYS S 133 -49.63 -17.30 83.42
CA LYS S 133 -50.72 -18.28 83.41
C LYS S 133 -50.52 -19.33 82.32
N SER S 134 -50.19 -18.87 81.12
CA SER S 134 -49.92 -19.75 79.99
C SER S 134 -48.60 -20.51 80.15
N TYR S 135 -47.66 -19.92 80.88
CA TYR S 135 -46.36 -20.56 81.13
C TYR S 135 -46.51 -21.76 82.07
N LYS S 136 -47.25 -21.58 83.16
CA LYS S 136 -47.45 -22.68 84.13
C LYS S 136 -48.35 -23.77 83.56
N LYS S 137 -49.27 -23.39 82.67
CA LYS S 137 -50.12 -24.35 81.95
C LYS S 137 -49.26 -25.15 80.98
N MET S 138 -48.33 -24.46 80.31
CA MET S 138 -47.37 -25.11 79.42
C MET S 138 -46.40 -26.00 80.21
N LEU S 139 -45.96 -25.51 81.36
CA LEU S 139 -45.05 -26.25 82.24
C LEU S 139 -45.72 -27.52 82.80
N LYS S 140 -47.04 -27.44 83.02
CA LYS S 140 -47.81 -28.57 83.53
C LYS S 140 -48.02 -29.66 82.48
N GLU S 141 -48.04 -29.26 81.21
CA GLU S 141 -48.29 -30.19 80.10
C GLU S 141 -47.05 -30.97 79.69
N MET S 142 -45.93 -30.27 79.52
CA MET S 142 -44.68 -30.89 79.03
C MET S 142 -43.59 -31.02 80.10
N GLY S 143 -43.93 -30.69 81.35
CA GLY S 143 -42.98 -30.80 82.46
C GLY S 143 -41.90 -29.73 82.41
N GLU S 144 -40.90 -29.93 81.56
CA GLU S 144 -39.81 -28.99 81.36
C GLU S 144 -39.97 -28.30 80.00
N VAL S 145 -40.02 -26.97 80.01
CA VAL S 145 -40.13 -26.21 78.77
C VAL S 145 -38.75 -25.97 78.15
N ALA S 146 -38.65 -26.19 76.84
CA ALA S 146 -37.38 -26.07 76.13
C ALA S 146 -37.06 -24.60 75.79
N PRO S 147 -35.81 -24.30 75.40
CA PRO S 147 -35.43 -22.95 74.97
C PRO S 147 -36.22 -22.40 73.79
N GLU S 148 -36.75 -23.28 72.94
CA GLU S 148 -37.51 -22.88 71.76
C GLU S 148 -38.89 -22.34 72.14
N TYR S 149 -39.55 -23.02 73.08
CA TYR S 149 -40.93 -22.69 73.45
C TYR S 149 -41.07 -21.50 74.42
N ARG S 150 -39.97 -21.11 75.05
CA ARG S 150 -40.01 -20.07 76.09
C ARG S 150 -39.85 -18.65 75.54
N HIS S 151 -40.20 -17.68 76.39
CA HIS S 151 -40.17 -16.25 76.04
C HIS S 151 -38.76 -15.65 76.00
N ASP S 152 -37.79 -16.32 76.62
CA ASP S 152 -36.42 -15.79 76.72
C ASP S 152 -35.62 -15.88 75.41
N SER S 153 -36.13 -16.63 74.44
CA SER S 153 -35.45 -16.81 73.15
C SER S 153 -35.23 -15.46 72.44
N PRO S 154 -34.05 -15.29 71.80
CA PRO S 154 -33.76 -14.03 71.10
C PRO S 154 -34.57 -13.81 69.82
N ASP S 155 -35.18 -14.87 69.29
CA ASP S 155 -35.99 -14.77 68.07
C ASP S 155 -37.31 -14.04 68.29
N CYS S 156 -37.87 -14.16 69.51
CA CYS S 156 -39.19 -13.63 69.85
C CYS S 156 -39.49 -12.24 69.28
N GLY S 157 -38.53 -11.33 69.43
CA GLY S 157 -38.69 -9.95 68.95
C GLY S 157 -38.80 -9.85 67.43
N MET S 158 -37.95 -10.60 66.73
CA MET S 158 -37.95 -10.61 65.27
C MET S 158 -39.11 -11.42 64.69
N ILE S 159 -39.58 -12.43 65.43
CA ILE S 159 -40.74 -13.23 65.03
C ILE S 159 -42.00 -12.36 64.88
N ILE S 160 -42.16 -11.41 65.79
CA ILE S 160 -43.27 -10.46 65.72
C ILE S 160 -43.07 -9.45 64.57
N LEU S 161 -41.82 -9.09 64.31
CA LEU S 161 -41.48 -8.20 63.19
C LEU S 161 -41.54 -8.90 61.82
N CYS S 162 -41.56 -10.23 61.81
CA CYS S 162 -41.68 -10.99 60.55
C CYS S 162 -43.03 -10.75 59.87
N ILE S 163 -44.12 -10.80 60.65
CA ILE S 163 -45.45 -10.49 60.10
C ILE S 163 -45.66 -8.99 59.92
N ALA S 164 -44.84 -8.18 60.57
CA ALA S 164 -44.81 -6.74 60.32
C ALA S 164 -44.27 -6.46 58.91
N ALA S 165 -43.30 -7.26 58.49
CA ALA S 165 -42.76 -7.19 57.13
C ALA S 165 -43.77 -7.70 56.10
N LEU S 166 -44.62 -8.63 56.50
CA LEU S 166 -45.72 -9.10 55.65
C LEU S 166 -46.81 -8.05 55.51
N VAL S 167 -47.07 -7.30 56.60
CA VAL S 167 -48.01 -6.19 56.55
C VAL S 167 -47.49 -5.07 55.67
N ILE S 168 -46.18 -4.77 55.78
CA ILE S 168 -45.55 -3.72 54.98
C ILE S 168 -45.50 -4.12 53.49
N THR S 169 -45.48 -5.43 53.23
CA THR S 169 -45.51 -5.98 51.87
C THR S 169 -46.85 -5.66 51.17
N LYS S 170 -47.94 -5.67 51.93
CA LYS S 170 -49.27 -5.41 51.37
C LYS S 170 -49.85 -4.05 51.78
N LEU S 171 -48.98 -3.08 52.09
CA LEU S 171 -49.43 -1.71 52.40
C LEU S 171 -49.74 -0.90 51.14
N ALA S 172 -49.25 -1.36 49.98
CA ALA S 172 -49.46 -0.66 48.71
C ALA S 172 -50.95 -0.47 48.38
N ALA S 173 -51.76 -1.48 48.71
CA ALA S 173 -53.21 -1.41 48.51
C ALA S 173 -53.82 -0.30 49.38
N GLY S 174 -53.43 -0.28 50.65
CA GLY S 174 -53.83 0.79 51.58
C GLY S 174 -55.27 0.70 52.04
N ASP S 175 -55.75 -0.52 52.31
CA ASP S 175 -57.10 -0.72 52.83
C ASP S 175 -57.28 -2.07 53.56
N ARG S 176 -56.20 -2.59 54.14
CA ARG S 176 -56.20 -3.90 54.81
C ARG S 176 -56.77 -5.03 53.96
N SER S 177 -56.61 -4.95 52.64
CA SER S 177 -57.13 -5.96 51.72
C SER S 177 -56.19 -7.17 51.65
N GLY S 178 -54.90 -6.94 51.85
CA GLY S 178 -53.90 -8.00 51.81
C GLY S 178 -53.85 -8.87 53.05
N LEU S 179 -54.58 -8.49 54.10
CA LEU S 179 -54.62 -9.25 55.37
C LEU S 179 -54.78 -10.76 55.16
N THR S 180 -55.59 -11.15 54.19
CA THR S 180 -55.79 -12.57 53.85
C THR S 180 -54.49 -13.20 53.35
N ALA S 181 -53.76 -12.47 52.51
CA ALA S 181 -52.47 -12.93 52.00
C ALA S 181 -51.37 -12.86 53.06
N VAL S 182 -51.50 -11.92 53.99
CA VAL S 182 -50.55 -11.78 55.11
C VAL S 182 -50.63 -12.99 56.04
N ILE S 183 -51.86 -13.43 56.33
CA ILE S 183 -52.09 -14.61 57.16
C ILE S 183 -51.70 -15.89 56.41
N ARG S 184 -52.04 -15.94 55.13
CA ARG S 184 -51.71 -17.08 54.27
C ARG S 184 -50.21 -17.34 54.23
N ARG S 185 -49.44 -16.29 53.94
CA ARG S 185 -47.97 -16.40 53.90
C ARG S 185 -47.40 -16.68 55.29
N ALA S 186 -48.00 -16.08 56.32
CA ALA S 186 -47.56 -16.31 57.70
C ALA S 186 -47.76 -17.76 58.16
N ASN S 187 -48.54 -18.54 57.40
CA ASN S 187 -48.69 -19.98 57.64
C ASN S 187 -47.73 -20.81 56.77
N ASN S 188 -47.52 -20.36 55.53
CA ASN S 188 -46.55 -21.00 54.63
C ASN S 188 -45.13 -20.70 55.10
N VAL S 189 -44.86 -19.42 55.31
CA VAL S 189 -43.64 -18.96 55.97
C VAL S 189 -43.86 -19.11 57.45
N LEU S 190 -42.78 -19.10 58.23
CA LEU S 190 -42.87 -18.95 59.68
C LEU S 190 -43.64 -20.09 60.35
N LYS S 191 -43.69 -21.25 59.68
CA LYS S 191 -44.49 -22.39 60.14
C LYS S 191 -43.88 -23.07 61.37
N ASN S 192 -42.55 -23.16 61.40
CA ASN S 192 -41.85 -23.68 62.57
C ASN S 192 -42.02 -22.78 63.79
N GLU S 193 -42.11 -21.47 63.55
CA GLU S 193 -42.28 -20.49 64.62
C GLU S 193 -43.66 -20.57 65.28
N MET S 194 -44.68 -20.87 64.49
CA MET S 194 -46.05 -21.00 65.00
C MET S 194 -46.24 -22.25 65.86
N LYS S 195 -45.45 -23.29 65.60
CA LYS S 195 -45.47 -24.51 66.40
C LYS S 195 -44.97 -24.25 67.81
N ARG S 196 -43.89 -23.49 67.91
CA ARG S 196 -43.21 -23.23 69.19
C ARG S 196 -43.76 -22.04 69.97
N TYR S 197 -44.77 -21.36 69.43
CA TYR S 197 -45.43 -20.26 70.14
C TYR S 197 -46.94 -20.27 69.88
N LYS S 198 -47.72 -20.42 70.96
CA LYS S 198 -49.17 -20.45 70.88
C LYS S 198 -49.76 -19.10 70.48
N GLY S 199 -49.15 -18.03 70.96
CA GLY S 199 -49.62 -16.67 70.71
C GLY S 199 -49.09 -16.02 69.44
N LEU S 200 -48.68 -16.83 68.47
CA LEU S 200 -48.33 -16.33 67.14
C LEU S 200 -49.59 -16.38 66.28
N LEU S 201 -50.40 -15.33 66.39
CA LEU S 201 -51.66 -15.22 65.67
C LEU S 201 -51.50 -14.21 64.52
N PRO S 202 -51.34 -14.71 63.28
CA PRO S 202 -51.12 -13.82 62.13
C PRO S 202 -52.19 -12.73 61.97
N LYS S 203 -53.46 -13.10 62.13
CA LYS S 203 -54.57 -12.16 61.98
C LYS S 203 -54.55 -11.07 63.05
N ASP S 204 -54.32 -11.48 64.29
CA ASP S 204 -54.32 -10.54 65.43
C ASP S 204 -53.12 -9.58 65.40
N ILE S 205 -51.95 -10.10 65.05
CA ILE S 205 -50.73 -9.30 65.05
C ILE S 205 -50.67 -8.39 63.81
N ALA S 206 -51.09 -8.90 62.66
CA ALA S 206 -51.11 -8.11 61.43
C ALA S 206 -52.03 -6.91 61.53
N ASN S 207 -53.23 -7.11 62.09
CA ASN S 207 -54.17 -6.03 62.34
C ASN S 207 -53.62 -4.97 63.31
N SER S 208 -52.76 -5.40 64.23
CA SER S 208 -52.11 -4.49 65.17
C SER S 208 -51.10 -3.60 64.43
N PHE S 209 -50.32 -4.20 63.55
CA PHE S 209 -49.37 -3.44 62.73
C PHE S 209 -50.08 -2.59 61.67
N TYR S 210 -51.18 -3.10 61.12
CA TYR S 210 -52.01 -2.29 60.22
C TYR S 210 -52.56 -1.05 60.94
N GLU S 211 -52.93 -1.21 62.21
CA GLU S 211 -53.47 -0.12 63.01
C GLU S 211 -52.41 0.93 63.34
N VAL S 212 -51.23 0.47 63.75
CA VAL S 212 -50.15 1.39 64.17
C VAL S 212 -49.54 2.16 63.01
N PHE S 213 -49.50 1.54 61.82
CA PHE S 213 -49.02 2.23 60.61
C PHE S 213 -50.05 3.23 60.11
N GLU S 214 -51.34 2.91 60.26
CA GLU S 214 -52.43 3.83 59.88
C GLU S 214 -52.52 5.01 60.83
N LYS S 215 -52.52 4.73 62.14
CA LYS S 215 -52.62 5.77 63.16
C LYS S 215 -51.36 6.62 63.24
N HIS S 216 -50.20 5.99 63.03
CA HIS S 216 -48.91 6.67 63.08
C HIS S 216 -48.13 6.41 61.79
N PRO S 217 -48.30 7.29 60.78
CA PRO S 217 -47.57 7.16 59.50
C PRO S 217 -46.04 7.31 59.61
N HIS S 218 -45.58 7.96 60.67
CA HIS S 218 -44.14 8.11 60.92
C HIS S 218 -43.48 6.78 61.33
N PHE S 219 -44.24 5.88 61.94
CA PHE S 219 -43.73 4.56 62.33
C PHE S 219 -43.50 3.61 61.16
N ILE S 220 -44.16 3.86 60.03
CA ILE S 220 -43.95 3.03 58.83
C ILE S 220 -42.61 3.43 58.21
N ASP S 221 -42.25 4.70 58.34
CA ASP S 221 -40.94 5.21 57.93
C ASP S 221 -39.84 4.67 58.84
N VAL S 222 -40.17 4.51 60.13
CA VAL S 222 -39.23 3.94 61.10
C VAL S 222 -38.97 2.46 60.82
N PHE S 223 -40.02 1.73 60.47
CA PHE S 223 -39.90 0.29 60.19
C PHE S 223 -39.14 0.00 58.89
N VAL S 224 -39.42 0.79 57.84
CA VAL S 224 -38.76 0.62 56.55
C VAL S 224 -37.25 0.86 56.67
N HIS S 225 -36.87 1.94 57.36
CA HIS S 225 -35.46 2.25 57.56
C HIS S 225 -34.80 1.33 58.61
N PHE S 226 -35.60 0.72 59.46
CA PHE S 226 -35.11 -0.35 60.33
C PHE S 226 -34.84 -1.61 59.51
N GLY S 227 -35.79 -1.96 58.63
CA GLY S 227 -35.67 -3.13 57.78
C GLY S 227 -34.49 -3.08 56.83
N ILE S 228 -34.21 -1.89 56.31
CA ILE S 228 -33.05 -1.68 55.44
C ILE S 228 -31.76 -1.78 56.26
N ALA S 229 -31.78 -1.21 57.47
CA ALA S 229 -30.65 -1.31 58.40
C ALA S 229 -30.44 -2.75 58.90
N GLN S 230 -31.55 -3.45 59.10
CA GLN S 230 -31.52 -4.87 59.48
C GLN S 230 -30.98 -5.74 58.34
N SER S 231 -31.39 -5.41 57.12
CA SER S 231 -30.93 -6.15 55.93
C SER S 231 -29.51 -5.78 55.51
N SER S 232 -28.95 -4.72 56.10
CA SER S 232 -27.58 -4.30 55.81
C SER S 232 -26.53 -5.02 56.66
N THR S 233 -26.97 -5.85 57.61
CA THR S 233 -26.06 -6.55 58.51
C THR S 233 -25.27 -7.66 57.81
N ARG S 234 -24.22 -8.15 58.47
CA ARG S 234 -23.33 -9.15 57.91
C ARG S 234 -23.89 -10.56 58.04
N GLY S 235 -24.58 -10.83 59.14
CA GLY S 235 -25.22 -12.13 59.39
C GLY S 235 -25.78 -12.26 60.79
N GLY S 236 -26.83 -13.06 60.94
CA GLY S 236 -27.52 -13.22 62.23
C GLY S 236 -28.07 -14.63 62.44
N SER S 237 -29.39 -14.72 62.64
CA SER S 237 -30.08 -16.00 62.80
C SER S 237 -31.01 -16.27 61.62
N ARG S 238 -31.59 -17.46 61.56
CA ARG S 238 -32.49 -17.84 60.46
C ARG S 238 -33.79 -17.05 60.50
N VAL S 239 -34.24 -16.68 61.71
CA VAL S 239 -35.43 -15.85 61.88
C VAL S 239 -35.18 -14.43 61.35
N GLU S 240 -33.95 -13.95 61.49
CA GLU S 240 -33.54 -12.67 60.90
C GLU S 240 -33.41 -12.81 59.38
N GLY S 241 -33.07 -14.02 58.93
CA GLY S 241 -33.10 -14.35 57.50
C GLY S 241 -34.52 -14.37 56.95
N ILE S 242 -35.49 -14.79 57.77
CA ILE S 242 -36.90 -14.74 57.40
C ILE S 242 -37.33 -13.29 57.19
N PHE S 243 -37.06 -12.46 58.19
CA PHE S 243 -37.42 -11.04 58.15
C PHE S 243 -36.81 -10.34 56.93
N ALA S 244 -35.53 -10.60 56.68
CA ALA S 244 -34.82 -9.99 55.55
C ALA S 244 -35.44 -10.37 54.21
N GLY S 245 -35.80 -11.63 54.06
CA GLY S 245 -36.45 -12.13 52.84
C GLY S 245 -37.86 -11.59 52.67
N LEU S 246 -38.63 -11.60 53.76
CA LEU S 246 -40.00 -11.08 53.74
C LEU S 246 -40.05 -9.56 53.58
N PHE S 247 -39.05 -8.87 54.09
CA PHE S 247 -38.97 -7.41 53.96
C PHE S 247 -38.65 -7.00 52.52
N MET S 248 -37.75 -7.75 51.86
CA MET S 248 -37.37 -7.45 50.48
C MET S 248 -38.43 -7.84 49.45
N ASN S 249 -39.43 -8.64 49.87
CA ASN S 249 -40.60 -8.90 49.04
C ASN S 249 -41.45 -7.63 48.89
N ALA S 250 -41.37 -6.74 49.87
CA ALA S 250 -42.05 -5.45 49.82
C ALA S 250 -41.45 -4.50 48.79
N TYR S 251 -40.16 -4.66 48.49
CA TYR S 251 -39.49 -3.84 47.49
C TYR S 251 -40.23 -3.93 46.15
N GLY S 252 -40.55 -2.77 45.59
CA GLY S 252 -41.27 -2.69 44.32
C GLY S 252 -42.78 -2.84 44.46
N ALA S 253 -43.28 -2.71 45.69
CA ALA S 253 -44.73 -2.74 45.94
C ALA S 253 -45.35 -1.42 45.48
N GLY S 254 -46.59 -1.48 45.01
CA GLY S 254 -47.28 -0.31 44.49
C GLY S 254 -46.80 0.11 43.11
N GLN S 255 -46.09 -0.79 42.43
CA GLN S 255 -45.55 -0.53 41.10
C GLN S 255 -45.23 -1.83 40.37
N VAL S 256 -46.22 -2.72 40.33
CA VAL S 256 -46.10 -4.01 39.67
C VAL S 256 -46.20 -3.89 38.14
N MET S 257 -46.95 -2.88 37.67
CA MET S 257 -47.10 -2.61 36.25
C MET S 257 -45.75 -2.27 35.61
N LEU S 258 -44.85 -1.72 36.42
CA LEU S 258 -43.48 -1.43 35.98
C LEU S 258 -42.71 -2.73 35.68
N ARG S 259 -42.89 -3.73 36.54
CA ARG S 259 -42.22 -5.03 36.38
C ARG S 259 -42.87 -5.86 35.27
N TRP S 260 -44.20 -5.83 35.18
CA TRP S 260 -44.93 -6.55 34.13
C TRP S 260 -44.68 -5.95 32.74
N GLY S 261 -44.31 -4.68 32.69
CA GLY S 261 -43.95 -4.03 31.42
C GLY S 261 -42.64 -4.56 30.85
N VAL S 262 -41.70 -4.91 31.73
CA VAL S 262 -40.45 -5.52 31.32
C VAL S 262 -40.67 -6.98 30.90
N LEU S 263 -41.64 -7.63 31.53
CA LEU S 263 -42.02 -9.00 31.19
C LEU S 263 -42.61 -9.09 29.79
N ALA S 264 -43.51 -8.16 29.47
CA ALA S 264 -44.11 -8.08 28.12
C ALA S 264 -43.04 -7.82 27.05
N LYS S 265 -42.05 -7.02 27.41
CA LYS S 265 -40.90 -6.76 26.54
C LYS S 265 -39.99 -7.98 26.42
N SER S 266 -39.84 -8.73 27.53
CA SER S 266 -39.02 -9.94 27.55
C SER S 266 -39.64 -11.06 26.70
N VAL S 267 -40.94 -11.29 26.90
CA VAL S 267 -41.65 -12.32 26.13
C VAL S 267 -41.99 -11.89 24.70
N LYS S 268 -41.80 -10.59 24.40
CA LYS S 268 -41.99 -10.03 23.07
C LYS S 268 -43.46 -10.10 22.62
N ASN S 269 -44.35 -9.50 23.42
CA ASN S 269 -45.76 -9.43 23.07
C ASN S 269 -45.96 -8.49 21.88
N ILE S 270 -46.59 -9.00 20.82
CA ILE S 270 -46.69 -8.30 19.53
C ILE S 270 -47.52 -7.01 19.60
N MET S 271 -48.43 -6.92 20.56
CA MET S 271 -49.28 -5.73 20.72
C MET S 271 -48.53 -4.50 21.27
N LEU S 272 -47.28 -4.70 21.71
CA LEU S 272 -46.38 -3.58 22.03
C LEU S 272 -46.08 -2.74 20.78
N GLY S 273 -45.96 -3.41 19.64
CA GLY S 273 -45.69 -2.74 18.37
C GLY S 273 -46.89 -2.02 17.74
N HIS S 274 -48.06 -2.13 18.37
CA HIS S 274 -49.26 -1.46 17.91
C HIS S 274 -49.08 0.07 17.90
N ALA S 275 -49.72 0.73 16.94
CA ALA S 275 -49.48 2.17 16.68
C ALA S 275 -49.76 3.07 17.87
N SER S 276 -50.93 2.91 18.50
CA SER S 276 -51.31 3.75 19.63
C SER S 276 -50.44 3.49 20.87
N VAL S 277 -49.88 2.28 20.95
CA VAL S 277 -48.91 1.95 22.00
C VAL S 277 -47.56 2.62 21.69
N GLN S 278 -47.18 2.64 20.42
CA GLN S 278 -45.93 3.27 19.99
C GLN S 278 -45.92 4.79 20.12
N ALA S 279 -47.10 5.41 20.12
CA ALA S 279 -47.23 6.85 20.33
C ALA S 279 -46.83 7.24 21.76
N GLU S 280 -47.07 6.33 22.71
CA GLU S 280 -46.77 6.56 24.11
C GLU S 280 -45.32 6.23 24.47
N MET S 281 -44.63 5.47 23.61
CA MET S 281 -43.30 4.94 23.90
C MET S 281 -42.25 5.99 24.26
N GLU S 282 -42.40 7.21 23.74
CA GLU S 282 -41.50 8.30 24.09
C GLU S 282 -41.61 8.65 25.58
N GLN S 283 -42.84 8.65 26.09
CA GLN S 283 -43.11 9.04 27.49
C GLN S 283 -42.98 7.90 28.49
N VAL S 284 -43.21 6.65 28.06
CA VAL S 284 -43.08 5.50 28.96
C VAL S 284 -41.60 5.22 29.27
N VAL S 285 -40.73 5.54 28.31
CA VAL S 285 -39.28 5.40 28.50
C VAL S 285 -38.77 6.40 29.56
N GLU S 286 -39.38 7.58 29.60
CA GLU S 286 -39.00 8.61 30.57
C GLU S 286 -39.20 8.15 32.02
N VAL S 287 -40.30 7.45 32.28
CA VAL S 287 -40.59 6.93 33.64
C VAL S 287 -39.74 5.71 33.97
N TYR S 288 -39.46 4.86 32.97
CA TYR S 288 -38.55 3.73 33.18
C TYR S 288 -37.11 4.20 33.40
N GLU S 289 -36.69 5.23 32.67
CA GLU S 289 -35.38 5.86 32.89
C GLU S 289 -35.35 6.58 34.23
N TYR S 290 -36.49 7.15 34.64
CA TYR S 290 -36.63 7.78 35.95
C TYR S 290 -36.56 6.74 37.08
N ALA S 291 -37.15 5.57 36.84
CA ALA S 291 -37.07 4.46 37.79
C ALA S 291 -35.64 3.93 37.90
N GLN S 292 -34.93 3.90 36.76
CA GLN S 292 -33.52 3.52 36.72
C GLN S 292 -32.64 4.56 37.41
N LYS S 293 -33.04 5.82 37.33
CA LYS S 293 -32.29 6.92 37.96
C LYS S 293 -32.35 6.84 39.48
N LEU S 294 -33.55 6.65 40.01
CA LEU S 294 -33.76 6.55 41.46
C LEU S 294 -33.05 5.32 42.04
N GLY S 295 -33.25 4.18 41.38
CA GLY S 295 -32.60 2.93 41.78
C GLY S 295 -33.31 2.28 42.97
N GLY S 296 -32.54 1.99 44.02
CA GLY S 296 -33.08 1.37 45.23
C GLY S 296 -34.03 2.25 46.02
N GLU S 297 -33.87 3.57 45.87
CA GLU S 297 -34.71 4.55 46.56
C GLU S 297 -36.18 4.41 46.19
N ALA S 298 -36.45 4.04 44.94
CA ALA S 298 -37.82 3.92 44.42
C ALA S 298 -38.57 2.67 44.87
N GLY S 299 -37.88 1.77 45.57
CA GLY S 299 -38.49 0.51 46.03
C GLY S 299 -39.63 0.70 47.01
N PHE S 300 -39.43 1.58 48.00
CA PHE S 300 -40.43 1.84 49.03
C PHE S 300 -41.10 3.20 48.85
N TYR S 301 -41.33 3.59 47.60
CA TYR S 301 -41.97 4.88 47.28
C TYR S 301 -43.49 4.85 47.47
N HIS S 302 -44.08 3.65 47.43
CA HIS S 302 -45.53 3.51 47.67
C HIS S 302 -45.85 2.99 49.08
N ILE S 303 -44.94 2.20 49.65
CA ILE S 303 -45.06 1.74 51.03
C ILE S 303 -44.98 2.96 51.95
N LEU S 304 -43.88 3.69 51.87
CA LEU S 304 -43.83 5.06 52.37
C LEU S 304 -44.63 5.85 51.33
N ASN S 305 -45.67 6.57 51.74
CA ASN S 305 -46.46 7.33 50.76
C ASN S 305 -45.70 8.55 50.26
N ASN S 306 -44.71 8.28 49.40
CA ASN S 306 -43.82 9.30 48.87
C ASN S 306 -44.55 10.13 47.81
N PRO S 307 -44.44 11.46 47.87
CA PRO S 307 -45.01 12.34 46.84
C PRO S 307 -44.61 11.99 45.41
N LYS S 308 -43.37 11.51 45.24
CA LYS S 308 -42.83 11.17 43.92
C LYS S 308 -43.21 9.75 43.45
N ALA S 309 -44.10 9.08 44.20
CA ALA S 309 -44.57 7.74 43.82
C ALA S 309 -45.50 7.80 42.60
N SER S 310 -46.23 8.90 42.46
CA SER S 310 -47.15 9.10 41.32
C SER S 310 -46.41 9.22 40.00
N LEU S 311 -45.15 9.65 40.04
CA LEU S 311 -44.32 9.80 38.84
C LEU S 311 -43.96 8.46 38.19
N LEU S 312 -43.93 7.39 39.00
CA LEU S 312 -43.60 6.05 38.51
C LEU S 312 -44.78 5.33 37.85
N SER S 313 -45.94 5.97 37.82
CA SER S 313 -47.17 5.36 37.29
C SER S 313 -47.14 5.22 35.77
N LEU S 314 -47.50 4.04 35.29
CA LEU S 314 -47.69 3.78 33.86
C LEU S 314 -49.18 3.88 33.49
N THR S 315 -50.05 4.00 34.48
CA THR S 315 -51.49 4.09 34.28
C THR S 315 -51.89 5.32 33.46
N GLN S 316 -51.09 6.38 33.53
CA GLN S 316 -51.27 7.57 32.68
C GLN S 316 -51.21 7.25 31.18
N PHE S 317 -50.60 6.12 30.83
CA PHE S 317 -50.54 5.65 29.45
C PHE S 317 -51.54 4.50 29.25
N PRO S 318 -52.75 4.81 28.72
CA PRO S 318 -53.81 3.79 28.59
C PRO S 318 -53.46 2.59 27.72
N HIS S 319 -52.83 2.83 26.58
CA HIS S 319 -52.59 1.77 25.59
C HIS S 319 -51.49 0.81 26.03
N PHE S 320 -50.38 1.36 26.51
CA PHE S 320 -49.26 0.56 26.98
C PHE S 320 -49.64 -0.24 28.24
N SER S 321 -50.43 0.37 29.12
CA SER S 321 -50.90 -0.31 30.33
C SER S 321 -51.79 -1.51 29.99
N SER S 322 -52.62 -1.36 28.95
CA SER S 322 -53.55 -2.42 28.55
C SER S 322 -52.85 -3.67 28.03
N VAL S 323 -51.89 -3.48 27.12
CA VAL S 323 -51.11 -4.59 26.57
C VAL S 323 -50.26 -5.28 27.64
N VAL S 324 -49.71 -4.50 28.57
CA VAL S 324 -48.92 -5.03 29.69
C VAL S 324 -49.81 -5.81 30.65
N LEU S 325 -51.00 -5.26 30.94
CA LEU S 325 -51.95 -5.91 31.85
C LEU S 325 -52.60 -7.13 31.16
N GLY S 326 -52.71 -7.07 29.84
CA GLY S 326 -53.19 -8.20 29.04
C GLY S 326 -52.18 -9.33 28.97
N ASN S 327 -50.91 -8.98 28.78
CA ASN S 327 -49.82 -9.95 28.76
C ASN S 327 -49.74 -10.74 30.07
N ALA S 328 -49.94 -10.05 31.19
CA ALA S 328 -49.96 -10.67 32.51
C ALA S 328 -51.16 -11.62 32.67
N ALA S 329 -52.29 -11.24 32.08
CA ALA S 329 -53.51 -12.06 32.12
C ALA S 329 -53.37 -13.33 31.28
N GLY S 330 -52.75 -13.20 30.10
CA GLY S 330 -52.55 -14.33 29.21
C GLY S 330 -51.53 -15.33 29.73
N LEU S 331 -50.46 -14.83 30.33
CA LEU S 331 -49.47 -15.67 31.01
C LEU S 331 -50.03 -16.29 32.30
N GLY S 332 -51.10 -15.71 32.82
CA GLY S 332 -51.80 -16.26 33.98
C GLY S 332 -51.06 -16.00 35.28
N ILE S 333 -50.58 -14.78 35.45
CA ILE S 333 -49.83 -14.39 36.66
C ILE S 333 -50.61 -13.43 37.55
N MET S 334 -51.50 -12.62 36.96
CA MET S 334 -52.37 -11.73 37.74
C MET S 334 -53.59 -12.49 38.28
N GLY S 335 -54.41 -11.80 39.06
CA GLY S 335 -55.62 -12.38 39.64
C GLY S 335 -55.40 -12.75 41.11
N GLU S 336 -56.13 -12.14 42.05
CA GLU S 336 -57.17 -11.14 41.80
C GLU S 336 -56.58 -9.73 41.93
N TYR S 337 -56.04 -9.22 40.82
CA TYR S 337 -55.43 -7.90 40.76
C TYR S 337 -56.50 -6.91 40.31
N ARG S 338 -56.73 -5.88 41.11
CA ARG S 338 -57.85 -4.95 40.89
C ARG S 338 -57.52 -3.79 39.94
N GLY S 339 -56.60 -4.03 39.00
CA GLY S 339 -56.27 -3.06 37.96
C GLY S 339 -57.10 -3.33 36.71
N THR S 340 -57.76 -2.28 36.20
CA THR S 340 -58.63 -2.40 35.04
C THR S 340 -58.00 -1.71 33.82
N PRO S 341 -57.98 -2.42 32.67
CA PRO S 341 -57.40 -1.82 31.46
C PRO S 341 -58.30 -0.74 30.86
N ARG S 342 -57.71 0.41 30.53
CA ARG S 342 -58.46 1.51 29.93
C ARG S 342 -58.90 1.16 28.50
N ASN S 343 -58.00 0.56 27.73
CA ASN S 343 -58.32 0.04 26.40
C ASN S 343 -58.56 -1.47 26.48
N GLN S 344 -59.81 -1.87 26.25
CA GLN S 344 -60.22 -3.28 26.37
C GLN S 344 -59.80 -4.11 25.16
N ASP S 345 -59.80 -3.50 23.97
CA ASP S 345 -59.44 -4.19 22.73
C ASP S 345 -57.96 -4.57 22.71
N LEU S 346 -57.10 -3.67 23.16
CA LEU S 346 -55.66 -3.94 23.28
C LEU S 346 -55.36 -5.00 24.35
N TYR S 347 -56.16 -4.98 25.42
CA TYR S 347 -56.02 -5.95 26.51
C TYR S 347 -56.36 -7.37 26.04
N ASP S 348 -57.47 -7.51 25.32
CA ASP S 348 -57.90 -8.81 24.81
C ASP S 348 -56.96 -9.37 23.74
N ALA S 349 -56.42 -8.48 22.91
CA ALA S 349 -55.48 -8.87 21.87
C ALA S 349 -54.15 -9.32 22.47
N ALA S 350 -53.70 -8.62 23.50
CA ALA S 350 -52.47 -8.97 24.21
C ALA S 350 -52.63 -10.26 25.02
N LYS S 351 -53.80 -10.42 25.63
CA LYS S 351 -54.14 -11.64 26.37
C LYS S 351 -54.17 -12.87 25.45
N ALA S 352 -54.72 -12.68 24.26
CA ALA S 352 -54.83 -13.76 23.27
C ALA S 352 -53.46 -14.28 22.84
N TYR S 353 -52.54 -13.37 22.55
CA TYR S 353 -51.18 -13.75 22.14
C TYR S 353 -50.36 -14.29 23.30
N ALA S 354 -50.52 -13.69 24.48
CA ALA S 354 -49.80 -14.13 25.68
C ALA S 354 -50.17 -15.58 26.05
N GLU S 355 -51.41 -15.96 25.78
CA GLU S 355 -51.83 -17.36 25.92
C GLU S 355 -51.15 -18.24 24.87
N GLN S 356 -51.02 -17.72 23.65
CA GLN S 356 -50.31 -18.43 22.57
C GLN S 356 -48.80 -18.54 22.82
N LEU S 357 -48.24 -17.58 23.57
CA LEU S 357 -46.82 -17.58 23.91
C LEU S 357 -46.45 -18.68 24.92
N LYS S 358 -47.17 -18.71 26.04
CA LYS S 358 -46.95 -19.70 27.09
C LYS S 358 -47.34 -21.12 26.64
N GLU S 359 -47.98 -21.21 25.49
CA GLU S 359 -48.56 -22.45 25.02
C GLU S 359 -47.45 -23.45 24.72
N ASN S 360 -47.56 -24.65 25.28
CA ASN S 360 -46.70 -25.78 24.90
C ASN S 360 -45.28 -25.70 25.49
N GLY S 361 -44.28 -26.30 24.83
CA GLY S 361 -42.95 -26.48 25.41
C GLY S 361 -42.01 -27.44 24.66
N VAL S 362 -41.50 -26.99 23.51
CA VAL S 362 -40.51 -27.75 22.72
C VAL S 362 -39.11 -27.51 23.29
N ILE S 363 -38.18 -28.44 23.04
CA ILE S 363 -36.78 -28.27 23.41
C ILE S 363 -36.03 -27.49 22.33
N ASN S 364 -35.33 -26.43 22.74
CA ASN S 364 -34.47 -25.67 21.85
C ASN S 364 -33.03 -26.15 21.97
N TYR S 365 -32.54 -26.82 20.93
CA TYR S 365 -31.22 -27.45 20.94
C TYR S 365 -30.08 -26.50 20.56
N SER S 366 -30.41 -25.35 19.99
CA SER S 366 -29.42 -24.33 19.63
C SER S 366 -28.87 -23.59 20.85
N VAL S 367 -29.60 -23.63 21.96
CA VAL S 367 -29.18 -22.97 23.20
C VAL S 367 -27.99 -23.68 23.82
N LEU S 368 -28.03 -25.01 23.85
CA LEU S 368 -26.97 -25.82 24.43
C LEU S 368 -25.73 -25.79 23.54
N ASP S 369 -24.56 -26.03 24.13
CA ASP S 369 -23.30 -26.05 23.39
C ASP S 369 -22.99 -27.47 22.90
N LEU S 370 -23.94 -28.05 22.16
CA LEU S 370 -23.80 -29.41 21.65
C LEU S 370 -22.87 -29.42 20.44
N THR S 371 -21.97 -30.41 20.41
CA THR S 371 -20.98 -30.53 19.34
C THR S 371 -21.45 -31.53 18.29
N ALA T 2 -18.47 41.40 10.09
CA ALA T 2 -19.25 40.23 9.58
C ALA T 2 -20.74 40.40 9.84
N LEU T 3 -21.55 39.71 9.04
CA LEU T 3 -23.01 39.76 9.20
C LEU T 3 -23.49 38.76 10.27
N SER T 4 -22.58 37.92 10.76
CA SER T 4 -22.89 37.01 11.85
C SER T 4 -22.97 37.73 13.20
N LYS T 5 -22.25 38.85 13.32
CA LYS T 5 -22.19 39.60 14.58
C LYS T 5 -23.44 40.44 14.85
N VAL T 6 -24.09 40.92 13.79
CA VAL T 6 -25.32 41.72 13.95
C VAL T 6 -26.43 40.87 14.57
N LYS T 7 -26.50 40.91 15.90
CA LYS T 7 -27.46 40.13 16.67
C LYS T 7 -27.75 40.84 18.00
N LEU T 8 -28.82 40.43 18.66
CA LEU T 8 -29.19 41.02 19.95
C LEU T 8 -30.13 40.10 20.74
N ASN T 9 -29.59 39.50 21.80
CA ASN T 9 -30.35 38.57 22.63
C ASN T 9 -31.22 39.36 23.61
N ASP T 10 -32.40 39.76 23.15
CA ASP T 10 -33.32 40.55 23.98
C ASP T 10 -33.91 39.73 25.14
N THR T 11 -34.19 38.46 24.88
CA THR T 11 -34.77 37.57 25.89
C THR T 11 -33.86 37.42 27.12
N LEU T 12 -32.56 37.26 26.86
CA LEU T 12 -31.57 37.11 27.94
C LEU T 12 -31.27 38.45 28.63
N ASN T 13 -31.29 39.54 27.85
CA ASN T 13 -31.04 40.88 28.40
C ASN T 13 -32.19 41.40 29.24
N LYS T 14 -33.42 41.09 28.84
CA LYS T 14 -34.61 41.46 29.63
C LYS T 14 -34.58 40.76 30.99
N ASP T 15 -34.18 39.49 31.00
CA ASP T 15 -34.02 38.73 32.24
C ASP T 15 -32.90 39.30 33.11
N GLN T 16 -31.81 39.71 32.46
CA GLN T 16 -30.67 40.32 33.15
C GLN T 16 -31.04 41.66 33.79
N LEU T 17 -31.95 42.41 33.16
CA LEU T 17 -32.43 43.67 33.71
C LEU T 17 -33.23 43.46 34.99
N LEU T 18 -34.17 42.51 34.95
CA LEU T 18 -35.05 42.24 36.09
C LEU T 18 -34.34 41.50 37.21
N SER T 19 -33.39 40.65 36.87
CA SER T 19 -32.62 39.90 37.86
C SER T 19 -31.67 40.79 38.66
N SER T 20 -31.19 41.86 38.03
CA SER T 20 -30.26 42.79 38.68
C SER T 20 -30.93 44.13 39.01
N SER T 21 -32.07 44.07 39.67
CA SER T 21 -32.77 45.27 40.12
C SER T 21 -32.14 45.78 41.42
N LYS T 22 -31.84 47.08 41.46
CA LYS T 22 -31.22 47.69 42.63
C LYS T 22 -32.25 47.92 43.73
N TYR T 23 -33.50 48.13 43.32
CA TYR T 23 -34.57 48.51 44.24
C TYR T 23 -35.68 47.46 44.25
N THR T 24 -36.48 47.48 45.30
CA THR T 24 -37.54 46.48 45.49
C THR T 24 -38.86 47.12 45.90
N ILE T 25 -39.97 46.57 45.40
CA ILE T 25 -41.31 46.96 45.83
C ILE T 25 -41.84 45.93 46.83
N GLN T 26 -42.61 46.40 47.80
CA GLN T 26 -43.19 45.54 48.82
C GLN T 26 -44.68 45.85 48.98
N ARG T 27 -45.50 44.90 48.57
CA ARG T 27 -46.94 45.11 48.44
C ARG T 27 -47.65 45.04 49.78
N SER T 28 -48.73 45.81 49.92
CA SER T 28 -49.47 45.89 51.19
C SER T 28 -50.15 44.57 51.50
N THR T 29 -49.50 43.75 52.32
CA THR T 29 -50.06 42.49 52.78
C THR T 29 -51.24 42.76 53.71
N GLY T 30 -51.17 43.88 54.44
CA GLY T 30 -52.28 44.34 55.27
C GLY T 30 -51.80 44.83 56.64
N ASP T 31 -52.67 44.66 57.63
CA ASP T 31 -52.36 45.05 59.01
C ASP T 31 -51.71 43.92 59.80
N SER T 32 -52.16 42.69 59.55
CA SER T 32 -51.61 41.51 60.24
C SER T 32 -51.90 40.20 59.51
N ILE T 33 -50.99 39.25 59.65
CA ILE T 33 -51.17 37.89 59.14
C ILE T 33 -50.96 36.89 60.28
N ASP T 34 -51.85 35.91 60.37
CA ASP T 34 -51.71 34.84 61.36
C ASP T 34 -50.68 33.83 60.91
N THR T 35 -49.62 33.68 61.71
CA THR T 35 -48.53 32.74 61.40
C THR T 35 -48.47 31.66 62.49
N PRO T 36 -49.34 30.62 62.37
CA PRO T 36 -49.35 29.56 63.38
C PRO T 36 -48.14 28.65 63.29
N ASN T 37 -47.72 28.11 64.43
CA ASN T 37 -46.55 27.24 64.51
C ASN T 37 -46.99 25.77 64.55
N TYR T 38 -46.05 24.86 64.84
CA TYR T 38 -46.32 23.42 64.83
C TYR T 38 -47.21 22.99 65.99
N ASP T 39 -47.16 23.73 67.10
CA ASP T 39 -47.96 23.41 68.29
C ASP T 39 -49.46 23.56 68.05
N VAL T 40 -49.84 24.52 67.21
CA VAL T 40 -51.24 24.80 66.90
C VAL T 40 -51.77 23.93 65.74
N GLN T 41 -50.85 23.37 64.95
CA GLN T 41 -51.21 22.54 63.79
C GLN T 41 -52.28 21.50 64.09
N LYS T 42 -52.15 20.82 65.23
CA LYS T 42 -53.04 19.73 65.61
C LYS T 42 -54.45 20.24 65.96
N HIS T 43 -54.53 21.50 66.42
CA HIS T 43 -55.81 22.14 66.71
C HIS T 43 -56.54 22.53 65.42
N ILE T 44 -55.79 22.95 64.40
CA ILE T 44 -56.37 23.36 63.12
C ILE T 44 -56.88 22.14 62.36
N ASN T 45 -56.16 21.02 62.46
CA ASN T 45 -56.61 19.75 61.89
C ASN T 45 -57.95 19.31 62.48
N LYS T 46 -58.13 19.56 63.77
CA LYS T 46 -59.39 19.29 64.46
C LYS T 46 -60.49 20.23 63.95
N LEU T 47 -60.13 21.51 63.75
CA LEU T 47 -61.05 22.51 63.21
C LEU T 47 -61.44 22.17 61.76
N CYS T 48 -60.48 21.67 61.00
CA CYS T 48 -60.73 21.20 59.64
C CYS T 48 -61.65 19.97 59.64
N GLY T 49 -61.47 19.10 60.62
CA GLY T 49 -62.32 17.92 60.79
C GLY T 49 -63.75 18.26 61.14
N MET T 50 -63.93 19.28 61.99
CA MET T 50 -65.26 19.74 62.39
C MET T 50 -66.10 20.19 61.20
N LEU T 51 -65.48 20.93 60.28
CA LEU T 51 -66.14 21.37 59.05
C LEU T 51 -66.50 20.17 58.15
N LEU T 52 -65.64 19.15 58.15
CA LEU T 52 -65.85 17.96 57.32
C LEU T 52 -66.98 17.06 57.81
N ILE T 53 -67.12 16.92 59.13
CA ILE T 53 -68.20 16.09 59.70
C ILE T 53 -69.55 16.80 59.71
N THR T 54 -69.54 18.12 59.60
CA THR T 54 -70.78 18.92 59.61
C THR T 54 -71.55 18.74 58.31
N GLU T 55 -72.79 18.30 58.41
CA GLU T 55 -73.66 18.12 57.25
C GLU T 55 -74.15 19.49 56.76
N ASP T 56 -73.97 19.75 55.47
CA ASP T 56 -74.28 21.06 54.88
C ASP T 56 -73.57 22.19 55.63
N ALA T 57 -72.24 22.09 55.69
CA ALA T 57 -71.42 23.02 56.46
C ALA T 57 -71.25 24.36 55.75
N ASN T 58 -71.01 25.40 56.54
CA ASN T 58 -70.71 26.73 56.00
C ASN T 58 -69.22 26.85 55.73
N HIS T 59 -68.82 26.66 54.47
CA HIS T 59 -67.43 26.78 54.07
C HIS T 59 -67.12 28.21 53.58
N LYS T 60 -67.44 29.18 54.42
CA LYS T 60 -67.12 30.59 54.15
C LYS T 60 -65.68 30.89 54.55
N PHE T 61 -65.22 30.19 55.59
CA PHE T 61 -63.90 30.44 56.19
C PHE T 61 -62.91 29.30 55.94
N THR T 62 -63.34 28.26 55.22
CA THR T 62 -62.53 27.06 55.02
C THR T 62 -61.29 27.32 54.15
N GLY T 63 -61.42 28.26 53.21
CA GLY T 63 -60.28 28.70 52.40
C GLY T 63 -59.21 29.35 53.27
N LEU T 64 -59.66 30.14 54.24
CA LEU T 64 -58.76 30.79 55.20
C LEU T 64 -58.21 29.77 56.21
N ILE T 65 -59.10 28.92 56.72
CA ILE T 65 -58.70 27.86 57.67
C ILE T 65 -57.75 26.86 57.01
N GLY T 66 -57.94 26.62 55.71
CA GLY T 66 -57.02 25.77 54.95
C GLY T 66 -55.61 26.33 54.89
N MET T 67 -55.50 27.64 54.65
CA MET T 67 -54.21 28.32 54.64
C MET T 67 -53.53 28.28 56.02
N LEU T 68 -54.33 28.39 57.08
CA LEU T 68 -53.80 28.31 58.45
C LEU T 68 -53.18 26.95 58.75
N TYR T 69 -53.76 25.88 58.20
CA TYR T 69 -53.20 24.54 58.36
C TYR T 69 -51.92 24.37 57.56
N ALA T 70 -51.89 24.94 56.35
CA ALA T 70 -50.70 24.90 55.50
C ALA T 70 -49.54 25.68 56.13
N MET T 71 -49.86 26.82 56.75
CA MET T 71 -48.86 27.64 57.43
C MET T 71 -48.39 27.01 58.74
N SER T 72 -49.29 26.30 59.43
CA SER T 72 -48.94 25.59 60.66
C SER T 72 -48.02 24.40 60.39
N ARG T 73 -48.20 23.77 59.23
CA ARG T 73 -47.30 22.70 58.78
C ARG T 73 -45.91 23.24 58.46
N LEU T 74 -45.87 24.41 57.82
CA LEU T 74 -44.61 25.10 57.52
C LEU T 74 -43.92 25.56 58.80
N GLY T 75 -44.67 26.20 59.68
CA GLY T 75 -44.15 26.71 60.95
C GLY T 75 -43.86 28.19 60.87
N ARG T 76 -44.10 28.89 61.98
CA ARG T 76 -43.98 30.36 62.05
C ARG T 76 -42.71 30.90 61.39
N GLU T 77 -41.58 30.27 61.67
CA GLU T 77 -40.30 30.72 61.11
C GLU T 77 -40.23 30.63 59.59
N ASP T 78 -40.70 29.51 59.03
CA ASP T 78 -40.67 29.30 57.59
C ASP T 78 -41.71 30.15 56.86
N THR T 79 -42.96 30.09 57.29
CA THR T 79 -44.04 30.84 56.64
C THR T 79 -43.79 32.36 56.62
N ILE T 80 -43.12 32.88 57.65
CA ILE T 80 -42.68 34.29 57.63
C ILE T 80 -41.56 34.46 56.59
N LYS T 81 -40.66 33.49 56.53
CA LYS T 81 -39.55 33.51 55.56
C LYS T 81 -40.05 33.48 54.11
N ILE T 82 -41.15 32.76 53.85
CA ILE T 82 -41.68 32.65 52.48
C ILE T 82 -42.44 33.90 52.07
N LEU T 83 -43.08 34.57 53.03
CA LEU T 83 -43.75 35.85 52.75
C LEU T 83 -42.75 36.96 52.46
N ARG T 84 -41.66 37.00 53.23
CA ARG T 84 -40.61 38.02 53.03
C ARG T 84 -39.83 37.80 51.74
N ASP T 85 -39.55 36.53 51.41
CA ASP T 85 -38.88 36.19 50.15
C ASP T 85 -39.75 36.50 48.93
N ALA T 86 -41.06 36.38 49.09
CA ALA T 86 -42.01 36.74 48.03
C ALA T 86 -42.01 38.25 47.76
N GLY T 87 -41.80 39.03 48.82
CA GLY T 87 -41.76 40.49 48.72
C GLY T 87 -42.95 41.13 49.40
N TYR T 88 -43.10 40.83 50.69
CA TYR T 88 -44.21 41.36 51.49
C TYR T 88 -43.76 41.72 52.90
N HIS T 89 -44.17 42.90 53.37
CA HIS T 89 -43.98 43.29 54.77
C HIS T 89 -45.05 42.60 55.62
N VAL T 90 -44.62 41.83 56.61
CA VAL T 90 -45.54 41.00 57.41
C VAL T 90 -45.50 41.32 58.90
N LYS T 91 -46.65 41.72 59.43
CA LYS T 91 -46.85 41.90 60.86
C LYS T 91 -47.38 40.57 61.41
N ALA T 92 -46.46 39.71 61.85
CA ALA T 92 -46.80 38.35 62.26
C ALA T 92 -47.61 38.32 63.56
N ASN T 93 -48.78 37.68 63.50
CA ASN T 93 -49.63 37.49 64.68
C ASN T 93 -49.46 36.07 65.23
N GLY T 94 -49.09 35.98 66.50
CA GLY T 94 -48.87 34.68 67.15
C GLY T 94 -50.18 33.98 67.48
N VAL T 95 -50.33 32.75 67.00
CA VAL T 95 -51.54 31.96 67.23
C VAL T 95 -51.35 31.09 68.46
N ASP T 96 -52.18 31.29 69.48
CA ASP T 96 -52.13 30.54 70.73
C ASP T 96 -53.51 29.97 71.07
N VAL T 97 -53.52 28.83 71.77
CA VAL T 97 -54.76 28.17 72.17
C VAL T 97 -55.23 28.72 73.52
N THR T 98 -56.46 29.21 73.55
CA THR T 98 -57.06 29.75 74.78
C THR T 98 -58.48 29.22 74.99
N THR T 99 -58.84 28.98 76.24
CA THR T 99 -60.15 28.45 76.58
C THR T 99 -61.16 29.58 76.77
N HIS T 100 -62.19 29.59 75.92
CA HIS T 100 -63.22 30.63 75.95
C HIS T 100 -64.51 30.08 76.58
N ARG T 101 -65.03 30.80 77.57
CA ARG T 101 -66.26 30.42 78.26
C ARG T 101 -67.43 31.28 77.80
N GLN T 102 -68.46 30.62 77.25
CA GLN T 102 -69.66 31.32 76.77
C GLN T 102 -70.90 30.45 77.05
N ASP T 103 -71.99 31.10 77.42
CA ASP T 103 -73.22 30.40 77.79
C ASP T 103 -74.20 30.28 76.62
N ILE T 104 -74.07 29.20 75.86
CA ILE T 104 -74.97 28.91 74.75
C ILE T 104 -76.20 28.17 75.28
N ASN T 105 -77.38 28.69 74.94
CA ASN T 105 -78.67 28.13 75.39
C ASN T 105 -78.80 28.05 76.92
N GLY T 106 -78.25 29.05 77.61
CA GLY T 106 -78.33 29.12 79.08
C GLY T 106 -77.17 28.46 79.78
N LYS T 107 -76.82 27.24 79.35
CA LYS T 107 -75.76 26.46 79.99
C LYS T 107 -74.39 26.98 79.59
N GLU T 108 -73.53 27.21 80.59
CA GLU T 108 -72.18 27.72 80.36
C GLU T 108 -71.30 26.62 79.77
N MET T 109 -70.68 26.91 78.61
CA MET T 109 -69.87 25.92 77.89
C MET T 109 -68.46 26.42 77.65
N LYS T 110 -67.50 25.49 77.64
CA LYS T 110 -66.09 25.79 77.36
C LYS T 110 -65.76 25.47 75.91
N PHE T 111 -64.86 26.26 75.33
CA PHE T 111 -64.41 26.07 73.94
C PHE T 111 -62.94 26.40 73.79
N GLU T 112 -62.18 25.48 73.20
CA GLU T 112 -60.78 25.74 72.86
C GLU T 112 -60.71 26.49 71.54
N VAL T 113 -60.24 27.74 71.59
CA VAL T 113 -60.20 28.60 70.40
C VAL T 113 -58.80 29.17 70.17
N LEU T 114 -58.50 29.49 68.92
CA LEU T 114 -57.21 30.07 68.53
C LEU T 114 -57.27 31.59 68.56
N THR T 115 -56.17 32.22 68.95
CA THR T 115 -56.06 33.68 68.95
C THR T 115 -55.73 34.17 67.55
N LEU T 116 -56.73 34.16 66.67
CA LEU T 116 -56.56 34.54 65.27
C LEU T 116 -57.13 35.93 65.01
N ALA T 117 -56.42 36.71 64.20
CA ALA T 117 -56.87 38.04 63.80
C ALA T 117 -57.89 37.94 62.67
N SER T 118 -57.59 37.09 61.68
CA SER T 118 -58.46 36.89 60.52
C SER T 118 -59.75 36.17 60.87
N LEU T 119 -59.69 35.27 61.86
CA LEU T 119 -60.84 34.48 62.27
C LEU T 119 -61.27 34.84 63.70
N THR T 120 -62.53 35.25 63.85
CA THR T 120 -63.05 35.67 65.15
C THR T 120 -63.31 34.46 66.05
N THR T 121 -63.21 34.66 67.37
CA THR T 121 -63.52 33.61 68.34
C THR T 121 -65.02 33.31 68.39
N GLU T 122 -65.85 34.23 67.91
CA GLU T 122 -67.30 34.07 67.90
C GLU T 122 -67.73 33.08 66.81
N ILE T 123 -67.02 33.07 65.68
CA ILE T 123 -67.34 32.18 64.57
C ILE T 123 -66.64 30.82 64.72
N GLN T 124 -65.53 30.79 65.46
CA GLN T 124 -64.82 29.54 65.75
C GLN T 124 -65.67 28.57 66.58
N ILE T 125 -66.34 29.11 67.60
CA ILE T 125 -67.22 28.29 68.45
C ILE T 125 -68.44 27.77 67.68
N ASN T 126 -68.92 28.54 66.71
CA ASN T 126 -70.06 28.13 65.89
C ASN T 126 -69.72 26.97 64.94
N ILE T 127 -68.46 26.87 64.55
CA ILE T 127 -67.98 25.72 63.77
C ILE T 127 -67.99 24.47 64.64
N GLU T 128 -67.60 24.62 65.90
CA GLU T 128 -67.61 23.51 66.85
C GLU T 128 -69.02 23.17 67.32
N ILE T 129 -69.88 24.17 67.46
CA ILE T 129 -71.27 23.96 67.86
C ILE T 129 -72.05 23.18 66.80
N GLU T 130 -71.93 23.60 65.55
CA GLU T 130 -72.63 22.92 64.44
C GLU T 130 -72.07 21.53 64.15
N SER T 131 -70.80 21.30 64.47
CA SER T 131 -70.18 19.99 64.30
C SER T 131 -70.67 19.00 65.37
N ARG T 132 -70.85 19.49 66.60
CA ARG T 132 -71.40 18.69 67.69
C ARG T 132 -72.83 18.23 67.41
N LYS T 133 -73.61 19.07 66.72
CA LYS T 133 -74.97 18.72 66.30
C LYS T 133 -74.92 17.56 65.29
N SER T 134 -74.05 17.68 64.31
CA SER T 134 -73.88 16.65 63.29
C SER T 134 -73.20 15.39 63.85
N TYR T 135 -72.38 15.56 64.88
CA TYR T 135 -71.70 14.44 65.53
C TYR T 135 -72.69 13.56 66.30
N LYS T 136 -73.56 14.18 67.07
CA LYS T 136 -74.56 13.42 67.85
C LYS T 136 -75.63 12.80 66.95
N LYS T 137 -75.92 13.45 65.83
CA LYS T 137 -76.82 12.90 64.81
C LYS T 137 -76.18 11.69 64.15
N MET T 138 -74.88 11.80 63.88
CA MET T 138 -74.10 10.70 63.33
C MET T 138 -73.96 9.56 64.35
N LEU T 139 -73.76 9.92 65.61
CA LEU T 139 -73.65 8.95 66.71
C LEU T 139 -74.97 8.21 66.93
N LYS T 140 -76.09 8.89 66.69
CA LYS T 140 -77.41 8.31 66.85
C LYS T 140 -77.75 7.32 65.74
N GLU T 141 -77.17 7.54 64.56
CA GLU T 141 -77.45 6.70 63.38
C GLU T 141 -76.65 5.40 63.37
N MET T 142 -75.35 5.49 63.63
CA MET T 142 -74.46 4.31 63.57
C MET T 142 -73.97 3.83 64.95
N GLY T 143 -74.49 4.43 66.02
CA GLY T 143 -74.13 4.02 67.38
C GLY T 143 -72.72 4.46 67.76
N GLU T 144 -71.73 3.73 67.27
CA GLU T 144 -70.32 4.04 67.51
C GLU T 144 -69.68 4.56 66.23
N VAL T 145 -69.13 5.77 66.28
CA VAL T 145 -68.45 6.36 65.13
C VAL T 145 -67.01 5.85 65.05
N ALA T 146 -66.59 5.46 63.84
CA ALA T 146 -65.26 4.90 63.62
C ALA T 146 -64.21 6.01 63.47
N PRO T 147 -62.92 5.66 63.56
CA PRO T 147 -61.83 6.63 63.38
C PRO T 147 -61.83 7.35 62.02
N GLU T 148 -62.40 6.72 60.99
CA GLU T 148 -62.43 7.29 59.65
C GLU T 148 -63.45 8.44 59.55
N TYR T 149 -64.61 8.25 60.17
CA TYR T 149 -65.71 9.21 60.07
C TYR T 149 -65.58 10.42 60.98
N ARG T 150 -64.71 10.34 61.99
CA ARG T 150 -64.61 11.39 63.01
C ARG T 150 -63.64 12.52 62.63
N HIS T 151 -63.74 13.62 63.36
CA HIS T 151 -62.94 14.83 63.12
C HIS T 151 -61.48 14.72 63.59
N ASP T 152 -61.20 13.76 64.46
CA ASP T 152 -59.86 13.61 65.06
C ASP T 152 -58.82 13.04 64.09
N SER T 153 -59.27 12.46 62.98
CA SER T 153 -58.37 11.86 61.99
C SER T 153 -57.33 12.86 61.48
N PRO T 154 -56.08 12.40 61.28
CA PRO T 154 -55.01 13.30 60.80
C PRO T 154 -55.15 13.72 59.33
N ASP T 155 -55.98 13.00 58.57
CA ASP T 155 -56.20 13.31 57.15
C ASP T 155 -57.02 14.58 56.96
N CYS T 156 -57.92 14.87 57.89
CA CYS T 156 -58.88 15.99 57.79
C CYS T 156 -58.28 17.28 57.24
N GLY T 157 -57.12 17.67 57.74
CA GLY T 157 -56.46 18.90 57.32
C GLY T 157 -56.00 18.86 55.87
N MET T 158 -55.42 17.74 55.46
CA MET T 158 -54.95 17.57 54.08
C MET T 158 -56.10 17.32 53.09
N ILE T 159 -57.19 16.72 53.58
CA ILE T 159 -58.38 16.49 52.74
C ILE T 159 -58.96 17.82 52.23
N ILE T 160 -58.95 18.84 53.08
CA ILE T 160 -59.39 20.18 52.70
C ILE T 160 -58.39 20.83 51.74
N LEU T 161 -57.10 20.56 51.94
CA LEU T 161 -56.05 21.07 51.04
C LEU T 161 -55.97 20.32 49.71
N CYS T 162 -56.61 19.16 49.62
CA CYS T 162 -56.65 18.39 48.36
C CYS T 162 -57.42 19.14 47.27
N ILE T 163 -58.59 19.68 47.62
CA ILE T 163 -59.36 20.50 46.68
C ILE T 163 -58.78 21.90 46.51
N ALA T 164 -57.94 22.32 47.45
CA ALA T 164 -57.15 23.55 47.30
C ALA T 164 -56.13 23.38 46.18
N ALA T 165 -55.56 22.18 46.07
CA ALA T 165 -54.64 21.83 44.99
C ALA T 165 -55.37 21.72 43.65
N LEU T 166 -56.63 21.34 43.68
CA LEU T 166 -57.48 21.33 42.49
C LEU T 166 -57.83 22.74 42.04
N VAL T 167 -58.05 23.64 43.00
CA VAL T 167 -58.30 25.06 42.71
C VAL T 167 -57.04 25.70 42.11
N ILE T 168 -55.88 25.39 42.68
CA ILE T 168 -54.61 25.92 42.20
C ILE T 168 -54.27 25.37 40.81
N THR T 169 -54.77 24.18 40.52
CA THR T 169 -54.62 23.55 39.20
C THR T 169 -55.33 24.34 38.10
N LYS T 170 -56.48 24.95 38.43
CA LYS T 170 -57.27 25.71 37.46
C LYS T 170 -57.24 27.24 37.72
N LEU T 171 -56.18 27.72 38.35
CA LEU T 171 -56.01 29.17 38.56
C LEU T 171 -55.48 29.88 37.32
N ALA T 172 -54.92 29.13 36.38
CA ALA T 172 -54.35 29.70 35.15
C ALA T 172 -55.38 30.51 34.35
N ALA T 173 -56.62 30.02 34.32
CA ALA T 173 -57.72 30.72 33.65
C ALA T 173 -57.98 32.07 34.32
N GLY T 174 -58.05 32.07 35.65
CA GLY T 174 -58.18 33.29 36.43
C GLY T 174 -59.56 33.93 36.38
N ASP T 175 -60.60 33.11 36.40
CA ASP T 175 -61.98 33.60 36.41
C ASP T 175 -63.00 32.57 36.94
N ARG T 176 -62.55 31.69 37.84
CA ARG T 176 -63.38 30.61 38.39
C ARG T 176 -64.10 29.77 37.33
N SER T 177 -63.50 29.63 36.15
CA SER T 177 -64.10 28.87 35.06
C SER T 177 -63.87 27.37 35.24
N GLY T 178 -62.76 27.01 35.89
CA GLY T 178 -62.42 25.61 36.14
C GLY T 178 -63.19 24.95 37.28
N LEU T 179 -63.97 25.74 38.02
CA LEU T 179 -64.76 25.24 39.15
C LEU T 179 -65.53 23.95 38.83
N THR T 180 -66.06 23.86 37.62
CA THR T 180 -66.78 22.66 37.16
C THR T 180 -65.84 21.46 37.10
N ALA T 181 -64.63 21.67 36.59
CA ALA T 181 -63.61 20.62 36.54
C ALA T 181 -63.04 20.29 37.91
N VAL T 182 -62.99 21.28 38.80
CA VAL T 182 -62.52 21.10 40.17
C VAL T 182 -63.46 20.18 40.95
N ILE T 183 -64.76 20.39 40.77
CA ILE T 183 -65.78 19.56 41.41
C ILE T 183 -65.81 18.16 40.78
N ARG T 184 -65.69 18.13 39.45
CA ARG T 184 -65.67 16.87 38.69
C ARG T 184 -64.55 15.96 39.16
N ARG T 185 -63.33 16.49 39.20
CA ARG T 185 -62.16 15.72 39.67
C ARG T 185 -62.27 15.38 41.15
N ALA T 186 -62.82 16.29 41.95
CA ALA T 186 -63.02 16.05 43.38
C ALA T 186 -64.02 14.91 43.66
N ASN T 187 -64.77 14.50 42.64
CA ASN T 187 -65.65 13.33 42.73
C ASN T 187 -64.97 12.06 42.18
N ASN T 188 -64.17 12.21 41.13
CA ASN T 188 -63.38 11.10 40.59
C ASN T 188 -62.22 10.78 41.52
N VAL T 189 -61.47 11.81 41.88
CA VAL T 189 -60.45 11.73 42.93
C VAL T 189 -61.20 11.87 44.24
N LEU T 190 -60.57 11.47 45.34
CA LEU T 190 -61.05 11.82 46.68
C LEU T 190 -62.44 11.24 46.98
N LYS T 191 -62.80 10.16 46.28
CA LYS T 191 -64.14 9.57 46.38
C LYS T 191 -64.36 8.84 47.70
N ASN T 192 -63.32 8.16 48.18
CA ASN T 192 -63.37 7.50 49.49
C ASN T 192 -63.50 8.52 50.63
N GLU T 193 -62.89 9.69 50.45
CA GLU T 193 -62.92 10.75 51.46
C GLU T 193 -64.31 11.37 51.60
N MET T 194 -65.03 11.50 50.48
CA MET T 194 -66.39 12.06 50.49
C MET T 194 -67.41 11.14 51.15
N LYS T 195 -67.15 9.83 51.12
CA LYS T 195 -68.01 8.86 51.80
C LYS T 195 -67.94 9.03 53.32
N ARG T 196 -66.71 9.21 53.82
CA ARG T 196 -66.46 9.28 55.27
C ARG T 196 -66.61 10.67 55.87
N TYR T 197 -66.94 11.67 55.05
CA TYR T 197 -67.19 13.03 55.54
C TYR T 197 -68.35 13.68 54.79
N LYS T 198 -69.41 14.01 55.53
CA LYS T 198 -70.61 14.64 54.96
C LYS T 198 -70.32 16.05 54.45
N GLY T 199 -69.48 16.78 55.18
CA GLY T 199 -69.15 18.16 54.85
C GLY T 199 -67.99 18.35 53.89
N LEU T 200 -67.72 17.33 53.06
CA LEU T 200 -66.76 17.46 51.98
C LEU T 200 -67.52 17.90 50.73
N LEU T 201 -67.75 19.20 50.62
CA LEU T 201 -68.50 19.80 49.52
C LEU T 201 -67.52 20.48 48.55
N PRO T 202 -67.21 19.82 47.41
CA PRO T 202 -66.24 20.38 46.45
C PRO T 202 -66.57 21.80 46.00
N LYS T 203 -67.84 22.08 45.69
CA LYS T 203 -68.25 23.39 45.21
C LYS T 203 -68.07 24.47 46.28
N ASP T 204 -68.47 24.15 47.52
CA ASP T 204 -68.41 25.11 48.63
C ASP T 204 -66.98 25.41 49.07
N ILE T 205 -66.15 24.38 49.11
CA ILE T 205 -64.76 24.52 49.57
C ILE T 205 -63.89 25.16 48.48
N ALA T 206 -64.10 24.77 47.23
CA ALA T 206 -63.34 25.32 46.10
C ALA T 206 -63.56 26.83 45.96
N ASN T 207 -64.82 27.25 46.07
CA ASN T 207 -65.17 28.68 46.03
C ASN T 207 -64.53 29.46 47.18
N SER T 208 -64.34 28.80 48.32
CA SER T 208 -63.68 29.42 49.47
C SER T 208 -62.20 29.66 49.18
N PHE T 209 -61.55 28.67 48.58
CA PHE T 209 -60.14 28.81 48.18
C PHE T 209 -59.98 29.77 46.99
N TYR T 210 -60.94 29.76 46.07
CA TYR T 210 -60.98 30.74 44.99
C TYR T 210 -61.08 32.17 45.53
N GLU T 211 -61.87 32.34 46.60
CA GLU T 211 -62.06 33.65 47.22
C GLU T 211 -60.80 34.12 47.96
N VAL T 212 -60.18 33.23 48.72
CA VAL T 212 -59.02 33.59 49.53
C VAL T 212 -57.76 33.86 48.68
N PHE T 213 -57.63 33.16 47.56
CA PHE T 213 -56.52 33.42 46.64
C PHE T 213 -56.72 34.72 45.85
N GLU T 214 -57.98 35.03 45.55
CA GLU T 214 -58.32 36.30 44.86
C GLU T 214 -58.17 37.49 45.79
N LYS T 215 -58.73 37.39 46.99
CA LYS T 215 -58.66 38.47 47.99
C LYS T 215 -57.25 38.65 48.54
N HIS T 216 -56.52 37.54 48.69
CA HIS T 216 -55.16 37.56 49.22
C HIS T 216 -54.20 36.82 48.26
N PRO T 217 -53.61 37.56 47.31
CA PRO T 217 -52.65 36.97 46.36
C PRO T 217 -51.37 36.42 46.99
N HIS T 218 -51.03 36.90 48.18
CA HIS T 218 -49.86 36.40 48.91
C HIS T 218 -50.07 34.97 49.46
N PHE T 219 -51.33 34.59 49.71
CA PHE T 219 -51.63 33.25 50.19
C PHE T 219 -51.50 32.17 49.11
N ILE T 220 -51.56 32.56 47.84
CA ILE T 220 -51.39 31.59 46.73
C ILE T 220 -49.91 31.26 46.63
N ASP T 221 -49.06 32.25 46.95
CA ASP T 221 -47.61 32.05 47.04
C ASP T 221 -47.26 31.17 48.24
N VAL T 222 -48.02 31.32 49.33
CA VAL T 222 -47.84 30.50 50.53
C VAL T 222 -48.23 29.05 50.27
N PHE T 223 -49.32 28.84 49.54
CA PHE T 223 -49.80 27.49 49.24
C PHE T 223 -48.89 26.75 48.26
N VAL T 224 -48.41 27.45 47.23
CA VAL T 224 -47.52 26.85 46.24
C VAL T 224 -46.21 26.38 46.89
N HIS T 225 -45.62 27.24 47.73
CA HIS T 225 -44.38 26.90 48.42
C HIS T 225 -44.60 25.91 49.57
N PHE T 226 -45.84 25.82 50.06
CA PHE T 226 -46.22 24.76 50.99
C PHE T 226 -46.31 23.42 50.24
N GLY T 227 -46.96 23.45 49.08
CA GLY T 227 -47.14 22.26 48.26
C GLY T 227 -45.84 21.66 47.76
N ILE T 228 -44.88 22.52 47.43
CA ILE T 228 -43.53 22.08 47.04
C ILE T 228 -42.80 21.50 48.24
N ALA T 229 -42.95 22.14 49.40
CA ALA T 229 -42.37 21.65 50.65
C ALA T 229 -43.03 20.35 51.11
N GLN T 230 -44.34 20.24 50.88
CA GLN T 230 -45.10 19.02 51.18
C GLN T 230 -44.69 17.88 50.24
N SER T 231 -44.47 18.21 48.97
CA SER T 231 -44.05 17.23 47.98
C SER T 231 -42.57 16.86 48.08
N SER T 232 -41.81 17.61 48.88
CA SER T 232 -40.39 17.31 49.11
C SER T 232 -40.15 16.30 50.22
N THR T 233 -41.21 15.88 50.92
CA THR T 233 -41.07 14.94 52.03
C THR T 233 -40.72 13.52 51.59
N ARG T 234 -40.30 12.70 52.54
CA ARG T 234 -39.85 11.33 52.27
C ARG T 234 -41.03 10.36 52.12
N GLY T 235 -42.10 10.61 52.87
CA GLY T 235 -43.30 9.78 52.81
C GLY T 235 -44.29 10.10 53.93
N GLY T 236 -45.57 9.86 53.68
CA GLY T 236 -46.63 10.16 54.64
C GLY T 236 -47.81 9.20 54.59
N SER T 237 -49.00 9.73 54.31
CA SER T 237 -50.21 8.92 54.17
C SER T 237 -50.72 8.98 52.72
N ARG T 238 -51.73 8.17 52.41
CA ARG T 238 -52.28 8.14 51.04
C ARG T 238 -52.99 9.44 50.68
N VAL T 239 -53.58 10.10 51.67
CA VAL T 239 -54.22 11.41 51.47
C VAL T 239 -53.18 12.48 51.15
N GLU T 240 -52.00 12.36 51.73
CA GLU T 240 -50.87 13.23 51.38
C GLU T 240 -50.33 12.88 49.99
N GLY T 241 -50.46 11.61 49.61
CA GLY T 241 -50.18 11.17 48.24
C GLY T 241 -51.17 11.73 47.24
N ILE T 242 -52.43 11.90 47.66
CA ILE T 242 -53.45 12.55 46.82
C ILE T 242 -53.07 14.00 46.56
N PHE T 243 -52.78 14.72 47.64
CA PHE T 243 -52.39 16.12 47.55
C PHE T 243 -51.17 16.33 46.66
N ALA T 244 -50.15 15.48 46.84
CA ALA T 244 -48.91 15.58 46.07
C ALA T 244 -49.15 15.37 44.57
N GLY T 245 -50.00 14.39 44.24
CA GLY T 245 -50.35 14.12 42.85
C GLY T 245 -51.21 15.23 42.24
N LEU T 246 -52.20 15.69 42.99
CA LEU T 246 -53.09 16.77 42.54
C LEU T 246 -52.37 18.11 42.45
N PHE T 247 -51.39 18.32 43.32
CA PHE T 247 -50.59 19.55 43.30
C PHE T 247 -49.67 19.60 42.08
N MET T 248 -49.07 18.47 41.73
CA MET T 248 -48.17 18.39 40.58
C MET T 248 -48.90 18.40 39.23
N ASN T 249 -50.21 18.22 39.24
CA ASN T 249 -51.03 18.43 38.05
C ASN T 249 -51.10 19.91 37.68
N ALA T 250 -50.91 20.77 38.68
CA ALA T 250 -50.86 22.22 38.47
C ALA T 250 -49.58 22.65 37.74
N TYR T 251 -48.50 21.89 37.91
CA TYR T 251 -47.23 22.19 37.24
C TYR T 251 -47.45 22.30 35.73
N GLY T 252 -46.99 23.42 35.16
CA GLY T 252 -47.14 23.67 33.73
C GLY T 252 -48.50 24.24 33.34
N ALA T 253 -49.26 24.72 34.32
CA ALA T 253 -50.53 25.39 34.05
C ALA T 253 -50.26 26.78 33.49
N GLY T 254 -51.16 27.24 32.62
CA GLY T 254 -50.99 28.53 31.95
C GLY T 254 -49.95 28.50 30.85
N GLN T 255 -49.57 27.31 30.40
CA GLN T 255 -48.56 27.15 29.36
C GLN T 255 -48.68 25.76 28.71
N VAL T 256 -49.90 25.43 28.30
CA VAL T 256 -50.19 24.16 27.64
C VAL T 256 -49.72 24.15 26.19
N MET T 257 -49.72 25.32 25.56
CA MET T 257 -49.24 25.47 24.17
C MET T 257 -47.76 25.08 24.05
N LEU T 258 -47.03 25.23 25.15
CA LEU T 258 -45.62 24.82 25.23
C LEU T 258 -45.51 23.30 25.15
N ARG T 259 -46.40 22.59 25.83
CA ARG T 259 -46.41 21.12 25.83
C ARG T 259 -46.96 20.56 24.52
N TRP T 260 -48.01 21.17 23.99
CA TRP T 260 -48.59 20.75 22.72
C TRP T 260 -47.66 21.01 21.53
N GLY T 261 -46.74 21.96 21.67
CA GLY T 261 -45.74 22.23 20.64
C GLY T 261 -44.72 21.10 20.52
N VAL T 262 -44.40 20.46 21.65
CA VAL T 262 -43.52 19.30 21.66
C VAL T 262 -44.24 18.07 21.10
N LEU T 263 -45.56 18.00 21.33
CA LEU T 263 -46.39 16.92 20.81
C LEU T 263 -46.47 16.96 19.28
N ALA T 264 -46.65 18.15 18.72
CA ALA T 264 -46.67 18.34 17.27
C ALA T 264 -45.34 17.96 16.64
N LYS T 265 -44.25 18.25 17.36
CA LYS T 265 -42.90 17.87 16.96
C LYS T 265 -42.69 16.35 17.09
N SER T 266 -43.28 15.76 18.13
CA SER T 266 -43.18 14.32 18.37
C SER T 266 -43.92 13.51 17.31
N VAL T 267 -45.17 13.90 17.03
CA VAL T 267 -45.99 13.24 16.01
C VAL T 267 -45.59 13.62 14.58
N LYS T 268 -44.74 14.63 14.45
CA LYS T 268 -44.21 15.08 13.15
C LYS T 268 -45.30 15.62 12.22
N ASN T 269 -46.01 16.65 12.70
CA ASN T 269 -47.02 17.31 11.87
C ASN T 269 -46.35 18.09 10.75
N ILE T 270 -46.77 17.81 9.51
CA ILE T 270 -46.10 18.33 8.32
C ILE T 270 -46.19 19.86 8.17
N MET T 271 -47.23 20.46 8.76
CA MET T 271 -47.41 21.92 8.68
C MET T 271 -46.39 22.72 9.52
N LEU T 272 -45.61 22.02 10.35
CA LEU T 272 -44.45 22.64 11.02
C LEU T 272 -43.39 23.10 10.02
N GLY T 273 -43.23 22.33 8.93
CA GLY T 273 -42.27 22.65 7.88
C GLY T 273 -42.71 23.75 6.92
N HIS T 274 -43.93 24.28 7.12
CA HIS T 274 -44.46 25.37 6.30
C HIS T 274 -43.59 26.62 6.43
N ALA T 275 -43.51 27.40 5.35
CA ALA T 275 -42.56 28.52 5.25
C ALA T 275 -42.75 29.59 6.33
N SER T 276 -43.99 30.06 6.50
CA SER T 276 -44.29 31.09 7.49
C SER T 276 -44.11 30.60 8.93
N VAL T 277 -44.23 29.29 9.13
CA VAL T 277 -43.93 28.67 10.42
C VAL T 277 -42.42 28.63 10.65
N GLN T 278 -41.67 28.33 9.57
CA GLN T 278 -40.20 28.25 9.64
C GLN T 278 -39.53 29.62 9.85
N ALA T 279 -40.22 30.70 9.48
CA ALA T 279 -39.72 32.05 9.72
C ALA T 279 -39.68 32.38 11.21
N GLU T 280 -40.61 31.79 11.97
CA GLU T 280 -40.71 32.01 13.41
C GLU T 280 -39.80 31.08 14.22
N MET T 281 -39.30 30.03 13.60
CA MET T 281 -38.54 28.97 14.30
C MET T 281 -37.30 29.46 15.05
N GLU T 282 -36.70 30.55 14.58
CA GLU T 282 -35.56 31.15 15.29
C GLU T 282 -35.98 31.67 16.67
N GLN T 283 -37.16 32.29 16.73
CA GLN T 283 -37.64 32.92 17.96
C GLN T 283 -38.41 31.96 18.89
N VAL T 284 -39.03 30.92 18.33
CA VAL T 284 -39.76 29.95 19.16
C VAL T 284 -38.79 29.05 19.94
N VAL T 285 -37.60 28.83 19.36
CA VAL T 285 -36.54 28.08 20.04
C VAL T 285 -36.01 28.84 21.24
N GLU T 286 -35.96 30.17 21.14
CA GLU T 286 -35.49 31.03 22.24
C GLU T 286 -36.34 30.87 23.50
N VAL T 287 -37.65 30.78 23.33
CA VAL T 287 -38.58 30.63 24.47
C VAL T 287 -38.56 29.19 25.02
N TYR T 288 -38.40 28.21 24.13
CA TYR T 288 -38.25 26.81 24.57
C TYR T 288 -36.92 26.59 25.30
N GLU T 289 -35.85 27.21 24.80
CA GLU T 289 -34.56 27.20 25.49
C GLU T 289 -34.63 27.99 26.81
N TYR T 290 -35.43 29.05 26.82
CA TYR T 290 -35.68 29.83 28.04
C TYR T 290 -36.47 29.01 29.06
N ALA T 291 -37.44 28.22 28.58
CA ALA T 291 -38.19 27.31 29.43
C ALA T 291 -37.31 26.20 30.00
N GLN T 292 -36.38 25.72 29.17
CA GLN T 292 -35.39 24.73 29.60
C GLN T 292 -34.40 25.32 30.61
N LYS T 293 -34.10 26.61 30.47
CA LYS T 293 -33.18 27.32 31.36
C LYS T 293 -33.76 27.45 32.77
N LEU T 294 -35.01 27.90 32.84
CA LEU T 294 -35.70 28.06 34.13
C LEU T 294 -35.89 26.72 34.83
N GLY T 295 -36.36 25.72 34.09
CA GLY T 295 -36.56 24.38 34.62
C GLY T 295 -37.82 24.26 35.45
N GLY T 296 -37.67 23.78 36.68
CA GLY T 296 -38.80 23.61 37.60
C GLY T 296 -39.42 24.91 38.07
N GLU T 297 -38.62 25.98 38.06
CA GLU T 297 -39.08 27.30 38.49
C GLU T 297 -40.24 27.82 37.62
N ALA T 298 -40.22 27.47 36.33
CA ALA T 298 -41.23 27.94 35.37
C ALA T 298 -42.58 27.23 35.47
N GLY T 299 -42.67 26.20 36.30
CA GLY T 299 -43.90 25.41 36.46
C GLY T 299 -45.07 26.21 37.01
N PHE T 300 -44.82 27.01 38.04
CA PHE T 300 -45.86 27.81 38.69
C PHE T 300 -45.71 29.30 38.37
N TYR T 301 -45.32 29.61 37.13
CA TYR T 301 -45.14 30.99 36.69
C TYR T 301 -46.46 31.68 36.35
N HIS T 302 -47.50 30.91 36.04
CA HIS T 302 -48.83 31.46 35.75
C HIS T 302 -49.78 31.31 36.95
N ILE T 303 -49.59 30.27 37.75
CA ILE T 303 -50.36 30.08 38.98
C ILE T 303 -50.04 31.21 39.94
N LEU T 304 -48.75 31.35 40.27
CA LEU T 304 -48.24 32.59 40.83
C LEU T 304 -48.21 33.52 39.63
N ASN T 305 -48.84 34.70 39.70
CA ASN T 305 -48.83 35.62 38.57
C ASN T 305 -47.46 36.29 38.41
N ASN T 306 -46.50 35.50 37.93
CA ASN T 306 -45.11 35.94 37.79
C ASN T 306 -45.00 36.87 36.59
N PRO T 307 -44.28 38.01 36.75
CA PRO T 307 -44.01 38.93 35.65
C PRO T 307 -43.38 38.26 34.42
N LYS T 308 -42.53 37.27 34.65
CA LYS T 308 -41.82 36.57 33.59
C LYS T 308 -42.62 35.44 32.93
N ALA T 309 -43.91 35.34 33.30
CA ALA T 309 -44.80 34.33 32.70
C ALA T 309 -45.15 34.66 31.25
N SER T 310 -45.17 35.94 30.92
CA SER T 310 -45.46 36.40 29.56
C SER T 310 -44.36 36.03 28.56
N LEU T 311 -43.14 35.83 29.07
CA LEU T 311 -42.00 35.45 28.23
C LEU T 311 -42.12 34.03 27.68
N LEU T 312 -42.86 33.17 28.38
CA LEU T 312 -43.05 31.77 27.96
C LEU T 312 -44.15 31.60 26.91
N SER T 313 -44.79 32.70 26.51
CA SER T 313 -45.91 32.65 25.57
C SER T 313 -45.46 32.35 24.14
N LEU T 314 -46.15 31.40 23.51
CA LEU T 314 -45.96 31.11 22.08
C LEU T 314 -47.00 31.83 21.22
N THR T 315 -47.99 32.45 21.87
CA THR T 315 -49.07 33.16 21.18
C THR T 315 -48.56 34.33 20.34
N GLN T 316 -47.43 34.91 20.74
CA GLN T 316 -46.75 35.94 19.94
C GLN T 316 -46.34 35.46 18.55
N PHE T 317 -46.26 34.14 18.36
CA PHE T 317 -45.98 33.53 17.06
C PHE T 317 -47.27 32.97 16.47
N PRO T 318 -47.93 33.73 15.58
CA PRO T 318 -49.24 33.32 15.03
C PRO T 318 -49.24 31.99 14.28
N HIS T 319 -48.23 31.78 13.43
CA HIS T 319 -48.21 30.62 12.53
C HIS T 319 -47.90 29.32 13.26
N PHE T 320 -46.88 29.36 14.13
CA PHE T 320 -46.49 28.18 14.92
C PHE T 320 -47.58 27.80 15.91
N SER T 321 -48.23 28.80 16.50
CA SER T 321 -49.34 28.55 17.43
C SER T 321 -50.52 27.86 16.75
N SER T 322 -50.80 28.24 15.51
CA SER T 322 -51.93 27.70 14.75
C SER T 322 -51.76 26.22 14.43
N VAL T 323 -50.59 25.84 13.92
CA VAL T 323 -50.28 24.44 13.61
C VAL T 323 -50.26 23.56 14.87
N VAL T 324 -49.74 24.11 15.96
CA VAL T 324 -49.71 23.40 17.25
C VAL T 324 -51.12 23.24 17.82
N LEU T 325 -51.93 24.29 17.72
CA LEU T 325 -53.31 24.26 18.20
C LEU T 325 -54.19 23.41 17.28
N GLY T 326 -53.83 23.35 16.00
CA GLY T 326 -54.49 22.49 15.02
C GLY T 326 -54.16 21.03 15.24
N ASN T 327 -52.89 20.74 15.51
CA ASN T 327 -52.44 19.38 15.81
C ASN T 327 -53.17 18.79 17.02
N ALA T 328 -53.38 19.62 18.04
CA ALA T 328 -54.12 19.21 19.24
C ALA T 328 -55.59 18.95 18.93
N ALA T 329 -56.16 19.73 18.01
CA ALA T 329 -57.55 19.57 17.59
C ALA T 329 -57.76 18.29 16.77
N GLY T 330 -56.81 17.99 15.88
CA GLY T 330 -56.88 16.79 15.05
C GLY T 330 -56.67 15.50 15.84
N LEU T 331 -55.75 15.54 16.80
CA LEU T 331 -55.55 14.41 17.73
C LEU T 331 -56.72 14.28 18.72
N GLY T 332 -57.51 15.33 18.87
CA GLY T 332 -58.72 15.31 19.68
C GLY T 332 -58.40 15.34 21.18
N ILE T 333 -57.48 16.23 21.55
CA ILE T 333 -57.07 16.37 22.95
C ILE T 333 -57.50 17.70 23.59
N MET T 334 -57.81 18.70 22.75
CA MET T 334 -58.33 19.99 23.24
C MET T 334 -59.86 19.93 23.31
N GLY T 335 -60.47 21.03 23.77
CA GLY T 335 -61.93 21.14 23.90
C GLY T 335 -62.37 20.88 25.33
N GLU T 336 -62.99 21.87 26.00
CA GLU T 336 -63.31 23.19 25.46
C GLU T 336 -62.21 24.18 25.86
N TYR T 337 -61.15 24.23 25.05
CA TYR T 337 -60.02 25.12 25.27
C TYR T 337 -60.30 26.43 24.53
N ARG T 338 -60.27 27.54 25.26
CA ARG T 338 -60.69 28.84 24.72
C ARG T 338 -59.57 29.60 23.98
N GLY T 339 -58.61 28.87 23.42
CA GLY T 339 -57.56 29.46 22.60
C GLY T 339 -57.96 29.46 21.14
N THR T 340 -57.82 30.61 20.49
CA THR T 340 -58.22 30.78 19.09
C THR T 340 -56.99 30.94 18.21
N PRO T 341 -56.91 30.19 17.09
CA PRO T 341 -55.76 30.31 16.20
C PRO T 341 -55.79 31.60 15.39
N ARG T 342 -54.67 32.31 15.35
CA ARG T 342 -54.57 33.56 14.58
C ARG T 342 -54.63 33.29 13.08
N ASN T 343 -53.93 32.25 12.64
CA ASN T 343 -54.00 31.79 11.24
C ASN T 343 -54.93 30.59 11.14
N GLN T 344 -56.06 30.77 10.48
CA GLN T 344 -57.10 29.73 10.37
C GLN T 344 -56.74 28.66 9.33
N ASP T 345 -56.06 29.07 8.26
CA ASP T 345 -55.69 28.16 7.18
C ASP T 345 -54.65 27.14 7.63
N LEU T 346 -53.66 27.60 8.41
CA LEU T 346 -52.64 26.70 8.99
C LEU T 346 -53.25 25.78 10.05
N TYR T 347 -54.24 26.27 10.78
CA TYR T 347 -54.95 25.48 11.80
C TYR T 347 -55.72 24.32 11.16
N ASP T 348 -56.46 24.62 10.09
CA ASP T 348 -57.26 23.62 9.40
C ASP T 348 -56.40 22.57 8.69
N ALA T 349 -55.27 23.01 8.13
CA ALA T 349 -54.33 22.11 7.46
C ALA T 349 -53.65 21.17 8.45
N ALA T 350 -53.29 21.71 9.62
CA ALA T 350 -52.68 20.92 10.69
C ALA T 350 -53.68 19.95 11.31
N LYS T 351 -54.93 20.41 11.48
CA LYS T 351 -56.00 19.57 12.00
C LYS T 351 -56.31 18.41 11.06
N ALA T 352 -56.27 18.68 9.76
CA ALA T 352 -56.56 17.67 8.74
C ALA T 352 -55.54 16.52 8.78
N TYR T 353 -54.26 16.87 8.87
CA TYR T 353 -53.20 15.86 8.93
C TYR T 353 -53.15 15.14 10.28
N ALA T 354 -53.37 15.89 11.36
CA ALA T 354 -53.39 15.32 12.70
C ALA T 354 -54.48 14.26 12.85
N GLU T 355 -55.59 14.45 12.14
CA GLU T 355 -56.64 13.42 12.05
C GLU T 355 -56.15 12.21 11.27
N GLN T 356 -55.42 12.46 10.18
CA GLN T 356 -54.82 11.40 9.37
C GLN T 356 -53.72 10.62 10.13
N LEU T 357 -53.05 11.29 11.06
CA LEU T 357 -51.99 10.67 11.87
C LEU T 357 -52.55 9.66 12.87
N LYS T 358 -53.50 10.09 13.68
CA LYS T 358 -54.14 9.23 14.69
C LYS T 358 -54.97 8.12 14.07
N GLU T 359 -55.25 8.25 12.78
CA GLU T 359 -56.13 7.34 12.07
C GLU T 359 -55.54 5.94 12.10
N ASN T 360 -56.34 4.96 12.54
CA ASN T 360 -55.99 3.54 12.39
C ASN T 360 -54.94 3.06 13.43
N GLY T 361 -54.21 1.98 13.13
CA GLY T 361 -53.37 1.29 14.10
C GLY T 361 -52.82 -0.06 13.68
N VAL T 362 -51.81 -0.05 12.79
CA VAL T 362 -51.10 -1.27 12.35
C VAL T 362 -50.03 -1.63 13.37
N ILE T 363 -49.64 -2.91 13.42
CA ILE T 363 -48.54 -3.36 14.25
C ILE T 363 -47.20 -3.15 13.54
N ASN T 364 -46.27 -2.47 14.22
CA ASN T 364 -44.91 -2.28 13.71
C ASN T 364 -43.99 -3.36 14.29
N TYR T 365 -43.57 -4.30 13.44
CA TYR T 365 -42.78 -5.46 13.88
C TYR T 365 -41.28 -5.18 13.97
N SER T 366 -40.83 -4.07 13.38
CA SER T 366 -39.42 -3.68 13.44
C SER T 366 -39.02 -3.13 14.80
N VAL T 367 -40.00 -2.70 15.60
CA VAL T 367 -39.75 -2.17 16.94
C VAL T 367 -39.32 -3.27 17.91
N LEU T 368 -39.99 -4.42 17.84
CA LEU T 368 -39.67 -5.56 18.70
C LEU T 368 -38.35 -6.20 18.29
N ASP T 369 -37.71 -6.87 19.23
CA ASP T 369 -36.43 -7.55 18.97
C ASP T 369 -36.68 -9.00 18.54
N LEU T 370 -37.48 -9.16 17.48
CA LEU T 370 -37.85 -10.49 16.97
C LEU T 370 -36.69 -11.08 16.16
N THR T 371 -36.40 -12.35 16.40
CA THR T 371 -35.29 -13.03 15.73
C THR T 371 -35.79 -13.79 14.51
N ALA U 2 3.41 48.25 11.83
CA ALA U 2 2.39 47.52 11.02
C ALA U 2 1.16 48.39 10.77
N LEU U 3 0.41 48.04 9.72
CA LEU U 3 -0.81 48.76 9.37
C LEU U 3 -2.02 48.23 10.15
N SER U 4 -1.82 47.14 10.89
CA SER U 4 -2.86 46.60 11.76
C SER U 4 -3.02 47.43 13.03
N LYS U 5 -1.95 48.10 13.45
CA LYS U 5 -1.95 48.87 14.69
C LYS U 5 -2.66 50.23 14.57
N VAL U 6 -2.64 50.83 13.38
CA VAL U 6 -3.32 52.10 13.14
C VAL U 6 -4.84 51.93 13.30
N LYS U 7 -5.31 52.14 14.53
CA LYS U 7 -6.72 51.98 14.89
C LYS U 7 -7.07 52.89 16.06
N LEU U 8 -8.36 53.09 16.30
CA LEU U 8 -8.81 53.94 17.41
C LEU U 8 -10.26 53.62 17.78
N ASN U 9 -10.45 52.98 18.92
CA ASN U 9 -11.78 52.60 19.40
C ASN U 9 -12.44 53.81 20.06
N ASP U 10 -13.08 54.65 19.25
CA ASP U 10 -13.74 55.85 19.74
C ASP U 10 -14.98 55.54 20.58
N THR U 11 -15.72 54.51 20.18
CA THR U 11 -16.94 54.11 20.89
C THR U 11 -16.67 53.71 22.33
N LEU U 12 -15.60 52.94 22.54
CA LEU U 12 -15.20 52.48 23.87
C LEU U 12 -14.56 53.60 24.69
N ASN U 13 -13.81 54.48 24.03
CA ASN U 13 -13.15 55.61 24.69
C ASN U 13 -14.13 56.70 25.12
N LYS U 14 -15.16 56.95 24.31
CA LYS U 14 -16.22 57.89 24.66
C LYS U 14 -16.97 57.42 25.91
N ASP U 15 -17.23 56.12 25.98
CA ASP U 15 -17.86 55.52 27.15
C ASP U 15 -16.96 55.62 28.39
N GLN U 16 -15.66 55.41 28.19
CA GLN U 16 -14.67 55.50 29.26
C GLN U 16 -14.56 56.93 29.81
N LEU U 17 -14.75 57.93 28.95
CA LEU U 17 -14.74 59.32 29.36
C LEU U 17 -15.91 59.65 30.28
N LEU U 18 -17.11 59.24 29.86
CA LEU U 18 -18.33 59.53 30.60
C LEU U 18 -18.47 58.68 31.87
N SER U 19 -17.96 57.45 31.82
CA SER U 19 -18.00 56.55 32.97
C SER U 19 -17.08 57.01 34.10
N SER U 20 -15.96 57.64 33.74
CA SER U 20 -14.97 58.10 34.71
C SER U 20 -15.01 59.63 34.87
N SER U 21 -16.20 60.17 35.10
CA SER U 21 -16.36 61.61 35.34
C SER U 21 -16.01 61.92 36.80
N LYS U 22 -15.19 62.94 37.01
CA LYS U 22 -14.78 63.34 38.35
C LYS U 22 -15.88 64.14 39.04
N TYR U 23 -16.67 64.86 38.25
CA TYR U 23 -17.67 65.79 38.76
C TYR U 23 -19.08 65.37 38.33
N THR U 24 -20.08 65.87 39.03
CA THR U 24 -21.48 65.50 38.80
C THR U 24 -22.40 66.70 38.78
N ILE U 25 -23.40 66.67 37.89
CA ILE U 25 -24.46 67.67 37.86
C ILE U 25 -25.71 67.12 38.57
N GLN U 26 -26.43 68.00 39.25
CA GLN U 26 -27.64 67.63 39.97
C GLN U 26 -28.77 68.58 39.63
N ARG U 27 -29.76 68.08 38.90
CA ARG U 27 -30.80 68.90 38.30
C ARG U 27 -31.86 69.32 39.31
N SER U 28 -32.44 70.49 39.10
CA SER U 28 -33.42 71.05 40.04
C SER U 28 -34.70 70.22 40.03
N THR U 29 -34.80 69.32 41.00
CA THR U 29 -36.00 68.49 41.17
C THR U 29 -37.16 69.36 41.65
N GLY U 30 -36.83 70.41 42.40
CA GLY U 30 -37.82 71.41 42.84
C GLY U 30 -37.65 71.77 44.30
N ASP U 31 -38.76 72.17 44.93
CA ASP U 31 -38.77 72.54 46.34
C ASP U 31 -39.01 71.32 47.24
N SER U 32 -39.86 70.41 46.81
CA SER U 32 -40.18 69.20 47.57
C SER U 32 -40.80 68.10 46.71
N ILE U 33 -40.53 66.85 47.09
CA ILE U 33 -41.16 65.68 46.47
C ILE U 33 -41.81 64.82 47.57
N ASP U 34 -43.04 64.38 47.30
CA ASP U 34 -43.75 63.49 48.22
C ASP U 34 -43.21 62.08 48.09
N THR U 35 -42.68 61.55 49.18
CA THR U 35 -42.13 60.20 49.22
C THR U 35 -42.93 59.34 50.19
N PRO U 36 -44.08 58.81 49.74
CA PRO U 36 -44.92 58.00 50.63
C PRO U 36 -44.32 56.62 50.91
N ASN U 37 -44.58 56.09 52.10
CA ASN U 37 -44.07 54.79 52.50
C ASN U 37 -45.13 53.71 52.31
N TYR U 38 -44.89 52.52 52.85
CA TYR U 38 -45.79 51.37 52.67
C TYR U 38 -47.10 51.53 53.44
N ASP U 39 -47.07 52.28 54.54
CA ASP U 39 -48.27 52.52 55.36
C ASP U 39 -49.36 53.30 54.63
N VAL U 40 -48.95 54.22 53.76
CA VAL U 40 -49.88 55.06 53.00
C VAL U 40 -50.33 54.39 51.68
N GLN U 41 -49.57 53.40 51.23
CA GLN U 41 -49.87 52.70 49.97
C GLN U 41 -51.34 52.29 49.84
N LYS U 42 -51.92 51.77 50.92
CA LYS U 42 -53.29 51.26 50.90
C LYS U 42 -54.32 52.40 50.79
N HIS U 43 -53.94 53.59 51.25
CA HIS U 43 -54.79 54.78 51.12
C HIS U 43 -54.79 55.31 49.69
N ILE U 44 -53.65 55.22 49.01
CA ILE U 44 -53.51 55.70 47.63
C ILE U 44 -54.25 54.76 46.68
N ASN U 45 -54.21 53.46 46.96
CA ASN U 45 -54.98 52.48 46.20
C ASN U 45 -56.48 52.78 46.27
N LYS U 46 -56.94 53.22 47.43
CA LYS U 46 -58.33 53.64 47.62
C LYS U 46 -58.61 54.91 46.83
N LEU U 47 -57.67 55.85 46.84
CA LEU U 47 -57.78 57.09 46.06
C LEU U 47 -57.79 56.80 44.56
N CYS U 48 -56.98 55.84 44.13
CA CYS U 48 -56.96 55.38 42.74
C CYS U 48 -58.29 54.72 42.36
N GLY U 49 -58.87 53.98 43.30
CA GLY U 49 -60.16 53.34 43.10
C GLY U 49 -61.31 54.34 42.97
N MET U 50 -61.25 55.41 43.76
CA MET U 50 -62.26 56.48 43.71
C MET U 50 -62.37 57.12 42.33
N LEU U 51 -61.20 57.38 41.72
CA LEU U 51 -61.15 57.93 40.36
C LEU U 51 -61.70 56.94 39.33
N LEU U 52 -61.47 55.65 39.56
CA LEU U 52 -61.91 54.60 38.64
C LEU U 52 -63.43 54.36 38.68
N ILE U 53 -64.05 54.46 39.86
CA ILE U 53 -65.50 54.29 39.98
C ILE U 53 -66.29 55.53 39.56
N THR U 54 -65.62 56.68 39.54
CA THR U 54 -66.27 57.94 39.16
C THR U 54 -66.56 57.99 37.66
N GLU U 55 -67.83 58.18 37.31
CA GLU U 55 -68.24 58.28 35.91
C GLU U 55 -67.86 59.65 35.36
N ASP U 56 -67.15 59.66 34.23
CA ASP U 56 -66.62 60.90 33.64
C ASP U 56 -65.75 61.65 34.66
N ALA U 57 -64.72 60.97 35.15
CA ALA U 57 -63.87 61.50 36.21
C ALA U 57 -62.86 62.51 35.68
N ASN U 58 -62.43 63.42 36.55
CA ASN U 58 -61.40 64.40 36.23
C ASN U 58 -60.02 63.80 36.50
N HIS U 59 -59.38 63.30 35.43
CA HIS U 59 -58.04 62.73 35.54
C HIS U 59 -56.96 63.78 35.27
N LYS U 60 -57.05 64.90 36.01
CA LYS U 60 -56.04 65.95 35.93
C LYS U 60 -54.85 65.62 36.83
N PHE U 61 -55.12 64.91 37.93
CA PHE U 61 -54.12 64.59 38.94
C PHE U 61 -53.77 63.10 38.99
N THR U 62 -54.36 62.30 38.10
CA THR U 62 -54.18 60.84 38.13
C THR U 62 -52.77 60.42 37.74
N GLY U 63 -52.12 61.20 36.88
CA GLY U 63 -50.72 60.97 36.54
C GLY U 63 -49.82 61.16 37.75
N LEU U 64 -50.13 62.17 38.56
CA LEU U 64 -49.42 62.44 39.80
C LEU U 64 -49.77 61.42 40.88
N ILE U 65 -51.06 61.11 41.00
CA ILE U 65 -51.54 60.11 41.96
C ILE U 65 -51.00 58.72 41.62
N GLY U 66 -50.86 58.43 40.33
CA GLY U 66 -50.26 57.18 39.87
C GLY U 66 -48.81 57.03 40.33
N MET U 67 -48.04 58.11 40.22
CA MET U 67 -46.65 58.12 40.68
C MET U 67 -46.55 57.93 42.20
N LEU U 68 -47.51 58.50 42.93
CA LEU U 68 -47.55 58.36 44.39
C LEU U 68 -47.78 56.90 44.82
N TYR U 69 -48.58 56.17 44.05
CA TYR U 69 -48.80 54.75 44.31
C TYR U 69 -47.56 53.92 43.99
N ALA U 70 -46.89 54.27 42.90
CA ALA U 70 -45.64 53.60 42.51
C ALA U 70 -44.53 53.83 43.53
N MET U 71 -44.46 55.05 44.06
CA MET U 71 -43.48 55.39 45.09
C MET U 71 -43.81 54.77 46.45
N SER U 72 -45.11 54.64 46.74
CA SER U 72 -45.56 53.99 47.98
C SER U 72 -45.27 52.48 47.97
N ARG U 73 -45.34 51.88 46.78
CA ARG U 73 -44.96 50.48 46.62
C ARG U 73 -43.45 50.28 46.81
N LEU U 74 -42.66 51.22 46.30
CA LEU U 74 -41.21 51.20 46.49
C LEU U 74 -40.86 51.45 47.96
N GLY U 75 -41.47 52.48 48.55
CA GLY U 75 -41.21 52.83 49.95
C GLY U 75 -40.25 54.01 50.05
N ARG U 76 -40.46 54.85 51.06
CA ARG U 76 -39.71 56.09 51.25
C ARG U 76 -38.20 55.91 51.10
N GLU U 77 -37.64 54.87 51.72
CA GLU U 77 -36.20 54.62 51.66
C GLU U 77 -35.70 54.33 50.24
N ASP U 78 -36.45 53.51 49.50
CA ASP U 78 -36.06 53.14 48.13
C ASP U 78 -36.25 54.29 47.15
N THR U 79 -37.45 54.86 47.11
CA THR U 79 -37.76 55.95 46.17
C THR U 79 -36.84 57.17 46.33
N ILE U 80 -36.38 57.43 47.55
CA ILE U 80 -35.36 58.46 47.76
C ILE U 80 -34.02 57.99 47.18
N LYS U 81 -33.71 56.71 47.39
CA LYS U 81 -32.48 56.11 46.86
C LYS U 81 -32.43 56.15 45.32
N ILE U 82 -33.58 55.97 44.67
CA ILE U 82 -33.62 55.95 43.19
C ILE U 82 -33.52 57.36 42.61
N LEU U 83 -34.05 58.35 43.33
CA LEU U 83 -33.92 59.76 42.91
C LEU U 83 -32.48 60.24 43.05
N ARG U 84 -31.81 59.88 44.13
CA ARG U 84 -30.42 60.28 44.37
C ARG U 84 -29.44 59.57 43.41
N ASP U 85 -29.70 58.30 43.12
CA ASP U 85 -28.90 57.55 42.16
C ASP U 85 -29.07 58.07 40.73
N ALA U 86 -30.25 58.58 40.42
CA ALA U 86 -30.52 59.20 39.13
C ALA U 86 -29.72 60.51 38.96
N GLY U 87 -29.54 61.23 40.05
CA GLY U 87 -28.79 62.49 40.05
C GLY U 87 -29.69 63.68 40.33
N TYR U 88 -30.39 63.63 41.46
CA TYR U 88 -31.32 64.69 41.87
C TYR U 88 -31.23 64.96 43.37
N HIS U 89 -31.20 66.24 43.73
CA HIS U 89 -31.31 66.65 45.13
C HIS U 89 -32.77 66.65 45.54
N VAL U 90 -33.10 65.88 46.57
CA VAL U 90 -34.50 65.67 46.95
C VAL U 90 -34.81 66.09 48.40
N LYS U 91 -35.72 67.06 48.52
CA LYS U 91 -36.28 67.46 49.80
C LYS U 91 -37.51 66.60 50.06
N ALA U 92 -37.31 65.47 50.74
CA ALA U 92 -38.36 64.48 50.92
C ALA U 92 -39.47 64.97 51.85
N ASN U 93 -40.71 64.91 51.38
CA ASN U 93 -41.88 65.28 52.16
C ASN U 93 -42.59 64.02 52.66
N GLY U 94 -42.74 63.90 53.99
CA GLY U 94 -43.37 62.74 54.60
C GLY U 94 -44.89 62.75 54.42
N VAL U 95 -45.42 61.68 53.85
CA VAL U 95 -46.86 61.56 53.61
C VAL U 95 -47.52 60.84 54.78
N ASP U 96 -48.45 61.52 55.45
CA ASP U 96 -49.17 60.97 56.60
C ASP U 96 -50.68 61.13 56.42
N VAL U 97 -51.44 60.21 57.01
CA VAL U 97 -52.90 60.24 56.94
C VAL U 97 -53.46 61.09 58.06
N THR U 98 -54.26 62.10 57.70
CA THR U 98 -54.89 62.99 58.68
C THR U 98 -56.38 63.20 58.36
N THR U 99 -57.20 63.28 59.40
CA THR U 99 -58.64 63.45 59.23
C THR U 99 -59.00 64.94 59.12
N HIS U 100 -59.56 65.33 57.98
CA HIS U 100 -59.94 66.72 57.72
C HIS U 100 -61.45 66.89 57.84
N ARG U 101 -61.87 67.89 58.63
CA ARG U 101 -63.29 68.17 58.83
C ARG U 101 -63.70 69.41 58.05
N GLN U 102 -64.68 69.25 57.15
CA GLN U 102 -65.19 70.34 56.33
C GLN U 102 -66.69 70.17 56.11
N ASP U 103 -67.42 71.28 56.14
CA ASP U 103 -68.88 71.25 56.01
C ASP U 103 -69.34 71.49 54.57
N ILE U 104 -69.50 70.39 53.83
CA ILE U 104 -70.00 70.42 52.47
C ILE U 104 -71.54 70.39 52.50
N ASN U 105 -72.15 71.35 51.82
CA ASN U 105 -73.62 71.48 51.77
C ASN U 105 -74.26 71.63 53.15
N GLY U 106 -73.57 72.36 54.04
CA GLY U 106 -74.08 72.62 55.39
C GLY U 106 -73.66 71.59 56.42
N LYS U 107 -73.81 70.31 56.07
CA LYS U 107 -73.51 69.20 56.98
C LYS U 107 -72.01 69.00 57.12
N GLU U 108 -71.52 68.93 58.36
CA GLU U 108 -70.10 68.74 58.63
C GLU U 108 -69.69 67.30 58.32
N MET U 109 -68.67 67.14 57.47
CA MET U 109 -68.23 65.82 57.01
C MET U 109 -66.74 65.58 57.30
N LYS U 110 -66.40 64.32 57.56
CA LYS U 110 -65.01 63.92 57.80
C LYS U 110 -64.41 63.30 56.54
N PHE U 111 -63.11 63.52 56.34
CA PHE U 111 -62.39 62.99 55.19
C PHE U 111 -60.97 62.59 55.57
N GLU U 112 -60.57 61.36 55.22
CA GLU U 112 -59.20 60.91 55.40
C GLU U 112 -58.36 61.41 54.22
N VAL U 113 -57.40 62.29 54.49
CA VAL U 113 -56.58 62.89 53.45
C VAL U 113 -55.08 62.74 53.74
N LEU U 114 -54.28 62.76 52.68
CA LEU U 114 -52.83 62.62 52.79
C LEU U 114 -52.17 63.99 52.87
N THR U 115 -51.10 64.09 53.66
CA THR U 115 -50.34 65.33 53.78
C THR U 115 -49.37 65.45 52.60
N LEU U 116 -49.91 65.80 51.43
CA LEU U 116 -49.15 65.90 50.19
C LEU U 116 -48.88 67.36 49.83
N ALA U 117 -47.66 67.63 49.37
CA ALA U 117 -47.29 68.97 48.90
C ALA U 117 -47.80 69.20 47.48
N SER U 118 -47.64 68.20 46.62
CA SER U 118 -48.06 68.29 45.22
C SER U 118 -49.58 68.27 45.06
N LEU U 119 -50.27 67.57 45.96
CA LEU U 119 -51.72 67.44 45.91
C LEU U 119 -52.36 68.12 47.12
N THR U 120 -53.26 69.07 46.87
CA THR U 120 -53.91 69.83 47.93
C THR U 120 -54.98 68.98 48.62
N THR U 121 -55.24 69.26 49.90
CA THR U 121 -56.30 68.59 50.65
C THR U 121 -57.70 69.01 50.16
N GLU U 122 -57.77 70.16 49.48
CA GLU U 122 -59.04 70.66 48.95
C GLU U 122 -59.49 69.87 47.73
N ILE U 123 -58.54 69.41 46.92
CA ILE U 123 -58.85 68.64 45.71
C ILE U 123 -58.98 67.14 46.02
N GLN U 124 -58.34 66.69 47.09
CA GLN U 124 -58.43 65.30 47.54
C GLN U 124 -59.84 64.94 47.98
N ILE U 125 -60.49 65.82 48.73
CA ILE U 125 -61.86 65.60 49.18
C ILE U 125 -62.86 65.62 48.02
N ASN U 126 -62.57 66.40 46.98
CA ASN U 126 -63.42 66.47 45.79
C ASN U 126 -63.38 65.19 44.96
N ILE U 127 -62.26 64.47 45.03
CA ILE U 127 -62.15 63.15 44.39
C ILE U 127 -63.03 62.15 45.14
N GLU U 128 -63.04 62.24 46.47
CA GLU U 128 -63.88 61.38 47.29
C GLU U 128 -65.36 61.78 47.22
N ILE U 129 -65.65 63.08 47.12
CA ILE U 129 -67.01 63.58 47.01
C ILE U 129 -67.68 63.12 45.70
N GLU U 130 -66.97 63.28 44.59
CA GLU U 130 -67.50 62.89 43.27
C GLU U 130 -67.60 61.37 43.12
N SER U 131 -66.76 60.63 43.84
CA SER U 131 -66.82 59.16 43.83
C SER U 131 -68.03 58.64 44.60
N ARG U 132 -68.35 59.30 45.72
CA ARG U 132 -69.54 58.96 46.51
C ARG U 132 -70.83 59.17 45.74
N LYS U 133 -70.86 60.19 44.87
CA LYS U 133 -72.00 60.44 43.99
C LYS U 133 -72.18 59.29 43.00
N SER U 134 -71.07 58.89 42.38
CA SER U 134 -71.08 57.78 41.43
C SER U 134 -71.30 56.42 42.12
N TYR U 135 -70.88 56.33 43.37
CA TYR U 135 -71.05 55.10 44.15
C TYR U 135 -72.53 54.86 44.48
N LYS U 136 -73.22 55.89 44.95
CA LYS U 136 -74.64 55.77 45.29
C LYS U 136 -75.52 55.60 44.05
N LYS U 137 -75.08 56.19 42.93
CA LYS U 137 -75.75 55.99 41.64
C LYS U 137 -75.57 54.55 41.18
N MET U 138 -74.36 54.02 41.37
CA MET U 138 -74.05 52.63 41.06
C MET U 138 -74.80 51.68 42.01
N LEU U 139 -74.88 52.06 43.29
CA LEU U 139 -75.60 51.28 44.29
C LEU U 139 -77.11 51.25 44.02
N LYS U 140 -77.63 52.34 43.44
CA LYS U 140 -79.05 52.45 43.10
C LYS U 140 -79.42 51.59 41.89
N GLU U 141 -78.45 51.39 40.99
CA GLU U 141 -78.70 50.65 39.75
C GLU U 141 -78.65 49.12 39.95
N MET U 142 -77.61 48.64 40.62
CA MET U 142 -77.41 47.19 40.81
C MET U 142 -77.69 46.71 42.23
N GLY U 143 -78.19 47.59 43.09
CA GLY U 143 -78.53 47.22 44.47
C GLY U 143 -77.29 47.03 45.33
N GLU U 144 -76.66 45.87 45.19
CA GLU U 144 -75.44 45.53 45.92
C GLU U 144 -74.25 45.54 44.96
N VAL U 145 -73.23 46.35 45.27
CA VAL U 145 -72.03 46.42 44.46
C VAL U 145 -71.06 45.31 44.83
N ALA U 146 -70.49 44.65 43.83
CA ALA U 146 -69.59 43.52 44.04
C ALA U 146 -68.16 44.01 44.34
N PRO U 147 -67.30 43.11 44.84
CA PRO U 147 -65.88 43.45 45.07
C PRO U 147 -65.11 43.93 43.85
N GLU U 148 -65.54 43.51 42.66
CA GLU U 148 -64.86 43.88 41.41
C GLU U 148 -65.14 45.35 41.04
N TYR U 149 -66.39 45.78 41.22
CA TYR U 149 -66.81 47.12 40.79
C TYR U 149 -66.44 48.24 41.78
N ARG U 150 -66.08 47.88 43.00
CA ARG U 150 -65.83 48.88 44.05
C ARG U 150 -64.38 49.39 44.08
N HIS U 151 -64.20 50.50 44.79
CA HIS U 151 -62.90 51.16 44.91
C HIS U 151 -61.90 50.46 45.85
N ASP U 152 -62.41 49.59 46.71
CA ASP U 152 -61.58 48.91 47.71
C ASP U 152 -60.68 47.80 47.14
N SER U 153 -60.94 47.40 45.89
CA SER U 153 -60.16 46.34 45.25
C SER U 153 -58.66 46.68 45.17
N PRO U 154 -57.78 45.68 45.40
CA PRO U 154 -56.34 45.93 45.36
C PRO U 154 -55.78 46.20 43.95
N ASP U 155 -56.54 45.85 42.92
CA ASP U 155 -56.11 46.07 41.53
C ASP U 155 -56.12 47.55 41.14
N CYS U 156 -57.05 48.31 41.72
CA CYS U 156 -57.27 49.73 41.37
C CYS U 156 -55.99 50.53 41.11
N GLY U 157 -55.02 50.40 42.02
CA GLY U 157 -53.76 51.13 41.91
C GLY U 157 -52.93 50.72 40.70
N MET U 158 -52.85 49.42 40.45
CA MET U 158 -52.09 48.89 39.31
C MET U 158 -52.83 49.08 37.99
N ILE U 159 -54.17 49.12 38.03
CA ILE U 159 -54.98 49.37 36.83
C ILE U 159 -54.66 50.74 36.22
N ILE U 160 -54.46 51.74 37.08
CA ILE U 160 -54.06 53.07 36.64
C ILE U 160 -52.62 53.08 36.12
N LEU U 161 -51.76 52.28 36.74
CA LEU U 161 -50.37 52.14 36.29
C LEU U 161 -50.22 51.29 35.03
N CYS U 162 -51.26 50.54 34.65
CA CYS U 162 -51.23 49.75 33.42
C CYS U 162 -51.15 50.63 32.17
N ILE U 163 -51.97 51.68 32.13
CA ILE U 163 -51.93 52.64 31.02
C ILE U 163 -50.74 53.60 31.14
N ALA U 164 -50.16 53.69 32.33
CA ALA U 164 -48.89 54.41 32.52
C ALA U 164 -47.76 53.66 31.82
N ALA U 165 -47.82 52.33 31.86
CA ALA U 165 -46.87 51.49 31.13
C ALA U 165 -47.08 51.56 29.62
N LEU U 166 -48.32 51.81 29.20
CA LEU U 166 -48.62 52.04 27.78
C LEU U 166 -48.12 53.41 27.32
N VAL U 167 -48.18 54.40 28.20
CA VAL U 167 -47.63 55.73 27.92
C VAL U 167 -46.10 55.67 27.83
N ILE U 168 -45.48 54.92 28.74
CA ILE U 168 -44.02 54.76 28.76
C ILE U 168 -43.55 53.96 27.54
N THR U 169 -44.42 53.10 27.02
CA THR U 169 -44.14 52.33 25.81
C THR U 169 -43.99 53.24 24.57
N LYS U 170 -44.77 54.32 24.52
CA LYS U 170 -44.74 55.25 23.38
C LYS U 170 -44.09 56.60 23.71
N LEU U 171 -43.21 56.62 24.71
CA LEU U 171 -42.46 57.84 25.04
C LEU U 171 -41.28 58.09 24.09
N ALA U 172 -40.86 57.05 23.37
CA ALA U 172 -39.73 57.16 22.44
C ALA U 172 -39.94 58.24 21.38
N ALA U 173 -41.17 58.38 20.90
CA ALA U 173 -41.53 59.42 19.94
C ALA U 173 -41.33 60.81 20.54
N GLY U 174 -41.83 61.00 21.76
CA GLY U 174 -41.62 62.24 22.52
C GLY U 174 -42.44 63.41 22.03
N ASP U 175 -43.69 63.16 21.65
CA ASP U 175 -44.60 64.23 21.22
C ASP U 175 -46.09 63.85 21.32
N ARG U 176 -46.42 62.96 22.25
CA ARG U 176 -47.79 62.45 22.44
C ARG U 176 -48.43 61.90 21.16
N SER U 177 -47.62 61.39 20.24
CA SER U 177 -48.11 60.87 18.97
C SER U 177 -48.68 59.45 19.14
N GLY U 178 -48.14 58.71 20.10
CA GLY U 178 -48.60 57.36 20.38
C GLY U 178 -49.92 57.25 21.14
N LEU U 179 -50.42 58.38 21.63
CA LEU U 179 -51.69 58.43 22.38
C LEU U 179 -52.81 57.61 21.73
N THR U 180 -52.89 57.64 20.41
CA THR U 180 -53.89 56.86 19.68
C THR U 180 -53.67 55.36 19.87
N ALA U 181 -52.41 54.93 19.83
CA ALA U 181 -52.05 53.53 20.07
C ALA U 181 -52.17 53.14 21.54
N VAL U 182 -51.96 54.11 22.44
CA VAL U 182 -52.10 53.88 23.87
C VAL U 182 -53.56 53.59 24.24
N ILE U 183 -54.49 54.34 23.63
CA ILE U 183 -55.92 54.14 23.84
C ILE U 183 -56.39 52.86 23.16
N ARG U 184 -55.88 52.62 21.95
CA ARG U 184 -56.20 51.41 21.18
C ARG U 184 -55.86 50.15 21.95
N ARG U 185 -54.61 50.06 22.44
CA ARG U 185 -54.17 48.91 23.23
C ARG U 185 -54.91 48.83 24.56
N ALA U 186 -55.19 49.97 25.17
CA ALA U 186 -55.94 50.02 26.43
C ALA U 186 -57.38 49.50 26.30
N ASN U 187 -57.86 49.36 25.05
CA ASN U 187 -59.16 48.73 24.77
C ASN U 187 -59.02 47.24 24.43
N ASN U 188 -57.95 46.89 23.71
CA ASN U 188 -57.64 45.49 23.42
C ASN U 188 -57.14 44.79 24.68
N VAL U 189 -56.16 45.40 25.32
CA VAL U 189 -55.71 44.99 26.65
C VAL U 189 -56.69 45.59 27.64
N LEU U 190 -56.72 45.09 28.88
CA LEU U 190 -57.38 45.77 29.98
C LEU U 190 -58.90 45.92 29.75
N LYS U 191 -59.46 45.05 28.91
CA LYS U 191 -60.87 45.16 28.51
C LYS U 191 -61.82 44.76 29.63
N ASN U 192 -61.44 43.74 30.40
CA ASN U 192 -62.21 43.32 31.57
C ASN U 192 -62.21 44.40 32.66
N GLU U 193 -61.12 45.14 32.77
CA GLU U 193 -60.96 46.21 33.75
C GLU U 193 -61.86 47.41 33.45
N MET U 194 -62.03 47.72 32.17
CA MET U 194 -62.88 48.83 31.74
C MET U 194 -64.36 48.57 31.97
N LYS U 195 -64.76 47.29 31.95
CA LYS U 195 -66.15 46.90 32.24
C LYS U 195 -66.50 47.19 33.70
N ARG U 196 -65.57 46.85 34.60
CA ARG U 196 -65.79 46.96 36.04
C ARG U 196 -65.46 48.34 36.63
N TYR U 197 -65.02 49.27 35.80
CA TYR U 197 -64.74 50.64 36.24
C TYR U 197 -65.15 51.67 35.18
N LYS U 198 -66.10 52.53 35.53
CA LYS U 198 -66.60 53.56 34.61
C LYS U 198 -65.55 54.62 34.32
N GLY U 199 -64.76 54.96 35.34
CA GLY U 199 -63.72 55.99 35.21
C GLY U 199 -62.37 55.52 34.71
N LEU U 200 -62.36 54.40 33.98
CA LEU U 200 -61.15 53.95 33.30
C LEU U 200 -61.17 54.53 31.89
N LEU U 201 -60.71 55.78 31.78
CA LEU U 201 -60.68 56.52 30.53
C LEU U 201 -59.24 56.56 30.00
N PRO U 202 -58.92 55.71 28.99
CA PRO U 202 -57.55 55.66 28.45
C PRO U 202 -57.00 57.01 27.99
N LYS U 203 -57.82 57.80 27.29
CA LYS U 203 -57.39 59.09 26.77
C LYS U 203 -57.10 60.09 27.90
N ASP U 204 -57.98 60.13 28.90
CA ASP U 204 -57.84 61.08 30.01
C ASP U 204 -56.67 60.74 30.93
N ILE U 205 -56.47 59.45 31.20
CA ILE U 205 -55.42 59.00 32.11
C ILE U 205 -54.05 59.04 31.43
N ALA U 206 -53.99 58.65 30.16
CA ALA U 206 -52.74 58.66 29.39
C ALA U 206 -52.18 60.08 29.25
N ASN U 207 -53.05 61.03 28.95
CA ASN U 207 -52.68 62.44 28.88
C ASN U 207 -52.16 62.98 30.22
N SER U 208 -52.67 62.44 31.32
CA SER U 208 -52.22 62.82 32.65
C SER U 208 -50.80 62.32 32.91
N PHE U 209 -50.52 61.08 32.51
CA PHE U 209 -49.18 60.51 32.62
C PHE U 209 -48.21 61.14 31.61
N TYR U 210 -48.71 61.47 30.42
CA TYR U 210 -47.91 62.23 29.46
C TYR U 210 -47.51 63.59 30.02
N GLU U 211 -48.43 64.24 30.75
CA GLU U 211 -48.18 65.54 31.34
C GLU U 211 -47.16 65.48 32.47
N VAL U 212 -47.31 64.49 33.36
CA VAL U 212 -46.45 64.38 34.54
C VAL U 212 -45.02 63.95 34.18
N PHE U 213 -44.86 63.14 33.14
CA PHE U 213 -43.53 62.75 32.67
C PHE U 213 -42.84 63.91 31.94
N GLU U 214 -43.63 64.72 31.22
CA GLU U 214 -43.10 65.91 30.54
C GLU U 214 -42.71 67.01 31.53
N LYS U 215 -43.61 67.30 32.47
CA LYS U 215 -43.38 68.34 33.47
C LYS U 215 -42.32 67.92 34.48
N HIS U 216 -42.29 66.63 34.82
CA HIS U 216 -41.33 66.09 35.78
C HIS U 216 -40.58 64.89 35.18
N PRO U 217 -39.43 65.15 34.52
CA PRO U 217 -38.60 64.09 33.93
C PRO U 217 -38.01 63.09 34.93
N HIS U 218 -37.91 63.51 36.20
CA HIS U 218 -37.43 62.61 37.25
C HIS U 218 -38.44 61.51 37.61
N PHE U 219 -39.73 61.78 37.40
CA PHE U 219 -40.78 60.78 37.67
C PHE U 219 -40.82 59.65 36.63
N ILE U 220 -40.27 59.88 35.44
CA ILE U 220 -40.22 58.82 34.41
C ILE U 220 -39.12 57.84 34.81
N ASP U 221 -38.07 58.36 35.45
CA ASP U 221 -37.01 57.53 36.01
C ASP U 221 -37.52 56.73 37.20
N VAL U 222 -38.41 57.33 37.99
CA VAL U 222 -39.03 56.66 39.13
C VAL U 222 -39.96 55.52 38.68
N PHE U 223 -40.71 55.76 37.61
CA PHE U 223 -41.65 54.75 37.09
C PHE U 223 -40.92 53.56 36.44
N VAL U 224 -39.87 53.85 35.68
CA VAL U 224 -39.09 52.80 35.02
C VAL U 224 -38.44 51.87 36.05
N HIS U 225 -37.83 52.45 37.07
CA HIS U 225 -37.20 51.66 38.14
C HIS U 225 -38.22 51.01 39.08
N PHE U 226 -39.43 51.56 39.13
CA PHE U 226 -40.55 50.89 39.80
C PHE U 226 -41.00 49.69 39.00
N GLY U 227 -41.15 49.87 37.68
CA GLY U 227 -41.58 48.80 36.78
C GLY U 227 -40.62 47.62 36.73
N ILE U 228 -39.33 47.91 36.80
CA ILE U 228 -38.30 46.87 36.86
C ILE U 228 -38.36 46.15 38.22
N ALA U 229 -38.55 46.92 39.28
CA ALA U 229 -38.72 46.36 40.63
C ALA U 229 -40.02 45.57 40.76
N GLN U 230 -41.07 46.05 40.09
CA GLN U 230 -42.36 45.35 40.05
C GLN U 230 -42.25 44.05 39.25
N SER U 231 -41.51 44.10 38.16
CA SER U 231 -41.30 42.92 37.30
C SER U 231 -40.29 41.93 37.88
N SER U 232 -39.58 42.33 38.94
CA SER U 232 -38.62 41.46 39.62
C SER U 232 -39.26 40.57 40.69
N THR U 233 -40.56 40.77 40.96
CA THR U 233 -41.25 40.01 42.00
C THR U 233 -41.48 38.54 41.62
N ARG U 234 -41.85 37.74 42.62
CA ARG U 234 -42.02 36.30 42.44
C ARG U 234 -43.39 35.96 41.84
N GLY U 235 -44.42 36.72 42.23
CA GLY U 235 -45.78 36.52 41.73
C GLY U 235 -46.80 37.37 42.45
N GLY U 236 -47.88 37.73 41.76
CA GLY U 236 -48.92 38.61 42.32
C GLY U 236 -50.31 38.29 41.81
N SER U 237 -50.94 39.27 41.15
CA SER U 237 -52.27 39.11 40.55
C SER U 237 -52.19 39.24 39.03
N ARG U 238 -53.28 38.94 38.34
CA ARG U 238 -53.31 39.01 36.87
C ARG U 238 -53.16 40.44 36.36
N VAL U 239 -53.66 41.41 37.12
CA VAL U 239 -53.51 42.83 36.79
C VAL U 239 -52.06 43.27 36.89
N GLU U 240 -51.33 42.68 37.84
CA GLU U 240 -49.89 42.89 37.94
C GLU U 240 -49.15 42.18 36.80
N GLY U 241 -49.73 41.08 36.34
CA GLY U 241 -49.26 40.41 35.13
C GLY U 241 -49.48 41.24 33.88
N ILE U 242 -50.57 42.00 33.84
CA ILE U 242 -50.85 42.95 32.76
C ILE U 242 -49.76 44.02 32.72
N PHE U 243 -49.53 44.65 33.87
CA PHE U 243 -48.53 45.71 34.01
C PHE U 243 -47.14 45.23 33.59
N ALA U 244 -46.76 44.04 34.06
CA ALA U 244 -45.44 43.47 33.76
C ALA U 244 -45.26 43.23 32.27
N GLY U 245 -46.30 42.71 31.60
CA GLY U 245 -46.27 42.48 30.16
C GLY U 245 -46.24 43.77 29.37
N LEU U 246 -47.10 44.72 29.76
CA LEU U 246 -47.16 46.02 29.09
C LEU U 246 -45.91 46.86 29.32
N PHE U 247 -45.29 46.71 30.48
CA PHE U 247 -44.06 47.42 30.80
C PHE U 247 -42.88 46.91 29.99
N MET U 248 -42.80 45.60 29.80
CA MET U 248 -41.72 44.98 29.03
C MET U 248 -41.87 45.17 27.51
N ASN U 249 -43.04 45.61 27.06
CA ASN U 249 -43.22 46.02 25.67
C ASN U 249 -42.47 47.32 25.38
N ALA U 250 -42.24 48.11 26.43
CA ALA U 250 -41.46 49.34 26.33
C ALA U 250 -39.97 49.07 26.12
N TYR U 251 -39.49 47.92 26.60
CA TYR U 251 -38.09 47.52 26.42
C TYR U 251 -37.72 47.56 24.94
N GLY U 252 -36.62 48.25 24.63
CA GLY U 252 -36.16 48.38 23.25
C GLY U 252 -36.88 49.45 22.45
N ALA U 253 -37.59 50.34 23.14
CA ALA U 253 -38.24 51.47 22.48
C ALA U 253 -37.19 52.52 22.13
N GLY U 254 -37.44 53.24 21.03
CA GLY U 254 -36.48 54.22 20.53
C GLY U 254 -35.27 53.61 19.84
N GLN U 255 -35.37 52.33 19.48
CA GLN U 255 -34.28 51.61 18.84
C GLN U 255 -34.81 50.36 18.12
N VAL U 256 -35.83 50.58 17.29
CA VAL U 256 -36.45 49.51 16.50
C VAL U 256 -35.58 49.12 15.30
N MET U 257 -34.83 50.08 14.77
CA MET U 257 -33.92 49.82 13.65
C MET U 257 -32.86 48.79 14.02
N LEU U 258 -32.54 48.73 15.31
CA LEU U 258 -31.60 47.73 15.84
C LEU U 258 -32.18 46.32 15.72
N ARG U 259 -33.48 46.19 16.03
CA ARG U 259 -34.17 44.89 15.93
C ARG U 259 -34.46 44.49 14.49
N TRP U 260 -34.86 45.46 13.67
CA TRP U 260 -35.12 45.22 12.25
C TRP U 260 -33.84 44.88 11.47
N GLY U 261 -32.69 45.31 11.97
CA GLY U 261 -31.40 44.97 11.37
C GLY U 261 -31.06 43.49 11.54
N VAL U 262 -31.47 42.92 12.67
CA VAL U 262 -31.29 41.49 12.92
C VAL U 262 -32.27 40.68 12.08
N LEU U 263 -33.45 41.25 11.84
CA LEU U 263 -34.48 40.62 11.00
C LEU U 263 -34.02 40.50 9.55
N ALA U 264 -33.44 41.57 9.03
CA ALA U 264 -32.89 41.58 7.66
C ALA U 264 -31.76 40.56 7.52
N LYS U 265 -30.97 40.41 8.58
CA LYS U 265 -29.91 39.40 8.64
C LYS U 265 -30.49 37.99 8.75
N SER U 266 -31.58 37.85 9.49
CA SER U 266 -32.25 36.56 9.67
C SER U 266 -32.91 36.08 8.38
N VAL U 267 -33.65 36.96 7.71
CA VAL U 267 -34.29 36.63 6.43
C VAL U 267 -33.33 36.63 5.25
N LYS U 268 -32.10 37.12 5.47
CA LYS U 268 -31.02 37.11 4.47
C LYS U 268 -31.36 37.98 3.26
N ASN U 269 -31.62 39.27 3.52
CA ASN U 269 -31.87 40.23 2.44
C ASN U 269 -30.59 40.48 1.65
N ILE U 270 -30.65 40.27 0.34
CA ILE U 270 -29.47 40.28 -0.54
C ILE U 270 -28.79 41.67 -0.63
N MET U 271 -29.55 42.73 -0.39
CA MET U 271 -28.99 44.10 -0.45
C MET U 271 -28.07 44.43 0.73
N LEU U 272 -28.03 43.56 1.75
CA LEU U 272 -27.01 43.65 2.81
C LEU U 272 -25.59 43.45 2.25
N GLY U 273 -25.47 42.59 1.24
CA GLY U 273 -24.19 42.32 0.59
C GLY U 273 -23.72 43.38 -0.39
N HIS U 274 -24.54 44.41 -0.59
CA HIS U 274 -24.20 45.52 -1.48
C HIS U 274 -22.94 46.26 -1.00
N ALA U 275 -22.16 46.77 -1.94
CA ALA U 275 -20.82 47.32 -1.66
C ALA U 275 -20.84 48.47 -0.64
N SER U 276 -21.68 49.47 -0.87
CA SER U 276 -21.77 50.63 0.01
C SER U 276 -22.31 50.27 1.40
N VAL U 277 -23.10 49.19 1.47
CA VAL U 277 -23.57 48.67 2.75
C VAL U 277 -22.42 47.95 3.47
N GLN U 278 -21.60 47.24 2.71
CA GLN U 278 -20.44 46.51 3.26
C GLN U 278 -19.33 47.42 3.78
N ALA U 279 -19.26 48.64 3.25
CA ALA U 279 -18.30 49.64 3.72
C ALA U 279 -18.60 50.08 5.16
N GLU U 280 -19.89 50.07 5.52
CA GLU U 280 -20.34 50.47 6.85
C GLU U 280 -20.28 49.34 7.87
N MET U 281 -20.16 48.09 7.39
CA MET U 281 -20.25 46.91 8.24
C MET U 281 -19.26 46.86 9.40
N GLU U 282 -18.10 47.49 9.24
CA GLU U 282 -17.12 47.59 10.31
C GLU U 282 -17.67 48.40 11.48
N GLN U 283 -18.36 49.49 11.18
CA GLN U 283 -18.88 50.40 12.20
C GLN U 283 -20.25 50.01 12.76
N VAL U 284 -21.07 49.31 11.97
CA VAL U 284 -22.40 48.88 12.44
C VAL U 284 -22.27 47.73 13.45
N VAL U 285 -21.21 46.93 13.31
CA VAL U 285 -20.91 45.85 14.26
C VAL U 285 -20.51 46.43 15.62
N GLU U 286 -19.82 47.58 15.62
CA GLU U 286 -19.40 48.24 16.86
C GLU U 286 -20.58 48.64 17.74
N VAL U 287 -21.65 49.15 17.12
CA VAL U 287 -22.86 49.55 17.86
C VAL U 287 -23.68 48.34 18.30
N TYR U 288 -23.73 47.29 17.48
CA TYR U 288 -24.39 46.05 17.87
C TYR U 288 -23.65 45.33 18.99
N GLU U 289 -22.32 45.34 18.93
CA GLU U 289 -21.49 44.82 20.01
C GLU U 289 -21.61 45.70 21.27
N TYR U 290 -21.78 47.00 21.06
CA TYR U 290 -22.02 47.94 22.16
C TYR U 290 -23.39 47.70 22.81
N ALA U 291 -24.38 47.37 21.98
CA ALA U 291 -25.72 47.02 22.46
C ALA U 291 -25.68 45.70 23.23
N GLN U 292 -24.87 44.76 22.76
CA GLN U 292 -24.66 43.49 23.45
C GLN U 292 -23.89 43.67 24.77
N LYS U 293 -23.01 44.67 24.80
CA LYS U 293 -22.22 44.97 26.00
C LYS U 293 -23.09 45.51 27.13
N LEU U 294 -23.94 46.48 26.80
CA LEU U 294 -24.85 47.09 27.77
C LEU U 294 -25.86 46.08 28.29
N GLY U 295 -26.47 45.33 27.38
CA GLY U 295 -27.43 44.29 27.74
C GLY U 295 -28.81 44.86 28.08
N GLY U 296 -29.30 44.50 29.27
CA GLY U 296 -30.61 44.97 29.74
C GLY U 296 -30.66 46.46 30.03
N GLU U 297 -29.50 47.03 30.34
CA GLU U 297 -29.40 48.46 30.65
C GLU U 297 -29.83 49.34 29.47
N ALA U 298 -29.55 48.88 28.25
CA ALA U 298 -29.86 49.65 27.03
C ALA U 298 -31.33 49.65 26.62
N GLY U 299 -32.16 48.86 27.32
CA GLY U 299 -33.58 48.76 27.00
C GLY U 299 -34.35 50.07 27.16
N PHE U 300 -34.11 50.76 28.26
CA PHE U 300 -34.80 52.02 28.57
C PHE U 300 -33.88 53.23 28.40
N TYR U 301 -33.02 53.18 27.37
CA TYR U 301 -32.07 54.27 27.10
C TYR U 301 -32.72 55.44 26.36
N HIS U 302 -33.84 55.20 25.68
CA HIS U 302 -34.58 56.26 24.98
C HIS U 302 -35.82 56.71 25.77
N ILE U 303 -36.41 55.79 26.53
CA ILE U 303 -37.54 56.11 27.41
C ILE U 303 -37.05 57.08 28.50
N LEU U 304 -36.05 56.65 29.25
CA LEU U 304 -35.22 57.58 30.02
C LEU U 304 -34.37 58.25 28.95
N ASN U 305 -34.37 59.57 28.86
CA ASN U 305 -33.55 60.24 27.85
C ASN U 305 -32.07 60.18 28.21
N ASN U 306 -31.49 59.00 28.06
CA ASN U 306 -30.09 58.74 28.42
C ASN U 306 -29.16 59.37 27.39
N PRO U 307 -28.11 60.08 27.85
CA PRO U 307 -27.10 60.63 26.95
C PRO U 307 -26.49 59.62 25.97
N LYS U 308 -26.33 58.38 26.44
CA LYS U 308 -25.72 57.32 25.64
C LYS U 308 -26.71 56.62 24.69
N ALA U 309 -27.92 57.14 24.58
CA ALA U 309 -28.94 56.60 23.67
C ALA U 309 -28.59 56.88 22.21
N SER U 310 -27.90 57.99 21.96
CA SER U 310 -27.48 58.38 20.60
C SER U 310 -26.43 57.43 20.03
N LEU U 311 -25.69 56.76 20.91
CA LEU U 311 -24.65 55.81 20.49
C LEU U 311 -25.23 54.54 19.85
N LEU U 312 -26.46 54.20 20.21
CA LEU U 312 -27.14 53.00 19.68
C LEU U 312 -27.78 53.24 18.30
N SER U 313 -27.66 54.45 17.77
CA SER U 313 -28.28 54.82 16.50
C SER U 313 -27.60 54.17 15.30
N LEU U 314 -28.40 53.59 14.41
CA LEU U 314 -27.92 53.08 13.12
C LEU U 314 -28.16 54.09 12.00
N THR U 315 -28.89 55.16 12.30
CA THR U 315 -29.22 56.21 11.33
C THR U 315 -27.97 56.91 10.78
N GLN U 316 -26.91 56.95 11.58
CA GLN U 316 -25.61 57.46 11.13
C GLN U 316 -25.04 56.69 9.92
N PHE U 317 -25.54 55.47 9.71
CA PHE U 317 -25.16 54.66 8.56
C PHE U 317 -26.29 54.69 7.52
N PRO U 318 -26.18 55.55 6.49
CA PRO U 318 -27.26 55.73 5.52
C PRO U 318 -27.64 54.47 4.72
N HIS U 319 -26.64 53.72 4.28
CA HIS U 319 -26.87 52.59 3.38
C HIS U 319 -27.46 51.39 4.10
N PHE U 320 -26.89 51.04 5.26
CA PHE U 320 -27.39 49.92 6.06
C PHE U 320 -28.79 50.19 6.61
N SER U 321 -29.05 51.44 6.99
CA SER U 321 -30.37 51.84 7.47
C SER U 321 -31.44 51.68 6.39
N SER U 322 -31.07 52.01 5.14
CA SER U 322 -32.01 51.95 4.02
C SER U 322 -32.46 50.53 3.70
N VAL U 323 -31.49 49.61 3.60
CA VAL U 323 -31.81 48.19 3.33
C VAL U 323 -32.61 47.56 4.46
N VAL U 324 -32.29 47.93 5.71
CA VAL U 324 -33.01 47.43 6.88
C VAL U 324 -34.44 48.00 6.92
N LEU U 325 -34.58 49.28 6.61
CA LEU U 325 -35.89 49.94 6.59
C LEU U 325 -36.70 49.49 5.37
N GLY U 326 -36.01 49.14 4.29
CA GLY U 326 -36.64 48.55 3.11
C GLY U 326 -37.12 47.14 3.34
N ASN U 327 -36.30 46.33 4.02
CA ASN U 327 -36.67 44.96 4.38
C ASN U 327 -37.94 44.92 5.23
N ALA U 328 -38.06 45.87 6.17
CA ALA U 328 -39.24 45.99 7.02
C ALA U 328 -40.48 46.39 6.20
N ALA U 329 -40.27 47.23 5.19
CA ALA U 329 -41.36 47.67 4.31
C ALA U 329 -41.86 46.54 3.40
N GLY U 330 -40.93 45.74 2.88
CA GLY U 330 -41.27 44.62 2.01
C GLY U 330 -41.97 43.49 2.74
N LEU U 331 -41.51 43.20 3.95
CA LEU U 331 -42.17 42.23 4.84
C LEU U 331 -43.51 42.76 5.36
N GLY U 332 -43.71 44.06 5.29
CA GLY U 332 -44.99 44.68 5.66
C GLY U 332 -45.19 44.75 7.15
N ILE U 333 -44.15 45.16 7.88
CA ILE U 333 -44.20 45.26 9.34
C ILE U 333 -44.11 46.70 9.85
N MET U 334 -43.66 47.63 9.01
CA MET U 334 -43.64 49.05 9.35
C MET U 334 -44.94 49.72 8.88
N GLY U 335 -45.10 51.00 9.19
CA GLY U 335 -46.28 51.78 8.82
C GLY U 335 -47.24 51.92 9.99
N GLU U 336 -47.52 53.14 10.46
CA GLU U 336 -46.97 54.39 9.92
C GLU U 336 -45.73 54.81 10.73
N TYR U 337 -44.58 54.28 10.32
CA TYR U 337 -43.30 54.57 10.96
C TYR U 337 -42.68 55.77 10.26
N ARG U 338 -42.38 56.82 11.01
CA ARG U 338 -41.93 58.09 10.43
C ARG U 338 -40.42 58.17 10.17
N GLY U 339 -39.79 57.02 9.93
CA GLY U 339 -38.38 56.98 9.56
C GLY U 339 -38.22 56.98 8.05
N THR U 340 -37.37 57.87 7.55
CA THR U 340 -37.16 58.03 6.12
C THR U 340 -35.78 57.49 5.73
N PRO U 341 -35.70 56.69 4.65
CA PRO U 341 -34.41 56.17 4.21
C PRO U 341 -33.56 57.23 3.50
N ARG U 342 -32.30 57.34 3.89
CA ARG U 342 -31.39 58.31 3.28
C ARG U 342 -31.06 57.92 1.84
N ASN U 343 -30.84 56.62 1.60
CA ASN U 343 -30.65 56.09 0.26
C ASN U 343 -31.95 55.45 -0.23
N GLN U 344 -32.58 56.06 -1.23
CA GLN U 344 -33.87 55.60 -1.74
C GLN U 344 -33.74 54.37 -2.66
N ASP U 345 -32.64 54.31 -3.41
CA ASP U 345 -32.40 53.20 -4.34
C ASP U 345 -32.17 51.87 -3.61
N LEU U 346 -31.41 51.92 -2.52
CA LEU U 346 -31.18 50.73 -1.68
C LEU U 346 -32.46 50.31 -0.94
N TYR U 347 -33.28 51.29 -0.58
CA TYR U 347 -34.56 51.03 0.08
C TYR U 347 -35.53 50.28 -0.84
N ASP U 348 -35.65 50.77 -2.07
CA ASP U 348 -36.56 50.17 -3.06
C ASP U 348 -36.10 48.77 -3.48
N ALA U 349 -34.79 48.58 -3.59
CA ALA U 349 -34.21 47.28 -3.95
C ALA U 349 -34.40 46.26 -2.84
N ALA U 350 -34.25 46.71 -1.59
CA ALA U 350 -34.47 45.85 -0.42
C ALA U 350 -35.94 45.52 -0.24
N LYS U 351 -36.80 46.51 -0.48
CA LYS U 351 -38.26 46.32 -0.41
C LYS U 351 -38.73 45.31 -1.45
N ALA U 352 -38.15 45.39 -2.65
CA ALA U 352 -38.52 44.49 -3.74
C ALA U 352 -38.22 43.03 -3.43
N TYR U 353 -37.04 42.76 -2.88
CA TYR U 353 -36.65 41.40 -2.51
C TYR U 353 -37.39 40.91 -1.27
N ALA U 354 -37.59 41.80 -0.30
CA ALA U 354 -38.32 41.46 0.92
C ALA U 354 -39.77 41.03 0.62
N GLU U 355 -40.36 41.63 -0.41
CA GLU U 355 -41.66 41.20 -0.91
C GLU U 355 -41.56 39.80 -1.56
N GLN U 356 -40.49 39.57 -2.30
CA GLN U 356 -40.22 38.26 -2.90
C GLN U 356 -39.92 37.17 -1.85
N LEU U 357 -39.36 37.57 -0.71
CA LEU U 357 -39.03 36.64 0.37
C LEU U 357 -40.27 36.11 1.08
N LYS U 358 -41.13 37.02 1.54
CA LYS U 358 -42.38 36.66 2.23
C LYS U 358 -43.38 35.97 1.31
N GLU U 359 -43.09 35.98 0.02
CA GLU U 359 -44.03 35.53 -0.99
C GLU U 359 -44.23 34.03 -0.85
N ASN U 360 -45.50 33.61 -0.79
CA ASN U 360 -45.87 32.20 -0.88
C ASN U 360 -45.63 31.40 0.42
N GLY U 361 -45.42 30.08 0.32
CA GLY U 361 -45.39 29.19 1.50
C GLY U 361 -45.40 27.69 1.19
N VAL U 362 -44.27 27.17 0.70
CA VAL U 362 -44.10 25.73 0.45
C VAL U 362 -43.69 25.03 1.76
N ILE U 363 -43.99 23.74 1.85
CA ILE U 363 -43.57 22.93 3.00
C ILE U 363 -42.14 22.42 2.81
N ASN U 364 -41.28 22.67 3.79
CA ASN U 364 -39.91 22.17 3.80
C ASN U 364 -39.84 20.87 4.60
N TYR U 365 -39.67 19.75 3.89
CA TYR U 365 -39.70 18.41 4.52
C TYR U 365 -38.37 17.98 5.12
N SER U 366 -37.28 18.69 4.78
CA SER U 366 -35.97 18.41 5.34
C SER U 366 -35.82 18.86 6.80
N VAL U 367 -36.70 19.77 7.22
CA VAL U 367 -36.68 20.29 8.59
C VAL U 367 -37.15 19.23 9.58
N LEU U 368 -38.21 18.51 9.24
CA LEU U 368 -38.77 17.47 10.09
C LEU U 368 -37.84 16.25 10.12
N ASP U 369 -37.94 15.47 11.19
CA ASP U 369 -37.13 14.26 11.35
C ASP U 369 -37.86 13.04 10.77
N LEU U 370 -38.26 13.15 9.50
CA LEU U 370 -39.00 12.09 8.82
C LEU U 370 -38.07 10.94 8.43
N THR U 371 -38.50 9.72 8.69
CA THR U 371 -37.69 8.54 8.39
C THR U 371 -38.06 7.96 7.03
N ALA V 2 23.99 44.49 21.35
CA ALA V 2 23.07 44.22 20.21
C ALA V 2 22.54 45.51 19.60
N LEU V 3 22.13 45.44 18.34
CA LEU V 3 21.58 46.60 17.63
C LEU V 3 20.07 46.76 17.91
N SER V 4 19.48 45.79 18.61
CA SER V 4 18.10 45.89 19.04
C SER V 4 17.93 46.85 20.22
N LYS V 5 18.99 47.01 21.01
CA LYS V 5 18.95 47.84 22.22
C LYS V 5 19.04 49.34 21.93
N VAL V 6 19.73 49.71 20.85
CA VAL V 6 19.83 51.13 20.47
C VAL V 6 18.45 51.69 20.09
N LYS V 7 17.77 52.23 21.10
CA LYS V 7 16.42 52.77 20.94
C LYS V 7 16.17 53.85 21.99
N LEU V 8 15.13 54.66 21.78
CA LEU V 8 14.80 55.73 22.72
C LEU V 8 13.35 56.17 22.54
N ASN V 9 12.51 55.81 23.52
CA ASN V 9 11.09 56.14 23.48
C ASN V 9 10.88 57.59 23.94
N ASP V 10 11.02 58.52 23.01
CA ASP V 10 10.88 59.95 23.32
C ASP V 10 9.44 60.33 23.67
N THR V 11 8.48 59.71 22.99
CA THR V 11 7.06 60.00 23.20
C THR V 11 6.62 59.68 24.64
N LEU V 12 7.08 58.54 25.15
CA LEU V 12 6.75 58.11 26.51
C LEU V 12 7.53 58.89 27.56
N ASN V 13 8.78 59.25 27.25
CA ASN V 13 9.63 60.03 28.15
C ASN V 13 9.19 61.49 28.28
N LYS V 14 8.74 62.08 27.18
CA LYS V 14 8.19 63.44 27.19
C LYS V 14 6.94 63.51 28.09
N ASP V 15 6.09 62.49 27.99
CA ASP V 15 4.91 62.39 28.85
C ASP V 15 5.30 62.20 30.31
N GLN V 16 6.33 61.40 30.55
CA GLN V 16 6.83 61.15 31.90
C GLN V 16 7.41 62.42 32.54
N LEU V 17 8.01 63.29 31.72
CA LEU V 17 8.54 64.56 32.20
C LEU V 17 7.42 65.49 32.67
N LEU V 18 6.39 65.63 31.84
CA LEU V 18 5.27 66.53 32.14
C LEU V 18 4.35 65.98 33.23
N SER V 19 4.20 64.66 33.29
CA SER V 19 3.37 64.02 34.31
C SER V 19 3.98 64.12 35.70
N SER V 20 5.32 64.16 35.79
CA SER V 20 6.03 64.23 37.06
C SER V 20 6.66 65.60 37.29
N SER V 21 5.85 66.65 37.12
CA SER V 21 6.31 68.02 37.37
C SER V 21 6.27 68.31 38.86
N LYS V 22 7.36 68.84 39.40
CA LYS V 22 7.45 69.15 40.84
C LYS V 22 6.68 70.44 41.15
N TYR V 23 6.61 71.34 40.17
CA TYR V 23 6.05 72.67 40.36
C TYR V 23 4.85 72.90 39.46
N THR V 24 4.02 73.87 39.81
CA THR V 24 2.77 74.15 39.08
C THR V 24 2.59 75.64 38.82
N ILE V 25 2.07 75.97 37.64
CA ILE V 25 1.67 77.33 37.31
C ILE V 25 0.16 77.50 37.51
N GLN V 26 -0.24 78.68 37.94
CA GLN V 26 -1.65 78.99 38.18
C GLN V 26 -2.02 80.32 37.52
N ARG V 27 -2.83 80.23 36.47
CA ARG V 27 -3.10 81.37 35.60
C ARG V 27 -4.11 82.33 36.22
N SER V 28 -3.95 83.61 35.91
CA SER V 28 -4.80 84.66 36.47
C SER V 28 -6.23 84.53 35.98
N THR V 29 -7.06 83.86 36.79
CA THR V 29 -8.48 83.71 36.48
C THR V 29 -9.18 85.06 36.59
N GLY V 30 -8.68 85.92 37.48
CA GLY V 30 -9.16 87.29 37.62
C GLY V 30 -9.33 87.70 39.07
N ASP V 31 -10.26 88.63 39.30
CA ASP V 31 -10.56 89.11 40.64
C ASP V 31 -11.62 88.27 41.33
N SER V 32 -12.61 87.81 40.57
CA SER V 32 -13.69 86.98 41.12
C SER V 32 -14.44 86.19 40.03
N ILE V 33 -14.91 85.00 40.40
CA ILE V 33 -15.78 84.19 39.55
C ILE V 33 -17.07 83.87 40.30
N ASP V 34 -18.20 83.99 39.61
CA ASP V 34 -19.50 83.65 40.17
C ASP V 34 -19.68 82.14 40.17
N THR V 35 -19.85 81.55 41.35
CA THR V 35 -20.05 80.12 41.49
C THR V 35 -21.43 79.84 42.08
N PRO V 36 -22.47 79.84 41.23
CA PRO V 36 -23.83 79.61 41.72
C PRO V 36 -24.07 78.15 42.13
N ASN V 37 -24.94 77.94 43.11
CA ASN V 37 -25.26 76.60 43.61
C ASN V 37 -26.57 76.11 43.00
N TYR V 38 -27.10 75.01 43.53
CA TYR V 38 -28.32 74.38 42.99
C TYR V 38 -29.57 75.20 43.27
N ASP V 39 -29.55 75.99 44.35
CA ASP V 39 -30.70 76.83 44.73
C ASP V 39 -30.99 77.93 43.71
N VAL V 40 -29.93 78.46 43.08
CA VAL V 40 -30.05 79.54 42.11
C VAL V 40 -30.30 79.02 40.69
N GLN V 41 -30.00 77.74 40.46
CA GLN V 41 -30.17 77.11 39.13
C GLN V 41 -31.52 77.41 38.48
N LYS V 42 -32.58 77.33 39.28
CA LYS V 42 -33.94 77.51 38.77
C LYS V 42 -34.22 78.96 38.36
N HIS V 43 -33.52 79.91 38.99
CA HIS V 43 -33.61 81.32 38.64
C HIS V 43 -32.89 81.62 37.32
N ILE V 44 -31.77 80.94 37.09
CA ILE V 44 -30.98 81.15 35.86
C ILE V 44 -31.71 80.55 34.66
N ASN V 45 -32.38 79.42 34.87
CA ASN V 45 -33.23 78.82 33.84
C ASN V 45 -34.34 79.77 33.39
N LYS V 46 -34.90 80.51 34.36
CA LYS V 46 -35.89 81.53 34.09
C LYS V 46 -35.27 82.69 33.30
N LEU V 47 -34.07 83.09 33.70
CA LEU V 47 -33.33 84.14 33.00
C LEU V 47 -32.97 83.72 31.57
N CYS V 48 -32.62 82.45 31.40
CA CYS V 48 -32.36 81.88 30.08
C CYS V 48 -33.63 81.87 29.23
N GLY V 49 -34.77 81.58 29.87
CA GLY V 49 -36.06 81.59 29.19
C GLY V 49 -36.50 82.97 28.74
N MET V 50 -36.20 83.98 29.56
CA MET V 50 -36.53 85.38 29.22
C MET V 50 -35.86 85.83 27.93
N LEU V 51 -34.58 85.47 27.77
CA LEU V 51 -33.83 85.76 26.54
C LEU V 51 -34.41 85.03 25.33
N LEU V 52 -34.91 83.82 25.56
CA LEU V 52 -35.46 82.98 24.48
C LEU V 52 -36.83 83.47 23.98
N ILE V 53 -37.67 83.96 24.89
CA ILE V 53 -38.99 84.48 24.50
C ILE V 53 -38.92 85.89 23.91
N THR V 54 -37.83 86.61 24.18
CA THR V 54 -37.64 87.97 23.68
C THR V 54 -37.37 87.98 22.17
N GLU V 55 -38.20 88.68 21.42
CA GLU V 55 -38.04 88.80 19.97
C GLU V 55 -36.91 89.78 19.66
N ASP V 56 -35.94 89.33 18.85
CA ASP V 56 -34.73 90.10 18.55
C ASP V 56 -34.01 90.48 19.84
N ALA V 57 -33.64 89.47 20.62
CA ALA V 57 -33.04 89.68 21.93
C ALA V 57 -31.56 90.06 21.83
N ASN V 58 -31.08 90.76 22.85
CA ASN V 58 -29.67 91.11 22.97
C ASN V 58 -28.90 89.97 23.64
N HIS V 59 -28.26 89.13 22.84
CA HIS V 59 -27.46 88.01 23.37
C HIS V 59 -26.00 88.42 23.55
N LYS V 60 -25.78 89.54 24.25
CA LYS V 60 -24.44 90.00 24.58
C LYS V 60 -23.91 89.26 25.81
N PHE V 61 -24.83 88.90 26.71
CA PHE V 61 -24.49 88.28 27.98
C PHE V 61 -24.91 86.80 28.08
N THR V 62 -25.48 86.26 27.00
CA THR V 62 -26.03 84.90 27.01
C THR V 62 -24.94 83.84 27.10
N GLY V 63 -23.76 84.13 26.55
CA GLY V 63 -22.60 83.26 26.70
C GLY V 63 -22.17 83.15 28.15
N LEU V 64 -22.21 84.28 28.86
CA LEU V 64 -21.90 84.33 30.28
C LEU V 64 -23.03 83.71 31.12
N ILE V 65 -24.28 84.05 30.78
CA ILE V 65 -25.45 83.50 31.45
C ILE V 65 -25.56 81.98 31.25
N GLY V 66 -25.13 81.52 30.07
CA GLY V 66 -25.07 80.08 29.78
C GLY V 66 -24.12 79.35 30.70
N MET V 67 -22.93 79.93 30.92
CA MET V 67 -21.94 79.36 31.84
C MET V 67 -22.46 79.32 33.27
N LEU V 68 -23.21 80.35 33.66
CA LEU V 68 -23.79 80.41 35.02
C LEU V 68 -24.80 79.28 35.26
N TYR V 69 -25.54 78.90 34.22
CA TYR V 69 -26.47 77.79 34.31
C TYR V 69 -25.74 76.44 34.38
N ALA V 70 -24.66 76.32 33.61
CA ALA V 70 -23.83 75.12 33.63
C ALA V 70 -23.15 74.94 34.98
N MET V 71 -22.69 76.04 35.58
CA MET V 71 -22.06 76.01 36.89
C MET V 71 -23.07 75.78 38.02
N SER V 72 -24.29 76.27 37.85
CA SER V 72 -25.36 76.05 38.82
C SER V 72 -25.82 74.60 38.83
N ARG V 73 -25.78 73.95 37.66
CA ARG V 73 -26.06 72.52 37.56
C ARG V 73 -24.98 71.69 38.25
N LEU V 74 -23.72 72.10 38.09
CA LEU V 74 -22.61 71.45 38.76
C LEU V 74 -22.68 71.66 40.27
N GLY V 75 -22.88 72.91 40.68
CA GLY V 75 -22.97 73.28 42.10
C GLY V 75 -21.67 73.88 42.60
N ARG V 76 -21.79 74.87 43.48
CA ARG V 76 -20.64 75.63 43.99
C ARG V 76 -19.43 74.77 44.35
N GLU V 77 -19.68 73.66 45.06
CA GLU V 77 -18.59 72.76 45.49
C GLU V 77 -17.85 72.13 44.32
N ASP V 78 -18.60 71.64 43.33
CA ASP V 78 -18.00 70.97 42.18
C ASP V 78 -17.31 71.97 41.24
N THR V 79 -18.02 73.02 40.82
CA THR V 79 -17.46 74.00 39.89
C THR V 79 -16.19 74.68 40.43
N ILE V 80 -16.09 74.85 41.74
CA ILE V 80 -14.84 75.32 42.36
C ILE V 80 -13.78 74.23 42.24
N LYS V 81 -14.17 72.98 42.47
CA LYS V 81 -13.26 71.83 42.35
C LYS V 81 -12.71 71.66 40.93
N ILE V 82 -13.51 71.96 39.91
CA ILE V 82 -13.08 71.79 38.52
C ILE V 82 -12.13 72.93 38.09
N LEU V 83 -12.34 74.13 38.63
CA LEU V 83 -11.45 75.26 38.36
C LEU V 83 -10.08 75.05 39.01
N ARG V 84 -10.06 74.54 40.24
CA ARG V 84 -8.80 74.28 40.95
C ARG V 84 -8.03 73.12 40.35
N ASP V 85 -8.74 72.07 39.93
CA ASP V 85 -8.11 70.92 39.26
C ASP V 85 -7.54 71.30 37.89
N ALA V 86 -8.18 72.26 37.22
CA ALA V 86 -7.67 72.78 35.94
C ALA V 86 -6.37 73.55 36.13
N GLY V 87 -6.24 74.23 37.26
CA GLY V 87 -5.03 74.99 37.59
C GLY V 87 -5.31 76.48 37.61
N TYR V 88 -6.27 76.90 38.43
CA TYR V 88 -6.67 78.29 38.55
C TYR V 88 -6.96 78.68 40.00
N HIS V 89 -6.42 79.82 40.43
CA HIS V 89 -6.79 80.40 41.73
C HIS V 89 -8.13 81.10 41.60
N VAL V 90 -9.10 80.69 42.41
CA VAL V 90 -10.48 81.20 42.28
C VAL V 90 -11.00 81.88 43.54
N LYS V 91 -11.36 83.15 43.39
CA LYS V 91 -12.05 83.91 44.44
C LYS V 91 -13.55 83.75 44.20
N ALA V 92 -14.13 82.74 44.85
CA ALA V 92 -15.53 82.38 44.60
C ALA V 92 -16.51 83.41 45.13
N ASN V 93 -17.40 83.89 44.25
CA ASN V 93 -18.45 84.83 44.63
C ASN V 93 -19.78 84.11 44.78
N GLY V 94 -20.38 84.21 45.96
CA GLY V 94 -21.65 83.53 46.24
C GLY V 94 -22.83 84.22 45.58
N VAL V 95 -23.58 83.45 44.78
CA VAL V 95 -24.75 83.96 44.07
C VAL V 95 -26.00 83.77 44.91
N ASP V 96 -26.66 84.87 45.25
CA ASP V 96 -27.89 84.85 46.05
C ASP V 96 -28.99 85.65 45.39
N VAL V 97 -30.25 85.26 45.62
CA VAL V 97 -31.39 85.95 45.05
C VAL V 97 -31.83 87.09 45.96
N THR V 98 -31.90 88.30 45.41
CA THR V 98 -32.32 89.48 46.16
C THR V 98 -33.35 90.30 45.36
N THR V 99 -34.32 90.87 46.06
CA THR V 99 -35.38 91.65 45.42
C THR V 99 -34.94 93.11 45.28
N HIS V 100 -34.85 93.59 44.04
CA HIS V 100 -34.42 94.95 43.73
C HIS V 100 -35.62 95.81 43.34
N ARG V 101 -35.76 96.97 43.99
CA ARG V 101 -36.86 97.90 43.71
C ARG V 101 -36.35 99.09 42.90
N GLN V 102 -36.93 99.28 41.72
CA GLN V 102 -36.56 100.39 40.83
C GLN V 102 -37.80 100.90 40.11
N ASP V 103 -37.89 102.21 39.93
CA ASP V 103 -39.07 102.84 39.32
C ASP V 103 -38.89 103.10 37.83
N ILE V 104 -39.28 102.11 37.02
CA ILE V 104 -39.24 102.21 35.56
C ILE V 104 -40.52 102.90 35.08
N ASN V 105 -40.35 103.95 34.27
CA ASN V 105 -41.47 104.73 33.73
C ASN V 105 -42.37 105.33 34.81
N GLY V 106 -41.77 105.75 35.93
CA GLY V 106 -42.50 106.37 37.03
C GLY V 106 -42.98 105.38 38.08
N LYS V 107 -43.58 104.28 37.63
CA LYS V 107 -44.15 103.27 38.52
C LYS V 107 -43.05 102.42 39.16
N GLU V 108 -43.10 102.28 40.47
CA GLU V 108 -42.11 101.49 41.22
C GLU V 108 -42.35 99.99 40.98
N MET V 109 -41.31 99.29 40.52
CA MET V 109 -41.42 97.88 40.18
C MET V 109 -40.40 97.03 40.93
N LYS V 110 -40.79 95.79 41.23
CA LYS V 110 -39.91 94.82 41.90
C LYS V 110 -39.29 93.87 40.89
N PHE V 111 -38.05 93.44 41.17
CA PHE V 111 -37.34 92.51 40.31
C PHE V 111 -36.47 91.55 41.13
N GLU V 112 -36.62 90.25 40.87
CA GLU V 112 -35.76 89.24 41.48
C GLU V 112 -34.45 89.16 40.68
N VAL V 113 -33.35 89.53 41.32
CA VAL V 113 -32.04 89.57 40.66
C VAL V 113 -30.99 88.78 41.44
N LEU V 114 -29.97 88.30 40.72
CA LEU V 114 -28.88 87.55 41.30
C LEU V 114 -27.72 88.46 41.69
N THR V 115 -27.05 88.15 42.80
CA THR V 115 -25.88 88.91 43.24
C THR V 115 -24.65 88.44 42.46
N LEU V 116 -24.56 88.85 41.20
CA LEU V 116 -23.47 88.44 40.32
C LEU V 116 -22.45 89.57 40.15
N ALA V 117 -21.17 89.21 40.15
CA ALA V 117 -20.08 90.16 39.91
C ALA V 117 -19.93 90.43 38.41
N SER V 118 -19.98 89.38 37.61
CA SER V 118 -19.83 89.49 36.15
C SER V 118 -21.04 90.14 35.49
N LEU V 119 -22.22 89.95 36.06
CA LEU V 119 -23.46 90.49 35.51
C LEU V 119 -24.08 91.51 36.46
N THR V 120 -24.26 92.74 35.98
CA THR V 120 -24.78 93.83 36.79
C THR V 120 -26.29 93.67 37.00
N THR V 121 -26.79 94.18 38.14
CA THR V 121 -28.22 94.16 38.43
C THR V 121 -29.02 95.12 37.53
N GLU V 122 -28.33 96.07 36.92
CA GLU V 122 -28.96 97.04 36.02
C GLU V 122 -29.30 96.40 34.68
N ILE V 123 -28.47 95.47 34.22
CA ILE V 123 -28.70 94.80 32.93
C ILE V 123 -29.61 93.58 33.11
N GLN V 124 -29.63 93.00 34.31
CA GLN V 124 -30.51 91.86 34.62
C GLN V 124 -31.99 92.23 34.52
N ILE V 125 -32.33 93.40 35.06
CA ILE V 125 -33.72 93.88 35.01
C ILE V 125 -34.15 94.22 33.57
N ASN V 126 -33.21 94.66 32.74
CA ASN V 126 -33.49 94.97 31.34
C ASN V 126 -33.78 93.72 30.50
N ILE V 127 -33.22 92.59 30.89
CA ILE V 127 -33.54 91.31 30.27
C ILE V 127 -34.98 90.90 30.61
N GLU V 128 -35.37 91.15 31.86
CA GLU V 128 -36.74 90.87 32.30
C GLU V 128 -37.75 91.88 31.75
N ILE V 129 -37.33 93.15 31.63
CA ILE V 129 -38.19 94.20 31.09
C ILE V 129 -38.52 93.94 29.61
N GLU V 130 -37.50 93.64 28.81
CA GLU V 130 -37.69 93.38 27.38
C GLU V 130 -38.43 92.07 27.12
N SER V 131 -38.33 91.11 28.04
CA SER V 131 -39.05 89.84 27.93
C SER V 131 -40.55 90.02 28.22
N ARG V 132 -40.86 90.88 29.19
CA ARG V 132 -42.25 91.21 29.51
C ARG V 132 -42.97 91.90 28.35
N LYS V 133 -42.23 92.71 27.59
CA LYS V 133 -42.76 93.35 26.38
C LYS V 133 -43.11 92.31 25.33
N SER V 134 -42.19 91.38 25.10
CA SER V 134 -42.40 90.29 24.15
C SER V 134 -43.45 89.28 24.64
N TYR V 135 -43.57 89.14 25.96
CA TYR V 135 -44.54 88.23 26.56
C TYR V 135 -45.97 88.72 26.35
N LYS V 136 -46.20 90.00 26.60
CA LYS V 136 -47.54 90.58 26.44
C LYS V 136 -47.94 90.69 24.96
N LYS V 137 -46.94 90.87 24.09
CA LYS V 137 -47.16 90.86 22.64
C LYS V 137 -47.52 89.46 22.19
N MET V 138 -46.83 88.46 22.77
CA MET V 138 -47.14 87.06 22.51
C MET V 138 -48.50 86.67 23.08
N LEU V 139 -48.81 87.19 24.26
CA LEU V 139 -50.10 86.94 24.92
C LEU V 139 -51.26 87.57 24.14
N LYS V 140 -50.99 88.70 23.48
CA LYS V 140 -52.00 89.42 22.69
C LYS V 140 -52.30 88.69 21.37
N GLU V 141 -51.30 87.97 20.85
CA GLU V 141 -51.44 87.27 19.56
C GLU V 141 -52.18 85.94 19.68
N MET V 142 -51.79 85.11 20.65
CA MET V 142 -52.35 83.77 20.81
C MET V 142 -53.29 83.62 22.02
N GLY V 143 -53.56 84.74 22.71
CA GLY V 143 -54.46 84.71 23.86
C GLY V 143 -53.83 84.07 25.09
N GLU V 144 -53.79 82.75 25.10
CA GLU V 144 -53.18 81.97 26.19
C GLU V 144 -51.89 81.33 25.69
N VAL V 145 -50.78 81.64 26.36
CA VAL V 145 -49.48 81.06 26.02
C VAL V 145 -49.33 79.68 26.65
N ALA V 146 -48.85 78.71 25.86
CA ALA V 146 -48.70 77.33 26.32
C ALA V 146 -47.41 77.15 27.11
N PRO V 147 -47.28 76.01 27.82
CA PRO V 147 -46.03 75.69 28.56
C PRO V 147 -44.77 75.64 27.69
N GLU V 148 -44.93 75.31 26.40
CA GLU V 148 -43.79 75.19 25.49
C GLU V 148 -43.21 76.56 25.14
N TYR V 149 -44.08 77.54 24.89
CA TYR V 149 -43.67 78.86 24.42
C TYR V 149 -43.16 79.79 25.53
N ARG V 150 -43.43 79.46 26.79
CA ARG V 150 -43.11 80.34 27.92
C ARG V 150 -41.71 80.13 28.46
N HIS V 151 -41.26 81.11 29.26
CA HIS V 151 -39.91 81.12 29.84
C HIS V 151 -39.74 80.15 31.03
N ASP V 152 -40.84 79.71 31.62
CA ASP V 152 -40.80 78.84 32.80
C ASP V 152 -40.38 77.39 32.51
N SER V 153 -40.39 77.00 31.24
CA SER V 153 -40.03 75.64 30.83
C SER V 153 -38.63 75.26 31.30
N PRO V 154 -38.44 74.00 31.75
CA PRO V 154 -37.12 73.55 32.23
C PRO V 154 -36.08 73.38 31.11
N ASP V 155 -36.52 73.29 29.87
CA ASP V 155 -35.63 73.14 28.72
C ASP V 155 -34.81 74.41 28.43
N CYS V 156 -35.40 75.57 28.70
CA CYS V 156 -34.82 76.87 28.37
C CYS V 156 -33.31 76.97 28.61
N GLY V 157 -32.87 76.52 29.79
CA GLY V 157 -31.45 76.59 30.16
C GLY V 157 -30.56 75.71 29.28
N MET V 158 -31.02 74.49 29.01
CA MET V 158 -30.28 73.54 28.17
C MET V 158 -30.36 73.90 26.68
N ILE V 159 -31.45 74.55 26.27
CA ILE V 159 -31.61 75.00 24.88
C ILE V 159 -30.52 75.99 24.49
N ILE V 160 -30.16 76.88 25.42
CA ILE V 160 -29.07 77.83 25.21
C ILE V 160 -27.71 77.12 25.23
N LEU V 161 -27.58 76.08 26.06
CA LEU V 161 -26.35 75.28 26.10
C LEU V 161 -26.21 74.31 24.93
N CYS V 162 -27.29 74.08 24.17
CA CYS V 162 -27.25 73.23 22.98
C CYS V 162 -26.36 73.83 21.89
N ILE V 163 -26.53 75.13 21.63
CA ILE V 163 -25.68 75.82 20.65
C ILE V 163 -24.29 76.14 21.24
N ALA V 164 -24.16 76.10 22.56
CA ALA V 164 -22.85 76.16 23.20
C ALA V 164 -22.04 74.91 22.89
N ALA V 165 -22.71 73.77 22.83
CA ALA V 165 -22.09 72.50 22.42
C ALA V 165 -21.73 72.50 20.94
N LEU V 166 -22.50 73.24 20.13
CA LEU V 166 -22.18 73.41 18.71
C LEU V 166 -20.98 74.34 18.53
N VAL V 167 -20.86 75.35 19.39
CA VAL V 167 -19.68 76.24 19.39
C VAL V 167 -18.44 75.47 19.81
N ILE V 168 -18.57 74.63 20.85
CA ILE V 168 -17.44 73.82 21.35
C ILE V 168 -17.03 72.76 20.32
N THR V 169 -17.98 72.35 19.49
CA THR V 169 -17.73 71.40 18.40
C THR V 169 -16.77 71.99 17.35
N LYS V 170 -16.89 73.29 17.09
CA LYS V 170 -16.06 73.96 16.09
C LYS V 170 -15.00 74.90 16.69
N LEU V 171 -14.58 74.63 17.93
CA LEU V 171 -13.51 75.40 18.58
C LEU V 171 -12.12 74.98 18.10
N ALA V 172 -12.02 73.79 17.51
CA ALA V 172 -10.74 73.26 17.03
C ALA V 172 -10.06 74.20 16.02
N ALA V 173 -10.85 74.82 15.15
CA ALA V 173 -10.33 75.80 14.19
C ALA V 173 -9.72 77.00 14.91
N GLY V 174 -10.45 77.53 15.88
CA GLY V 174 -9.96 78.61 16.74
C GLY V 174 -9.91 79.97 16.06
N ASP V 175 -10.94 80.28 15.26
CA ASP V 175 -11.04 81.58 14.59
C ASP V 175 -12.47 81.94 14.16
N ARG V 176 -13.47 81.42 14.88
CA ARG V 176 -14.88 81.62 14.55
C ARG V 176 -15.23 81.30 13.09
N SER V 177 -14.52 80.34 12.50
CA SER V 177 -14.76 79.95 11.11
C SER V 177 -15.93 78.98 10.99
N GLY V 178 -16.17 78.20 12.04
CA GLY V 178 -17.26 77.24 12.07
C GLY V 178 -18.64 77.84 12.32
N LEU V 179 -18.69 79.13 12.66
CA LEU V 179 -19.95 79.84 12.94
C LEU V 179 -21.05 79.54 11.92
N THR V 180 -20.66 79.46 10.65
CA THR V 180 -21.61 79.14 9.58
C THR V 180 -22.20 77.73 9.75
N ALA V 181 -21.34 76.78 10.12
CA ALA V 181 -21.78 75.40 10.38
C ALA V 181 -22.55 75.29 11.70
N VAL V 182 -22.21 76.14 12.66
CA VAL V 182 -22.91 76.18 13.96
C VAL V 182 -24.35 76.63 13.79
N ILE V 183 -24.57 77.64 12.95
CA ILE V 183 -25.90 78.15 12.64
C ILE V 183 -26.66 77.14 11.77
N ARG V 184 -25.97 76.56 10.80
CA ARG V 184 -26.54 75.56 9.89
C ARG V 184 -27.10 74.36 10.66
N ARG V 185 -26.27 73.79 11.54
CA ARG V 185 -26.70 72.66 12.37
C ARG V 185 -27.78 73.07 13.36
N ALA V 186 -27.68 74.28 13.91
CA ALA V 186 -28.69 74.80 14.84
C ALA V 186 -30.07 74.99 14.19
N ASN V 187 -30.12 74.94 12.86
CA ASN V 187 -31.39 74.93 12.12
C ASN V 187 -31.86 73.53 11.76
N ASN V 188 -30.90 72.65 11.43
CA ASN V 188 -31.21 71.23 11.18
C ASN V 188 -31.53 70.52 12.50
N VAL V 189 -30.65 70.70 13.47
CA VAL V 189 -30.91 70.29 14.85
C VAL V 189 -31.78 71.37 15.47
N LEU V 190 -32.42 71.07 16.59
CA LEU V 190 -33.02 72.10 17.43
C LEU V 190 -34.12 72.90 16.71
N LYS V 191 -34.71 72.30 15.68
CA LYS V 191 -35.69 73.00 14.83
C LYS V 191 -37.03 73.22 15.53
N ASN V 192 -37.45 72.23 16.33
CA ASN V 192 -38.66 72.37 17.14
C ASN V 192 -38.50 73.45 18.22
N GLU V 193 -37.29 73.60 18.73
CA GLU V 193 -37.00 74.58 19.77
C GLU V 193 -37.07 76.02 19.24
N MET V 194 -36.64 76.22 18.01
CA MET V 194 -36.67 77.55 17.37
C MET V 194 -38.10 78.01 17.05
N LYS V 195 -39.01 77.06 16.84
CA LYS V 195 -40.42 77.38 16.62
C LYS V 195 -41.06 77.97 17.88
N ARG V 196 -40.77 77.34 19.02
CA ARG V 196 -41.38 77.72 20.29
C ARG V 196 -40.67 78.86 21.03
N TYR V 197 -39.56 79.36 20.47
CA TYR V 197 -38.85 80.51 21.05
C TYR V 197 -38.36 81.47 19.97
N LYS V 198 -38.85 82.71 20.02
CA LYS V 198 -38.47 83.74 19.05
C LYS V 198 -37.01 84.17 19.20
N GLY V 199 -36.54 84.21 20.44
CA GLY V 199 -35.17 84.64 20.74
C GLY V 199 -34.12 83.54 20.70
N LEU V 200 -34.38 82.47 19.96
CA LEU V 200 -33.38 81.45 19.69
C LEU V 200 -32.67 81.82 18.40
N LEU V 201 -31.67 82.70 18.53
CA LEU V 201 -30.89 83.19 17.39
C LEU V 201 -29.52 82.50 17.39
N PRO V 202 -29.32 81.51 16.52
CA PRO V 202 -28.05 80.76 16.48
C PRO V 202 -26.83 81.65 16.32
N LYS V 203 -26.89 82.63 15.43
CA LYS V 203 -25.76 83.52 15.16
C LYS V 203 -25.42 84.39 16.37
N ASP V 204 -26.45 84.95 17.00
CA ASP V 204 -26.26 85.85 18.15
C ASP V 204 -25.76 85.12 19.40
N ILE V 205 -26.30 83.93 19.64
CA ILE V 205 -25.93 83.15 20.83
C ILE V 205 -24.56 82.48 20.66
N ALA V 206 -24.29 81.97 19.46
CA ALA V 206 -23.01 81.32 19.18
C ALA V 206 -21.84 82.29 19.33
N ASN V 207 -22.00 83.50 18.79
CA ASN V 207 -21.01 84.56 18.94
C ASN V 207 -20.77 84.96 20.39
N SER V 208 -21.81 84.84 21.21
CA SER V 208 -21.70 85.12 22.65
C SER V 208 -20.85 84.06 23.35
N PHE V 209 -21.07 82.80 22.99
CA PHE V 209 -20.26 81.70 23.54
C PHE V 209 -18.85 81.71 22.96
N TYR V 210 -18.71 82.08 21.68
CA TYR V 210 -17.38 82.27 21.09
C TYR V 210 -16.60 83.36 21.83
N GLU V 211 -17.29 84.42 22.23
CA GLU V 211 -16.67 85.54 22.95
C GLU V 211 -16.24 85.14 24.36
N VAL V 212 -17.11 84.43 25.08
CA VAL V 212 -16.86 84.08 26.48
C VAL V 212 -15.76 83.01 26.61
N PHE V 213 -15.67 82.11 25.63
CA PHE V 213 -14.60 81.10 25.62
C PHE V 213 -13.26 81.72 25.24
N GLU V 214 -13.29 82.71 24.36
CA GLU V 214 -12.08 83.44 23.96
C GLU V 214 -11.57 84.35 25.09
N LYS V 215 -12.48 85.13 25.67
CA LYS V 215 -12.13 86.06 26.74
C LYS V 215 -11.79 85.31 28.04
N HIS V 216 -12.48 84.20 28.29
CA HIS V 216 -12.26 83.39 29.49
C HIS V 216 -12.00 81.93 29.11
N PRO V 217 -10.71 81.57 28.90
CA PRO V 217 -10.33 80.19 28.57
C PRO V 217 -10.65 79.16 29.66
N HIS V 218 -10.78 79.60 30.90
CA HIS V 218 -11.15 78.72 32.01
C HIS V 218 -12.61 78.25 31.94
N PHE V 219 -13.48 79.05 31.31
CA PHE V 219 -14.89 78.68 31.15
C PHE V 219 -15.11 77.59 30.11
N ILE V 220 -14.17 77.40 29.19
CA ILE V 220 -14.29 76.33 28.18
C ILE V 220 -13.98 75.00 28.88
N ASP V 221 -13.08 75.06 29.87
CA ASP V 221 -12.78 73.90 30.71
C ASP V 221 -13.98 73.57 31.62
N VAL V 222 -14.67 74.60 32.07
CA VAL V 222 -15.87 74.44 32.90
C VAL V 222 -17.01 73.80 32.10
N PHE V 223 -17.17 74.21 30.84
CA PHE V 223 -18.23 73.69 29.98
C PHE V 223 -17.98 72.24 29.56
N VAL V 224 -16.73 71.92 29.22
CA VAL V 224 -16.37 70.56 28.81
C VAL V 224 -16.61 69.57 29.94
N HIS V 225 -16.17 69.92 31.15
CA HIS V 225 -16.37 69.05 32.32
C HIS V 225 -17.81 69.06 32.81
N PHE V 226 -18.57 70.11 32.48
CA PHE V 226 -20.01 70.10 32.70
C PHE V 226 -20.70 69.15 31.71
N GLY V 227 -20.29 69.22 30.44
CA GLY V 227 -20.84 68.38 29.38
C GLY V 227 -20.60 66.90 29.60
N ILE V 228 -19.43 66.56 30.13
CA ILE V 228 -19.09 65.19 30.49
C ILE V 228 -19.92 64.74 31.69
N ALA V 229 -20.07 65.63 32.67
CA ALA V 229 -20.91 65.36 33.84
C ALA V 229 -22.39 65.27 33.47
N GLN V 230 -22.80 66.10 32.51
CA GLN V 230 -24.17 66.07 31.98
C GLN V 230 -24.43 64.78 31.22
N SER V 231 -23.45 64.35 30.44
CA SER V 231 -23.55 63.12 29.65
C SER V 231 -23.37 61.85 30.49
N SER V 232 -22.94 62.01 31.74
CA SER V 232 -22.78 60.88 32.66
C SER V 232 -24.08 60.52 33.40
N THR V 233 -25.13 61.30 33.21
CA THR V 233 -26.40 61.08 33.91
C THR V 233 -27.14 59.84 33.40
N ARG V 234 -28.14 59.40 34.18
CA ARG V 234 -28.90 58.19 33.87
C ARG V 234 -29.98 58.45 32.82
N GLY V 235 -30.59 59.63 32.87
CA GLY V 235 -31.62 60.03 31.91
C GLY V 235 -32.29 61.34 32.29
N GLY V 236 -32.78 62.06 31.28
CA GLY V 236 -33.41 63.38 31.50
C GLY V 236 -34.54 63.68 30.53
N SER V 237 -34.40 64.75 29.76
CA SER V 237 -35.38 65.14 28.74
C SER V 237 -34.77 65.02 27.34
N ARG V 238 -35.58 65.20 26.30
CA ARG V 238 -35.09 65.10 24.92
C ARG V 238 -34.12 66.23 24.57
N VAL V 239 -34.33 67.40 25.17
CA VAL V 239 -33.44 68.54 24.97
C VAL V 239 -32.07 68.28 25.60
N GLU V 240 -32.05 67.54 26.70
CA GLU V 240 -30.80 67.08 27.31
C GLU V 240 -30.16 65.99 26.45
N GLY V 241 -31.00 65.22 25.76
CA GLY V 241 -30.54 64.27 24.74
C GLY V 241 -29.92 64.97 23.54
N ILE V 242 -30.44 66.14 23.18
CA ILE V 242 -29.87 66.97 22.11
C ILE V 242 -28.47 67.41 22.52
N PHE V 243 -28.37 68.00 23.70
CA PHE V 243 -27.10 68.49 24.23
C PHE V 243 -26.05 67.38 24.30
N ALA V 244 -26.44 66.22 24.81
CA ALA V 244 -25.53 65.08 24.94
C ALA V 244 -25.00 64.61 23.59
N GLY V 245 -25.88 64.55 22.59
CA GLY V 245 -25.49 64.17 21.24
C GLY V 245 -24.61 65.20 20.56
N LEU V 246 -24.99 66.47 20.69
CA LEU V 246 -24.22 67.58 20.10
C LEU V 246 -22.88 67.78 20.80
N PHE V 247 -22.82 67.50 22.10
CA PHE V 247 -21.58 67.61 22.85
C PHE V 247 -20.58 66.53 22.46
N MET V 248 -21.08 65.30 22.24
CA MET V 248 -20.23 64.18 21.86
C MET V 248 -19.75 64.24 20.40
N ASN V 249 -20.37 65.10 19.59
CA ASN V 249 -19.85 65.39 18.24
C ASN V 249 -18.54 66.16 18.32
N ALA V 250 -18.33 66.88 19.42
CA ALA V 250 -17.08 67.59 19.66
C ALA V 250 -15.92 66.65 19.96
N TYR V 251 -16.21 65.47 20.51
CA TYR V 251 -15.19 64.47 20.80
C TYR V 251 -14.39 64.15 19.54
N GLY V 252 -13.07 64.24 19.65
CA GLY V 252 -12.17 63.98 18.52
C GLY V 252 -12.00 65.17 17.59
N ALA V 253 -12.40 66.36 18.04
CA ALA V 253 -12.19 67.58 17.26
C ALA V 253 -10.72 67.99 17.34
N GLY V 254 -10.22 68.60 16.27
CA GLY V 254 -8.81 68.97 16.18
C GLY V 254 -7.88 67.80 15.92
N GLN V 255 -8.46 66.68 15.48
CA GLN V 255 -7.68 65.46 15.21
C GLN V 255 -8.47 64.53 14.29
N VAL V 256 -8.92 65.09 13.18
CA VAL V 256 -9.69 64.34 12.16
C VAL V 256 -8.76 63.46 11.32
N MET V 257 -7.51 63.89 11.13
CA MET V 257 -6.53 63.14 10.37
C MET V 257 -6.24 61.78 11.03
N LEU V 258 -6.43 61.72 12.34
CA LEU V 258 -6.31 60.48 13.11
C LEU V 258 -7.41 59.49 12.71
N ARG V 259 -8.63 59.99 12.54
CA ARG V 259 -9.77 59.15 12.16
C ARG V 259 -9.72 58.77 10.68
N TRP V 260 -9.33 59.71 9.82
CA TRP V 260 -9.20 59.44 8.38
C TRP V 260 -8.05 58.48 8.07
N GLY V 261 -7.06 58.40 8.96
CA GLY V 261 -5.97 57.44 8.82
C GLY V 261 -6.43 56.00 9.02
N VAL V 262 -7.40 55.80 9.90
CA VAL V 262 -8.00 54.49 10.13
C VAL V 262 -8.92 54.13 8.95
N LEU V 263 -9.55 55.15 8.35
CA LEU V 263 -10.41 54.96 7.19
C LEU V 263 -9.62 54.48 5.97
N ALA V 264 -8.47 55.10 5.74
CA ALA V 264 -7.57 54.70 4.64
C ALA V 264 -7.07 53.27 4.84
N LYS V 265 -6.83 52.90 6.10
CA LYS V 265 -6.45 51.53 6.46
C LYS V 265 -7.62 50.56 6.30
N SER V 266 -8.83 51.03 6.61
CA SER V 266 -10.05 50.22 6.48
C SER V 266 -10.38 49.93 5.01
N VAL V 267 -10.36 50.97 4.18
CA VAL V 267 -10.63 50.82 2.74
C VAL V 267 -9.44 50.25 1.96
N LYS V 268 -8.29 50.15 2.62
CA LYS V 268 -7.08 49.54 2.03
C LYS V 268 -6.55 50.32 0.85
N ASN V 269 -6.25 51.60 1.06
CA ASN V 269 -5.65 52.45 0.03
C ASN V 269 -4.22 51.98 -0.26
N ILE V 270 -3.94 51.70 -1.53
CA ILE V 270 -2.68 51.07 -1.95
C ILE V 270 -1.45 51.96 -1.72
N MET V 271 -1.65 53.28 -1.70
CA MET V 271 -0.54 54.22 -1.49
C MET V 271 -0.02 54.23 -0.04
N LEU V 272 -0.71 53.55 0.87
CA LEU V 272 -0.18 53.28 2.22
C LEU V 272 1.07 52.40 2.17
N GLY V 273 1.09 51.46 1.22
CA GLY V 273 2.23 50.56 1.04
C GLY V 273 3.43 51.18 0.33
N HIS V 274 3.32 52.44 -0.09
CA HIS V 274 4.40 53.16 -0.74
C HIS V 274 5.61 53.29 0.19
N ALA V 275 6.81 53.28 -0.39
CA ALA V 275 8.06 53.18 0.38
C ALA V 275 8.26 54.32 1.38
N SER V 276 8.10 55.56 0.92
CA SER V 276 8.30 56.73 1.78
C SER V 276 7.23 56.82 2.88
N VAL V 277 6.05 56.24 2.62
CA VAL V 277 5.01 56.14 3.64
C VAL V 277 5.39 55.07 4.66
N GLN V 278 5.97 53.96 4.19
CA GLN V 278 6.40 52.86 5.06
C GLN V 278 7.57 53.23 5.97
N ALA V 279 8.37 54.21 5.56
CA ALA V 279 9.48 54.70 6.38
C ALA V 279 8.96 55.40 7.65
N GLU V 280 7.80 56.02 7.54
CA GLU V 280 7.18 56.74 8.66
C GLU V 280 6.36 55.82 9.58
N MET V 281 6.02 54.63 9.11
CA MET V 281 5.10 53.72 9.81
C MET V 281 5.52 53.36 11.24
N GLU V 282 6.82 53.35 11.50
CA GLU V 282 7.32 53.10 12.86
C GLU V 282 6.87 54.21 13.82
N GLN V 283 6.92 55.46 13.35
CA GLN V 283 6.58 56.62 14.19
C GLN V 283 5.09 56.95 14.22
N VAL V 284 4.34 56.62 13.16
CA VAL V 284 2.90 56.90 13.14
C VAL V 284 2.15 55.95 14.06
N VAL V 285 2.68 54.74 14.24
CA VAL V 285 2.11 53.77 15.17
C VAL V 285 2.27 54.24 16.62
N GLU V 286 3.37 54.94 16.91
CA GLU V 286 3.62 55.47 18.26
C GLU V 286 2.55 56.47 18.71
N VAL V 287 2.10 57.32 17.79
CA VAL V 287 1.07 58.32 18.09
C VAL V 287 -0.33 57.67 18.16
N TYR V 288 -0.58 56.69 17.31
CA TYR V 288 -1.84 55.93 17.37
C TYR V 288 -1.93 55.09 18.65
N GLU V 289 -0.81 54.48 19.04
CA GLU V 289 -0.73 53.77 20.32
C GLU V 289 -0.82 54.74 21.51
N TYR V 290 -0.29 55.95 21.33
CA TYR V 290 -0.41 57.00 22.33
C TYR V 290 -1.85 57.50 22.45
N ALA V 291 -2.55 57.57 21.31
CA ALA V 291 -3.97 57.93 21.29
C ALA V 291 -4.82 56.83 21.95
N GLN V 292 -4.43 55.57 21.73
CA GLN V 292 -5.07 54.43 22.38
C GLN V 292 -4.79 54.40 23.89
N LYS V 293 -3.61 54.88 24.28
CA LYS V 293 -3.22 54.92 25.68
C LYS V 293 -4.06 55.92 26.47
N LEU V 294 -4.19 57.14 25.93
CA LEU V 294 -4.97 58.20 26.56
C LEU V 294 -6.45 57.83 26.66
N GLY V 295 -6.99 57.33 25.55
CA GLY V 295 -8.39 56.89 25.49
C GLY V 295 -9.36 58.06 25.37
N GLY V 296 -10.32 58.12 26.30
CA GLY V 296 -11.33 59.18 26.31
C GLY V 296 -10.77 60.55 26.65
N GLU V 297 -9.66 60.58 27.38
CA GLU V 297 -9.01 61.82 27.78
C GLU V 297 -8.56 62.66 26.58
N ALA V 298 -8.15 61.99 25.50
CA ALA V 298 -7.64 62.66 24.31
C ALA V 298 -8.72 63.29 23.41
N GLY V 299 -10.00 63.05 23.74
CA GLY V 299 -11.11 63.58 22.95
C GLY V 299 -11.18 65.09 22.89
N PHE V 300 -11.01 65.73 24.05
CA PHE V 300 -11.09 67.19 24.16
C PHE V 300 -9.71 67.82 24.38
N TYR V 301 -8.69 67.26 23.75
CA TYR V 301 -7.31 67.75 23.86
C TYR V 301 -7.06 69.00 23.01
N HIS V 302 -7.87 69.21 21.98
CA HIS V 302 -7.76 70.42 21.14
C HIS V 302 -8.82 71.46 21.47
N ILE V 303 -9.99 71.01 21.93
CA ILE V 303 -11.05 71.91 22.39
C ILE V 303 -10.55 72.67 23.61
N LEU V 304 -10.17 71.92 24.64
CA LEU V 304 -9.31 72.46 25.69
C LEU V 304 -7.94 72.52 25.05
N ASN V 305 -7.30 73.67 25.00
CA ASN V 305 -5.98 73.78 24.37
C ASN V 305 -4.91 73.10 25.22
N ASN V 306 -4.93 71.77 25.20
CA ASN V 306 -4.03 70.95 26.01
C ASN V 306 -2.63 70.95 25.40
N PRO V 307 -1.59 71.15 26.23
CA PRO V 307 -0.20 71.08 25.77
C PRO V 307 0.15 69.78 25.02
N LYS V 308 -0.46 68.68 25.43
CA LYS V 308 -0.20 67.37 24.84
C LYS V 308 -1.04 67.09 23.58
N ALA V 309 -1.75 68.09 23.08
CA ALA V 309 -2.53 67.98 21.85
C ALA V 309 -1.64 67.90 20.60
N SER V 310 -0.47 68.54 20.67
CA SER V 310 0.49 68.54 19.57
C SER V 310 1.11 67.16 19.33
N LEU V 311 1.12 66.32 20.37
CA LEU V 311 1.66 64.96 20.28
C LEU V 311 0.80 64.03 19.43
N LEU V 312 -0.49 64.33 19.31
CA LEU V 312 -1.43 63.53 18.52
C LEU V 312 -1.39 63.87 17.03
N SER V 313 -0.56 64.83 16.63
CA SER V 313 -0.49 65.29 15.25
C SER V 313 0.17 64.27 14.32
N LEU V 314 -0.48 64.00 13.18
CA LEU V 314 0.11 63.19 12.12
C LEU V 314 0.75 64.07 11.03
N THR V 315 0.54 65.38 11.13
CA THR V 315 1.08 66.35 10.16
C THR V 315 2.61 66.33 10.11
N GLN V 316 3.25 65.97 11.22
CA GLN V 316 4.70 65.78 11.27
C GLN V 316 5.19 64.70 10.30
N PHE V 317 4.29 63.83 9.85
CA PHE V 317 4.60 62.81 8.85
C PHE V 317 4.02 63.23 7.49
N PRO V 318 4.86 63.83 6.62
CA PRO V 318 4.37 64.37 5.33
C PRO V 318 3.73 63.34 4.40
N HIS V 319 4.34 62.17 4.28
CA HIS V 319 3.92 61.17 3.29
C HIS V 319 2.64 60.46 3.71
N PHE V 320 2.57 60.04 4.97
CA PHE V 320 1.38 59.35 5.50
C PHE V 320 0.17 60.30 5.54
N SER V 321 0.42 61.56 5.88
CA SER V 321 -0.64 62.57 5.90
C SER V 321 -1.24 62.80 4.51
N SER V 322 -0.37 62.78 3.49
CA SER V 322 -0.80 63.03 2.11
C SER V 322 -1.73 61.94 1.57
N VAL V 323 -1.34 60.68 1.76
CA VAL V 323 -2.17 59.54 1.31
C VAL V 323 -3.50 59.48 2.08
N VAL V 324 -3.47 59.82 3.36
CA VAL V 324 -4.67 59.84 4.19
C VAL V 324 -5.59 61.00 3.78
N LEU V 325 -5.00 62.15 3.50
CA LEU V 325 -5.77 63.32 3.07
C LEU V 325 -6.25 63.15 1.62
N GLY V 326 -5.49 62.40 0.83
CA GLY V 326 -5.89 62.03 -0.52
C GLY V 326 -7.04 61.03 -0.55
N ASN V 327 -6.96 60.02 0.32
CA ASN V 327 -8.03 59.03 0.47
C ASN V 327 -9.37 59.67 0.82
N ALA V 328 -9.33 60.66 1.71
CA ALA V 328 -10.51 61.42 2.10
C ALA V 328 -11.08 62.24 0.95
N ALA V 329 -10.18 62.77 0.11
CA ALA V 329 -10.58 63.55 -1.06
C ALA V 329 -11.22 62.68 -2.14
N GLY V 330 -10.66 61.49 -2.36
CA GLY V 330 -11.18 60.56 -3.35
C GLY V 330 -12.52 59.96 -2.97
N LEU V 331 -12.68 59.64 -1.69
CA LEU V 331 -13.96 59.18 -1.14
C LEU V 331 -15.00 60.31 -1.08
N GLY V 332 -14.53 61.57 -1.15
CA GLY V 332 -15.41 62.72 -1.21
C GLY V 332 -16.05 63.05 0.12
N ILE V 333 -15.25 63.01 1.18
CA ILE V 333 -15.73 63.31 2.54
C ILE V 333 -15.19 64.64 3.08
N MET V 334 -14.02 65.07 2.60
CA MET V 334 -13.47 66.38 2.99
C MET V 334 -14.07 67.50 2.13
N GLY V 335 -13.70 68.74 2.43
CA GLY V 335 -14.18 69.92 1.71
C GLY V 335 -15.29 70.62 2.49
N GLU V 336 -15.09 71.88 2.90
CA GLU V 336 -13.88 72.67 2.65
C GLU V 336 -12.94 72.57 3.84
N TYR V 337 -12.10 71.53 3.84
CA TYR V 337 -11.12 71.29 4.90
C TYR V 337 -9.81 71.97 4.51
N ARG V 338 -9.33 72.85 5.39
CA ARG V 338 -8.18 73.71 5.07
C ARG V 338 -6.82 73.06 5.36
N GLY V 339 -6.75 71.73 5.26
CA GLY V 339 -5.50 70.99 5.40
C GLY V 339 -4.87 70.76 4.03
N THR V 340 -3.59 71.12 3.90
CA THR V 340 -2.88 70.99 2.63
C THR V 340 -1.86 69.84 2.72
N PRO V 341 -1.84 68.97 1.69
CA PRO V 341 -0.87 67.86 1.69
C PRO V 341 0.54 68.34 1.38
N ARG V 342 1.51 67.89 2.18
CA ARG V 342 2.92 68.26 1.98
C ARG V 342 3.47 67.60 0.71
N ASN V 343 3.13 66.34 0.50
CA ASN V 343 3.48 65.62 -0.74
C ASN V 343 2.28 65.60 -1.67
N GLN V 344 2.38 66.32 -2.79
CA GLN V 344 1.26 66.44 -3.73
C GLN V 344 1.10 65.19 -4.61
N ASP V 345 2.21 64.55 -4.95
CA ASP V 345 2.19 63.36 -5.81
C ASP V 345 1.52 62.16 -5.12
N LEU V 346 1.81 61.98 -3.83
CA LEU V 346 1.18 60.93 -3.03
C LEU V 346 -0.31 61.22 -2.79
N TYR V 347 -0.65 62.50 -2.67
CA TYR V 347 -2.05 62.92 -2.50
C TYR V 347 -2.89 62.61 -3.74
N ASP V 348 -2.36 62.95 -4.91
CA ASP V 348 -3.06 62.72 -6.19
C ASP V 348 -3.19 61.23 -6.50
N ALA V 349 -2.17 60.44 -6.18
CA ALA V 349 -2.19 59.00 -6.39
C ALA V 349 -3.19 58.30 -5.46
N ALA V 350 -3.27 58.78 -4.22
CA ALA V 350 -4.22 58.25 -3.24
C ALA V 350 -5.65 58.66 -3.58
N LYS V 351 -5.81 59.90 -4.05
CA LYS V 351 -7.12 60.41 -4.48
C LYS V 351 -7.64 59.62 -5.69
N ALA V 352 -6.75 59.30 -6.61
CA ALA V 352 -7.10 58.56 -7.82
C ALA V 352 -7.63 57.17 -7.52
N TYR V 353 -6.97 56.46 -6.60
CA TYR V 353 -7.40 55.11 -6.21
C TYR V 353 -8.65 55.15 -5.33
N ALA V 354 -8.72 56.13 -4.43
CA ALA V 354 -9.87 56.29 -3.55
C ALA V 354 -11.16 56.54 -4.34
N GLU V 355 -11.03 57.22 -5.48
CA GLU V 355 -12.14 57.37 -6.41
C GLU V 355 -12.51 56.03 -7.06
N GLN V 356 -11.48 55.25 -7.40
CA GLN V 356 -11.68 53.91 -7.95
C GLN V 356 -12.29 52.92 -6.94
N LEU V 357 -12.03 53.15 -5.65
CA LEU V 357 -12.57 52.30 -4.58
C LEU V 357 -14.07 52.49 -4.39
N LYS V 358 -14.49 53.74 -4.21
CA LYS V 358 -15.90 54.08 -4.02
C LYS V 358 -16.73 53.84 -5.27
N GLU V 359 -16.05 53.61 -6.39
CA GLU V 359 -16.69 53.49 -7.68
C GLU V 359 -17.60 52.27 -7.68
N ASN V 360 -18.87 52.48 -8.07
CA ASN V 360 -19.79 51.38 -8.35
C ASN V 360 -20.34 50.69 -7.08
N GLY V 361 -20.81 49.45 -7.18
CA GLY V 361 -21.55 48.77 -6.11
C GLY V 361 -22.19 47.44 -6.47
N VAL V 362 -21.35 46.40 -6.58
CA VAL V 362 -21.83 45.02 -6.82
C VAL V 362 -22.23 44.36 -5.49
N ILE V 363 -23.11 43.37 -5.57
CA ILE V 363 -23.52 42.59 -4.40
C ILE V 363 -22.50 41.47 -4.12
N ASN V 364 -22.02 41.40 -2.88
CA ASN V 364 -21.14 40.32 -2.44
C ASN V 364 -21.94 39.24 -1.73
N TYR V 365 -22.09 38.09 -2.40
CA TYR V 365 -22.95 37.00 -1.91
C TYR V 365 -22.26 36.09 -0.90
N SER V 366 -20.94 36.18 -0.81
CA SER V 366 -20.16 35.39 0.15
C SER V 366 -20.31 35.90 1.58
N VAL V 367 -20.74 37.14 1.74
CA VAL V 367 -20.94 37.75 3.05
C VAL V 367 -22.14 37.14 3.77
N LEU V 368 -23.23 36.95 3.02
CA LEU V 368 -24.46 36.39 3.59
C LEU V 368 -24.27 34.89 3.86
N ASP V 369 -25.06 34.36 4.80
CA ASP V 369 -25.01 32.95 5.15
C ASP V 369 -26.00 32.15 4.30
N LEU V 370 -25.85 32.26 2.98
CA LEU V 370 -26.74 31.60 2.03
C LEU V 370 -26.38 30.11 1.92
N THR V 371 -27.40 29.25 1.92
CA THR V 371 -27.21 27.81 1.85
C THR V 371 -27.40 27.33 0.41
N ALA W 2 36.05 32.90 37.14
CA ALA W 2 35.55 32.94 35.74
C ALA W 2 35.90 34.25 35.05
N LEU W 3 35.95 34.22 33.72
CA LEU W 3 36.26 35.42 32.93
C LEU W 3 35.01 36.28 32.69
N SER W 4 33.84 35.77 33.09
CA SER W 4 32.61 36.54 33.02
C SER W 4 32.52 37.59 34.13
N LYS W 5 33.21 37.34 35.25
CA LYS W 5 33.16 38.23 36.41
C LYS W 5 34.02 39.48 36.25
N VAL W 6 35.12 39.38 35.50
CA VAL W 6 35.99 40.53 35.25
C VAL W 6 35.25 41.61 34.45
N LYS W 7 34.62 42.52 35.19
CA LYS W 7 33.82 43.60 34.60
C LYS W 7 33.80 44.79 35.56
N LEU W 8 33.37 45.95 35.04
CA LEU W 8 33.30 47.16 35.87
C LEU W 8 32.36 48.18 35.24
N ASN W 9 31.18 48.35 35.84
CA ASN W 9 30.18 49.29 35.34
C ASN W 9 30.53 50.71 35.79
N ASP W 10 31.40 51.37 35.01
CA ASP W 10 31.85 52.73 35.33
C ASP W 10 30.73 53.76 35.19
N THR W 11 29.88 53.58 34.18
CA THR W 11 28.77 54.51 33.92
C THR W 11 27.79 54.58 35.09
N LEU W 12 27.48 53.43 35.67
CA LEU W 12 26.55 53.36 36.80
C LEU W 12 27.22 53.82 38.11
N ASN W 13 28.51 53.52 38.25
CA ASN W 13 29.27 53.92 39.44
C ASN W 13 29.55 55.42 39.49
N LYS W 14 29.81 56.03 38.33
CA LYS W 14 29.99 57.48 38.23
C LYS W 14 28.72 58.21 38.65
N ASP W 15 27.57 57.69 38.22
CA ASP W 15 26.26 58.24 38.61
C ASP W 15 26.03 58.06 40.12
N GLN W 16 26.42 56.91 40.64
CA GLN W 16 26.29 56.61 42.07
C GLN W 16 27.15 57.54 42.93
N LEU W 17 28.30 57.95 42.42
CA LEU W 17 29.18 58.89 43.11
C LEU W 17 28.54 60.26 43.22
N LEU W 18 28.02 60.77 42.10
CA LEU W 18 27.43 62.11 42.05
C LEU W 18 26.06 62.18 42.73
N SER W 19 25.31 61.08 42.66
CA SER W 19 23.99 61.01 43.29
C SER W 19 24.08 60.99 44.82
N SER W 20 25.16 60.41 45.35
CA SER W 20 25.35 60.29 46.80
C SER W 20 26.44 61.24 47.29
N SER W 21 26.34 62.51 46.93
CA SER W 21 27.26 63.55 47.39
C SER W 21 26.88 64.00 48.79
N LYS W 22 27.84 64.03 49.70
CA LYS W 22 27.59 64.44 51.09
C LYS W 22 27.47 65.95 51.20
N TYR W 23 28.15 66.67 50.30
CA TYR W 23 28.27 68.12 50.37
C TYR W 23 27.67 68.76 49.12
N THR W 24 27.35 70.04 49.22
CA THR W 24 26.69 70.78 48.13
C THR W 24 27.32 72.14 47.90
N ILE W 25 27.41 72.53 46.63
CA ILE W 25 27.83 73.89 46.25
C ILE W 25 26.60 74.74 45.93
N GLN W 26 26.68 76.03 46.26
CA GLN W 26 25.58 76.96 46.02
C GLN W 26 26.13 78.22 45.35
N ARG W 27 25.77 78.40 44.09
CA ARG W 27 26.36 79.43 43.23
C ARG W 27 25.77 80.81 43.52
N SER W 28 26.60 81.83 43.34
CA SER W 28 26.21 83.21 43.63
C SER W 28 25.12 83.69 42.68
N THR W 29 23.87 83.58 43.12
CA THR W 29 22.73 84.06 42.35
C THR W 29 22.77 85.59 42.27
N GLY W 30 23.29 86.21 43.34
CA GLY W 30 23.52 87.66 43.38
C GLY W 30 23.10 88.27 44.70
N ASP W 31 22.67 89.53 44.63
CA ASP W 31 22.21 90.25 45.82
C ASP W 31 20.71 90.06 46.06
N SER W 32 19.93 90.01 44.99
CA SER W 32 18.49 89.82 45.10
C SER W 32 17.85 89.34 43.78
N ILE W 33 16.77 88.57 43.90
CA ILE W 33 15.95 88.16 42.76
C ILE W 33 14.50 88.56 43.01
N ASP W 34 13.86 89.11 41.97
CA ASP W 34 12.45 89.44 42.04
C ASP W 34 11.60 88.20 41.89
N THR W 35 10.80 87.89 42.91
CA THR W 35 9.92 86.73 42.90
C THR W 35 8.46 87.20 42.96
N PRO W 36 7.88 87.56 41.81
CA PRO W 36 6.49 88.04 41.79
C PRO W 36 5.50 86.91 42.01
N ASN W 37 4.37 87.22 42.63
CA ASN W 37 3.32 86.24 42.91
C ASN W 37 2.20 86.34 41.86
N TYR W 38 1.08 85.67 42.12
CA TYR W 38 -0.03 85.61 41.16
C TYR W 38 -0.77 86.95 41.03
N ASP W 39 -0.74 87.75 42.10
CA ASP W 39 -1.42 89.05 42.11
C ASP W 39 -0.81 90.06 41.12
N VAL W 40 0.51 89.96 40.92
CA VAL W 40 1.24 90.86 40.02
C VAL W 40 1.26 90.33 38.57
N GLN W 41 0.98 89.05 38.40
CA GLN W 41 0.99 88.41 37.06
C GLN W 41 0.23 89.22 36.00
N LYS W 42 -0.94 89.73 36.38
CA LYS W 42 -1.82 90.45 35.44
C LYS W 42 -1.23 91.81 35.05
N HIS W 43 -0.41 92.39 35.94
CA HIS W 43 0.28 93.65 35.65
C HIS W 43 1.44 93.44 34.69
N ILE W 44 2.13 92.30 34.80
CA ILE W 44 3.26 91.98 33.93
C ILE W 44 2.77 91.65 32.52
N ASN W 45 1.63 90.98 32.43
CA ASN W 45 0.99 90.72 31.13
C ASN W 45 0.65 92.01 30.39
N LYS W 46 0.24 93.03 31.15
CA LYS W 46 -0.02 94.36 30.62
C LYS W 46 1.29 95.01 30.15
N LEU W 47 2.34 94.85 30.96
CA LEU W 47 3.67 95.36 30.61
C LEU W 47 4.23 94.67 29.36
N CYS W 48 3.98 93.36 29.26
CA CYS W 48 4.35 92.59 28.08
C CYS W 48 3.58 93.06 26.85
N GLY W 49 2.31 93.40 27.04
CA GLY W 49 1.46 93.93 25.97
C GLY W 49 1.91 95.29 25.48
N MET W 50 2.36 96.15 26.39
CA MET W 50 2.86 97.48 26.04
C MET W 50 4.05 97.42 25.09
N LEU W 51 4.97 96.50 25.35
CA LEU W 51 6.13 96.28 24.47
C LEU W 51 5.70 95.75 23.10
N LEU W 52 4.66 94.94 23.08
CA LEU W 52 4.16 94.34 21.84
C LEU W 52 3.43 95.34 20.92
N ILE W 53 2.68 96.26 21.52
CA ILE W 53 1.97 97.28 20.72
C ILE W 53 2.88 98.42 20.26
N THR W 54 4.03 98.58 20.92
CA THR W 54 4.97 99.65 20.59
C THR W 54 5.69 99.36 19.28
N GLU W 55 5.58 100.28 18.32
CA GLU W 55 6.25 100.15 17.02
C GLU W 55 7.74 100.44 17.19
N ASP W 56 8.59 99.52 16.72
CA ASP W 56 10.04 99.61 16.90
C ASP W 56 10.40 99.76 18.39
N ALA W 57 9.97 98.79 19.18
CA ALA W 57 10.12 98.84 20.64
C ALA W 57 11.54 98.48 21.07
N ASN W 58 11.95 99.01 22.22
CA ASN W 58 13.23 98.69 22.82
C ASN W 58 13.11 97.42 23.66
N HIS W 59 13.50 96.29 23.08
CA HIS W 59 13.47 95.00 23.79
C HIS W 59 14.81 94.73 24.47
N LYS W 60 15.26 95.67 25.29
CA LYS W 60 16.47 95.51 26.08
C LYS W 60 16.16 94.76 27.37
N PHE W 61 14.93 94.96 27.88
CA PHE W 61 14.51 94.40 29.16
C PHE W 61 13.45 93.30 29.02
N THR W 62 13.07 92.97 27.79
CA THR W 62 11.99 92.01 27.53
C THR W 62 12.35 90.58 27.93
N GLY W 63 13.64 90.24 27.84
CA GLY W 63 14.13 88.96 28.32
C GLY W 63 13.95 88.83 29.83
N LEU W 64 14.21 89.92 30.54
CA LEU W 64 14.02 89.97 31.99
C LEU W 64 12.54 90.05 32.35
N ILE W 65 11.80 90.89 31.62
CA ILE W 65 10.35 91.03 31.82
C ILE W 65 9.62 89.71 31.51
N GLY W 66 10.14 88.97 30.53
CA GLY W 66 9.62 87.65 30.19
C GLY W 66 9.76 86.66 31.33
N MET W 67 10.92 86.67 31.98
CA MET W 67 11.18 85.81 33.14
C MET W 67 10.27 86.18 34.32
N LEU W 68 10.00 87.48 34.49
CA LEU W 68 9.11 87.95 35.55
C LEU W 68 7.68 87.44 35.37
N TYR W 69 7.23 87.32 34.12
CA TYR W 69 5.90 86.77 33.83
C TYR W 69 5.86 85.27 34.08
N ALA W 70 6.94 84.57 33.72
CA ALA W 70 7.06 83.14 33.96
C ALA W 70 7.10 82.82 35.46
N MET W 71 7.78 83.65 36.23
CA MET W 71 7.86 83.49 37.68
C MET W 71 6.55 83.87 38.37
N SER W 72 5.83 84.85 37.82
CA SER W 72 4.53 85.26 38.35
C SER W 72 3.47 84.18 38.13
N ARG W 73 3.59 83.46 37.01
CA ARG W 73 2.72 82.31 36.73
C ARG W 73 2.99 81.17 37.70
N LEU W 74 4.27 80.94 38.00
CA LEU W 74 4.67 79.92 38.98
C LEU W 74 4.21 80.32 40.38
N GLY W 75 4.49 81.57 40.77
CA GLY W 75 4.13 82.09 42.09
C GLY W 75 5.32 82.09 43.02
N ARG W 76 5.37 83.10 43.90
CA ARG W 76 6.51 83.32 44.80
C ARG W 76 6.98 82.06 45.51
N GLU W 77 6.04 81.26 46.01
CA GLU W 77 6.38 80.03 46.74
C GLU W 77 7.07 78.99 45.86
N ASP W 78 6.56 78.79 44.65
CA ASP W 78 7.12 77.80 43.73
C ASP W 78 8.46 78.25 43.15
N THR W 79 8.50 79.45 42.58
CA THR W 79 9.73 79.96 41.95
C THR W 79 10.91 80.04 42.92
N ILE W 80 10.63 80.30 44.20
CA ILE W 80 11.67 80.21 45.24
C ILE W 80 12.09 78.75 45.44
N LYS W 81 11.10 77.85 45.44
CA LYS W 81 11.35 76.42 45.57
C LYS W 81 12.19 75.86 44.43
N ILE W 82 12.00 76.37 43.21
CA ILE W 82 12.74 75.86 42.04
C ILE W 82 14.18 76.39 42.00
N LEU W 83 14.39 77.60 42.52
CA LEU W 83 15.75 78.16 42.64
C LEU W 83 16.56 77.43 43.70
N ARG W 84 15.93 77.11 44.84
CA ARG W 84 16.61 76.38 45.92
C ARG W 84 16.89 74.93 45.56
N ASP W 85 15.96 74.29 44.85
CA ASP W 85 16.16 72.91 44.37
C ASP W 85 17.25 72.83 43.31
N ALA W 86 17.39 73.89 42.52
CA ALA W 86 18.47 73.98 41.52
C ALA W 86 19.84 74.08 42.19
N GLY W 87 19.90 74.74 43.34
CA GLY W 87 21.14 74.90 44.11
C GLY W 87 21.61 76.34 44.11
N TYR W 88 20.74 77.24 44.58
CA TYR W 88 21.03 78.67 44.62
C TYR W 88 20.50 79.30 45.90
N HIS W 89 21.32 80.15 46.54
CA HIS W 89 20.87 80.97 47.66
C HIS W 89 20.13 82.18 47.12
N VAL W 90 18.87 82.35 47.52
CA VAL W 90 18.01 83.39 46.96
C VAL W 90 17.49 84.38 48.01
N LYS W 91 17.85 85.65 47.83
CA LYS W 91 17.31 86.75 48.61
C LYS W 91 16.07 87.27 47.87
N ALA W 92 14.91 86.71 48.22
CA ALA W 92 13.67 86.99 47.50
C ALA W 92 13.18 88.43 47.71
N ASN W 93 12.93 89.14 46.61
CA ASN W 93 12.40 90.50 46.65
C ASN W 93 10.92 90.51 46.28
N GLY W 94 10.09 90.99 47.19
CA GLY W 94 8.64 91.02 46.99
C GLY W 94 8.22 92.08 45.99
N VAL W 95 7.49 91.66 44.96
CA VAL W 95 7.02 92.58 43.91
C VAL W 95 5.62 93.06 44.25
N ASP W 96 5.48 94.37 44.42
CA ASP W 96 4.20 95.00 44.75
C ASP W 96 3.89 96.14 43.80
N VAL W 97 2.60 96.40 43.56
CA VAL W 97 2.16 97.46 42.66
C VAL W 97 2.04 98.78 43.43
N THR W 98 2.73 99.81 42.96
CA THR W 98 2.69 101.13 43.57
C THR W 98 2.48 102.22 42.52
N THR W 99 1.74 103.26 42.88
CA THR W 99 1.45 104.36 41.97
C THR W 99 2.53 105.44 42.06
N HIS W 100 3.25 105.65 40.96
CA HIS W 100 4.33 106.63 40.89
C HIS W 100 3.86 107.89 40.16
N ARG W 101 4.08 109.05 40.79
CA ARG W 101 3.71 110.34 40.20
C ARG W 101 4.94 111.07 39.68
N GLN W 102 4.94 111.37 38.38
CA GLN W 102 6.04 112.08 37.73
C GLN W 102 5.51 113.03 36.66
N ASP W 103 6.11 114.19 36.54
CA ASP W 103 5.65 115.22 35.61
C ASP W 103 6.40 115.19 34.27
N ILE W 104 5.87 114.39 33.34
CA ILE W 104 6.42 114.30 31.99
C ILE W 104 5.85 115.43 31.14
N ASN W 105 6.74 116.19 30.48
CA ASN W 105 6.36 117.33 29.64
C ASN W 105 5.54 118.39 30.38
N GLY W 106 5.87 118.61 31.65
CA GLY W 106 5.20 119.62 32.47
C GLY W 106 4.00 119.08 33.24
N LYS W 107 3.14 118.35 32.55
CA LYS W 107 1.90 117.81 33.14
C LYS W 107 2.20 116.63 34.06
N GLU W 108 1.66 116.68 35.28
CA GLU W 108 1.87 115.61 36.26
C GLU W 108 1.05 114.38 35.88
N MET W 109 1.72 113.23 35.77
CA MET W 109 1.09 111.99 35.33
C MET W 109 1.28 110.87 36.34
N LYS W 110 0.28 109.98 36.42
CA LYS W 110 0.32 108.81 37.29
C LYS W 110 0.72 107.56 36.51
N PHE W 111 1.45 106.66 37.16
CA PHE W 111 1.89 105.41 36.54
C PHE W 111 1.89 104.27 37.56
N GLU W 112 1.25 103.16 37.20
CA GLU W 112 1.28 101.95 38.02
C GLU W 112 2.57 101.19 37.72
N VAL W 113 3.45 101.09 38.71
CA VAL W 113 4.75 100.45 38.53
C VAL W 113 5.00 99.36 39.58
N LEU W 114 5.84 98.39 39.22
CA LEU W 114 6.20 97.29 40.11
C LEU W 114 7.45 97.62 40.91
N THR W 115 7.49 97.17 42.17
CA THR W 115 8.66 97.34 43.02
C THR W 115 9.72 96.28 42.69
N LEU W 116 10.39 96.46 41.56
CA LEU W 116 11.38 95.51 41.08
C LEU W 116 12.80 96.02 41.35
N ALA W 117 13.69 95.11 41.75
CA ALA W 117 15.10 95.42 41.95
C ALA W 117 15.84 95.43 40.63
N SER W 118 15.57 94.43 39.80
CA SER W 118 16.23 94.29 38.49
C SER W 118 15.76 95.35 37.49
N LEU W 119 14.51 95.77 37.60
CA LEU W 119 13.93 96.76 36.69
C LEU W 119 13.59 98.06 37.43
N THR W 120 14.16 99.17 36.96
CA THR W 120 13.97 100.47 37.60
C THR W 120 12.58 101.04 37.29
N THR W 121 12.04 101.83 38.21
CA THR W 121 10.76 102.51 38.00
C THR W 121 10.85 103.61 36.94
N GLU W 122 12.07 104.07 36.66
CA GLU W 122 12.30 105.11 35.65
C GLU W 122 12.16 104.55 34.24
N ILE W 123 12.55 103.30 34.03
CA ILE W 123 12.47 102.66 32.72
C ILE W 123 11.10 102.01 32.50
N GLN W 124 10.41 101.65 33.60
CA GLN W 124 9.06 101.07 33.53
C GLN W 124 8.06 102.06 32.96
N ILE W 125 8.13 103.32 33.40
CA ILE W 125 7.25 104.36 32.89
C ILE W 125 7.51 104.69 31.42
N ASN W 126 8.77 104.56 30.99
CA ASN W 126 9.15 104.80 29.59
C ASN W 126 8.59 103.74 28.64
N ILE W 127 8.40 102.52 29.14
CA ILE W 127 7.74 101.46 28.38
C ILE W 127 6.26 101.81 28.18
N GLU W 128 5.63 102.35 29.22
CA GLU W 128 4.23 102.78 29.16
C GLU W 128 4.06 104.07 28.35
N ILE W 129 5.03 104.97 28.46
CA ILE W 129 5.00 106.24 27.70
C ILE W 129 5.09 105.99 26.19
N GLU W 130 6.05 105.17 25.77
CA GLU W 130 6.24 104.85 24.36
C GLU W 130 5.11 104.00 23.77
N SER W 131 4.44 103.22 24.63
CA SER W 131 3.29 102.41 24.20
C SER W 131 2.06 103.29 23.98
N ARG W 132 1.88 104.30 24.82
CA ARG W 132 0.78 105.28 24.66
C ARG W 132 0.90 106.07 23.36
N LYS W 133 2.14 106.37 22.96
CA LYS W 133 2.40 107.03 21.68
C LYS W 133 1.97 106.16 20.51
N SER W 134 2.35 104.88 20.56
CA SER W 134 1.99 103.91 19.53
C SER W 134 0.49 103.55 19.59
N TYR W 135 -0.10 103.63 20.78
CA TYR W 135 -1.52 103.34 20.96
C TYR W 135 -2.39 104.41 20.30
N LYS W 136 -2.08 105.68 20.53
CA LYS W 136 -2.85 106.77 19.94
C LYS W 136 -2.64 106.88 18.43
N LYS W 137 -1.45 106.49 17.97
CA LYS W 137 -1.16 106.41 16.53
C LYS W 137 -1.95 105.27 15.90
N MET W 138 -2.06 104.16 16.63
CA MET W 138 -2.87 103.03 16.20
C MET W 138 -4.36 103.39 16.24
N LEU W 139 -4.77 104.11 17.28
CA LEU W 139 -6.16 104.57 17.44
C LEU W 139 -6.55 105.56 16.35
N LYS W 140 -5.59 106.35 15.89
CA LYS W 140 -5.83 107.35 14.84
C LYS W 140 -5.98 106.70 13.46
N GLU W 141 -5.34 105.55 13.27
CA GLU W 141 -5.36 104.85 11.97
C GLU W 141 -6.62 104.02 11.77
N MET W 142 -7.00 103.23 12.76
CA MET W 142 -8.14 102.32 12.64
C MET W 142 -9.37 102.75 13.45
N GLY W 143 -9.31 103.93 14.07
CA GLY W 143 -10.43 104.46 14.85
C GLY W 143 -10.61 103.74 16.18
N GLU W 144 -11.21 102.55 16.11
CA GLU W 144 -11.42 101.72 17.30
C GLU W 144 -10.50 100.50 17.25
N VAL W 145 -9.65 100.36 18.27
CA VAL W 145 -8.75 99.21 18.36
C VAL W 145 -9.48 97.99 18.93
N ALA W 146 -9.28 96.84 18.30
CA ALA W 146 -9.96 95.61 18.70
C ALA W 146 -9.24 94.94 19.87
N PRO W 147 -9.89 93.96 20.54
CA PRO W 147 -9.26 93.20 21.62
C PRO W 147 -7.96 92.47 21.23
N GLU W 148 -7.83 92.11 19.96
CA GLU W 148 -6.64 91.38 19.48
C GLU W 148 -5.41 92.28 19.42
N TYR W 149 -5.59 93.51 18.95
CA TYR W 149 -4.48 94.43 18.73
C TYR W 149 -3.99 95.15 19.99
N ARG W 150 -4.78 95.12 21.06
CA ARG W 150 -4.47 95.88 22.28
C ARG W 150 -3.59 95.13 23.27
N HIS W 151 -3.03 95.88 24.21
CA HIS W 151 -2.12 95.34 25.23
C HIS W 151 -2.81 94.54 26.35
N ASP W 152 -4.12 94.73 26.50
CA ASP W 152 -4.88 94.08 27.58
C ASP W 152 -5.12 92.58 27.36
N SER W 153 -4.88 92.09 26.14
CA SER W 153 -5.10 90.68 25.82
C SER W 153 -4.27 89.75 26.71
N PRO W 154 -4.85 88.61 27.14
CA PRO W 154 -4.14 87.67 28.00
C PRO W 154 -3.00 86.90 27.31
N ASP W 155 -2.99 86.90 25.98
CA ASP W 155 -1.96 86.21 25.21
C ASP W 155 -0.60 86.93 25.27
N CYS W 156 -0.63 88.25 25.40
CA CYS W 156 0.57 89.10 25.35
C CYS W 156 1.78 88.52 26.11
N GLY W 157 1.54 88.06 27.34
CA GLY W 157 2.61 87.50 28.17
C GLY W 157 3.22 86.23 27.61
N MET W 158 2.36 85.34 27.12
CA MET W 158 2.80 84.07 26.54
C MET W 158 3.39 84.24 25.14
N ILE W 159 2.94 85.26 24.41
CA ILE W 159 3.47 85.57 23.08
C ILE W 159 4.96 85.90 23.15
N ILE W 160 5.36 86.64 24.19
CA ILE W 160 6.76 86.95 24.41
C ILE W 160 7.55 85.71 24.85
N LEU W 161 6.90 84.83 25.61
CA LEU W 161 7.52 83.57 26.04
C LEU W 161 7.57 82.51 24.92
N CYS W 162 6.83 82.71 23.85
CA CYS W 162 6.86 81.79 22.71
C CYS W 162 8.22 81.81 22.00
N ILE W 163 8.77 83.00 21.77
CA ILE W 163 10.11 83.12 21.19
C ILE W 163 11.21 82.83 22.22
N ALA W 164 10.87 82.88 23.50
CA ALA W 164 11.77 82.41 24.56
C ALA W 164 11.95 80.91 24.48
N ALA W 165 10.87 80.20 24.12
CA ALA W 165 10.92 78.75 23.90
C ALA W 165 11.70 78.41 22.62
N LEU W 166 11.68 79.32 21.64
CA LEU W 166 12.50 79.17 20.43
C LEU W 166 13.98 79.41 20.72
N VAL W 167 14.27 80.35 21.63
CA VAL W 167 15.65 80.59 22.07
C VAL W 167 16.17 79.40 22.87
N ILE W 168 15.33 78.85 23.74
CA ILE W 168 15.71 77.68 24.54
C ILE W 168 15.89 76.44 23.67
N THR W 169 15.18 76.40 22.54
CA THR W 169 15.30 75.33 21.55
C THR W 169 16.69 75.29 20.91
N LYS W 170 17.30 76.47 20.72
CA LYS W 170 18.62 76.57 20.09
C LYS W 170 19.74 76.99 21.08
N LEU W 171 19.55 76.70 22.36
CA LEU W 171 20.59 76.97 23.36
C LEU W 171 21.69 75.90 23.37
N ALA W 172 21.41 74.73 22.79
CA ALA W 172 22.37 73.63 22.75
C ALA W 172 23.69 74.03 22.09
N ALA W 173 23.62 74.84 21.05
CA ALA W 173 24.82 75.35 20.36
C ALA W 173 25.65 76.22 21.32
N GLY W 174 24.98 77.13 22.02
CA GLY W 174 25.62 77.94 23.05
C GLY W 174 26.50 79.06 22.51
N ASP W 175 26.07 79.69 21.43
CA ASP W 175 26.80 80.82 20.85
C ASP W 175 25.93 81.74 19.97
N ARG W 176 24.64 81.81 20.27
CA ARG W 176 23.67 82.60 19.49
C ARG W 176 23.70 82.30 17.99
N SER W 177 24.06 81.07 17.61
CA SER W 177 24.14 80.67 16.20
C SER W 177 22.75 80.35 15.64
N GLY W 178 21.86 79.88 16.49
CA GLY W 178 20.49 79.54 16.09
C GLY W 178 19.56 80.72 15.90
N LEU W 179 20.01 81.93 16.27
CA LEU W 179 19.21 83.15 16.14
C LEU W 179 18.51 83.29 14.78
N THR W 180 19.19 82.88 13.71
CA THR W 180 18.62 82.91 12.37
C THR W 180 17.43 81.96 12.26
N ALA W 181 17.56 80.76 12.84
CA ALA W 181 16.48 79.78 12.87
C ALA W 181 15.36 80.19 13.83
N VAL W 182 15.71 80.90 14.90
CA VAL W 182 14.73 81.39 15.88
C VAL W 182 13.81 82.43 15.24
N ILE W 183 14.39 83.32 14.43
CA ILE W 183 13.64 84.35 13.71
C ILE W 183 12.83 83.71 12.58
N ARG W 184 13.44 82.77 11.88
CA ARG W 184 12.80 82.03 10.78
C ARG W 184 11.54 81.33 11.25
N ARG W 185 11.65 80.55 12.33
CA ARG W 185 10.50 79.84 12.89
C ARG W 185 9.48 80.81 13.48
N ALA W 186 9.95 81.91 14.09
CA ALA W 186 9.07 82.93 14.64
C ALA W 186 8.23 83.65 13.57
N ASN W 187 8.60 83.47 12.30
CA ASN W 187 7.81 83.97 11.17
C ASN W 187 6.88 82.90 10.60
N ASN W 188 7.35 81.66 10.56
CA ASN W 188 6.52 80.52 10.15
C ASN W 188 5.49 80.20 11.23
N VAL W 189 5.99 80.05 12.46
CA VAL W 189 5.13 79.96 13.65
C VAL W 189 4.73 81.39 14.00
N LEU W 190 3.69 81.54 14.80
CA LEU W 190 3.40 82.81 15.45
C LEU W 190 3.11 83.94 14.44
N LYS W 191 2.67 83.56 13.25
CA LYS W 191 2.47 84.52 12.15
C LYS W 191 1.24 85.40 12.37
N ASN W 192 0.17 84.82 12.91
CA ASN W 192 -1.02 85.58 13.27
C ASN W 192 -0.74 86.59 14.39
N GLU W 193 0.17 86.23 15.30
CA GLU W 193 0.52 87.08 16.43
C GLU W 193 1.31 88.32 15.98
N MET W 194 2.16 88.16 14.97
CA MET W 194 2.96 89.27 14.43
C MET W 194 2.11 90.29 13.67
N LYS W 195 0.99 89.85 13.11
CA LYS W 195 0.05 90.75 12.43
C LYS W 195 -0.61 91.70 13.43
N ARG W 196 -1.04 91.16 14.57
CA ARG W 196 -1.78 91.91 15.58
C ARG W 196 -0.91 92.70 16.56
N TYR W 197 0.41 92.55 16.47
CA TYR W 197 1.33 93.31 17.31
C TYR W 197 2.54 93.81 16.52
N LYS W 198 2.71 95.13 16.47
CA LYS W 198 3.81 95.76 15.74
C LYS W 198 5.16 95.49 16.40
N GLY W 199 5.17 95.45 17.72
CA GLY W 199 6.39 95.24 18.50
C GLY W 199 6.77 93.79 18.77
N LEU W 200 6.29 92.88 17.92
CA LEU W 200 6.71 91.49 17.97
C LEU W 200 7.90 91.34 17.02
N LEU W 201 9.08 91.68 17.52
CA LEU W 201 10.33 91.62 16.76
C LEU W 201 11.14 90.39 17.19
N PRO W 202 11.12 89.31 16.38
CA PRO W 202 11.83 88.08 16.74
C PRO W 202 13.31 88.28 17.05
N LYS W 203 14.00 89.08 16.24
CA LYS W 203 15.43 89.32 16.43
C LYS W 203 15.72 90.07 17.73
N ASP W 204 14.93 91.10 18.00
CA ASP W 204 15.13 91.94 19.18
C ASP W 204 14.79 91.22 20.48
N ILE W 205 13.71 90.42 20.47
CA ILE W 205 13.26 89.72 21.67
C ILE W 205 14.13 88.49 21.95
N ALA W 206 14.51 87.77 20.89
CA ALA W 206 15.36 86.58 21.02
C ALA W 206 16.72 86.92 21.61
N ASN W 207 17.32 88.01 21.12
CA ASN W 207 18.59 88.51 21.66
C ASN W 207 18.49 88.91 23.12
N SER W 208 17.31 89.38 23.53
CA SER W 208 17.07 89.74 24.93
C SER W 208 17.06 88.50 25.82
N PHE W 209 16.38 87.44 25.36
CA PHE W 209 16.36 86.16 26.06
C PHE W 209 17.72 85.45 26.01
N TYR W 210 18.42 85.58 24.88
CA TYR W 210 19.79 85.07 24.79
C TYR W 210 20.71 85.76 25.82
N GLU W 211 20.50 87.06 26.01
CA GLU W 211 21.30 87.84 26.96
C GLU W 211 21.00 87.45 28.41
N VAL W 212 19.73 87.32 28.75
CA VAL W 212 19.32 87.04 30.13
C VAL W 212 19.66 85.62 30.57
N PHE W 213 19.64 84.67 29.63
CA PHE W 213 20.05 83.29 29.93
C PHE W 213 21.56 83.17 30.07
N GLU W 214 22.30 83.96 29.29
CA GLU W 214 23.76 84.01 29.37
C GLU W 214 24.24 84.70 30.64
N LYS W 215 23.66 85.88 30.92
CA LYS W 215 24.04 86.66 32.11
C LYS W 215 23.54 86.00 33.39
N HIS W 216 22.37 85.36 33.33
CA HIS W 216 21.79 84.68 34.49
C HIS W 216 21.44 83.23 34.14
N PRO W 217 22.39 82.31 34.37
CA PRO W 217 22.17 80.87 34.11
C PRO W 217 21.06 80.23 34.96
N HIS W 218 20.76 80.83 36.11
CA HIS W 218 19.67 80.34 36.97
C HIS W 218 18.28 80.59 36.38
N PHE W 219 18.15 81.63 35.54
CA PHE W 219 16.87 81.92 34.88
C PHE W 219 16.52 80.94 33.77
N ILE W 220 17.52 80.23 33.22
CA ILE W 220 17.24 79.23 32.18
C ILE W 220 16.65 77.99 32.87
N ASP W 221 17.08 77.75 34.10
CA ASP W 221 16.52 76.69 34.94
C ASP W 221 15.08 77.04 35.37
N VAL W 222 14.84 78.33 35.60
CA VAL W 222 13.50 78.81 35.95
C VAL W 222 12.53 78.68 34.78
N PHE W 223 13.01 78.97 33.57
CA PHE W 223 12.18 78.90 32.37
C PHE W 223 11.85 77.47 31.98
N VAL W 224 12.82 76.57 32.07
CA VAL W 224 12.63 75.15 31.74
C VAL W 224 11.59 74.52 32.66
N HIS W 225 11.73 74.77 33.96
CA HIS W 225 10.78 74.24 34.94
C HIS W 225 9.43 74.95 34.92
N PHE W 226 9.41 76.17 34.39
CA PHE W 226 8.15 76.86 34.10
C PHE W 226 7.47 76.22 32.89
N GLY W 227 8.24 75.97 31.85
CA GLY W 227 7.74 75.35 30.62
C GLY W 227 7.17 73.95 30.83
N ILE W 228 7.81 73.19 31.70
CA ILE W 228 7.33 71.85 32.07
C ILE W 228 6.04 71.98 32.91
N ALA W 229 6.02 72.94 33.82
CA ALA W 229 4.82 73.22 34.62
C ALA W 229 3.69 73.78 33.76
N GLN W 230 4.04 74.59 32.76
CA GLN W 230 3.07 75.12 31.80
C GLN W 230 2.51 74.02 30.91
N SER W 231 3.39 73.10 30.50
CA SER W 231 2.99 71.97 29.66
C SER W 231 2.26 70.86 30.43
N SER W 232 2.27 70.95 31.77
CA SER W 232 1.57 69.99 32.62
C SER W 232 0.09 70.34 32.85
N THR W 233 -0.35 71.50 32.35
CA THR W 233 -1.72 71.94 32.57
C THR W 233 -2.74 71.13 31.76
N ARG W 234 -4.01 71.30 32.12
CA ARG W 234 -5.10 70.54 31.50
C ARG W 234 -5.54 71.15 30.16
N GLY W 235 -5.45 72.48 30.06
CA GLY W 235 -5.82 73.19 28.83
C GLY W 235 -5.88 74.69 29.02
N GLY W 236 -5.65 75.44 27.95
CA GLY W 236 -5.63 76.91 28.00
C GLY W 236 -6.10 77.57 26.73
N SER W 237 -5.23 78.38 26.12
CA SER W 237 -5.51 79.05 24.85
C SER W 237 -4.59 78.51 23.75
N ARG W 238 -4.84 78.91 22.50
CA ARG W 238 -4.03 78.44 21.36
C ARG W 238 -2.60 78.96 21.43
N VAL W 239 -2.43 80.16 21.98
CA VAL W 239 -1.09 80.75 22.17
C VAL W 239 -0.30 79.96 23.22
N GLU W 240 -0.98 79.42 24.22
CA GLU W 240 -0.36 78.52 25.19
C GLU W 240 -0.08 77.16 24.55
N GLY W 241 -0.89 76.79 23.56
CA GLY W 241 -0.62 75.62 22.73
C GLY W 241 0.61 75.81 21.84
N ILE W 242 0.84 77.05 21.39
CA ILE W 242 2.05 77.39 20.63
C ILE W 242 3.27 77.19 21.51
N PHE W 243 3.25 77.80 22.69
CA PHE W 243 4.35 77.71 23.65
C PHE W 243 4.68 76.26 24.01
N ALA W 244 3.64 75.47 24.30
CA ALA W 244 3.81 74.06 24.66
C ALA W 244 4.47 73.26 23.56
N GLY W 245 4.05 73.49 22.32
CA GLY W 245 4.63 72.82 21.15
C GLY W 245 6.05 73.26 20.87
N LEU W 246 6.30 74.56 20.93
CA LEU W 246 7.63 75.13 20.71
C LEU W 246 8.60 74.76 21.84
N PHE W 247 8.09 74.65 23.06
CA PHE W 247 8.92 74.25 24.21
C PHE W 247 9.36 72.80 24.12
N MET W 248 8.45 71.92 23.67
CA MET W 248 8.76 70.49 23.54
C MET W 248 9.65 70.16 22.35
N ASN W 249 9.81 71.11 21.42
CA ASN W 249 10.81 70.98 20.35
C ASN W 249 12.23 71.05 20.92
N ALA W 250 12.38 71.73 22.05
CA ALA W 250 13.67 71.82 22.75
C ALA W 250 14.07 70.49 23.37
N TYR W 251 13.09 69.65 23.72
CA TYR W 251 13.37 68.32 24.29
C TYR W 251 14.29 67.53 23.36
N GLY W 252 15.39 67.03 23.92
CA GLY W 252 16.37 66.26 23.15
C GLY W 252 17.37 67.12 22.40
N ALA W 253 17.45 68.40 22.75
CA ALA W 253 18.44 69.30 22.17
C ALA W 253 19.81 68.99 22.76
N GLY W 254 20.86 69.18 21.96
CA GLY W 254 22.22 68.87 22.39
C GLY W 254 22.52 67.37 22.40
N GLN W 255 21.67 66.58 21.73
CA GLN W 255 21.83 65.14 21.68
C GLN W 255 21.05 64.56 20.49
N VAL W 256 21.29 65.14 19.31
CA VAL W 256 20.66 64.71 18.07
C VAL W 256 21.27 63.41 17.53
N MET W 257 22.56 63.22 17.82
CA MET W 257 23.28 62.01 17.40
C MET W 257 22.67 60.75 18.05
N LEU W 258 22.04 60.94 19.21
CA LEU W 258 21.33 59.87 19.89
C LEU W 258 20.08 59.46 19.10
N ARG W 259 19.37 60.43 18.54
CA ARG W 259 18.17 60.18 17.74
C ARG W 259 18.51 59.64 16.35
N TRP W 260 19.55 60.19 15.74
CA TRP W 260 20.01 59.73 14.42
C TRP W 260 20.60 58.32 14.47
N GLY W 261 21.08 57.91 15.63
CA GLY W 261 21.57 56.54 15.82
C GLY W 261 20.46 55.51 15.76
N VAL W 262 19.28 55.88 16.26
CA VAL W 262 18.09 55.02 16.19
C VAL W 262 17.55 54.99 14.75
N LEU W 263 17.71 56.11 14.04
CA LEU W 263 17.30 56.20 12.63
C LEU W 263 18.12 55.27 11.74
N ALA W 264 19.44 55.27 11.95
CA ALA W 264 20.35 54.38 11.21
C ALA W 264 20.03 52.91 11.49
N LYS W 265 19.64 52.62 12.73
CA LYS W 265 19.19 51.28 13.12
C LYS W 265 17.83 50.94 12.52
N SER W 266 16.95 51.93 12.42
CA SER W 266 15.62 51.75 11.84
C SER W 266 15.69 51.49 10.33
N VAL W 267 16.46 52.31 9.62
CA VAL W 267 16.64 52.14 8.17
C VAL W 267 17.60 51.00 7.81
N LYS W 268 18.30 50.46 8.81
CA LYS W 268 19.19 49.30 8.64
C LYS W 268 20.39 49.61 7.74
N ASN W 269 21.16 50.63 8.13
CA ASN W 269 22.38 50.98 7.41
C ASN W 269 23.42 49.89 7.60
N ILE W 270 23.94 49.35 6.49
CA ILE W 270 24.82 48.18 6.50
C ILE W 270 26.17 48.44 7.18
N MET W 271 26.62 49.69 7.20
CA MET W 271 27.90 50.04 7.83
C MET W 271 27.87 49.97 9.37
N LEU W 272 26.68 49.79 9.95
CA LEU W 272 26.55 49.48 11.39
C LEU W 272 27.19 48.13 11.72
N GLY W 273 27.07 47.17 10.79
CA GLY W 273 27.65 45.84 10.97
C GLY W 273 29.15 45.76 10.74
N HIS W 274 29.78 46.87 10.38
CA HIS W 274 31.23 46.93 10.18
C HIS W 274 31.98 46.60 11.47
N ALA W 275 33.15 45.98 11.32
CA ALA W 275 33.89 45.42 12.46
C ALA W 275 34.26 46.44 13.53
N SER W 276 34.85 47.56 13.11
CA SER W 276 35.28 48.60 14.06
C SER W 276 34.08 49.28 14.73
N VAL W 277 32.93 49.29 14.06
CA VAL W 277 31.68 49.78 14.65
C VAL W 277 31.16 48.79 15.68
N GLN W 278 31.29 47.50 15.38
CA GLN W 278 30.84 46.43 16.28
C GLN W 278 31.67 46.31 17.56
N ALA W 279 32.92 46.77 17.50
CA ALA W 279 33.78 46.80 18.69
C ALA W 279 33.27 47.79 19.74
N GLU W 280 32.63 48.86 19.26
CA GLU W 280 32.09 49.91 20.14
C GLU W 280 30.69 49.58 20.67
N MET W 281 30.01 48.63 20.03
CA MET W 281 28.60 48.33 20.34
C MET W 281 28.32 47.99 21.81
N GLU W 282 29.29 47.41 22.50
CA GLU W 282 29.15 47.13 23.92
C GLU W 282 28.98 48.42 24.73
N GLN W 283 29.75 49.44 24.38
CA GLN W 283 29.75 50.70 25.11
C GLN W 283 28.68 51.70 24.65
N VAL W 284 28.25 51.62 23.39
CA VAL W 284 27.22 52.52 22.88
C VAL W 284 25.84 52.14 23.43
N VAL W 285 25.66 50.84 23.72
CA VAL W 285 24.44 50.36 24.35
C VAL W 285 24.31 50.87 25.78
N GLU W 286 25.44 51.01 26.47
CA GLU W 286 25.46 51.52 27.84
C GLU W 286 24.90 52.95 27.95
N VAL W 287 25.24 53.79 26.99
CA VAL W 287 24.74 55.19 26.97
C VAL W 287 23.27 55.25 26.53
N TYR W 288 22.88 54.40 25.59
CA TYR W 288 21.47 54.31 25.18
C TYR W 288 20.59 53.75 26.29
N GLU W 289 21.10 52.76 27.02
CA GLU W 289 20.41 52.24 28.20
C GLU W 289 20.39 53.27 29.33
N TYR W 290 21.46 54.07 29.42
CA TYR W 290 21.53 55.18 30.37
C TYR W 290 20.54 56.28 30.01
N ALA W 291 20.36 56.53 28.72
CA ALA W 291 19.36 57.49 28.23
C ALA W 291 17.95 56.99 28.51
N GLN W 292 17.74 55.68 28.35
CA GLN W 292 16.47 55.04 28.68
C GLN W 292 16.20 55.06 30.19
N LYS W 293 17.25 54.98 30.98
CA LYS W 293 17.14 55.00 32.45
C LYS W 293 16.66 56.36 32.95
N LEU W 294 17.30 57.43 32.47
CA LEU W 294 16.94 58.79 32.87
C LEU W 294 15.52 59.15 32.41
N GLY W 295 15.21 58.84 31.15
CA GLY W 295 13.89 59.08 30.60
C GLY W 295 13.67 60.54 30.23
N GLY W 296 12.60 61.13 30.76
CA GLY W 296 12.27 62.53 30.50
C GLY W 296 13.26 63.52 31.07
N GLU W 297 13.94 63.11 32.14
CA GLU W 297 14.93 63.97 32.82
C GLU W 297 16.08 64.37 31.89
N ALA W 298 16.45 63.46 30.98
CA ALA W 298 17.58 63.69 30.07
C ALA W 298 17.27 64.62 28.89
N GLY W 299 16.01 65.04 28.76
CA GLY W 299 15.60 65.92 27.66
C GLY W 299 16.27 67.29 27.67
N PHE W 300 16.32 67.90 28.85
CA PHE W 300 16.90 69.24 29.01
C PHE W 300 18.26 69.19 29.72
N TYR W 301 19.04 68.16 29.43
CA TYR W 301 20.36 67.99 30.03
C TYR W 301 21.44 68.87 29.40
N HIS W 302 21.21 69.31 28.16
CA HIS W 302 22.14 70.22 27.47
C HIS W 302 21.66 71.67 27.48
N ILE W 303 20.34 71.86 27.49
CA ILE W 303 19.74 73.19 27.60
C ILE W 303 20.10 73.77 28.96
N LEU W 304 19.72 73.07 30.02
CA LEU W 304 20.33 73.27 31.34
C LEU W 304 21.69 72.61 31.21
N ASN W 305 22.78 73.35 31.45
CA ASN W 305 24.10 72.75 31.31
C ASN W 305 24.39 71.76 32.44
N ASN W 306 23.76 70.59 32.34
CA ASN W 306 23.85 69.55 33.36
C ASN W 306 25.20 68.85 33.26
N PRO W 307 25.88 68.66 34.41
CA PRO W 307 27.14 67.91 34.46
C PRO W 307 27.07 66.53 33.79
N LYS W 308 25.93 65.87 33.91
CA LYS W 308 25.73 64.51 33.37
C LYS W 308 25.34 64.50 31.88
N ALA W 309 25.37 65.67 31.23
CA ALA W 309 25.08 65.78 29.80
C ALA W 309 26.17 65.15 28.93
N SER W 310 27.41 65.19 29.43
CA SER W 310 28.56 64.62 28.73
C SER W 310 28.50 63.09 28.64
N LEU W 311 27.77 62.47 29.57
CA LEU W 311 27.61 61.01 29.60
C LEU W 311 26.75 60.49 28.44
N LEU W 312 25.87 61.33 27.92
CA LEU W 312 24.98 60.97 26.81
C LEU W 312 25.65 61.07 25.43
N SER W 313 26.92 61.49 25.40
CA SER W 313 27.64 61.71 24.16
C SER W 313 28.01 60.40 23.46
N LEU W 314 27.74 60.33 22.16
CA LEU W 314 28.19 59.23 21.31
C LEU W 314 29.48 59.58 20.56
N THR W 315 29.89 60.85 20.65
CA THR W 315 31.10 61.34 19.99
C THR W 315 32.38 60.62 20.46
N GLN W 316 32.35 60.15 21.71
CA GLN W 316 33.45 59.32 22.24
C GLN W 316 33.68 58.03 21.42
N PHE W 317 32.67 57.61 20.67
CA PHE W 317 32.78 56.46 19.78
C PHE W 317 32.93 56.95 18.32
N PRO W 318 34.18 56.99 17.82
CA PRO W 318 34.43 57.54 16.48
C PRO W 318 33.72 56.82 15.33
N HIS W 319 33.75 55.49 15.35
CA HIS W 319 33.25 54.69 14.23
C HIS W 319 31.73 54.68 14.13
N PHE W 320 31.06 54.48 15.27
CA PHE W 320 29.60 54.50 15.32
C PHE W 320 29.04 55.89 15.01
N SER W 321 29.72 56.94 15.47
CA SER W 321 29.30 58.31 15.19
C SER W 321 29.38 58.62 13.68
N SER W 322 30.41 58.10 13.02
CA SER W 322 30.63 58.35 11.60
C SER W 322 29.54 57.75 10.72
N VAL W 323 29.20 56.49 10.95
CA VAL W 323 28.14 55.82 10.19
C VAL W 323 26.76 56.44 10.46
N VAL W 324 26.53 56.87 11.70
CA VAL W 324 25.28 57.55 12.07
C VAL W 324 25.20 58.93 11.43
N LEU W 325 26.32 59.65 11.43
CA LEU W 325 26.38 60.99 10.81
C LEU W 325 26.37 60.88 9.29
N GLY W 326 26.90 59.79 8.76
CA GLY W 326 26.84 59.49 7.33
C GLY W 326 25.45 59.13 6.87
N ASN W 327 24.76 58.30 7.66
CA ASN W 327 23.38 57.92 7.38
C ASN W 327 22.45 59.14 7.29
N ALA W 328 22.66 60.10 8.19
CA ALA W 328 21.91 61.35 8.19
C ALA W 328 22.20 62.20 6.95
N ALA W 329 23.46 62.16 6.50
CA ALA W 329 23.88 62.90 5.31
C ALA W 329 23.30 62.30 4.04
N GLY W 330 23.28 60.97 3.95
CA GLY W 330 22.74 60.28 2.80
C GLY W 330 21.23 60.39 2.67
N LEU W 331 20.53 60.33 3.80
CA LEU W 331 19.09 60.57 3.85
C LEU W 331 18.75 62.05 3.61
N GLY W 332 19.74 62.93 3.78
CA GLY W 332 19.58 64.34 3.48
C GLY W 332 18.77 65.08 4.53
N ILE W 333 19.07 64.81 5.79
CA ILE W 333 18.37 65.44 6.92
C ILE W 333 19.25 66.44 7.68
N MET W 334 20.56 66.24 7.67
CA MET W 334 21.50 67.18 8.28
C MET W 334 21.81 68.35 7.33
N GLY W 335 22.60 69.30 7.81
CA GLY W 335 22.98 70.48 7.03
C GLY W 335 22.15 71.69 7.43
N GLU W 336 22.77 72.76 7.95
CA GLU W 336 24.21 72.88 8.15
C GLU W 336 24.56 72.51 9.61
N TYR W 337 24.75 71.21 9.83
CA TYR W 337 25.10 70.68 11.14
C TYR W 337 26.61 70.63 11.27
N ARG W 338 27.15 71.29 12.30
CA ARG W 338 28.60 71.48 12.44
C ARG W 338 29.32 70.31 13.14
N GLY W 339 28.77 69.11 13.00
CA GLY W 339 29.41 67.90 13.52
C GLY W 339 30.26 67.25 12.44
N THR W 340 31.52 66.97 12.78
CA THR W 340 32.47 66.38 11.83
C THR W 340 32.75 64.93 12.18
N PRO W 341 32.70 64.01 11.19
CA PRO W 341 32.97 62.60 11.47
C PRO W 341 34.46 62.34 11.69
N ARG W 342 34.79 61.60 12.74
CA ARG W 342 36.18 61.25 13.06
C ARG W 342 36.74 60.28 12.01
N ASN W 343 35.93 59.29 11.63
CA ASN W 343 36.28 58.37 10.55
C ASN W 343 35.59 58.80 9.25
N GLN W 344 36.37 59.24 8.28
CA GLN W 344 35.84 59.75 7.02
C GLN W 344 35.41 58.63 6.07
N ASP W 345 36.12 57.50 6.11
CA ASP W 345 35.83 56.37 5.23
C ASP W 345 34.49 55.70 5.58
N LEU W 346 34.23 55.54 6.87
CA LEU W 346 32.96 55.00 7.36
C LEU W 346 31.79 55.96 7.08
N TYR W 347 32.07 57.26 7.13
CA TYR W 347 31.08 58.29 6.85
C TYR W 347 30.64 58.26 5.38
N ASP W 348 31.61 58.18 4.48
CA ASP W 348 31.35 58.15 3.04
C ASP W 348 30.64 56.86 2.61
N ALA W 349 31.01 55.74 3.22
CA ALA W 349 30.38 54.45 2.94
C ALA W 349 28.94 54.41 3.42
N ALA W 350 28.69 55.00 4.59
CA ALA W 350 27.34 55.09 5.16
C ALA W 350 26.47 56.05 4.35
N LYS W 351 27.07 57.16 3.93
CA LYS W 351 26.38 58.16 3.10
C LYS W 351 25.97 57.56 1.76
N ALA W 352 26.85 56.74 1.18
CA ALA W 352 26.60 56.12 -0.11
C ALA W 352 25.41 55.18 -0.08
N TYR W 353 25.32 54.35 0.95
CA TYR W 353 24.20 53.41 1.11
C TYR W 353 22.91 54.12 1.52
N ALA W 354 23.03 55.12 2.38
CA ALA W 354 21.88 55.91 2.83
C ALA W 354 21.19 56.62 1.65
N GLU W 355 21.99 57.03 0.67
CA GLU W 355 21.46 57.56 -0.58
C GLU W 355 20.74 56.47 -1.39
N GLN W 356 21.33 55.27 -1.40
CA GLN W 356 20.71 54.12 -2.07
C GLN W 356 19.43 53.65 -1.38
N LEU W 357 19.33 53.87 -0.07
CA LEU W 357 18.14 53.48 0.71
C LEU W 357 16.94 54.35 0.39
N LYS W 358 17.10 55.67 0.50
CA LYS W 358 16.03 56.63 0.23
C LYS W 358 15.61 56.66 -1.23
N GLU W 359 16.45 56.04 -2.07
CA GLU W 359 16.28 56.10 -3.51
C GLU W 359 14.98 55.41 -3.91
N ASN W 360 14.15 56.12 -4.68
CA ASN W 360 12.98 55.52 -5.33
C ASN W 360 11.77 55.35 -4.39
N GLY W 361 10.89 54.38 -4.66
CA GLY W 361 9.58 54.27 -3.97
C GLY W 361 8.57 53.32 -4.62
N VAL W 362 8.81 52.02 -4.49
CA VAL W 362 7.86 50.99 -4.96
C VAL W 362 6.79 50.76 -3.89
N ILE W 363 5.62 50.27 -4.32
CA ILE W 363 4.54 49.92 -3.40
C ILE W 363 4.76 48.50 -2.85
N ASN W 364 4.73 48.37 -1.52
CA ASN W 364 4.82 47.06 -0.86
C ASN W 364 3.41 46.55 -0.55
N TYR W 365 2.96 45.54 -1.29
CA TYR W 365 1.60 45.02 -1.18
C TYR W 365 1.41 44.02 -0.04
N SER W 366 2.51 43.50 0.50
CA SER W 366 2.46 42.55 1.62
C SER W 366 2.10 43.24 2.95
N VAL W 367 2.28 44.55 3.01
CA VAL W 367 1.98 45.33 4.21
C VAL W 367 0.46 45.43 4.43
N LEU W 368 -0.28 45.68 3.35
CA LEU W 368 -1.73 45.79 3.44
C LEU W 368 -2.37 44.43 3.66
N ASP W 369 -3.58 44.43 4.24
CA ASP W 369 -4.30 43.20 4.51
C ASP W 369 -5.22 42.85 3.32
N LEU W 370 -4.61 42.74 2.14
CA LEU W 370 -5.35 42.44 0.92
C LEU W 370 -5.69 40.96 0.85
N THR W 371 -6.93 40.66 0.47
CA THR W 371 -7.43 39.28 0.39
C THR W 371 -7.37 38.79 -1.05
N ALA X 2 35.40 19.03 55.41
CA ALA X 2 35.48 19.12 53.92
C ALA X 2 36.62 20.03 53.47
N LEU X 3 37.08 19.84 52.23
CA LEU X 3 38.16 20.65 51.67
C LEU X 3 37.62 21.95 51.06
N SER X 4 36.30 22.09 51.00
CA SER X 4 35.67 23.33 50.56
C SER X 4 35.72 24.39 51.65
N LYS X 5 35.77 23.96 52.91
CA LYS X 5 35.78 24.88 54.06
C LYS X 5 37.11 25.60 54.26
N VAL X 6 38.22 24.93 53.94
CA VAL X 6 39.55 25.53 54.08
C VAL X 6 39.71 26.73 53.15
N LYS X 7 39.32 27.90 53.65
CA LYS X 7 39.36 29.15 52.88
C LYS X 7 39.57 30.32 53.84
N LEU X 8 39.96 31.47 53.28
CA LEU X 8 40.19 32.67 54.08
C LEU X 8 40.10 33.93 53.22
N ASN X 9 39.02 34.69 53.40
CA ASN X 9 38.80 35.92 52.65
C ASN X 9 39.61 37.06 53.26
N ASP X 10 40.88 37.15 52.86
CA ASP X 10 41.78 38.17 53.38
C ASP X 10 41.40 39.58 52.92
N THR X 11 40.92 39.69 51.68
CA THR X 11 40.54 40.99 51.11
C THR X 11 39.40 41.63 51.89
N LEU X 12 38.41 40.82 52.28
CA LEU X 12 37.25 41.30 53.04
C LEU X 12 37.59 41.55 54.51
N ASN X 13 38.47 40.72 55.08
CA ASN X 13 38.91 40.86 56.47
C ASN X 13 39.82 42.07 56.69
N LYS X 14 40.66 42.38 55.71
CA LYS X 14 41.51 43.57 55.77
C LYS X 14 40.67 44.85 55.73
N ASP X 15 39.64 44.85 54.90
CA ASP X 15 38.69 45.97 54.83
C ASP X 15 37.92 46.10 56.15
N GLN X 16 37.53 44.96 56.71
CA GLN X 16 36.83 44.91 58.00
C GLN X 16 37.70 45.45 59.15
N LEU X 17 39.01 45.20 59.06
CA LEU X 17 39.96 45.69 60.07
C LEU X 17 40.06 47.22 60.04
N LEU X 18 40.22 47.79 58.86
CA LEU X 18 40.39 49.23 58.69
C LEU X 18 39.08 49.99 58.87
N SER X 19 37.96 49.39 58.48
CA SER X 19 36.65 50.00 58.62
C SER X 19 36.21 50.12 60.08
N SER X 20 36.61 49.16 60.91
CA SER X 20 36.24 49.14 62.33
C SER X 20 37.42 49.53 63.23
N SER X 21 38.04 50.67 62.91
CA SER X 21 39.14 51.19 63.72
C SER X 21 38.57 51.94 64.92
N LYS X 22 39.12 51.65 66.11
CA LYS X 22 38.65 52.28 67.34
C LYS X 22 39.23 53.68 67.48
N TYR X 23 40.46 53.87 66.98
CA TYR X 23 41.20 55.12 67.14
C TYR X 23 41.37 55.82 65.80
N THR X 24 41.68 57.11 65.84
CA THR X 24 41.82 57.93 64.63
C THR X 24 43.06 58.81 64.68
N ILE X 25 43.72 58.97 63.53
CA ILE X 25 44.84 59.90 63.38
C ILE X 25 44.35 61.18 62.71
N GLN X 26 44.91 62.31 63.12
CA GLN X 26 44.53 63.62 62.60
C GLN X 26 45.77 64.40 62.19
N ARG X 27 46.00 64.48 60.89
CA ARG X 27 47.22 65.05 60.33
C ARG X 27 47.28 66.56 60.50
N SER X 28 48.48 67.08 60.72
CA SER X 28 48.69 68.52 60.97
C SER X 28 48.34 69.35 59.73
N THR X 29 47.14 69.91 59.74
CA THR X 29 46.67 70.76 58.64
C THR X 29 47.43 72.10 58.65
N GLY X 30 47.85 72.52 59.85
CA GLY X 30 48.66 73.72 60.02
C GLY X 30 48.16 74.61 61.14
N ASP X 31 48.37 75.92 60.99
CA ASP X 31 47.94 76.90 61.98
C ASP X 31 46.54 77.43 61.68
N SER X 32 46.23 77.63 60.41
CA SER X 32 44.92 78.13 60.00
C SER X 32 44.61 77.85 58.53
N ILE X 33 43.32 77.65 58.23
CA ILE X 33 42.83 77.52 56.86
C ILE X 33 41.74 78.56 56.61
N ASP X 34 41.81 79.22 55.46
CA ASP X 34 40.79 80.18 55.05
C ASP X 34 39.56 79.45 54.55
N THR X 35 38.43 79.66 55.22
CA THR X 35 37.16 79.05 54.84
C THR X 35 36.16 80.13 54.42
N PRO X 36 36.24 80.60 53.16
CA PRO X 36 35.32 81.63 52.69
C PRO X 36 33.90 81.12 52.49
N ASN X 37 32.92 81.99 52.71
CA ASN X 37 31.51 81.63 52.56
C ASN X 37 30.98 82.11 51.20
N TYR X 38 29.66 82.07 51.02
CA TYR X 38 29.03 82.41 49.74
C TYR X 38 29.09 83.91 49.44
N ASP X 39 29.15 84.73 50.49
CA ASP X 39 29.20 86.19 50.34
C ASP X 39 30.49 86.67 49.68
N VAL X 40 31.59 85.98 49.93
CA VAL X 40 32.91 86.33 49.39
C VAL X 40 33.14 85.70 48.01
N GLN X 41 32.38 84.66 47.67
CA GLN X 41 32.52 83.95 46.39
C GLN X 41 32.62 84.88 45.18
N LYS X 42 31.77 85.91 45.16
CA LYS X 42 31.71 86.84 44.03
C LYS X 42 32.95 87.73 43.94
N HIS X 43 33.61 87.97 45.07
CA HIS X 43 34.86 88.72 45.12
C HIS X 43 36.03 87.89 44.60
N ILE X 44 36.02 86.60 44.88
CA ILE X 44 37.09 85.69 44.44
C ILE X 44 37.00 85.46 42.93
N ASN X 45 35.78 85.38 42.40
CA ASN X 45 35.55 85.29 40.97
C ASN X 45 36.11 86.51 40.23
N LYS X 46 36.00 87.67 40.86
CA LYS X 46 36.58 88.91 40.34
C LYS X 46 38.11 88.83 40.38
N LEU X 47 38.65 88.30 41.49
CA LEU X 47 40.09 88.11 41.64
C LEU X 47 40.63 87.10 40.64
N CYS X 48 39.85 86.05 40.38
CA CYS X 48 40.20 85.06 39.35
C CYS X 48 40.17 85.69 37.95
N GLY X 49 39.22 86.59 37.73
CA GLY X 49 39.12 87.32 36.46
C GLY X 49 40.29 88.25 36.22
N MET X 50 40.75 88.91 37.28
CA MET X 50 41.90 89.83 37.20
C MET X 50 43.16 89.12 36.70
N LEU X 51 43.41 87.92 37.22
CA LEU X 51 44.53 87.09 36.79
C LEU X 51 44.39 86.67 35.32
N LEU X 52 43.15 86.43 34.90
CA LEU X 52 42.88 85.97 33.53
C LEU X 52 43.05 87.08 32.49
N ILE X 53 42.66 88.31 32.82
CA ILE X 53 42.81 89.44 31.89
C ILE X 53 44.25 89.99 31.84
N THR X 54 45.04 89.69 32.85
CA THR X 54 46.42 90.16 32.93
C THR X 54 47.31 89.42 31.92
N GLU X 55 47.96 90.17 31.03
CA GLU X 55 48.87 89.59 30.05
C GLU X 55 50.18 89.20 30.73
N ASP X 56 50.59 87.94 30.52
CA ASP X 56 51.77 87.37 31.19
C ASP X 56 51.66 87.52 32.70
N ALA X 57 50.59 86.95 33.26
CA ALA X 57 50.27 87.10 34.68
C ALA X 57 51.12 86.19 35.56
N ASN X 58 51.32 86.61 36.80
CA ASN X 58 52.03 85.80 37.80
C ASN X 58 51.06 84.84 38.47
N HIS X 59 51.05 83.59 38.00
CA HIS X 59 50.18 82.56 38.58
C HIS X 59 50.92 81.77 39.67
N LYS X 60 51.50 82.50 40.63
CA LYS X 60 52.16 81.89 41.78
C LYS X 60 51.12 81.53 42.85
N PHE X 61 50.04 82.32 42.91
CA PHE X 61 49.02 82.15 43.93
C PHE X 61 47.67 81.66 43.38
N THR X 62 47.62 81.38 42.08
CA THR X 62 46.36 81.01 41.41
C THR X 62 45.86 79.63 41.84
N GLY X 63 46.79 78.74 42.18
CA GLY X 63 46.44 77.43 42.73
C GLY X 63 45.75 77.57 44.08
N LEU X 64 46.24 78.50 44.90
CA LEU X 64 45.63 78.80 46.19
C LEU X 64 44.34 79.59 46.02
N ILE X 65 44.35 80.58 45.13
CA ILE X 65 43.15 81.38 44.83
C ILE X 65 42.05 80.51 44.21
N GLY X 66 42.44 79.52 43.43
CA GLY X 66 41.50 78.55 42.86
C GLY X 66 40.78 77.75 43.93
N MET X 67 41.54 77.29 44.93
CA MET X 67 40.96 76.56 46.06
C MET X 67 40.00 77.43 46.88
N LEU X 68 40.33 78.71 47.02
CA LEU X 68 39.47 79.65 47.74
C LEU X 68 38.12 79.84 47.05
N TYR X 69 38.11 79.80 45.72
CA TYR X 69 36.85 79.88 44.96
C TYR X 69 36.03 78.60 45.10
N ALA X 70 36.72 77.46 45.09
CA ALA X 70 36.06 76.16 45.27
C ALA X 70 35.45 76.04 46.67
N MET X 71 36.16 76.55 47.67
CA MET X 71 35.67 76.54 49.05
C MET X 71 34.55 77.56 49.28
N SER X 72 34.60 78.67 48.57
CA SER X 72 33.54 79.70 48.65
C SER X 72 32.25 79.20 48.00
N ARG X 73 32.37 78.38 46.96
CA ARG X 73 31.21 77.73 46.34
C ARG X 73 30.58 76.71 47.28
N LEU X 74 31.42 75.96 47.98
CA LEU X 74 30.96 75.00 48.99
C LEU X 74 30.30 75.72 50.18
N GLY X 75 30.99 76.73 50.70
CA GLY X 75 30.51 77.51 51.84
C GLY X 75 31.17 77.07 53.13
N ARG X 76 31.43 78.03 54.01
CA ARG X 76 32.16 77.81 55.27
C ARG X 76 31.72 76.56 56.02
N GLU X 77 30.41 76.36 56.14
CA GLU X 77 29.87 75.21 56.86
C GLU X 77 30.24 73.87 56.21
N ASP X 78 30.12 73.79 54.89
CA ASP X 78 30.43 72.56 54.16
C ASP X 78 31.93 72.29 54.10
N THR X 79 32.70 73.26 53.64
CA THR X 79 34.16 73.08 53.50
C THR X 79 34.85 72.72 54.83
N ILE X 80 34.33 73.20 55.95
CA ILE X 80 34.81 72.76 57.26
C ILE X 80 34.39 71.31 57.50
N LYS X 81 33.17 70.97 57.13
CA LYS X 81 32.65 69.61 57.27
C LYS X 81 33.45 68.60 56.44
N ILE X 82 33.93 69.00 55.27
CA ILE X 82 34.68 68.08 54.39
C ILE X 82 36.12 67.88 54.88
N LEU X 83 36.69 68.91 55.51
CA LEU X 83 38.03 68.80 56.10
C LEU X 83 38.00 67.89 57.34
N ARG X 84 36.97 68.04 58.19
CA ARG X 84 36.84 67.22 59.39
C ARG X 84 36.51 65.76 59.07
N ASP X 85 35.66 65.54 58.07
CA ASP X 85 35.34 64.19 57.61
C ASP X 85 36.54 63.48 56.98
N ALA X 86 37.39 64.26 56.32
CA ALA X 86 38.63 63.74 55.74
C ALA X 86 39.63 63.30 56.81
N GLY X 87 39.59 63.98 57.97
CA GLY X 87 40.45 63.64 59.11
C GLY X 87 41.50 64.69 59.34
N TYR X 88 41.05 65.93 59.56
CA TYR X 88 41.95 67.07 59.78
C TYR X 88 41.39 68.03 60.84
N HIS X 89 42.24 68.44 61.77
CA HIS X 89 41.90 69.50 62.72
C HIS X 89 42.05 70.85 62.04
N VAL X 90 40.97 71.63 62.01
CA VAL X 90 40.95 72.89 61.25
C VAL X 90 40.63 74.12 62.12
N LYS X 91 41.57 75.06 62.11
CA LYS X 91 41.38 76.37 62.72
C LYS X 91 40.84 77.30 61.65
N ALA X 92 39.51 77.38 61.54
CA ALA X 92 38.85 78.11 60.46
C ALA X 92 39.05 79.62 60.57
N ASN X 93 39.57 80.23 59.50
CA ASN X 93 39.76 81.68 59.41
C ASN X 93 38.65 82.30 58.57
N GLY X 94 37.91 83.24 59.17
CA GLY X 94 36.79 83.89 58.49
C GLY X 94 37.27 84.91 57.47
N VAL X 95 36.81 84.75 56.23
CA VAL X 95 37.18 85.64 55.12
C VAL X 95 36.14 86.76 55.00
N ASP X 96 36.59 88.00 55.17
CA ASP X 96 35.72 89.17 55.08
C ASP X 96 36.32 90.22 54.13
N VAL X 97 35.45 91.00 53.49
CA VAL X 97 35.89 92.04 52.55
C VAL X 97 36.15 93.34 53.31
N THR X 98 37.36 93.87 53.16
CA THR X 98 37.74 95.14 53.80
C THR X 98 38.43 96.07 52.80
N THR X 99 38.17 97.37 52.94
CA THR X 99 38.74 98.37 52.04
C THR X 99 40.11 98.83 52.56
N HIS X 100 41.15 98.57 51.77
CA HIS X 100 42.52 98.95 52.13
C HIS X 100 42.96 100.19 51.36
N ARG X 101 43.49 101.17 52.09
CA ARG X 101 43.97 102.41 51.48
C ARG X 101 45.50 102.44 51.46
N GLN X 102 46.06 102.56 50.25
CA GLN X 102 47.51 102.60 50.06
C GLN X 102 47.86 103.55 48.91
N ASP X 103 48.93 104.31 49.08
CA ASP X 103 49.33 105.32 48.09
C ASP X 103 50.39 104.78 47.10
N ILE X 104 49.90 104.22 45.99
CA ILE X 104 50.75 103.73 44.92
C ILE X 104 51.09 104.89 43.98
N ASN X 105 52.39 105.08 43.72
CA ASN X 105 52.88 106.16 42.86
C ASN X 105 52.46 107.56 43.33
N GLY X 106 52.43 107.75 44.65
CA GLY X 106 52.06 109.04 45.25
C GLY X 106 50.58 109.20 45.53
N LYS X 107 49.75 108.85 44.55
CA LYS X 107 48.30 109.02 44.65
C LYS X 107 47.68 107.94 45.55
N GLU X 108 46.88 108.37 46.51
CA GLU X 108 46.22 107.46 47.44
C GLU X 108 45.10 106.69 46.75
N MET X 109 45.16 105.36 46.81
CA MET X 109 44.20 104.51 46.11
C MET X 109 43.49 103.53 47.06
N LYS X 110 42.24 103.23 46.75
CA LYS X 110 41.44 102.27 47.52
C LYS X 110 41.43 100.90 46.84
N PHE X 111 41.39 99.84 47.66
CA PHE X 111 41.37 98.46 47.17
C PHE X 111 40.51 97.57 48.05
N GLU X 112 39.57 96.85 47.44
CA GLU X 112 38.77 95.86 48.15
C GLU X 112 39.58 94.56 48.26
N VAL X 113 39.92 94.18 49.48
CA VAL X 113 40.76 93.00 49.74
C VAL X 113 40.11 92.06 50.74
N LEU X 114 40.47 90.78 50.64
CA LEU X 114 39.95 89.75 51.53
C LEU X 114 40.87 89.56 52.74
N THR X 115 40.29 89.28 53.89
CA THR X 115 41.06 89.01 55.10
C THR X 115 41.52 87.55 55.10
N LEU X 116 42.54 87.27 54.29
CA LEU X 116 43.06 85.92 54.12
C LEU X 116 44.38 85.75 54.87
N ALA X 117 44.55 84.60 55.51
CA ALA X 117 45.79 84.25 56.20
C ALA X 117 46.84 83.76 55.21
N SER X 118 46.42 82.90 54.29
CA SER X 118 47.31 82.33 53.27
C SER X 118 47.76 83.37 52.23
N LEU X 119 46.89 84.33 51.93
CA LEU X 119 47.17 85.35 50.93
C LEU X 119 47.26 86.74 51.59
N THR X 120 48.40 87.40 51.41
CA THR X 120 48.64 88.71 52.02
C THR X 120 47.86 89.80 51.28
N THR X 121 47.49 90.87 52.00
CA THR X 121 46.81 92.02 51.41
C THR X 121 47.75 92.82 50.49
N GLU X 122 49.06 92.65 50.66
CA GLU X 122 50.05 93.35 49.85
C GLU X 122 50.15 92.75 48.45
N ILE X 123 49.95 91.44 48.34
CA ILE X 123 50.02 90.75 47.04
C ILE X 123 48.65 90.77 46.34
N GLN X 124 47.57 90.91 47.10
CA GLN X 124 46.22 91.02 46.54
C GLN X 124 46.05 92.29 45.71
N ILE X 125 46.56 93.41 46.22
CA ILE X 125 46.48 94.69 45.50
C ILE X 125 47.34 94.68 44.23
N ASN X 126 48.44 93.94 44.25
CA ASN X 126 49.32 93.82 43.09
C ASN X 126 48.68 93.02 41.94
N ILE X 127 47.79 92.09 42.29
CA ILE X 127 47.01 91.37 41.28
C ILE X 127 46.01 92.33 40.61
N GLU X 128 45.42 93.22 41.40
CA GLU X 128 44.49 94.23 40.89
C GLU X 128 45.22 95.35 40.14
N ILE X 129 46.41 95.72 40.62
CA ILE X 129 47.22 96.76 39.97
C ILE X 129 47.67 96.33 38.57
N GLU X 130 48.21 95.13 38.47
CA GLU X 130 48.69 94.59 37.18
C GLU X 130 47.54 94.30 36.21
N SER X 131 46.35 94.01 36.74
CA SER X 131 45.17 93.78 35.91
C SER X 131 44.64 95.09 35.31
N ARG X 132 44.69 96.16 36.10
CA ARG X 132 44.29 97.49 35.63
C ARG X 132 45.18 98.00 34.49
N LYS X 133 46.46 97.65 34.55
CA LYS X 133 47.40 97.97 33.48
C LYS X 133 47.02 97.26 32.18
N SER X 134 46.74 95.96 32.29
CA SER X 134 46.31 95.15 31.15
C SER X 134 44.91 95.51 30.67
N TYR X 135 44.07 96.00 31.59
CA TYR X 135 42.71 96.41 31.25
C TYR X 135 42.70 97.67 30.40
N LYS X 136 43.48 98.68 30.79
CA LYS X 136 43.55 99.94 30.04
C LYS X 136 44.27 99.76 28.70
N LYS X 137 45.22 98.82 28.65
CA LYS X 137 45.89 98.44 27.41
C LYS X 137 44.91 97.74 26.47
N MET X 138 44.08 96.89 27.04
CA MET X 138 43.01 96.21 26.31
C MET X 138 41.94 97.22 25.86
N LEU X 139 41.61 98.15 26.74
CA LEU X 139 40.62 99.20 26.43
C LEU X 139 41.12 100.14 25.33
N LYS X 140 42.43 100.35 25.27
CA LYS X 140 43.05 101.21 24.26
C LYS X 140 43.07 100.55 22.88
N GLU X 141 43.12 99.22 22.86
CA GLU X 141 43.21 98.46 21.61
C GLU X 141 41.84 98.28 20.92
N MET X 142 40.83 97.87 21.69
CA MET X 142 39.51 97.58 21.14
C MET X 142 38.44 98.61 21.51
N GLY X 143 38.84 99.70 22.15
CA GLY X 143 37.92 100.77 22.54
C GLY X 143 37.01 100.37 23.68
N GLU X 144 35.97 99.60 23.36
CA GLU X 144 35.02 99.10 24.35
C GLU X 144 35.24 97.60 24.55
N VAL X 145 35.48 97.19 25.79
CA VAL X 145 35.67 95.77 26.12
C VAL X 145 34.32 95.09 26.34
N ALA X 146 34.16 93.91 25.75
CA ALA X 146 32.90 93.16 25.83
C ALA X 146 32.81 92.39 27.15
N PRO X 147 31.59 91.90 27.49
CA PRO X 147 31.39 91.06 28.69
C PRO X 147 32.23 89.78 28.72
N GLU X 148 32.60 89.26 27.55
CA GLU X 148 33.40 88.03 27.45
C GLU X 148 34.84 88.26 27.88
N TYR X 149 35.42 89.37 27.44
CA TYR X 149 36.84 89.66 27.66
C TYR X 149 37.17 90.20 29.05
N ARG X 150 36.15 90.66 29.78
CA ARG X 150 36.36 91.33 31.08
C ARG X 150 36.40 90.37 32.26
N HIS X 151 36.90 90.88 33.38
CA HIS X 151 37.07 90.11 34.62
C HIS X 151 35.76 89.85 35.38
N ASP X 152 34.73 90.63 35.08
CA ASP X 152 33.45 90.53 35.81
C ASP X 152 32.61 89.30 35.43
N SER X 153 32.99 88.61 34.35
CA SER X 153 32.25 87.43 33.89
C SER X 153 32.21 86.34 34.97
N PRO X 154 31.06 85.64 35.10
CA PRO X 154 30.93 84.59 36.11
C PRO X 154 31.74 83.31 35.80
N ASP X 155 32.17 83.15 34.56
CA ASP X 155 32.96 81.98 34.15
C ASP X 155 34.38 82.00 34.72
N CYS X 156 34.94 83.21 34.89
CA CYS X 156 36.33 83.39 35.31
C CYS X 156 36.81 82.42 36.40
N GLY X 157 36.00 82.26 37.44
CA GLY X 157 36.34 81.38 38.56
C GLY X 157 36.43 79.92 38.17
N MET X 158 35.47 79.46 37.37
CA MET X 158 35.43 78.07 36.92
C MET X 158 36.46 77.80 35.81
N ILE X 159 36.79 78.82 35.02
CA ILE X 159 37.81 78.71 33.97
C ILE X 159 39.17 78.33 34.57
N ILE X 160 39.50 78.91 35.72
CA ILE X 160 40.73 78.57 36.43
C ILE X 160 40.64 77.16 37.04
N LEU X 161 39.45 76.77 37.49
CA LEU X 161 39.22 75.43 38.03
C LEU X 161 39.14 74.34 36.94
N CYS X 162 38.98 74.74 35.69
CA CYS X 162 38.95 73.78 34.56
C CYS X 162 40.30 73.09 34.38
N ILE X 163 41.39 73.87 34.42
CA ILE X 163 42.74 73.29 34.34
C ILE X 163 43.17 72.65 35.67
N ALA X 164 42.49 73.01 36.75
CA ALA X 164 42.66 72.31 38.04
C ALA X 164 42.14 70.88 37.93
N ALA X 165 41.05 70.71 37.20
CA ALA X 165 40.48 69.38 36.92
C ALA X 165 41.38 68.57 35.98
N LEU X 166 42.10 69.28 35.09
CA LEU X 166 43.09 68.63 34.23
C LEU X 166 44.33 68.20 35.02
N VAL X 167 44.71 69.00 36.02
CA VAL X 167 45.81 68.64 36.92
C VAL X 167 45.42 67.43 37.78
N ILE X 168 44.19 67.42 38.28
CA ILE X 168 43.69 66.32 39.11
C ILE X 168 43.55 65.03 38.29
N THR X 169 43.33 65.19 36.98
CA THR X 169 43.25 64.06 36.04
C THR X 169 44.60 63.33 35.92
N LYS X 170 45.70 64.08 35.99
CA LYS X 170 47.04 63.50 35.87
C LYS X 170 47.82 63.47 37.20
N LEU X 171 47.11 63.45 38.32
CA LEU X 171 47.75 63.33 39.64
C LEU X 171 48.15 61.89 39.97
N ALA X 172 47.57 60.92 39.25
CA ALA X 172 47.85 59.50 39.48
C ALA X 172 49.34 59.17 39.34
N ALA X 173 50.01 59.80 38.38
CA ALA X 173 51.45 59.62 38.18
C ALA X 173 52.22 60.12 39.41
N GLY X 174 51.88 61.31 39.87
CA GLY X 174 52.45 61.87 41.10
C GLY X 174 53.88 62.37 40.95
N ASP X 175 54.18 63.01 39.83
CA ASP X 175 55.49 63.60 39.60
C ASP X 175 55.50 64.71 38.54
N ARG X 176 54.37 65.40 38.38
CA ARG X 176 54.19 66.44 37.35
C ARG X 176 54.57 66.01 35.94
N SER X 177 54.40 64.72 35.65
CA SER X 177 54.74 64.17 34.33
C SER X 177 53.65 64.46 33.30
N GLY X 178 52.41 64.54 33.78
CA GLY X 178 51.26 64.82 32.91
C GLY X 178 51.11 66.26 32.48
N LEU X 179 51.92 67.16 33.05
CA LEU X 179 51.88 68.59 32.73
C LEU X 179 51.81 68.87 31.22
N THR X 180 52.54 68.08 30.43
CA THR X 180 52.52 68.20 28.98
C THR X 180 51.13 67.90 28.41
N ALA X 181 50.50 66.85 28.94
CA ALA X 181 49.14 66.48 28.53
C ALA X 181 48.09 67.46 29.08
N VAL X 182 48.37 68.05 30.25
CA VAL X 182 47.48 69.04 30.85
C VAL X 182 47.41 70.31 29.99
N ILE X 183 48.56 70.74 29.49
CA ILE X 183 48.65 71.91 28.61
C ILE X 183 48.06 71.58 27.23
N ARG X 184 48.35 70.39 26.73
CA ARG X 184 47.85 69.91 25.45
C ARG X 184 46.32 69.92 25.41
N ARG X 185 45.70 69.30 26.41
CA ARG X 185 44.24 69.28 26.51
C ARG X 185 43.66 70.67 26.76
N ALA X 186 44.36 71.47 27.55
CA ALA X 186 43.93 72.86 27.82
C ALA X 186 43.93 73.75 26.58
N ASN X 187 44.58 73.28 25.50
CA ASN X 187 44.52 73.95 24.20
C ASN X 187 43.44 73.36 23.28
N ASN X 188 43.26 72.04 23.35
CA ASN X 188 42.18 71.36 22.61
C ASN X 188 40.84 71.68 23.25
N VAL X 189 40.76 71.49 24.56
CA VAL X 189 39.63 71.93 25.38
C VAL X 189 39.86 73.41 25.66
N LEU X 190 38.81 74.11 26.06
CA LEU X 190 38.96 75.44 26.64
C LEU X 190 39.58 76.46 25.66
N LYS X 191 39.44 76.18 24.36
CA LYS X 191 40.08 76.99 23.31
C LYS X 191 39.41 78.35 23.15
N ASN X 192 38.09 78.38 23.26
CA ASN X 192 37.34 79.63 23.23
C ASN X 192 37.67 80.52 24.43
N GLU X 193 37.94 79.89 25.57
CA GLU X 193 38.27 80.61 26.80
C GLU X 193 39.64 81.30 26.73
N MET X 194 40.59 80.65 26.07
CA MET X 194 41.94 81.20 25.90
C MET X 194 41.97 82.42 24.96
N LYS X 195 41.03 82.47 24.01
CA LYS X 195 40.91 83.61 23.11
C LYS X 195 40.47 84.87 23.87
N ARG X 196 39.50 84.70 24.77
CA ARG X 196 38.91 85.83 25.50
C ARG X 196 39.65 86.21 26.78
N TYR X 197 40.73 85.50 27.12
CA TYR X 197 41.56 85.85 28.27
C TYR X 197 43.05 85.64 27.97
N LYS X 198 43.82 86.73 28.04
CA LYS X 198 45.26 86.70 27.78
C LYS X 198 46.02 85.91 28.84
N GLY X 199 45.57 86.02 30.09
CA GLY X 199 46.24 85.37 31.22
C GLY X 199 45.77 83.95 31.52
N LEU X 200 45.23 83.27 30.51
CA LEU X 200 44.91 81.85 30.62
C LEU X 200 46.13 81.07 30.13
N LEU X 201 47.09 80.87 31.03
CA LEU X 201 48.34 80.18 30.73
C LEU X 201 48.30 78.77 31.34
N PRO X 202 48.03 77.74 30.52
CA PRO X 202 47.92 76.37 31.03
C PRO X 202 49.13 75.91 31.85
N LYS X 203 50.33 76.20 31.36
CA LYS X 203 51.56 75.78 32.04
C LYS X 203 51.73 76.46 33.40
N ASP X 204 51.47 77.77 33.44
CA ASP X 204 51.63 78.56 34.66
C ASP X 204 50.59 78.21 35.73
N ILE X 205 49.35 78.00 35.31
CA ILE X 205 48.25 77.73 36.23
C ILE X 205 48.30 76.28 36.71
N ALA X 206 48.62 75.35 35.82
CA ALA X 206 48.72 73.93 36.17
C ALA X 206 49.81 73.68 37.20
N ASN X 207 50.97 74.30 37.01
CA ASN X 207 52.07 74.22 37.98
C ASN X 207 51.70 74.80 39.35
N SER X 208 50.81 75.79 39.35
CA SER X 208 50.32 76.39 40.60
C SER X 208 49.43 75.39 41.35
N PHE X 209 48.55 74.72 40.63
CA PHE X 209 47.70 73.68 41.22
C PHE X 209 48.49 72.43 41.59
N TYR X 210 49.50 72.09 40.79
CA TYR X 210 50.42 71.01 41.14
C TYR X 210 51.15 71.31 42.46
N GLU X 211 51.54 72.57 42.64
CA GLU X 211 52.24 73.00 43.84
C GLU X 211 51.35 72.97 45.08
N VAL X 212 50.12 73.48 44.95
CA VAL X 212 49.21 73.58 46.09
C VAL X 212 48.67 72.22 46.55
N PHE X 213 48.52 71.28 45.61
CA PHE X 213 48.12 69.91 45.95
C PHE X 213 49.27 69.14 46.59
N GLU X 214 50.50 69.42 46.15
CA GLU X 214 51.70 68.79 46.73
C GLU X 214 51.99 69.33 48.13
N LYS X 215 51.97 70.66 48.26
CA LYS X 215 52.26 71.32 49.54
C LYS X 215 51.13 71.11 50.54
N HIS X 216 49.88 71.08 50.05
CA HIS X 216 48.71 70.88 50.90
C HIS X 216 47.86 69.71 50.37
N PRO X 217 48.13 68.48 50.86
CA PRO X 217 47.37 67.29 50.45
C PRO X 217 45.88 67.33 50.85
N HIS X 218 45.54 68.12 51.86
CA HIS X 218 44.14 68.28 52.28
C HIS X 218 43.31 69.06 51.26
N PHE X 219 43.95 69.94 50.48
CA PHE X 219 43.25 70.71 49.45
C PHE X 219 42.85 69.87 48.23
N ILE X 220 43.50 68.73 48.02
CA ILE X 220 43.15 67.85 46.90
C ILE X 220 41.86 67.10 47.27
N ASP X 221 41.71 66.82 48.57
CA ASP X 221 40.46 66.25 49.10
C ASP X 221 39.32 67.27 49.02
N VAL X 222 39.65 68.55 49.22
CA VAL X 222 38.67 69.63 49.12
C VAL X 222 38.20 69.82 47.68
N PHE X 223 39.13 69.72 46.72
CA PHE X 223 38.80 69.90 45.30
C PHE X 223 37.99 68.74 44.74
N VAL X 224 38.35 67.51 45.12
CA VAL X 224 37.64 66.32 44.66
C VAL X 224 36.18 66.33 45.15
N HIS X 225 35.99 66.64 46.43
CA HIS X 225 34.64 66.72 47.00
C HIS X 225 33.87 67.96 46.54
N PHE X 226 34.60 68.99 46.11
CA PHE X 226 33.98 70.14 45.44
C PHE X 226 33.51 69.74 44.04
N GLY X 227 34.37 69.04 43.31
CA GLY X 227 34.07 68.58 41.95
C GLY X 227 32.89 67.64 41.87
N ILE X 228 32.76 66.77 42.87
CA ILE X 228 31.63 65.86 42.98
C ILE X 228 30.36 66.65 43.32
N ALA X 229 30.48 67.62 44.23
CA ALA X 229 29.37 68.50 44.59
C ALA X 229 28.99 69.41 43.42
N GLN X 230 29.98 69.85 42.66
CA GLN X 230 29.75 70.66 41.44
C GLN X 230 29.07 69.83 40.36
N SER X 231 29.48 68.57 40.23
CA SER X 231 28.90 67.66 39.23
C SER X 231 27.54 67.11 39.66
N SER X 232 27.15 67.34 40.90
CA SER X 232 25.84 66.90 41.42
C SER X 232 24.73 67.91 41.15
N THR X 233 25.07 69.08 40.60
CA THR X 233 24.08 70.13 40.35
C THR X 233 23.13 69.79 39.20
N ARG X 234 22.05 70.56 39.11
CA ARG X 234 20.99 70.31 38.12
C ARG X 234 21.36 70.89 36.75
N GLY X 235 22.03 72.04 36.74
CA GLY X 235 22.47 72.68 35.50
C GLY X 235 23.04 74.07 35.73
N GLY X 236 23.96 74.48 34.88
CA GLY X 236 24.65 75.77 35.01
C GLY X 236 25.01 76.42 33.69
N SER X 237 26.30 76.66 33.47
CA SER X 237 26.80 77.22 32.21
C SER X 237 27.67 76.21 31.47
N ARG X 238 28.06 76.53 30.23
CA ARG X 238 28.87 75.62 29.42
C ARG X 238 30.28 75.44 29.99
N VAL X 239 30.79 76.48 30.64
CA VAL X 239 32.10 76.41 31.31
C VAL X 239 32.04 75.47 32.51
N GLU X 240 30.91 75.43 33.19
CA GLU X 240 30.67 74.47 34.26
C GLU X 240 30.48 73.06 33.68
N GLY X 241 29.96 72.99 32.46
CA GLY X 241 29.91 71.74 31.69
C GLY X 241 31.29 71.25 31.30
N ILE X 242 32.21 72.18 31.03
CA ILE X 242 33.61 71.85 30.75
C ILE X 242 34.23 71.21 31.99
N PHE X 243 34.11 71.90 33.11
CA PHE X 243 34.66 71.43 34.39
C PHE X 243 34.14 70.04 34.76
N ALA X 244 32.83 69.85 34.62
CA ALA X 244 32.19 68.57 34.95
C ALA X 244 32.71 67.42 34.09
N GLY X 245 32.89 67.68 32.80
CA GLY X 245 33.43 66.70 31.87
C GLY X 245 34.89 66.39 32.12
N LEU X 246 35.69 67.45 32.33
CA LEU X 246 37.11 67.31 32.61
C LEU X 246 37.38 66.68 33.98
N PHE X 247 36.50 66.93 34.94
CA PHE X 247 36.62 66.35 36.28
C PHE X 247 36.33 64.85 36.26
N MET X 248 35.32 64.45 35.49
CA MET X 248 34.95 63.03 35.39
C MET X 248 35.93 62.19 34.56
N ASN X 249 36.80 62.85 33.80
CA ASN X 249 37.91 62.16 33.12
C ASN X 249 38.93 61.65 34.14
N ALA X 250 38.99 62.30 35.30
CA ALA X 250 39.86 61.88 36.39
C ALA X 250 39.37 60.58 37.06
N TYR X 251 38.06 60.34 37.00
CA TYR X 251 37.49 59.10 37.56
C TYR X 251 38.18 57.87 36.96
N GLY X 252 38.65 56.98 37.83
CA GLY X 252 39.35 55.79 37.41
C GLY X 252 40.82 55.99 37.09
N ALA X 253 41.37 57.13 37.51
CA ALA X 253 42.80 57.39 37.36
C ALA X 253 43.59 56.57 38.37
N GLY X 254 44.80 56.17 37.99
CA GLY X 254 45.64 55.32 38.83
C GLY X 254 45.19 53.87 38.86
N GLN X 255 44.34 53.49 37.91
CA GLN X 255 43.81 52.13 37.83
C GLN X 255 43.29 51.83 36.42
N VAL X 256 44.15 52.10 35.42
CA VAL X 256 43.82 51.87 34.02
C VAL X 256 43.91 50.38 33.66
N MET X 257 44.78 49.65 34.34
CA MET X 257 44.93 48.21 34.14
C MET X 257 43.63 47.46 34.46
N LEU X 258 42.83 48.05 35.35
CA LEU X 258 41.51 47.51 35.69
C LEU X 258 40.56 47.61 34.49
N ARG X 259 40.61 48.74 33.78
CA ARG X 259 39.76 48.97 32.61
C ARG X 259 40.25 48.19 31.39
N TRP X 260 41.56 48.12 31.20
CA TRP X 260 42.16 47.36 30.09
C TRP X 260 41.97 45.85 30.26
N GLY X 261 41.78 45.39 31.50
CA GLY X 261 41.49 43.99 31.77
C GLY X 261 40.11 43.57 31.28
N VAL X 262 39.15 44.50 31.36
CA VAL X 262 37.80 44.27 30.84
C VAL X 262 37.81 44.33 29.31
N LEU X 263 38.70 45.16 28.75
CA LEU X 263 38.85 45.27 27.30
C LEU X 263 39.40 43.98 26.69
N ALA X 264 40.42 43.40 27.35
CA ALA X 264 40.98 42.11 26.92
C ALA X 264 39.94 40.99 26.98
N LYS X 265 39.08 41.05 27.99
CA LYS X 265 37.96 40.12 28.13
C LYS X 265 36.88 40.37 27.07
N SER X 266 36.66 41.65 26.74
CA SER X 266 35.67 42.02 25.73
C SER X 266 36.09 41.60 24.32
N VAL X 267 37.35 41.87 23.97
CA VAL X 267 37.90 41.47 22.66
C VAL X 267 38.26 39.98 22.59
N LYS X 268 38.23 39.30 23.73
CA LYS X 268 38.46 37.85 23.81
C LYS X 268 39.89 37.47 23.40
N ASN X 269 40.88 38.05 24.08
CA ASN X 269 42.28 37.70 23.85
C ASN X 269 42.55 36.27 24.33
N ILE X 270 43.12 35.45 23.46
CA ILE X 270 43.30 34.01 23.73
C ILE X 270 44.31 33.73 24.85
N MET X 271 45.26 34.64 25.07
CA MET X 271 46.27 34.44 26.11
C MET X 271 45.70 34.57 27.54
N LEU X 272 44.45 35.03 27.67
CA LEU X 272 43.72 34.95 28.95
C LEU X 272 43.50 33.51 29.38
N GLY X 273 43.27 32.62 28.40
CA GLY X 273 43.07 31.20 28.67
C GLY X 273 44.34 30.40 28.92
N HIS X 274 45.48 31.08 28.95
CA HIS X 274 46.78 30.44 29.23
C HIS X 274 46.82 29.91 30.66
N ALA X 275 47.57 28.83 30.86
CA ALA X 275 47.59 28.10 32.13
C ALA X 275 47.98 28.96 33.34
N SER X 276 49.10 29.68 33.23
CA SER X 276 49.60 30.51 34.33
C SER X 276 48.70 31.72 34.61
N VAL X 277 47.98 32.17 33.58
CA VAL X 277 47.00 33.26 33.74
C VAL X 277 45.76 32.74 34.46
N GLN X 278 45.32 31.53 34.12
CA GLN X 278 44.16 30.90 34.75
C GLN X 278 44.37 30.56 36.23
N ALA X 279 45.63 30.39 36.63
CA ALA X 279 45.97 30.15 38.04
C ALA X 279 45.67 31.37 38.92
N GLU X 280 45.85 32.56 38.34
CA GLU X 280 45.61 33.82 39.04
C GLU X 280 44.13 34.23 39.05
N MET X 281 43.33 33.64 38.18
CA MET X 281 41.94 34.06 37.96
C MET X 281 41.06 34.06 39.22
N GLU X 282 41.38 33.18 40.18
CA GLU X 282 40.65 33.16 41.45
C GLU X 282 40.86 34.46 42.21
N GLN X 283 42.09 34.97 42.20
CA GLN X 283 42.44 36.18 42.96
C GLN X 283 42.18 37.49 42.21
N VAL X 284 42.21 37.47 40.88
CA VAL X 284 41.94 38.68 40.09
C VAL X 284 40.44 39.03 40.13
N VAL X 285 39.60 38.01 40.26
CA VAL X 285 38.16 38.20 40.40
C VAL X 285 37.82 38.88 41.73
N GLU X 286 38.60 38.57 42.77
CA GLU X 286 38.40 39.17 44.10
C GLU X 286 38.55 40.69 44.08
N VAL X 287 39.55 41.17 43.35
CA VAL X 287 39.80 42.63 43.24
C VAL X 287 38.78 43.31 42.32
N TYR X 288 38.37 42.62 41.26
CA TYR X 288 37.31 43.13 40.39
C TYR X 288 35.95 43.18 41.10
N GLU X 289 35.66 42.15 41.90
CA GLU X 289 34.48 42.14 42.75
C GLU X 289 34.58 43.19 43.85
N TYR X 290 35.80 43.42 44.34
CA TYR X 290 36.06 44.49 45.33
C TYR X 290 35.87 45.87 44.71
N ALA X 291 36.27 46.02 43.45
CA ALA X 291 36.06 47.26 42.71
C ALA X 291 34.57 47.50 42.45
N GLN X 292 33.85 46.42 42.17
CA GLN X 292 32.38 46.46 42.01
C GLN X 292 31.68 46.78 43.32
N LYS X 293 32.25 46.32 44.43
CA LYS X 293 31.69 46.56 45.77
C LYS X 293 31.77 48.03 46.15
N LEU X 294 32.95 48.62 45.97
CA LEU X 294 33.17 50.04 46.29
C LEU X 294 32.31 50.95 45.41
N GLY X 295 32.32 50.68 44.11
CA GLY X 295 31.52 51.44 43.15
C GLY X 295 32.15 52.78 42.81
N GLY X 296 31.37 53.85 42.97
CA GLY X 296 31.84 55.20 42.68
C GLY X 296 32.93 55.70 43.62
N GLU X 297 32.95 55.16 44.83
CA GLU X 297 33.95 55.53 45.84
C GLU X 297 35.38 55.24 45.39
N ALA X 298 35.56 54.18 44.62
CA ALA X 298 36.89 53.75 44.16
C ALA X 298 37.47 54.60 43.01
N GLY X 299 36.67 55.51 42.47
CA GLY X 299 37.10 56.35 41.35
C GLY X 299 38.28 57.25 41.66
N PHE X 300 38.23 57.91 42.81
CA PHE X 300 39.28 58.84 43.24
C PHE X 300 40.13 58.27 44.37
N TYR X 301 40.39 56.97 44.32
CA TYR X 301 41.20 56.29 45.34
C TYR X 301 42.70 56.53 45.16
N HIS X 302 43.13 56.83 43.94
CA HIS X 302 44.54 57.13 43.66
C HIS X 302 44.81 58.64 43.57
N ILE X 303 43.81 59.40 43.13
CA ILE X 303 43.91 60.85 43.10
C ILE X 303 44.03 61.37 44.53
N LEU X 304 43.05 61.02 45.36
CA LEU X 304 43.20 61.12 46.81
C LEU X 304 44.16 60.00 47.19
N ASN X 305 45.18 60.28 47.98
CA ASN X 305 46.09 59.22 48.42
C ASN X 305 45.42 58.33 49.48
N ASN X 306 44.50 57.48 49.00
CA ASN X 306 43.73 56.60 49.87
C ASN X 306 44.53 55.34 50.16
N PRO X 307 44.59 54.93 51.45
CA PRO X 307 45.30 53.70 51.83
C PRO X 307 44.81 52.42 51.11
N LYS X 308 43.52 52.40 50.77
CA LYS X 308 42.91 51.22 50.13
C LYS X 308 43.07 51.20 48.60
N ALA X 309 43.86 52.13 48.06
CA ALA X 309 44.13 52.20 46.62
C ALA X 309 45.02 51.04 46.15
N SER X 310 45.88 50.55 47.04
CA SER X 310 46.78 49.44 46.72
C SER X 310 46.04 48.11 46.52
N LEU X 311 44.85 48.00 47.11
CA LEU X 311 44.03 46.79 47.00
C LEU X 311 43.47 46.57 45.60
N LEU X 312 43.30 47.66 44.84
CA LEU X 312 42.77 47.61 43.49
C LEU X 312 43.82 47.24 42.42
N SER X 313 45.07 47.03 42.85
CA SER X 313 46.17 46.74 41.94
C SER X 313 46.09 45.33 41.34
N LEU X 314 46.26 45.25 40.03
CA LEU X 314 46.38 43.98 39.32
C LEU X 314 47.85 43.61 39.09
N THR X 315 48.76 44.55 39.39
CA THR X 315 50.20 44.36 39.20
C THR X 315 50.74 43.20 40.04
N GLN X 316 50.10 42.92 41.18
CA GLN X 316 50.44 41.76 42.00
C GLN X 316 50.29 40.42 41.24
N PHE X 317 49.51 40.43 40.16
CA PHE X 317 49.36 39.26 39.30
C PHE X 317 50.18 39.45 38.02
N PRO X 318 51.39 38.87 37.97
CA PRO X 318 52.30 39.08 36.83
C PRO X 318 51.76 38.63 35.47
N HIS X 319 51.15 37.45 35.44
CA HIS X 319 50.74 36.84 34.17
C HIS X 319 49.51 37.52 33.56
N PHE X 320 48.50 37.78 34.39
CA PHE X 320 47.29 38.47 33.94
C PHE X 320 47.58 39.92 33.52
N SER X 321 48.48 40.58 34.25
CA SER X 321 48.88 41.94 33.92
C SER X 321 49.57 42.02 32.56
N SER X 322 50.39 41.01 32.25
CA SER X 322 51.15 40.97 31.01
C SER X 322 50.26 40.84 29.77
N VAL X 323 49.32 39.90 29.81
CA VAL X 323 48.37 39.70 28.70
C VAL X 323 47.45 40.92 28.51
N VAL X 324 47.06 41.55 29.61
CA VAL X 324 46.23 42.76 29.57
C VAL X 324 47.02 43.93 29.02
N LEU X 325 48.27 44.07 29.44
CA LEU X 325 49.14 45.15 28.96
C LEU X 325 49.59 44.89 27.52
N GLY X 326 49.69 43.62 27.16
CA GLY X 326 49.97 43.21 25.77
C GLY X 326 48.81 43.48 24.84
N ASN X 327 47.60 43.15 25.30
CA ASN X 327 46.38 43.42 24.53
C ASN X 327 46.22 44.91 24.21
N ALA X 328 46.54 45.76 25.18
CA ALA X 328 46.50 47.21 24.99
C ALA X 328 47.56 47.68 23.98
N ALA X 329 48.72 47.03 23.99
CA ALA X 329 49.80 47.35 23.06
C ALA X 329 49.47 46.93 21.62
N GLY X 330 48.85 45.77 21.47
CA GLY X 330 48.46 45.26 20.16
C GLY X 330 47.33 46.04 19.53
N LEU X 331 46.35 46.43 20.35
CA LEU X 331 45.27 47.32 19.90
C LEU X 331 45.76 48.74 19.65
N GLY X 332 46.92 49.08 20.19
CA GLY X 332 47.56 50.37 19.93
C GLY X 332 46.89 51.51 20.68
N ILE X 333 46.60 51.29 21.95
CA ILE X 333 45.95 52.29 22.80
C ILE X 333 46.89 52.87 23.87
N MET X 334 47.87 52.08 24.32
CA MET X 334 48.87 52.56 25.27
C MET X 334 49.98 53.33 24.55
N GLY X 335 50.91 53.88 25.32
CA GLY X 335 52.04 54.65 24.77
C GLY X 335 51.80 56.14 24.91
N GLU X 336 52.64 56.86 25.67
CA GLU X 336 53.80 56.32 26.38
C GLU X 336 53.42 56.01 27.83
N TYR X 337 52.93 54.79 28.04
CA TYR X 337 52.51 54.31 29.36
C TYR X 337 53.71 53.60 30.00
N ARG X 338 54.11 54.05 31.18
CA ARG X 338 55.34 53.58 31.83
C ARG X 338 55.16 52.30 32.67
N GLY X 339 54.19 51.47 32.28
CA GLY X 339 53.98 50.17 32.93
C GLY X 339 54.73 49.09 32.17
N THR X 340 55.51 48.29 32.89
CA THR X 340 56.34 47.24 32.30
C THR X 340 55.78 45.86 32.66
N PRO X 341 55.64 44.98 31.65
CA PRO X 341 55.11 43.63 31.92
C PRO X 341 56.14 42.74 32.61
N ARG X 342 55.72 42.06 33.68
CA ARG X 342 56.61 41.17 34.42
C ARG X 342 56.95 39.92 33.59
N ASN X 343 55.95 39.37 32.91
CA ASN X 343 56.16 38.27 31.96
C ASN X 343 56.20 38.82 30.53
N GLN X 344 57.37 38.75 29.90
CA GLN X 344 57.58 39.30 28.56
C GLN X 344 57.01 38.41 27.47
N ASP X 345 57.06 37.09 27.68
CA ASP X 345 56.58 36.11 26.69
C ASP X 345 55.06 36.17 26.54
N LEU X 346 54.35 36.31 27.65
CA LEU X 346 52.89 36.47 27.64
C LEU X 346 52.48 37.81 27.03
N TYR X 347 53.29 38.84 27.26
CA TYR X 347 53.05 40.18 26.70
C TYR X 347 53.16 40.17 25.17
N ASP X 348 54.21 39.55 24.65
CA ASP X 348 54.45 39.48 23.21
C ASP X 348 53.41 38.62 22.49
N ALA X 349 52.99 37.54 23.14
CA ALA X 349 51.96 36.65 22.59
C ALA X 349 50.60 37.33 22.55
N ALA X 350 50.29 38.09 23.59
CA ALA X 350 49.03 38.85 23.67
C ALA X 350 49.03 40.01 22.68
N LYS X 351 50.18 40.67 22.53
CA LYS X 351 50.35 41.77 21.58
C LYS X 351 50.18 41.27 20.14
N ALA X 352 50.71 40.08 19.87
CA ALA X 352 50.64 39.49 18.53
C ALA X 352 49.21 39.20 18.10
N TYR X 353 48.41 38.63 19.00
CA TYR X 353 47.01 38.33 18.72
C TYR X 353 46.14 39.58 18.69
N ALA X 354 46.42 40.52 19.60
CA ALA X 354 45.69 41.79 19.65
C ALA X 354 45.85 42.59 18.35
N GLU X 355 47.01 42.48 17.73
CA GLU X 355 47.23 43.05 16.39
C GLU X 355 46.40 42.31 15.35
N GLN X 356 46.32 40.99 15.47
CA GLN X 356 45.49 40.17 14.59
C GLN X 356 43.99 40.41 14.77
N LEU X 357 43.60 40.82 15.99
CA LEU X 357 42.18 41.10 16.29
C LEU X 357 41.70 42.38 15.63
N LYS X 358 42.42 43.48 15.85
CA LYS X 358 42.08 44.78 15.28
C LYS X 358 42.25 44.82 13.76
N GLU X 359 42.83 43.75 13.20
CA GLU X 359 43.22 43.71 11.81
C GLU X 359 41.97 43.71 10.94
N ASN X 360 41.93 44.62 9.96
CA ASN X 360 40.92 44.58 8.90
C ASN X 360 39.53 45.10 9.36
N GLY X 361 38.44 44.62 8.75
CA GLY X 361 37.11 45.20 8.95
C GLY X 361 36.03 44.75 7.95
N VAL X 362 35.56 43.51 8.09
CA VAL X 362 34.45 42.98 7.28
C VAL X 362 33.11 43.41 7.88
N ILE X 363 32.07 43.44 7.06
CA ILE X 363 30.71 43.73 7.54
C ILE X 363 30.05 42.44 8.04
N ASN X 364 29.52 42.49 9.27
CA ASN X 364 28.76 41.38 9.84
C ASN X 364 27.27 41.61 9.63
N TYR X 365 26.66 40.82 8.74
CA TYR X 365 25.26 40.99 8.35
C TYR X 365 24.27 40.32 9.29
N SER X 366 24.75 39.42 10.15
CA SER X 366 23.90 38.75 11.13
C SER X 366 23.50 39.66 12.29
N VAL X 367 24.25 40.75 12.49
CA VAL X 367 23.96 41.71 13.55
C VAL X 367 22.69 42.51 13.24
N LEU X 368 22.54 42.94 12.00
CA LEU X 368 21.38 43.72 11.57
C LEU X 368 20.14 42.83 11.50
N ASP X 369 18.97 43.45 11.63
CA ASP X 369 17.70 42.72 11.57
C ASP X 369 17.17 42.69 10.13
N LEU X 370 18.01 42.19 9.22
CA LEU X 370 17.66 42.11 7.79
C LEU X 370 16.71 40.95 7.55
N THR X 371 15.68 41.20 6.74
CA THR X 371 14.66 40.20 6.44
C THR X 371 14.95 39.53 5.10
#